data_6KN8
#
_entry.id   6KN8
#
_cell.length_a   1.00
_cell.length_b   1.00
_cell.length_c   1.00
_cell.angle_alpha   90.00
_cell.angle_beta   90.00
_cell.angle_gamma   90.00
#
_symmetry.space_group_name_H-M   'P 1'
#
loop_
_entity.id
_entity.type
_entity.pdbx_description
1 polymer 'Actin, alpha skeletal muscle'
2 polymer 'Tropomyosin alpha-1 chain'
3 polymer 'Tropomyosin alpha-1 chain'
4 polymer 'Troponin T, cardiac muscle'
5 polymer 'Troponin I, cardiac muscle'
6 polymer 'Troponin C, slow skeletal and cardiac muscles'
7 non-polymer "ADENOSINE-5'-DIPHOSPHATE"
#
loop_
_entity_poly.entity_id
_entity_poly.type
_entity_poly.pdbx_seq_one_letter_code
_entity_poly.pdbx_strand_id
1 'polypeptide(L)'
;DEDETTALVCDNGSGLVKAGFAGDDAPRAVFPSIVGRPRHQGVMVGMGQKDSYVGDEAQSKRGILTLKYPIEHGIITNWD
DMEKIWHHTFYNELRVAPEEHPTLLTEAPLNPKANREKMTQIMFETFNVPAMYVAIQAVLSLYASGRTTGIVLDSGDGVT
HNVPIYEGYALPHAIMRLDLAGRDLTDYLMKILTERGYSFVTTAEREIVRDIKEKLCYVALDFENEMATAASSSSLEKSY
ELPDGQVITIGNERFRCPETLFQPSFIGMESAGIHETTYNSIMKCDIDIRKDLYANNVMSGGTTMYPGIADRMQKEITAL
APSTMKIKIIAPPERKYSVWIGGSILASLSTFQQMWITKQEYDEAGPSIVHRKCF
;
A,B,C,D,E,F,G,H,I,J,K,L,M,N,O
2 'polypeptide(L)'
;LKLDKENALDRAEQAEADKKAAEDRSKQLEDELVSLQKKLKGTEDELDKYSEALKDAQEKLELAEKKATDAEADVASLNR
RIQLVEEELDRAQERLATALQKLEEAEKAADESERGMKVIESRAQKDEEKMEIQEIQLKEAKHIAEDADRKYEEVARKLV
IIESDLERAEERAELSEGKCAELEEELKTVTNNLKSLEAQAEKYSQKEDRYEEEIKVLSDKLKEAETRAEFAERSVTKLE
KSIDDLEDELYAQKLKYKAISEELDHALNDMTSI
;
P,Q,W,X
3 'polypeptide(L)' ASMDAIKKKMQMLKLDKENALDRAEQAEADK R,S,Y,Z
4 'polypeptide(L)'
;LNELQALIEAHFENRKKEEEELVSLKDRIERRRAERAEQQRIRNEREKERQNRLAEERARREEEENRRKAEDEARKKKAL
SNMMHFGGYIQKQAQTERKSGKRQTEREKKKKILAERRKVLAIDHLNEDQLREKAKELWQSIYNLEAEKFDLQEKFKQQK
YEINVLRNRINDNQ
;
T,a
5 'polypeptide(L)'
;ISASRKLQLKTLLLQIAKQELEREAEERRGEKGRALSTRCQPLELAGLGFAELQDLCRQLHARVDKVDEERYDIEAKVTK
NITEIADLTQKIFDLRGKFKRPTLRRVRISADAMMQALLGARAKES
;
U,b
6 'polypeptide(L)'
;DDIYKAAVEQLTEEQKNEFKAAFDIFVLGAEDGCISTKELGKVMRMLGQNPTPEELQEMIDEVDEDGSGTVDFDEFLVMM
VRCMKDDSKGKSEEELSDLFRMFDKNADGYIDLDELKIMLQATGETITEDDIEELMKDGDKNNDGRIDYDEFLEFMKGVE
;
V,c
#
loop_
_chem_comp.id
_chem_comp.type
_chem_comp.name
_chem_comp.formula
ADP non-polymer ADENOSINE-5'-DIPHOSPHATE 'C10 H15 N5 O10 P2'
#
# COMPACT_ATOMS: atom_id res chain seq x y z
N ASP A 1 149.87 40.43 -121.90
CA ASP A 1 150.98 40.99 -121.14
C ASP A 1 150.63 41.05 -119.66
N GLU A 2 149.40 40.63 -119.36
CA GLU A 2 148.87 40.61 -118.00
C GLU A 2 149.35 39.36 -117.27
N ASP A 3 149.52 39.44 -115.94
CA ASP A 3 149.96 38.31 -115.13
C ASP A 3 148.89 37.60 -114.31
N GLU A 4 147.62 37.90 -114.59
CA GLU A 4 146.47 37.29 -113.91
C GLU A 4 145.31 37.21 -114.87
N THR A 5 144.51 36.15 -114.78
CA THR A 5 143.37 35.97 -115.68
C THR A 5 142.12 36.72 -115.22
N THR A 6 142.28 38.02 -115.08
CA THR A 6 141.22 38.94 -114.68
C THR A 6 140.28 39.16 -115.84
N ALA A 7 139.02 39.45 -115.54
CA ALA A 7 138.10 39.77 -116.61
C ALA A 7 138.51 41.06 -117.25
N LEU A 8 138.25 41.22 -118.53
CA LEU A 8 138.53 42.47 -119.21
C LEU A 8 137.24 43.23 -119.34
N VAL A 9 137.33 44.55 -119.37
CA VAL A 9 136.14 45.38 -119.54
C VAL A 9 136.30 46.33 -120.74
N CYS A 10 135.32 46.31 -121.65
CA CYS A 10 135.34 47.17 -122.85
C CYS A 10 134.00 47.91 -123.13
N ASP A 11 133.94 49.17 -122.72
CA ASP A 11 132.71 49.97 -122.83
C ASP A 11 132.62 50.60 -124.21
N ASN A 12 132.04 49.84 -125.15
CA ASN A 12 131.94 50.17 -126.58
C ASN A 12 130.66 50.86 -127.03
N GLY A 13 130.71 52.15 -127.36
CA GLY A 13 129.50 52.85 -127.79
C GLY A 13 129.64 53.48 -129.18
N SER A 14 128.79 54.46 -129.47
CA SER A 14 128.79 55.17 -130.77
C SER A 14 129.84 56.29 -130.79
N GLY A 15 130.44 56.54 -129.64
CA GLY A 15 131.45 57.55 -129.44
C GLY A 15 132.78 56.85 -129.23
N LEU A 16 133.19 56.79 -127.96
CA LEU A 16 134.42 56.17 -127.52
C LEU A 16 134.24 54.73 -127.02
N VAL A 17 135.37 54.01 -127.03
CA VAL A 17 135.55 52.68 -126.46
C VAL A 17 136.52 52.78 -125.30
N LYS A 18 136.06 52.47 -124.13
CA LYS A 18 136.96 52.52 -122.98
C LYS A 18 137.36 51.11 -122.63
N ALA A 19 138.65 50.81 -122.65
CA ALA A 19 139.02 49.44 -122.37
C ALA A 19 140.21 49.31 -121.43
N GLY A 20 140.17 48.27 -120.61
CA GLY A 20 141.22 47.97 -119.64
C GLY A 20 140.84 46.70 -118.93
N PHE A 21 141.48 46.39 -117.82
CA PHE A 21 141.15 45.14 -117.16
C PHE A 21 140.35 45.36 -115.89
N ALA A 22 139.54 44.37 -115.52
CA ALA A 22 138.78 44.45 -114.31
C ALA A 22 139.70 44.50 -113.13
N GLY A 23 139.38 45.37 -112.21
CA GLY A 23 140.15 45.59 -111.02
C GLY A 23 140.90 46.91 -111.11
N ASP A 24 141.02 47.51 -112.31
CA ASP A 24 141.67 48.81 -112.35
C ASP A 24 140.61 49.88 -112.06
N ASP A 25 141.04 51.14 -112.02
CA ASP A 25 140.15 52.29 -111.77
C ASP A 25 140.04 53.20 -112.99
N ALA A 26 140.52 52.71 -114.10
CA ALA A 26 140.50 53.44 -115.35
C ALA A 26 140.73 52.47 -116.49
N PRO A 27 140.29 52.78 -117.71
CA PRO A 27 140.60 52.02 -118.88
C PRO A 27 142.09 52.21 -119.11
N ARG A 28 142.75 51.22 -119.70
CA ARG A 28 144.17 51.33 -120.00
C ARG A 28 144.36 52.11 -121.29
N ALA A 29 143.36 51.99 -122.18
CA ALA A 29 143.39 52.66 -123.45
C ALA A 29 141.99 53.09 -123.84
N VAL A 30 141.90 54.23 -124.51
CA VAL A 30 140.62 54.71 -124.99
C VAL A 30 140.73 54.95 -126.47
N PHE A 31 139.79 54.39 -127.21
CA PHE A 31 139.80 54.47 -128.66
C PHE A 31 138.49 55.07 -129.09
N PRO A 32 138.38 55.77 -130.19
CA PRO A 32 137.10 56.12 -130.78
C PRO A 32 136.58 54.83 -131.39
N SER A 33 135.27 54.63 -131.46
CA SER A 33 134.73 53.41 -132.10
C SER A 33 134.69 53.56 -133.62
N ILE A 34 135.86 53.69 -134.23
CA ILE A 34 135.92 53.96 -135.67
C ILE A 34 136.72 52.98 -136.51
N VAL A 35 136.12 52.59 -137.63
CA VAL A 35 136.90 51.88 -138.64
C VAL A 35 136.89 52.84 -139.84
N GLY A 36 138.07 53.33 -140.18
CA GLY A 36 138.19 54.35 -141.21
C GLY A 36 138.56 53.75 -142.53
N ARG A 37 138.13 54.38 -143.61
CA ARG A 37 138.48 53.88 -144.94
C ARG A 37 138.90 55.02 -145.86
N PRO A 38 140.03 54.91 -146.56
CA PRO A 38 140.60 55.97 -147.37
C PRO A 38 139.82 56.33 -148.60
N ARG A 39 139.89 57.61 -148.97
CA ARG A 39 139.27 58.09 -150.17
C ARG A 39 140.42 58.41 -151.14
N HIS A 40 141.64 58.25 -150.63
CA HIS A 40 142.88 58.51 -151.34
C HIS A 40 143.83 57.35 -151.15
N GLN A 41 144.34 56.80 -152.24
CA GLN A 41 145.27 55.68 -152.16
C GLN A 41 146.71 56.13 -152.31
N GLY A 42 147.52 55.85 -151.31
CA GLY A 42 148.93 56.22 -151.35
C GLY A 42 149.74 55.26 -152.22
N VAL A 43 150.90 55.73 -152.68
CA VAL A 43 151.78 54.94 -153.54
C VAL A 43 153.10 54.46 -152.94
N MET A 44 153.75 55.32 -152.15
CA MET A 44 155.11 55.04 -151.69
C MET A 44 155.30 53.91 -150.69
N VAL A 45 156.40 53.20 -150.87
CA VAL A 45 156.77 52.12 -149.97
C VAL A 45 157.36 52.75 -148.73
N GLY A 46 156.87 52.33 -147.57
CA GLY A 46 157.36 52.88 -146.31
C GLY A 46 156.52 54.07 -145.84
N MET A 47 155.43 54.36 -146.58
CA MET A 47 154.54 55.47 -146.26
C MET A 47 153.30 54.96 -145.53
N GLY A 48 153.38 53.70 -145.05
CA GLY A 48 152.27 53.06 -144.37
C GLY A 48 151.19 52.82 -145.41
N GLN A 49 149.99 53.34 -145.13
CA GLN A 49 148.79 53.24 -145.96
C GLN A 49 148.05 51.93 -145.77
N LYS A 50 146.87 52.03 -145.20
CA LYS A 50 146.07 50.85 -144.89
C LYS A 50 144.81 50.84 -145.73
N ASP A 51 144.21 49.65 -145.90
CA ASP A 51 142.93 49.54 -146.59
C ASP A 51 141.81 50.01 -145.69
N SER A 52 142.05 49.87 -144.40
CA SER A 52 141.15 50.27 -143.35
C SER A 52 142.00 50.62 -142.13
N TYR A 53 141.52 51.57 -141.37
CA TYR A 53 142.22 52.06 -140.18
C TYR A 53 141.39 51.79 -138.96
N VAL A 54 142.01 51.44 -137.85
CA VAL A 54 141.20 51.15 -136.66
C VAL A 54 141.45 52.00 -135.43
N GLY A 55 140.36 52.42 -134.80
CA GLY A 55 140.43 53.16 -133.56
C GLY A 55 141.16 54.47 -133.74
N ASP A 56 142.20 54.65 -132.96
CA ASP A 56 142.99 55.86 -133.00
C ASP A 56 143.66 56.05 -134.35
N GLU A 57 143.86 54.97 -135.11
CA GLU A 57 144.46 55.12 -136.42
C GLU A 57 143.50 55.85 -137.35
N ALA A 58 142.20 55.54 -137.22
CA ALA A 58 141.19 56.11 -138.10
C ALA A 58 141.02 57.57 -137.79
N GLN A 59 141.14 57.91 -136.51
CA GLN A 59 140.98 59.29 -136.16
C GLN A 59 142.25 60.08 -136.54
N SER A 60 143.45 59.52 -136.32
CA SER A 60 144.69 60.22 -136.64
C SER A 60 144.86 60.48 -138.13
N LYS A 61 144.35 59.59 -138.97
CA LYS A 61 144.45 59.71 -140.42
C LYS A 61 143.17 60.27 -141.06
N ARG A 62 142.24 60.76 -140.24
CA ARG A 62 140.91 61.18 -140.70
C ARG A 62 140.85 62.20 -141.81
N GLY A 63 141.89 63.01 -142.00
CA GLY A 63 141.84 64.00 -143.06
C GLY A 63 141.54 63.38 -144.44
N ILE A 64 141.88 62.10 -144.65
CA ILE A 64 141.61 61.43 -145.92
C ILE A 64 140.68 60.23 -145.78
N LEU A 65 140.02 60.08 -144.63
CA LEU A 65 139.20 58.88 -144.43
C LEU A 65 137.72 59.14 -144.22
N THR A 66 136.94 58.17 -144.67
CA THR A 66 135.56 58.15 -144.28
C THR A 66 135.59 57.51 -142.91
N LEU A 67 134.93 58.10 -141.94
CA LEU A 67 134.97 57.52 -140.61
C LEU A 67 133.65 56.88 -140.27
N LYS A 68 133.62 55.56 -140.20
CA LYS A 68 132.37 54.91 -139.89
C LYS A 68 132.40 54.32 -138.52
N TYR A 69 131.28 54.49 -137.82
CA TYR A 69 131.10 53.94 -136.48
C TYR A 69 130.16 52.73 -136.59
N PRO A 70 130.64 51.55 -136.19
CA PRO A 70 129.89 50.30 -136.24
C PRO A 70 128.68 50.35 -135.35
N ILE A 71 128.69 51.30 -134.41
CA ILE A 71 127.63 51.50 -133.45
C ILE A 71 126.97 52.85 -133.69
N GLU A 72 125.66 52.82 -133.85
CA GLU A 72 124.88 54.05 -134.05
C GLU A 72 123.66 54.06 -133.15
N HIS A 73 123.48 55.15 -132.42
CA HIS A 73 122.34 55.34 -131.51
C HIS A 73 122.12 54.16 -130.58
N GLY A 74 123.23 53.63 -130.07
CA GLY A 74 123.23 52.52 -129.14
C GLY A 74 123.41 51.12 -129.73
N ILE A 75 123.31 50.92 -131.06
CA ILE A 75 123.46 49.52 -131.53
C ILE A 75 124.51 49.24 -132.56
N ILE A 76 124.98 47.99 -132.53
CA ILE A 76 125.90 47.52 -133.55
C ILE A 76 125.14 47.18 -134.82
N THR A 77 125.57 47.82 -135.91
CA THR A 77 125.02 47.60 -137.23
C THR A 77 126.07 46.90 -138.05
N ASN A 78 127.34 47.03 -137.63
CA ASN A 78 128.43 46.39 -138.36
C ASN A 78 129.35 45.61 -137.41
N TRP A 79 129.05 44.32 -137.28
CA TRP A 79 129.77 43.45 -136.35
C TRP A 79 131.21 43.25 -136.80
N ASP A 80 131.46 43.32 -138.11
CA ASP A 80 132.80 43.08 -138.65
C ASP A 80 133.70 44.20 -138.21
N ASP A 81 133.17 45.42 -138.21
CA ASP A 81 133.96 46.53 -137.76
C ASP A 81 134.22 46.45 -136.25
N MET A 82 133.25 45.93 -135.47
CA MET A 82 133.55 45.80 -134.04
C MET A 82 134.66 44.79 -133.81
N GLU A 83 134.69 43.74 -134.63
CA GLU A 83 135.73 42.72 -134.53
C GLU A 83 137.10 43.36 -134.79
N LYS A 84 137.17 44.24 -135.78
CA LYS A 84 138.42 44.92 -136.12
C LYS A 84 138.90 45.86 -135.01
N ILE A 85 137.96 46.59 -134.39
CA ILE A 85 138.31 47.51 -133.32
C ILE A 85 138.84 46.70 -132.16
N TRP A 86 138.17 45.61 -131.84
CA TRP A 86 138.57 44.73 -130.77
C TRP A 86 139.89 44.04 -131.06
N HIS A 87 140.15 43.65 -132.30
CA HIS A 87 141.43 43.02 -132.59
C HIS A 87 142.53 43.99 -132.16
N HIS A 88 142.40 45.24 -132.59
CA HIS A 88 143.36 46.27 -132.25
C HIS A 88 143.42 46.53 -130.74
N THR A 89 142.25 46.71 -130.14
CA THR A 89 142.19 46.99 -128.72
C THR A 89 142.87 45.91 -127.89
N PHE A 90 142.53 44.66 -128.17
CA PHE A 90 143.07 43.56 -127.40
C PHE A 90 144.49 43.20 -127.71
N TYR A 91 144.91 43.22 -128.97
CA TYR A 91 146.25 42.74 -129.25
C TYR A 91 147.31 43.82 -129.42
N ASN A 92 146.95 45.04 -129.86
CA ASN A 92 147.98 46.04 -130.10
C ASN A 92 148.17 47.00 -128.93
N GLU A 93 147.06 47.51 -128.38
CA GLU A 93 147.16 48.51 -127.30
C GLU A 93 146.92 48.02 -125.87
N LEU A 94 145.92 47.15 -125.62
CA LEU A 94 145.76 46.65 -124.25
C LEU A 94 146.76 45.52 -124.11
N ARG A 95 147.01 44.87 -125.24
CA ARG A 95 147.92 43.75 -125.42
C ARG A 95 147.62 42.57 -124.52
N VAL A 96 146.34 42.22 -124.44
CA VAL A 96 145.88 41.10 -123.65
C VAL A 96 144.98 40.23 -124.53
N ALA A 97 145.30 38.95 -124.62
CA ALA A 97 144.51 38.05 -125.45
C ALA A 97 143.29 37.49 -124.71
N PRO A 98 142.04 37.72 -125.19
CA PRO A 98 140.77 37.29 -124.60
C PRO A 98 140.73 35.79 -124.39
N GLU A 99 141.55 35.03 -125.09
CA GLU A 99 141.56 33.59 -124.95
C GLU A 99 141.72 33.17 -123.48
N GLU A 100 142.50 33.92 -122.71
CA GLU A 100 142.70 33.56 -121.30
C GLU A 100 141.93 34.46 -120.31
N HIS A 101 141.05 35.33 -120.80
CA HIS A 101 140.34 36.29 -119.94
C HIS A 101 138.84 36.44 -120.24
N PRO A 102 137.92 36.39 -119.26
CA PRO A 102 136.49 36.68 -119.43
C PRO A 102 136.36 38.11 -119.91
N THR A 103 135.37 38.44 -120.75
CA THR A 103 135.20 39.84 -121.18
C THR A 103 133.80 40.43 -120.95
N LEU A 104 133.76 41.62 -120.35
CA LEU A 104 132.51 42.30 -120.09
C LEU A 104 132.32 43.49 -121.05
N LEU A 105 131.15 43.48 -121.69
CA LEU A 105 130.70 44.48 -122.66
C LEU A 105 129.45 45.13 -122.11
N THR A 106 129.02 46.29 -122.62
CA THR A 106 127.86 46.98 -122.07
C THR A 106 126.79 47.45 -123.09
N GLU A 107 125.57 47.67 -122.60
CA GLU A 107 124.41 48.16 -123.39
C GLU A 107 123.18 48.58 -122.54
N ALA A 108 122.42 49.60 -122.98
CA ALA A 108 121.21 50.05 -122.26
C ALA A 108 120.15 48.92 -122.15
N PRO A 109 119.34 48.84 -121.07
CA PRO A 109 118.26 47.86 -120.87
C PRO A 109 117.23 47.68 -122.01
N LEU A 110 116.90 48.76 -122.74
CA LEU A 110 115.91 48.68 -123.83
C LEU A 110 116.55 48.77 -125.20
N ASN A 111 117.85 48.60 -125.22
CA ASN A 111 118.63 48.60 -126.43
C ASN A 111 118.14 47.42 -127.26
N PRO A 112 117.96 47.52 -128.58
CA PRO A 112 117.54 46.41 -129.40
C PRO A 112 118.42 45.21 -129.06
N LYS A 113 117.75 44.07 -128.88
CA LYS A 113 118.33 42.82 -128.40
C LYS A 113 119.46 42.26 -129.24
N ALA A 114 119.49 42.64 -130.49
CA ALA A 114 120.50 42.19 -131.41
C ALA A 114 121.89 42.60 -130.93
N ASN A 115 121.98 43.72 -130.21
CA ASN A 115 123.27 44.25 -129.80
C ASN A 115 123.95 43.36 -128.76
N ARG A 116 123.18 42.91 -127.77
CA ARG A 116 123.71 42.03 -126.74
C ARG A 116 124.12 40.68 -127.33
N GLU A 117 123.38 40.23 -128.34
CA GLU A 117 123.68 38.96 -128.98
C GLU A 117 124.96 39.06 -129.80
N LYS A 118 125.14 40.18 -130.54
CA LYS A 118 126.35 40.36 -131.34
C LYS A 118 127.57 40.52 -130.47
N MET A 119 127.45 41.24 -129.37
CA MET A 119 128.61 41.41 -128.52
C MET A 119 129.09 40.10 -127.94
N THR A 120 128.14 39.27 -127.48
CA THR A 120 128.45 38.00 -126.88
C THR A 120 129.06 37.06 -127.93
N GLN A 121 128.43 37.03 -129.12
CA GLN A 121 128.84 36.18 -130.20
C GLN A 121 130.21 36.50 -130.78
N ILE A 122 130.56 37.77 -130.94
CA ILE A 122 131.86 38.06 -131.52
C ILE A 122 132.94 37.61 -130.55
N MET A 123 132.80 37.94 -129.28
CA MET A 123 133.86 37.55 -128.39
C MET A 123 134.01 36.04 -128.25
N PHE A 124 132.91 35.27 -128.30
CA PHE A 124 133.05 33.82 -128.24
C PHE A 124 133.50 33.18 -129.54
N GLU A 125 133.03 33.67 -130.68
CA GLU A 125 133.36 32.99 -131.93
C GLU A 125 134.61 33.52 -132.66
N THR A 126 134.99 34.80 -132.51
CA THR A 126 136.18 35.23 -133.24
C THR A 126 137.37 35.42 -132.28
N PHE A 127 137.09 35.66 -131.00
CA PHE A 127 138.19 35.83 -130.01
C PHE A 127 138.40 34.64 -129.08
N ASN A 128 137.47 33.69 -129.09
CA ASN A 128 137.50 32.50 -128.24
C ASN A 128 137.63 32.82 -126.75
N VAL A 129 136.92 33.83 -126.30
CA VAL A 129 136.97 34.25 -124.91
C VAL A 129 136.38 33.11 -124.06
N PRO A 130 136.96 32.72 -122.91
CA PRO A 130 136.47 31.64 -122.07
C PRO A 130 135.13 31.96 -121.42
N ALA A 131 134.80 33.25 -121.33
CA ALA A 131 133.54 33.66 -120.74
C ALA A 131 133.10 35.07 -121.15
N MET A 132 131.79 35.31 -121.10
CA MET A 132 131.21 36.63 -121.40
C MET A 132 130.13 37.15 -120.51
N TYR A 133 129.99 38.47 -120.47
CA TYR A 133 128.94 39.10 -119.66
C TYR A 133 128.56 40.49 -120.19
N VAL A 134 127.34 40.65 -120.68
CA VAL A 134 126.93 41.94 -121.16
C VAL A 134 126.25 42.64 -120.00
N ALA A 135 126.82 43.75 -119.61
CA ALA A 135 126.42 44.55 -118.49
C ALA A 135 125.51 45.65 -118.91
N ILE A 136 124.84 46.21 -117.94
CA ILE A 136 123.95 47.28 -118.26
C ILE A 136 124.67 48.62 -118.05
N GLN A 137 124.82 49.38 -119.13
CA GLN A 137 125.60 50.62 -119.07
C GLN A 137 124.94 51.65 -118.19
N ALA A 138 123.63 51.48 -118.04
CA ALA A 138 122.74 52.34 -117.30
C ALA A 138 122.64 51.93 -115.82
N VAL A 139 123.38 50.90 -115.44
CA VAL A 139 123.44 50.40 -114.07
C VAL A 139 124.84 50.62 -113.49
N LEU A 140 125.84 50.43 -114.36
CA LEU A 140 127.25 50.51 -113.99
C LEU A 140 127.60 51.89 -113.42
N SER A 141 126.82 52.89 -113.80
CA SER A 141 127.02 54.23 -113.29
C SER A 141 126.82 54.31 -111.78
N LEU A 142 125.90 53.49 -111.21
CA LEU A 142 125.69 53.59 -109.77
C LEU A 142 126.79 52.82 -109.09
N TYR A 143 127.32 51.77 -109.73
CA TYR A 143 128.42 51.09 -109.04
C TYR A 143 129.61 52.05 -108.94
N ALA A 144 129.90 52.72 -110.04
CA ALA A 144 131.03 53.65 -110.14
C ALA A 144 130.86 54.85 -109.22
N SER A 145 129.62 55.27 -109.04
CA SER A 145 129.28 56.44 -108.25
C SER A 145 129.08 56.16 -106.76
N GLY A 146 129.16 54.89 -106.33
CA GLY A 146 128.91 54.63 -104.91
C GLY A 146 127.43 54.68 -104.52
N ARG A 147 126.54 54.25 -105.42
CA ARG A 147 125.11 54.27 -105.16
C ARG A 147 124.43 52.93 -105.47
N THR A 148 123.28 52.69 -104.82
CA THR A 148 122.47 51.50 -105.06
C THR A 148 121.12 52.01 -105.48
N THR A 149 120.95 53.28 -105.15
CA THR A 149 119.71 53.99 -105.39
C THR A 149 120.00 55.30 -106.09
N GLY A 150 119.27 55.57 -107.16
CA GLY A 150 119.38 56.82 -107.90
C GLY A 150 118.92 56.70 -109.34
N ILE A 151 119.01 57.81 -110.06
CA ILE A 151 118.61 57.84 -111.47
C ILE A 151 119.85 57.81 -112.31
N VAL A 152 119.96 56.85 -113.21
CA VAL A 152 121.15 56.90 -114.04
C VAL A 152 120.88 57.63 -115.33
N LEU A 153 121.57 58.76 -115.44
CA LEU A 153 121.50 59.67 -116.56
C LEU A 153 122.70 59.41 -117.46
N ASP A 154 122.65 58.30 -118.18
CA ASP A 154 123.76 57.84 -118.98
C ASP A 154 123.75 58.44 -120.35
N SER A 155 123.95 59.74 -120.45
CA SER A 155 123.90 60.31 -121.77
C SER A 155 125.17 59.96 -122.46
N GLY A 156 125.07 59.18 -123.51
CA GLY A 156 126.25 58.76 -124.23
C GLY A 156 126.37 59.61 -125.46
N ASP A 157 126.94 59.02 -126.50
CA ASP A 157 127.13 59.68 -127.77
C ASP A 157 125.91 59.36 -128.65
N GLY A 158 125.35 58.16 -128.43
CA GLY A 158 124.24 57.58 -129.19
C GLY A 158 122.85 57.98 -128.69
N VAL A 159 122.47 57.43 -127.52
CA VAL A 159 121.16 57.63 -126.85
C VAL A 159 121.34 57.82 -125.32
N THR A 160 120.41 58.54 -124.68
CA THR A 160 120.38 58.66 -123.21
C THR A 160 119.30 57.67 -122.73
N HIS A 161 119.64 56.81 -121.77
CA HIS A 161 118.73 55.75 -121.27
C HIS A 161 117.75 56.14 -120.16
N ASN A 162 118.24 56.86 -119.16
CA ASN A 162 117.47 57.36 -118.00
C ASN A 162 116.72 56.28 -117.20
N VAL A 163 117.44 55.48 -116.39
CA VAL A 163 116.73 54.45 -115.61
C VAL A 163 116.80 54.66 -114.09
N PRO A 164 115.66 54.70 -113.39
CA PRO A 164 115.60 54.74 -111.96
C PRO A 164 115.87 53.35 -111.39
N ILE A 165 116.72 53.30 -110.36
CA ILE A 165 117.06 52.08 -109.63
C ILE A 165 116.87 52.32 -108.11
N TYR A 166 116.20 51.41 -107.41
CA TYR A 166 116.02 51.58 -105.95
C TYR A 166 116.46 50.34 -105.19
N GLU A 167 117.37 50.49 -104.24
CA GLU A 167 117.91 49.35 -103.49
C GLU A 167 118.42 48.25 -104.41
N GLY A 168 119.05 48.64 -105.51
CA GLY A 168 119.59 47.68 -106.45
C GLY A 168 118.55 47.08 -107.40
N TYR A 169 117.28 47.50 -107.32
CA TYR A 169 116.22 46.98 -108.18
C TYR A 169 115.91 47.86 -109.35
N ALA A 170 115.62 47.27 -110.49
CA ALA A 170 115.23 48.10 -111.60
C ALA A 170 113.79 48.51 -111.40
N LEU A 171 113.46 49.72 -111.84
CA LEU A 171 112.10 50.18 -111.82
C LEU A 171 111.76 50.51 -113.29
N PRO A 172 111.67 49.48 -114.17
CA PRO A 172 111.66 49.57 -115.62
C PRO A 172 110.49 50.32 -116.23
N HIS A 173 109.40 50.42 -115.49
CA HIS A 173 108.23 51.11 -116.01
C HIS A 173 108.46 52.61 -116.06
N ALA A 174 109.49 53.07 -115.36
CA ALA A 174 109.83 54.46 -115.26
C ALA A 174 111.06 54.79 -116.10
N ILE A 175 111.44 53.93 -117.05
CA ILE A 175 112.55 54.26 -117.94
C ILE A 175 112.14 55.26 -119.01
N MET A 176 112.94 56.31 -119.19
CA MET A 176 112.61 57.32 -120.20
C MET A 176 113.67 57.40 -121.30
N ARG A 177 113.73 56.40 -122.19
CA ARG A 177 114.82 56.41 -123.17
C ARG A 177 114.58 57.57 -124.13
N LEU A 178 115.61 58.38 -124.39
CA LEU A 178 115.50 59.54 -125.26
C LEU A 178 116.56 59.58 -126.33
N ASP A 179 116.13 59.74 -127.58
CA ASP A 179 117.06 59.77 -128.69
C ASP A 179 117.72 61.14 -128.88
N LEU A 180 118.52 61.50 -127.88
CA LEU A 180 119.33 62.69 -127.81
C LEU A 180 120.60 62.39 -127.03
N ALA A 181 121.71 62.61 -127.71
CA ALA A 181 123.01 62.31 -127.14
C ALA A 181 124.13 63.16 -127.77
N GLY A 182 125.36 62.94 -127.31
CA GLY A 182 126.52 63.73 -127.74
C GLY A 182 126.73 63.87 -129.24
N ARG A 183 126.34 62.87 -130.02
CA ARG A 183 126.50 62.92 -131.48
C ARG A 183 125.53 63.87 -132.16
N ASP A 184 124.41 64.17 -131.50
CA ASP A 184 123.41 65.07 -132.06
C ASP A 184 123.82 66.47 -131.71
N LEU A 185 124.45 66.58 -130.54
CA LEU A 185 124.88 67.88 -130.08
C LEU A 185 126.01 68.35 -131.02
N THR A 186 126.87 67.40 -131.45
CA THR A 186 127.95 67.70 -132.41
C THR A 186 127.34 68.10 -133.75
N ASP A 187 126.33 67.37 -134.23
CA ASP A 187 125.76 67.66 -135.54
C ASP A 187 125.11 69.05 -135.54
N TYR A 188 124.42 69.40 -134.44
CA TYR A 188 123.79 70.70 -134.32
C TYR A 188 124.87 71.78 -134.38
N LEU A 189 125.96 71.59 -133.62
CA LEU A 189 127.05 72.56 -133.59
C LEU A 189 127.67 72.69 -134.99
N MET A 190 127.82 71.59 -135.74
CA MET A 190 128.38 71.72 -137.09
C MET A 190 127.50 72.65 -137.93
N LYS A 191 126.19 72.49 -137.83
CA LYS A 191 125.28 73.32 -138.61
C LYS A 191 125.29 74.80 -138.20
N ILE A 192 125.33 75.08 -136.90
CA ILE A 192 125.30 76.49 -136.49
C ILE A 192 126.67 77.15 -136.69
N LEU A 193 127.76 76.38 -136.66
CA LEU A 193 129.05 77.00 -136.94
C LEU A 193 129.14 77.27 -138.45
N THR A 194 128.41 76.47 -139.25
CA THR A 194 128.31 76.69 -140.68
C THR A 194 127.58 78.02 -140.90
N GLU A 195 126.53 78.29 -140.11
CA GLU A 195 125.77 79.55 -140.20
C GLU A 195 126.72 80.75 -139.95
N ARG A 196 127.70 80.58 -139.06
CA ARG A 196 128.69 81.62 -138.75
C ARG A 196 129.73 81.85 -139.86
N GLY A 197 129.76 81.00 -140.90
CA GLY A 197 130.72 81.13 -141.97
C GLY A 197 131.87 80.12 -141.95
N TYR A 198 131.78 79.09 -141.09
CA TYR A 198 132.81 78.07 -140.99
C TYR A 198 132.18 76.74 -141.25
N SER A 199 132.04 76.36 -142.51
CA SER A 199 131.33 75.14 -142.83
C SER A 199 132.05 73.90 -142.33
N PHE A 200 131.27 73.00 -141.72
CA PHE A 200 131.74 71.70 -141.23
C PHE A 200 130.84 70.61 -141.79
N VAL A 201 131.28 69.95 -142.86
CA VAL A 201 130.44 68.94 -143.52
C VAL A 201 131.10 67.56 -143.69
N THR A 202 132.41 67.46 -143.49
CA THR A 202 133.14 66.19 -143.71
C THR A 202 133.32 65.42 -142.42
N THR A 203 133.86 64.20 -142.54
CA THR A 203 134.09 63.33 -141.41
C THR A 203 135.19 63.89 -140.51
N ALA A 204 136.21 64.47 -141.13
CA ALA A 204 137.28 65.07 -140.35
C ALA A 204 136.76 66.27 -139.60
N GLU A 205 135.87 67.01 -140.27
CA GLU A 205 135.23 68.21 -139.72
C GLU A 205 134.30 67.88 -138.57
N ARG A 206 133.63 66.74 -138.64
CA ARG A 206 132.77 66.29 -137.56
C ARG A 206 133.61 66.04 -136.32
N GLU A 207 134.79 65.43 -136.50
CA GLU A 207 135.68 65.22 -135.36
C GLU A 207 136.24 66.57 -134.86
N ILE A 208 136.46 67.53 -135.77
CA ILE A 208 136.91 68.85 -135.32
C ILE A 208 135.84 69.48 -134.44
N VAL A 209 134.58 69.41 -134.87
CA VAL A 209 133.51 70.01 -134.09
C VAL A 209 133.34 69.36 -132.74
N ARG A 210 133.57 68.05 -132.66
CA ARG A 210 133.47 67.34 -131.39
C ARG A 210 134.56 67.81 -130.44
N ASP A 211 135.67 68.31 -131.00
CA ASP A 211 136.78 68.79 -130.19
C ASP A 211 136.44 70.20 -129.70
N ILE A 212 135.79 70.98 -130.58
CA ILE A 212 135.37 72.32 -130.22
C ILE A 212 134.34 72.23 -129.12
N LYS A 213 133.38 71.34 -129.27
CA LYS A 213 132.31 71.18 -128.31
C LYS A 213 132.87 70.87 -126.92
N GLU A 214 133.80 69.91 -126.86
CA GLU A 214 134.39 69.44 -125.62
C GLU A 214 135.17 70.51 -124.87
N LYS A 215 135.83 71.43 -125.61
CA LYS A 215 136.63 72.47 -124.99
C LYS A 215 135.96 73.85 -124.83
N LEU A 216 135.05 74.23 -125.74
CA LEU A 216 134.47 75.58 -125.72
C LEU A 216 133.04 75.70 -125.22
N CYS A 217 132.22 74.65 -125.32
CA CYS A 217 130.83 74.81 -124.99
C CYS A 217 130.50 74.71 -123.51
N TYR A 218 129.40 75.35 -123.14
CA TYR A 218 128.89 75.31 -121.76
C TYR A 218 127.38 75.33 -121.80
N VAL A 219 126.74 74.88 -120.74
CA VAL A 219 125.29 74.78 -120.81
C VAL A 219 124.48 76.07 -120.80
N ALA A 220 124.81 76.98 -119.90
CA ALA A 220 124.11 78.24 -119.64
C ALA A 220 123.04 77.98 -118.60
N LEU A 221 123.22 78.54 -117.40
CA LEU A 221 122.22 78.30 -116.36
C LEU A 221 120.92 78.98 -116.79
N ASP A 222 121.07 80.15 -117.41
CA ASP A 222 119.99 80.93 -117.96
C ASP A 222 120.25 81.11 -119.45
N PHE A 223 119.63 80.29 -120.29
CA PHE A 223 119.93 80.32 -121.73
C PHE A 223 119.71 81.70 -122.34
N GLU A 224 118.53 82.26 -122.09
CA GLU A 224 118.18 83.57 -122.62
C GLU A 224 119.16 84.65 -122.16
N ASN A 225 119.49 84.64 -120.88
CA ASN A 225 120.42 85.62 -120.32
C ASN A 225 121.79 85.55 -121.00
N GLU A 226 122.27 84.33 -121.24
CA GLU A 226 123.55 84.13 -121.90
C GLU A 226 123.47 84.47 -123.38
N MET A 227 122.32 84.19 -123.99
CA MET A 227 122.11 84.47 -125.40
C MET A 227 121.96 85.96 -125.63
N ALA A 228 121.31 86.65 -124.69
CA ALA A 228 121.10 88.09 -124.79
C ALA A 228 122.43 88.80 -124.99
N THR A 229 123.44 88.39 -124.23
CA THR A 229 124.76 88.98 -124.32
C THR A 229 125.59 88.33 -125.43
N ALA A 230 125.57 87.00 -125.55
CA ALA A 230 126.41 86.31 -126.54
C ALA A 230 126.08 86.71 -127.95
N ALA A 231 124.83 87.00 -128.23
CA ALA A 231 124.40 87.41 -129.56
C ALA A 231 124.66 88.90 -129.80
N SER A 232 125.06 89.64 -128.75
CA SER A 232 125.26 91.07 -128.83
C SER A 232 126.73 91.49 -128.68
N SER A 233 127.57 90.64 -128.09
CA SER A 233 128.96 91.02 -127.81
C SER A 233 130.02 89.92 -127.86
N SER A 234 131.19 90.32 -128.35
CA SER A 234 132.38 89.49 -128.49
C SER A 234 132.95 89.06 -127.15
N SER A 235 132.50 89.69 -126.07
CA SER A 235 132.97 89.37 -124.72
C SER A 235 132.53 87.96 -124.29
N LEU A 236 131.55 87.40 -125.00
CA LEU A 236 131.07 86.05 -124.72
C LEU A 236 131.60 85.03 -125.72
N GLU A 237 132.50 85.44 -126.61
CA GLU A 237 133.03 84.51 -127.58
C GLU A 237 134.32 83.88 -127.11
N LYS A 238 134.55 82.66 -127.56
CA LYS A 238 135.81 81.99 -127.25
C LYS A 238 136.41 81.43 -128.52
N SER A 239 137.71 81.65 -128.71
CA SER A 239 138.38 81.16 -129.90
C SER A 239 138.85 79.71 -129.82
N TYR A 240 139.00 79.13 -131.00
CA TYR A 240 139.52 77.79 -131.20
C TYR A 240 140.35 77.72 -132.48
N GLU A 241 141.50 77.08 -132.41
CA GLU A 241 142.31 76.91 -133.59
C GLU A 241 142.09 75.51 -134.16
N LEU A 242 141.73 75.47 -135.43
CA LEU A 242 141.42 74.23 -136.10
C LEU A 242 142.73 73.61 -136.59
N PRO A 243 142.79 72.28 -136.81
CA PRO A 243 143.93 71.55 -137.35
C PRO A 243 144.47 72.09 -138.68
N ASP A 244 143.64 72.78 -139.47
CA ASP A 244 144.07 73.32 -140.74
C ASP A 244 144.50 74.78 -140.66
N GLY A 245 144.58 75.33 -139.45
CA GLY A 245 145.00 76.70 -139.23
C GLY A 245 143.86 77.72 -139.19
N GLN A 246 142.62 77.28 -139.39
CA GLN A 246 141.54 78.26 -139.33
C GLN A 246 141.29 78.65 -137.88
N VAL A 247 140.91 79.90 -137.64
CA VAL A 247 140.54 80.25 -136.28
C VAL A 247 139.10 80.72 -136.27
N ILE A 248 138.34 80.05 -135.41
CA ILE A 248 136.92 80.28 -135.24
C ILE A 248 136.63 80.83 -133.88
N THR A 249 135.71 81.78 -133.79
CA THR A 249 135.30 82.22 -132.48
C THR A 249 133.85 81.79 -132.44
N ILE A 250 133.40 81.37 -131.27
CA ILE A 250 132.05 80.87 -131.12
C ILE A 250 131.31 81.69 -130.08
N GLY A 251 130.10 82.17 -130.42
CA GLY A 251 129.32 83.07 -129.56
C GLY A 251 128.17 82.36 -128.88
N ASN A 252 126.93 82.58 -129.31
CA ASN A 252 125.85 81.91 -128.60
C ASN A 252 125.80 80.45 -129.00
N GLU A 253 126.57 80.09 -130.03
CA GLU A 253 126.65 78.73 -130.52
C GLU A 253 127.34 77.85 -129.47
N ARG A 254 128.09 78.52 -128.61
CA ARG A 254 128.86 77.98 -127.53
C ARG A 254 127.93 77.31 -126.53
N PHE A 255 126.70 77.82 -126.43
CA PHE A 255 125.73 77.27 -125.50
C PHE A 255 124.51 76.70 -126.22
N ARG A 256 124.30 77.10 -127.46
CA ARG A 256 123.14 76.60 -128.22
C ARG A 256 123.32 75.11 -128.45
N CYS A 257 124.57 74.65 -128.55
CA CYS A 257 124.80 73.22 -128.71
C CYS A 257 124.24 72.41 -127.52
N PRO A 258 124.73 72.53 -126.26
CA PRO A 258 124.20 71.85 -125.08
C PRO A 258 122.78 72.23 -124.75
N GLU A 259 122.30 73.39 -125.21
CA GLU A 259 120.92 73.77 -124.95
C GLU A 259 119.96 72.74 -125.50
N THR A 260 120.35 71.98 -126.53
CA THR A 260 119.48 70.98 -127.16
C THR A 260 119.09 69.92 -126.12
N LEU A 261 119.90 69.76 -125.08
CA LEU A 261 119.64 68.84 -123.99
C LEU A 261 118.41 69.27 -123.23
N PHE A 262 118.17 70.58 -123.17
CA PHE A 262 117.03 71.11 -122.47
C PHE A 262 115.94 71.44 -123.49
N GLN A 263 116.35 71.65 -124.75
CA GLN A 263 115.44 71.93 -125.85
C GLN A 263 115.69 71.06 -127.10
N PRO A 264 115.32 69.76 -127.10
CA PRO A 264 115.52 68.76 -128.16
C PRO A 264 114.87 69.16 -129.48
N SER A 265 113.97 70.14 -129.42
CA SER A 265 113.29 70.66 -130.60
C SER A 265 114.31 71.32 -131.53
N PHE A 266 115.51 71.63 -131.00
CA PHE A 266 116.61 72.23 -131.74
C PHE A 266 117.10 71.29 -132.85
N ILE A 267 116.86 69.99 -132.71
CA ILE A 267 117.26 69.01 -133.72
C ILE A 267 116.02 68.31 -134.29
N GLY A 268 114.82 68.89 -134.06
CA GLY A 268 113.57 68.34 -134.54
C GLY A 268 113.00 67.17 -133.72
N MET A 269 113.37 67.05 -132.45
CA MET A 269 112.86 65.95 -131.63
C MET A 269 111.66 66.35 -130.77
N GLU A 270 110.65 65.48 -130.67
CA GLU A 270 109.56 65.84 -129.79
C GLU A 270 109.89 65.41 -128.38
N SER A 271 110.53 66.32 -127.67
CA SER A 271 110.94 66.08 -126.30
C SER A 271 111.09 67.38 -125.54
N ALA A 272 110.78 67.33 -124.25
CA ALA A 272 110.89 68.47 -123.37
C ALA A 272 112.28 68.59 -122.75
N GLY A 273 113.18 67.66 -123.06
CA GLY A 273 114.55 67.71 -122.53
C GLY A 273 114.89 66.66 -121.50
N ILE A 274 116.19 66.58 -121.20
CA ILE A 274 116.75 65.60 -120.28
C ILE A 274 116.27 65.78 -118.85
N HIS A 275 115.84 66.98 -118.48
CA HIS A 275 115.33 67.17 -117.14
C HIS A 275 113.89 66.70 -117.03
N GLU A 276 113.20 66.55 -118.16
CA GLU A 276 111.84 66.07 -118.10
C GLU A 276 111.95 64.57 -117.93
N THR A 277 112.93 63.97 -118.62
CA THR A 277 113.12 62.53 -118.56
C THR A 277 113.66 62.13 -117.18
N THR A 278 114.51 62.97 -116.59
CA THR A 278 115.02 62.69 -115.26
C THR A 278 113.84 62.76 -114.29
N TYR A 279 113.05 63.83 -114.43
CA TYR A 279 111.89 64.05 -113.60
C TYR A 279 110.89 62.89 -113.65
N ASN A 280 110.57 62.44 -114.86
CA ASN A 280 109.63 61.35 -115.03
C ASN A 280 110.20 60.04 -114.53
N SER A 281 111.52 59.83 -114.63
CA SER A 281 112.09 58.61 -114.10
C SER A 281 111.86 58.58 -112.60
N ILE A 282 111.95 59.74 -111.94
CA ILE A 282 111.71 59.80 -110.51
C ILE A 282 110.22 59.69 -110.22
N MET A 283 109.42 60.51 -110.88
CA MET A 283 107.99 60.63 -110.62
C MET A 283 107.19 59.37 -110.89
N LYS A 284 107.59 58.57 -111.88
CA LYS A 284 106.84 57.39 -112.23
C LYS A 284 107.17 56.20 -111.33
N CYS A 285 108.07 56.39 -110.36
CA CYS A 285 108.43 55.36 -109.41
C CYS A 285 107.48 55.51 -108.23
N ASP A 286 107.37 54.49 -107.39
CA ASP A 286 106.45 54.60 -106.27
C ASP A 286 106.77 55.78 -105.37
N ILE A 287 105.73 56.30 -104.74
CA ILE A 287 105.82 57.47 -103.90
C ILE A 287 106.84 57.38 -102.76
N ASP A 288 107.13 56.17 -102.25
CA ASP A 288 108.13 56.01 -101.19
C ASP A 288 109.55 55.87 -101.72
N ILE A 289 109.68 55.87 -103.05
CA ILE A 289 110.93 55.81 -103.78
C ILE A 289 111.34 57.20 -104.24
N ARG A 290 110.36 57.96 -104.72
CA ARG A 290 110.56 59.31 -105.24
C ARG A 290 111.50 60.20 -104.44
N LYS A 291 111.39 60.18 -103.11
CA LYS A 291 112.23 61.05 -102.28
C LYS A 291 113.72 60.71 -102.39
N ASP A 292 114.03 59.43 -102.61
CA ASP A 292 115.39 58.96 -102.64
C ASP A 292 115.97 59.18 -104.01
N LEU A 293 115.12 59.13 -105.02
CA LEU A 293 115.65 59.34 -106.34
C LEU A 293 115.87 60.86 -106.55
N TYR A 294 115.04 61.73 -105.94
CA TYR A 294 115.25 63.18 -106.08
C TYR A 294 116.62 63.59 -105.54
N ALA A 295 117.01 62.96 -104.44
CA ALA A 295 118.28 63.22 -103.78
C ALA A 295 119.47 62.49 -104.43
N ASN A 296 119.22 61.66 -105.45
CA ASN A 296 120.28 60.87 -106.07
C ASN A 296 120.18 60.80 -107.61
N ASN A 297 120.34 61.94 -108.29
CA ASN A 297 120.41 61.97 -109.74
C ASN A 297 121.87 61.74 -110.10
N VAL A 298 122.18 60.67 -110.81
CA VAL A 298 123.57 60.34 -111.05
C VAL A 298 123.98 60.48 -112.50
N MET A 299 124.98 61.32 -112.74
CA MET A 299 125.48 61.54 -114.08
C MET A 299 126.59 60.58 -114.45
N SER A 300 126.57 60.13 -115.69
CA SER A 300 127.64 59.28 -116.20
C SER A 300 127.76 59.46 -117.69
N GLY A 301 128.85 59.00 -118.26
CA GLY A 301 129.00 59.14 -119.69
C GLY A 301 129.53 60.53 -119.95
N GLY A 302 129.71 60.86 -121.22
CA GLY A 302 130.21 62.18 -121.62
C GLY A 302 129.03 63.13 -121.66
N THR A 303 129.21 64.38 -122.13
CA THR A 303 128.18 65.47 -122.14
C THR A 303 127.85 65.98 -120.71
N THR A 304 128.17 65.16 -119.71
CA THR A 304 127.99 65.47 -118.30
C THR A 304 129.16 66.35 -117.85
N MET A 305 130.07 66.51 -118.79
CA MET A 305 131.27 67.27 -118.71
C MET A 305 131.13 68.69 -119.30
N TYR A 306 129.90 69.11 -119.71
CA TYR A 306 129.76 70.51 -120.13
C TYR A 306 129.73 71.33 -118.84
N PRO A 307 130.44 72.44 -118.72
CA PRO A 307 130.36 73.30 -117.57
C PRO A 307 128.93 73.75 -117.40
N GLY A 308 128.45 73.75 -116.17
CA GLY A 308 127.10 74.19 -115.87
C GLY A 308 126.01 73.12 -116.01
N ILE A 309 126.36 71.90 -116.43
CA ILE A 309 125.29 70.92 -116.61
C ILE A 309 124.70 70.43 -115.31
N ALA A 310 125.53 70.23 -114.27
CA ALA A 310 125.01 69.78 -112.99
C ALA A 310 124.23 70.89 -112.31
N ASP A 311 124.60 72.14 -112.57
CA ASP A 311 123.92 73.22 -111.89
C ASP A 311 122.59 73.50 -112.56
N ARG A 312 122.53 73.36 -113.89
CA ARG A 312 121.26 73.57 -114.51
C ARG A 312 120.35 72.39 -114.26
N MET A 313 120.87 71.17 -114.26
CA MET A 313 119.98 70.07 -113.96
C MET A 313 119.37 70.22 -112.56
N GLN A 314 120.14 70.67 -111.56
CA GLN A 314 119.54 70.82 -110.24
C GLN A 314 118.41 71.85 -110.33
N LYS A 315 118.65 72.97 -111.02
CA LYS A 315 117.65 74.01 -111.19
C LYS A 315 116.38 73.53 -111.88
N GLU A 316 116.56 72.80 -112.99
CA GLU A 316 115.44 72.32 -113.80
C GLU A 316 114.61 71.29 -113.05
N ILE A 317 115.25 70.43 -112.24
CA ILE A 317 114.49 69.45 -111.49
C ILE A 317 113.83 70.14 -110.30
N THR A 318 114.52 71.04 -109.62
CA THR A 318 113.96 71.74 -108.47
C THR A 318 112.67 72.42 -108.87
N ALA A 319 112.65 73.02 -110.07
CA ALA A 319 111.49 73.71 -110.63
C ALA A 319 110.28 72.79 -110.90
N LEU A 320 110.50 71.48 -111.05
CA LEU A 320 109.45 70.51 -111.34
C LEU A 320 109.05 69.72 -110.09
N ALA A 321 110.04 69.54 -109.22
CA ALA A 321 109.95 68.76 -107.99
C ALA A 321 109.04 69.41 -106.94
N PRO A 322 108.46 68.61 -106.03
CA PRO A 322 107.75 69.03 -104.85
C PRO A 322 108.71 69.77 -103.93
N SER A 323 108.17 70.64 -103.09
CA SER A 323 108.93 71.38 -102.12
C SER A 323 109.42 70.45 -101.02
N THR A 324 110.27 70.96 -100.12
CA THR A 324 110.86 70.20 -99.00
C THR A 324 111.99 69.25 -99.42
N MET A 325 111.73 68.43 -100.42
CA MET A 325 112.73 67.48 -100.87
C MET A 325 113.96 68.15 -101.43
N LYS A 326 115.12 67.59 -101.10
CA LYS A 326 116.38 68.08 -101.60
C LYS A 326 116.64 67.48 -102.96
N ILE A 327 117.19 68.27 -103.86
CA ILE A 327 117.53 67.79 -105.17
C ILE A 327 119.04 67.74 -105.27
N LYS A 328 119.57 66.56 -105.56
CA LYS A 328 121.02 66.47 -105.64
C LYS A 328 121.52 65.68 -106.82
N ILE A 329 122.65 66.16 -107.35
CA ILE A 329 123.31 65.54 -108.48
C ILE A 329 124.70 65.06 -108.17
N ILE A 330 124.93 63.83 -108.53
CA ILE A 330 126.22 63.20 -108.36
C ILE A 330 126.92 63.30 -109.71
N ALA A 331 127.96 64.09 -109.76
CA ALA A 331 128.68 64.34 -111.00
C ALA A 331 130.18 64.27 -110.71
N PRO A 332 130.72 63.06 -110.53
CA PRO A 332 132.06 62.77 -110.06
C PRO A 332 133.05 63.10 -111.17
N PRO A 333 134.34 63.28 -110.88
CA PRO A 333 135.41 63.48 -111.84
C PRO A 333 135.61 62.26 -112.74
N GLU A 334 135.16 61.12 -112.23
CA GLU A 334 135.22 59.87 -112.99
C GLU A 334 134.09 59.92 -114.01
N ARG A 335 133.84 61.13 -114.51
CA ARG A 335 132.83 61.37 -115.51
C ARG A 335 133.34 60.89 -116.86
N LYS A 336 132.42 60.64 -117.77
CA LYS A 336 132.74 60.15 -119.12
C LYS A 336 133.48 58.82 -119.07
N TYR A 337 134.18 58.54 -117.97
CA TYR A 337 134.83 57.25 -117.84
C TYR A 337 134.25 56.33 -116.73
N SER A 338 133.17 56.77 -116.08
CA SER A 338 132.59 56.05 -114.95
C SER A 338 131.86 54.76 -115.31
N VAL A 339 131.37 54.63 -116.52
CA VAL A 339 130.68 53.39 -116.89
C VAL A 339 131.71 52.28 -116.93
N TRP A 340 132.90 52.58 -117.48
CA TRP A 340 133.96 51.59 -117.56
C TRP A 340 134.31 51.14 -116.15
N ILE A 341 134.43 52.10 -115.24
CA ILE A 341 134.78 51.81 -113.86
C ILE A 341 133.73 50.94 -113.24
N GLY A 342 132.46 51.24 -113.46
CA GLY A 342 131.42 50.39 -112.92
C GLY A 342 131.57 48.97 -113.45
N GLY A 343 131.98 48.84 -114.73
CA GLY A 343 132.19 47.53 -115.36
C GLY A 343 133.29 46.75 -114.65
N SER A 344 134.37 47.45 -114.27
CA SER A 344 135.51 46.89 -113.52
C SER A 344 135.02 46.39 -112.17
N ILE A 345 134.18 47.19 -111.52
CA ILE A 345 133.63 46.84 -110.22
C ILE A 345 132.76 45.61 -110.36
N LEU A 346 131.86 45.59 -111.33
CA LEU A 346 130.95 44.47 -111.48
C LEU A 346 131.68 43.17 -111.86
N ALA A 347 132.59 43.26 -112.84
CA ALA A 347 133.29 42.10 -113.37
C ALA A 347 134.07 41.33 -112.30
N SER A 348 134.65 42.10 -111.37
CA SER A 348 135.46 41.60 -110.28
C SER A 348 134.72 41.26 -108.97
N LEU A 349 133.40 41.46 -108.88
CA LEU A 349 132.73 41.17 -107.60
C LEU A 349 132.70 39.67 -107.39
N SER A 350 132.92 39.20 -106.16
CA SER A 350 132.85 37.76 -105.90
C SER A 350 131.43 37.22 -106.14
N THR A 351 130.45 38.09 -105.93
CA THR A 351 129.03 37.80 -106.06
C THR A 351 128.60 37.75 -107.52
N PHE A 352 129.50 38.15 -108.42
CA PHE A 352 129.28 38.21 -109.83
C PHE A 352 130.03 37.09 -110.55
N GLN A 353 130.72 36.21 -109.83
CA GLN A 353 131.53 35.26 -110.61
C GLN A 353 130.71 34.14 -111.19
N GLN A 354 129.46 34.05 -110.76
CA GLN A 354 128.53 33.05 -111.27
C GLN A 354 127.64 33.64 -112.37
N MET A 355 127.82 34.93 -112.68
CA MET A 355 126.98 35.60 -113.68
C MET A 355 127.54 35.50 -115.08
N TRP A 356 128.77 35.01 -115.19
CA TRP A 356 129.48 34.90 -116.45
C TRP A 356 129.00 33.72 -117.29
N ILE A 357 128.86 33.94 -118.60
CA ILE A 357 128.51 32.88 -119.55
C ILE A 357 129.79 32.18 -119.83
N THR A 358 129.88 30.87 -119.67
CA THR A 358 131.17 30.26 -119.97
C THR A 358 131.17 29.91 -121.44
N LYS A 359 132.34 29.64 -122.01
CA LYS A 359 132.37 29.25 -123.41
C LYS A 359 131.63 27.96 -123.65
N GLN A 360 131.71 27.02 -122.71
CA GLN A 360 131.02 25.75 -122.94
C GLN A 360 129.51 25.98 -122.97
N GLU A 361 129.00 26.84 -122.08
CA GLU A 361 127.58 27.10 -122.05
C GLU A 361 127.14 27.80 -123.34
N TYR A 362 127.97 28.73 -123.82
CA TYR A 362 127.70 29.43 -125.05
C TYR A 362 127.66 28.48 -126.23
N ASP A 363 128.67 27.63 -126.35
CA ASP A 363 128.72 26.74 -127.50
C ASP A 363 127.51 25.82 -127.53
N GLU A 364 127.05 25.35 -126.37
CA GLU A 364 125.89 24.49 -126.33
C GLU A 364 124.57 25.21 -126.62
N ALA A 365 124.39 26.43 -126.08
CA ALA A 365 123.15 27.19 -126.23
C ALA A 365 123.06 28.11 -127.47
N GLY A 366 124.18 28.64 -127.93
CA GLY A 366 124.19 29.61 -129.01
C GLY A 366 123.99 31.01 -128.43
N PRO A 367 123.96 32.07 -129.26
CA PRO A 367 123.90 33.49 -128.88
C PRO A 367 122.68 33.90 -128.07
N SER A 368 121.59 33.12 -128.12
CA SER A 368 120.39 33.44 -127.36
C SER A 368 120.62 33.32 -125.85
N ILE A 369 121.74 32.69 -125.47
CA ILE A 369 122.13 32.51 -124.09
C ILE A 369 122.27 33.84 -123.37
N VAL A 370 122.55 34.91 -124.10
CA VAL A 370 122.71 36.20 -123.48
C VAL A 370 121.43 36.65 -122.75
N HIS A 371 120.26 36.13 -123.16
CA HIS A 371 119.00 36.51 -122.57
C HIS A 371 118.67 35.64 -121.37
N ARG A 372 119.48 34.61 -121.14
CA ARG A 372 119.28 33.68 -120.05
C ARG A 372 120.28 33.95 -118.94
N LYS A 373 121.47 34.42 -119.34
CA LYS A 373 122.56 34.67 -118.42
C LYS A 373 122.89 36.13 -118.12
N CYS A 374 122.62 37.08 -119.04
CA CYS A 374 123.04 38.44 -118.76
C CYS A 374 121.91 39.33 -118.30
N PHE A 375 120.91 39.53 -119.17
CA PHE A 375 119.72 40.38 -118.87
C PHE A 375 118.75 40.46 -120.05
N ASP B 1 69.32 67.68 -139.98
CA ASP B 1 70.00 66.41 -139.82
C ASP B 1 69.33 65.53 -138.78
N GLU B 2 68.74 66.18 -137.79
CA GLU B 2 68.03 65.49 -136.72
C GLU B 2 66.61 66.06 -136.57
N ASP B 3 65.62 65.17 -136.56
CA ASP B 3 64.21 65.55 -136.49
C ASP B 3 63.70 66.02 -135.12
N GLU B 4 64.29 65.51 -134.03
CA GLU B 4 63.79 65.84 -132.70
C GLU B 4 64.86 66.38 -131.77
N THR B 5 64.44 67.19 -130.80
CA THR B 5 65.34 67.72 -129.79
C THR B 5 65.61 66.68 -128.72
N THR B 6 66.24 65.60 -129.13
CA THR B 6 66.57 64.46 -128.29
C THR B 6 67.85 64.75 -127.55
N ALA B 7 68.20 63.93 -126.59
CA ALA B 7 69.46 64.18 -125.90
C ALA B 7 70.65 63.86 -126.78
N LEU B 8 71.73 64.58 -126.60
CA LEU B 8 72.95 64.26 -127.30
C LEU B 8 73.68 63.29 -126.40
N VAL B 9 74.39 62.35 -126.99
CA VAL B 9 75.16 61.40 -126.21
C VAL B 9 76.64 61.47 -126.60
N CYS B 10 77.51 61.77 -125.63
CA CYS B 10 78.96 61.87 -125.91
C CYS B 10 79.85 61.14 -124.91
N ASP B 11 80.17 59.89 -125.23
CA ASP B 11 81.05 59.09 -124.39
C ASP B 11 82.47 59.54 -124.67
N ASN B 12 82.89 60.60 -123.99
CA ASN B 12 84.22 61.18 -124.19
C ASN B 12 85.23 60.57 -123.22
N GLY B 13 86.04 59.64 -123.70
CA GLY B 13 87.00 58.99 -122.83
C GLY B 13 88.42 59.46 -123.13
N SER B 14 89.41 58.79 -122.53
CA SER B 14 90.80 59.22 -122.70
C SER B 14 91.43 58.84 -124.03
N GLY B 15 90.73 58.03 -124.82
CA GLY B 15 91.18 57.59 -126.12
C GLY B 15 90.33 58.29 -127.16
N LEU B 16 89.25 57.62 -127.54
CA LEU B 16 88.27 58.10 -128.50
C LEU B 16 87.02 58.64 -127.78
N VAL B 17 86.30 59.51 -128.50
CA VAL B 17 85.00 60.03 -128.08
C VAL B 17 83.91 59.63 -129.08
N LYS B 18 82.86 59.03 -128.56
CA LYS B 18 81.73 58.58 -129.39
C LYS B 18 80.53 59.52 -129.30
N ALA B 19 80.25 60.27 -130.37
CA ALA B 19 79.16 61.23 -130.30
C ALA B 19 78.00 60.90 -131.25
N GLY B 20 76.78 61.09 -130.76
CA GLY B 20 75.57 60.90 -131.57
C GLY B 20 74.34 61.34 -130.81
N PHE B 21 73.17 60.92 -131.27
CA PHE B 21 71.91 61.35 -130.67
C PHE B 21 71.16 60.20 -130.01
N ALA B 22 70.53 60.49 -128.89
CA ALA B 22 69.77 59.50 -128.16
C ALA B 22 68.58 59.01 -128.95
N GLY B 23 68.39 57.71 -128.87
CA GLY B 23 67.34 56.99 -129.53
C GLY B 23 67.91 56.25 -130.73
N ASP B 24 69.15 56.61 -131.14
CA ASP B 24 69.74 55.91 -132.26
C ASP B 24 70.54 54.68 -131.76
N ASP B 25 71.13 53.95 -132.71
CA ASP B 25 71.89 52.72 -132.48
C ASP B 25 73.39 52.89 -132.35
N ALA B 26 73.92 53.96 -132.92
CA ALA B 26 75.36 54.15 -132.97
C ALA B 26 75.69 55.63 -132.96
N PRO B 27 76.91 56.02 -132.56
CA PRO B 27 77.36 57.39 -132.61
C PRO B 27 77.39 57.82 -134.05
N ARG B 28 77.17 59.11 -134.30
CA ARG B 28 77.18 59.65 -135.65
C ARG B 28 78.61 59.86 -136.09
N ALA B 29 79.49 60.14 -135.12
CA ALA B 29 80.89 60.34 -135.41
C ALA B 29 81.75 59.92 -134.24
N VAL B 30 82.93 59.42 -134.57
CA VAL B 30 83.90 59.06 -133.56
C VAL B 30 85.19 59.79 -133.86
N PHE B 31 85.67 60.50 -132.86
CA PHE B 31 86.89 61.28 -132.96
C PHE B 31 87.86 60.86 -131.89
N PRO B 32 89.17 61.03 -132.08
CA PRO B 32 90.13 60.89 -131.02
C PRO B 32 89.88 62.07 -130.10
N SER B 33 90.02 61.88 -128.79
CA SER B 33 89.80 62.97 -127.83
C SER B 33 91.05 63.84 -127.74
N ILE B 34 91.41 64.48 -128.83
CA ILE B 34 92.62 65.29 -128.89
C ILE B 34 92.54 66.68 -129.49
N VAL B 35 93.54 67.47 -129.09
CA VAL B 35 93.88 68.74 -129.68
C VAL B 35 95.39 68.67 -130.01
N GLY B 36 95.73 68.96 -131.25
CA GLY B 36 97.11 68.89 -131.70
C GLY B 36 97.74 70.25 -131.81
N ARG B 37 99.04 70.34 -131.56
CA ARG B 37 99.74 71.60 -131.67
C ARG B 37 101.12 71.40 -132.32
N PRO B 38 101.49 72.18 -133.35
CA PRO B 38 102.73 72.03 -134.09
C PRO B 38 103.95 72.39 -133.30
N ARG B 39 105.02 71.65 -133.57
CA ARG B 39 106.35 71.90 -133.01
C ARG B 39 107.31 72.30 -134.12
N HIS B 40 106.76 72.49 -135.32
CA HIS B 40 107.51 72.85 -136.51
C HIS B 40 106.84 73.93 -137.35
N GLN B 41 107.69 74.64 -138.08
CA GLN B 41 107.25 75.60 -139.08
C GLN B 41 107.11 74.88 -140.40
N GLY B 42 105.95 75.01 -141.05
CA GLY B 42 105.77 74.37 -142.33
C GLY B 42 106.68 75.03 -143.37
N VAL B 43 107.18 74.22 -144.30
CA VAL B 43 108.08 74.71 -145.35
C VAL B 43 107.43 74.76 -146.73
N MET B 44 106.69 73.71 -147.07
CA MET B 44 106.07 73.57 -148.38
C MET B 44 104.82 74.43 -148.50
N VAL B 45 104.52 74.80 -149.73
CA VAL B 45 103.34 75.57 -150.10
C VAL B 45 102.12 74.66 -150.19
N GLY B 46 100.99 75.10 -149.62
CA GLY B 46 99.77 74.28 -149.67
C GLY B 46 99.70 73.24 -148.57
N MET B 47 100.35 73.51 -147.43
CA MET B 47 100.40 72.60 -146.30
C MET B 47 99.45 72.99 -145.17
N GLY B 48 98.50 73.89 -145.44
CA GLY B 48 97.63 74.30 -144.35
C GLY B 48 98.43 75.10 -143.34
N GLN B 49 98.56 74.52 -142.15
CA GLN B 49 99.27 75.02 -140.96
C GLN B 49 98.37 75.88 -140.08
N LYS B 50 97.98 75.28 -138.95
CA LYS B 50 97.08 75.88 -137.97
C LYS B 50 97.84 76.10 -136.67
N ASP B 51 97.31 76.94 -135.76
CA ASP B 51 97.94 77.13 -134.47
C ASP B 51 97.65 75.91 -133.61
N SER B 52 96.47 75.36 -133.83
CA SER B 52 95.98 74.19 -133.14
C SER B 52 94.99 73.42 -134.02
N TYR B 53 94.92 72.12 -133.79
CA TYR B 53 94.07 71.23 -134.55
C TYR B 53 93.14 70.44 -133.65
N VAL B 54 91.92 70.16 -134.07
CA VAL B 54 91.05 69.35 -133.21
C VAL B 54 90.57 68.04 -133.85
N GLY B 55 90.55 66.98 -133.04
CA GLY B 55 90.03 65.68 -133.48
C GLY B 55 90.80 65.07 -134.61
N ASP B 56 90.09 64.80 -135.69
CA ASP B 56 90.66 64.17 -136.87
C ASP B 56 91.65 65.07 -137.59
N GLU B 57 91.58 66.39 -137.39
CA GLU B 57 92.56 67.25 -138.02
C GLU B 57 93.89 67.08 -137.31
N ALA B 58 93.80 66.90 -136.00
CA ALA B 58 94.97 66.74 -135.17
C ALA B 58 95.64 65.42 -135.48
N GLN B 59 94.83 64.40 -135.74
CA GLN B 59 95.42 63.14 -136.07
C GLN B 59 95.98 63.16 -137.49
N SER B 60 95.26 63.76 -138.44
CA SER B 60 95.67 63.77 -139.84
C SER B 60 96.99 64.51 -140.08
N LYS B 61 97.22 65.57 -139.31
CA LYS B 61 98.42 66.40 -139.45
C LYS B 61 99.50 66.08 -138.40
N ARG B 62 99.33 64.97 -137.67
CA ARG B 62 100.16 64.57 -136.53
C ARG B 62 101.64 64.45 -136.79
N GLY B 63 102.08 64.33 -138.04
CA GLY B 63 103.50 64.16 -138.31
C GLY B 63 104.35 65.26 -137.65
N ILE B 64 103.83 66.49 -137.50
CA ILE B 64 104.61 67.55 -136.84
C ILE B 64 103.94 68.09 -135.60
N LEU B 65 102.93 67.39 -135.08
CA LEU B 65 102.17 67.89 -133.95
C LEU B 65 102.40 67.07 -132.71
N THR B 66 102.27 67.71 -131.57
CA THR B 66 102.22 66.97 -130.32
C THR B 66 100.74 66.80 -130.11
N LEU B 67 100.28 65.61 -129.73
CA LEU B 67 98.84 65.45 -129.56
C LEU B 67 98.51 65.24 -128.11
N LYS B 68 97.68 66.12 -127.57
CA LYS B 68 97.35 65.99 -126.18
C LYS B 68 95.91 65.56 -126.00
N TYR B 69 95.73 64.70 -125.03
CA TYR B 69 94.41 64.25 -124.65
C TYR B 69 94.05 65.07 -123.40
N PRO B 70 92.80 65.59 -123.24
CA PRO B 70 92.33 66.32 -122.08
C PRO B 70 92.19 65.49 -120.82
N ILE B 71 92.21 64.18 -121.00
CA ILE B 71 91.94 63.22 -119.95
C ILE B 71 93.10 62.39 -119.45
N GLU B 72 93.27 62.41 -118.14
CA GLU B 72 94.31 61.66 -117.46
C GLU B 72 93.70 60.60 -116.54
N HIS B 73 93.83 59.35 -116.94
CA HIS B 73 93.34 58.21 -116.17
C HIS B 73 91.90 58.33 -115.70
N GLY B 74 91.05 58.76 -116.61
CA GLY B 74 89.63 58.90 -116.36
C GLY B 74 89.09 60.30 -116.10
N ILE B 75 89.93 61.31 -115.83
CA ILE B 75 89.31 62.63 -115.60
C ILE B 75 89.78 63.72 -116.54
N ILE B 76 88.85 64.60 -116.92
CA ILE B 76 89.21 65.71 -117.78
C ILE B 76 89.78 66.82 -116.95
N THR B 77 90.99 67.23 -117.29
CA THR B 77 91.61 68.33 -116.58
C THR B 77 91.71 69.49 -117.55
N ASN B 78 91.81 69.17 -118.84
CA ASN B 78 91.95 70.25 -119.80
C ASN B 78 90.59 70.63 -120.34
N TRP B 79 89.91 71.46 -119.59
CA TRP B 79 88.56 71.86 -119.94
C TRP B 79 88.52 72.72 -121.21
N ASP B 80 89.63 73.37 -121.56
CA ASP B 80 89.60 74.20 -122.77
C ASP B 80 89.65 73.28 -124.00
N ASP B 81 90.40 72.20 -123.90
CA ASP B 81 90.47 71.29 -125.01
C ASP B 81 89.18 70.48 -125.12
N MET B 82 88.49 70.19 -123.99
CA MET B 82 87.25 69.44 -124.17
C MET B 82 86.22 70.33 -124.85
N GLU B 83 86.28 71.67 -124.64
CA GLU B 83 85.33 72.52 -125.35
C GLU B 83 85.56 72.45 -126.85
N LYS B 84 86.82 72.43 -127.31
CA LYS B 84 87.03 72.31 -128.76
C LYS B 84 86.58 70.96 -129.30
N ILE B 85 86.84 69.90 -128.55
CA ILE B 85 86.47 68.56 -128.98
C ILE B 85 84.96 68.44 -129.09
N TRP B 86 84.25 68.91 -128.06
CA TRP B 86 82.80 68.90 -128.08
C TRP B 86 82.25 69.79 -129.15
N HIS B 87 82.80 71.00 -129.31
CA HIS B 87 82.29 71.90 -130.32
C HIS B 87 82.42 71.24 -131.69
N HIS B 88 83.59 70.66 -131.95
CA HIS B 88 83.82 70.03 -133.24
C HIS B 88 82.88 68.86 -133.48
N THR B 89 82.70 67.95 -132.51
CA THR B 89 81.82 66.84 -132.83
C THR B 89 80.36 67.29 -132.96
N PHE B 90 79.95 68.23 -132.09
CA PHE B 90 78.56 68.65 -132.08
C PHE B 90 78.18 69.44 -133.30
N TYR B 91 78.98 70.42 -133.66
CA TYR B 91 78.62 71.29 -134.75
C TYR B 91 79.05 70.79 -136.12
N ASN B 92 80.15 70.04 -136.24
CA ASN B 92 80.57 69.64 -137.57
C ASN B 92 80.04 68.28 -138.04
N GLU B 93 79.78 67.30 -137.14
CA GLU B 93 79.27 66.02 -137.63
C GLU B 93 77.84 65.77 -137.20
N LEU B 94 77.51 66.14 -135.96
CA LEU B 94 76.16 65.90 -135.48
C LEU B 94 75.24 67.04 -135.96
N ARG B 95 75.88 68.14 -136.36
CA ARG B 95 75.27 69.37 -136.86
C ARG B 95 74.25 69.93 -135.89
N VAL B 96 74.63 69.96 -134.62
CA VAL B 96 73.78 70.44 -133.58
C VAL B 96 74.42 71.42 -132.64
N ALA B 97 73.65 72.44 -132.27
CA ALA B 97 74.05 73.33 -131.24
C ALA B 97 73.36 72.81 -129.98
N PRO B 98 74.07 72.40 -128.90
CA PRO B 98 73.53 71.84 -127.67
C PRO B 98 72.49 72.74 -127.03
N GLU B 99 72.47 74.01 -127.37
CA GLU B 99 71.49 74.93 -126.83
C GLU B 99 70.07 74.39 -127.06
N GLU B 100 69.84 73.69 -128.18
CA GLU B 100 68.52 73.16 -128.50
C GLU B 100 68.29 71.69 -128.06
N HIS B 101 69.30 71.03 -127.47
CA HIS B 101 69.21 69.60 -127.10
C HIS B 101 69.85 69.30 -125.71
N PRO B 102 69.26 68.46 -124.84
CA PRO B 102 69.83 67.99 -123.57
C PRO B 102 71.10 67.21 -123.87
N THR B 103 72.08 67.17 -122.96
CA THR B 103 73.29 66.36 -123.23
C THR B 103 73.65 65.37 -122.11
N LEU B 104 73.96 64.13 -122.51
CA LEU B 104 74.41 63.08 -121.59
C LEU B 104 75.90 62.76 -121.79
N LEU B 105 76.64 62.87 -120.69
CA LEU B 105 78.07 62.60 -120.58
C LEU B 105 78.31 61.46 -119.63
N THR B 106 79.51 60.86 -119.62
CA THR B 106 79.75 59.71 -118.75
C THR B 106 81.00 59.75 -117.84
N GLU B 107 80.94 58.97 -116.75
CA GLU B 107 82.05 58.67 -115.82
C GLU B 107 81.67 57.45 -114.96
N ALA B 108 82.53 57.04 -114.03
CA ALA B 108 82.23 55.96 -113.11
C ALA B 108 82.04 56.54 -111.68
N PRO B 109 81.34 55.86 -110.74
CA PRO B 109 81.14 56.30 -109.37
C PRO B 109 82.39 56.60 -108.52
N LEU B 110 83.57 56.02 -108.80
CA LEU B 110 84.74 56.39 -107.99
C LEU B 110 85.65 57.35 -108.74
N ASN B 111 85.19 57.84 -109.87
CA ASN B 111 85.93 58.78 -110.67
C ASN B 111 85.97 60.11 -109.89
N PRO B 112 87.10 60.82 -109.76
CA PRO B 112 87.17 62.08 -109.05
C PRO B 112 86.08 63.03 -109.55
N LYS B 113 85.42 63.69 -108.59
CA LYS B 113 84.25 64.55 -108.79
C LYS B 113 84.46 65.73 -109.71
N ALA B 114 85.69 66.13 -109.87
CA ALA B 114 86.00 67.25 -110.72
C ALA B 114 85.50 67.00 -112.14
N ASN B 115 85.50 65.74 -112.59
CA ASN B 115 85.10 65.45 -113.95
C ASN B 115 83.61 65.78 -114.14
N ARG B 116 82.68 65.13 -113.42
CA ARG B 116 81.29 65.47 -113.60
C ARG B 116 80.97 66.96 -113.36
N GLU B 117 81.68 67.63 -112.42
CA GLU B 117 81.35 69.04 -112.18
C GLU B 117 81.82 69.98 -113.29
N LYS B 118 83.02 69.75 -113.84
CA LYS B 118 83.48 70.62 -114.93
C LYS B 118 82.71 70.31 -116.19
N MET B 119 82.35 69.06 -116.41
CA MET B 119 81.61 68.78 -117.63
C MET B 119 80.27 69.49 -117.59
N THR B 120 79.64 69.51 -116.41
CA THR B 120 78.36 70.18 -116.22
C THR B 120 78.51 71.68 -116.43
N GLN B 121 79.57 72.28 -115.86
CA GLN B 121 79.79 73.71 -116.00
C GLN B 121 79.98 74.15 -117.42
N ILE B 122 80.79 73.42 -118.18
CA ILE B 122 81.04 73.84 -119.54
C ILE B 122 79.81 73.66 -120.40
N MET B 123 79.11 72.54 -120.28
CA MET B 123 77.96 72.41 -121.15
C MET B 123 76.92 73.48 -120.87
N PHE B 124 76.74 73.90 -119.60
CA PHE B 124 75.78 74.96 -119.32
C PHE B 124 76.28 76.37 -119.60
N GLU B 125 77.56 76.68 -119.37
CA GLU B 125 78.03 78.04 -119.57
C GLU B 125 78.62 78.33 -120.97
N THR B 126 79.14 77.32 -121.67
CA THR B 126 79.74 77.56 -122.99
C THR B 126 78.81 77.13 -124.09
N PHE B 127 78.09 76.03 -123.88
CA PHE B 127 77.22 75.54 -124.94
C PHE B 127 75.73 75.85 -124.73
N ASN B 128 75.40 76.38 -123.54
CA ASN B 128 74.04 76.75 -123.13
C ASN B 128 73.04 75.61 -123.24
N VAL B 129 73.47 74.41 -122.89
CA VAL B 129 72.62 73.23 -123.01
C VAL B 129 71.42 73.41 -122.06
N PRO B 130 70.18 73.10 -122.46
CA PRO B 130 68.99 73.24 -121.64
C PRO B 130 68.96 72.27 -120.46
N ALA B 131 69.72 71.18 -120.56
CA ALA B 131 69.77 70.18 -119.51
C ALA B 131 71.03 69.31 -119.57
N MET B 132 71.42 68.79 -118.41
CA MET B 132 72.56 67.88 -118.32
C MET B 132 72.39 66.66 -117.46
N TYR B 133 73.08 65.59 -117.83
CA TYR B 133 73.03 64.35 -117.05
C TYR B 133 74.31 63.51 -117.22
N VAL B 134 75.06 63.33 -116.14
CA VAL B 134 76.27 62.56 -116.20
C VAL B 134 75.88 61.16 -115.75
N ALA B 135 76.14 60.19 -116.61
CA ALA B 135 75.76 58.81 -116.39
C ALA B 135 76.92 57.94 -115.99
N ILE B 136 76.59 56.85 -115.31
CA ILE B 136 77.57 55.84 -114.97
C ILE B 136 77.77 54.91 -116.15
N GLN B 137 79.02 54.68 -116.55
CA GLN B 137 79.29 53.82 -117.69
C GLN B 137 78.79 52.39 -117.47
N ALA B 138 78.87 51.90 -116.23
CA ALA B 138 78.38 50.56 -115.90
C ALA B 138 76.86 50.45 -116.11
N VAL B 139 76.15 51.52 -115.83
CA VAL B 139 74.71 51.57 -116.01
C VAL B 139 74.40 51.48 -117.47
N LEU B 140 75.16 52.23 -118.25
CA LEU B 140 74.90 52.27 -119.65
C LEU B 140 75.27 50.92 -120.29
N SER B 141 76.35 50.31 -119.86
CA SER B 141 76.75 49.03 -120.42
C SER B 141 75.70 47.96 -120.13
N LEU B 142 75.16 47.93 -118.91
CA LEU B 142 74.15 46.93 -118.61
C LEU B 142 72.89 47.19 -119.44
N TYR B 143 72.50 48.46 -119.68
CA TYR B 143 71.32 48.62 -120.52
C TYR B 143 71.56 48.06 -121.92
N ALA B 144 72.74 48.37 -122.48
CA ALA B 144 73.09 47.95 -123.83
C ALA B 144 73.15 46.43 -123.95
N SER B 145 73.59 45.79 -122.88
CA SER B 145 73.74 44.34 -122.84
C SER B 145 72.46 43.61 -122.48
N GLY B 146 71.37 44.31 -122.16
CA GLY B 146 70.16 43.61 -121.76
C GLY B 146 70.25 43.06 -120.33
N ARG B 147 70.93 43.78 -119.44
CA ARG B 147 71.13 43.35 -118.08
C ARG B 147 70.76 44.43 -117.05
N THR B 148 70.44 43.98 -115.82
CA THR B 148 70.15 44.85 -114.69
C THR B 148 71.15 44.50 -113.64
N THR B 149 71.71 43.33 -113.88
CA THR B 149 72.65 42.71 -112.98
C THR B 149 73.88 42.26 -113.71
N GLY B 150 75.04 42.62 -113.16
CA GLY B 150 76.32 42.19 -113.70
C GLY B 150 77.48 43.09 -113.28
N ILE B 151 78.67 42.68 -113.69
CA ILE B 151 79.89 43.43 -113.40
C ILE B 151 80.28 44.15 -114.64
N VAL B 152 80.43 45.46 -114.59
CA VAL B 152 80.89 46.06 -115.82
C VAL B 152 82.34 46.43 -115.71
N LEU B 153 83.12 45.75 -116.56
CA LEU B 153 84.55 45.92 -116.61
C LEU B 153 84.84 46.87 -117.76
N ASP B 154 84.96 48.16 -117.43
CA ASP B 154 85.12 49.21 -118.40
C ASP B 154 86.56 49.36 -118.78
N SER B 155 87.03 48.49 -119.63
CA SER B 155 88.46 48.50 -119.87
C SER B 155 88.72 49.66 -120.79
N GLY B 156 89.00 50.82 -120.21
CA GLY B 156 89.12 52.01 -120.99
C GLY B 156 90.53 52.22 -121.52
N ASP B 157 90.77 53.42 -121.99
CA ASP B 157 92.05 53.84 -122.53
C ASP B 157 92.98 54.27 -121.38
N GLY B 158 92.46 54.99 -120.37
CA GLY B 158 93.31 55.44 -119.27
C GLY B 158 93.01 54.79 -117.91
N VAL B 159 91.84 54.17 -117.75
CA VAL B 159 91.45 53.57 -116.47
C VAL B 159 90.42 52.45 -116.61
N THR B 160 90.46 51.50 -115.65
CA THR B 160 89.40 50.49 -115.53
C THR B 160 88.79 50.76 -114.14
N HIS B 161 87.47 50.91 -113.99
CA HIS B 161 86.94 51.20 -112.66
C HIS B 161 86.34 49.95 -112.05
N ASN B 162 85.70 49.14 -112.89
CA ASN B 162 85.07 47.88 -112.51
C ASN B 162 83.93 48.02 -111.48
N VAL B 163 82.73 48.28 -111.98
CA VAL B 163 81.60 48.54 -111.08
C VAL B 163 80.46 47.50 -111.11
N PRO B 164 80.21 46.76 -110.01
CA PRO B 164 79.11 45.81 -109.84
C PRO B 164 77.77 46.51 -109.58
N ILE B 165 76.72 46.01 -110.24
CA ILE B 165 75.33 46.44 -110.07
C ILE B 165 74.40 45.20 -109.91
N TYR B 166 73.47 45.24 -108.97
CA TYR B 166 72.56 44.10 -108.78
C TYR B 166 71.12 44.57 -108.77
N GLU B 167 70.27 43.96 -109.60
CA GLU B 167 68.85 44.35 -109.70
C GLU B 167 68.68 45.85 -109.85
N GLY B 168 69.58 46.48 -110.59
CA GLY B 168 69.50 47.90 -110.79
C GLY B 168 70.08 48.74 -109.65
N TYR B 169 70.65 48.12 -108.61
CA TYR B 169 71.23 48.83 -107.46
C TYR B 169 72.74 48.86 -107.48
N ALA B 170 73.32 49.97 -107.03
CA ALA B 170 74.77 50.01 -106.98
C ALA B 170 75.27 49.23 -105.80
N LEU B 171 76.43 48.60 -105.96
CA LEU B 171 77.07 47.92 -104.85
C LEU B 171 78.45 48.55 -104.67
N PRO B 172 78.54 49.83 -104.26
CA PRO B 172 79.73 50.67 -104.31
C PRO B 172 80.90 50.20 -103.46
N HIS B 173 80.63 49.39 -102.45
CA HIS B 173 81.70 48.91 -101.58
C HIS B 173 82.55 47.89 -102.31
N ALA B 174 82.04 47.39 -103.43
CA ALA B 174 82.68 46.37 -104.22
C ALA B 174 83.31 46.93 -105.51
N ILE B 175 83.44 48.26 -105.64
CA ILE B 175 84.07 48.82 -106.84
C ILE B 175 85.57 48.68 -106.69
N MET B 176 86.23 48.11 -107.70
CA MET B 176 87.67 47.86 -107.61
C MET B 176 88.48 48.51 -108.74
N ARG B 177 88.74 49.81 -108.62
CA ARG B 177 89.45 50.56 -109.64
C ARG B 177 90.93 50.20 -109.83
N LEU B 178 91.34 50.11 -111.09
CA LEU B 178 92.71 49.81 -111.47
C LEU B 178 93.37 50.84 -112.38
N ASP B 179 94.65 51.11 -112.13
CA ASP B 179 95.44 51.96 -113.02
C ASP B 179 96.03 51.07 -114.12
N LEU B 180 95.13 50.47 -114.88
CA LEU B 180 95.45 49.52 -115.94
C LEU B 180 94.51 49.75 -117.11
N ALA B 181 95.06 50.16 -118.24
CA ALA B 181 94.21 50.49 -119.39
C ALA B 181 94.91 50.39 -120.76
N GLY B 182 94.13 50.53 -121.84
CA GLY B 182 94.63 50.40 -123.21
C GLY B 182 95.85 51.28 -123.55
N ARG B 183 95.96 52.47 -122.96
CA ARG B 183 97.08 53.37 -123.18
C ARG B 183 98.39 52.78 -122.64
N ASP B 184 98.30 51.92 -121.61
CA ASP B 184 99.48 51.37 -120.99
C ASP B 184 99.92 50.19 -121.82
N LEU B 185 98.94 49.55 -122.45
CA LEU B 185 99.23 48.39 -123.27
C LEU B 185 100.02 48.91 -124.49
N THR B 186 99.64 50.11 -124.99
CA THR B 186 100.34 50.74 -126.12
C THR B 186 101.77 51.06 -125.70
N ASP B 187 101.95 51.60 -124.48
CA ASP B 187 103.29 51.97 -124.03
C ASP B 187 104.18 50.71 -123.90
N TYR B 188 103.60 49.59 -123.43
CA TYR B 188 104.34 48.34 -123.32
C TYR B 188 104.83 47.95 -124.70
N LEU B 189 103.92 48.02 -125.68
CA LEU B 189 104.24 47.63 -127.03
C LEU B 189 105.34 48.55 -127.58
N MET B 190 105.31 49.85 -127.31
CA MET B 190 106.39 50.70 -127.82
C MET B 190 107.75 50.23 -127.29
N LYS B 191 107.81 49.87 -126.00
CA LYS B 191 109.08 49.44 -125.43
C LYS B 191 109.53 48.09 -125.97
N ILE B 192 108.62 47.14 -126.16
CA ILE B 192 109.02 45.84 -126.65
C ILE B 192 109.41 45.92 -128.14
N LEU B 193 108.74 46.80 -128.90
CA LEU B 193 109.09 46.93 -130.31
C LEU B 193 110.47 47.59 -130.41
N THR B 194 110.82 48.44 -129.44
CA THR B 194 112.15 49.04 -129.40
C THR B 194 113.17 47.90 -129.25
N GLU B 195 112.88 46.94 -128.37
CA GLU B 195 113.77 45.77 -128.16
C GLU B 195 113.92 44.95 -129.45
N ARG B 196 112.90 44.98 -130.31
CA ARG B 196 112.93 44.26 -131.57
C ARG B 196 113.63 45.02 -132.70
N GLY B 197 114.09 46.24 -132.42
CA GLY B 197 114.79 47.05 -133.41
C GLY B 197 113.94 48.13 -134.07
N TYR B 198 112.74 48.39 -133.57
CA TYR B 198 111.86 49.40 -134.11
C TYR B 198 111.47 50.38 -133.03
N SER B 199 112.33 51.35 -132.77
CA SER B 199 112.07 52.33 -131.72
C SER B 199 110.90 53.23 -132.09
N PHE B 200 110.06 53.56 -131.10
CA PHE B 200 108.96 54.51 -131.24
C PHE B 200 108.99 55.46 -130.05
N VAL B 201 109.10 56.78 -130.28
CA VAL B 201 109.18 57.74 -129.17
C VAL B 201 108.18 58.91 -129.20
N THR B 202 108.09 59.59 -130.34
CA THR B 202 107.31 60.84 -130.47
C THR B 202 105.82 60.56 -130.57
N THR B 203 104.97 61.60 -130.50
CA THR B 203 103.53 61.34 -130.55
C THR B 203 103.12 60.55 -131.76
N ALA B 204 103.65 60.90 -132.92
CA ALA B 204 103.28 60.24 -134.17
C ALA B 204 103.72 58.78 -134.20
N GLU B 205 104.65 58.42 -133.30
CA GLU B 205 105.18 57.07 -133.17
C GLU B 205 104.36 56.31 -132.10
N ARG B 206 103.78 57.06 -131.17
CA ARG B 206 102.95 56.47 -130.12
C ARG B 206 101.56 56.16 -130.68
N GLU B 207 101.25 56.75 -131.83
CA GLU B 207 99.96 56.54 -132.49
C GLU B 207 100.02 55.37 -133.46
N ILE B 208 101.06 55.35 -134.29
CA ILE B 208 101.25 54.28 -135.27
C ILE B 208 101.25 52.95 -134.53
N VAL B 209 101.88 52.95 -133.36
CA VAL B 209 101.97 51.77 -132.50
C VAL B 209 100.57 51.45 -132.01
N ARG B 210 99.76 52.47 -131.77
CA ARG B 210 98.39 52.26 -131.35
C ARG B 210 97.61 51.53 -132.45
N ASP B 211 97.94 51.83 -133.71
CA ASP B 211 97.29 51.21 -134.87
C ASP B 211 97.80 49.78 -135.04
N ILE B 212 99.09 49.56 -134.74
CA ILE B 212 99.70 48.26 -134.82
C ILE B 212 99.04 47.38 -133.80
N LYS B 213 98.88 47.88 -132.60
CA LYS B 213 98.25 47.13 -131.54
C LYS B 213 96.85 46.69 -131.91
N GLU B 214 96.04 47.64 -132.42
CA GLU B 214 94.66 47.37 -132.75
C GLU B 214 94.48 46.33 -133.87
N LYS B 215 95.43 46.30 -134.84
CA LYS B 215 95.37 45.35 -135.93
C LYS B 215 96.17 44.03 -135.75
N LEU B 216 97.29 44.07 -135.02
CA LEU B 216 98.15 42.88 -134.89
C LEU B 216 98.07 42.15 -133.55
N CYS B 217 97.71 42.80 -132.46
CA CYS B 217 97.79 42.13 -131.18
C CYS B 217 96.57 41.34 -130.81
N TYR B 218 96.80 40.34 -129.98
CA TYR B 218 95.72 39.50 -129.47
C TYR B 218 96.06 39.03 -128.07
N VAL B 219 95.08 38.59 -127.32
CA VAL B 219 95.34 38.20 -125.94
C VAL B 219 96.03 36.87 -125.80
N ALA B 220 95.53 35.89 -126.52
CA ALA B 220 96.02 34.50 -126.46
C ALA B 220 95.36 33.78 -125.29
N LEU B 221 94.60 32.74 -125.56
CA LEU B 221 93.91 32.07 -124.46
C LEU B 221 94.91 31.45 -123.48
N ASP B 222 95.99 30.85 -124.02
CA ASP B 222 97.02 30.24 -123.20
C ASP B 222 98.37 30.92 -123.47
N PHE B 223 98.77 31.84 -122.59
CA PHE B 223 99.96 32.65 -122.84
C PHE B 223 101.25 31.89 -123.02
N GLU B 224 101.55 30.97 -122.10
CA GLU B 224 102.83 30.29 -122.12
C GLU B 224 103.01 29.40 -123.34
N ASN B 225 101.94 28.72 -123.74
CA ASN B 225 102.04 27.83 -124.88
C ASN B 225 102.07 28.62 -126.17
N GLU B 226 101.33 29.73 -126.20
CA GLU B 226 101.28 30.54 -127.40
C GLU B 226 102.66 31.13 -127.60
N MET B 227 103.30 31.58 -126.49
CA MET B 227 104.65 32.13 -126.49
C MET B 227 105.69 31.12 -126.84
N ALA B 228 105.56 29.88 -126.35
CA ALA B 228 106.56 28.90 -126.69
C ALA B 228 106.67 28.74 -128.20
N THR B 229 105.54 28.79 -128.91
CA THR B 229 105.60 28.71 -130.36
C THR B 229 105.90 30.07 -131.00
N ALA B 230 105.22 31.13 -130.58
CA ALA B 230 105.38 32.44 -131.19
C ALA B 230 106.80 32.98 -131.06
N ALA B 231 107.47 32.65 -129.98
CA ALA B 231 108.83 33.09 -129.75
C ALA B 231 109.84 32.22 -130.51
N SER B 232 109.39 31.10 -131.07
CA SER B 232 110.25 30.14 -131.76
C SER B 232 110.08 30.17 -133.28
N SER B 233 108.96 30.68 -133.78
CA SER B 233 108.71 30.63 -135.22
C SER B 233 108.01 31.83 -135.85
N SER B 234 108.52 32.20 -137.03
CA SER B 234 108.04 33.31 -137.86
C SER B 234 106.63 33.06 -138.39
N SER B 235 106.16 31.81 -138.30
CA SER B 235 104.83 31.45 -138.77
C SER B 235 103.75 32.08 -137.89
N LEU B 236 104.15 32.56 -136.70
CA LEU B 236 103.24 33.21 -135.78
C LEU B 236 103.36 34.73 -135.82
N GLU B 237 104.13 35.26 -136.77
CA GLU B 237 104.29 36.70 -136.86
C GLU B 237 103.30 37.32 -137.84
N LYS B 238 102.93 38.56 -137.55
CA LYS B 238 102.11 39.30 -138.51
C LYS B 238 102.82 40.59 -138.89
N SER B 239 102.68 40.96 -140.16
CA SER B 239 103.30 42.17 -140.71
C SER B 239 102.41 43.40 -140.68
N TYR B 240 103.03 44.54 -140.38
CA TYR B 240 102.38 45.84 -140.42
C TYR B 240 103.17 46.83 -141.27
N GLU B 241 102.46 47.58 -142.10
CA GLU B 241 103.10 48.60 -142.94
C GLU B 241 103.20 49.94 -142.24
N LEU B 242 104.43 50.40 -142.08
CA LEU B 242 104.74 51.67 -141.43
C LEU B 242 104.57 52.78 -142.49
N PRO B 243 104.31 54.04 -142.10
CA PRO B 243 104.11 55.20 -142.98
C PRO B 243 105.17 55.44 -144.05
N ASP B 244 106.42 55.04 -143.83
CA ASP B 244 107.46 55.25 -144.82
C ASP B 244 107.73 54.05 -145.70
N GLY B 245 106.86 53.04 -145.62
CA GLY B 245 107.00 51.83 -146.41
C GLY B 245 107.80 50.73 -145.73
N GLN B 246 108.27 50.96 -144.51
CA GLN B 246 109.01 49.91 -143.83
C GLN B 246 108.04 48.91 -143.25
N VAL B 247 108.49 47.68 -143.05
CA VAL B 247 107.63 46.67 -142.44
C VAL B 247 108.18 46.16 -141.13
N ILE B 248 107.27 46.14 -140.17
CA ILE B 248 107.52 45.65 -138.83
C ILE B 248 106.75 44.37 -138.64
N THR B 249 107.37 43.35 -138.08
CA THR B 249 106.61 42.15 -137.80
C THR B 249 106.68 41.95 -136.31
N ILE B 250 105.64 41.32 -135.76
CA ILE B 250 105.57 41.06 -134.33
C ILE B 250 105.25 39.57 -134.07
N GLY B 251 106.01 38.90 -133.16
CA GLY B 251 105.85 37.48 -132.81
C GLY B 251 105.17 37.29 -131.48
N ASN B 252 105.89 36.84 -130.44
CA ASN B 252 105.24 36.65 -129.15
C ASN B 252 104.90 37.98 -128.48
N GLU B 253 105.53 39.03 -128.97
CA GLU B 253 105.35 40.38 -128.48
C GLU B 253 103.93 40.86 -128.82
N ARG B 254 103.32 40.21 -129.80
CA ARG B 254 101.98 40.56 -130.23
C ARG B 254 100.99 40.36 -129.08
N PHE B 255 101.14 39.25 -128.36
CA PHE B 255 100.27 38.94 -127.23
C PHE B 255 100.84 39.52 -125.93
N ARG B 256 102.15 39.72 -125.90
CA ARG B 256 102.81 40.28 -124.72
C ARG B 256 102.17 41.60 -124.32
N CYS B 257 101.76 42.38 -125.32
CA CYS B 257 101.13 43.68 -125.08
C CYS B 257 99.81 43.55 -124.26
N PRO B 258 98.72 42.90 -124.75
CA PRO B 258 97.48 42.64 -124.02
C PRO B 258 97.64 41.75 -122.81
N GLU B 259 98.70 40.95 -122.76
CA GLU B 259 98.96 40.09 -121.63
C GLU B 259 99.07 40.91 -120.36
N THR B 260 99.42 42.19 -120.47
CA THR B 260 99.59 43.08 -119.33
C THR B 260 98.25 43.20 -118.57
N LEU B 261 97.13 42.94 -119.25
CA LEU B 261 95.81 42.99 -118.62
C LEU B 261 95.65 41.80 -117.68
N PHE B 262 96.47 40.77 -117.89
CA PHE B 262 96.43 39.55 -117.11
C PHE B 262 97.69 39.48 -116.24
N GLN B 263 98.71 40.23 -116.64
CA GLN B 263 99.97 40.34 -115.93
C GLN B 263 100.47 41.80 -115.86
N PRO B 264 99.85 42.71 -115.07
CA PRO B 264 100.17 44.13 -114.91
C PRO B 264 101.59 44.39 -114.44
N SER B 265 102.25 43.35 -113.92
CA SER B 265 103.63 43.46 -113.48
C SER B 265 104.52 43.81 -114.69
N PHE B 266 103.99 43.58 -115.91
CA PHE B 266 104.64 43.87 -117.18
C PHE B 266 104.91 45.37 -117.34
N ILE B 267 104.13 46.19 -116.66
CA ILE B 267 104.27 47.65 -116.70
C ILE B 267 104.59 48.20 -115.31
N GLY B 268 105.08 47.32 -114.41
CA GLY B 268 105.47 47.69 -113.05
C GLY B 268 104.30 47.91 -112.10
N MET B 269 103.14 47.32 -112.40
CA MET B 269 101.98 47.54 -111.55
C MET B 269 101.75 46.43 -110.55
N GLU B 270 101.38 46.82 -109.34
CA GLU B 270 101.08 45.85 -108.30
C GLU B 270 99.63 45.36 -108.43
N SER B 271 99.42 44.50 -109.41
CA SER B 271 98.11 43.94 -109.74
C SER B 271 98.21 42.63 -110.47
N ALA B 272 97.21 41.77 -110.28
CA ALA B 272 97.12 40.51 -111.00
C ALA B 272 96.28 40.63 -112.28
N GLY B 273 95.74 41.81 -112.58
CA GLY B 273 94.96 41.95 -113.83
C GLY B 273 93.48 42.25 -113.70
N ILE B 274 92.86 42.42 -114.86
CA ILE B 274 91.45 42.76 -114.98
C ILE B 274 90.52 41.65 -114.47
N HIS B 275 90.97 40.40 -114.50
CA HIS B 275 90.16 39.34 -113.98
C HIS B 275 90.26 39.25 -112.46
N GLU B 276 91.28 39.88 -111.85
CA GLU B 276 91.36 39.84 -110.40
C GLU B 276 90.37 40.85 -109.89
N THR B 277 90.31 42.02 -110.55
CA THR B 277 89.35 43.01 -110.09
C THR B 277 87.94 42.53 -110.35
N THR B 278 87.71 41.82 -111.46
CA THR B 278 86.37 41.33 -111.76
C THR B 278 85.98 40.35 -110.65
N TYR B 279 86.90 39.44 -110.36
CA TYR B 279 86.72 38.43 -109.32
C TYR B 279 86.42 39.05 -107.95
N ASN B 280 87.18 40.06 -107.56
CA ASN B 280 86.97 40.68 -106.27
C ASN B 280 85.68 41.49 -106.21
N SER B 281 85.27 42.18 -107.27
CA SER B 281 84.02 42.91 -107.19
C SER B 281 82.88 41.93 -106.94
N ILE B 282 82.96 40.75 -107.54
CA ILE B 282 81.93 39.75 -107.31
C ILE B 282 82.04 39.26 -105.87
N MET B 283 83.25 38.92 -105.43
CA MET B 283 83.47 38.34 -104.10
C MET B 283 83.10 39.29 -102.95
N LYS B 284 83.22 40.59 -103.16
CA LYS B 284 82.90 41.59 -102.15
C LYS B 284 81.39 41.82 -101.99
N CYS B 285 80.59 41.19 -102.82
CA CYS B 285 79.14 41.29 -102.76
C CYS B 285 78.60 40.12 -101.93
N ASP B 286 77.38 40.24 -101.41
CA ASP B 286 76.78 39.17 -100.59
C ASP B 286 76.60 37.88 -101.41
N ILE B 287 76.55 36.75 -100.72
CA ILE B 287 76.47 35.45 -101.40
C ILE B 287 75.24 35.22 -102.27
N ASP B 288 74.15 35.94 -102.06
CA ASP B 288 72.97 35.76 -102.91
C ASP B 288 73.04 36.69 -104.11
N ILE B 289 74.13 37.45 -104.19
CA ILE B 289 74.45 38.36 -105.28
C ILE B 289 75.52 37.72 -106.14
N ARG B 290 76.54 37.19 -105.47
CA ARG B 290 77.70 36.57 -106.11
C ARG B 290 77.40 35.67 -107.31
N LYS B 291 76.42 34.79 -107.17
CA LYS B 291 76.10 33.87 -108.26
C LYS B 291 75.55 34.56 -109.52
N ASP B 292 74.90 35.71 -109.34
CA ASP B 292 74.30 36.37 -110.48
C ASP B 292 75.34 37.23 -111.14
N LEU B 293 76.30 37.70 -110.36
CA LEU B 293 77.34 38.51 -110.95
C LEU B 293 78.34 37.58 -111.67
N TYR B 294 78.58 36.36 -111.15
CA TYR B 294 79.52 35.44 -111.83
C TYR B 294 79.03 35.10 -113.23
N ALA B 295 77.72 34.93 -113.36
CA ALA B 295 77.08 34.58 -114.60
C ALA B 295 76.91 35.77 -115.54
N ASN B 296 77.30 36.97 -115.08
CA ASN B 296 77.16 38.17 -115.87
C ASN B 296 78.37 39.12 -115.77
N ASN B 297 79.50 38.70 -116.33
CA ASN B 297 80.67 39.57 -116.42
C ASN B 297 80.50 40.33 -117.73
N VAL B 298 80.26 41.63 -117.65
CA VAL B 298 79.89 42.42 -118.82
C VAL B 298 80.97 43.36 -119.38
N MET B 299 81.23 43.21 -120.68
CA MET B 299 82.24 44.06 -121.30
C MET B 299 81.79 45.47 -121.70
N SER B 300 82.69 46.40 -121.40
CA SER B 300 82.57 47.80 -121.72
C SER B 300 83.92 48.35 -122.03
N GLY B 301 83.95 49.31 -122.92
CA GLY B 301 85.21 49.91 -123.29
C GLY B 301 85.79 49.04 -124.39
N GLY B 302 86.95 49.47 -124.89
CA GLY B 302 87.68 48.77 -125.95
C GLY B 302 88.63 47.77 -125.31
N THR B 303 89.65 47.26 -126.03
CA THR B 303 90.57 46.16 -125.59
C THR B 303 89.81 44.79 -125.56
N THR B 304 88.50 44.88 -125.61
CA THR B 304 87.53 43.81 -125.64
C THR B 304 87.48 43.26 -127.05
N MET B 305 88.15 43.95 -127.97
CA MET B 305 88.21 43.53 -129.36
C MET B 305 89.50 42.76 -129.60
N TYR B 306 89.95 42.04 -128.56
CA TYR B 306 91.17 41.25 -128.63
C TYR B 306 90.89 39.79 -128.92
N PRO B 307 91.46 39.26 -130.02
CA PRO B 307 91.28 37.85 -130.38
C PRO B 307 91.71 36.97 -129.20
N GLY B 308 90.75 36.59 -128.37
CA GLY B 308 91.03 35.78 -127.20
C GLY B 308 90.66 36.48 -125.88
N ILE B 309 90.25 37.75 -125.92
CA ILE B 309 89.95 38.41 -124.65
C ILE B 309 88.69 37.92 -123.96
N ALA B 310 87.64 37.62 -124.70
CA ALA B 310 86.42 37.14 -124.07
C ALA B 310 86.60 35.69 -123.71
N ASP B 311 87.41 34.99 -124.52
CA ASP B 311 87.58 33.57 -124.33
C ASP B 311 88.35 33.39 -123.03
N ARG B 312 89.33 34.28 -122.85
CA ARG B 312 90.18 34.31 -121.68
C ARG B 312 89.50 34.86 -120.44
N MET B 313 88.70 35.92 -120.56
CA MET B 313 88.08 36.42 -119.35
C MET B 313 87.15 35.38 -118.73
N GLN B 314 86.41 34.62 -119.54
CA GLN B 314 85.56 33.63 -118.92
C GLN B 314 86.41 32.52 -118.28
N LYS B 315 87.50 32.10 -118.94
CA LYS B 315 88.40 31.09 -118.39
C LYS B 315 89.05 31.52 -117.07
N GLU B 316 89.52 32.76 -117.02
CA GLU B 316 90.21 33.26 -115.84
C GLU B 316 89.29 33.35 -114.64
N ILE B 317 88.03 33.74 -114.85
CA ILE B 317 87.11 33.82 -113.72
C ILE B 317 86.64 32.44 -113.31
N THR B 318 86.30 31.55 -114.25
CA THR B 318 85.79 30.24 -113.85
C THR B 318 86.86 29.48 -113.06
N ALA B 319 88.13 29.74 -113.37
CA ALA B 319 89.26 29.13 -112.69
C ALA B 319 89.40 29.60 -111.22
N LEU B 320 88.83 30.75 -110.88
CA LEU B 320 88.90 31.33 -109.54
C LEU B 320 87.59 31.13 -108.76
N ALA B 321 86.49 31.12 -109.52
CA ALA B 321 85.14 31.04 -109.00
C ALA B 321 84.83 29.68 -108.37
N PRO B 322 83.88 29.61 -107.42
CA PRO B 322 83.33 28.40 -106.86
C PRO B 322 82.65 27.59 -107.96
N SER B 323 82.64 26.28 -107.78
CA SER B 323 82.01 25.34 -108.69
C SER B 323 80.48 25.43 -108.58
N THR B 324 79.77 24.71 -109.45
CA THR B 324 78.29 24.68 -109.53
C THR B 324 77.68 25.91 -110.18
N MET B 325 78.05 27.09 -109.71
CA MET B 325 77.52 28.33 -110.25
C MET B 325 78.13 28.60 -111.62
N LYS B 326 77.35 29.20 -112.50
CA LYS B 326 77.87 29.53 -113.82
C LYS B 326 78.68 30.81 -113.85
N ILE B 327 79.71 30.77 -114.67
CA ILE B 327 80.54 31.91 -114.97
C ILE B 327 80.38 32.21 -116.43
N LYS B 328 80.02 33.43 -116.77
CA LYS B 328 79.82 33.75 -118.18
C LYS B 328 80.35 35.11 -118.56
N ILE B 329 80.95 35.20 -119.74
CA ILE B 329 81.36 36.52 -120.22
C ILE B 329 80.31 37.01 -121.20
N ILE B 330 79.87 38.24 -121.02
CA ILE B 330 78.92 38.82 -121.91
C ILE B 330 79.75 39.72 -122.81
N ALA B 331 79.97 39.28 -124.04
CA ALA B 331 80.88 39.98 -124.95
C ALA B 331 80.25 40.15 -126.33
N PRO B 332 79.24 41.02 -126.48
CA PRO B 332 78.48 41.27 -127.68
C PRO B 332 79.35 42.05 -128.65
N PRO B 333 79.02 41.96 -129.94
CA PRO B 333 79.69 42.67 -131.04
C PRO B 333 79.47 44.18 -130.88
N GLU B 334 78.95 44.57 -129.71
CA GLU B 334 78.71 45.94 -129.35
C GLU B 334 79.76 46.32 -128.30
N ARG B 335 80.96 45.79 -128.49
CA ARG B 335 82.11 46.04 -127.63
C ARG B 335 82.61 47.43 -127.98
N LYS B 336 83.26 48.06 -127.00
CA LYS B 336 83.76 49.44 -127.11
C LYS B 336 82.60 50.40 -127.34
N TYR B 337 81.48 49.93 -127.90
CA TYR B 337 80.36 50.86 -128.03
C TYR B 337 79.21 50.60 -127.02
N SER B 338 79.36 49.65 -126.08
CA SER B 338 78.24 49.31 -125.19
C SER B 338 77.82 50.48 -124.31
N VAL B 339 78.75 51.37 -124.00
CA VAL B 339 78.42 52.54 -123.22
C VAL B 339 77.63 53.56 -124.05
N TRP B 340 78.03 53.80 -125.30
CA TRP B 340 77.32 54.79 -126.12
C TRP B 340 75.88 54.34 -126.30
N ILE B 341 75.72 53.04 -126.58
CA ILE B 341 74.43 52.46 -126.82
C ILE B 341 73.60 52.59 -125.58
N GLY B 342 74.19 52.28 -124.44
CA GLY B 342 73.51 52.44 -123.18
C GLY B 342 73.12 53.88 -122.93
N GLY B 343 73.96 54.83 -123.37
CA GLY B 343 73.73 56.26 -123.24
C GLY B 343 72.45 56.62 -123.94
N SER B 344 72.32 56.14 -125.18
CA SER B 344 71.13 56.33 -126.00
C SER B 344 69.90 55.72 -125.32
N ILE B 345 70.06 54.51 -124.77
CA ILE B 345 68.94 53.87 -124.10
C ILE B 345 68.51 54.64 -122.88
N LEU B 346 69.45 55.05 -122.02
CA LEU B 346 69.08 55.78 -120.82
C LEU B 346 68.47 57.11 -121.15
N ALA B 347 69.11 57.84 -122.06
CA ALA B 347 68.69 59.17 -122.44
C ALA B 347 67.28 59.19 -123.01
N SER B 348 66.89 58.12 -123.70
CA SER B 348 65.58 58.02 -124.31
C SER B 348 64.50 57.36 -123.43
N LEU B 349 64.80 56.94 -122.19
CA LEU B 349 63.75 56.31 -121.37
C LEU B 349 62.79 57.39 -120.89
N SER B 350 61.50 57.10 -120.82
CA SER B 350 60.55 58.11 -120.34
C SER B 350 60.76 58.45 -118.86
N THR B 351 61.26 57.49 -118.10
CA THR B 351 61.49 57.64 -116.67
C THR B 351 62.77 58.43 -116.40
N PHE B 352 63.57 58.61 -117.43
CA PHE B 352 64.83 59.30 -117.30
C PHE B 352 64.64 60.76 -117.47
N GLN B 353 63.43 61.18 -117.78
CA GLN B 353 63.30 62.58 -118.05
C GLN B 353 63.16 63.33 -116.74
N GLN B 354 63.10 62.58 -115.63
CA GLN B 354 63.03 63.18 -114.32
C GLN B 354 64.42 63.29 -113.69
N MET B 355 65.44 62.78 -114.39
CA MET B 355 66.82 62.74 -113.86
C MET B 355 67.71 63.90 -114.27
N TRP B 356 67.23 64.78 -115.14
CA TRP B 356 68.02 65.86 -115.71
C TRP B 356 68.25 67.05 -114.79
N ILE B 357 69.45 67.65 -114.91
CA ILE B 357 69.71 68.92 -114.28
C ILE B 357 69.25 69.91 -115.30
N THR B 358 68.36 70.82 -114.94
CA THR B 358 67.93 71.74 -115.97
C THR B 358 68.84 72.95 -115.95
N LYS B 359 68.80 73.77 -117.00
CA LYS B 359 69.62 74.97 -116.98
C LYS B 359 69.24 75.88 -115.85
N GLN B 360 67.95 75.96 -115.51
CA GLN B 360 67.57 76.85 -114.43
C GLN B 360 68.16 76.38 -113.11
N GLU B 361 68.16 75.06 -112.89
CA GLU B 361 68.72 74.52 -111.65
C GLU B 361 70.21 74.77 -111.59
N TYR B 362 70.88 74.62 -112.73
CA TYR B 362 72.30 74.89 -112.81
C TYR B 362 72.60 76.34 -112.51
N ASP B 363 71.88 77.26 -113.14
CA ASP B 363 72.18 78.66 -112.92
C ASP B 363 72.02 79.03 -111.44
N GLU B 364 71.03 78.45 -110.77
CA GLU B 364 70.82 78.72 -109.35
C GLU B 364 71.83 78.03 -108.41
N ALA B 365 72.17 76.76 -108.67
CA ALA B 365 73.04 75.97 -107.80
C ALA B 365 74.53 75.91 -108.19
N GLY B 366 74.87 76.13 -109.45
CA GLY B 366 76.23 75.97 -109.93
C GLY B 366 76.44 74.50 -110.28
N PRO B 367 77.65 74.09 -110.74
CA PRO B 367 78.00 72.75 -111.22
C PRO B 367 77.88 71.66 -110.20
N SER B 368 77.83 72.01 -108.91
CA SER B 368 77.72 71.05 -107.83
C SER B 368 76.37 70.34 -107.89
N ILE B 369 75.43 70.91 -108.68
CA ILE B 369 74.10 70.38 -108.93
C ILE B 369 74.15 68.96 -109.48
N VAL B 370 75.23 68.64 -110.19
CA VAL B 370 75.38 67.35 -110.80
C VAL B 370 75.45 66.27 -109.72
N HIS B 371 75.89 66.62 -108.51
CA HIS B 371 76.02 65.67 -107.43
C HIS B 371 74.71 65.52 -106.66
N ARG B 372 73.75 66.42 -106.93
CA ARG B 372 72.48 66.35 -106.24
C ARG B 372 71.52 65.50 -107.06
N LYS B 373 71.70 65.55 -108.39
CA LYS B 373 70.80 64.85 -109.31
C LYS B 373 71.30 63.61 -110.05
N CYS B 374 72.59 63.50 -110.33
CA CYS B 374 73.04 62.36 -111.11
C CYS B 374 73.12 60.99 -110.42
N PHE B 375 74.11 60.90 -109.55
CA PHE B 375 74.50 59.68 -108.84
C PHE B 375 75.62 59.98 -107.83
N ASP C 1 119.94 40.32 -71.50
CA ASP C 1 118.98 41.40 -71.71
C ASP C 1 117.81 41.32 -70.73
N GLU C 2 117.44 40.10 -70.38
CA GLU C 2 116.32 39.82 -69.48
C GLU C 2 116.80 38.93 -68.34
N ASP C 3 116.56 39.36 -67.11
CA ASP C 3 117.06 38.67 -65.92
C ASP C 3 116.11 37.68 -65.24
N GLU C 4 114.95 37.43 -65.82
CA GLU C 4 113.98 36.51 -65.24
C GLU C 4 113.20 35.79 -66.32
N THR C 5 112.75 34.57 -66.04
CA THR C 5 111.97 33.79 -67.00
C THR C 5 110.49 34.13 -66.90
N THR C 6 110.19 35.40 -67.14
CA THR C 6 108.83 35.90 -67.10
C THR C 6 108.15 35.50 -68.39
N ALA C 7 106.86 35.62 -68.46
CA ALA C 7 106.25 35.31 -69.74
C ALA C 7 106.50 36.39 -70.76
N LEU C 8 106.62 36.02 -72.02
CA LEU C 8 106.66 37.03 -73.06
C LEU C 8 105.21 37.27 -73.37
N VAL C 9 104.84 38.51 -73.67
CA VAL C 9 103.46 38.79 -74.02
C VAL C 9 103.33 39.44 -75.39
N CYS C 10 102.51 38.87 -76.27
CA CYS C 10 102.33 39.47 -77.58
C CYS C 10 100.89 39.45 -78.10
N ASP C 11 100.44 40.59 -78.59
CA ASP C 11 99.12 40.70 -79.19
C ASP C 11 99.28 40.81 -80.69
N ASN C 12 98.99 39.73 -81.42
CA ASN C 12 99.20 39.72 -82.86
C ASN C 12 97.88 39.86 -83.60
N GLY C 13 97.55 41.08 -84.04
CA GLY C 13 96.26 41.28 -84.69
C GLY C 13 96.40 41.40 -86.20
N SER C 14 95.31 41.81 -86.86
CA SER C 14 95.30 41.96 -88.32
C SER C 14 95.99 43.27 -88.72
N GLY C 15 96.26 44.11 -87.72
CA GLY C 15 96.88 45.41 -87.88
C GLY C 15 98.32 45.36 -87.37
N LEU C 16 98.45 45.67 -86.07
CA LEU C 16 99.71 45.76 -85.34
C LEU C 16 99.98 44.57 -84.43
N VAL C 17 101.26 44.42 -84.12
CA VAL C 17 101.80 43.49 -83.16
C VAL C 17 102.40 44.23 -81.99
N LYS C 18 101.87 43.98 -80.81
CA LYS C 18 102.40 44.64 -79.63
C LYS C 18 103.15 43.65 -78.81
N ALA C 19 104.40 43.94 -78.48
CA ALA C 19 105.16 42.96 -77.72
C ALA C 19 105.98 43.57 -76.61
N GLY C 20 106.11 42.83 -75.52
CA GLY C 20 106.90 43.22 -74.36
C GLY C 20 106.97 42.04 -73.44
N PHE C 21 107.42 42.23 -72.21
CA PHE C 21 107.50 41.10 -71.31
C PHE C 21 106.46 41.26 -70.20
N ALA C 22 106.00 40.15 -69.64
CA ALA C 22 105.06 40.26 -68.55
C ALA C 22 105.72 40.92 -67.37
N GLY C 23 104.99 41.86 -66.81
CA GLY C 23 105.44 42.65 -65.70
C GLY C 23 105.64 44.10 -66.13
N ASP C 24 105.71 44.38 -67.45
CA ASP C 24 105.83 45.78 -67.83
C ASP C 24 104.42 46.37 -67.93
N ASP C 25 104.32 47.67 -68.23
CA ASP C 25 103.03 48.36 -68.38
C ASP C 25 102.77 48.84 -69.80
N ALA C 26 103.60 48.40 -70.71
CA ALA C 26 103.51 48.76 -72.11
C ALA C 26 104.33 47.75 -72.91
N PRO C 27 104.05 47.55 -74.20
CA PRO C 27 104.86 46.75 -75.06
C PRO C 27 106.20 47.46 -75.20
N ARG C 28 107.28 46.72 -75.38
CA ARG C 28 108.60 47.30 -75.58
C ARG C 28 108.73 47.76 -77.02
N ALA C 29 108.06 47.05 -77.92
CA ALA C 29 108.10 47.36 -79.33
C ALA C 29 106.76 47.08 -79.99
N VAL C 30 106.47 47.87 -81.00
CA VAL C 30 105.28 47.67 -81.79
C VAL C 30 105.69 47.54 -83.24
N PHE C 31 105.22 46.48 -83.87
CA PHE C 31 105.56 46.17 -85.23
C PHE C 31 104.25 46.06 -85.96
N PRO C 32 104.14 46.31 -87.24
CA PRO C 32 102.97 45.99 -88.02
C PRO C 32 102.95 44.48 -88.23
N SER C 33 101.78 43.87 -88.41
CA SER C 33 101.70 42.43 -88.72
C SER C 33 101.95 42.21 -90.21
N ILE C 34 103.13 42.56 -90.64
CA ILE C 34 103.53 42.53 -92.05
C ILE C 34 104.77 41.75 -92.42
N VAL C 35 104.63 40.98 -93.50
CA VAL C 35 105.78 40.34 -94.12
C VAL C 35 105.87 40.93 -95.54
N GLY C 36 106.99 41.57 -95.83
CA GLY C 36 107.18 42.22 -97.10
C GLY C 36 108.02 41.41 -98.05
N ARG C 37 107.72 41.50 -99.34
CA ARG C 37 108.49 40.79 -100.34
C ARG C 37 108.75 41.66 -101.58
N PRO C 38 109.97 41.69 -102.14
CA PRO C 38 110.27 42.46 -103.33
C PRO C 38 109.34 42.10 -104.45
N ARG C 39 108.85 43.12 -105.17
CA ARG C 39 107.96 42.89 -106.31
C ARG C 39 108.67 43.27 -107.60
N HIS C 40 109.99 43.45 -107.50
CA HIS C 40 110.87 43.85 -108.59
C HIS C 40 112.03 42.90 -108.79
N GLN C 41 112.53 42.89 -110.01
CA GLN C 41 113.73 42.14 -110.38
C GLN C 41 114.97 42.94 -110.05
N GLY C 42 115.88 42.33 -109.30
CA GLY C 42 117.12 43.00 -108.95
C GLY C 42 117.95 43.21 -110.20
N VAL C 43 118.62 44.36 -110.27
CA VAL C 43 119.46 44.66 -111.41
C VAL C 43 120.94 44.69 -111.02
N MET C 44 121.23 45.25 -109.85
CA MET C 44 122.61 45.32 -109.39
C MET C 44 122.96 44.04 -108.61
N VAL C 45 124.19 43.58 -108.81
CA VAL C 45 124.76 42.40 -108.17
C VAL C 45 125.55 42.76 -106.91
N GLY C 46 125.40 41.97 -105.84
CA GLY C 46 126.12 42.24 -104.60
C GLY C 46 125.46 43.31 -103.75
N MET C 47 124.14 43.41 -103.86
CA MET C 47 123.34 44.40 -103.16
C MET C 47 122.69 43.89 -101.89
N GLY C 48 123.04 42.68 -101.47
CA GLY C 48 122.35 42.08 -100.34
C GLY C 48 120.92 41.88 -100.79
N GLN C 49 119.96 42.40 -100.01
CA GLN C 49 118.51 42.31 -100.28
C GLN C 49 117.94 40.99 -99.80
N LYS C 50 116.98 41.07 -98.90
CA LYS C 50 116.38 39.92 -98.28
C LYS C 50 115.30 39.34 -99.17
N ASP C 51 114.96 38.07 -98.95
CA ASP C 51 113.88 37.42 -99.68
C ASP C 51 112.56 37.95 -99.16
N SER C 52 112.58 38.22 -97.86
CA SER C 52 111.45 38.73 -97.13
C SER C 52 111.91 39.62 -95.99
N TYR C 53 111.06 40.59 -95.66
CA TYR C 53 111.30 41.55 -94.60
C TYR C 53 110.18 41.48 -93.59
N VAL C 54 110.44 41.67 -92.30
CA VAL C 54 109.29 41.63 -91.40
C VAL C 54 109.13 42.82 -90.48
N GLY C 55 107.88 43.08 -90.12
CA GLY C 55 107.59 44.13 -89.16
C GLY C 55 108.06 45.47 -89.68
N ASP C 56 108.90 46.13 -88.90
CA ASP C 56 109.43 47.42 -89.25
C ASP C 56 110.39 47.34 -90.43
N GLU C 57 110.97 46.16 -90.69
CA GLU C 57 111.87 46.03 -91.82
C GLU C 57 111.04 46.13 -93.10
N ALA C 58 109.84 45.54 -93.03
CA ALA C 58 108.94 45.49 -94.15
C ALA C 58 108.47 46.89 -94.51
N GLN C 59 108.18 47.70 -93.49
CA GLN C 59 107.81 49.06 -93.83
C GLN C 59 109.01 49.92 -94.26
N SER C 60 110.18 49.75 -93.63
CA SER C 60 111.34 50.59 -93.97
C SER C 60 111.81 50.45 -95.41
N LYS C 61 111.72 49.23 -95.97
CA LYS C 61 112.17 48.99 -97.34
C LYS C 61 111.01 48.85 -98.34
N ARG C 62 109.81 49.29 -97.92
CA ARG C 62 108.57 49.14 -98.66
C ARG C 62 108.53 49.74 -100.03
N GLY C 63 109.43 50.65 -100.37
CA GLY C 63 109.40 51.27 -101.69
C GLY C 63 109.35 50.23 -102.82
N ILE C 64 110.00 49.07 -102.67
CA ILE C 64 109.97 48.04 -103.72
C ILE C 64 109.32 46.73 -103.28
N LEU C 65 108.63 46.74 -102.15
CA LEU C 65 108.03 45.53 -101.59
C LEU C 65 106.52 45.56 -101.71
N THR C 66 105.93 44.39 -101.80
CA THR C 66 104.48 44.28 -101.68
C THR C 66 104.33 43.85 -100.24
N LEU C 67 103.42 44.49 -99.50
CA LEU C 67 103.29 44.14 -98.09
C LEU C 67 102.02 43.37 -97.77
N LYS C 68 102.21 42.17 -97.21
CA LYS C 68 101.09 41.29 -96.90
C LYS C 68 100.86 41.16 -95.40
N TYR C 69 99.60 40.95 -95.03
CA TYR C 69 99.19 40.74 -93.65
C TYR C 69 98.73 39.29 -93.43
N PRO C 70 99.46 38.46 -92.65
CA PRO C 70 99.19 37.05 -92.33
C PRO C 70 97.89 36.79 -91.55
N ILE C 71 97.36 37.88 -90.96
CA ILE C 71 96.15 37.82 -90.14
C ILE C 71 94.98 38.62 -90.75
N GLU C 72 93.83 37.94 -90.86
CA GLU C 72 92.61 38.53 -91.40
C GLU C 72 91.42 38.35 -90.47
N HIS C 73 90.76 39.44 -90.12
CA HIS C 73 89.59 39.41 -89.23
C HIS C 73 89.89 38.68 -87.91
N GLY C 74 91.12 38.88 -87.43
CA GLY C 74 91.59 38.29 -86.20
C GLY C 74 92.24 36.90 -86.31
N ILE C 75 92.18 36.25 -87.48
CA ILE C 75 92.75 34.89 -87.60
C ILE C 75 93.98 34.77 -88.46
N ILE C 76 94.97 34.04 -87.94
CA ILE C 76 96.17 33.79 -88.69
C ILE C 76 95.85 32.76 -89.73
N THR C 77 96.10 33.10 -90.99
CA THR C 77 95.86 32.17 -92.08
C THR C 77 97.20 31.74 -92.64
N ASN C 78 98.23 32.56 -92.39
CA ASN C 78 99.56 32.24 -92.87
C ASN C 78 100.52 32.13 -91.69
N TRP C 79 100.63 30.91 -91.14
CA TRP C 79 101.43 30.71 -89.94
C TRP C 79 102.91 30.88 -90.25
N ASP C 80 103.33 30.64 -91.50
CA ASP C 80 104.73 30.75 -91.84
C ASP C 80 105.16 32.19 -91.70
N ASP C 81 104.30 33.09 -92.15
CA ASP C 81 104.63 34.48 -92.04
C ASP C 81 104.59 34.92 -90.59
N MET C 82 103.68 34.36 -89.79
CA MET C 82 103.70 34.72 -88.39
C MET C 82 104.91 34.17 -87.67
N GLU C 83 105.42 33.00 -88.06
CA GLU C 83 106.59 32.46 -87.40
C GLU C 83 107.76 33.44 -87.60
N LYS C 84 107.88 34.03 -88.81
CA LYS C 84 108.95 35.00 -89.06
C LYS C 84 108.76 36.29 -88.24
N ILE C 85 107.51 36.77 -88.14
CA ILE C 85 107.23 37.98 -87.35
C ILE C 85 107.53 37.73 -85.88
N TRP C 86 107.08 36.59 -85.36
CA TRP C 86 107.32 36.18 -84.00
C TRP C 86 108.80 36.01 -83.72
N HIS C 87 109.55 35.39 -84.62
CA HIS C 87 110.95 35.19 -84.37
C HIS C 87 111.63 36.54 -84.23
N HIS C 88 111.33 37.45 -85.15
CA HIS C 88 111.90 38.79 -85.09
C HIS C 88 111.51 39.48 -83.79
N THR C 89 110.24 39.44 -83.45
CA THR C 89 109.79 40.09 -82.25
C THR C 89 110.51 39.60 -81.01
N PHE C 90 110.57 38.27 -80.85
CA PHE C 90 111.10 37.66 -79.67
C PHE C 90 112.61 37.79 -79.56
N TYR C 91 113.31 37.50 -80.63
CA TYR C 91 114.76 37.50 -80.61
C TYR C 91 115.41 38.87 -80.81
N ASN C 92 114.82 39.77 -81.61
CA ASN C 92 115.50 41.03 -81.86
C ASN C 92 115.07 42.17 -80.91
N GLU C 93 113.80 42.22 -80.47
CA GLU C 93 113.42 43.33 -79.60
C GLU C 93 113.24 42.91 -78.16
N LEU C 94 112.69 41.70 -77.92
CA LEU C 94 112.49 41.32 -76.53
C LEU C 94 113.77 40.67 -76.03
N ARG C 95 114.62 40.28 -76.98
CA ARG C 95 115.90 39.60 -76.78
C ARG C 95 115.78 38.29 -76.00
N VAL C 96 114.72 37.56 -76.28
CA VAL C 96 114.45 36.29 -75.65
C VAL C 96 114.12 35.16 -76.60
N ALA C 97 114.79 34.04 -76.39
CA ALA C 97 114.46 32.84 -77.13
C ALA C 97 113.31 32.21 -76.34
N PRO C 98 112.10 31.98 -76.91
CA PRO C 98 110.94 31.43 -76.23
C PRO C 98 111.22 30.14 -75.48
N GLU C 99 112.20 29.38 -75.92
CA GLU C 99 112.53 28.14 -75.22
C GLU C 99 112.76 28.38 -73.71
N GLU C 100 113.30 29.54 -73.34
CA GLU C 100 113.58 29.84 -71.94
C GLU C 100 112.45 30.55 -71.16
N HIS C 101 111.38 31.00 -71.85
CA HIS C 101 110.30 31.80 -71.23
C HIS C 101 108.88 31.36 -71.70
N PRO C 102 107.84 31.38 -70.85
CA PRO C 102 106.42 31.14 -71.21
C PRO C 102 105.97 32.22 -72.17
N THR C 103 105.01 31.95 -73.04
CA THR C 103 104.47 33.02 -73.92
C THR C 103 102.94 33.13 -73.88
N LEU C 104 102.44 34.37 -73.76
CA LEU C 104 101.01 34.61 -73.78
C LEU C 104 100.57 35.34 -75.04
N LEU C 105 99.67 34.70 -75.75
CA LEU C 105 99.06 35.18 -76.99
C LEU C 105 97.58 35.40 -76.71
N THR C 106 96.86 36.13 -77.55
CA THR C 106 95.45 36.37 -77.25
C THR C 106 94.53 36.50 -78.46
N GLU C 107 93.24 36.16 -78.25
CA GLU C 107 92.19 36.32 -79.27
C GLU C 107 90.82 36.65 -78.67
N ALA C 108 89.95 37.29 -79.43
CA ALA C 108 88.57 37.42 -79.04
C ALA C 108 87.90 36.02 -79.12
N PRO C 109 87.01 35.62 -78.20
CA PRO C 109 86.31 34.33 -78.19
C PRO C 109 85.53 33.88 -79.46
N LEU C 110 85.02 34.77 -80.33
CA LEU C 110 84.33 34.24 -81.52
C LEU C 110 85.26 34.14 -82.72
N ASN C 111 86.55 34.35 -82.49
CA ASN C 111 87.60 34.19 -83.48
C ASN C 111 87.57 32.69 -83.83
N PRO C 112 87.54 32.26 -85.10
CA PRO C 112 87.47 30.86 -85.44
C PRO C 112 88.57 30.12 -84.67
N LYS C 113 88.22 28.93 -84.19
CA LYS C 113 89.03 28.11 -83.28
C LYS C 113 90.40 27.72 -83.77
N ALA C 114 90.57 27.73 -85.07
CA ALA C 114 91.84 27.37 -85.65
C ALA C 114 92.91 28.35 -85.19
N ASN C 115 92.54 29.61 -84.90
CA ASN C 115 93.53 30.58 -84.50
C ASN C 115 94.16 30.19 -83.17
N ARG C 116 93.36 29.92 -82.13
CA ARG C 116 93.98 29.60 -80.85
C ARG C 116 94.75 28.29 -80.91
N GLU C 117 94.32 27.32 -81.76
CA GLU C 117 95.09 26.09 -81.85
C GLU C 117 96.44 26.35 -82.49
N LYS C 118 96.50 27.18 -83.53
CA LYS C 118 97.77 27.48 -84.18
C LYS C 118 98.65 28.38 -83.34
N MET C 119 98.08 29.31 -82.59
CA MET C 119 98.97 30.12 -81.77
C MET C 119 99.68 29.23 -80.76
N THR C 120 98.93 28.29 -80.18
CA THR C 120 99.48 27.37 -79.20
C THR C 120 100.48 26.41 -79.85
N GLN C 121 100.10 25.87 -81.02
CA GLN C 121 100.93 24.91 -81.75
C GLN C 121 102.22 25.47 -82.27
N ILE C 122 102.22 26.67 -82.82
CA ILE C 122 103.46 27.18 -83.37
C ILE C 122 104.41 27.49 -82.22
N MET C 123 103.91 28.11 -81.16
CA MET C 123 104.85 28.39 -80.11
C MET C 123 105.45 27.14 -79.48
N PHE C 124 104.68 26.05 -79.36
CA PHE C 124 105.26 24.82 -78.82
C PHE C 124 106.09 24.02 -79.83
N GLU C 125 105.70 23.99 -81.10
CA GLU C 125 106.42 23.15 -82.04
C GLU C 125 107.53 23.84 -82.84
N THR C 126 107.48 25.16 -83.10
CA THR C 126 108.57 25.73 -83.88
C THR C 126 109.49 26.54 -82.96
N PHE C 127 108.94 27.03 -81.85
CA PHE C 127 109.76 27.82 -80.90
C PHE C 127 110.15 27.08 -79.61
N ASN C 128 109.54 25.92 -79.35
CA ASN C 128 109.77 25.11 -78.14
C ASN C 128 109.55 25.87 -76.83
N VAL C 129 108.52 26.70 -76.79
CA VAL C 129 108.22 27.48 -75.60
C VAL C 129 107.89 26.50 -74.47
N PRO C 130 108.39 26.66 -73.22
CA PRO C 130 108.12 25.78 -72.11
C PRO C 130 106.67 25.83 -71.66
N ALA C 131 105.97 26.91 -72.01
CA ALA C 131 104.57 27.03 -71.65
C ALA C 131 103.79 28.03 -72.52
N MET C 132 102.48 27.81 -72.61
CA MET C 132 101.59 28.71 -73.34
C MET C 132 100.27 29.03 -72.72
N TYR C 133 99.73 30.20 -73.07
CA TYR C 133 98.41 30.61 -72.57
C TYR C 133 97.69 31.57 -73.54
N VAL C 134 96.63 31.12 -74.20
CA VAL C 134 95.91 31.99 -75.10
C VAL C 134 94.84 32.66 -74.29
N ALA C 135 94.93 33.97 -74.21
CA ALA C 135 94.04 34.80 -73.41
C ALA C 135 92.92 35.40 -74.21
N ILE C 136 91.93 35.88 -73.48
CA ILE C 136 90.78 36.55 -74.07
C ILE C 136 91.08 38.04 -74.24
N GLN C 137 90.98 38.55 -75.47
CA GLN C 137 91.32 39.97 -75.70
C GLN C 137 90.44 40.93 -74.91
N ALA C 138 89.15 40.60 -74.77
CA ALA C 138 88.22 41.45 -74.04
C ALA C 138 88.60 41.59 -72.57
N VAL C 139 89.09 40.51 -72.00
CA VAL C 139 89.51 40.43 -70.64
C VAL C 139 90.74 41.24 -70.42
N LEU C 140 91.65 41.16 -71.35
CA LEU C 140 92.88 41.86 -71.14
C LEU C 140 92.61 43.38 -71.12
N SER C 141 91.69 43.90 -71.95
CA SER C 141 91.44 45.34 -71.85
C SER C 141 90.89 45.66 -70.46
N LEU C 142 89.97 44.81 -69.95
CA LEU C 142 89.40 45.03 -68.62
C LEU C 142 90.46 44.99 -67.51
N TYR C 143 91.45 44.10 -67.58
CA TYR C 143 92.45 44.14 -66.52
C TYR C 143 93.21 45.45 -66.55
N ALA C 144 93.60 45.86 -67.76
CA ALA C 144 94.38 47.07 -67.97
C ALA C 144 93.60 48.32 -67.55
N SER C 145 92.29 48.26 -67.76
CA SER C 145 91.37 49.35 -67.49
C SER C 145 90.90 49.43 -66.04
N GLY C 146 91.24 48.44 -65.20
CA GLY C 146 90.75 48.47 -63.83
C GLY C 146 89.27 48.11 -63.68
N ARG C 147 88.75 47.21 -64.51
CA ARG C 147 87.34 46.83 -64.42
C ARG C 147 87.08 45.34 -64.46
N THR C 148 86.02 44.90 -63.78
CA THR C 148 85.56 43.51 -63.84
C THR C 148 84.21 43.43 -64.53
N THR C 149 83.67 44.62 -64.79
CA THR C 149 82.36 44.78 -65.38
C THR C 149 82.38 45.80 -66.51
N GLY C 150 81.72 45.45 -67.61
CA GLY C 150 81.51 46.38 -68.72
C GLY C 150 81.35 45.71 -70.07
N ILE C 151 81.06 46.52 -71.08
CA ILE C 151 80.92 46.00 -72.44
C ILE C 151 82.23 46.20 -73.08
N VAL C 152 82.90 45.15 -73.50
CA VAL C 152 84.21 45.44 -74.05
C VAL C 152 84.12 45.44 -75.55
N LEU C 153 84.29 46.64 -76.11
CA LEU C 153 84.18 46.90 -77.53
C LEU C 153 85.57 46.91 -78.17
N ASP C 154 86.04 45.74 -78.57
CA ASP C 154 87.37 45.55 -79.10
C ASP C 154 87.41 45.75 -80.57
N SER C 155 87.14 46.96 -81.01
CA SER C 155 87.16 47.16 -82.43
C SER C 155 88.61 47.28 -82.81
N GLY C 156 89.09 46.30 -83.57
CA GLY C 156 90.47 46.25 -83.94
C GLY C 156 90.66 46.67 -85.36
N ASP C 157 91.61 46.02 -86.02
CA ASP C 157 91.93 46.30 -87.40
C ASP C 157 91.02 45.51 -88.35
N GLY C 158 90.73 44.23 -88.04
CA GLY C 158 89.92 43.43 -88.95
C GLY C 158 88.50 43.06 -88.48
N VAL C 159 88.22 43.10 -87.17
CA VAL C 159 86.89 42.72 -86.69
C VAL C 159 86.62 43.24 -85.27
N THR C 160 85.33 43.45 -84.93
CA THR C 160 84.89 43.79 -83.58
C THR C 160 84.15 42.57 -82.97
N HIS C 161 84.48 42.16 -81.74
CA HIS C 161 83.80 41.02 -81.06
C HIS C 161 82.63 41.54 -80.24
N ASN C 162 82.94 42.51 -79.36
CA ASN C 162 81.99 43.19 -78.48
C ASN C 162 81.32 42.30 -77.43
N VAL C 163 81.97 42.09 -76.27
CA VAL C 163 81.38 41.19 -75.27
C VAL C 163 81.13 41.79 -73.88
N PRO C 164 79.91 41.68 -73.35
CA PRO C 164 79.56 42.07 -71.99
C PRO C 164 80.14 41.09 -70.99
N ILE C 165 80.79 41.65 -69.97
CA ILE C 165 81.38 40.93 -68.86
C ILE C 165 80.83 41.51 -67.54
N TYR C 166 80.36 40.68 -66.62
CA TYR C 166 79.85 41.20 -65.36
C TYR C 166 80.44 40.40 -64.22
N GLU C 167 80.97 41.07 -63.19
CA GLU C 167 81.58 40.38 -62.05
C GLU C 167 82.59 39.32 -62.50
N GLY C 168 83.32 39.60 -63.57
CA GLY C 168 84.29 38.64 -64.02
C GLY C 168 83.73 37.49 -64.85
N TYR C 169 82.41 37.48 -65.13
CA TYR C 169 81.75 36.41 -65.91
C TYR C 169 81.42 36.89 -67.30
N ALA C 170 81.47 36.02 -68.28
CA ALA C 170 81.04 36.47 -69.59
C ALA C 170 79.55 36.25 -69.69
N LEU C 171 78.89 37.08 -70.49
CA LEU C 171 77.50 36.86 -70.83
C LEU C 171 77.50 36.53 -72.34
N PRO C 172 77.83 35.26 -72.74
CA PRO C 172 78.12 34.83 -74.11
C PRO C 172 76.96 34.90 -75.09
N HIS C 173 75.75 35.03 -74.57
CA HIS C 173 74.59 35.10 -75.42
C HIS C 173 74.38 36.52 -75.94
N ALA C 174 75.15 37.45 -75.40
CA ALA C 174 75.02 38.86 -75.72
C ALA C 174 76.27 39.41 -76.43
N ILE C 175 77.00 38.54 -77.15
CA ILE C 175 78.17 38.97 -77.92
C ILE C 175 77.74 39.41 -79.31
N MET C 176 78.17 40.59 -79.73
CA MET C 176 77.76 41.13 -81.02
C MET C 176 78.90 41.21 -82.05
N ARG C 177 79.33 40.07 -82.62
CA ARG C 177 80.47 40.13 -83.55
C ARG C 177 80.04 40.90 -84.79
N LEU C 178 80.89 41.82 -85.22
CA LEU C 178 80.60 42.68 -86.36
C LEU C 178 81.78 42.91 -87.30
N ASP C 179 81.52 42.78 -88.61
CA ASP C 179 82.53 43.01 -89.62
C ASP C 179 82.69 44.50 -89.91
N LEU C 180 83.22 45.19 -88.92
CA LEU C 180 83.51 46.62 -88.91
C LEU C 180 84.77 46.87 -88.11
N ALA C 181 85.81 47.36 -88.80
CA ALA C 181 87.09 47.56 -88.12
C ALA C 181 87.98 48.61 -88.81
N GLY C 182 89.10 48.95 -88.19
CA GLY C 182 90.03 49.97 -88.67
C GLY C 182 90.50 49.82 -90.12
N ARG C 183 90.64 48.58 -90.60
CA ARG C 183 91.07 48.30 -91.98
C ARG C 183 89.99 48.75 -92.97
N ASP C 184 88.71 48.74 -92.55
CA ASP C 184 87.63 49.07 -93.44
C ASP C 184 87.52 50.56 -93.46
N LEU C 185 87.89 51.18 -92.34
CA LEU C 185 87.82 52.62 -92.25
C LEU C 185 88.86 53.17 -93.25
N THR C 186 90.03 52.49 -93.33
CA THR C 186 91.10 52.88 -94.26
C THR C 186 90.59 52.74 -95.69
N ASP C 187 89.90 51.65 -95.99
CA ASP C 187 89.41 51.44 -97.35
C ASP C 187 88.37 52.50 -97.73
N TYR C 188 87.54 52.89 -96.77
CA TYR C 188 86.54 53.92 -97.01
C TYR C 188 87.21 55.25 -97.31
N LEU C 189 88.30 55.54 -96.58
CA LEU C 189 89.05 56.76 -96.79
C LEU C 189 89.68 56.74 -98.18
N MET C 190 90.22 55.59 -98.61
CA MET C 190 90.80 55.56 -99.95
C MET C 190 89.76 55.89 -101.03
N LYS C 191 88.53 55.42 -100.87
CA LYS C 191 87.51 55.73 -101.87
C LYS C 191 87.14 57.22 -101.89
N ILE C 192 87.00 57.83 -100.71
CA ILE C 192 86.64 59.25 -100.64
C ILE C 192 87.85 60.17 -100.97
N LEU C 193 89.08 59.72 -100.75
CA LEU C 193 90.22 60.52 -101.17
C LEU C 193 90.32 60.48 -102.69
N THR C 194 89.88 59.36 -103.29
CA THR C 194 89.85 59.24 -104.75
C THR C 194 88.84 60.26 -105.28
N GLU C 195 87.70 60.43 -104.60
CA GLU C 195 86.67 61.39 -105.02
C GLU C 195 87.26 62.81 -105.07
N ARG C 196 88.21 63.10 -104.16
CA ARG C 196 88.89 64.41 -104.08
C ARG C 196 90.03 64.58 -105.10
N GLY C 197 90.36 63.53 -105.88
CA GLY C 197 91.44 63.59 -106.85
C GLY C 197 92.75 62.94 -106.43
N TYR C 198 92.73 62.22 -105.31
CA TYR C 198 93.93 61.55 -104.82
C TYR C 198 93.69 60.06 -104.69
N SER C 199 93.99 59.31 -105.75
CA SER C 199 93.78 57.87 -105.74
C SER C 199 94.95 57.18 -105.07
N PHE C 200 94.65 56.25 -104.17
CA PHE C 200 95.67 55.45 -103.49
C PHE C 200 95.34 53.96 -103.65
N VAL C 201 96.19 53.21 -104.36
CA VAL C 201 95.89 51.79 -104.59
C VAL C 201 97.01 50.77 -104.29
N THR C 202 98.29 51.19 -104.43
CA THR C 202 99.45 50.29 -104.31
C THR C 202 99.86 50.14 -102.85
N THR C 203 100.75 49.22 -102.52
CA THR C 203 101.12 49.12 -101.11
C THR C 203 101.63 50.42 -100.51
N ALA C 204 102.51 51.13 -101.21
CA ALA C 204 103.00 52.36 -100.62
C ALA C 204 101.84 53.32 -100.38
N GLU C 205 100.93 53.37 -101.34
CA GLU C 205 99.79 54.26 -101.26
C GLU C 205 98.79 53.86 -100.17
N ARG C 206 98.58 52.57 -99.99
CA ARG C 206 97.66 52.06 -98.98
C ARG C 206 98.21 52.37 -97.58
N GLU C 207 99.53 52.24 -97.41
CA GLU C 207 100.18 52.55 -96.14
C GLU C 207 100.11 54.08 -95.90
N ILE C 208 100.19 54.89 -96.96
CA ILE C 208 100.03 56.32 -96.74
C ILE C 208 98.66 56.62 -96.20
N VAL C 209 97.63 56.01 -96.80
CA VAL C 209 96.29 56.33 -96.34
C VAL C 209 96.06 55.91 -94.90
N ARG C 210 96.67 54.82 -94.47
CA ARG C 210 96.53 54.36 -93.09
C ARG C 210 97.19 55.38 -92.14
N ASP C 211 98.22 56.06 -92.65
CA ASP C 211 98.94 57.08 -91.87
C ASP C 211 98.12 58.37 -91.85
N ILE C 212 97.47 58.67 -92.98
CA ILE C 212 96.62 59.84 -93.03
C ILE C 212 95.50 59.66 -92.05
N LYS C 213 94.87 58.49 -92.06
CA LYS C 213 93.77 58.25 -91.15
C LYS C 213 94.19 58.41 -89.70
N GLU C 214 95.31 57.79 -89.34
CA GLU C 214 95.79 57.76 -87.97
C GLU C 214 96.12 59.16 -87.43
N LYS C 215 96.62 60.05 -88.31
CA LYS C 215 96.97 61.42 -87.92
C LYS C 215 95.92 62.52 -88.17
N LEU C 216 95.12 62.41 -89.25
CA LEU C 216 94.18 63.46 -89.62
C LEU C 216 92.71 63.22 -89.32
N CYS C 217 92.29 61.96 -89.20
CA CYS C 217 90.88 61.73 -89.07
C CYS C 217 90.35 61.85 -87.65
N TYR C 218 89.06 62.10 -87.58
CA TYR C 218 88.37 62.23 -86.31
C TYR C 218 86.97 61.71 -86.44
N VAL C 219 86.28 61.48 -85.34
CA VAL C 219 84.91 61.00 -85.44
C VAL C 219 83.93 62.09 -85.66
N ALA C 220 84.04 63.15 -84.86
CA ALA C 220 83.11 64.30 -84.87
C ALA C 220 81.96 64.01 -83.94
N LEU C 221 81.82 64.76 -82.87
CA LEU C 221 80.73 64.46 -81.95
C LEU C 221 79.38 64.61 -82.67
N ASP C 222 79.25 65.69 -83.46
CA ASP C 222 78.06 65.96 -84.24
C ASP C 222 78.42 65.86 -85.72
N PHE C 223 77.95 64.79 -86.38
CA PHE C 223 78.34 64.54 -87.76
C PHE C 223 77.78 65.58 -88.70
N GLU C 224 76.54 65.97 -88.47
CA GLU C 224 75.86 66.89 -89.36
C GLU C 224 76.50 68.27 -89.32
N ASN C 225 76.88 68.72 -88.12
CA ASN C 225 77.46 70.04 -88.03
C ASN C 225 78.86 70.06 -88.62
N GLU C 226 79.63 68.99 -88.41
CA GLU C 226 80.96 68.98 -88.94
C GLU C 226 80.96 68.84 -90.45
N MET C 227 80.06 68.05 -91.06
CA MET C 227 80.10 68.01 -92.51
C MET C 227 79.56 69.29 -93.09
N ALA C 228 78.61 69.95 -92.42
CA ALA C 228 78.09 71.18 -92.98
C ALA C 228 79.18 72.24 -93.11
N THR C 229 80.08 72.30 -92.13
CA THR C 229 81.15 73.28 -92.24
C THR C 229 82.33 72.73 -93.05
N ALA C 230 82.76 71.50 -92.74
CA ALA C 230 83.93 70.92 -93.40
C ALA C 230 83.75 70.80 -94.91
N ALA C 231 82.53 70.54 -95.36
CA ALA C 231 82.27 70.42 -96.78
C ALA C 231 82.09 71.80 -97.44
N SER C 232 82.00 72.87 -96.65
CA SER C 232 81.74 74.21 -97.16
C SER C 232 82.95 75.14 -97.08
N SER C 233 83.92 74.83 -96.21
CA SER C 233 85.06 75.71 -96.01
C SER C 233 86.39 75.06 -95.73
N SER C 234 87.43 75.64 -96.33
CA SER C 234 88.82 75.23 -96.21
C SER C 234 89.37 75.38 -94.80
N SER C 235 88.66 76.14 -93.96
CA SER C 235 89.08 76.37 -92.59
C SER C 235 88.99 75.09 -91.76
N LEU C 236 88.26 74.09 -92.25
CA LEU C 236 88.13 72.81 -91.57
C LEU C 236 88.95 71.71 -92.23
N GLU C 237 89.79 72.08 -93.20
CA GLU C 237 90.61 71.08 -93.86
C GLU C 237 91.92 70.94 -93.15
N LYS C 238 92.48 69.76 -93.23
CA LYS C 238 93.79 69.52 -92.63
C LYS C 238 94.74 68.92 -93.64
N SER C 239 95.95 69.46 -93.68
CA SER C 239 97.00 68.99 -94.58
C SER C 239 97.80 67.82 -94.02
N TYR C 240 98.15 66.93 -94.92
CA TYR C 240 99.03 65.81 -94.68
C TYR C 240 100.18 65.84 -95.67
N GLU C 241 101.39 65.58 -95.17
CA GLU C 241 102.55 65.56 -96.06
C GLU C 241 102.78 64.16 -96.59
N LEU C 242 102.73 64.04 -97.91
CA LEU C 242 102.89 62.78 -98.59
C LEU C 242 104.41 62.52 -98.61
N PRO C 243 104.90 61.28 -98.68
CA PRO C 243 106.29 60.89 -98.66
C PRO C 243 107.22 61.55 -99.68
N ASP C 244 106.69 62.07 -100.79
CA ASP C 244 107.53 62.68 -101.79
C ASP C 244 107.57 64.21 -101.72
N GLY C 245 107.00 64.80 -100.66
CA GLY C 245 106.99 66.26 -100.50
C GLY C 245 105.69 66.92 -100.98
N GLN C 246 104.79 66.15 -101.60
CA GLN C 246 103.52 66.68 -102.07
C GLN C 246 102.53 66.66 -100.91
N VAL C 247 101.44 67.42 -101.02
CA VAL C 247 100.47 67.37 -99.95
C VAL C 247 99.06 67.08 -100.43
N ILE C 248 98.27 66.61 -99.47
CA ILE C 248 96.85 66.33 -99.62
C ILE C 248 96.08 67.03 -98.52
N THR C 249 94.93 67.61 -98.84
CA THR C 249 94.11 68.16 -97.76
C THR C 249 92.82 67.40 -97.77
N ILE C 250 92.24 67.26 -96.59
CA ILE C 250 90.98 66.54 -96.41
C ILE C 250 89.97 67.40 -95.65
N GLY C 251 88.70 67.47 -96.13
CA GLY C 251 87.62 68.28 -95.52
C GLY C 251 86.66 67.44 -94.72
N ASN C 252 85.42 67.26 -95.18
CA ASN C 252 84.46 66.46 -94.43
C ASN C 252 84.82 64.99 -94.50
N GLU C 253 85.65 64.64 -95.46
CA GLU C 253 86.09 63.27 -95.68
C GLU C 253 86.96 62.82 -94.50
N ARG C 254 87.46 63.83 -93.77
CA ARG C 254 88.32 63.72 -92.63
C ARG C 254 87.60 63.01 -91.51
N PHE C 255 86.28 63.17 -91.44
CA PHE C 255 85.49 62.54 -90.40
C PHE C 255 84.59 61.44 -90.98
N ARG C 256 84.43 61.43 -92.29
CA ARG C 256 83.60 60.40 -92.92
C ARG C 256 84.26 59.04 -92.82
N CYS C 257 85.58 59.01 -92.80
CA CYS C 257 86.23 57.72 -92.63
C CYS C 257 85.82 57.04 -91.29
N PRO C 258 86.13 57.58 -90.07
CA PRO C 258 85.70 57.07 -88.77
C PRO C 258 84.19 57.07 -88.56
N GLU C 259 83.47 57.89 -89.32
CA GLU C 259 82.02 57.95 -89.28
C GLU C 259 81.44 56.58 -89.55
N THR C 260 82.15 55.75 -90.33
CA THR C 260 81.72 54.42 -90.73
C THR C 260 81.50 53.54 -89.49
N LEU C 261 82.18 53.86 -88.38
CA LEU C 261 82.02 53.11 -87.15
C LEU C 261 80.59 53.26 -86.65
N PHE C 262 79.98 54.40 -86.97
CA PHE C 262 78.63 54.69 -86.57
C PHE C 262 77.71 54.50 -87.79
N GLN C 263 78.31 54.54 -88.99
CA GLN C 263 77.61 54.36 -90.26
C GLN C 263 78.24 53.28 -91.18
N PRO C 264 78.16 51.97 -90.84
CA PRO C 264 78.77 50.83 -91.50
C PRO C 264 78.32 50.62 -92.94
N SER C 265 77.23 51.28 -93.34
CA SER C 265 76.72 51.17 -94.68
C SER C 265 77.73 51.76 -95.67
N PHE C 266 78.66 52.59 -95.17
CA PHE C 266 79.70 53.24 -95.97
C PHE C 266 80.64 52.20 -96.58
N ILE C 267 80.73 51.02 -95.96
CA ILE C 267 81.60 49.94 -96.42
C ILE C 267 80.78 48.71 -96.82
N GLY C 268 79.47 48.89 -97.04
CA GLY C 268 78.60 47.81 -97.46
C GLY C 268 78.07 46.91 -96.35
N MET C 269 78.23 47.26 -95.08
CA MET C 269 77.75 46.40 -94.02
C MET C 269 76.34 46.72 -93.56
N GLU C 270 75.54 45.68 -93.37
CA GLU C 270 74.16 45.85 -92.89
C GLU C 270 74.20 45.98 -91.36
N SER C 271 74.57 47.17 -90.89
CA SER C 271 74.69 47.46 -89.47
C SER C 271 74.40 48.90 -89.13
N ALA C 272 73.89 49.11 -87.92
CA ALA C 272 73.60 50.43 -87.39
C ALA C 272 74.79 51.06 -86.68
N GLY C 273 75.92 50.35 -86.59
CA GLY C 273 77.12 50.90 -85.94
C GLY C 273 77.49 50.31 -84.59
N ILE C 274 78.68 50.71 -84.12
CA ILE C 274 79.28 50.23 -82.87
C ILE C 274 78.50 50.60 -81.60
N HIS C 275 77.71 51.67 -81.66
CA HIS C 275 76.92 52.03 -80.51
C HIS C 275 75.62 51.25 -80.47
N GLU C 276 75.22 50.65 -81.59
CA GLU C 276 74.00 49.87 -81.57
C GLU C 276 74.38 48.55 -80.96
N THR C 277 75.57 48.05 -81.35
CA THR C 277 76.02 46.77 -80.83
C THR C 277 76.36 46.90 -79.35
N THR C 278 76.93 48.03 -78.93
CA THR C 278 77.21 48.22 -77.51
C THR C 278 75.90 48.20 -76.74
N TYR C 279 74.90 48.91 -77.26
CA TYR C 279 73.61 48.98 -76.63
C TYR C 279 72.95 47.61 -76.55
N ASN C 280 73.00 46.83 -77.64
CA ASN C 280 72.40 45.50 -77.64
C ASN C 280 73.14 44.54 -76.71
N SER C 281 74.45 44.67 -76.59
CA SER C 281 75.17 43.79 -75.68
C SER C 281 74.66 44.03 -74.27
N ILE C 282 74.41 45.30 -73.94
CA ILE C 282 73.88 45.64 -72.63
C ILE C 282 72.46 45.13 -72.49
N MET C 283 71.62 45.39 -73.49
CA MET C 283 70.21 45.06 -73.43
C MET C 283 69.93 43.56 -73.36
N LYS C 284 70.79 42.73 -73.94
CA LYS C 284 70.57 41.30 -73.92
C LYS C 284 71.01 40.63 -72.60
N CYS C 285 71.58 41.41 -71.69
CA CYS C 285 72.02 40.91 -70.39
C CYS C 285 70.85 41.02 -69.40
N ASP C 286 70.97 40.36 -68.24
CA ASP C 286 69.89 40.38 -67.25
C ASP C 286 69.55 41.80 -66.76
N ILE C 287 68.32 41.95 -66.24
CA ILE C 287 67.81 43.24 -65.81
C ILE C 287 68.75 43.83 -64.75
N ASP C 288 69.28 43.00 -63.87
CA ASP C 288 70.17 43.47 -62.80
C ASP C 288 71.63 43.57 -63.22
N ILE C 289 71.90 43.34 -64.49
CA ILE C 289 73.26 43.40 -65.01
C ILE C 289 73.38 44.47 -66.09
N ARG C 290 72.26 45.06 -66.47
CA ARG C 290 72.25 46.11 -67.48
C ARG C 290 72.45 47.49 -66.87
N LYS C 291 72.33 47.56 -65.54
CA LYS C 291 72.49 48.82 -64.83
C LYS C 291 73.95 49.05 -64.43
N ASP C 292 74.80 48.09 -64.75
CA ASP C 292 76.21 48.17 -64.43
C ASP C 292 76.98 48.22 -65.72
N LEU C 293 76.41 47.64 -66.77
CA LEU C 293 77.08 47.66 -68.05
C LEU C 293 76.87 49.06 -68.67
N TYR C 294 75.73 49.71 -68.43
CA TYR C 294 75.50 51.06 -68.98
C TYR C 294 76.55 52.03 -68.47
N ALA C 295 76.90 51.88 -67.20
CA ALA C 295 77.89 52.72 -66.54
C ALA C 295 79.33 52.34 -66.89
N ASN C 296 79.50 51.26 -67.66
CA ASN C 296 80.80 50.77 -68.03
C ASN C 296 80.90 50.29 -69.48
N ASN C 297 80.87 51.22 -70.43
CA ASN C 297 81.10 50.84 -71.83
C ASN C 297 82.61 50.90 -71.95
N VAL C 298 83.25 49.76 -72.17
CA VAL C 298 84.70 49.68 -72.13
C VAL C 298 85.37 49.58 -73.48
N MET C 299 86.29 50.51 -73.72
CA MET C 299 87.01 50.45 -74.97
C MET C 299 88.10 49.39 -74.92
N SER C 300 88.34 48.80 -76.06
CA SER C 300 89.45 47.88 -76.21
C SER C 300 90.03 48.06 -77.57
N GLY C 301 91.34 48.01 -77.64
CA GLY C 301 92.00 48.15 -78.92
C GLY C 301 92.08 49.60 -79.36
N GLY C 302 92.41 49.76 -80.65
CA GLY C 302 92.64 51.03 -81.35
C GLY C 302 91.36 51.48 -82.02
N THR C 303 91.41 52.46 -82.96
CA THR C 303 90.20 53.07 -83.61
C THR C 303 89.41 53.91 -82.57
N THR C 304 89.97 53.98 -81.37
CA THR C 304 89.51 54.62 -80.15
C THR C 304 90.35 55.83 -79.83
N MET C 305 91.28 56.16 -80.73
CA MET C 305 92.15 57.31 -80.55
C MET C 305 91.62 58.52 -81.31
N TYR C 306 90.45 58.38 -81.91
CA TYR C 306 89.82 59.46 -82.66
C TYR C 306 89.47 60.63 -81.74
N PRO C 307 89.55 61.86 -82.27
CA PRO C 307 89.24 63.08 -81.51
C PRO C 307 87.74 63.29 -81.39
N GLY C 308 87.08 62.49 -80.57
CA GLY C 308 85.64 62.60 -80.38
C GLY C 308 84.98 61.25 -80.21
N ILE C 309 85.72 60.18 -80.54
CA ILE C 309 85.19 58.81 -80.41
C ILE C 309 84.62 58.46 -79.06
N ALA C 310 85.25 58.89 -77.98
CA ALA C 310 84.72 58.60 -76.67
C ALA C 310 83.59 59.54 -76.38
N ASP C 311 83.65 60.72 -77.00
CA ASP C 311 82.69 61.74 -76.75
C ASP C 311 81.38 61.32 -77.38
N ARG C 312 81.48 60.73 -78.60
CA ARG C 312 80.30 60.28 -79.28
C ARG C 312 79.80 58.99 -78.69
N MET C 313 80.67 58.05 -78.31
CA MET C 313 80.11 56.83 -77.74
C MET C 313 79.28 57.10 -76.49
N GLN C 314 79.72 58.02 -75.62
CA GLN C 314 78.89 58.27 -74.45
C GLN C 314 77.56 58.88 -74.87
N LYS C 315 77.59 59.84 -75.83
CA LYS C 315 76.37 60.48 -76.29
C LYS C 315 75.40 59.50 -76.95
N GLU C 316 75.91 58.61 -77.80
CA GLU C 316 75.05 57.68 -78.50
C GLU C 316 74.42 56.66 -77.59
N ILE C 317 75.13 56.20 -76.57
CA ILE C 317 74.51 55.22 -75.69
C ILE C 317 73.53 55.92 -74.76
N THR C 318 73.87 57.08 -74.21
CA THR C 318 72.93 57.73 -73.27
C THR C 318 71.65 58.10 -73.99
N ALA C 319 71.74 58.37 -75.30
CA ALA C 319 70.60 58.71 -76.14
C ALA C 319 69.67 57.49 -76.40
N LEU C 320 70.18 56.27 -76.18
CA LEU C 320 69.41 55.04 -76.40
C LEU C 320 68.92 54.46 -75.08
N ALA C 321 69.70 54.67 -74.03
CA ALA C 321 69.39 54.18 -72.69
C ALA C 321 68.15 54.87 -72.16
N PRO C 322 67.31 54.23 -71.34
CA PRO C 322 66.13 54.83 -70.73
C PRO C 322 66.49 55.72 -69.54
N SER C 323 67.31 56.73 -69.81
CA SER C 323 67.81 57.66 -68.80
C SER C 323 68.17 56.95 -67.51
N THR C 324 67.84 57.60 -66.39
CA THR C 324 67.92 57.07 -65.01
C THR C 324 69.32 56.78 -64.47
N MET C 325 70.01 55.91 -65.18
CA MET C 325 71.31 55.37 -64.92
C MET C 325 72.38 56.27 -65.46
N LYS C 326 73.58 56.12 -64.93
CA LYS C 326 74.67 56.80 -65.58
C LYS C 326 75.12 55.96 -66.75
N ILE C 327 75.44 56.64 -67.83
CA ILE C 327 76.05 56.03 -68.97
C ILE C 327 77.43 56.59 -69.04
N LYS C 328 78.43 55.72 -69.06
CA LYS C 328 79.81 56.19 -69.06
C LYS C 328 80.67 55.44 -70.04
N ILE C 329 81.60 56.17 -70.64
CA ILE C 329 82.56 55.53 -71.52
C ILE C 329 83.87 55.41 -70.79
N ILE C 330 84.44 54.22 -70.79
CA ILE C 330 85.69 54.01 -70.15
C ILE C 330 86.72 54.02 -71.28
N ALA C 331 87.48 55.11 -71.35
CA ALA C 331 88.41 55.32 -72.45
C ALA C 331 89.77 55.73 -71.89
N PRO C 332 90.52 54.80 -71.27
CA PRO C 332 91.74 55.04 -70.54
C PRO C 332 92.87 55.35 -71.52
N PRO C 333 93.98 55.98 -71.08
CA PRO C 333 95.21 56.19 -71.83
C PRO C 333 95.82 54.88 -72.33
N GLU C 334 95.54 53.80 -71.61
CA GLU C 334 96.04 52.48 -72.00
C GLU C 334 95.32 52.04 -73.27
N ARG C 335 94.89 53.03 -74.06
CA ARG C 335 94.19 52.79 -75.31
C ARG C 335 95.14 52.17 -76.34
N LYS C 336 94.55 51.43 -77.28
CA LYS C 336 95.26 50.73 -78.35
C LYS C 336 96.27 49.71 -77.80
N TYR C 337 96.60 49.85 -76.52
CA TYR C 337 97.54 48.94 -75.89
C TYR C 337 96.99 48.31 -74.61
N SER C 338 95.67 48.40 -74.40
CA SER C 338 95.09 47.80 -73.20
C SER C 338 95.07 46.30 -73.25
N VAL C 339 95.02 45.73 -74.45
CA VAL C 339 95.04 44.30 -74.57
C VAL C 339 96.45 43.79 -74.22
N TRP C 340 97.49 44.46 -74.73
CA TRP C 340 98.84 44.01 -74.39
C TRP C 340 99.04 44.09 -72.88
N ILE C 341 98.63 45.23 -72.30
CA ILE C 341 98.85 45.52 -70.90
C ILE C 341 98.12 44.51 -70.06
N GLY C 342 96.89 44.18 -70.42
CA GLY C 342 96.18 43.17 -69.69
C GLY C 342 96.92 41.83 -69.75
N GLY C 343 97.58 41.52 -70.88
CA GLY C 343 98.31 40.26 -71.04
C GLY C 343 99.43 40.17 -70.02
N SER C 344 100.10 41.30 -69.76
CA SER C 344 101.17 41.40 -68.78
C SER C 344 100.61 41.15 -67.38
N ILE C 345 99.44 41.75 -67.13
CA ILE C 345 98.79 41.61 -65.84
C ILE C 345 98.37 40.16 -65.63
N LEU C 346 97.73 39.56 -66.63
CA LEU C 346 97.26 38.20 -66.49
C LEU C 346 98.39 37.20 -66.36
N ALA C 347 99.42 37.31 -67.20
CA ALA C 347 100.53 36.38 -67.21
C ALA C 347 101.22 36.28 -65.87
N SER C 348 101.31 37.43 -65.19
CA SER C 348 101.96 37.59 -63.90
C SER C 348 101.06 37.38 -62.66
N LEU C 349 99.76 37.12 -62.81
CA LEU C 349 98.92 36.94 -61.61
C LEU C 349 99.28 35.63 -60.94
N SER C 350 99.31 35.61 -59.61
CA SER C 350 99.60 34.36 -58.90
C SER C 350 98.47 33.35 -59.08
N THR C 351 97.28 33.88 -59.33
CA THR C 351 96.04 33.12 -59.49
C THR C 351 95.91 32.60 -60.90
N PHE C 352 96.89 32.90 -61.74
CA PHE C 352 96.94 32.46 -63.10
C PHE C 352 98.06 31.47 -63.36
N GLN C 353 98.85 31.11 -62.35
CA GLN C 353 100.00 30.29 -62.73
C GLN C 353 99.62 28.89 -63.17
N GLN C 354 98.53 28.39 -62.62
CA GLN C 354 98.03 27.06 -62.91
C GLN C 354 97.35 27.01 -64.27
N MET C 355 97.13 28.17 -64.88
CA MET C 355 96.43 28.25 -66.15
C MET C 355 97.37 28.04 -67.33
N TRP C 356 98.67 28.03 -67.10
CA TRP C 356 99.63 27.87 -68.18
C TRP C 356 99.70 26.42 -68.68
N ILE C 357 99.73 26.24 -70.00
CA ILE C 357 99.89 24.92 -70.60
C ILE C 357 101.34 24.64 -70.58
N THR C 358 101.79 23.53 -70.02
CA THR C 358 103.23 23.33 -70.04
C THR C 358 103.59 22.60 -71.32
N LYS C 359 104.87 22.60 -71.69
CA LYS C 359 105.24 21.86 -72.89
C LYS C 359 104.97 20.38 -72.76
N GLN C 360 105.15 19.82 -71.56
CA GLN C 360 104.90 18.39 -71.43
C GLN C 360 103.43 18.09 -71.65
N GLU C 361 102.54 18.94 -71.13
CA GLU C 361 101.11 18.71 -71.31
C GLU C 361 100.74 18.83 -72.77
N TYR C 362 101.34 19.81 -73.45
CA TYR C 362 101.11 20.02 -74.86
C TYR C 362 101.53 18.82 -75.67
N ASP C 363 102.75 18.33 -75.43
CA ASP C 363 103.23 17.23 -76.23
C ASP C 363 102.37 15.99 -76.05
N GLU C 364 101.87 15.75 -74.84
CA GLU C 364 101.01 14.60 -74.61
C GLU C 364 99.62 14.74 -75.24
N ALA C 365 99.02 15.93 -75.16
CA ALA C 365 97.67 16.17 -75.67
C ALA C 365 97.55 16.58 -77.15
N GLY C 366 98.54 17.30 -77.69
CA GLY C 366 98.47 17.82 -79.04
C GLY C 366 97.81 19.22 -79.02
N PRO C 367 97.64 19.87 -80.20
CA PRO C 367 97.16 21.25 -80.37
C PRO C 367 95.79 21.55 -79.82
N SER C 368 94.94 20.53 -79.68
CA SER C 368 93.59 20.68 -79.18
C SER C 368 93.57 21.04 -77.71
N ILE C 369 94.72 20.91 -77.03
CA ILE C 369 94.85 21.22 -75.61
C ILE C 369 94.43 22.63 -75.28
N VAL C 370 94.51 23.53 -76.23
CA VAL C 370 94.15 24.90 -75.98
C VAL C 370 92.68 25.01 -75.52
N HIS C 371 91.83 24.05 -75.92
CA HIS C 371 90.41 24.05 -75.57
C HIS C 371 90.16 23.37 -74.23
N ARG C 372 91.19 22.80 -73.65
CA ARG C 372 91.08 22.11 -72.38
C ARG C 372 91.69 22.97 -71.27
N LYS C 373 92.70 23.75 -71.65
CA LYS C 373 93.46 24.58 -70.72
C LYS C 373 93.25 26.10 -70.76
N CYS C 374 92.85 26.69 -71.90
CA CYS C 374 92.80 28.15 -71.95
C CYS C 374 91.42 28.76 -71.74
N PHE C 375 90.46 28.43 -72.62
CA PHE C 375 89.09 28.93 -72.58
C PHE C 375 88.28 28.37 -73.76
N ASP D 1 38.99 32.43 -104.52
CA ASP D 1 38.47 31.90 -105.77
C ASP D 1 37.52 30.76 -105.44
N GLU D 2 37.27 30.60 -104.15
CA GLU D 2 36.36 29.62 -103.59
C GLU D 2 34.92 30.08 -103.78
N ASP D 3 33.98 29.14 -103.84
CA ASP D 3 32.56 29.41 -104.03
C ASP D 3 31.68 29.36 -102.78
N GLU D 4 32.30 29.39 -101.60
CA GLU D 4 31.57 29.37 -100.33
C GLU D 4 32.22 30.32 -99.33
N THR D 5 31.37 30.97 -98.53
CA THR D 5 31.84 31.95 -97.55
C THR D 5 32.26 31.30 -96.24
N THR D 6 33.27 30.45 -96.33
CA THR D 6 33.78 29.74 -95.17
C THR D 6 34.66 30.67 -94.37
N ALA D 7 35.01 30.31 -93.16
CA ALA D 7 35.90 31.16 -92.41
C ALA D 7 37.30 31.02 -92.96
N LEU D 8 38.07 32.07 -92.89
CA LEU D 8 39.46 31.96 -93.31
C LEU D 8 40.27 31.73 -92.08
N VAL D 9 41.35 30.98 -92.23
CA VAL D 9 42.25 30.67 -91.12
C VAL D 9 43.69 31.09 -91.43
N CYS D 10 44.32 31.84 -90.51
CA CYS D 10 45.71 32.28 -90.74
C CYS D 10 46.61 32.38 -89.51
N ASP D 11 47.49 31.38 -89.37
CA ASP D 11 48.42 31.27 -88.24
C ASP D 11 49.69 32.06 -88.56
N ASN D 12 49.61 33.38 -88.40
CA ASN D 12 50.72 34.26 -88.76
C ASN D 12 51.61 34.61 -87.54
N GLY D 13 52.79 33.99 -87.44
CA GLY D 13 53.66 34.22 -86.28
C GLY D 13 54.95 34.99 -86.60
N SER D 14 55.93 34.90 -85.68
CA SER D 14 57.24 35.58 -85.78
C SER D 14 58.16 35.03 -86.84
N GLY D 15 57.87 33.83 -87.29
CA GLY D 15 58.65 33.13 -88.30
C GLY D 15 57.86 33.10 -89.60
N LEU D 16 57.12 32.01 -89.75
CA LEU D 16 56.30 31.76 -90.93
C LEU D 16 54.82 32.00 -90.66
N VAL D 17 54.09 32.21 -91.76
CA VAL D 17 52.65 32.31 -91.74
C VAL D 17 51.97 31.24 -92.60
N LYS D 18 51.03 30.54 -91.97
CA LYS D 18 50.27 29.52 -92.68
C LYS D 18 48.81 29.91 -92.77
N ALA D 19 48.27 29.89 -93.98
CA ALA D 19 46.89 30.29 -94.17
C ALA D 19 46.16 29.46 -95.21
N GLY D 20 44.85 29.39 -95.07
CA GLY D 20 43.97 28.64 -95.97
C GLY D 20 42.52 28.84 -95.60
N PHE D 21 41.65 28.02 -96.18
CA PHE D 21 40.22 28.13 -95.96
C PHE D 21 39.73 27.10 -94.94
N ALA D 22 38.85 27.53 -94.03
CA ALA D 22 38.34 26.58 -93.06
C ALA D 22 37.58 25.48 -93.74
N GLY D 23 37.80 24.27 -93.25
CA GLY D 23 37.17 23.08 -93.75
C GLY D 23 38.16 22.27 -94.57
N ASP D 24 39.28 22.88 -94.98
CA ASP D 24 40.23 22.08 -95.75
C ASP D 24 41.20 21.40 -94.77
N ASP D 25 42.13 20.61 -95.32
CA ASP D 25 43.11 19.85 -94.54
C ASP D 25 44.54 20.35 -94.66
N ALA D 26 44.72 21.52 -95.23
CA ALA D 26 46.05 22.09 -95.36
C ALA D 26 45.94 23.59 -95.64
N PRO D 27 46.94 24.39 -95.26
CA PRO D 27 47.00 25.77 -95.63
C PRO D 27 47.26 25.80 -97.13
N ARG D 28 46.82 26.86 -97.80
CA ARG D 28 47.01 27.01 -99.23
C ARG D 28 48.13 28.01 -99.51
N ALA D 29 48.40 28.86 -98.54
CA ALA D 29 49.42 29.88 -98.61
C ALA D 29 50.43 29.74 -97.48
N VAL D 30 51.66 29.36 -97.81
CA VAL D 30 52.68 29.21 -96.77
C VAL D 30 53.86 30.12 -97.14
N PHE D 31 54.00 31.19 -96.38
CA PHE D 31 54.97 32.25 -96.64
C PHE D 31 55.65 32.68 -95.37
N PRO D 32 56.85 33.30 -95.42
CA PRO D 32 57.48 33.90 -94.27
C PRO D 32 56.78 35.18 -93.86
N SER D 33 56.81 35.52 -92.57
CA SER D 33 56.25 36.79 -92.09
C SER D 33 57.28 37.91 -92.25
N ILE D 34 57.65 38.17 -93.50
CA ILE D 34 58.71 39.13 -93.79
C ILE D 34 58.38 40.27 -94.72
N VAL D 35 58.81 41.46 -94.31
CA VAL D 35 58.77 42.62 -95.20
C VAL D 35 60.22 43.09 -95.37
N GLY D 36 60.69 43.07 -96.61
CA GLY D 36 62.07 43.42 -96.92
C GLY D 36 62.22 44.81 -97.45
N ARG D 37 63.37 45.42 -97.19
CA ARG D 37 63.63 46.75 -97.71
C ARG D 37 65.07 46.84 -98.23
N PRO D 38 65.34 47.57 -99.32
CA PRO D 38 66.66 47.70 -99.89
C PRO D 38 67.58 48.41 -98.94
N ARG D 39 68.83 47.98 -98.92
CA ARG D 39 69.86 48.63 -98.11
C ARG D 39 70.88 49.30 -99.02
N HIS D 40 70.50 49.43 -100.28
CA HIS D 40 71.31 50.03 -101.35
C HIS D 40 70.56 51.11 -102.10
N GLN D 41 71.33 52.02 -102.68
CA GLN D 41 70.81 53.08 -103.54
C GLN D 41 70.62 52.60 -104.97
N GLY D 42 69.42 52.80 -105.52
CA GLY D 42 69.15 52.38 -106.89
C GLY D 42 70.03 53.20 -107.81
N VAL D 43 70.58 52.55 -108.83
CA VAL D 43 71.45 53.24 -109.77
C VAL D 43 70.87 53.31 -111.18
N MET D 44 70.25 52.21 -111.63
CA MET D 44 69.71 52.15 -112.98
C MET D 44 68.28 52.69 -112.98
N VAL D 45 67.89 53.31 -114.09
CA VAL D 45 66.56 53.92 -114.29
C VAL D 45 65.58 52.99 -115.00
N GLY D 46 64.32 52.92 -114.51
CA GLY D 46 63.33 52.07 -115.16
C GLY D 46 63.46 50.60 -114.77
N MET D 47 63.93 50.35 -113.56
CA MET D 47 64.18 49.01 -113.04
C MET D 47 63.03 48.39 -112.27
N GLY D 48 61.89 49.08 -112.23
CA GLY D 48 60.77 48.59 -111.43
C GLY D 48 61.20 48.66 -109.97
N GLN D 49 61.15 47.52 -109.27
CA GLN D 49 61.51 47.38 -107.86
C GLN D 49 60.41 47.87 -106.96
N LYS D 50 60.49 47.48 -105.69
CA LYS D 50 59.44 47.76 -104.72
C LYS D 50 59.97 48.72 -103.65
N ASP D 51 59.07 49.39 -102.90
CA ASP D 51 59.50 50.21 -101.78
C ASP D 51 59.89 49.25 -100.67
N SER D 52 59.13 48.17 -100.64
CA SER D 52 59.29 47.07 -99.72
C SER D 52 58.78 45.80 -100.39
N TYR D 53 59.33 44.68 -99.99
CA TYR D 53 59.02 43.40 -100.61
C TYR D 53 58.29 42.55 -99.59
N VAL D 54 57.30 41.77 -100.02
CA VAL D 54 56.58 40.98 -99.01
C VAL D 54 56.55 39.46 -99.21
N GLY D 55 56.78 38.74 -98.11
CA GLY D 55 56.72 37.28 -98.14
C GLY D 55 57.82 36.69 -99.00
N ASP D 56 57.42 35.99 -100.04
CA ASP D 56 58.35 35.36 -100.94
C ASP D 56 59.11 36.38 -101.76
N GLU D 57 58.56 37.59 -101.93
CA GLU D 57 59.29 38.61 -102.67
C GLU D 57 60.49 39.03 -101.85
N ALA D 58 60.27 39.09 -100.52
CA ALA D 58 61.30 39.54 -99.61
C ALA D 58 62.45 38.56 -99.58
N GLN D 59 62.15 37.27 -99.60
CA GLN D 59 63.27 36.34 -99.66
C GLN D 59 63.86 36.25 -101.06
N SER D 60 63.06 36.35 -102.11
CA SER D 60 63.56 36.20 -103.48
C SER D 60 64.56 37.28 -103.88
N LYS D 61 64.35 38.50 -103.40
CA LYS D 61 65.20 39.64 -103.71
C LYS D 61 66.18 40.00 -102.58
N ARG D 62 66.31 39.10 -101.60
CA ARG D 62 67.08 39.30 -100.35
C ARG D 62 68.54 39.66 -100.51
N GLY D 63 69.14 39.40 -101.67
CA GLY D 63 70.56 39.68 -101.84
C GLY D 63 70.92 41.12 -101.48
N ILE D 64 70.01 42.08 -101.69
CA ILE D 64 70.27 43.47 -101.35
C ILE D 64 69.27 44.05 -100.34
N LEU D 65 68.54 43.19 -99.64
CA LEU D 65 67.53 43.67 -98.71
C LEU D 65 67.86 43.35 -97.27
N THR D 66 67.34 44.16 -96.37
CA THR D 66 67.40 43.86 -94.95
C THR D 66 66.02 43.29 -94.69
N LEU D 67 65.94 42.14 -94.02
CA LEU D 67 64.61 41.54 -93.83
C LEU D 67 64.13 41.56 -92.39
N LYS D 68 62.97 42.18 -92.19
CA LYS D 68 62.41 42.30 -90.85
C LYS D 68 61.12 41.53 -90.67
N TYR D 69 60.93 41.01 -89.47
CA TYR D 69 59.70 40.34 -89.11
C TYR D 69 58.91 41.34 -88.23
N PRO D 70 57.57 41.50 -88.42
CA PRO D 70 56.69 42.37 -87.65
C PRO D 70 56.30 41.88 -86.26
N ILE D 71 56.59 40.60 -86.01
CA ILE D 71 56.22 39.94 -84.77
C ILE D 71 57.43 39.54 -83.93
N GLU D 72 57.41 40.00 -82.68
CA GLU D 72 58.48 39.82 -81.72
C GLU D 72 58.08 38.92 -80.55
N HIS D 73 58.60 37.70 -80.52
CA HIS D 73 58.26 36.75 -79.46
C HIS D 73 56.76 36.56 -79.31
N GLY D 74 56.10 36.50 -80.46
CA GLY D 74 54.66 36.30 -80.53
C GLY D 74 53.79 37.56 -80.65
N ILE D 75 54.34 38.77 -80.41
CA ILE D 75 53.49 39.98 -80.50
C ILE D 75 53.80 40.90 -81.67
N ILE D 76 52.74 41.35 -82.34
CA ILE D 76 52.91 42.27 -83.44
C ILE D 76 53.28 43.63 -82.90
N THR D 77 54.41 44.13 -83.37
CA THR D 77 54.87 45.45 -82.98
C THR D 77 54.79 46.36 -84.21
N ASN D 78 54.73 45.73 -85.39
CA ASN D 78 54.62 46.49 -86.63
C ASN D 78 53.47 45.99 -87.46
N TRP D 79 52.34 46.64 -87.31
CA TRP D 79 51.12 46.23 -87.96
C TRP D 79 50.96 46.80 -89.35
N ASP D 80 51.93 47.60 -89.80
CA ASP D 80 51.81 48.13 -91.15
C ASP D 80 52.38 47.04 -92.04
N ASP D 81 53.42 46.39 -91.52
CA ASP D 81 54.02 45.28 -92.23
C ASP D 81 53.05 44.10 -92.17
N MET D 82 52.33 43.94 -91.06
CA MET D 82 51.34 42.87 -91.00
C MET D 82 50.24 43.09 -92.00
N GLU D 83 49.77 44.33 -92.18
CA GLU D 83 48.72 44.53 -93.16
C GLU D 83 49.22 44.08 -94.54
N LYS D 84 50.48 44.40 -94.90
CA LYS D 84 50.96 43.94 -96.20
C LYS D 84 51.10 42.42 -96.29
N ILE D 85 51.55 41.77 -95.21
CA ILE D 85 51.71 40.31 -95.20
C ILE D 85 50.36 39.64 -95.31
N TRP D 86 49.37 40.13 -94.54
CA TRP D 86 48.01 39.62 -94.57
C TRP D 86 47.36 39.93 -95.92
N HIS D 87 47.60 41.10 -96.47
CA HIS D 87 47.00 41.41 -97.76
C HIS D 87 47.52 40.42 -98.79
N HIS D 88 48.85 40.27 -98.83
CA HIS D 88 49.44 39.40 -99.80
C HIS D 88 48.95 37.97 -99.56
N THR D 89 49.03 37.48 -98.32
CA THR D 89 48.62 36.12 -98.04
C THR D 89 47.16 35.89 -98.44
N PHE D 90 46.26 36.79 -98.06
CA PHE D 90 44.85 36.61 -98.32
C PHE D 90 44.40 36.95 -99.74
N TYR D 91 44.75 38.13 -100.25
CA TYR D 91 44.27 38.56 -101.55
C TYR D 91 45.08 38.04 -102.71
N ASN D 92 46.39 37.93 -102.55
CA ASN D 92 47.18 37.50 -103.69
C ASN D 92 47.35 35.99 -103.75
N GLU D 93 47.54 35.36 -102.58
CA GLU D 93 47.80 33.93 -102.55
C GLU D 93 46.59 33.04 -102.22
N LEU D 94 45.75 33.43 -101.25
CA LEU D 94 44.56 32.62 -100.97
C LEU D 94 43.44 32.99 -101.93
N ARG D 95 43.63 34.10 -102.63
CA ARG D 95 42.69 34.68 -103.59
C ARG D 95 41.35 35.05 -102.95
N VAL D 96 41.40 35.59 -101.74
CA VAL D 96 40.19 35.96 -101.03
C VAL D 96 40.28 37.26 -100.24
N ALA D 97 39.20 38.02 -100.25
CA ALA D 97 39.14 39.19 -99.40
C ALA D 97 38.42 38.80 -98.10
N PRO D 98 38.95 39.12 -96.89
CA PRO D 98 38.32 38.89 -95.58
C PRO D 98 36.96 39.56 -95.51
N GLU D 99 36.73 40.54 -96.36
CA GLU D 99 35.48 41.28 -96.42
C GLU D 99 34.27 40.35 -96.53
N GLU D 100 34.39 39.23 -97.24
CA GLU D 100 33.24 38.34 -97.39
C GLU D 100 33.30 37.07 -96.51
N HIS D 101 34.28 36.98 -95.61
CA HIS D 101 34.47 35.76 -94.80
C HIS D 101 34.82 36.06 -93.33
N PRO D 102 34.35 35.30 -92.33
CA PRO D 102 34.81 35.40 -90.95
C PRO D 102 36.30 35.02 -90.97
N THR D 103 37.12 35.61 -90.11
CA THR D 103 38.55 35.24 -90.08
C THR D 103 39.05 34.83 -88.68
N LEU D 104 39.82 33.73 -88.65
CA LEU D 104 40.41 33.21 -87.43
C LEU D 104 41.94 33.40 -87.41
N LEU D 105 42.40 34.15 -86.42
CA LEU D 105 43.82 34.44 -86.17
C LEU D 105 44.19 33.75 -84.86
N THR D 106 45.49 33.55 -84.59
CA THR D 106 45.88 32.78 -83.42
C THR D 106 46.96 33.39 -82.50
N GLU D 107 46.98 32.95 -81.23
CA GLU D 107 47.97 33.40 -80.21
C GLU D 107 48.05 32.58 -78.90
N ALA D 108 49.25 32.45 -78.31
CA ALA D 108 49.43 31.77 -77.02
C ALA D 108 48.57 32.45 -75.93
N PRO D 109 48.04 31.71 -74.93
CA PRO D 109 47.28 32.25 -73.79
C PRO D 109 47.89 33.44 -73.04
N LEU D 110 49.22 33.52 -72.90
CA LEU D 110 49.85 34.64 -72.18
C LEU D 110 50.55 35.60 -73.11
N ASN D 111 50.23 35.53 -74.38
CA ASN D 111 50.74 36.45 -75.37
C ASN D 111 50.18 37.79 -74.89
N PRO D 112 50.93 38.89 -74.81
CA PRO D 112 50.44 40.14 -74.30
C PRO D 112 49.14 40.50 -75.03
N LYS D 113 48.19 41.01 -74.26
CA LYS D 113 46.81 41.31 -74.68
C LYS D 113 46.70 42.22 -75.89
N ALA D 114 47.63 43.14 -76.02
CA ALA D 114 47.60 44.04 -77.16
C ALA D 114 47.65 43.28 -78.49
N ASN D 115 48.19 42.07 -78.47
CA ASN D 115 48.30 41.24 -79.66
C ASN D 115 46.93 40.88 -80.21
N ARG D 116 46.02 40.52 -79.31
CA ARG D 116 44.66 40.16 -79.68
C ARG D 116 43.87 41.42 -80.01
N GLU D 117 44.26 42.52 -79.37
CA GLU D 117 43.60 43.80 -79.58
C GLU D 117 43.91 44.38 -80.95
N LYS D 118 45.06 44.00 -81.52
CA LYS D 118 45.42 44.51 -82.83
C LYS D 118 45.01 43.55 -83.93
N MET D 119 45.10 42.24 -83.72
CA MET D 119 44.67 41.35 -84.78
C MET D 119 43.19 41.56 -85.09
N THR D 120 42.39 41.77 -84.03
CA THR D 120 40.97 42.01 -84.16
C THR D 120 40.74 43.34 -84.89
N GLN D 121 41.47 44.39 -84.50
CA GLN D 121 41.31 45.70 -85.12
C GLN D 121 41.69 45.76 -86.58
N ILE D 122 42.80 45.13 -86.97
CA ILE D 122 43.20 45.26 -88.36
C ILE D 122 42.22 44.51 -89.25
N MET D 123 41.82 43.30 -88.86
CA MET D 123 40.87 42.64 -89.74
C MET D 123 39.54 43.38 -89.83
N PHE D 124 39.06 44.01 -88.75
CA PHE D 124 37.81 44.76 -88.86
C PHE D 124 37.93 46.12 -89.53
N GLU D 125 39.03 46.84 -89.32
CA GLU D 125 39.13 48.18 -89.87
C GLU D 125 39.89 48.32 -91.20
N THR D 126 40.86 47.43 -91.54
CA THR D 126 41.55 47.65 -92.80
C THR D 126 41.07 46.63 -93.83
N PHE D 127 40.60 45.48 -93.35
CA PHE D 127 40.12 44.44 -94.27
C PHE D 127 38.59 44.28 -94.29
N ASN D 128 37.91 44.98 -93.39
CA ASN D 128 36.44 44.95 -93.24
C ASN D 128 35.84 43.56 -93.08
N VAL D 129 36.49 42.71 -92.30
CA VAL D 129 36.03 41.34 -92.12
C VAL D 129 34.66 41.40 -91.40
N PRO D 130 33.64 40.63 -91.81
CA PRO D 130 32.34 40.62 -91.17
C PRO D 130 32.39 40.03 -89.77
N ALA D 131 33.42 39.24 -89.46
CA ALA D 131 33.52 38.66 -88.15
C ALA D 131 34.96 38.20 -87.79
N MET D 132 35.26 38.15 -86.48
CA MET D 132 36.58 37.69 -85.99
C MET D 132 36.64 36.79 -84.79
N TYR D 133 37.70 35.97 -84.74
CA TYR D 133 37.92 35.07 -83.61
C TYR D 133 39.41 34.76 -83.39
N VAL D 134 39.98 35.18 -82.27
CA VAL D 134 41.37 34.89 -82.01
C VAL D 134 41.41 33.61 -81.20
N ALA D 135 42.07 32.61 -81.74
CA ALA D 135 42.12 31.30 -81.15
C ALA D 135 43.36 31.04 -80.34
N ILE D 136 43.20 30.14 -79.38
CA ILE D 136 44.29 29.66 -78.57
C ILE D 136 45.03 28.59 -79.36
N GLN D 137 46.33 28.74 -79.51
CA GLN D 137 47.11 27.78 -80.30
C GLN D 137 47.09 26.36 -79.72
N ALA D 138 47.06 26.24 -78.39
CA ALA D 138 47.01 24.94 -77.74
C ALA D 138 45.69 24.23 -78.06
N VAL D 139 44.62 25.01 -78.15
CA VAL D 139 43.32 24.47 -78.48
C VAL D 139 43.34 23.93 -79.88
N LEU D 140 43.94 24.69 -80.77
CA LEU D 140 43.98 24.25 -82.14
C LEU D 140 44.84 22.98 -82.26
N SER D 141 45.93 22.89 -81.51
CA SER D 141 46.75 21.69 -81.54
C SER D 141 45.97 20.46 -81.09
N LEU D 142 45.20 20.61 -80.01
CA LEU D 142 44.41 19.49 -79.54
C LEU D 142 43.34 19.12 -80.55
N TYR D 143 42.72 20.10 -81.23
CA TYR D 143 41.74 19.65 -82.22
C TYR D 143 42.43 18.91 -83.36
N ALA D 144 43.56 19.43 -83.85
CA ALA D 144 44.27 18.86 -84.98
C ALA D 144 44.76 17.45 -84.71
N SER D 145 45.19 17.23 -83.49
CA SER D 145 45.74 15.96 -83.03
C SER D 145 44.70 14.95 -82.55
N GLY D 146 43.41 15.32 -82.50
CA GLY D 146 42.42 14.38 -81.98
C GLY D 146 42.43 14.23 -80.46
N ARG D 147 42.71 15.32 -79.74
CA ARG D 147 42.77 15.30 -78.28
C ARG D 147 41.94 16.42 -77.63
N THR D 148 41.57 16.20 -76.36
CA THR D 148 40.85 17.21 -75.58
C THR D 148 41.69 17.44 -74.35
N THR D 149 42.57 16.48 -74.17
CA THR D 149 43.42 16.42 -73.02
C THR D 149 44.86 16.18 -73.39
N GLY D 150 45.75 16.97 -72.81
CA GLY D 150 47.19 16.83 -72.98
C GLY D 150 47.96 18.11 -72.68
N ILE D 151 49.27 18.03 -72.73
CA ILE D 151 50.10 19.22 -72.51
C ILE D 151 50.50 19.74 -73.84
N VAL D 152 50.18 20.98 -74.18
CA VAL D 152 50.65 21.38 -75.49
C VAL D 152 51.92 22.16 -75.37
N LEU D 153 52.99 21.56 -75.89
CA LEU D 153 54.32 22.13 -75.89
C LEU D 153 54.47 22.58 -77.33
N ASP D 154 54.34 23.87 -77.53
CA ASP D 154 54.27 24.47 -78.85
C ASP D 154 55.52 25.00 -79.50
N SER D 155 56.67 24.75 -78.89
CA SER D 155 57.99 25.09 -79.45
C SER D 155 57.98 26.17 -80.53
N GLY D 156 57.61 27.41 -80.23
CA GLY D 156 57.43 28.33 -81.32
C GLY D 156 58.75 28.91 -81.78
N ASP D 157 58.64 29.80 -82.77
CA ASP D 157 59.76 30.50 -83.37
C ASP D 157 60.26 31.59 -82.44
N GLY D 158 59.35 32.25 -81.72
CA GLY D 158 59.75 33.33 -80.83
C GLY D 158 59.54 33.03 -79.33
N VAL D 159 58.69 32.06 -79.01
CA VAL D 159 58.38 31.71 -77.63
C VAL D 159 57.84 30.28 -77.50
N THR D 160 58.10 29.62 -76.37
CA THR D 160 57.49 28.33 -76.06
C THR D 160 56.50 28.62 -74.93
N HIS D 161 55.22 28.25 -75.10
CA HIS D 161 54.23 28.58 -74.11
C HIS D 161 54.01 27.48 -73.07
N ASN D 162 53.76 26.28 -73.55
CA ASN D 162 53.52 25.12 -72.70
C ASN D 162 52.28 25.16 -71.78
N VAL D 163 51.09 24.81 -72.31
CA VAL D 163 49.88 24.85 -71.46
C VAL D 163 49.12 23.52 -71.34
N PRO D 164 48.88 23.00 -70.12
CA PRO D 164 48.07 21.83 -69.83
C PRO D 164 46.59 22.10 -70.01
N ILE D 165 45.91 21.20 -70.72
CA ILE D 165 44.47 21.25 -70.94
C ILE D 165 43.83 19.88 -70.59
N TYR D 166 42.75 19.89 -69.80
CA TYR D 166 42.05 18.65 -69.43
C TYR D 166 40.57 18.73 -69.73
N GLU D 167 40.04 17.78 -70.49
CA GLU D 167 38.63 17.81 -70.89
C GLU D 167 38.25 19.13 -71.55
N GLY D 168 39.16 19.72 -72.29
CA GLY D 168 38.88 20.99 -72.92
C GLY D 168 39.02 22.22 -72.02
N TYR D 169 39.54 22.07 -70.80
CA TYR D 169 39.70 23.18 -69.85
C TYR D 169 41.15 23.48 -69.64
N ALA D 170 41.49 24.74 -69.48
CA ALA D 170 42.89 25.01 -69.22
C ALA D 170 43.14 24.94 -67.74
N LEU D 171 44.36 24.58 -67.39
CA LEU D 171 44.81 24.61 -66.03
C LEU D 171 45.89 25.72 -65.99
N PRO D 172 45.51 27.03 -66.00
CA PRO D 172 46.40 28.16 -66.21
C PRO D 172 47.49 28.35 -65.16
N HIS D 173 47.29 27.82 -63.97
CA HIS D 173 48.27 27.98 -62.92
C HIS D 173 49.49 27.10 -63.20
N ALA D 174 49.32 26.15 -64.11
CA ALA D 174 50.32 25.19 -64.46
C ALA D 174 50.99 25.54 -65.80
N ILE D 175 50.78 26.75 -66.32
CA ILE D 175 51.47 27.18 -67.55
C ILE D 175 52.92 27.47 -67.23
N MET D 176 53.83 26.92 -68.01
CA MET D 176 55.26 27.09 -67.75
C MET D 176 56.00 27.68 -68.97
N ARG D 177 55.75 28.97 -69.23
CA ARG D 177 56.26 29.66 -70.43
C ARG D 177 57.77 29.91 -70.39
N LEU D 178 58.45 29.70 -71.52
CA LEU D 178 59.89 29.92 -71.61
C LEU D 178 60.30 30.86 -72.74
N ASP D 179 61.26 31.74 -72.46
CA ASP D 179 61.83 32.58 -73.52
C ASP D 179 62.98 31.80 -74.18
N LEU D 180 62.56 30.69 -74.80
CA LEU D 180 63.37 29.69 -75.50
C LEU D 180 62.66 29.33 -76.80
N ALA D 181 63.30 29.62 -77.94
CA ALA D 181 62.59 29.41 -79.20
C ALA D 181 63.47 29.10 -80.43
N GLY D 182 62.80 28.72 -81.53
CA GLY D 182 63.46 28.38 -82.79
C GLY D 182 64.42 29.46 -83.31
N ARG D 183 64.11 30.72 -83.02
CA ARG D 183 64.94 31.84 -83.45
C ARG D 183 66.25 31.93 -82.66
N ASP D 184 66.26 31.38 -81.45
CA ASP D 184 67.45 31.41 -80.62
C ASP D 184 68.32 30.26 -81.05
N LEU D 185 67.69 29.20 -81.54
CA LEU D 185 68.44 28.03 -81.96
C LEU D 185 69.27 28.47 -83.19
N THR D 186 68.67 29.31 -84.06
CA THR D 186 69.34 29.83 -85.26
C THR D 186 70.53 30.70 -84.85
N ASP D 187 70.33 31.57 -83.85
CA ASP D 187 71.40 32.46 -83.41
C ASP D 187 72.57 31.64 -82.83
N TYR D 188 72.25 30.61 -82.05
CA TYR D 188 73.29 29.77 -81.47
C TYR D 188 74.10 29.12 -82.58
N LEU D 189 73.41 28.58 -83.60
CA LEU D 189 74.10 27.89 -84.67
C LEU D 189 75.06 28.83 -85.37
N MET D 190 74.66 30.06 -85.67
CA MET D 190 75.63 30.91 -86.36
C MET D 190 76.85 31.25 -85.51
N LYS D 191 76.71 31.28 -84.18
CA LYS D 191 77.90 31.56 -83.38
C LYS D 191 78.86 30.37 -83.44
N ILE D 192 78.32 29.15 -83.39
CA ILE D 192 79.19 27.98 -83.45
C ILE D 192 79.70 27.73 -84.90
N LEU D 193 78.95 28.19 -85.92
CA LEU D 193 79.47 28.06 -87.29
C LEU D 193 80.61 29.06 -87.48
N THR D 194 80.58 30.19 -86.73
CA THR D 194 81.65 31.17 -86.74
C THR D 194 82.91 30.50 -86.16
N GLU D 195 82.74 29.70 -85.09
CA GLU D 195 83.86 28.99 -84.46
C GLU D 195 84.54 28.08 -85.51
N ARG D 196 83.74 27.52 -86.44
CA ARG D 196 84.24 26.64 -87.51
C ARG D 196 84.89 27.41 -88.68
N GLY D 197 84.83 28.74 -88.68
CA GLY D 197 85.38 29.54 -89.77
C GLY D 197 84.36 30.10 -90.76
N TYR D 198 83.07 29.98 -90.47
CA TYR D 198 82.02 30.47 -91.33
C TYR D 198 81.14 31.47 -90.62
N SER D 199 81.51 32.74 -90.71
CA SER D 199 80.79 33.79 -90.03
C SER D 199 79.56 34.23 -90.84
N PHE D 200 78.44 34.38 -90.15
CA PHE D 200 77.17 34.83 -90.73
C PHE D 200 76.65 36.05 -89.96
N VAL D 201 76.76 37.25 -90.55
CA VAL D 201 76.36 38.48 -89.86
C VAL D 201 75.28 39.36 -90.54
N THR D 202 74.97 39.11 -91.81
CA THR D 202 73.97 39.93 -92.55
C THR D 202 72.66 39.16 -92.66
N THR D 203 71.59 39.79 -93.17
CA THR D 203 70.32 39.07 -93.35
C THR D 203 70.43 37.90 -94.29
N ALA D 204 71.10 38.07 -95.43
CA ALA D 204 71.17 36.95 -96.36
C ALA D 204 71.84 35.78 -95.64
N GLU D 205 72.84 36.10 -94.83
CA GLU D 205 73.56 35.09 -94.07
C GLU D 205 72.69 34.48 -92.96
N ARG D 206 71.84 35.30 -92.33
CA ARG D 206 70.96 34.83 -91.28
C ARG D 206 69.96 33.81 -91.82
N GLU D 207 69.47 34.12 -93.02
CA GLU D 207 68.52 33.26 -93.72
C GLU D 207 69.21 31.94 -94.04
N ILE D 208 70.47 32.00 -94.47
CA ILE D 208 71.16 30.76 -94.77
C ILE D 208 71.25 29.90 -93.52
N VAL D 209 71.59 30.50 -92.39
CA VAL D 209 71.74 29.70 -91.18
C VAL D 209 70.44 29.02 -90.79
N ARG D 210 69.31 29.71 -90.99
CA ARG D 210 68.01 29.13 -90.66
C ARG D 210 67.68 27.99 -91.63
N ASP D 211 68.24 28.06 -92.84
CA ASP D 211 68.01 27.04 -93.86
C ASP D 211 68.89 25.83 -93.54
N ILE D 212 70.09 26.08 -93.03
CA ILE D 212 70.99 25.01 -92.63
C ILE D 212 70.35 24.26 -91.50
N LYS D 213 69.86 24.99 -90.49
CA LYS D 213 69.24 24.34 -89.36
C LYS D 213 68.10 23.45 -89.77
N GLU D 214 67.20 23.99 -90.60
CA GLU D 214 66.00 23.30 -91.01
C GLU D 214 66.28 22.02 -91.82
N LYS D 215 67.37 22.02 -92.62
CA LYS D 215 67.73 20.84 -93.42
C LYS D 215 68.76 19.87 -92.80
N LEU D 216 69.72 20.36 -92.01
CA LEU D 216 70.79 19.52 -91.48
C LEU D 216 70.71 19.12 -90.02
N CYS D 217 70.00 19.87 -89.18
CA CYS D 217 70.04 19.60 -87.76
C CYS D 217 69.10 18.53 -87.24
N TYR D 218 69.51 17.94 -86.10
CA TYR D 218 68.75 16.89 -85.42
C TYR D 218 69.03 16.85 -83.92
N VAL D 219 68.20 16.12 -83.17
CA VAL D 219 68.46 15.97 -81.74
C VAL D 219 68.95 14.58 -81.33
N ALA D 220 68.45 13.53 -82.02
CA ALA D 220 68.74 12.14 -81.67
C ALA D 220 68.21 11.86 -80.27
N LEU D 221 68.49 10.67 -79.73
CA LEU D 221 67.95 10.37 -78.42
C LEU D 221 68.91 10.64 -77.26
N ASP D 222 70.22 10.73 -77.53
CA ASP D 222 71.20 10.96 -76.46
C ASP D 222 72.30 11.92 -76.92
N PHE D 223 72.15 13.18 -76.53
CA PHE D 223 73.03 14.26 -76.97
C PHE D 223 74.48 14.11 -76.58
N GLU D 224 74.73 13.79 -75.32
CA GLU D 224 76.10 13.78 -74.87
C GLU D 224 76.87 12.66 -75.55
N ASN D 225 76.23 11.51 -75.78
CA ASN D 225 76.93 10.44 -76.47
C ASN D 225 77.06 10.77 -77.96
N GLU D 226 76.07 11.46 -78.52
CA GLU D 226 76.10 11.80 -79.93
C GLU D 226 77.24 12.79 -80.16
N MET D 227 77.41 13.76 -79.23
CA MET D 227 78.48 14.75 -79.29
C MET D 227 79.82 14.10 -79.08
N ALA D 228 79.91 13.11 -78.19
CA ALA D 228 81.20 12.48 -78.01
C ALA D 228 81.67 11.88 -79.33
N THR D 229 80.73 11.31 -80.10
CA THR D 229 81.10 10.76 -81.40
C THR D 229 81.35 11.84 -82.45
N ALA D 230 80.44 12.80 -82.57
CA ALA D 230 80.57 13.83 -83.61
C ALA D 230 81.80 14.70 -83.40
N ALA D 231 82.19 14.90 -82.15
CA ALA D 231 83.36 15.68 -81.82
C ALA D 231 84.64 14.90 -82.09
N SER D 232 84.54 13.58 -82.29
CA SER D 232 85.68 12.71 -82.48
C SER D 232 85.84 12.24 -83.94
N SER D 233 84.76 12.31 -84.75
CA SER D 233 84.85 11.80 -86.11
C SER D 233 84.07 12.55 -87.19
N SER D 234 84.74 12.66 -88.35
CA SER D 234 84.25 13.32 -89.56
C SER D 234 83.07 12.60 -90.17
N SER D 235 82.82 11.36 -89.74
CA SER D 235 81.72 10.55 -90.24
C SER D 235 80.37 11.16 -89.86
N LEU D 236 80.37 12.11 -88.92
CA LEU D 236 79.16 12.78 -88.51
C LEU D 236 78.94 14.13 -89.19
N GLU D 237 79.82 14.52 -90.12
CA GLU D 237 79.63 15.79 -90.80
C GLU D 237 78.70 15.69 -92.00
N LYS D 238 77.99 16.77 -92.23
CA LYS D 238 77.13 16.88 -93.39
C LYS D 238 77.34 18.20 -94.12
N SER D 239 77.47 18.11 -95.44
CA SER D 239 77.66 19.27 -96.29
C SER D 239 76.36 20.00 -96.61
N TYR D 240 76.46 21.32 -96.63
CA TYR D 240 75.39 22.21 -97.03
C TYR D 240 75.87 23.16 -98.12
N GLU D 241 75.06 23.34 -99.16
CA GLU D 241 75.41 24.23 -100.25
C GLU D 241 75.04 25.67 -99.97
N LEU D 242 76.03 26.54 -99.98
CA LEU D 242 75.83 27.94 -99.72
C LEU D 242 75.41 28.52 -101.09
N PRO D 243 74.65 29.62 -101.15
CA PRO D 243 74.16 30.26 -102.36
C PRO D 243 75.20 30.63 -103.42
N ASP D 244 76.46 30.82 -103.04
CA ASP D 244 77.44 31.20 -104.04
C ASP D 244 78.23 30.02 -104.61
N GLY D 245 77.85 28.79 -104.28
CA GLY D 245 78.55 27.61 -104.80
C GLY D 245 79.58 27.05 -103.82
N GLN D 246 79.83 27.76 -102.72
CA GLN D 246 80.77 27.28 -101.73
C GLN D 246 80.02 26.37 -100.79
N VAL D 247 80.75 25.55 -100.04
CA VAL D 247 80.06 24.68 -99.10
C VAL D 247 80.59 24.85 -97.70
N ILE D 248 79.75 24.45 -96.76
CA ILE D 248 80.04 24.41 -95.34
C ILE D 248 79.79 23.01 -94.84
N THR D 249 80.68 22.47 -94.02
CA THR D 249 80.37 21.17 -93.45
C THR D 249 80.16 21.45 -92.00
N ILE D 250 79.18 20.76 -91.43
CA ILE D 250 78.79 20.92 -90.05
C ILE D 250 78.87 19.59 -89.31
N GLY D 251 79.54 19.56 -88.14
CA GLY D 251 79.77 18.34 -87.36
C GLY D 251 78.86 18.25 -86.15
N ASN D 252 79.39 18.46 -84.95
CA ASN D 252 78.55 18.33 -83.77
C ASN D 252 77.62 19.53 -83.62
N GLU D 253 77.86 20.56 -84.42
CA GLU D 253 77.09 21.79 -84.40
C GLU D 253 75.70 21.52 -84.94
N ARG D 254 75.62 20.42 -85.68
CA ARG D 254 74.46 19.90 -86.34
C ARG D 254 73.42 19.53 -85.30
N PHE D 255 73.87 19.16 -84.11
CA PHE D 255 72.95 18.78 -83.03
C PHE D 255 73.05 19.73 -81.84
N ARG D 256 74.18 20.40 -81.69
CA ARG D 256 74.35 21.35 -80.56
C ARG D 256 73.31 22.45 -80.67
N CYS D 257 72.97 22.84 -81.90
CA CYS D 257 71.93 23.84 -82.07
C CYS D 257 70.57 23.38 -81.50
N PRO D 258 69.92 22.31 -82.00
CA PRO D 258 68.69 21.74 -81.49
C PRO D 258 68.70 21.43 -80.00
N GLU D 259 69.86 21.05 -79.48
CA GLU D 259 70.03 20.68 -78.08
C GLU D 259 69.72 21.81 -77.14
N THR D 260 69.77 23.06 -77.60
CA THR D 260 69.49 24.19 -76.75
C THR D 260 68.08 24.07 -76.17
N LEU D 261 67.18 23.38 -76.88
CA LEU D 261 65.83 23.17 -76.40
C LEU D 261 65.82 22.33 -75.13
N PHE D 262 66.83 21.48 -74.94
CA PHE D 262 66.95 20.62 -73.78
C PHE D 262 67.96 21.22 -72.80
N GLN D 263 68.86 22.03 -73.34
CA GLN D 263 69.88 22.73 -72.55
C GLN D 263 69.92 24.20 -72.99
N PRO D 264 69.01 25.02 -72.43
CA PRO D 264 68.82 26.45 -72.72
C PRO D 264 69.99 27.32 -72.29
N SER D 265 70.85 26.77 -71.42
CA SER D 265 72.02 27.45 -70.93
C SER D 265 72.98 27.74 -72.09
N PHE D 266 72.79 27.02 -73.22
CA PHE D 266 73.59 27.17 -74.43
C PHE D 266 73.42 28.58 -75.01
N ILE D 267 72.29 29.23 -74.73
CA ILE D 267 71.99 30.57 -75.21
C ILE D 267 71.82 31.55 -74.06
N GLY D 268 72.30 31.17 -72.88
CA GLY D 268 72.22 32.04 -71.70
C GLY D 268 70.86 32.03 -70.99
N MET D 269 69.97 31.10 -71.32
CA MET D 269 68.65 31.09 -70.70
C MET D 269 68.62 30.31 -69.40
N GLU D 270 67.92 30.88 -68.42
CA GLU D 270 67.79 30.24 -67.13
C GLU D 270 66.61 29.27 -67.18
N SER D 271 66.84 28.13 -67.80
CA SER D 271 65.81 27.13 -68.00
C SER D 271 66.31 25.71 -68.04
N ALA D 272 65.44 24.80 -67.63
CA ALA D 272 65.71 23.37 -67.63
C ALA D 272 65.35 22.69 -68.96
N GLY D 273 64.82 23.45 -69.91
CA GLY D 273 64.45 22.90 -71.21
C GLY D 273 62.99 22.52 -71.37
N ILE D 274 62.65 22.13 -72.59
CA ILE D 274 61.28 21.82 -73.00
C ILE D 274 60.66 20.56 -72.36
N HIS D 275 61.47 19.55 -72.04
CA HIS D 275 60.93 18.36 -71.42
C HIS D 275 60.63 18.58 -69.95
N GLU D 276 61.34 19.50 -69.32
CA GLU D 276 61.11 19.73 -67.91
C GLU D 276 59.93 20.64 -67.75
N THR D 277 59.77 21.61 -68.66
CA THR D 277 58.59 22.45 -68.54
C THR D 277 57.35 21.59 -68.83
N THR D 278 57.44 20.61 -69.75
CA THR D 278 56.27 19.76 -70.02
C THR D 278 55.91 19.03 -68.72
N TYR D 279 56.94 18.48 -68.08
CA TYR D 279 56.77 17.75 -66.83
C TYR D 279 56.21 18.63 -65.71
N ASN D 280 56.73 19.85 -65.55
CA ASN D 280 56.25 20.72 -64.49
C ASN D 280 54.78 21.12 -64.68
N SER D 281 54.34 21.28 -65.93
CA SER D 281 52.94 21.60 -66.14
C SER D 281 52.05 20.45 -65.70
N ILE D 282 52.50 19.22 -65.92
CA ILE D 282 51.73 18.07 -65.49
C ILE D 282 51.74 18.04 -63.96
N MET D 283 52.93 18.22 -63.38
CA MET D 283 53.15 18.16 -61.95
C MET D 283 52.27 19.12 -61.15
N LYS D 284 51.99 20.30 -61.70
CA LYS D 284 51.17 21.28 -61.00
C LYS D 284 49.66 21.11 -61.19
N CYS D 285 49.24 20.14 -61.99
CA CYS D 285 47.83 19.88 -62.21
C CYS D 285 47.34 18.92 -61.11
N ASP D 286 46.03 18.87 -60.88
CA ASP D 286 45.53 17.98 -59.82
C ASP D 286 45.88 16.53 -60.07
N ILE D 287 46.00 15.78 -58.98
CA ILE D 287 46.41 14.39 -59.06
C ILE D 287 45.57 13.48 -59.96
N ASP D 288 44.28 13.77 -60.14
CA ASP D 288 43.44 12.95 -61.01
C ASP D 288 43.41 13.46 -62.47
N ILE D 289 44.20 14.50 -62.73
CA ILE D 289 44.40 15.08 -64.05
C ILE D 289 45.71 14.55 -64.64
N ARG D 290 46.73 14.54 -63.79
CA ARG D 290 48.08 14.13 -64.14
C ARG D 290 48.22 12.87 -64.98
N LYS D 291 47.44 11.84 -64.67
CA LYS D 291 47.59 10.60 -65.42
C LYS D 291 47.24 10.76 -66.90
N ASP D 292 46.32 11.67 -67.20
CA ASP D 292 45.87 11.82 -68.56
C ASP D 292 46.80 12.76 -69.28
N LEU D 293 47.41 13.67 -68.53
CA LEU D 293 48.35 14.57 -69.17
C LEU D 293 49.68 13.83 -69.44
N TYR D 294 50.08 12.87 -68.58
CA TYR D 294 51.34 12.13 -68.83
C TYR D 294 51.24 11.28 -70.07
N ALA D 295 50.03 10.75 -70.30
CA ALA D 295 49.75 9.90 -71.44
C ALA D 295 49.57 10.71 -72.72
N ASN D 296 49.57 12.04 -72.61
CA ASN D 296 49.36 12.91 -73.72
C ASN D 296 50.26 14.16 -73.72
N ASN D 297 51.55 13.97 -73.99
CA ASN D 297 52.44 15.12 -74.14
C ASN D 297 52.26 15.49 -75.61
N VAL D 298 51.69 16.66 -75.89
CA VAL D 298 51.32 16.99 -77.26
C VAL D 298 52.20 18.01 -77.96
N MET D 299 52.76 17.61 -79.10
CA MET D 299 53.59 18.53 -79.85
C MET D 299 52.80 19.48 -80.70
N SER D 300 53.27 20.71 -80.77
CA SER D 300 52.70 21.73 -81.61
C SER D 300 53.80 22.62 -82.12
N GLY D 301 53.58 23.22 -83.26
CA GLY D 301 54.58 24.13 -83.80
C GLY D 301 55.66 23.33 -84.49
N GLY D 302 56.69 24.05 -84.92
CA GLY D 302 57.85 23.48 -85.62
C GLY D 302 58.94 23.03 -84.66
N THR D 303 60.15 22.69 -85.19
CA THR D 303 61.32 22.10 -84.44
C THR D 303 61.04 20.63 -84.03
N THR D 304 59.78 20.25 -84.13
CA THR D 304 59.18 18.98 -83.83
C THR D 304 59.48 18.00 -84.96
N MET D 305 60.08 18.55 -86.01
CA MET D 305 60.51 17.80 -87.17
C MET D 305 61.99 17.38 -87.08
N TYR D 306 62.70 17.72 -85.98
CA TYR D 306 64.10 17.28 -85.89
C TYR D 306 64.13 15.77 -85.78
N PRO D 307 65.01 15.04 -86.49
CA PRO D 307 65.14 13.63 -86.31
C PRO D 307 65.42 13.34 -84.84
N GLY D 308 64.66 12.39 -84.28
CA GLY D 308 64.76 11.95 -82.89
C GLY D 308 63.97 12.79 -81.87
N ILE D 309 63.30 13.87 -82.27
CA ILE D 309 62.64 14.72 -81.26
C ILE D 309 61.40 14.13 -80.58
N ALA D 310 60.56 13.40 -81.29
CA ALA D 310 59.39 12.86 -80.61
C ALA D 310 59.81 11.89 -79.54
N ASP D 311 60.88 11.18 -79.85
CA ASP D 311 61.40 10.13 -79.03
C ASP D 311 62.26 10.71 -77.92
N ARG D 312 62.96 11.80 -78.24
CA ARG D 312 63.78 12.49 -77.26
C ARG D 312 62.89 13.05 -76.17
N MET D 313 61.75 13.62 -76.56
CA MET D 313 60.82 14.15 -75.58
C MET D 313 60.21 13.06 -74.72
N GLN D 314 59.81 11.94 -75.31
CA GLN D 314 59.22 10.90 -74.48
C GLN D 314 60.25 10.39 -73.47
N LYS D 315 61.50 10.21 -73.92
CA LYS D 315 62.58 9.72 -73.08
C LYS D 315 62.90 10.67 -71.93
N GLU D 316 63.01 11.95 -72.25
CA GLU D 316 63.35 12.94 -71.23
C GLU D 316 62.22 13.14 -70.24
N ILE D 317 60.96 13.02 -70.68
CA ILE D 317 59.85 13.18 -69.76
C ILE D 317 59.67 11.94 -68.91
N THR D 318 59.78 10.74 -69.49
CA THR D 318 59.57 9.52 -68.71
C THR D 318 60.65 9.44 -67.62
N ALA D 319 61.82 10.03 -67.89
CA ALA D 319 62.91 10.09 -66.93
C ALA D 319 62.60 10.99 -65.71
N LEU D 320 61.64 11.93 -65.84
CA LEU D 320 61.26 12.85 -64.76
C LEU D 320 60.00 12.35 -64.05
N ALA D 321 59.16 11.70 -64.84
CA ALA D 321 57.87 11.15 -64.45
C ALA D 321 58.04 9.99 -63.46
N PRO D 322 57.03 9.69 -62.63
CA PRO D 322 56.99 8.57 -61.71
C PRO D 322 56.86 7.24 -62.43
N SER D 323 57.22 6.16 -61.73
CA SER D 323 57.08 4.80 -62.24
C SER D 323 55.62 4.42 -62.22
N THR D 324 55.26 3.29 -62.86
CA THR D 324 53.88 2.79 -63.03
C THR D 324 53.15 3.57 -64.14
N MET D 325 53.26 4.88 -64.07
CA MET D 325 52.67 5.83 -65.00
C MET D 325 53.15 5.65 -66.43
N LYS D 326 52.21 5.82 -67.37
CA LYS D 326 52.54 5.74 -68.79
C LYS D 326 52.78 7.10 -69.37
N ILE D 327 53.95 7.27 -69.97
CA ILE D 327 54.31 8.51 -70.61
C ILE D 327 54.36 8.30 -72.10
N LYS D 328 53.57 9.08 -72.83
CA LYS D 328 53.44 8.96 -74.28
C LYS D 328 53.57 10.30 -74.98
N ILE D 329 54.17 10.27 -76.17
CA ILE D 329 54.31 11.49 -76.95
C ILE D 329 53.32 11.48 -78.10
N ILE D 330 52.62 12.58 -78.27
CA ILE D 330 51.71 12.69 -79.36
C ILE D 330 52.43 13.57 -80.38
N ALA D 331 52.89 12.95 -81.46
CA ALA D 331 53.70 13.67 -82.44
C ALA D 331 53.20 13.36 -83.83
N PRO D 332 52.04 13.92 -84.22
CA PRO D 332 51.32 13.63 -85.44
C PRO D 332 52.06 14.24 -86.61
N PRO D 333 51.81 13.81 -87.85
CA PRO D 333 52.37 14.37 -89.08
C PRO D 333 51.91 15.81 -89.29
N GLU D 334 50.81 16.16 -88.63
CA GLU D 334 50.28 17.51 -88.69
C GLU D 334 51.15 18.41 -87.82
N ARG D 335 52.42 18.03 -87.68
CA ARG D 335 53.38 18.78 -86.89
C ARG D 335 53.71 20.06 -87.65
N LYS D 336 54.04 21.12 -86.92
CA LYS D 336 54.32 22.46 -87.46
C LYS D 336 53.09 23.05 -88.16
N TYR D 337 52.26 22.19 -88.75
CA TYR D 337 51.03 22.67 -89.37
C TYR D 337 49.79 22.48 -88.48
N SER D 338 49.95 21.96 -87.26
CA SER D 338 48.82 21.60 -86.41
C SER D 338 48.02 22.78 -85.92
N VAL D 339 48.63 23.94 -85.83
CA VAL D 339 47.86 25.09 -85.41
C VAL D 339 46.93 25.47 -86.56
N TRP D 340 47.46 25.50 -87.80
CA TRP D 340 46.59 25.83 -88.92
C TRP D 340 45.47 24.80 -89.04
N ILE D 341 45.81 23.50 -88.95
CA ILE D 341 44.82 22.44 -89.11
C ILE D 341 43.77 22.59 -88.04
N GLY D 342 44.19 22.86 -86.81
CA GLY D 342 43.25 23.03 -85.74
C GLY D 342 42.34 24.21 -86.00
N GLY D 343 42.88 25.29 -86.61
CA GLY D 343 42.11 26.49 -86.92
C GLY D 343 40.98 26.14 -87.87
N SER D 344 41.29 25.30 -88.86
CA SER D 344 40.30 24.83 -89.83
C SER D 344 39.22 24.02 -89.12
N ILE D 345 39.64 23.13 -88.21
CA ILE D 345 38.69 22.29 -87.49
C ILE D 345 37.82 23.13 -86.58
N LEU D 346 38.40 24.08 -85.84
CA LEU D 346 37.61 24.89 -84.95
C LEU D 346 36.63 25.76 -85.71
N ALA D 347 37.11 26.42 -86.76
CA ALA D 347 36.30 27.33 -87.55
C ALA D 347 35.09 26.64 -88.18
N SER D 348 35.24 25.37 -88.57
CA SER D 348 34.18 24.61 -89.19
C SER D 348 33.19 23.95 -88.21
N LEU D 349 33.44 24.01 -86.88
CA LEU D 349 32.55 23.31 -85.95
C LEU D 349 31.22 24.01 -85.82
N SER D 350 30.13 23.25 -85.75
CA SER D 350 28.81 23.87 -85.58
C SER D 350 28.69 24.59 -84.23
N THR D 351 29.45 24.09 -83.25
CA THR D 351 29.47 24.60 -81.90
C THR D 351 30.25 25.90 -81.78
N PHE D 352 30.97 26.25 -82.83
CA PHE D 352 31.79 27.44 -82.90
C PHE D 352 31.18 28.49 -83.82
N GLN D 353 29.98 28.24 -84.38
CA GLN D 353 29.52 29.20 -85.37
C GLN D 353 28.97 30.47 -84.76
N GLN D 354 28.80 30.46 -83.45
CA GLN D 354 28.32 31.60 -82.70
C GLN D 354 29.48 32.32 -82.01
N MET D 355 30.71 31.84 -82.20
CA MET D 355 31.86 32.42 -81.50
C MET D 355 32.59 33.59 -82.13
N TRP D 356 32.33 33.94 -83.38
CA TRP D 356 33.09 35.04 -83.92
C TRP D 356 32.41 36.35 -83.51
N ILE D 357 33.23 37.36 -83.29
CA ILE D 357 32.83 38.72 -82.96
C ILE D 357 32.27 39.24 -84.24
N THR D 358 31.09 39.83 -84.25
CA THR D 358 30.60 40.32 -85.53
C THR D 358 31.04 41.75 -85.82
N LYS D 359 30.92 42.18 -87.08
CA LYS D 359 31.23 43.56 -87.41
C LYS D 359 29.98 44.39 -87.14
N GLN D 360 29.80 44.60 -85.87
CA GLN D 360 28.72 45.29 -85.20
C GLN D 360 29.11 45.26 -83.76
N GLU D 361 29.29 44.04 -83.21
CA GLU D 361 29.71 43.97 -81.81
C GLU D 361 31.07 44.66 -81.68
N TYR D 362 31.95 44.45 -82.66
CA TYR D 362 33.23 45.11 -82.70
C TYR D 362 33.08 46.61 -82.87
N ASP D 363 32.28 47.03 -83.83
CA ASP D 363 32.18 48.46 -84.08
C ASP D 363 31.65 49.21 -82.86
N GLU D 364 30.73 48.60 -82.12
CA GLU D 364 30.19 49.21 -80.91
C GLU D 364 31.19 49.24 -79.74
N ALA D 365 31.92 48.13 -79.52
CA ALA D 365 32.84 48.02 -78.37
C ALA D 365 34.30 48.44 -78.61
N GLY D 366 34.81 48.27 -79.83
CA GLY D 366 36.21 48.49 -80.14
C GLY D 366 36.95 47.18 -79.88
N PRO D 367 38.26 47.09 -80.18
CA PRO D 367 39.12 45.91 -80.12
C PRO D 367 39.31 45.29 -78.76
N SER D 368 38.98 46.01 -77.69
CA SER D 368 39.13 45.45 -76.34
C SER D 368 38.13 44.28 -76.17
N ILE D 369 37.14 44.23 -77.08
CA ILE D 369 36.10 43.21 -77.15
C ILE D 369 36.67 41.81 -77.27
N VAL D 370 37.86 41.70 -77.82
CA VAL D 370 38.49 40.41 -78.01
C VAL D 370 38.70 39.68 -76.68
N HIS D 371 38.81 40.43 -75.58
CA HIS D 371 39.03 39.80 -74.29
C HIS D 371 37.70 39.41 -73.65
N ARG D 372 36.59 39.89 -74.21
CA ARG D 372 35.28 39.57 -73.68
C ARG D 372 34.70 38.40 -74.48
N LYS D 373 35.07 38.34 -75.76
CA LYS D 373 34.54 37.35 -76.69
C LYS D 373 35.48 36.20 -77.08
N CYS D 374 36.81 36.38 -77.10
CA CYS D 374 37.66 35.30 -77.58
C CYS D 374 38.34 34.53 -76.47
N PHE D 375 39.13 35.24 -75.64
CA PHE D 375 39.83 34.68 -74.47
C PHE D 375 40.69 35.71 -73.72
N ASP E 1 79.17 40.69 -28.26
CA ASP E 1 78.08 41.65 -28.34
C ASP E 1 77.00 41.39 -27.30
N GLU E 2 76.77 40.13 -26.97
CA GLU E 2 75.77 39.80 -25.96
C GLU E 2 76.47 39.63 -24.61
N ASP E 3 75.77 39.96 -23.52
CA ASP E 3 76.33 39.80 -22.18
C ASP E 3 75.68 38.69 -21.34
N GLU E 4 74.93 37.83 -21.99
CA GLU E 4 74.25 36.71 -21.33
C GLU E 4 74.03 35.57 -22.32
N THR E 5 73.94 34.35 -21.81
CA THR E 5 73.65 33.18 -22.65
C THR E 5 72.16 33.03 -22.85
N THR E 6 71.58 34.07 -23.43
CA THR E 6 70.16 34.17 -23.73
C THR E 6 69.83 33.29 -24.90
N ALA E 7 68.61 32.79 -24.95
CA ALA E 7 68.22 31.98 -26.09
C ALA E 7 68.20 32.84 -27.34
N LEU E 8 68.51 32.26 -28.48
CA LEU E 8 68.42 32.98 -29.74
C LEU E 8 67.08 32.65 -30.34
N VAL E 9 66.52 33.59 -31.09
CA VAL E 9 65.22 33.38 -31.75
C VAL E 9 65.31 33.61 -33.26
N CYS E 10 64.83 32.63 -34.05
CA CYS E 10 64.88 32.77 -35.51
C CYS E 10 63.71 32.11 -36.27
N ASP E 11 62.87 32.96 -36.86
CA ASP E 11 61.74 32.51 -37.66
C ASP E 11 62.24 32.35 -39.08
N ASN E 12 62.10 31.15 -39.62
CA ASN E 12 62.58 30.83 -40.97
C ASN E 12 61.52 30.32 -41.92
N GLY E 13 61.11 31.11 -42.90
CA GLY E 13 60.07 30.67 -43.81
C GLY E 13 60.61 30.49 -45.22
N SER E 14 59.68 30.30 -46.17
CA SER E 14 59.97 30.13 -47.60
C SER E 14 60.34 31.45 -48.23
N GLY E 15 60.09 32.50 -47.50
CA GLY E 15 60.33 33.88 -47.88
C GLY E 15 61.57 34.41 -47.16
N LEU E 16 61.37 35.00 -45.99
CA LEU E 16 62.41 35.65 -45.21
C LEU E 16 62.63 35.08 -43.81
N VAL E 17 63.85 35.33 -43.33
CA VAL E 17 64.33 34.96 -42.01
C VAL E 17 64.45 36.15 -41.06
N LYS E 18 63.77 36.06 -39.93
CA LYS E 18 63.86 37.11 -38.91
C LYS E 18 64.65 36.57 -37.75
N ALA E 19 65.70 37.26 -37.33
CA ALA E 19 66.46 36.73 -36.21
C ALA E 19 66.97 37.81 -35.26
N GLY E 20 67.12 37.42 -34.01
CA GLY E 20 67.64 38.28 -32.95
C GLY E 20 67.77 37.46 -31.68
N PHE E 21 67.92 38.09 -30.52
CA PHE E 21 68.09 37.31 -29.31
C PHE E 21 66.84 37.40 -28.43
N ALA E 22 66.61 36.37 -27.63
CA ALA E 22 65.48 36.39 -26.73
C ALA E 22 65.66 37.47 -25.70
N GLY E 23 64.58 38.19 -25.46
CA GLY E 23 64.57 39.27 -24.53
C GLY E 23 64.55 40.61 -25.26
N ASP E 24 64.84 40.61 -26.58
CA ASP E 24 64.77 41.91 -27.23
C ASP E 24 63.33 42.15 -27.68
N ASP E 25 63.10 43.33 -28.27
CA ASP E 25 61.80 43.73 -28.81
C ASP E 25 61.77 43.79 -30.32
N ALA E 26 62.79 43.23 -30.94
CA ALA E 26 62.88 43.21 -32.39
C ALA E 26 63.93 42.20 -32.82
N PRO E 27 63.85 41.66 -34.03
CA PRO E 27 64.91 40.87 -34.61
C PRO E 27 66.05 41.83 -34.83
N ARG E 28 67.29 41.37 -34.76
CA ARG E 28 68.43 42.24 -35.01
C ARG E 28 68.61 42.38 -36.50
N ALA E 29 68.24 41.35 -37.24
CA ALA E 29 68.38 41.36 -38.68
C ALA E 29 67.26 40.60 -39.36
N VAL E 30 66.85 41.08 -40.54
CA VAL E 30 65.88 40.40 -41.35
C VAL E 30 66.44 40.29 -42.76
N PHE E 31 66.45 39.09 -43.32
CA PHE E 31 66.98 38.90 -44.66
C PHE E 31 66.28 37.70 -45.33
N PRO E 32 66.32 37.52 -46.66
CA PRO E 32 65.74 36.40 -47.39
C PRO E 32 66.31 35.02 -47.09
N SER E 33 65.46 33.98 -47.15
CA SER E 33 65.91 32.60 -46.98
C SER E 33 66.48 32.12 -48.31
N ILE E 34 67.54 32.76 -48.76
CA ILE E 34 68.12 32.49 -50.07
C ILE E 34 69.57 32.09 -50.11
N VAL E 35 69.85 31.02 -50.86
CA VAL E 35 71.23 30.68 -51.15
C VAL E 35 71.38 30.78 -52.67
N GLY E 36 72.26 31.66 -53.11
CA GLY E 36 72.43 31.92 -54.53
C GLY E 36 73.64 31.25 -55.10
N ARG E 37 73.57 30.84 -56.36
CA ARG E 37 74.71 30.20 -57.00
C ARG E 37 74.92 30.70 -58.44
N PRO E 38 76.16 30.96 -58.88
CA PRO E 38 76.45 31.47 -60.20
C PRO E 38 75.98 30.50 -61.25
N ARG E 39 75.37 31.05 -62.30
CA ARG E 39 74.89 30.21 -63.42
C ARG E 39 75.69 30.46 -64.68
N HIS E 40 76.80 31.18 -64.54
CA HIS E 40 77.65 31.55 -65.67
C HIS E 40 79.07 31.11 -65.48
N GLN E 41 79.76 30.94 -66.60
CA GLN E 41 81.17 30.62 -66.63
C GLN E 41 82.01 31.87 -66.48
N GLY E 42 82.95 31.83 -65.52
CA GLY E 42 83.84 32.94 -65.28
C GLY E 42 84.75 33.14 -66.47
N VAL E 43 85.04 34.38 -66.78
CA VAL E 43 85.90 34.71 -67.91
C VAL E 43 87.24 35.29 -67.42
N MET E 44 87.20 36.11 -66.37
CA MET E 44 88.40 36.75 -65.86
C MET E 44 89.02 35.91 -64.72
N VAL E 45 90.35 35.94 -64.61
CA VAL E 45 91.10 35.22 -63.58
C VAL E 45 91.39 36.09 -62.35
N GLY E 46 91.24 35.51 -61.15
CA GLY E 46 91.52 36.25 -59.91
C GLY E 46 90.35 37.11 -59.47
N MET E 47 89.15 36.68 -59.80
CA MET E 47 87.91 37.39 -59.51
C MET E 47 87.23 36.96 -58.22
N GLY E 48 87.88 36.09 -57.44
CA GLY E 48 87.23 35.57 -56.26
C GLY E 48 86.05 34.73 -56.73
N GLN E 49 84.85 35.05 -56.25
CA GLN E 49 83.58 34.38 -56.58
C GLN E 49 83.34 33.14 -55.71
N LYS E 50 82.25 33.18 -54.97
CA LYS E 50 81.89 32.15 -54.01
C LYS E 50 81.16 31.01 -54.70
N ASP E 51 81.12 29.84 -54.06
CA ASP E 51 80.37 28.71 -54.61
C ASP E 51 78.90 29.02 -54.47
N SER E 52 78.61 29.71 -53.37
CA SER E 52 77.28 30.12 -53.03
C SER E 52 77.28 31.39 -52.17
N TYR E 53 76.21 32.15 -52.29
CA TYR E 53 76.01 33.40 -51.59
C TYR E 53 74.84 33.27 -50.64
N VAL E 54 74.91 33.90 -49.46
CA VAL E 54 73.82 33.72 -48.50
C VAL E 54 73.05 34.98 -48.06
N GLY E 55 71.72 34.91 -48.17
CA GLY E 55 70.85 36.00 -47.71
C GLY E 55 71.03 37.25 -48.54
N ASP E 56 71.46 38.34 -47.90
CA ASP E 56 71.66 39.58 -48.58
C ASP E 56 72.79 39.48 -49.59
N GLU E 57 73.73 38.53 -49.40
CA GLU E 57 74.78 38.37 -50.37
C GLU E 57 74.20 37.84 -51.66
N ALA E 58 73.22 36.94 -51.52
CA ALA E 58 72.60 36.28 -52.64
C ALA E 58 71.84 37.30 -53.46
N GLN E 59 71.16 38.23 -52.81
CA GLN E 59 70.50 39.25 -53.60
C GLN E 59 71.49 40.28 -54.18
N SER E 60 72.54 40.66 -53.44
CA SER E 60 73.45 41.68 -53.93
C SER E 60 74.19 41.29 -55.21
N LYS E 61 74.51 40.01 -55.36
CA LYS E 61 75.23 39.53 -56.54
C LYS E 61 74.33 38.78 -57.54
N ARG E 62 73.00 38.91 -57.37
CA ARG E 62 71.98 38.19 -58.10
C ARG E 62 72.01 38.31 -59.61
N GLY E 63 72.62 39.34 -60.17
CA GLY E 63 72.62 39.48 -61.63
C GLY E 63 73.15 38.23 -62.35
N ILE E 64 74.08 37.49 -61.73
CA ILE E 64 74.61 36.28 -62.37
C ILE E 64 74.31 34.99 -61.58
N LEU E 65 73.43 35.08 -60.57
CA LEU E 65 73.12 33.93 -59.72
C LEU E 65 71.72 33.41 -59.95
N THR E 66 71.54 32.13 -59.72
CA THR E 66 70.20 31.59 -59.71
C THR E 66 69.88 31.55 -58.23
N LEU E 67 68.72 32.03 -57.82
CA LEU E 67 68.45 32.09 -56.38
C LEU E 67 67.39 31.11 -55.91
N LYS E 68 67.80 30.22 -54.99
CA LYS E 68 66.91 29.20 -54.48
C LYS E 68 66.55 29.42 -53.01
N TYR E 69 65.33 29.04 -52.66
CA TYR E 69 64.83 29.09 -51.31
C TYR E 69 64.75 27.67 -50.74
N PRO E 70 65.54 27.29 -49.71
CA PRO E 70 65.61 25.97 -49.07
C PRO E 70 64.32 25.48 -48.41
N ILE E 71 63.40 26.41 -48.16
CA ILE E 71 62.11 26.11 -47.53
C ILE E 71 60.98 26.24 -48.56
N GLU E 72 60.23 25.15 -48.72
CA GLU E 72 59.16 25.04 -49.70
C GLU E 72 57.80 24.89 -49.05
N HIS E 73 56.97 25.91 -49.12
CA HIS E 73 55.63 25.87 -48.52
C HIS E 73 55.66 25.41 -47.07
N GLY E 74 56.60 25.97 -46.32
CA GLY E 74 56.75 25.68 -44.90
C GLY E 74 57.76 24.60 -44.51
N ILE E 75 58.28 23.79 -45.44
CA ILE E 75 59.25 22.77 -44.99
C ILE E 75 60.64 22.86 -45.58
N ILE E 76 61.63 22.51 -44.78
CA ILE E 76 62.99 22.51 -45.30
C ILE E 76 63.20 21.28 -46.17
N THR E 77 63.61 21.50 -47.41
CA THR E 77 63.90 20.42 -48.34
C THR E 77 65.39 20.41 -48.57
N ASN E 78 66.03 21.55 -48.26
CA ASN E 78 67.47 21.67 -48.40
C ASN E 78 68.10 22.19 -47.11
N TRP E 79 68.58 21.26 -46.31
CA TRP E 79 69.12 21.58 -45.00
C TRP E 79 70.58 21.95 -45.03
N ASP E 80 71.26 21.76 -46.16
CA ASP E 80 72.65 22.16 -46.24
C ASP E 80 72.65 23.68 -46.40
N ASP E 81 71.67 24.16 -47.15
CA ASP E 81 71.53 25.57 -47.35
C ASP E 81 71.02 26.24 -46.08
N MET E 82 70.14 25.55 -45.31
CA MET E 82 69.72 26.19 -44.06
C MET E 82 70.88 26.27 -43.08
N GLU E 83 71.79 25.29 -43.08
CA GLU E 83 72.93 25.41 -42.20
C GLU E 83 73.74 26.66 -42.55
N LYS E 84 73.97 26.91 -43.86
CA LYS E 84 74.72 28.12 -44.25
C LYS E 84 73.95 29.40 -43.90
N ILE E 85 72.62 29.36 -44.04
CA ILE E 85 71.80 30.51 -43.68
C ILE E 85 71.95 30.81 -42.21
N TRP E 86 71.88 29.78 -41.37
CA TRP E 86 72.03 29.97 -39.93
C TRP E 86 73.45 30.31 -39.53
N HIS E 87 74.45 29.83 -40.27
CA HIS E 87 75.79 30.23 -39.91
C HIS E 87 75.88 31.73 -40.06
N HIS E 88 75.40 32.24 -41.19
CA HIS E 88 75.42 33.67 -41.45
C HIS E 88 74.53 34.43 -40.46
N THR E 89 73.30 33.94 -40.27
CA THR E 89 72.34 34.60 -39.38
C THR E 89 72.94 34.80 -38.01
N PHE E 90 73.50 33.73 -37.47
CA PHE E 90 73.97 33.82 -36.13
C PHE E 90 75.35 34.44 -36.00
N TYR E 91 76.33 34.00 -36.78
CA TYR E 91 77.69 34.50 -36.59
C TYR E 91 77.99 35.85 -37.24
N ASN E 92 77.34 36.20 -38.34
CA ASN E 92 77.67 37.45 -38.98
C ASN E 92 76.68 38.56 -38.64
N GLU E 93 75.39 38.25 -38.75
CA GLU E 93 74.35 39.24 -38.49
C GLU E 93 74.11 39.53 -37.02
N LEU E 94 73.88 38.49 -36.23
CA LEU E 94 73.60 38.64 -34.81
C LEU E 94 74.87 38.68 -34.00
N ARG E 95 75.96 38.24 -34.62
CA ARG E 95 77.28 38.14 -34.00
C ARG E 95 77.30 37.29 -32.73
N VAL E 96 76.65 36.15 -32.80
CA VAL E 96 76.58 35.20 -31.70
C VAL E 96 76.98 33.81 -32.16
N ALA E 97 77.37 33.00 -31.20
CA ALA E 97 77.71 31.62 -31.46
C ALA E 97 76.69 30.72 -30.77
N PRO E 98 75.75 30.07 -31.48
CA PRO E 98 74.67 29.23 -30.94
C PRO E 98 75.20 28.17 -29.98
N GLU E 99 76.46 27.78 -30.13
CA GLU E 99 77.07 26.81 -29.24
C GLU E 99 76.91 27.27 -27.77
N GLU E 100 76.89 28.58 -27.53
CA GLU E 100 76.77 29.15 -26.19
C GLU E 100 75.33 29.61 -25.83
N HIS E 101 74.35 29.38 -26.72
CA HIS E 101 72.97 29.85 -26.52
C HIS E 101 71.89 28.83 -26.96
N PRO E 102 70.80 28.62 -26.20
CA PRO E 102 69.65 27.81 -26.63
C PRO E 102 69.07 28.45 -27.89
N THR E 103 68.53 27.69 -28.84
CA THR E 103 67.91 28.35 -30.02
C THR E 103 66.46 27.93 -30.30
N LEU E 104 65.59 28.93 -30.48
CA LEU E 104 64.19 28.70 -30.79
C LEU E 104 63.90 28.95 -32.26
N LEU E 105 63.35 27.91 -32.89
CA LEU E 105 62.95 27.89 -34.30
C LEU E 105 61.44 27.69 -34.35
N THR E 106 60.82 27.92 -35.50
CA THR E 106 59.36 27.81 -35.60
C THR E 106 58.82 26.93 -36.76
N GLU E 107 57.60 26.40 -36.58
CA GLU E 107 56.84 25.75 -37.67
C GLU E 107 55.31 25.82 -37.40
N ALA E 108 54.52 25.60 -38.45
CA ALA E 108 53.07 25.53 -38.32
C ALA E 108 52.62 24.20 -37.62
N PRO E 109 51.51 24.17 -36.86
CA PRO E 109 50.94 22.98 -36.21
C PRO E 109 50.70 21.74 -37.09
N LEU E 110 50.43 21.88 -38.39
CA LEU E 110 50.20 20.70 -39.24
C LEU E 110 51.35 20.49 -40.22
N ASN E 111 52.47 21.14 -39.97
CA ASN E 111 53.67 21.05 -40.80
C ASN E 111 54.25 19.62 -40.68
N PRO E 112 54.69 18.97 -41.79
CA PRO E 112 55.32 17.66 -41.75
C PRO E 112 56.45 17.65 -40.73
N LYS E 113 56.51 16.57 -39.95
CA LYS E 113 57.43 16.41 -38.82
C LYS E 113 58.90 16.47 -39.20
N ALA E 114 59.19 16.23 -40.46
CA ALA E 114 60.54 16.26 -40.95
C ALA E 114 61.17 17.63 -40.74
N ASN E 115 60.36 18.69 -40.78
CA ASN E 115 60.89 20.03 -40.65
C ASN E 115 61.45 20.22 -39.24
N ARG E 116 60.62 20.06 -38.19
CA ARG E 116 61.17 20.19 -36.85
C ARG E 116 62.34 19.23 -36.57
N GLU E 117 62.34 18.03 -37.17
CA GLU E 117 63.45 17.10 -36.92
C GLU E 117 64.77 17.57 -37.52
N LYS E 118 64.73 18.13 -38.73
CA LYS E 118 65.95 18.61 -39.36
C LYS E 118 66.36 19.94 -38.77
N MET E 119 65.40 20.77 -38.35
CA MET E 119 65.80 22.04 -37.77
C MET E 119 66.58 21.81 -36.49
N THR E 120 66.08 20.85 -35.70
CA THR E 120 66.66 20.47 -34.43
C THR E 120 68.03 19.83 -34.65
N GLN E 121 68.11 18.90 -35.62
CA GLN E 121 69.36 18.23 -35.91
C GLN E 121 70.46 19.18 -36.36
N ILE E 122 70.16 20.16 -37.21
CA ILE E 122 71.24 21.03 -37.65
C ILE E 122 71.80 21.78 -36.45
N MET E 123 70.92 22.35 -35.65
CA MET E 123 71.45 23.14 -34.57
C MET E 123 72.21 22.29 -33.53
N PHE E 124 71.78 21.05 -33.28
CA PHE E 124 72.51 20.21 -32.34
C PHE E 124 73.77 19.56 -32.88
N GLU E 125 73.80 19.16 -34.15
CA GLU E 125 74.97 18.48 -34.64
C GLU E 125 76.02 19.36 -35.32
N THR E 126 75.64 20.49 -35.94
CA THR E 126 76.71 21.28 -36.57
C THR E 126 76.99 22.56 -35.79
N PHE E 127 76.01 23.06 -35.04
CA PHE E 127 76.23 24.27 -34.24
C PHE E 127 76.48 23.98 -32.76
N ASN E 128 76.26 22.74 -32.35
CA ASN E 128 76.41 22.28 -30.97
C ASN E 128 75.63 23.14 -29.98
N VAL E 129 74.41 23.51 -30.36
CA VAL E 129 73.57 24.37 -29.54
C VAL E 129 73.28 23.61 -28.22
N PRO E 130 73.35 24.24 -27.04
CA PRO E 130 73.11 23.61 -25.75
C PRO E 130 71.66 23.16 -25.56
N ALA E 131 70.74 23.74 -26.34
CA ALA E 131 69.35 23.37 -26.27
C ALA E 131 68.54 23.83 -27.49
N MET E 132 67.43 23.13 -27.75
CA MET E 132 66.52 23.51 -28.85
C MET E 132 65.05 23.45 -28.54
N TYR E 133 64.32 24.33 -29.21
CA TYR E 133 62.88 24.23 -29.16
C TYR E 133 62.28 24.70 -30.46
N VAL E 134 61.28 23.98 -30.94
CA VAL E 134 60.55 24.39 -32.11
C VAL E 134 59.18 24.85 -31.64
N ALA E 135 58.88 26.11 -31.91
CA ALA E 135 57.67 26.78 -31.47
C ALA E 135 56.57 26.80 -32.49
N ILE E 136 55.37 27.01 -31.98
CA ILE E 136 54.18 27.15 -32.80
C ILE E 136 54.05 28.61 -33.20
N GLN E 137 53.97 28.86 -34.50
CA GLN E 137 53.90 30.25 -34.98
C GLN E 137 52.65 30.98 -34.46
N ALA E 138 51.54 30.25 -34.33
CA ALA E 138 50.29 30.81 -33.82
C ALA E 138 50.43 31.22 -32.35
N VAL E 139 51.17 30.44 -31.59
CA VAL E 139 51.42 30.73 -30.18
C VAL E 139 52.22 31.97 -30.05
N LEU E 140 53.23 32.07 -30.88
CA LEU E 140 54.09 33.21 -30.80
C LEU E 140 53.31 34.46 -31.22
N SER E 141 52.42 34.32 -32.22
CA SER E 141 51.62 35.43 -32.68
C SER E 141 50.69 35.92 -31.56
N LEU E 142 50.08 34.97 -30.82
CA LEU E 142 49.22 35.33 -29.72
C LEU E 142 49.99 35.97 -28.56
N TYR E 143 51.21 35.51 -28.27
CA TYR E 143 51.91 36.19 -27.18
C TYR E 143 52.21 37.62 -27.57
N ALA E 144 52.68 37.81 -28.80
CA ALA E 144 53.07 39.11 -29.32
C ALA E 144 51.88 40.06 -29.41
N SER E 145 50.71 39.49 -29.70
CA SER E 145 49.47 40.22 -29.87
C SER E 145 48.73 40.51 -28.56
N GLY E 146 49.21 39.98 -27.43
CA GLY E 146 48.49 40.18 -26.18
C GLY E 146 47.22 39.34 -26.03
N ARG E 147 47.20 38.14 -26.61
CA ARG E 147 46.02 37.28 -26.55
C ARG E 147 46.31 35.84 -26.20
N THR E 148 45.28 35.15 -25.69
CA THR E 148 45.34 33.71 -25.44
C THR E 148 44.30 33.03 -26.32
N THR E 149 43.47 33.86 -26.95
CA THR E 149 42.37 33.39 -27.77
C THR E 149 42.32 34.10 -29.11
N GLY E 150 42.07 33.34 -30.17
CA GLY E 150 41.85 33.89 -31.51
C GLY E 150 42.16 32.93 -32.64
N ILE E 151 41.89 33.37 -33.86
CA ILE E 151 42.18 32.55 -35.04
C ILE E 151 43.45 33.07 -35.64
N VAL E 152 44.51 32.28 -35.68
CA VAL E 152 45.71 32.91 -36.21
C VAL E 152 45.96 32.57 -37.66
N LEU E 153 45.95 33.62 -38.46
CA LEU E 153 46.22 33.49 -39.88
C LEU E 153 47.53 34.18 -40.12
N ASP E 154 48.55 33.36 -40.33
CA ASP E 154 49.92 33.75 -40.52
C ASP E 154 50.24 34.05 -41.97
N SER E 155 49.22 33.86 -42.82
CA SER E 155 49.20 34.12 -44.27
C SER E 155 50.56 34.48 -44.86
N GLY E 156 51.53 33.58 -44.80
CA GLY E 156 52.87 33.96 -45.24
C GLY E 156 53.11 33.58 -46.68
N ASP E 157 54.39 33.53 -47.05
CA ASP E 157 54.85 33.18 -48.40
C ASP E 157 54.61 31.71 -48.71
N GLY E 158 54.73 30.87 -47.68
CA GLY E 158 54.60 29.42 -47.80
C GLY E 158 53.15 28.92 -47.76
N VAL E 159 52.55 28.93 -46.56
CA VAL E 159 51.17 28.47 -46.38
C VAL E 159 50.33 29.42 -45.52
N THR E 160 48.99 29.28 -45.58
CA THR E 160 48.14 29.97 -44.62
C THR E 160 47.70 28.89 -43.63
N HIS E 161 48.17 28.99 -42.39
CA HIS E 161 47.88 28.00 -41.34
C HIS E 161 46.46 27.99 -40.75
N ASN E 162 45.96 29.18 -40.45
CA ASN E 162 44.61 29.39 -39.90
C ASN E 162 44.18 28.57 -38.65
N VAL E 163 44.91 28.64 -37.54
CA VAL E 163 44.50 27.80 -36.38
C VAL E 163 43.77 28.53 -35.25
N PRO E 164 42.58 28.06 -34.84
CA PRO E 164 41.86 28.54 -33.69
C PRO E 164 42.51 28.06 -32.40
N ILE E 165 42.74 28.99 -31.49
CA ILE E 165 43.28 28.76 -30.16
C ILE E 165 42.34 29.40 -29.11
N TYR E 166 41.98 28.66 -28.08
CA TYR E 166 41.10 29.19 -27.03
C TYR E 166 41.68 28.94 -25.66
N GLU E 167 41.84 29.99 -24.83
CA GLU E 167 42.46 29.85 -23.50
C GLU E 167 43.84 29.22 -23.57
N GLY E 168 44.58 29.48 -24.64
CA GLY E 168 45.89 28.88 -24.80
C GLY E 168 45.88 27.42 -25.27
N TYR E 169 44.74 26.89 -25.68
CA TYR E 169 44.69 25.50 -26.13
C TYR E 169 44.31 25.38 -27.60
N ALA E 170 44.86 24.38 -28.29
CA ALA E 170 44.51 24.23 -29.68
C ALA E 170 43.15 23.62 -29.81
N LEU E 171 42.47 23.99 -30.88
CA LEU E 171 41.21 23.38 -31.23
C LEU E 171 41.46 22.79 -32.63
N PRO E 172 42.32 21.74 -32.75
CA PRO E 172 42.92 21.25 -33.98
C PRO E 172 41.97 20.72 -35.03
N HIS E 173 40.77 20.33 -34.61
CA HIS E 173 39.80 19.79 -35.54
C HIS E 173 39.23 20.90 -36.41
N ALA E 174 39.45 22.13 -35.97
CA ALA E 174 38.95 23.29 -36.61
C ALA E 174 40.02 24.02 -37.42
N ILE E 175 41.18 23.41 -37.70
CA ILE E 175 42.17 24.15 -38.47
C ILE E 175 41.91 24.03 -39.96
N MET E 176 41.34 25.08 -40.54
CA MET E 176 41.00 25.06 -41.94
C MET E 176 42.19 25.58 -42.73
N ARG E 177 43.24 24.75 -42.80
CA ARG E 177 44.51 25.11 -43.42
C ARG E 177 44.30 25.36 -44.92
N LEU E 178 44.91 26.42 -45.46
CA LEU E 178 44.72 26.75 -46.87
C LEU E 178 45.98 26.79 -47.74
N ASP E 179 45.90 26.11 -48.89
CA ASP E 179 47.00 26.11 -49.86
C ASP E 179 46.95 27.32 -50.81
N LEU E 180 47.15 28.46 -50.19
CA LEU E 180 47.24 29.77 -50.79
C LEU E 180 48.20 30.62 -49.98
N ALA E 181 49.21 31.13 -50.64
CA ALA E 181 50.23 31.89 -49.96
C ALA E 181 50.87 32.96 -50.82
N GLY E 182 51.71 33.78 -50.18
CA GLY E 182 52.38 34.89 -50.84
C GLY E 182 53.14 34.49 -52.10
N ARG E 183 53.66 33.26 -52.14
CA ARG E 183 54.39 32.77 -53.30
C ARG E 183 53.47 32.57 -54.51
N ASP E 184 52.19 32.34 -54.26
CA ASP E 184 51.22 32.13 -55.31
C ASP E 184 50.72 33.47 -55.75
N LEU E 185 50.70 34.42 -54.81
CA LEU E 185 50.20 35.74 -55.14
C LEU E 185 51.20 36.34 -56.16
N THR E 186 52.51 36.09 -55.93
CA THR E 186 53.58 36.55 -56.81
C THR E 186 53.46 35.90 -58.18
N ASP E 187 53.19 34.58 -58.20
CA ASP E 187 53.07 33.86 -59.46
C ASP E 187 51.90 34.40 -60.30
N TYR E 188 50.78 34.69 -59.63
CA TYR E 188 49.63 35.24 -60.32
C TYR E 188 50.00 36.58 -60.95
N LEU E 189 50.67 37.43 -60.16
CA LEU E 189 51.03 38.76 -60.64
C LEU E 189 51.98 38.68 -61.83
N MET E 190 52.99 37.80 -61.80
CA MET E 190 53.90 37.82 -62.93
C MET E 190 53.23 37.29 -64.21
N LYS E 191 52.23 36.40 -64.09
CA LYS E 191 51.54 35.97 -65.30
C LYS E 191 50.69 37.11 -65.88
N ILE E 192 50.00 37.86 -65.01
CA ILE E 192 49.17 38.97 -65.52
C ILE E 192 50.05 40.17 -65.96
N LEU E 193 51.25 40.32 -65.40
CA LEU E 193 52.13 41.38 -65.89
C LEU E 193 52.68 41.00 -67.27
N THR E 194 52.77 39.69 -67.57
CA THR E 194 53.17 39.18 -68.88
C THR E 194 52.07 39.59 -69.88
N GLU E 195 50.81 39.48 -69.45
CA GLU E 195 49.67 39.87 -70.29
C GLU E 195 49.76 41.37 -70.66
N ARG E 196 50.37 42.17 -69.80
CA ARG E 196 50.51 43.61 -70.04
C ARG E 196 51.73 43.95 -70.91
N GLY E 197 52.51 42.94 -71.29
CA GLY E 197 53.69 43.14 -72.11
C GLY E 197 55.05 43.05 -71.42
N TYR E 198 55.11 42.67 -70.16
CA TYR E 198 56.40 42.58 -69.48
C TYR E 198 56.74 41.15 -69.14
N SER E 199 57.75 40.60 -69.81
CA SER E 199 58.10 39.20 -69.57
C SER E 199 59.01 39.07 -68.37
N PHE E 200 58.58 38.26 -67.39
CA PHE E 200 59.39 38.01 -66.21
C PHE E 200 59.64 36.51 -66.08
N VAL E 201 60.81 36.04 -66.52
CA VAL E 201 61.11 34.60 -66.52
C VAL E 201 62.39 34.17 -65.77
N THR E 202 63.29 35.11 -65.45
CA THR E 202 64.57 34.78 -64.79
C THR E 202 64.46 35.00 -63.29
N THR E 203 65.49 34.60 -62.52
CA THR E 203 65.46 34.85 -61.09
C THR E 203 65.37 36.32 -60.76
N ALA E 204 66.16 37.14 -61.43
CA ALA E 204 66.12 38.56 -61.12
C ALA E 204 64.73 39.09 -61.36
N GLU E 205 64.10 38.64 -62.44
CA GLU E 205 62.77 39.08 -62.80
C GLU E 205 61.72 38.63 -61.79
N ARG E 206 61.90 37.43 -61.25
CA ARG E 206 60.98 36.91 -60.25
C ARG E 206 61.08 37.76 -58.99
N GLU E 207 62.31 38.11 -58.61
CA GLU E 207 62.55 38.95 -57.43
C GLU E 207 61.99 40.35 -57.68
N ILE E 208 62.05 40.84 -58.92
CA ILE E 208 61.47 42.14 -59.25
C ILE E 208 59.97 42.10 -59.07
N VAL E 209 59.30 41.05 -59.54
CA VAL E 209 57.85 41.01 -59.37
C VAL E 209 57.50 40.99 -57.90
N ARG E 210 58.24 40.23 -57.09
CA ARG E 210 57.96 40.24 -55.67
C ARG E 210 58.14 41.64 -55.09
N ASP E 211 59.18 42.36 -55.54
CA ASP E 211 59.43 43.72 -55.05
C ASP E 211 58.30 44.67 -55.50
N ILE E 212 57.75 44.43 -56.71
CA ILE E 212 56.64 45.22 -57.20
C ILE E 212 55.47 45.00 -56.29
N LYS E 213 55.17 43.74 -55.99
CA LYS E 213 54.04 43.42 -55.16
C LYS E 213 54.12 44.07 -53.80
N GLU E 214 55.28 43.96 -53.15
CA GLU E 214 55.48 44.49 -51.81
C GLU E 214 55.38 46.02 -51.75
N LYS E 215 55.70 46.72 -52.84
CA LYS E 215 55.60 48.17 -52.84
C LYS E 215 54.31 48.75 -53.45
N LEU E 216 53.73 48.11 -54.48
CA LEU E 216 52.56 48.65 -55.17
C LEU E 216 51.20 48.02 -54.85
N CYS E 217 51.16 46.79 -54.36
CA CYS E 217 49.88 46.13 -54.24
C CYS E 217 49.07 46.40 -52.97
N TYR E 218 47.75 46.26 -53.12
CA TYR E 218 46.78 46.44 -52.04
C TYR E 218 45.51 45.62 -52.23
N VAL E 219 44.70 45.48 -51.19
CA VAL E 219 43.45 44.71 -51.27
C VAL E 219 42.20 45.59 -51.42
N ALA E 220 42.13 46.67 -50.64
CA ALA E 220 40.96 47.56 -50.56
C ALA E 220 39.76 46.82 -49.96
N LEU E 221 38.59 47.46 -49.90
CA LEU E 221 37.46 46.78 -49.24
C LEU E 221 36.42 46.15 -50.18
N ASP E 222 36.37 46.60 -51.44
CA ASP E 222 35.36 46.13 -52.40
C ASP E 222 35.99 45.89 -53.76
N PHE E 223 36.29 44.63 -54.04
CA PHE E 223 37.03 44.26 -55.23
C PHE E 223 36.29 44.45 -56.54
N GLU E 224 34.97 44.38 -56.54
CA GLU E 224 34.30 44.54 -57.81
C GLU E 224 34.36 45.99 -58.22
N ASN E 225 34.17 46.89 -57.26
CA ASN E 225 34.19 48.29 -57.60
C ASN E 225 35.60 48.79 -57.83
N GLU E 226 36.58 48.17 -57.15
CA GLU E 226 37.95 48.63 -57.27
C GLU E 226 38.49 48.20 -58.64
N MET E 227 38.18 46.98 -59.11
CA MET E 227 38.70 46.56 -60.41
C MET E 227 37.91 47.20 -61.52
N ALA E 228 36.63 47.50 -61.29
CA ALA E 228 35.86 48.17 -62.31
C ALA E 228 36.44 49.55 -62.55
N THR E 229 36.87 50.20 -61.45
CA THR E 229 37.46 51.52 -61.54
C THR E 229 38.83 51.46 -62.20
N ALA E 230 39.70 50.56 -61.76
CA ALA E 230 41.06 50.49 -62.31
C ALA E 230 41.04 50.14 -63.79
N ALA E 231 40.05 49.35 -64.19
CA ALA E 231 39.91 48.95 -65.58
C ALA E 231 39.31 50.07 -66.44
N SER E 232 38.77 51.11 -65.79
CA SER E 232 38.10 52.20 -66.48
C SER E 232 38.88 53.52 -66.40
N SER E 233 39.78 53.64 -65.43
CA SER E 233 40.50 54.89 -65.20
C SER E 233 41.92 54.76 -64.68
N SER E 234 42.78 55.63 -65.20
CA SER E 234 44.20 55.74 -64.87
C SER E 234 44.43 56.14 -63.42
N SER E 235 43.38 56.58 -62.72
CA SER E 235 43.51 57.01 -61.35
C SER E 235 43.97 55.90 -60.40
N LEU E 236 43.76 54.62 -60.76
CA LEU E 236 44.28 53.57 -59.87
C LEU E 236 45.57 52.94 -60.38
N GLU E 237 46.16 53.49 -61.44
CA GLU E 237 47.41 52.93 -61.94
C GLU E 237 48.59 53.48 -61.17
N LYS E 238 49.60 52.64 -61.00
CA LYS E 238 50.83 53.08 -60.35
C LYS E 238 52.04 52.51 -61.04
N SER E 239 53.04 53.36 -61.26
CA SER E 239 54.26 52.89 -61.88
C SER E 239 55.27 52.37 -60.87
N TYR E 240 56.18 51.57 -61.41
CA TYR E 240 57.30 50.99 -60.69
C TYR E 240 58.56 51.10 -61.53
N GLU E 241 59.67 51.44 -60.87
CA GLU E 241 60.96 51.52 -61.55
C GLU E 241 61.69 50.19 -61.54
N LEU E 242 61.97 49.69 -62.74
CA LEU E 242 62.64 48.44 -62.89
C LEU E 242 64.13 48.82 -62.73
N PRO E 243 65.01 47.92 -62.26
CA PRO E 243 66.43 48.18 -62.06
C PRO E 243 67.22 48.66 -63.28
N ASP E 244 66.71 48.43 -64.48
CA ASP E 244 67.43 48.83 -65.68
C ASP E 244 67.00 50.20 -66.22
N GLY E 245 66.21 50.96 -65.45
CA GLY E 245 65.78 52.30 -65.86
C GLY E 245 64.44 52.29 -66.59
N GLN E 246 63.93 51.12 -66.91
CA GLN E 246 62.66 51.04 -67.59
C GLN E 246 61.58 51.03 -66.54
N VAL E 247 60.35 51.33 -66.93
CA VAL E 247 59.29 51.29 -65.95
C VAL E 247 58.15 50.42 -66.43
N ILE E 248 57.37 49.98 -65.45
CA ILE E 248 56.17 49.21 -65.67
C ILE E 248 55.00 49.94 -65.03
N THR E 249 53.88 50.04 -65.74
CA THR E 249 52.69 50.67 -65.17
C THR E 249 51.68 49.57 -64.97
N ILE E 250 51.17 49.47 -63.74
CA ILE E 250 50.25 48.43 -63.30
C ILE E 250 48.88 48.99 -62.88
N GLY E 251 47.78 48.39 -63.40
CA GLY E 251 46.40 48.82 -63.17
C GLY E 251 45.66 47.94 -62.20
N ASN E 252 44.65 47.18 -62.65
CA ASN E 252 43.88 46.41 -61.69
C ASN E 252 44.65 45.21 -61.16
N GLU E 253 45.80 44.94 -61.76
CA GLU E 253 46.66 43.83 -61.41
C GLU E 253 47.29 44.11 -60.05
N ARG E 254 47.30 45.42 -59.72
CA ARG E 254 47.83 45.98 -58.50
C ARG E 254 47.10 45.44 -57.30
N PHE E 255 45.81 45.17 -57.49
CA PHE E 255 44.97 44.65 -56.42
C PHE E 255 44.48 43.24 -56.71
N ARG E 256 44.45 42.84 -57.97
CA ARG E 256 43.98 41.48 -58.27
C ARG E 256 44.92 40.46 -57.65
N CYS E 257 46.22 40.77 -57.60
CA CYS E 257 47.14 39.85 -56.96
C CYS E 257 46.77 39.60 -55.47
N PRO E 258 46.79 40.59 -54.56
CA PRO E 258 46.36 40.48 -53.16
C PRO E 258 44.98 39.91 -52.96
N GLU E 259 44.07 40.18 -53.90
CA GLU E 259 42.70 39.72 -53.82
C GLU E 259 42.56 38.23 -54.02
N THR E 260 43.63 37.54 -54.43
CA THR E 260 43.60 36.10 -54.58
C THR E 260 43.22 35.55 -53.21
N LEU E 261 43.65 36.23 -52.14
CA LEU E 261 43.38 35.79 -50.78
C LEU E 261 41.87 35.70 -50.53
N PHE E 262 41.07 36.49 -51.24
CA PHE E 262 39.62 36.45 -51.09
C PHE E 262 38.96 35.87 -52.35
N GLN E 263 39.80 35.37 -53.28
CA GLN E 263 39.46 34.77 -54.58
C GLN E 263 40.52 33.73 -55.02
N PRO E 264 40.75 32.61 -54.32
CA PRO E 264 41.78 31.59 -54.60
C PRO E 264 41.65 30.94 -55.96
N SER E 265 40.48 31.06 -56.57
CA SER E 265 40.22 30.50 -57.89
C SER E 265 41.12 31.16 -58.93
N PHE E 266 41.71 32.33 -58.59
CA PHE E 266 42.60 33.06 -59.47
C PHE E 266 43.85 32.24 -59.79
N ILE E 267 44.24 31.33 -58.89
CA ILE E 267 45.43 30.51 -59.09
C ILE E 267 45.04 29.05 -59.23
N GLY E 268 43.76 28.77 -59.49
CA GLY E 268 43.30 27.41 -59.64
C GLY E 268 43.10 26.68 -58.31
N MET E 269 42.93 27.40 -57.19
CA MET E 269 42.76 26.73 -55.91
C MET E 269 41.30 26.49 -55.57
N GLU E 270 41.04 25.31 -55.01
CA GLU E 270 39.70 24.95 -54.60
C GLU E 270 39.37 25.54 -53.23
N SER E 271 39.13 26.84 -53.22
CA SER E 271 38.82 27.59 -52.01
C SER E 271 38.10 28.89 -52.28
N ALA E 272 37.29 29.30 -51.30
CA ALA E 272 36.59 30.57 -51.35
C ALA E 272 37.43 31.75 -50.86
N GLY E 273 38.52 31.47 -50.12
CA GLY E 273 39.35 32.56 -49.58
C GLY E 273 39.64 32.45 -48.09
N ILE E 274 40.53 33.32 -47.63
CA ILE E 274 41.00 33.35 -46.25
C ILE E 274 39.89 33.76 -45.28
N HIS E 275 38.92 34.56 -45.73
CA HIS E 275 37.85 34.93 -44.83
C HIS E 275 36.88 33.77 -44.62
N GLU E 276 36.79 32.87 -45.60
CA GLU E 276 35.87 31.78 -45.44
C GLU E 276 36.55 30.73 -44.60
N THR E 277 37.85 30.53 -44.80
CA THR E 277 38.53 29.54 -44.01
C THR E 277 38.62 30.03 -42.55
N THR E 278 38.75 31.35 -42.33
CA THR E 278 38.77 31.88 -40.96
C THR E 278 37.43 31.57 -40.32
N TYR E 279 36.36 31.84 -41.06
CA TYR E 279 35.00 31.61 -40.62
C TYR E 279 34.77 30.14 -40.28
N ASN E 280 35.25 29.23 -41.15
CA ASN E 280 35.07 27.81 -40.90
C ASN E 280 35.79 27.38 -39.62
N SER E 281 36.97 27.93 -39.35
CA SER E 281 37.67 27.59 -38.12
C SER E 281 36.91 28.05 -36.91
N ILE E 282 36.27 29.21 -37.01
CA ILE E 282 35.48 29.70 -35.90
C ILE E 282 34.26 28.79 -35.73
N MET E 283 33.57 28.50 -36.83
CA MET E 283 32.33 27.74 -36.80
C MET E 283 32.50 26.30 -36.33
N LYS E 284 33.63 25.68 -36.62
CA LYS E 284 33.84 24.31 -36.18
C LYS E 284 34.06 24.18 -34.66
N CYS E 285 34.27 25.29 -33.99
CA CYS E 285 34.50 25.29 -32.56
C CYS E 285 33.14 25.31 -31.84
N ASP E 286 33.12 24.92 -30.56
CA ASP E 286 31.88 24.88 -29.77
C ASP E 286 31.18 26.22 -29.65
N ILE E 287 29.88 26.17 -29.39
CA ILE E 287 29.07 27.39 -29.33
C ILE E 287 29.51 28.41 -28.28
N ASP E 288 30.16 27.96 -27.20
CA ASP E 288 30.65 28.88 -26.18
C ASP E 288 32.07 29.36 -26.46
N ILE E 289 32.64 28.91 -27.58
CA ILE E 289 33.96 29.30 -28.07
C ILE E 289 33.81 30.29 -29.21
N ARG E 290 32.89 29.98 -30.13
CA ARG E 290 32.63 30.78 -31.32
C ARG E 290 32.60 32.29 -31.11
N LYS E 291 31.94 32.74 -30.05
CA LYS E 291 31.84 34.18 -29.81
C LYS E 291 33.20 34.84 -29.55
N ASP E 292 34.14 34.09 -28.98
CA ASP E 292 35.42 34.64 -28.60
C ASP E 292 36.34 34.61 -29.78
N LEU E 293 36.14 33.66 -30.68
CA LEU E 293 36.99 33.63 -31.84
C LEU E 293 36.49 34.69 -32.84
N TYR E 294 35.19 34.99 -32.89
CA TYR E 294 34.72 36.05 -33.81
C TYR E 294 35.26 37.40 -33.38
N ALA E 295 35.41 37.57 -32.07
CA ALA E 295 35.92 38.78 -31.47
C ALA E 295 37.45 38.87 -31.51
N ASN E 296 38.13 37.82 -32.01
CA ASN E 296 39.58 37.79 -32.04
C ASN E 296 40.17 37.16 -33.30
N ASN E 297 39.97 37.77 -34.48
CA ASN E 297 40.66 37.24 -35.65
C ASN E 297 42.08 37.80 -35.57
N VAL E 298 43.10 36.96 -35.66
CA VAL E 298 44.47 37.44 -35.50
C VAL E 298 45.31 37.36 -36.76
N MET E 299 45.86 38.51 -37.17
CA MET E 299 46.68 38.54 -38.36
C MET E 299 48.13 38.49 -37.95
N SER E 300 48.90 37.70 -38.65
CA SER E 300 50.32 37.55 -38.39
C SER E 300 51.05 37.24 -39.67
N GLY E 301 52.36 37.49 -39.70
CA GLY E 301 53.12 37.14 -40.88
C GLY E 301 53.01 38.17 -42.01
N GLY E 302 53.60 37.83 -43.15
CA GLY E 302 53.61 38.73 -44.30
C GLY E 302 52.24 38.68 -44.98
N THR E 303 52.06 39.46 -46.05
CA THR E 303 50.76 39.62 -46.78
C THR E 303 49.71 40.41 -45.95
N THR E 304 49.92 40.53 -44.64
CA THR E 304 49.00 41.22 -43.74
C THR E 304 49.28 42.71 -43.80
N MET E 305 50.29 43.05 -44.57
CA MET E 305 50.73 44.39 -44.80
C MET E 305 50.07 45.05 -46.02
N TYR E 306 49.21 44.34 -46.77
CA TYR E 306 48.58 45.01 -47.92
C TYR E 306 47.55 46.01 -47.40
N PRO E 307 47.45 47.25 -47.88
CA PRO E 307 46.41 48.16 -47.46
C PRO E 307 45.05 47.54 -47.72
N GLY E 308 44.17 47.63 -46.73
CA GLY E 308 42.83 47.08 -46.84
C GLY E 308 42.72 45.59 -46.47
N ILE E 309 43.83 44.91 -46.17
CA ILE E 309 43.69 43.48 -45.88
C ILE E 309 42.96 43.19 -44.57
N ALA E 310 43.20 44.00 -43.54
CA ALA E 310 42.56 43.79 -42.26
C ALA E 310 41.11 44.22 -42.31
N ASP E 311 40.83 45.23 -43.12
CA ASP E 311 39.48 45.75 -43.18
C ASP E 311 38.66 44.85 -44.06
N ARG E 312 39.31 44.29 -45.08
CA ARG E 312 38.67 43.37 -46.00
C ARG E 312 38.27 42.11 -45.24
N MET E 313 39.17 41.59 -44.42
CA MET E 313 38.87 40.40 -43.65
C MET E 313 37.79 40.66 -42.61
N GLN E 314 37.87 41.77 -41.86
CA GLN E 314 36.86 42.00 -40.85
C GLN E 314 35.50 42.16 -41.49
N LYS E 315 35.44 42.86 -42.65
CA LYS E 315 34.20 43.07 -43.37
C LYS E 315 33.59 41.76 -43.84
N GLU E 316 34.41 40.87 -44.40
CA GLU E 316 33.90 39.58 -44.88
C GLU E 316 33.44 38.71 -43.73
N ILE E 317 34.17 38.72 -42.60
CA ILE E 317 33.72 37.88 -41.49
C ILE E 317 32.44 38.46 -40.96
N THR E 318 32.34 39.77 -40.85
CA THR E 318 31.15 40.41 -40.34
C THR E 318 29.94 40.01 -41.20
N ALA E 319 30.12 39.99 -42.52
CA ALA E 319 29.07 39.57 -43.44
C ALA E 319 28.63 38.10 -43.24
N LEU E 320 29.58 37.22 -42.91
CA LEU E 320 29.29 35.79 -42.71
C LEU E 320 28.76 35.48 -41.30
N ALA E 321 29.23 36.27 -40.33
CA ALA E 321 28.95 36.20 -38.91
C ALA E 321 27.49 36.57 -38.59
N PRO E 322 26.95 36.13 -37.44
CA PRO E 322 25.61 36.44 -36.99
C PRO E 322 25.40 37.89 -36.59
N SER E 323 24.17 38.35 -36.78
CA SER E 323 23.80 39.71 -36.41
C SER E 323 23.92 39.93 -34.92
N THR E 324 24.33 41.16 -34.57
CA THR E 324 24.51 41.69 -33.21
C THR E 324 25.78 41.19 -32.50
N MET E 325 26.52 40.27 -33.11
CA MET E 325 27.75 39.79 -32.51
C MET E 325 28.88 40.73 -32.87
N LYS E 326 29.87 40.87 -32.00
CA LYS E 326 31.02 41.69 -32.33
C LYS E 326 32.09 40.91 -33.08
N ILE E 327 32.46 41.41 -34.24
CA ILE E 327 33.50 40.83 -35.04
C ILE E 327 34.64 41.80 -35.06
N LYS E 328 35.80 41.34 -34.60
CA LYS E 328 36.96 42.20 -34.44
C LYS E 328 38.20 41.59 -35.04
N ILE E 329 39.11 42.45 -35.50
CA ILE E 329 40.33 41.90 -36.04
C ILE E 329 41.52 42.56 -35.38
N ILE E 330 42.52 41.76 -35.12
CA ILE E 330 43.75 42.17 -34.52
C ILE E 330 44.83 42.26 -35.59
N ALA E 331 45.30 43.48 -35.83
CA ALA E 331 46.27 43.73 -36.88
C ALA E 331 47.21 44.85 -36.47
N PRO E 332 48.09 44.61 -35.48
CA PRO E 332 48.97 45.56 -34.84
C PRO E 332 50.07 45.96 -35.80
N PRO E 333 50.80 47.07 -35.56
CA PRO E 333 51.94 47.50 -36.32
C PRO E 333 53.10 46.50 -36.26
N GLU E 334 53.14 45.74 -35.17
CA GLU E 334 54.13 44.72 -34.96
C GLU E 334 53.67 43.47 -35.71
N ARG E 335 53.01 43.71 -36.85
CA ARG E 335 52.52 42.64 -37.70
C ARG E 335 53.71 42.09 -38.49
N LYS E 336 53.57 40.85 -38.96
CA LYS E 336 54.62 40.13 -39.70
C LYS E 336 55.88 39.90 -38.84
N TYR E 337 56.27 40.88 -38.03
CA TYR E 337 57.43 40.65 -37.17
C TYR E 337 56.99 40.10 -35.81
N SER E 338 55.68 39.89 -35.67
CA SER E 338 55.08 39.44 -34.41
C SER E 338 55.43 38.02 -34.03
N VAL E 339 55.74 37.17 -35.01
CA VAL E 339 56.13 35.81 -34.67
C VAL E 339 57.48 35.88 -33.97
N TRP E 340 58.37 36.72 -34.49
CA TRP E 340 59.69 36.83 -33.89
C TRP E 340 59.52 37.34 -32.46
N ILE E 341 58.67 38.38 -32.27
CA ILE E 341 58.47 38.96 -30.95
C ILE E 341 57.95 37.89 -30.02
N GLY E 342 57.02 37.09 -30.49
CA GLY E 342 56.49 36.04 -29.68
C GLY E 342 57.57 35.05 -29.28
N GLY E 343 58.53 34.77 -30.19
CA GLY E 343 59.63 33.85 -29.94
C GLY E 343 60.49 34.34 -28.79
N SER E 344 60.71 35.66 -28.75
CA SER E 344 61.47 36.32 -27.69
C SER E 344 60.74 36.14 -26.36
N ILE E 345 59.42 36.36 -26.41
CA ILE E 345 58.60 36.23 -25.22
C ILE E 345 58.62 34.80 -24.72
N LEU E 346 58.39 33.84 -25.61
CA LEU E 346 58.31 32.45 -25.20
C LEU E 346 59.64 31.90 -24.70
N ALA E 347 60.72 32.17 -25.44
CA ALA E 347 62.03 31.61 -25.12
C ALA E 347 62.49 31.98 -23.72
N SER E 348 62.15 33.21 -23.31
CA SER E 348 62.51 33.79 -22.03
C SER E 348 61.51 33.56 -20.88
N LEU E 349 60.36 32.90 -21.11
CA LEU E 349 59.42 32.73 -20.00
C LEU E 349 59.94 31.72 -19.00
N SER E 350 59.80 31.98 -17.70
CA SER E 350 60.26 31.01 -16.70
C SER E 350 59.47 29.71 -16.78
N THR E 351 58.23 29.81 -17.23
CA THR E 351 57.30 28.69 -17.36
C THR E 351 57.64 27.81 -18.56
N PHE E 352 58.55 28.29 -19.39
CA PHE E 352 58.98 27.63 -20.60
C PHE E 352 60.40 27.06 -20.47
N GLN E 353 61.05 27.18 -19.31
CA GLN E 353 62.45 26.77 -19.30
C GLN E 353 62.61 25.26 -19.25
N GLN E 354 61.53 24.56 -19.00
CA GLN E 354 61.54 23.11 -18.95
C GLN E 354 61.11 22.51 -20.30
N MET E 355 60.76 23.37 -21.27
CA MET E 355 60.29 22.88 -22.57
C MET E 355 61.39 22.63 -23.58
N TRP E 356 62.59 23.08 -23.26
CA TRP E 356 63.75 22.99 -24.13
C TRP E 356 64.35 21.58 -24.17
N ILE E 357 64.77 21.13 -25.36
CA ILE E 357 65.47 19.86 -25.51
C ILE E 357 66.91 20.18 -25.22
N THR E 358 67.57 19.46 -24.33
CA THR E 358 68.95 19.82 -24.04
C THR E 358 70.01 19.07 -24.85
N LYS E 359 71.25 19.57 -24.81
CA LYS E 359 72.37 18.89 -25.46
C LYS E 359 72.88 17.81 -24.50
N GLN E 360 72.09 16.79 -24.42
CA GLN E 360 72.22 15.59 -23.63
C GLN E 360 71.02 14.74 -24.00
N GLU E 361 69.82 15.30 -23.82
CA GLU E 361 68.62 14.58 -24.18
C GLU E 361 68.60 14.27 -25.66
N TYR E 362 69.03 15.26 -26.47
CA TYR E 362 69.13 15.07 -27.90
C TYR E 362 70.09 13.96 -28.23
N ASP E 363 71.29 14.01 -27.64
CA ASP E 363 72.28 13.03 -27.98
C ASP E 363 71.82 11.61 -27.66
N GLU E 364 71.09 11.45 -26.54
CA GLU E 364 70.60 10.14 -26.15
C GLU E 364 69.46 9.62 -27.06
N ALA E 365 68.52 10.50 -27.43
CA ALA E 365 67.35 10.12 -28.22
C ALA E 365 67.46 10.26 -29.74
N GLY E 366 68.25 11.20 -30.22
CA GLY E 366 68.32 11.52 -31.64
C GLY E 366 67.26 12.58 -31.94
N PRO E 367 67.17 13.08 -33.18
CA PRO E 367 66.30 14.17 -33.64
C PRO E 367 64.82 13.93 -33.53
N SER E 368 64.41 12.68 -33.37
CA SER E 368 62.98 12.38 -33.24
C SER E 368 62.46 12.95 -31.92
N ILE E 369 63.37 13.31 -31.01
CA ILE E 369 63.07 13.88 -29.70
C ILE E 369 62.27 15.15 -29.77
N VAL E 370 62.42 15.90 -30.84
CA VAL E 370 61.71 17.15 -30.98
C VAL E 370 60.20 16.88 -31.00
N HIS E 371 59.81 15.69 -31.49
CA HIS E 371 58.44 15.29 -31.63
C HIS E 371 57.81 15.00 -30.26
N ARG E 372 58.64 14.73 -29.25
CA ARG E 372 58.15 14.39 -27.93
C ARG E 372 58.09 15.63 -27.04
N LYS E 373 59.02 16.57 -27.28
CA LYS E 373 59.12 17.77 -26.45
C LYS E 373 58.48 19.06 -26.95
N CYS E 374 58.28 19.23 -28.26
CA CYS E 374 57.80 20.54 -28.72
C CYS E 374 56.30 20.74 -28.83
N PHE E 375 55.63 19.96 -29.69
CA PHE E 375 54.19 20.03 -29.95
C PHE E 375 53.79 19.01 -31.01
N ASP F 1 14.76 -9.76 -63.59
CA ASP F 1 13.69 -9.14 -64.35
C ASP F 1 12.61 -8.57 -63.43
N GLU F 2 12.06 -7.42 -63.81
CA GLU F 2 11.01 -6.78 -63.02
C GLU F 2 9.70 -6.68 -63.79
N ASP F 3 8.82 -7.65 -63.58
CA ASP F 3 7.53 -7.66 -64.25
C ASP F 3 6.40 -7.33 -63.28
N GLU F 4 6.77 -6.78 -62.14
CA GLU F 4 5.80 -6.40 -61.11
C GLU F 4 6.14 -5.04 -60.52
N THR F 5 5.11 -4.22 -60.27
CA THR F 5 5.33 -2.89 -59.71
C THR F 5 5.85 -2.96 -58.29
N THR F 6 7.06 -3.50 -58.17
CA THR F 6 7.75 -3.68 -56.91
C THR F 6 8.15 -2.33 -56.37
N ALA F 7 8.24 -2.19 -55.07
CA ALA F 7 8.68 -0.92 -54.53
C ALA F 7 10.14 -0.72 -54.85
N LEU F 8 10.56 0.52 -55.02
CA LEU F 8 11.97 0.78 -55.23
C LEU F 8 12.54 1.07 -53.88
N VAL F 9 13.79 0.68 -53.67
CA VAL F 9 14.41 0.92 -52.37
C VAL F 9 15.72 1.69 -52.46
N CYS F 10 15.83 2.80 -51.72
CA CYS F 10 17.08 3.56 -51.72
C CYS F 10 17.46 4.08 -50.33
N ASP F 11 18.71 3.86 -49.95
CA ASP F 11 19.24 4.36 -48.69
C ASP F 11 20.18 5.51 -49.04
N ASN F 12 19.79 6.74 -48.71
CA ASN F 12 20.59 7.89 -49.06
C ASN F 12 21.38 8.48 -47.88
N GLY F 13 22.67 8.14 -47.76
CA GLY F 13 23.44 8.64 -46.62
C GLY F 13 24.34 9.80 -46.99
N SER F 14 25.18 10.23 -46.03
CA SER F 14 26.14 11.33 -46.22
C SER F 14 27.33 10.87 -47.03
N GLY F 15 27.42 9.57 -47.17
CA GLY F 15 28.47 8.89 -47.90
C GLY F 15 27.95 8.49 -49.25
N LEU F 16 27.36 7.30 -49.31
CA LEU F 16 26.86 6.74 -50.54
C LEU F 16 25.41 6.31 -50.48
N VAL F 17 24.80 6.24 -51.67
CA VAL F 17 23.42 5.81 -51.85
C VAL F 17 23.31 4.40 -52.37
N LYS F 18 22.64 3.57 -51.62
CA LYS F 18 22.45 2.20 -52.04
C LYS F 18 21.12 2.09 -52.74
N ALA F 19 21.09 1.61 -53.98
CA ALA F 19 19.77 1.53 -54.61
C ALA F 19 19.58 0.29 -55.48
N GLY F 20 18.33 -0.17 -55.49
CA GLY F 20 17.89 -1.33 -56.24
C GLY F 20 16.40 -1.48 -56.12
N PHE F 21 15.89 -2.65 -56.50
CA PHE F 21 14.46 -2.91 -56.49
C PHE F 21 14.09 -3.79 -55.30
N ALA F 22 12.94 -3.55 -54.69
CA ALA F 22 12.53 -4.42 -53.59
C ALA F 22 12.39 -5.82 -54.14
N GLY F 23 12.85 -6.78 -53.36
CA GLY F 23 12.80 -8.17 -53.71
C GLY F 23 14.20 -8.68 -54.07
N ASP F 24 15.15 -7.78 -54.34
CA ASP F 24 16.51 -8.26 -54.62
C ASP F 24 17.19 -8.35 -53.25
N ASP F 25 18.43 -8.86 -53.20
CA ASP F 25 19.13 -8.98 -51.92
C ASP F 25 20.34 -8.05 -51.77
N ALA F 26 20.44 -7.06 -52.65
CA ALA F 26 21.51 -6.11 -52.67
C ALA F 26 21.08 -4.95 -53.52
N PRO F 27 21.63 -3.77 -53.35
CA PRO F 27 21.38 -2.67 -54.22
C PRO F 27 21.98 -3.10 -55.53
N ARG F 28 21.44 -2.64 -56.66
CA ARG F 28 22.02 -3.01 -57.93
C ARG F 28 23.30 -2.25 -58.10
N ALA F 29 23.31 -1.03 -57.58
CA ALA F 29 24.47 -0.20 -57.66
C ALA F 29 24.53 0.74 -56.48
N VAL F 30 25.74 1.15 -56.15
CA VAL F 30 25.90 2.13 -55.11
C VAL F 30 26.42 3.39 -55.76
N PHE F 31 25.67 4.45 -55.55
CA PHE F 31 25.88 5.73 -56.17
C PHE F 31 26.36 6.67 -55.09
N PRO F 32 27.55 7.23 -55.11
CA PRO F 32 28.00 8.06 -54.04
C PRO F 32 27.10 9.29 -54.00
N SER F 33 26.86 9.87 -52.82
CA SER F 33 25.98 11.04 -52.71
C SER F 33 26.75 12.28 -53.13
N ILE F 34 27.15 12.32 -54.38
CA ILE F 34 27.97 13.38 -54.91
C ILE F 34 27.44 14.08 -56.14
N VAL F 35 27.47 15.41 -56.07
CA VAL F 35 27.15 16.21 -57.23
C VAL F 35 28.44 16.99 -57.53
N GLY F 36 29.00 16.76 -58.71
CA GLY F 36 30.26 17.40 -59.05
C GLY F 36 30.04 18.57 -59.96
N ARG F 37 30.87 19.61 -59.81
CA ARG F 37 30.78 20.81 -60.65
C ARG F 37 32.17 21.26 -61.12
N PRO F 38 32.29 21.66 -62.40
CA PRO F 38 33.56 22.12 -62.93
C PRO F 38 34.01 23.38 -62.24
N ARG F 39 35.30 23.43 -61.92
CA ARG F 39 35.87 24.59 -61.23
C ARG F 39 36.95 25.32 -62.05
N HIS F 40 36.98 25.07 -63.35
CA HIS F 40 37.98 25.67 -64.24
C HIS F 40 37.34 26.30 -65.46
N GLN F 41 38.08 27.23 -66.07
CA GLN F 41 37.67 27.90 -67.30
C GLN F 41 37.96 27.05 -68.52
N GLY F 42 36.92 26.84 -69.33
CA GLY F 42 37.02 26.07 -70.56
C GLY F 42 37.73 26.84 -71.67
N VAL F 43 38.48 26.13 -72.51
CA VAL F 43 39.13 26.71 -73.67
C VAL F 43 38.67 26.09 -74.99
N MET F 44 38.31 24.79 -74.96
CA MET F 44 37.89 24.11 -76.18
C MET F 44 36.37 24.17 -76.27
N VAL F 45 35.84 24.09 -77.48
CA VAL F 45 34.39 24.14 -77.72
C VAL F 45 33.87 22.86 -78.38
N GLY F 46 32.65 22.45 -78.04
CA GLY F 46 32.11 21.21 -78.61
C GLY F 46 32.65 20.01 -77.85
N MET F 47 32.89 20.23 -76.57
CA MET F 47 33.44 19.25 -75.64
C MET F 47 32.36 18.64 -74.76
N GLY F 48 31.10 18.87 -75.11
CA GLY F 48 30.02 18.44 -74.23
C GLY F 48 30.16 19.31 -72.98
N GLN F 49 30.27 18.69 -71.82
CA GLN F 49 30.42 19.33 -70.50
C GLN F 49 29.11 19.76 -69.86
N LYS F 50 28.85 19.16 -68.71
CA LYS F 50 27.62 19.33 -67.95
C LYS F 50 27.74 20.45 -66.93
N ASP F 51 26.60 20.95 -66.43
CA ASP F 51 26.62 21.96 -65.38
C ASP F 51 27.03 21.28 -64.10
N SER F 52 26.57 20.04 -63.99
CA SER F 52 26.83 19.19 -62.87
C SER F 52 26.82 17.73 -63.28
N TYR F 53 27.58 16.93 -62.54
CA TYR F 53 27.72 15.50 -62.75
C TYR F 53 27.24 14.77 -61.54
N VAL F 54 26.65 13.60 -61.69
CA VAL F 54 26.21 12.94 -60.45
C VAL F 54 26.66 11.51 -60.24
N GLY F 55 26.85 11.18 -58.97
CA GLY F 55 27.19 9.82 -58.58
C GLY F 55 28.53 9.44 -59.19
N ASP F 56 28.53 8.36 -59.95
CA ASP F 56 29.72 7.86 -60.58
C ASP F 56 30.20 8.80 -61.68
N GLU F 57 29.33 9.66 -62.22
CA GLU F 57 29.78 10.59 -63.24
C GLU F 57 30.68 11.62 -62.58
N ALA F 58 30.28 12.00 -61.36
CA ALA F 58 30.98 13.01 -60.62
C ALA F 58 32.37 12.52 -60.25
N GLN F 59 32.48 11.25 -59.91
CA GLN F 59 33.80 10.73 -59.62
C GLN F 59 34.62 10.50 -60.90
N SER F 60 34.02 10.02 -61.98
CA SER F 60 34.78 9.73 -63.21
C SER F 60 35.40 10.98 -63.85
N LYS F 61 34.74 12.11 -63.73
CA LYS F 61 35.19 13.39 -64.28
C LYS F 61 35.82 14.32 -63.24
N ARG F 62 36.07 13.79 -62.03
CA ARG F 62 36.52 14.56 -60.87
C ARG F 62 37.82 15.32 -61.01
N GLY F 63 38.66 15.01 -62.00
CA GLY F 63 39.93 15.70 -62.12
C GLY F 63 39.77 17.22 -62.11
N ILE F 64 38.68 17.75 -62.67
CA ILE F 64 38.43 19.19 -62.68
C ILE F 64 37.14 19.61 -62.00
N LEU F 65 36.57 18.75 -61.17
CA LEU F 65 35.32 19.08 -60.52
C LEU F 65 35.53 19.26 -59.04
N THR F 66 34.70 20.08 -58.43
CA THR F 66 34.69 20.14 -56.98
C THR F 66 33.55 19.20 -56.62
N LEU F 67 33.76 18.31 -55.67
CA LEU F 67 32.69 17.36 -55.36
C LEU F 67 31.97 17.66 -54.05
N LYS F 68 30.66 17.91 -54.16
CA LYS F 68 29.86 18.26 -53.00
C LYS F 68 28.91 17.13 -52.62
N TYR F 69 28.67 17.00 -51.33
CA TYR F 69 27.75 16.01 -50.80
C TYR F 69 26.45 16.67 -50.25
N PRO F 70 25.25 16.45 -50.86
CA PRO F 70 23.93 17.00 -50.50
C PRO F 70 23.41 16.56 -49.11
N ILE F 71 24.02 15.50 -48.57
CA ILE F 71 23.65 14.93 -47.29
C ILE F 71 24.81 15.04 -46.30
N GLU F 72 24.50 15.53 -45.09
CA GLU F 72 25.49 15.72 -44.04
C GLU F 72 24.99 15.37 -42.63
N HIS F 73 25.79 14.59 -41.91
CA HIS F 73 25.52 14.15 -40.54
C HIS F 73 24.13 13.53 -40.35
N GLY F 74 23.69 12.76 -41.35
CA GLY F 74 22.40 12.10 -41.31
C GLY F 74 21.24 12.82 -42.04
N ILE F 75 21.40 14.08 -42.50
CA ILE F 75 20.24 14.71 -43.18
C ILE F 75 20.49 15.31 -44.55
N ILE F 76 19.41 15.46 -45.30
CA ILE F 76 19.52 16.15 -46.57
C ILE F 76 19.54 17.64 -46.30
N THR F 77 20.56 18.31 -46.84
CA THR F 77 20.68 19.75 -46.69
C THR F 77 20.37 20.39 -48.04
N ASN F 78 20.52 19.60 -49.11
CA ASN F 78 20.25 20.09 -50.45
C ASN F 78 19.42 19.07 -51.25
N TRP F 79 18.12 19.30 -51.27
CA TRP F 79 17.17 18.39 -51.88
C TRP F 79 17.02 18.58 -53.37
N ASP F 80 17.60 19.64 -53.92
CA ASP F 80 17.51 19.85 -55.35
C ASP F 80 18.62 18.98 -55.95
N ASP F 81 19.73 18.89 -55.22
CA ASP F 81 20.79 18.02 -55.64
C ASP F 81 20.35 16.58 -55.46
N MET F 82 19.56 16.29 -54.42
CA MET F 82 19.08 14.92 -54.27
C MET F 82 18.11 14.57 -55.38
N GLU F 83 17.32 15.51 -55.87
CA GLU F 83 16.45 15.15 -56.98
C GLU F 83 17.32 14.67 -58.14
N LYS F 84 18.47 15.33 -58.41
CA LYS F 84 19.34 14.83 -59.48
C LYS F 84 20.01 13.48 -59.15
N ILE F 85 20.39 13.26 -57.87
CA ILE F 85 21.02 11.98 -57.51
C ILE F 85 20.00 10.86 -57.75
N TRP F 86 18.76 11.08 -57.33
CA TRP F 86 17.66 10.13 -57.49
C TRP F 86 17.28 9.97 -58.95
N HIS F 87 17.25 11.06 -59.72
CA HIS F 87 16.86 10.92 -61.11
C HIS F 87 17.81 9.97 -61.79
N HIS F 88 19.11 10.17 -61.59
CA HIS F 88 20.12 9.30 -62.16
C HIS F 88 19.97 7.87 -61.66
N THR F 89 19.85 7.72 -60.34
CA THR F 89 19.70 6.41 -59.74
C THR F 89 18.57 5.63 -60.36
N PHE F 90 17.41 6.27 -60.49
CA PHE F 90 16.25 5.59 -60.99
C PHE F 90 16.21 5.45 -62.50
N TYR F 91 16.40 6.54 -63.24
CA TYR F 91 16.23 6.52 -64.68
C TYR F 91 17.43 6.11 -65.52
N ASN F 92 18.66 6.31 -65.06
CA ASN F 92 19.79 5.97 -65.91
C ASN F 92 20.33 4.59 -65.60
N GLU F 93 20.43 4.26 -64.31
CA GLU F 93 21.00 2.95 -63.96
C GLU F 93 19.97 1.87 -63.57
N LEU F 94 18.96 2.19 -62.76
CA LEU F 94 17.96 1.18 -62.45
C LEU F 94 16.98 1.10 -63.63
N ARG F 95 16.89 2.21 -64.35
CA ARG F 95 16.08 2.42 -65.55
C ARG F 95 14.61 2.15 -65.32
N VAL F 96 14.16 2.71 -64.22
CA VAL F 96 12.80 2.64 -63.76
C VAL F 96 12.24 4.00 -63.44
N ALA F 97 10.99 4.21 -63.80
CA ALA F 97 10.33 5.45 -63.46
C ALA F 97 9.48 5.24 -62.20
N PRO F 98 9.76 5.90 -61.04
CA PRO F 98 9.07 5.78 -59.76
C PRO F 98 7.58 6.05 -59.89
N GLU F 99 7.17 6.72 -60.97
CA GLU F 99 5.77 6.99 -61.20
C GLU F 99 4.94 5.69 -61.15
N GLU F 100 5.52 4.57 -61.59
CA GLU F 100 4.81 3.29 -61.60
C GLU F 100 5.17 2.38 -60.40
N HIS F 101 5.97 2.85 -59.45
CA HIS F 101 6.42 2.03 -58.32
C HIS F 101 6.42 2.79 -56.98
N PRO F 102 5.97 2.21 -55.85
CA PRO F 102 6.10 2.80 -54.51
C PRO F 102 7.57 2.97 -54.20
N THR F 103 7.96 3.99 -53.43
CA THR F 103 9.39 4.11 -53.09
C THR F 103 9.64 4.20 -51.60
N LEU F 104 10.61 3.38 -51.16
CA LEU F 104 11.02 3.33 -49.78
C LEU F 104 12.36 4.00 -49.51
N LEU F 105 12.32 5.06 -48.70
CA LEU F 105 13.50 5.81 -48.31
C LEU F 105 13.71 5.58 -46.82
N THR F 106 14.94 5.76 -46.33
CA THR F 106 15.26 5.44 -44.94
C THR F 106 15.98 6.55 -44.14
N GLU F 107 15.83 6.53 -42.79
CA GLU F 107 16.53 7.47 -41.88
C GLU F 107 16.72 6.93 -40.44
N ALA F 108 17.57 7.59 -39.67
CA ALA F 108 17.78 7.25 -38.26
C ALA F 108 16.54 7.61 -37.37
N PRO F 109 16.26 6.91 -36.25
CA PRO F 109 15.14 7.16 -35.32
C PRO F 109 14.90 8.58 -34.79
N LEU F 110 15.96 9.37 -34.55
CA LEU F 110 15.78 10.73 -34.02
C LEU F 110 16.19 11.76 -35.06
N ASN F 111 16.28 11.33 -36.32
CA ASN F 111 16.71 12.19 -37.40
C ASN F 111 15.72 13.37 -37.50
N PRO F 112 16.19 14.63 -37.69
CA PRO F 112 15.34 15.80 -37.83
C PRO F 112 14.28 15.54 -38.87
N LYS F 113 13.05 15.99 -38.59
CA LYS F 113 11.90 15.68 -39.45
C LYS F 113 12.02 16.22 -40.86
N ALA F 114 12.82 17.26 -41.05
CA ALA F 114 12.98 17.83 -42.37
C ALA F 114 13.49 16.77 -43.35
N ASN F 115 14.28 15.81 -42.87
CA ASN F 115 14.84 14.81 -43.76
C ASN F 115 13.71 13.96 -44.33
N ARG F 116 12.83 13.41 -43.48
CA ARG F 116 11.73 12.61 -43.99
C ARG F 116 10.73 13.44 -44.78
N GLU F 117 10.56 14.72 -44.43
CA GLU F 117 9.60 15.55 -45.16
C GLU F 117 10.08 15.86 -46.56
N LYS F 118 11.40 16.11 -46.73
CA LYS F 118 11.90 16.38 -48.07
C LYS F 118 11.98 15.09 -48.87
N MET F 119 12.29 13.96 -48.23
CA MET F 119 12.31 12.73 -49.00
C MET F 119 10.92 12.46 -49.58
N THR F 120 9.90 12.70 -48.76
CA THR F 120 8.50 12.52 -49.13
C THR F 120 8.10 13.51 -50.22
N GLN F 121 8.45 14.80 -50.05
CA GLN F 121 8.09 15.82 -51.02
C GLN F 121 8.71 15.60 -52.38
N ILE F 122 10.00 15.28 -52.44
CA ILE F 122 10.60 15.16 -53.75
C ILE F 122 10.04 13.95 -54.48
N MET F 123 9.92 12.81 -53.78
CA MET F 123 9.41 11.69 -54.53
C MET F 123 7.96 11.89 -54.99
N PHE F 124 7.12 12.57 -54.21
CA PHE F 124 5.76 12.80 -54.68
C PHE F 124 5.61 13.93 -55.69
N GLU F 125 6.41 15.00 -55.58
CA GLU F 125 6.23 16.12 -56.49
C GLU F 125 7.13 16.15 -57.72
N THR F 126 8.34 15.56 -57.70
CA THR F 126 9.15 15.65 -58.92
C THR F 126 9.17 14.29 -59.62
N PHE F 127 8.94 13.21 -58.86
CA PHE F 127 8.94 11.86 -59.45
C PHE F 127 7.54 11.27 -59.61
N ASN F 128 6.54 11.89 -59.01
CA ASN F 128 5.15 11.45 -59.03
C ASN F 128 4.97 10.01 -58.57
N VAL F 129 5.69 9.62 -57.52
CA VAL F 129 5.64 8.26 -57.02
C VAL F 129 4.22 8.02 -56.48
N PRO F 130 3.56 6.88 -56.74
CA PRO F 130 2.23 6.58 -56.26
C PRO F 130 2.15 6.39 -54.75
N ALA F 131 3.29 6.11 -54.12
CA ALA F 131 3.35 5.91 -52.69
C ALA F 131 4.74 6.11 -52.10
N MET F 132 4.77 6.49 -50.81
CA MET F 132 5.99 6.65 -50.05
C MET F 132 5.99 6.14 -48.65
N TYR F 133 7.15 5.71 -48.22
CA TYR F 133 7.32 5.41 -46.82
C TYR F 133 8.74 5.73 -46.43
N VAL F 134 8.90 6.33 -45.26
CA VAL F 134 10.22 6.55 -44.72
C VAL F 134 10.41 5.63 -43.53
N ALA F 135 11.36 4.72 -43.68
CA ALA F 135 11.64 3.70 -42.70
C ALA F 135 12.81 4.04 -41.83
N ILE F 136 12.86 3.35 -40.71
CA ILE F 136 13.93 3.50 -39.78
C ILE F 136 15.05 2.51 -40.09
N GLN F 137 16.26 3.05 -40.22
CA GLN F 137 17.44 2.27 -40.60
C GLN F 137 17.73 1.15 -39.62
N ALA F 138 17.45 1.37 -38.34
CA ALA F 138 17.64 0.35 -37.32
C ALA F 138 16.74 -0.86 -37.53
N VAL F 139 15.53 -0.65 -38.06
CA VAL F 139 14.60 -1.73 -38.31
C VAL F 139 15.14 -2.57 -39.40
N LEU F 140 15.60 -1.88 -40.41
CA LEU F 140 16.07 -2.52 -41.60
C LEU F 140 17.34 -3.31 -41.31
N SER F 141 18.20 -2.77 -40.43
CA SER F 141 19.42 -3.48 -40.08
C SER F 141 19.06 -4.78 -39.36
N LEU F 142 18.07 -4.71 -38.45
CA LEU F 142 17.64 -5.91 -37.74
C LEU F 142 16.99 -6.92 -38.68
N TYR F 143 16.25 -6.44 -39.67
CA TYR F 143 15.60 -7.34 -40.62
C TYR F 143 16.60 -8.12 -41.48
N ALA F 144 17.70 -7.47 -41.84
CA ALA F 144 18.76 -8.04 -42.66
C ALA F 144 19.54 -9.09 -41.88
N SER F 145 19.71 -8.83 -40.58
CA SER F 145 20.45 -9.68 -39.67
C SER F 145 19.63 -10.84 -39.09
N GLY F 146 18.32 -10.90 -39.32
CA GLY F 146 17.51 -11.93 -38.70
C GLY F 146 17.26 -11.68 -37.21
N ARG F 147 17.13 -10.41 -36.81
CA ARG F 147 16.92 -10.04 -35.41
C ARG F 147 15.71 -9.12 -35.20
N THR F 148 15.19 -9.12 -33.97
CA THR F 148 14.07 -8.26 -33.57
C THR F 148 14.55 -7.47 -32.39
N THR F 149 15.62 -8.00 -31.86
CA THR F 149 16.21 -7.47 -30.64
C THR F 149 17.71 -7.31 -30.78
N GLY F 150 18.19 -6.15 -30.35
CA GLY F 150 19.61 -5.85 -30.30
C GLY F 150 19.92 -4.35 -30.33
N ILE F 151 21.20 -4.02 -30.23
CA ILE F 151 21.61 -2.61 -30.27
C ILE F 151 22.06 -2.28 -31.64
N VAL F 152 21.43 -1.35 -32.31
CA VAL F 152 21.96 -1.12 -33.64
C VAL F 152 23.00 -0.03 -33.54
N LEU F 153 24.23 -0.41 -33.85
CA LEU F 153 25.37 0.48 -33.83
C LEU F 153 25.71 0.62 -35.30
N ASP F 154 25.28 1.74 -35.84
CA ASP F 154 25.29 2.09 -37.23
C ASP F 154 26.30 3.11 -37.71
N SER F 155 27.48 3.20 -37.11
CA SER F 155 28.37 4.25 -37.54
C SER F 155 28.56 4.16 -39.06
N GLY F 156 28.21 5.26 -39.72
CA GLY F 156 28.27 5.42 -41.15
C GLY F 156 29.31 6.46 -41.50
N ASP F 157 28.99 7.29 -42.50
CA ASP F 157 29.88 8.33 -42.97
C ASP F 157 29.72 9.62 -42.17
N GLY F 158 28.48 10.03 -41.87
CA GLY F 158 28.29 11.30 -41.16
C GLY F 158 27.80 11.20 -39.71
N VAL F 159 27.23 10.06 -39.32
CA VAL F 159 26.67 9.94 -37.97
C VAL F 159 26.65 8.52 -37.41
N THR F 160 26.77 8.41 -36.07
CA THR F 160 26.53 7.15 -35.35
C THR F 160 25.25 7.42 -34.56
N HIS F 161 24.23 6.60 -34.78
CA HIS F 161 22.92 6.82 -34.14
C HIS F 161 22.71 6.09 -32.82
N ASN F 162 23.17 4.85 -32.75
CA ASN F 162 23.10 3.99 -31.56
C ASN F 162 21.72 3.77 -30.95
N VAL F 163 20.93 2.86 -31.52
CA VAL F 163 19.58 2.66 -31.01
C VAL F 163 19.18 1.23 -30.62
N PRO F 164 18.81 0.98 -29.34
CA PRO F 164 18.32 -0.28 -28.82
C PRO F 164 16.90 -0.54 -29.25
N ILE F 165 16.65 -1.78 -29.68
CA ILE F 165 15.32 -2.28 -30.04
C ILE F 165 15.06 -3.62 -29.33
N TYR F 166 13.88 -3.78 -28.71
CA TYR F 166 13.54 -5.05 -28.04
C TYR F 166 12.18 -5.53 -28.50
N GLU F 167 12.09 -6.76 -29.02
CA GLU F 167 10.81 -7.30 -29.55
C GLU F 167 10.23 -6.36 -30.59
N GLY F 168 11.07 -5.71 -31.38
CA GLY F 168 10.58 -4.81 -32.38
C GLY F 168 10.18 -3.41 -31.86
N TYR F 169 10.37 -3.13 -30.58
CA TYR F 169 9.99 -1.83 -30.06
C TYR F 169 11.21 -0.96 -29.79
N ALA F 170 11.11 0.33 -30.09
CA ALA F 170 12.27 1.17 -29.84
C ALA F 170 12.30 1.51 -28.38
N LEU F 171 13.49 1.68 -27.83
CA LEU F 171 13.59 2.16 -26.48
C LEU F 171 14.25 3.55 -26.62
N PRO F 172 13.51 4.63 -27.00
CA PRO F 172 14.04 5.92 -27.40
C PRO F 172 14.82 6.67 -26.33
N HIS F 173 14.57 6.36 -25.06
CA HIS F 173 15.25 7.01 -23.98
C HIS F 173 16.67 6.50 -23.83
N ALA F 174 16.96 5.41 -24.54
CA ALA F 174 18.24 4.76 -24.51
C ALA F 174 19.02 4.94 -25.83
N ILE F 175 18.64 5.96 -26.63
CA ILE F 175 19.37 6.28 -27.87
C ILE F 175 20.46 7.32 -27.63
N MET F 176 21.70 7.03 -28.05
CA MET F 176 22.78 8.01 -27.81
C MET F 176 23.57 8.36 -29.08
N ARG F 177 23.02 9.29 -29.85
CA ARG F 177 23.64 9.73 -31.10
C ARG F 177 24.92 10.51 -30.89
N LEU F 178 25.89 10.26 -31.76
CA LEU F 178 27.17 10.93 -31.72
C LEU F 178 27.57 11.58 -33.06
N ASP F 179 28.23 12.74 -32.98
CA ASP F 179 28.81 13.35 -34.19
C ASP F 179 30.21 12.76 -34.36
N LEU F 180 30.22 11.47 -34.63
CA LEU F 180 31.41 10.65 -34.81
C LEU F 180 31.19 9.66 -35.94
N ALA F 181 31.88 9.86 -37.06
CA ALA F 181 31.64 8.96 -38.19
C ALA F 181 32.81 8.90 -39.19
N GLY F 182 32.67 8.04 -40.21
CA GLY F 182 33.71 7.79 -41.19
C GLY F 182 34.29 9.03 -41.88
N ARG F 183 33.48 10.07 -42.10
CA ARG F 183 33.94 11.30 -42.74
C ARG F 183 34.97 12.01 -41.84
N ASP F 184 34.84 11.85 -40.51
CA ASP F 184 35.71 12.53 -39.58
C ASP F 184 36.97 11.71 -39.47
N LEU F 185 36.81 10.41 -39.65
CA LEU F 185 37.95 9.53 -39.56
C LEU F 185 38.88 9.86 -40.75
N THR F 186 38.28 10.15 -41.93
CA THR F 186 39.05 10.52 -43.12
C THR F 186 39.82 11.79 -42.82
N ASP F 187 39.15 12.77 -42.20
CA ASP F 187 39.82 14.04 -41.89
C ASP F 187 40.98 13.85 -40.92
N TYR F 188 40.80 12.97 -39.94
CA TYR F 188 41.84 12.69 -38.96
C TYR F 188 43.06 12.08 -39.66
N LEU F 189 42.79 11.19 -40.61
CA LEU F 189 43.84 10.53 -41.37
C LEU F 189 44.55 11.57 -42.23
N MET F 190 43.83 12.50 -42.86
CA MET F 190 44.51 13.50 -43.67
C MET F 190 45.50 14.32 -42.82
N LYS F 191 45.13 14.65 -41.59
CA LYS F 191 46.05 15.45 -40.78
C LYS F 191 47.30 14.66 -40.37
N ILE F 192 47.14 13.39 -40.01
CA ILE F 192 48.29 12.59 -39.61
C ILE F 192 49.14 12.17 -40.84
N LEU F 193 48.52 12.05 -42.02
CA LEU F 193 49.30 11.75 -43.22
C LEU F 193 50.09 12.99 -43.62
N THR F 194 49.56 14.18 -43.28
CA THR F 194 50.26 15.43 -43.53
C THR F 194 51.54 15.43 -42.68
N GLU F 195 51.42 14.95 -41.43
CA GLU F 195 52.59 14.89 -40.55
C GLU F 195 53.69 14.01 -41.16
N ARG F 196 53.30 12.96 -41.90
CA ARG F 196 54.22 12.03 -42.58
C ARG F 196 54.82 12.60 -43.87
N GLY F 197 54.38 13.78 -44.32
CA GLY F 197 54.87 14.38 -45.55
C GLY F 197 53.96 14.23 -46.78
N TYR F 198 52.72 13.77 -46.57
CA TYR F 198 51.77 13.61 -47.67
C TYR F 198 50.54 14.43 -47.36
N SER F 199 50.55 15.67 -47.81
CA SER F 199 49.50 16.62 -47.47
C SER F 199 48.34 16.59 -48.47
N PHE F 200 47.18 16.13 -47.99
CA PHE F 200 45.98 15.96 -48.82
C PHE F 200 44.84 16.92 -48.43
N VAL F 201 44.48 17.88 -49.30
CA VAL F 201 43.37 18.79 -48.95
C VAL F 201 42.27 19.03 -50.01
N THR F 202 42.56 18.80 -51.30
CA THR F 202 41.64 19.13 -52.42
C THR F 202 40.66 18.00 -52.64
N THR F 203 39.62 18.19 -53.46
CA THR F 203 38.71 17.06 -53.63
C THR F 203 39.39 15.79 -54.09
N ALA F 204 40.27 15.85 -55.08
CA ALA F 204 40.89 14.62 -55.53
C ALA F 204 41.66 13.97 -54.38
N GLU F 205 42.35 14.80 -53.61
CA GLU F 205 43.13 14.32 -52.49
C GLU F 205 42.29 13.76 -51.34
N ARG F 206 41.14 14.38 -51.08
CA ARG F 206 40.23 13.95 -50.02
C ARG F 206 39.65 12.57 -50.38
N GLU F 207 39.33 12.37 -51.66
CA GLU F 207 38.80 11.10 -52.16
C GLU F 207 39.89 10.01 -52.04
N ILE F 208 41.15 10.37 -52.29
CA ILE F 208 42.24 9.40 -52.14
C ILE F 208 42.37 8.95 -50.71
N VAL F 209 42.35 9.89 -49.75
CA VAL F 209 42.52 9.47 -48.38
C VAL F 209 41.35 8.59 -47.94
N ARG F 210 40.14 8.92 -48.37
CA ARG F 210 39.02 8.05 -48.05
C ARG F 210 39.29 6.64 -48.59
N ASP F 211 39.81 6.53 -49.83
CA ASP F 211 40.10 5.23 -50.42
C ASP F 211 41.19 4.49 -49.62
N ILE F 212 42.18 5.25 -49.10
CA ILE F 212 43.23 4.66 -48.29
C ILE F 212 42.63 4.06 -47.05
N LYS F 213 41.78 4.82 -46.38
CA LYS F 213 41.15 4.36 -45.16
C LYS F 213 40.43 3.02 -45.35
N GLU F 214 39.63 2.95 -46.43
CA GLU F 214 38.83 1.77 -46.74
C GLU F 214 39.66 0.51 -46.97
N LYS F 215 40.83 0.67 -47.59
CA LYS F 215 41.69 -0.46 -47.89
C LYS F 215 42.76 -0.78 -46.84
N LEU F 216 43.25 0.22 -46.10
CA LEU F 216 44.35 -0.03 -45.17
C LEU F 216 44.01 -0.14 -43.68
N CYS F 217 42.92 0.48 -43.22
CA CYS F 217 42.66 0.47 -41.79
C CYS F 217 42.19 -0.87 -41.24
N TYR F 218 42.76 -1.27 -40.08
CA TYR F 218 42.40 -2.54 -39.43
C TYR F 218 41.90 -2.37 -38.01
N VAL F 219 41.76 -1.13 -37.60
CA VAL F 219 41.32 -0.64 -36.28
C VAL F 219 42.17 -1.02 -35.06
N ALA F 220 42.45 -2.30 -34.89
CA ALA F 220 43.26 -2.87 -33.80
C ALA F 220 42.42 -3.22 -32.59
N LEU F 221 42.34 -4.52 -32.25
CA LEU F 221 41.56 -4.93 -31.08
C LEU F 221 42.33 -4.47 -29.84
N ASP F 222 43.66 -4.45 -29.97
CA ASP F 222 44.56 -4.00 -28.92
C ASP F 222 45.42 -2.91 -29.52
N PHE F 223 44.95 -1.67 -29.40
CA PHE F 223 45.60 -0.55 -30.05
C PHE F 223 46.88 -0.15 -29.37
N GLU F 224 47.02 -0.45 -28.06
CA GLU F 224 48.25 -0.06 -27.39
C GLU F 224 49.38 -0.95 -27.88
N ASN F 225 49.09 -2.23 -28.09
CA ASN F 225 50.14 -3.11 -28.58
C ASN F 225 50.47 -2.74 -30.02
N GLU F 226 49.44 -2.43 -30.81
CA GLU F 226 49.67 -2.08 -32.19
C GLU F 226 50.41 -0.76 -32.33
N MET F 227 50.15 0.25 -31.48
CA MET F 227 50.90 1.48 -31.66
C MET F 227 52.32 1.29 -31.21
N ALA F 228 52.56 0.46 -30.20
CA ALA F 228 53.92 0.27 -29.75
C ALA F 228 54.79 -0.33 -30.84
N THR F 229 54.25 -1.26 -31.63
CA THR F 229 55.04 -1.84 -32.70
C THR F 229 54.94 -1.04 -34.00
N ALA F 230 53.73 -0.66 -34.40
CA ALA F 230 53.53 0.03 -35.67
C ALA F 230 54.27 1.35 -35.72
N ALA F 231 54.41 2.02 -34.58
CA ALA F 231 55.11 3.29 -34.54
C ALA F 231 56.63 3.09 -34.43
N SER F 232 57.09 1.85 -34.23
CA SER F 232 58.49 1.55 -34.04
C SER F 232 59.12 0.86 -35.24
N SER F 233 58.31 0.22 -36.09
CA SER F 233 58.86 -0.54 -37.21
C SER F 233 58.05 -0.53 -38.50
N SER F 234 58.81 -0.44 -39.60
CA SER F 234 58.32 -0.43 -40.98
C SER F 234 57.69 -1.75 -41.37
N SER F 235 57.90 -2.79 -40.56
CA SER F 235 57.36 -4.11 -40.83
C SER F 235 55.84 -4.12 -40.73
N LEU F 236 55.24 -3.10 -40.10
CA LEU F 236 53.79 -3.02 -40.00
C LEU F 236 53.21 -1.92 -40.89
N GLU F 237 54.01 -1.40 -41.83
CA GLU F 237 53.49 -0.38 -42.72
C GLU F 237 52.94 -1.00 -43.98
N LYS F 238 51.84 -0.45 -44.45
CA LYS F 238 51.25 -0.90 -45.70
C LYS F 238 51.38 0.17 -46.76
N SER F 239 51.88 -0.26 -47.93
CA SER F 239 52.03 0.63 -49.07
C SER F 239 50.72 0.79 -49.83
N TYR F 240 50.38 2.02 -50.13
CA TYR F 240 49.20 2.38 -50.90
C TYR F 240 49.60 3.13 -52.17
N GLU F 241 49.02 2.71 -53.28
CA GLU F 241 49.30 3.32 -54.59
C GLU F 241 48.33 4.45 -54.91
N LEU F 242 48.88 5.61 -55.28
CA LEU F 242 48.10 6.79 -55.61
C LEU F 242 47.92 6.86 -57.12
N PRO F 243 46.88 7.58 -57.63
CA PRO F 243 46.57 7.75 -59.04
C PRO F 243 47.71 8.21 -59.95
N ASP F 244 48.68 8.95 -59.43
CA ASP F 244 49.75 9.41 -60.29
C ASP F 244 51.00 8.55 -60.22
N GLY F 245 50.91 7.39 -59.57
CA GLY F 245 52.05 6.49 -59.43
C GLY F 245 52.81 6.67 -58.11
N GLN F 246 52.40 7.60 -57.25
CA GLN F 246 53.10 7.76 -55.97
C GLN F 246 52.75 6.68 -54.96
N VAL F 247 53.68 6.40 -54.06
CA VAL F 247 53.39 5.48 -52.98
C VAL F 247 53.57 6.11 -51.62
N ILE F 248 52.54 5.90 -50.80
CA ILE F 248 52.50 6.35 -49.42
C ILE F 248 52.54 5.14 -48.53
N THR F 249 53.34 5.15 -47.48
CA THR F 249 53.29 4.01 -46.58
C THR F 249 52.70 4.56 -45.31
N ILE F 250 51.84 3.75 -44.69
CA ILE F 250 51.16 4.15 -43.47
C ILE F 250 51.37 3.10 -42.36
N GLY F 251 51.82 3.54 -41.16
CA GLY F 251 52.14 2.66 -40.04
C GLY F 251 51.11 2.71 -38.94
N ASN F 252 51.42 3.33 -37.81
CA ASN F 252 50.42 3.37 -36.74
C ASN F 252 49.23 4.23 -37.16
N GLU F 253 49.44 5.13 -38.12
CA GLU F 253 48.40 6.02 -38.63
C GLU F 253 47.28 5.20 -39.28
N ARG F 254 47.63 3.97 -39.67
CA ARG F 254 46.78 3.01 -40.32
C ARG F 254 45.61 2.65 -39.42
N PHE F 255 45.85 2.67 -38.12
CA PHE F 255 44.82 2.33 -37.14
C PHE F 255 44.42 3.54 -36.30
N ARG F 256 45.25 4.58 -36.32
CA ARG F 256 44.96 5.79 -35.54
C ARG F 256 43.72 6.48 -36.10
N CYS F 257 43.51 6.35 -37.41
CA CYS F 257 42.31 6.90 -37.98
C CYS F 257 41.05 6.30 -37.27
N PRO F 258 40.76 4.96 -37.33
CA PRO F 258 39.70 4.24 -36.61
C PRO F 258 39.72 4.38 -35.09
N GLU F 259 40.90 4.62 -34.53
CA GLU F 259 41.08 4.79 -33.09
C GLU F 259 40.21 5.92 -32.57
N THR F 260 39.86 6.88 -33.44
CA THR F 260 39.02 8.03 -33.13
C THR F 260 37.63 7.56 -32.67
N LEU F 261 37.21 6.37 -33.12
CA LEU F 261 35.91 5.83 -32.79
C LEU F 261 35.90 5.40 -31.33
N PHE F 262 37.08 5.26 -30.74
CA PHE F 262 37.22 4.84 -29.36
C PHE F 262 37.75 6.02 -28.55
N GLN F 263 38.35 6.97 -29.25
CA GLN F 263 38.87 8.22 -28.68
C GLN F 263 38.49 9.35 -29.63
N PRO F 264 37.25 9.86 -29.48
CA PRO F 264 36.61 10.91 -30.30
C PRO F 264 37.25 12.27 -30.17
N SER F 265 38.04 12.48 -29.11
CA SER F 265 38.73 13.73 -28.86
C SER F 265 39.73 14.01 -29.98
N PHE F 266 40.07 12.97 -30.74
CA PHE F 266 40.98 13.04 -31.87
C PHE F 266 40.47 14.00 -32.94
N ILE F 267 39.14 14.13 -33.05
CA ILE F 267 38.51 15.00 -34.04
C ILE F 267 37.72 16.12 -33.37
N GLY F 268 38.01 16.37 -32.08
CA GLY F 268 37.34 17.44 -31.35
C GLY F 268 35.98 17.07 -30.77
N MET F 269 35.59 15.80 -30.80
CA MET F 269 34.29 15.41 -30.28
C MET F 269 34.35 15.05 -28.81
N GLU F 270 33.33 15.45 -28.07
CA GLU F 270 33.22 15.13 -26.65
C GLU F 270 32.37 13.86 -26.59
N SER F 271 33.03 12.71 -26.48
CA SER F 271 32.35 11.45 -26.48
C SER F 271 33.17 10.35 -25.87
N ALA F 272 32.48 9.33 -25.40
CA ALA F 272 33.12 8.15 -24.84
C ALA F 272 33.44 7.12 -25.91
N GLY F 273 33.03 7.37 -27.15
CA GLY F 273 33.27 6.45 -28.27
C GLY F 273 32.09 5.55 -28.59
N ILE F 274 32.24 4.78 -29.66
CA ILE F 274 31.18 3.91 -30.15
C ILE F 274 30.90 2.70 -29.25
N HIS F 275 31.93 2.19 -28.56
CA HIS F 275 31.71 1.05 -27.70
C HIS F 275 30.98 1.43 -26.44
N GLU F 276 31.14 2.68 -26.01
CA GLU F 276 30.45 3.09 -24.82
C GLU F 276 29.04 3.48 -25.18
N THR F 277 28.82 4.11 -26.35
CA THR F 277 27.43 4.44 -26.63
C THR F 277 26.67 3.10 -26.79
N THR F 278 27.32 2.05 -27.34
CA THR F 278 26.63 0.77 -27.47
C THR F 278 26.21 0.29 -26.06
N TYR F 279 27.17 0.36 -25.14
CA TYR F 279 26.95 -0.04 -23.76
C TYR F 279 25.87 0.77 -23.03
N ASN F 280 25.88 2.09 -23.21
CA ASN F 280 24.90 2.92 -22.53
C ASN F 280 23.49 2.67 -23.05
N SER F 281 23.35 2.33 -24.33
CA SER F 281 22.04 2.00 -24.85
C SER F 281 21.52 0.74 -24.19
N ILE F 282 22.42 -0.16 -23.81
CA ILE F 282 22.00 -1.35 -23.11
C ILE F 282 21.62 -0.93 -21.68
N MET F 283 22.50 -0.16 -21.02
CA MET F 283 22.30 0.21 -19.61
C MET F 283 21.07 1.08 -19.33
N LYS F 284 20.61 1.85 -20.30
CA LYS F 284 19.41 2.66 -20.05
C LYS F 284 18.11 1.87 -20.30
N CYS F 285 18.24 0.61 -20.68
CA CYS F 285 17.08 -0.25 -20.87
C CYS F 285 16.86 -1.06 -19.59
N ASP F 286 15.64 -1.53 -19.37
CA ASP F 286 15.34 -2.32 -18.17
C ASP F 286 16.16 -3.59 -18.10
N ILE F 287 16.44 -4.04 -16.89
CA ILE F 287 17.28 -5.20 -16.67
C ILE F 287 16.80 -6.52 -17.30
N ASP F 288 15.50 -6.66 -17.62
CA ASP F 288 15.02 -7.86 -18.29
C ASP F 288 15.09 -7.72 -19.82
N ILE F 289 15.57 -6.57 -20.28
CA ILE F 289 15.80 -6.24 -21.68
C ILE F 289 17.29 -6.40 -21.93
N ARG F 290 18.09 -5.91 -20.98
CA ARG F 290 19.54 -5.84 -21.09
C ARG F 290 20.19 -7.16 -21.46
N LYS F 291 19.69 -8.27 -20.93
CA LYS F 291 20.34 -9.54 -21.22
C LYS F 291 20.29 -9.89 -22.72
N ASP F 292 19.23 -9.44 -23.41
CA ASP F 292 19.05 -9.78 -24.79
C ASP F 292 19.81 -8.79 -25.63
N LEU F 293 19.94 -7.57 -25.12
CA LEU F 293 20.69 -6.59 -25.89
C LEU F 293 22.18 -6.91 -25.76
N TYR F 294 22.66 -7.40 -24.60
CA TYR F 294 24.08 -7.74 -24.46
C TYR F 294 24.48 -8.85 -25.40
N ALA F 295 23.58 -9.81 -25.60
CA ALA F 295 23.79 -10.95 -26.46
C ALA F 295 23.61 -10.61 -27.94
N ASN F 296 23.16 -9.38 -28.24
CA ASN F 296 22.89 -8.97 -29.59
C ASN F 296 23.33 -7.54 -29.91
N ASN F 297 24.63 -7.25 -29.89
CA ASN F 297 25.04 -5.95 -30.38
C ASN F 297 25.00 -6.12 -31.89
N VAL F 298 24.29 -5.26 -32.59
CA VAL F 298 24.11 -5.43 -34.03
C VAL F 298 24.89 -4.44 -34.86
N MET F 299 25.76 -4.97 -35.71
CA MET F 299 26.60 -4.10 -36.48
C MET F 299 25.95 -3.67 -37.77
N SER F 300 25.95 -2.37 -38.00
CA SER F 300 25.43 -1.77 -39.21
C SER F 300 26.28 -0.58 -39.58
N GLY F 301 25.89 0.14 -40.59
CA GLY F 301 26.77 1.23 -41.00
C GLY F 301 27.96 0.62 -41.73
N GLY F 302 29.06 1.38 -41.81
CA GLY F 302 30.24 0.99 -42.60
C GLY F 302 31.52 0.72 -41.81
N THR F 303 31.61 1.18 -40.55
CA THR F 303 32.87 1.04 -39.78
C THR F 303 33.05 -0.41 -39.33
N THR F 304 32.00 -1.16 -39.53
CA THR F 304 31.85 -2.53 -39.18
C THR F 304 32.64 -3.42 -40.14
N MET F 305 33.17 -2.81 -41.21
CA MET F 305 33.98 -3.48 -42.20
C MET F 305 35.50 -3.38 -41.99
N TYR F 306 35.97 -2.99 -40.79
CA TYR F 306 37.42 -3.06 -40.59
C TYR F 306 37.73 -4.52 -40.24
N PRO F 307 38.84 -5.09 -40.70
CA PRO F 307 39.29 -6.44 -40.38
C PRO F 307 39.83 -6.52 -38.95
N GLY F 308 38.90 -6.56 -38.00
CA GLY F 308 39.22 -6.55 -36.57
C GLY F 308 38.25 -5.75 -35.68
N ILE F 309 37.28 -5.04 -36.27
CA ILE F 309 36.35 -4.26 -35.45
C ILE F 309 35.41 -5.09 -34.61
N ALA F 310 35.00 -6.27 -35.09
CA ALA F 310 34.10 -7.08 -34.29
C ALA F 310 34.80 -7.48 -32.99
N ASP F 311 36.12 -7.68 -33.04
CA ASP F 311 36.83 -8.08 -31.85
C ASP F 311 37.11 -6.89 -30.97
N ARG F 312 37.33 -5.73 -31.59
CA ARG F 312 37.58 -4.51 -30.84
C ARG F 312 36.32 -4.12 -30.05
N MET F 313 35.16 -4.28 -30.69
CA MET F 313 33.89 -3.98 -30.06
C MET F 313 33.50 -5.00 -29.02
N GLN F 314 33.69 -6.31 -29.27
CA GLN F 314 33.26 -7.25 -28.26
C GLN F 314 34.09 -7.08 -27.02
N LYS F 315 35.41 -6.85 -27.19
CA LYS F 315 36.30 -6.67 -26.08
C LYS F 315 35.91 -5.44 -25.26
N GLU F 316 35.60 -4.32 -25.93
CA GLU F 316 35.24 -3.13 -25.19
C GLU F 316 33.88 -3.26 -24.48
N ILE F 317 32.88 -3.88 -25.10
CA ILE F 317 31.60 -3.93 -24.41
C ILE F 317 31.70 -4.88 -23.24
N THR F 318 32.33 -6.05 -23.44
CA THR F 318 32.42 -7.01 -22.34
C THR F 318 33.24 -6.43 -21.19
N ALA F 319 34.22 -5.55 -21.50
CA ALA F 319 35.00 -4.89 -20.47
C ALA F 319 34.12 -3.94 -19.62
N LEU F 320 33.14 -3.30 -20.25
CA LEU F 320 32.24 -2.37 -19.58
C LEU F 320 31.08 -3.10 -18.86
N ALA F 321 30.67 -4.22 -19.44
CA ALA F 321 29.57 -5.05 -18.98
C ALA F 321 29.87 -5.78 -17.67
N PRO F 322 28.82 -6.17 -16.91
CA PRO F 322 28.90 -7.03 -15.74
C PRO F 322 29.43 -8.40 -16.13
N SER F 323 30.05 -9.08 -15.17
CA SER F 323 30.56 -10.43 -15.34
C SER F 323 29.36 -11.37 -15.37
N THR F 324 29.59 -12.66 -15.68
CA THR F 324 28.53 -13.70 -15.82
C THR F 324 27.80 -13.56 -17.17
N MET F 325 27.37 -12.35 -17.48
CA MET F 325 26.67 -12.01 -18.71
C MET F 325 27.47 -12.33 -19.96
N LYS F 326 26.77 -12.82 -20.97
CA LYS F 326 27.37 -13.13 -22.26
C LYS F 326 27.19 -11.98 -23.23
N ILE F 327 28.29 -11.39 -23.66
CA ILE F 327 28.31 -10.26 -24.58
C ILE F 327 28.68 -10.75 -25.95
N LYS F 328 27.82 -10.49 -26.94
CA LYS F 328 28.03 -10.99 -28.30
C LYS F 328 27.81 -9.94 -29.39
N ILE F 329 28.49 -10.14 -30.53
CA ILE F 329 28.27 -9.27 -31.68
C ILE F 329 27.76 -9.98 -32.90
N ILE F 330 26.70 -9.40 -33.47
CA ILE F 330 26.09 -9.89 -34.67
C ILE F 330 26.69 -9.07 -35.82
N ALA F 331 27.56 -9.69 -36.62
CA ALA F 331 28.26 -8.97 -37.68
C ALA F 331 28.21 -9.72 -39.00
N PRO F 332 27.05 -9.74 -39.67
CA PRO F 332 26.75 -10.51 -40.86
C PRO F 332 27.44 -9.87 -42.07
N PRO F 333 27.62 -10.59 -43.20
CA PRO F 333 28.10 -10.08 -44.49
C PRO F 333 27.22 -8.95 -45.04
N GLU F 334 25.99 -8.87 -44.56
CA GLU F 334 25.07 -7.82 -44.94
C GLU F 334 25.58 -6.50 -44.36
N ARG F 335 26.88 -6.44 -44.10
CA ARG F 335 27.54 -5.27 -43.56
C ARG F 335 27.55 -4.19 -44.63
N LYS F 336 27.51 -2.94 -44.16
CA LYS F 336 27.46 -1.75 -45.00
C LYS F 336 26.23 -1.72 -45.91
N TYR F 337 25.64 -2.89 -46.20
CA TYR F 337 24.43 -2.86 -47.04
C TYR F 337 23.16 -3.32 -46.31
N SER F 338 23.21 -3.50 -44.99
CA SER F 338 22.08 -4.04 -44.23
C SER F 338 20.84 -3.17 -44.26
N VAL F 339 21.00 -1.86 -44.42
CA VAL F 339 19.81 -1.03 -44.48
C VAL F 339 19.08 -1.26 -45.78
N TRP F 340 19.82 -1.33 -46.89
CA TRP F 340 19.19 -1.54 -48.18
C TRP F 340 18.48 -2.89 -48.16
N ILE F 341 19.19 -3.90 -47.63
CA ILE F 341 18.68 -5.26 -47.59
C ILE F 341 17.43 -5.28 -46.75
N GLY F 342 17.46 -4.64 -45.59
CA GLY F 342 16.30 -4.54 -44.76
C GLY F 342 15.19 -3.80 -45.46
N GLY F 343 15.53 -2.80 -46.28
CA GLY F 343 14.58 -2.00 -47.04
C GLY F 343 13.79 -2.90 -47.97
N SER F 344 14.50 -3.77 -48.69
CA SER F 344 13.89 -4.75 -49.59
C SER F 344 12.99 -5.70 -48.79
N ILE F 345 13.45 -6.11 -47.58
CA ILE F 345 12.65 -7.00 -46.75
C ILE F 345 11.37 -6.28 -46.34
N LEU F 346 11.48 -5.02 -45.89
CA LEU F 346 10.31 -4.29 -45.43
C LEU F 346 9.32 -4.04 -46.55
N ALA F 347 9.84 -3.57 -47.67
CA ALA F 347 9.02 -3.19 -48.80
C ALA F 347 8.20 -4.35 -49.32
N SER F 348 8.77 -5.55 -49.25
CA SER F 348 8.11 -6.75 -49.71
C SER F 348 7.24 -7.48 -48.66
N LEU F 349 7.15 -6.97 -47.41
CA LEU F 349 6.34 -7.66 -46.42
C LEU F 349 4.86 -7.39 -46.70
N SER F 350 4.01 -8.40 -46.50
CA SER F 350 2.57 -8.19 -46.69
C SER F 350 2.01 -7.32 -45.57
N THR F 351 2.72 -7.32 -44.45
CA THR F 351 2.35 -6.61 -43.24
C THR F 351 2.78 -5.16 -43.29
N PHE F 352 3.40 -4.77 -44.40
CA PHE F 352 3.83 -3.41 -44.61
C PHE F 352 3.01 -2.68 -45.66
N GLN F 353 2.05 -3.32 -46.30
CA GLN F 353 1.46 -2.57 -47.41
C GLN F 353 0.53 -1.46 -46.94
N GLN F 354 -0.06 -1.64 -45.78
CA GLN F 354 -0.99 -0.66 -45.23
C GLN F 354 -0.23 0.54 -44.69
N MET F 355 1.10 0.44 -44.61
CA MET F 355 1.91 1.50 -44.06
C MET F 355 2.28 2.55 -45.09
N TRP F 356 1.98 2.32 -46.36
CA TRP F 356 2.39 3.28 -47.38
C TRP F 356 1.55 4.56 -47.33
N ILE F 357 2.21 5.70 -47.57
CA ILE F 357 1.52 6.96 -47.74
C ILE F 357 1.20 6.98 -49.21
N THR F 358 -0.05 7.12 -49.57
CA THR F 358 -0.36 7.08 -50.99
C THR F 358 -0.24 8.48 -51.53
N LYS F 359 -0.19 8.63 -52.85
CA LYS F 359 -0.14 9.95 -53.42
C LYS F 359 -1.38 10.74 -53.05
N GLN F 360 -2.54 10.09 -52.96
CA GLN F 360 -3.73 10.86 -52.61
C GLN F 360 -3.63 11.41 -51.19
N GLU F 361 -3.11 10.60 -50.25
CA GLU F 361 -2.97 11.06 -48.88
C GLU F 361 -1.99 12.23 -48.80
N TYR F 362 -0.90 12.12 -49.57
CA TYR F 362 0.10 13.16 -49.65
C TYR F 362 -0.48 14.44 -50.23
N ASP F 363 -1.17 14.35 -51.36
CA ASP F 363 -1.68 15.57 -51.96
C ASP F 363 -2.63 16.30 -51.02
N GLU F 364 -3.44 15.56 -50.26
CA GLU F 364 -4.35 16.19 -49.32
C GLU F 364 -3.67 16.81 -48.09
N ALA F 365 -2.68 16.11 -47.53
CA ALA F 365 -2.00 16.57 -46.31
C ALA F 365 -0.70 17.39 -46.48
N GLY F 366 0.03 17.15 -47.55
CA GLY F 366 1.33 17.75 -47.79
C GLY F 366 2.38 16.85 -47.13
N PRO F 367 3.69 17.15 -47.26
CA PRO F 367 4.82 16.35 -46.79
C PRO F 367 4.87 16.13 -45.31
N SER F 368 4.21 16.97 -44.51
CA SER F 368 4.25 16.80 -43.06
C SER F 368 3.58 15.48 -42.64
N ILE F 369 2.82 14.87 -43.56
CA ILE F 369 2.13 13.61 -43.32
C ILE F 369 3.09 12.49 -42.95
N VAL F 370 4.31 12.54 -43.45
CA VAL F 370 5.27 11.49 -43.17
C VAL F 370 5.59 11.41 -41.69
N HIS F 371 5.56 12.55 -41.01
CA HIS F 371 5.85 12.67 -39.60
C HIS F 371 4.76 12.03 -38.76
N ARG F 372 3.56 11.88 -39.31
CA ARG F 372 2.45 11.35 -38.57
C ARG F 372 2.23 9.86 -38.83
N LYS F 373 2.46 9.41 -40.08
CA LYS F 373 2.15 8.03 -40.42
C LYS F 373 3.30 7.02 -40.30
N CYS F 374 4.56 7.42 -40.55
CA CYS F 374 5.61 6.40 -40.61
C CYS F 374 6.17 5.80 -39.31
N PHE F 375 6.48 6.67 -38.34
CA PHE F 375 7.12 6.40 -37.04
C PHE F 375 7.92 7.64 -36.64
N ASP G 1 34.11 37.57 9.38
CA ASP G 1 33.41 38.80 9.01
C ASP G 1 31.96 38.73 9.47
N GLU G 2 31.59 37.55 9.93
CA GLU G 2 30.24 37.28 10.39
C GLU G 2 30.08 37.75 11.83
N ASP G 3 28.86 38.09 12.24
CA ASP G 3 28.61 38.53 13.61
C ASP G 3 28.11 37.45 14.56
N GLU G 4 28.07 36.20 14.10
CA GLU G 4 27.64 35.08 14.94
C GLU G 4 28.27 33.77 14.50
N THR G 5 28.51 32.89 15.45
CA THR G 5 29.06 31.56 15.16
C THR G 5 27.92 30.64 14.83
N THR G 6 27.26 30.93 13.72
CA THR G 6 26.08 30.20 13.30
C THR G 6 26.40 28.98 12.46
N ALA G 7 25.36 28.23 12.17
CA ALA G 7 25.47 27.04 11.34
C ALA G 7 25.53 27.43 9.88
N LEU G 8 26.06 26.56 9.05
CA LEU G 8 26.09 26.80 7.62
C LEU G 8 25.05 25.91 6.99
N VAL G 9 24.44 26.36 5.90
CA VAL G 9 23.44 25.56 5.20
C VAL G 9 23.73 25.39 3.71
N CYS G 10 23.74 24.13 3.23
CA CYS G 10 23.95 23.92 1.78
C CYS G 10 23.02 22.87 1.15
N ASP G 11 22.11 23.33 0.30
CA ASP G 11 21.21 22.42 -0.39
C ASP G 11 21.97 21.86 -1.59
N ASN G 12 22.64 20.73 -1.39
CA ASN G 12 23.44 20.14 -2.45
C ASN G 12 22.68 19.16 -3.31
N GLY G 13 22.01 19.67 -4.33
CA GLY G 13 21.21 18.79 -5.16
C GLY G 13 21.99 18.28 -6.37
N SER G 14 21.29 17.55 -7.25
CA SER G 14 21.87 17.01 -8.47
C SER G 14 21.99 18.08 -9.56
N GLY G 15 21.36 19.22 -9.29
CA GLY G 15 21.35 20.37 -10.17
C GLY G 15 22.36 21.38 -9.68
N LEU G 16 21.92 22.20 -8.73
CA LEU G 16 22.68 23.29 -8.15
C LEU G 16 22.79 23.18 -6.63
N VAL G 17 23.79 23.86 -6.07
CA VAL G 17 24.02 23.93 -4.65
C VAL G 17 23.70 25.31 -4.12
N LYS G 18 22.73 25.40 -3.25
CA LYS G 18 22.40 26.70 -2.68
C LYS G 18 23.11 26.84 -1.35
N ALA G 19 24.03 27.79 -1.22
CA ALA G 19 24.77 27.85 0.04
C ALA G 19 24.77 29.23 0.68
N GLY G 20 24.70 29.22 2.00
CA GLY G 20 24.72 30.42 2.82
C GLY G 20 24.77 30.04 4.29
N PHE G 21 24.46 31.00 5.16
CA PHE G 21 24.54 30.80 6.60
C PHE G 21 23.17 30.63 7.23
N ALA G 22 23.08 29.80 8.25
CA ALA G 22 21.83 29.64 8.94
C ALA G 22 21.49 30.93 9.64
N GLY G 23 20.24 31.31 9.54
CA GLY G 23 19.75 32.51 10.17
C GLY G 23 19.76 33.64 9.17
N ASP G 24 20.33 33.43 7.97
CA ASP G 24 20.27 34.50 7.00
C ASP G 24 19.01 34.26 6.16
N ASP G 25 18.73 35.23 5.29
CA ASP G 25 17.63 35.26 4.34
C ASP G 25 17.71 34.14 3.32
N ALA G 26 18.77 34.18 2.52
CA ALA G 26 18.96 33.18 1.48
C ALA G 26 20.40 32.73 1.38
N PRO G 27 20.73 32.06 0.27
CA PRO G 27 22.04 31.53 0.06
C PRO G 27 22.89 32.72 -0.37
N ARG G 28 24.17 32.72 0.01
CA ARG G 28 25.07 33.80 -0.35
C ARG G 28 25.48 33.61 -1.80
N ALA G 29 25.52 32.36 -2.24
CA ALA G 29 25.87 32.02 -3.59
C ALA G 29 25.20 30.72 -3.98
N VAL G 30 24.90 30.58 -5.27
CA VAL G 30 24.35 29.34 -5.76
C VAL G 30 25.30 28.84 -6.83
N PHE G 31 25.74 27.61 -6.67
CA PHE G 31 26.72 27.05 -7.56
C PHE G 31 26.07 25.94 -8.35
N PRO G 32 26.44 25.69 -9.57
CA PRO G 32 26.10 24.48 -10.26
C PRO G 32 26.78 23.35 -9.50
N SER G 33 26.18 22.15 -9.40
CA SER G 33 26.90 21.03 -8.77
C SER G 33 27.81 20.41 -9.82
N ILE G 34 28.76 21.21 -10.30
CA ILE G 34 29.64 20.84 -11.38
C ILE G 34 31.13 20.97 -11.15
N VAL G 35 31.86 19.94 -11.54
CA VAL G 35 33.32 20.02 -11.56
C VAL G 35 33.71 19.84 -13.04
N GLY G 36 34.38 20.85 -13.59
CA GLY G 36 34.73 20.84 -15.01
C GLY G 36 36.18 20.50 -15.25
N ARG G 37 36.44 19.82 -16.37
CA ARG G 37 37.82 19.47 -16.71
C ARG G 37 38.11 19.66 -18.21
N PRO G 38 39.29 20.21 -18.59
CA PRO G 38 39.64 20.49 -19.98
C PRO G 38 39.74 19.23 -20.80
N ARG G 39 39.25 19.32 -22.05
CA ARG G 39 39.29 18.20 -22.99
C ARG G 39 40.19 18.47 -24.20
N HIS G 40 41.05 19.48 -24.08
CA HIS G 40 41.97 19.90 -25.14
C HIS G 40 43.42 19.96 -24.71
N GLN G 41 44.30 19.82 -25.70
CA GLN G 41 45.75 19.95 -25.55
C GLN G 41 46.19 21.40 -25.61
N GLY G 42 46.92 21.82 -24.57
CA GLY G 42 47.43 23.18 -24.49
C GLY G 42 48.57 23.43 -25.46
N VAL G 43 48.64 24.66 -25.97
CA VAL G 43 49.74 25.09 -26.84
C VAL G 43 50.54 26.25 -26.23
N MET G 44 49.86 27.16 -25.54
CA MET G 44 50.54 28.30 -24.96
C MET G 44 50.97 27.90 -23.55
N VAL G 45 52.04 28.50 -23.06
CA VAL G 45 52.55 28.17 -21.72
C VAL G 45 52.54 29.39 -20.80
N GLY G 46 52.29 29.17 -19.50
CA GLY G 46 52.23 30.30 -18.58
C GLY G 46 50.85 30.95 -18.66
N MET G 47 49.86 30.11 -18.95
CA MET G 47 48.46 30.48 -19.14
C MET G 47 47.61 30.16 -17.91
N GLY G 48 48.25 29.86 -16.79
CA GLY G 48 47.48 29.42 -15.64
C GLY G 48 46.92 28.07 -16.05
N GLN G 49 45.59 27.91 -15.98
CA GLN G 49 44.85 26.69 -16.34
C GLN G 49 44.83 25.65 -15.23
N LYS G 50 43.61 25.34 -14.80
CA LYS G 50 43.39 24.46 -13.68
C LYS G 50 43.23 23.01 -14.14
N ASP G 51 43.43 22.05 -13.23
CA ASP G 51 43.22 20.65 -13.55
C ASP G 51 41.72 20.40 -13.57
N SER G 52 41.04 21.15 -12.71
CA SER G 52 39.62 21.10 -12.54
C SER G 52 39.09 22.46 -12.12
N TYR G 53 37.85 22.72 -12.50
CA TYR G 53 37.15 23.96 -12.20
C TYR G 53 35.91 23.65 -11.40
N VAL G 54 35.53 24.51 -10.46
CA VAL G 54 34.33 24.21 -9.68
C VAL G 54 33.20 25.22 -9.74
N GLY G 55 31.97 24.71 -9.82
CA GLY G 55 30.80 25.56 -9.75
C GLY G 55 30.75 26.55 -10.90
N ASP G 56 30.76 27.83 -10.57
CA ASP G 56 30.70 28.89 -11.52
C ASP G 56 31.99 28.96 -12.34
N GLU G 57 33.10 28.42 -11.81
CA GLU G 57 34.33 28.43 -12.58
C GLU G 57 34.18 27.45 -13.72
N ALA G 58 33.51 26.33 -13.42
CA ALA G 58 33.32 25.26 -14.38
C ALA G 58 32.44 25.75 -15.50
N GLN G 59 31.43 26.55 -15.19
CA GLN G 59 30.64 27.08 -16.28
C GLN G 59 31.32 28.23 -17.01
N SER G 60 32.04 29.11 -16.31
CA SER G 60 32.66 30.26 -16.99
C SER G 60 33.70 29.87 -18.02
N LYS G 61 34.43 28.77 -17.79
CA LYS G 61 35.44 28.31 -18.72
C LYS G 61 35.01 27.09 -19.55
N ARG G 62 33.70 26.79 -19.54
CA ARG G 62 33.10 25.61 -20.15
C ARG G 62 33.32 25.43 -21.64
N GLY G 63 33.73 26.47 -22.35
CA GLY G 63 33.92 26.34 -23.79
C GLY G 63 34.81 25.15 -24.14
N ILE G 64 35.81 24.82 -23.32
CA ILE G 64 36.67 23.68 -23.61
C ILE G 64 36.69 22.63 -22.50
N LEU G 65 35.68 22.64 -21.62
CA LEU G 65 35.64 21.69 -20.51
C LEU G 65 34.53 20.69 -20.71
N THR G 66 34.71 19.51 -20.15
CA THR G 66 33.61 18.55 -20.08
C THR G 66 33.09 18.77 -18.68
N LEU G 67 31.77 18.86 -18.52
CA LEU G 67 31.26 19.14 -17.19
C LEU G 67 30.55 17.95 -16.55
N LYS G 68 31.03 17.57 -15.37
CA LYS G 68 30.46 16.42 -14.67
C LYS G 68 29.74 16.84 -13.40
N TYR G 69 28.67 16.12 -13.09
CA TYR G 69 27.88 16.33 -11.89
C TYR G 69 28.13 15.22 -10.85
N PRO G 70 28.78 15.49 -9.68
CA PRO G 70 29.10 14.56 -8.59
C PRO G 70 27.88 13.94 -7.90
N ILE G 71 26.72 14.58 -8.09
CA ILE G 71 25.46 14.18 -7.50
C ILE G 71 24.44 13.83 -8.58
N GLU G 72 23.80 12.67 -8.42
CA GLU G 72 22.75 12.26 -9.35
C GLU G 72 21.61 11.63 -8.58
N HIS G 73 20.39 11.90 -9.00
CA HIS G 73 19.20 11.30 -8.40
C HIS G 73 19.17 11.43 -6.87
N GLY G 74 19.64 12.59 -6.37
CA GLY G 74 19.67 12.89 -4.94
C GLY G 74 20.90 12.38 -4.16
N ILE G 75 21.80 11.62 -4.80
CA ILE G 75 22.96 11.06 -4.10
C ILE G 75 24.34 11.43 -4.60
N ILE G 76 25.24 11.74 -3.65
CA ILE G 76 26.60 12.02 -4.02
C ILE G 76 27.28 10.71 -4.35
N THR G 77 27.84 10.62 -5.55
CA THR G 77 28.55 9.40 -5.93
C THR G 77 30.03 9.71 -6.02
N ASN G 78 30.36 11.00 -6.19
CA ASN G 78 31.75 11.42 -6.24
C ASN G 78 32.05 12.37 -5.09
N TRP G 79 32.48 11.78 -3.97
CA TRP G 79 32.70 12.53 -2.74
C TRP G 79 33.87 13.50 -2.89
N ASP G 80 34.83 13.17 -3.76
CA ASP G 80 36.01 14.00 -3.92
C ASP G 80 35.61 15.28 -4.60
N ASP G 81 34.74 15.17 -5.59
CA ASP G 81 34.30 16.37 -6.25
C ASP G 81 33.41 17.21 -5.36
N MET G 82 32.59 16.59 -4.48
CA MET G 82 31.82 17.46 -3.60
C MET G 82 32.69 18.15 -2.57
N GLU G 83 33.79 17.52 -2.13
CA GLU G 83 34.68 18.20 -1.21
C GLU G 83 35.22 19.46 -1.90
N LYS G 84 35.55 19.36 -3.21
CA LYS G 84 36.05 20.50 -3.97
C LYS G 84 35.01 21.61 -4.11
N ILE G 85 33.74 21.23 -4.35
CA ILE G 85 32.68 22.22 -4.48
C ILE G 85 32.54 22.96 -3.16
N TRP G 86 32.57 22.21 -2.06
CA TRP G 86 32.44 22.76 -0.72
C TRP G 86 33.62 23.60 -0.30
N HIS G 87 34.84 23.21 -0.65
CA HIS G 87 35.95 24.03 -0.24
C HIS G 87 35.76 25.40 -0.85
N HIS G 88 35.45 25.42 -2.15
CA HIS G 88 35.18 26.67 -2.86
C HIS G 88 34.00 27.42 -2.28
N THR G 89 32.88 26.73 -2.10
CA THR G 89 31.69 27.38 -1.59
C THR G 89 31.92 28.06 -0.26
N PHE G 90 32.50 27.32 0.67
CA PHE G 90 32.64 27.83 2.00
C PHE G 90 33.71 28.89 2.11
N TYR G 91 34.89 28.66 1.54
CA TYR G 91 35.96 29.61 1.70
C TYR G 91 35.93 30.79 0.73
N ASN G 92 35.43 30.61 -0.51
CA ASN G 92 35.48 31.71 -1.45
C ASN G 92 34.23 32.59 -1.51
N GLU G 93 33.02 32.04 -1.28
CA GLU G 93 31.84 32.91 -1.38
C GLU G 93 31.23 33.19 -0.03
N LEU G 94 31.18 32.19 0.83
CA LEU G 94 30.59 32.39 2.15
C LEU G 94 31.63 33.00 3.08
N ARG G 95 32.91 32.87 2.69
CA ARG G 95 34.08 33.35 3.41
C ARG G 95 34.14 32.79 4.82
N VAL G 96 33.88 31.50 4.94
CA VAL G 96 33.87 30.81 6.21
C VAL G 96 34.64 29.51 6.20
N ALA G 97 35.31 29.24 7.31
CA ALA G 97 35.95 27.96 7.49
C ALA G 97 35.02 27.10 8.37
N PRO G 98 34.42 25.99 7.86
CA PRO G 98 33.47 25.11 8.54
C PRO G 98 34.03 24.55 9.84
N GLU G 99 35.35 24.60 9.99
CA GLU G 99 36.02 24.13 11.19
C GLU G 99 35.39 24.76 12.43
N GLU G 100 34.95 26.02 12.34
CA GLU G 100 34.32 26.68 13.48
C GLU G 100 32.78 26.80 13.37
N HIS G 101 32.16 26.16 12.35
CA HIS G 101 30.72 26.30 12.10
C HIS G 101 29.92 24.98 11.77
N PRO G 102 28.90 24.61 12.58
CA PRO G 102 28.06 23.44 12.40
C PRO G 102 27.50 23.50 11.01
N THR G 103 27.41 22.39 10.31
CA THR G 103 26.92 22.45 8.94
C THR G 103 25.75 21.50 8.61
N LEU G 104 24.72 22.07 8.00
CA LEU G 104 23.54 21.31 7.62
C LEU G 104 23.48 21.06 6.11
N LEU G 105 23.34 19.79 5.79
CA LEU G 105 23.26 19.25 4.44
C LEU G 105 21.89 18.59 4.29
N THR G 106 21.44 18.37 3.06
CA THR G 106 20.10 17.83 2.84
C THR G 106 20.04 16.57 1.96
N GLU G 107 18.97 15.79 2.12
CA GLU G 107 18.69 14.63 1.26
C GLU G 107 17.22 14.23 1.29
N ALA G 108 16.86 13.28 0.43
CA ALA G 108 15.55 12.69 0.53
C ALA G 108 15.68 11.45 1.45
N PRO G 109 14.71 11.14 2.30
CA PRO G 109 14.65 9.94 3.13
C PRO G 109 14.79 8.61 2.39
N LEU G 110 14.53 8.59 1.09
CA LEU G 110 14.65 7.38 0.31
C LEU G 110 15.91 7.38 -0.56
N ASN G 111 16.87 8.26 -0.29
CA ASN G 111 18.11 8.17 -1.01
C ASN G 111 18.88 7.07 -0.27
N PRO G 112 19.84 6.36 -0.91
CA PRO G 112 20.67 5.36 -0.26
C PRO G 112 21.37 6.00 0.92
N LYS G 113 21.62 5.21 1.97
CA LYS G 113 22.22 5.69 3.22
C LYS G 113 23.61 6.27 3.03
N ALA G 114 24.26 5.85 1.94
CA ALA G 114 25.58 6.31 1.62
C ALA G 114 25.60 7.81 1.45
N ASN G 115 24.50 8.41 1.00
CA ASN G 115 24.49 9.84 0.77
C ASN G 115 24.71 10.57 2.08
N ARG G 116 23.91 10.23 3.10
CA ARG G 116 24.01 10.86 4.40
C ARG G 116 25.33 10.55 5.11
N GLU G 117 25.89 9.37 4.88
CA GLU G 117 27.14 8.99 5.52
C GLU G 117 28.33 9.72 4.91
N LYS G 118 28.34 9.91 3.58
CA LYS G 118 29.45 10.63 2.97
C LYS G 118 29.32 12.12 3.22
N MET G 119 28.09 12.65 3.24
CA MET G 119 27.98 14.08 3.51
C MET G 119 28.53 14.40 4.89
N THR G 120 28.19 13.55 5.87
CA THR G 120 28.63 13.72 7.23
C THR G 120 30.13 13.53 7.35
N GLN G 121 30.65 12.46 6.73
CA GLN G 121 32.07 12.16 6.77
C GLN G 121 32.94 13.22 6.13
N ILE G 122 32.54 13.78 4.99
CA ILE G 122 33.42 14.77 4.38
C ILE G 122 33.51 15.97 5.31
N MET G 123 32.38 16.44 5.81
CA MET G 123 32.50 17.62 6.64
C MET G 123 33.26 17.37 7.94
N PHE G 124 33.14 16.17 8.54
CA PHE G 124 33.90 15.91 9.76
C PHE G 124 35.37 15.57 9.54
N GLU G 125 35.71 14.89 8.44
CA GLU G 125 37.09 14.50 8.25
C GLU G 125 37.93 15.41 7.34
N THR G 126 37.35 16.12 6.35
CA THR G 126 38.22 16.95 5.53
C THR G 126 38.08 18.42 5.95
N PHE G 127 36.94 18.77 6.55
CA PHE G 127 36.72 20.16 7.01
C PHE G 127 36.78 20.35 8.52
N ASN G 128 36.76 19.26 9.29
CA ASN G 128 36.76 19.27 10.75
C ASN G 128 35.63 20.09 11.36
N VAL G 129 34.44 19.99 10.78
CA VAL G 129 33.28 20.74 11.22
C VAL G 129 32.94 20.32 12.66
N PRO G 130 32.60 21.22 13.59
CA PRO G 130 32.30 20.90 14.97
C PRO G 130 31.01 20.08 15.13
N ALA G 131 30.12 20.16 14.14
CA ALA G 131 28.88 19.42 14.18
C ALA G 131 28.24 19.28 12.79
N MET G 132 27.42 18.23 12.64
CA MET G 132 26.68 17.98 11.41
C MET G 132 25.25 17.57 11.56
N TYR G 133 24.46 17.92 10.56
CA TYR G 133 23.12 17.40 10.48
C TYR G 133 22.71 17.20 9.03
N VAL G 134 22.05 16.09 8.76
CA VAL G 134 21.48 15.84 7.45
C VAL G 134 19.97 15.94 7.57
N ALA G 135 19.41 16.88 6.83
CA ALA G 135 18.01 17.24 6.87
C ALA G 135 17.18 16.64 5.75
N ILE G 136 15.88 16.60 6.01
CA ILE G 136 14.90 16.13 5.05
C ILE G 136 14.43 17.30 4.20
N GLN G 137 14.58 17.19 2.89
CA GLN G 137 14.21 18.28 2.00
C GLN G 137 12.72 18.62 2.11
N ALA G 138 11.89 17.61 2.35
CA ALA G 138 10.45 17.82 2.53
C ALA G 138 10.13 18.62 3.79
N VAL G 139 10.92 18.45 4.84
CA VAL G 139 10.73 19.17 6.08
C VAL G 139 11.10 20.60 5.89
N LEU G 140 12.20 20.79 5.20
CA LEU G 140 12.68 22.11 4.98
C LEU G 140 11.68 22.85 4.09
N SER G 141 11.08 22.14 3.12
CA SER G 141 10.09 22.74 2.26
C SER G 141 8.86 23.16 3.08
N LEU G 142 8.43 22.32 4.03
CA LEU G 142 7.29 22.67 4.86
C LEU G 142 7.59 23.87 5.77
N TYR G 143 8.80 23.98 6.31
CA TYR G 143 9.01 25.17 7.15
C TYR G 143 8.93 26.42 6.30
N ALA G 144 9.56 26.39 5.12
CA ALA G 144 9.62 27.54 4.25
C ALA G 144 8.23 27.97 3.77
N SER G 145 7.37 26.98 3.53
CA SER G 145 6.02 27.17 3.03
C SER G 145 5.00 27.48 4.11
N GLY G 146 5.39 27.46 5.39
CA GLY G 146 4.42 27.71 6.44
C GLY G 146 3.47 26.53 6.74
N ARG G 147 3.94 25.30 6.59
CA ARG G 147 3.11 24.12 6.83
C ARG G 147 3.75 23.07 7.74
N THR G 148 2.90 22.26 8.38
CA THR G 148 3.35 21.15 9.22
C THR G 148 2.68 19.92 8.67
N THR G 149 1.68 20.22 7.86
CA THR G 149 0.83 19.22 7.24
C THR G 149 0.70 19.47 5.76
N GLY G 150 0.91 18.42 4.97
CA GLY G 150 0.75 18.46 3.52
C GLY G 150 1.59 17.42 2.78
N ILE G 151 1.48 17.43 1.46
CA ILE G 151 2.26 16.50 0.63
C ILE G 151 3.38 17.27 0.01
N VAL G 152 4.63 16.87 0.23
CA VAL G 152 5.66 17.67 -0.41
C VAL G 152 6.11 17.05 -1.70
N LEU G 153 5.89 17.84 -2.73
CA LEU G 153 6.17 17.52 -4.11
C LEU G 153 7.35 18.39 -4.52
N ASP G 154 8.56 17.88 -4.30
CA ASP G 154 9.78 18.65 -4.47
C ASP G 154 10.28 18.76 -5.90
N SER G 155 9.78 17.91 -6.78
CA SER G 155 10.10 17.94 -8.21
C SER G 155 11.51 18.46 -8.53
N GLY G 156 12.56 17.73 -8.11
CA GLY G 156 13.90 18.29 -8.18
C GLY G 156 14.59 18.06 -9.52
N ASP G 157 15.92 18.14 -9.52
CA ASP G 157 16.73 17.93 -10.72
C ASP G 157 16.87 16.44 -11.04
N GLY G 158 17.11 15.60 -10.02
CA GLY G 158 17.32 14.18 -10.26
C GLY G 158 16.23 13.21 -9.75
N VAL G 159 15.38 13.67 -8.83
CA VAL G 159 14.34 12.81 -8.26
C VAL G 159 13.16 13.60 -7.70
N THR G 160 11.96 13.01 -7.74
CA THR G 160 10.79 13.59 -7.09
C THR G 160 10.47 12.65 -5.90
N HIS G 161 10.39 13.18 -4.68
CA HIS G 161 10.19 12.37 -3.48
C HIS G 161 8.71 12.07 -3.14
N ASN G 162 7.83 13.06 -3.26
CA ASN G 162 6.39 12.89 -2.96
C ASN G 162 6.01 12.35 -1.56
N VAL G 163 6.31 13.12 -0.49
CA VAL G 163 6.03 12.58 0.86
C VAL G 163 4.94 13.28 1.67
N PRO G 164 3.95 12.55 2.20
CA PRO G 164 2.95 13.06 3.12
C PRO G 164 3.52 13.22 4.52
N ILE G 165 3.26 14.38 5.11
CA ILE G 165 3.62 14.73 6.48
C ILE G 165 2.34 15.25 7.19
N TYR G 166 2.03 14.76 8.38
CA TYR G 166 0.83 15.24 9.06
C TYR G 166 1.18 15.64 10.49
N GLU G 167 0.81 16.87 10.88
CA GLU G 167 1.11 17.38 12.22
C GLU G 167 2.56 17.17 12.58
N GLY G 168 3.47 17.34 11.63
CA GLY G 168 4.87 17.16 11.91
C GLY G 168 5.37 15.71 11.89
N TYR G 169 4.50 14.74 11.57
CA TYR G 169 4.85 13.31 11.52
C TYR G 169 4.95 12.79 10.12
N ALA G 170 5.87 11.87 9.88
CA ALA G 170 5.93 11.31 8.55
C ALA G 170 4.94 10.19 8.42
N LEU G 171 4.44 9.99 7.21
CA LEU G 171 3.60 8.86 6.85
C LEU G 171 4.41 8.09 5.79
N PRO G 172 5.59 7.49 6.13
CA PRO G 172 6.62 7.02 5.22
C PRO G 172 6.23 5.90 4.27
N HIS G 173 5.20 5.13 4.60
CA HIS G 173 4.80 4.04 3.75
C HIS G 173 4.04 4.57 2.54
N ALA G 174 3.65 5.83 2.64
CA ALA G 174 2.87 6.51 1.64
C ALA G 174 3.75 7.39 0.75
N ILE G 175 5.08 7.26 0.85
CA ILE G 175 5.94 8.06 -0.02
C ILE G 175 5.92 7.43 -1.40
N MET G 176 5.61 8.23 -2.42
CA MET G 176 5.54 7.70 -3.77
C MET G 176 6.70 8.21 -4.61
N ARG G 177 7.90 7.72 -4.33
CA ARG G 177 9.08 8.27 -5.00
C ARG G 177 9.02 8.00 -6.50
N LEU G 178 9.33 9.03 -7.27
CA LEU G 178 9.28 8.93 -8.72
C LEU G 178 10.61 9.22 -9.44
N ASP G 179 10.97 8.31 -10.33
CA ASP G 179 12.18 8.46 -11.15
C ASP G 179 11.91 9.32 -12.40
N LEU G 180 11.60 10.58 -12.12
CA LEU G 180 11.36 11.66 -13.07
C LEU G 180 11.69 12.99 -12.44
N ALA G 181 12.55 13.73 -13.12
CA ALA G 181 13.00 15.00 -12.60
C ALA G 181 13.47 15.98 -13.70
N GLY G 182 13.81 17.21 -13.31
CA GLY G 182 14.21 18.27 -14.23
C GLY G 182 15.32 17.91 -15.21
N ARG G 183 16.27 17.07 -14.81
CA ARG G 183 17.37 16.64 -15.64
C ARG G 183 16.85 15.79 -16.83
N ASP G 184 15.73 15.08 -16.63
CA ASP G 184 15.20 14.21 -17.66
C ASP G 184 14.40 15.06 -18.59
N LEU G 185 13.81 16.12 -18.06
CA LEU G 185 13.01 17.02 -18.87
C LEU G 185 13.97 17.70 -19.86
N THR G 186 15.20 18.01 -19.40
CA THR G 186 16.21 18.63 -20.28
C THR G 186 16.59 17.68 -21.41
N ASP G 187 16.82 16.40 -21.07
CA ASP G 187 17.24 15.46 -22.10
C ASP G 187 16.09 15.24 -23.11
N TYR G 188 14.84 15.24 -22.61
CA TYR G 188 13.68 15.09 -23.48
C TYR G 188 13.64 16.26 -24.47
N LEU G 189 13.84 17.49 -23.95
CA LEU G 189 13.84 18.67 -24.79
C LEU G 189 14.95 18.56 -25.83
N MET G 190 16.13 18.06 -25.46
CA MET G 190 17.18 17.95 -26.47
C MET G 190 16.73 17.06 -27.64
N LYS G 191 16.02 15.97 -27.35
CA LYS G 191 15.59 15.09 -28.43
C LYS G 191 14.50 15.72 -29.29
N ILE G 192 13.57 16.46 -28.68
CA ILE G 192 12.50 17.05 -29.48
C ILE G 192 13.07 18.24 -30.29
N LEU G 193 14.07 18.96 -29.73
CA LEU G 193 14.69 20.06 -30.47
C LEU G 193 15.43 19.48 -31.68
N THR G 194 15.98 18.27 -31.53
CA THR G 194 16.64 17.60 -32.64
C THR G 194 15.61 17.34 -33.74
N GLU G 195 14.40 16.90 -33.37
CA GLU G 195 13.35 16.66 -34.38
C GLU G 195 13.04 17.96 -35.14
N ARG G 196 13.11 19.11 -34.44
CA ARG G 196 12.87 20.45 -35.02
C ARG G 196 14.05 20.98 -35.86
N GLY G 197 15.18 20.24 -35.91
CA GLY G 197 16.34 20.66 -36.67
C GLY G 197 17.51 21.25 -35.88
N TYR G 198 17.46 21.16 -34.55
CA TYR G 198 18.52 21.70 -33.71
C TYR G 198 19.11 20.65 -32.81
N SER G 199 20.13 19.94 -33.28
CA SER G 199 20.75 18.87 -32.52
C SER G 199 21.72 19.41 -31.49
N PHE G 200 21.69 18.84 -30.29
CA PHE G 200 22.60 19.17 -29.20
C PHE G 200 23.16 17.87 -28.62
N VAL G 201 24.49 17.72 -28.53
CA VAL G 201 25.08 16.49 -27.98
C VAL G 201 26.21 16.67 -26.93
N THR G 202 26.98 17.77 -27.00
CA THR G 202 28.16 17.98 -26.13
C THR G 202 27.79 18.78 -24.89
N THR G 203 28.71 18.93 -23.92
CA THR G 203 28.36 19.68 -22.72
C THR G 203 27.91 21.10 -22.95
N ALA G 204 28.61 21.87 -23.78
CA ALA G 204 28.18 23.26 -23.95
C ALA G 204 26.75 23.30 -24.46
N GLU G 205 26.45 22.39 -25.37
CA GLU G 205 25.14 22.27 -25.98
C GLU G 205 24.08 21.82 -24.96
N ARG G 206 24.45 20.89 -24.07
CA ARG G 206 23.57 20.41 -23.01
C ARG G 206 23.24 21.48 -21.97
N GLU G 207 24.23 22.30 -21.60
CA GLU G 207 23.98 23.36 -20.62
C GLU G 207 23.04 24.40 -21.23
N ILE G 208 23.21 24.66 -22.52
CA ILE G 208 22.30 25.59 -23.19
C ILE G 208 20.90 25.03 -23.29
N VAL G 209 20.72 23.75 -23.61
CA VAL G 209 19.34 23.28 -23.66
C VAL G 209 18.69 23.42 -22.30
N ARG G 210 19.42 23.12 -21.21
CA ARG G 210 18.82 23.34 -19.90
C ARG G 210 18.43 24.80 -19.73
N ASP G 211 19.27 25.74 -20.19
CA ASP G 211 18.95 27.17 -20.08
C ASP G 211 17.73 27.53 -20.94
N ILE G 212 17.58 26.87 -22.10
CA ILE G 212 16.45 27.13 -22.98
C ILE G 212 15.20 26.71 -22.25
N LYS G 213 15.22 25.51 -21.67
CA LYS G 213 14.07 24.98 -20.95
C LYS G 213 13.63 25.92 -19.84
N GLU G 214 14.60 26.38 -19.06
CA GLU G 214 14.32 27.21 -17.90
C GLU G 214 13.68 28.55 -18.26
N LYS G 215 14.04 29.11 -19.42
CA LYS G 215 13.47 30.38 -19.84
C LYS G 215 12.25 30.28 -20.78
N LEU G 216 12.15 29.23 -21.60
CA LEU G 216 11.06 29.14 -22.57
C LEU G 216 9.90 28.22 -22.22
N CYS G 217 10.11 27.19 -21.41
CA CYS G 217 9.07 26.23 -21.17
C CYS G 217 8.10 26.59 -20.05
N TYR G 218 6.90 26.04 -20.16
CA TYR G 218 5.81 26.22 -19.20
C TYR G 218 5.01 24.95 -19.22
N VAL G 219 4.15 24.70 -18.26
CA VAL G 219 3.48 23.41 -18.29
C VAL G 219 2.08 23.48 -18.88
N ALA G 220 1.38 24.56 -18.61
CA ALA G 220 0.00 24.82 -19.03
C ALA G 220 -0.97 24.18 -18.04
N LEU G 221 -2.03 24.94 -17.68
CA LEU G 221 -3.05 24.38 -16.80
C LEU G 221 -3.86 23.34 -17.57
N ASP G 222 -3.98 23.52 -18.89
CA ASP G 222 -4.68 22.56 -19.73
C ASP G 222 -3.93 22.40 -21.03
N PHE G 223 -3.16 21.33 -21.09
CA PHE G 223 -2.25 21.01 -22.19
C PHE G 223 -2.98 20.68 -23.48
N GLU G 224 -4.23 20.22 -23.40
CA GLU G 224 -4.90 19.82 -24.63
C GLU G 224 -5.36 21.06 -25.33
N ASN G 225 -5.89 21.99 -24.55
CA ASN G 225 -6.34 23.24 -25.14
C ASN G 225 -5.15 24.07 -25.57
N GLU G 226 -4.04 23.95 -24.83
CA GLU G 226 -2.86 24.71 -25.15
C GLU G 226 -2.30 24.20 -26.46
N MET G 227 -2.33 22.87 -26.66
CA MET G 227 -1.85 22.23 -27.87
C MET G 227 -2.74 22.55 -29.05
N ALA G 228 -4.03 22.64 -28.84
CA ALA G 228 -4.90 22.92 -29.96
C ALA G 228 -4.49 24.22 -30.64
N THR G 229 -4.07 25.21 -29.84
CA THR G 229 -3.60 26.45 -30.47
C THR G 229 -2.09 26.39 -30.80
N ALA G 230 -1.26 25.88 -29.89
CA ALA G 230 0.19 25.86 -30.10
C ALA G 230 0.59 25.05 -31.33
N ALA G 231 -0.17 24.00 -31.63
CA ALA G 231 0.10 23.16 -32.77
C ALA G 231 -0.48 23.75 -34.06
N SER G 232 -1.30 24.80 -33.95
CA SER G 232 -1.97 25.40 -35.09
C SER G 232 -1.38 26.76 -35.49
N SER G 233 -0.68 27.42 -34.57
CA SER G 233 -0.17 28.76 -34.86
C SER G 233 1.19 29.12 -34.29
N SER G 234 1.97 29.80 -35.15
CA SER G 234 3.32 30.28 -34.87
C SER G 234 3.33 31.37 -33.81
N SER G 235 2.15 31.93 -33.51
CA SER G 235 2.02 32.97 -32.52
C SER G 235 2.33 32.44 -31.11
N LEU G 236 2.38 31.11 -30.96
CA LEU G 236 2.69 30.48 -29.69
C LEU G 236 4.16 30.08 -29.57
N GLU G 237 4.99 30.42 -30.58
CA GLU G 237 6.41 30.10 -30.48
C GLU G 237 7.17 31.16 -29.73
N LYS G 238 8.24 30.74 -29.09
CA LYS G 238 9.14 31.66 -28.41
C LYS G 238 10.57 31.41 -28.84
N SER G 239 11.28 32.51 -29.14
CA SER G 239 12.68 32.46 -29.55
C SER G 239 13.67 32.53 -28.41
N TYR G 240 14.76 31.80 -28.58
CA TYR G 240 15.91 31.81 -27.70
C TYR G 240 17.18 32.09 -28.49
N GLU G 241 18.01 32.99 -27.97
CA GLU G 241 19.26 33.28 -28.65
C GLU G 241 20.38 32.40 -28.10
N LEU G 242 20.97 31.62 -28.99
CA LEU G 242 22.03 30.71 -28.65
C LEU G 242 23.31 31.54 -28.52
N PRO G 243 24.31 31.11 -27.72
CA PRO G 243 25.57 31.80 -27.50
C PRO G 243 26.31 32.21 -28.77
N ASP G 244 26.15 31.44 -29.84
CA ASP G 244 26.83 31.72 -31.06
C ASP G 244 26.07 32.59 -32.03
N GLY G 245 24.95 33.16 -31.61
CA GLY G 245 24.16 34.05 -32.44
C GLY G 245 23.05 33.36 -33.24
N GLN G 246 22.92 32.03 -33.12
CA GLN G 246 21.85 31.35 -33.83
C GLN G 246 20.55 31.45 -33.04
N VAL G 247 19.41 31.36 -33.72
CA VAL G 247 18.14 31.40 -33.01
C VAL G 247 17.34 30.13 -33.19
N ILE G 248 16.91 29.63 -32.05
CA ILE G 248 16.10 28.43 -31.91
C ILE G 248 14.73 28.79 -31.38
N THR G 249 13.67 28.22 -31.93
CA THR G 249 12.36 28.51 -31.39
C THR G 249 11.69 27.22 -30.98
N ILE G 250 10.75 27.34 -30.03
CA ILE G 250 9.96 26.21 -29.56
C ILE G 250 8.45 26.52 -29.67
N GLY G 251 7.64 25.58 -30.22
CA GLY G 251 6.20 25.73 -30.40
C GLY G 251 5.43 24.97 -29.33
N ASN G 252 4.73 23.89 -29.68
CA ASN G 252 3.98 23.20 -28.61
C ASN G 252 4.90 22.32 -27.77
N GLU G 253 6.15 22.23 -28.19
CA GLU G 253 7.17 21.44 -27.51
C GLU G 253 7.52 22.16 -26.21
N ARG G 254 7.16 23.45 -26.19
CA ARG G 254 7.39 24.40 -25.14
C ARG G 254 6.66 23.96 -23.88
N PHE G 255 5.57 23.21 -24.04
CA PHE G 255 4.80 22.73 -22.91
C PHE G 255 4.75 21.21 -22.87
N ARG G 256 5.04 20.58 -24.00
CA ARG G 256 5.04 19.12 -24.10
C ARG G 256 6.24 18.54 -23.39
N CYS G 257 7.32 19.30 -23.29
CA CYS G 257 8.46 18.78 -22.59
C CYS G 257 8.12 18.70 -21.06
N PRO G 258 7.74 19.81 -20.36
CA PRO G 258 7.23 19.86 -18.98
C PRO G 258 6.07 18.90 -18.72
N GLU G 259 5.27 18.64 -19.75
CA GLU G 259 4.13 17.74 -19.71
C GLU G 259 4.55 16.35 -19.27
N THR G 260 5.84 16.01 -19.43
CA THR G 260 6.38 14.72 -19.02
C THR G 260 6.03 14.51 -17.55
N LEU G 261 5.98 15.57 -16.74
CA LEU G 261 5.68 15.47 -15.32
C LEU G 261 4.29 14.86 -15.08
N PHE G 262 3.43 14.94 -16.11
CA PHE G 262 2.07 14.42 -16.13
C PHE G 262 1.94 13.25 -17.11
N GLN G 263 3.07 12.90 -17.74
CA GLN G 263 3.27 11.86 -18.75
C GLN G 263 4.71 11.30 -18.77
N PRO G 264 5.21 10.62 -17.71
CA PRO G 264 6.56 10.09 -17.56
C PRO G 264 6.96 9.12 -18.66
N SER G 265 5.98 8.58 -19.37
CA SER G 265 6.21 7.65 -20.46
C SER G 265 6.99 8.32 -21.59
N PHE G 266 7.02 9.66 -21.60
CA PHE G 266 7.74 10.43 -22.63
C PHE G 266 9.24 10.17 -22.55
N ILE G 267 9.75 9.75 -21.39
CA ILE G 267 11.17 9.46 -21.22
C ILE G 267 11.38 7.98 -20.94
N GLY G 268 10.37 7.15 -21.22
CA GLY G 268 10.47 5.73 -20.97
C GLY G 268 10.21 5.32 -19.51
N MET G 269 9.55 6.16 -18.71
CA MET G 269 9.31 5.82 -17.33
C MET G 269 7.93 5.19 -17.11
N GLU G 270 7.89 4.15 -16.30
CA GLU G 270 6.64 3.48 -16.00
C GLU G 270 5.90 4.19 -14.87
N SER G 271 5.28 5.30 -15.23
CA SER G 271 4.54 6.14 -14.30
C SER G 271 3.47 6.99 -14.96
N ALA G 272 2.43 7.29 -14.19
CA ALA G 272 1.34 8.17 -14.64
C ALA G 272 1.59 9.65 -14.32
N GLY G 273 2.67 9.98 -13.61
CA GLY G 273 2.97 11.39 -13.29
C GLY G 273 2.90 11.75 -11.81
N ILE G 274 3.29 12.99 -11.53
CA ILE G 274 3.39 13.54 -10.18
C ILE G 274 2.02 13.65 -9.51
N HIS G 275 0.98 14.01 -10.25
CA HIS G 275 -0.33 14.12 -9.64
C HIS G 275 -0.88 12.77 -9.19
N GLU G 276 -0.44 11.69 -9.84
CA GLU G 276 -0.85 10.35 -9.46
C GLU G 276 -0.13 10.00 -8.18
N THR G 277 1.15 10.38 -8.09
CA THR G 277 1.92 10.10 -6.89
C THR G 277 1.43 10.94 -5.72
N THR G 278 0.98 12.17 -6.01
CA THR G 278 0.47 13.05 -4.96
C THR G 278 -0.77 12.41 -4.38
N TYR G 279 -1.66 12.01 -5.29
CA TYR G 279 -2.93 11.38 -4.94
C TYR G 279 -2.74 10.07 -4.16
N ASN G 280 -1.83 9.22 -4.60
CA ASN G 280 -1.64 7.97 -3.91
C ASN G 280 -1.02 8.17 -2.54
N SER G 281 -0.16 9.19 -2.36
CA SER G 281 0.36 9.46 -1.03
C SER G 281 -0.77 9.82 -0.08
N ILE G 282 -1.77 10.54 -0.59
CA ILE G 282 -2.92 10.89 0.23
C ILE G 282 -3.73 9.61 0.50
N MET G 283 -3.95 8.80 -0.53
CA MET G 283 -4.73 7.56 -0.46
C MET G 283 -4.19 6.54 0.57
N LYS G 284 -2.88 6.48 0.72
CA LYS G 284 -2.27 5.53 1.67
C LYS G 284 -2.28 6.04 3.11
N CYS G 285 -2.80 7.25 3.33
CA CYS G 285 -2.91 7.80 4.65
C CYS G 285 -4.32 7.53 5.19
N ASP G 286 -4.46 7.51 6.51
CA ASP G 286 -5.76 7.26 7.13
C ASP G 286 -6.80 8.28 6.73
N ILE G 287 -8.05 7.84 6.73
CA ILE G 287 -9.16 8.68 6.31
C ILE G 287 -9.32 10.01 7.05
N ASP G 288 -8.87 10.09 8.31
CA ASP G 288 -8.96 11.34 9.06
C ASP G 288 -7.72 12.24 8.86
N ILE G 289 -6.80 11.77 8.02
CA ILE G 289 -5.59 12.48 7.61
C ILE G 289 -5.83 13.07 6.23
N ARG G 290 -6.46 12.26 5.37
CA ARG G 290 -6.65 12.59 3.97
C ARG G 290 -7.27 13.95 3.75
N LYS G 291 -8.21 14.35 4.60
CA LYS G 291 -8.86 15.64 4.38
C LYS G 291 -7.88 16.81 4.46
N ASP G 292 -6.84 16.68 5.28
CA ASP G 292 -5.92 17.75 5.48
C ASP G 292 -4.86 17.70 4.42
N LEU G 293 -4.57 16.51 3.93
CA LEU G 293 -3.55 16.43 2.91
C LEU G 293 -4.16 16.91 1.58
N TYR G 294 -5.45 16.66 1.32
CA TYR G 294 -6.05 17.13 0.06
C TYR G 294 -6.00 18.65 0.01
N ALA G 295 -6.23 19.27 1.17
CA ALA G 295 -6.23 20.72 1.31
C ALA G 295 -4.82 21.32 1.41
N ASN G 296 -3.78 20.48 1.42
CA ASN G 296 -2.43 20.96 1.56
C ASN G 296 -1.41 20.25 0.65
N ASN G 297 -1.56 20.36 -0.66
CA ASN G 297 -0.54 19.83 -1.54
C ASN G 297 0.53 20.93 -1.63
N VAL G 298 1.78 20.61 -1.36
CA VAL G 298 2.83 21.62 -1.33
C VAL G 298 3.87 21.44 -2.42
N MET G 299 4.02 22.45 -3.25
CA MET G 299 5.01 22.38 -4.31
C MET G 299 6.28 23.01 -3.77
N SER G 300 7.43 22.41 -4.04
CA SER G 300 8.68 23.00 -3.60
C SER G 300 9.71 22.61 -4.61
N GLY G 301 10.87 23.23 -4.56
CA GLY G 301 11.91 22.84 -5.48
C GLY G 301 11.70 23.54 -6.82
N GLY G 302 12.55 23.23 -7.77
CA GLY G 302 12.51 23.80 -9.11
C GLY G 302 11.58 22.98 -9.98
N THR G 303 11.49 23.25 -11.28
CA THR G 303 10.53 22.57 -12.18
C THR G 303 9.05 22.87 -11.82
N THR G 304 8.82 23.61 -10.73
CA THR G 304 7.54 24.09 -10.24
C THR G 304 7.46 25.56 -10.61
N MET G 305 8.45 25.95 -11.38
CA MET G 305 8.72 27.27 -11.89
C MET G 305 8.24 27.38 -13.34
N TYR G 306 7.26 26.53 -13.64
CA TYR G 306 6.56 26.44 -14.91
C TYR G 306 5.18 27.06 -14.79
N PRO G 307 4.85 28.12 -15.52
CA PRO G 307 3.55 28.72 -15.49
C PRO G 307 2.51 27.66 -15.79
N GLY G 308 1.41 27.72 -15.03
CA GLY G 308 0.31 26.78 -15.13
C GLY G 308 0.43 25.59 -14.17
N ILE G 309 1.57 25.40 -13.49
CA ILE G 309 1.69 24.22 -12.64
C ILE G 309 0.80 24.18 -11.40
N ALA G 310 0.55 25.30 -10.73
CA ALA G 310 -0.30 25.22 -9.54
C ALA G 310 -1.72 24.84 -9.94
N ASP G 311 -2.15 25.34 -11.09
CA ASP G 311 -3.49 25.09 -11.57
C ASP G 311 -3.59 23.73 -12.23
N ARG G 312 -2.51 23.32 -12.88
CA ARG G 312 -2.45 22.03 -13.54
C ARG G 312 -2.58 20.94 -12.48
N MET G 313 -1.82 21.09 -11.39
CA MET G 313 -1.86 20.12 -10.32
C MET G 313 -3.21 20.14 -9.61
N GLN G 314 -3.82 21.32 -9.41
CA GLN G 314 -5.09 21.29 -8.71
C GLN G 314 -6.11 20.54 -9.52
N LYS G 315 -6.14 20.76 -10.85
CA LYS G 315 -7.09 20.06 -11.72
C LYS G 315 -6.84 18.56 -11.74
N GLU G 316 -5.55 18.18 -11.86
CA GLU G 316 -5.14 16.79 -11.98
C GLU G 316 -5.39 15.97 -10.70
N ILE G 317 -5.30 16.59 -9.52
CA ILE G 317 -5.59 15.84 -8.30
C ILE G 317 -7.09 15.88 -8.09
N THR G 318 -7.74 17.03 -8.31
CA THR G 318 -9.19 17.16 -8.15
C THR G 318 -9.88 16.07 -8.97
N ALA G 319 -9.37 15.80 -10.17
CA ALA G 319 -9.88 14.78 -11.08
C ALA G 319 -9.85 13.36 -10.50
N LEU G 320 -8.93 13.08 -9.56
CA LEU G 320 -8.76 11.77 -8.95
C LEU G 320 -9.46 11.71 -7.58
N ALA G 321 -9.51 12.86 -6.92
CA ALA G 321 -10.06 13.06 -5.60
C ALA G 321 -11.59 12.89 -5.57
N PRO G 322 -12.17 12.53 -4.42
CA PRO G 322 -13.61 12.50 -4.16
C PRO G 322 -14.21 13.89 -4.31
N SER G 323 -15.50 13.94 -4.64
CA SER G 323 -16.24 15.18 -4.76
C SER G 323 -16.48 15.69 -3.35
N THR G 324 -17.00 16.92 -3.20
CA THR G 324 -17.24 17.59 -1.90
C THR G 324 -15.93 18.15 -1.32
N MET G 325 -14.90 17.32 -1.31
CA MET G 325 -13.58 17.63 -0.81
C MET G 325 -12.92 18.77 -1.55
N LYS G 326 -12.21 19.62 -0.80
CA LYS G 326 -11.49 20.72 -1.39
C LYS G 326 -10.03 20.36 -1.53
N ILE G 327 -9.53 20.49 -2.75
CA ILE G 327 -8.15 20.19 -3.08
C ILE G 327 -7.45 21.51 -3.26
N LYS G 328 -6.37 21.73 -2.53
CA LYS G 328 -5.69 23.02 -2.57
C LYS G 328 -4.18 22.91 -2.73
N ILE G 329 -3.58 23.91 -3.39
CA ILE G 329 -2.14 23.95 -3.60
C ILE G 329 -1.39 25.16 -3.08
N ILE G 330 -0.32 24.87 -2.39
CA ILE G 330 0.62 25.82 -1.86
C ILE G 330 1.81 25.85 -2.82
N ALA G 331 2.10 27.01 -3.38
CA ALA G 331 3.20 27.13 -4.36
C ALA G 331 3.80 28.52 -4.26
N PRO G 332 4.59 28.81 -3.22
CA PRO G 332 5.09 30.11 -2.85
C PRO G 332 6.15 30.56 -3.84
N PRO G 333 6.47 31.86 -3.89
CA PRO G 333 7.53 32.45 -4.71
C PRO G 333 8.91 31.97 -4.27
N GLU G 334 8.94 31.40 -3.07
CA GLU G 334 10.16 30.85 -2.50
C GLU G 334 10.36 29.46 -3.09
N ARG G 335 9.95 29.33 -4.36
CA ARG G 335 10.08 28.08 -5.09
C ARG G 335 11.55 27.88 -5.44
N LYS G 336 11.91 26.62 -5.63
CA LYS G 336 13.30 26.22 -5.95
C LYS G 336 14.28 26.63 -4.85
N TYR G 337 14.01 27.73 -4.14
CA TYR G 337 14.89 28.11 -3.05
C TYR G 337 14.40 27.67 -1.65
N SER G 338 13.13 27.22 -1.56
CA SER G 338 12.48 26.90 -0.30
C SER G 338 13.18 25.84 0.52
N VAL G 339 13.91 24.93 -0.09
CA VAL G 339 14.64 23.96 0.71
C VAL G 339 15.78 24.65 1.48
N TRP G 340 16.48 25.59 0.83
CA TRP G 340 17.58 26.29 1.48
C TRP G 340 17.01 27.08 2.62
N ILE G 341 15.87 27.70 2.33
CA ILE G 341 15.18 28.56 3.25
C ILE G 341 14.81 27.77 4.48
N GLY G 342 14.24 26.59 4.28
CA GLY G 342 13.90 25.72 5.37
C GLY G 342 15.13 25.29 6.15
N GLY G 343 16.26 25.09 5.45
CA GLY G 343 17.53 24.70 6.06
C GLY G 343 17.97 25.71 7.09
N SER G 344 17.95 27.00 6.71
CA SER G 344 18.31 28.11 7.58
C SER G 344 17.35 28.16 8.78
N ILE G 345 16.06 27.94 8.50
CA ILE G 345 15.07 27.97 9.57
C ILE G 345 15.34 26.84 10.55
N LEU G 346 15.55 25.62 10.07
CA LEU G 346 15.76 24.48 10.94
C LEU G 346 17.07 24.56 11.72
N ALA G 347 18.16 24.90 11.04
CA ALA G 347 19.48 24.93 11.64
C ALA G 347 19.55 25.89 12.83
N SER G 348 18.81 27.00 12.72
CA SER G 348 18.75 28.04 13.73
C SER G 348 17.63 27.91 14.79
N LEU G 349 16.79 26.86 14.74
CA LEU G 349 15.71 26.77 15.75
C LEU G 349 16.28 26.37 17.09
N SER G 350 15.72 26.89 18.19
CA SER G 350 16.20 26.50 19.52
C SER G 350 15.89 25.03 19.79
N THR G 351 14.82 24.55 19.17
CA THR G 351 14.33 23.19 19.29
C THR G 351 15.18 22.20 18.53
N PHE G 352 16.09 22.70 17.72
CA PHE G 352 16.96 21.90 16.90
C PHE G 352 18.38 21.84 17.44
N GLN G 353 18.65 22.50 18.57
CA GLN G 353 20.03 22.54 19.04
C GLN G 353 20.56 21.17 19.46
N GLN G 354 19.68 20.29 19.90
CA GLN G 354 20.09 18.96 20.32
C GLN G 354 20.01 17.93 19.21
N MET G 355 19.62 18.35 18.00
CA MET G 355 19.50 17.42 16.87
C MET G 355 20.81 17.24 16.15
N TRP G 356 21.76 18.12 16.42
CA TRP G 356 23.08 18.15 15.80
C TRP G 356 24.00 17.03 16.30
N ILE G 357 24.77 16.44 15.39
CA ILE G 357 25.78 15.45 15.73
C ILE G 357 27.04 16.23 15.98
N THR G 358 27.64 16.09 17.13
CA THR G 358 28.84 16.86 17.39
C THR G 358 30.03 16.10 16.87
N LYS G 359 31.17 16.78 16.75
CA LYS G 359 32.36 16.09 16.31
C LYS G 359 32.75 15.01 17.28
N GLN G 360 32.54 15.22 18.59
CA GLN G 360 32.94 14.19 19.53
C GLN G 360 32.07 12.95 19.34
N GLU G 361 30.76 13.14 19.11
CA GLU G 361 29.88 11.99 18.89
C GLU G 361 30.27 11.24 17.63
N TYR G 362 30.62 11.99 16.58
CA TYR G 362 31.05 11.41 15.32
C TYR G 362 32.34 10.63 15.48
N ASP G 363 33.34 11.21 16.13
CA ASP G 363 34.60 10.52 16.25
C ASP G 363 34.45 9.22 17.04
N GLU G 364 33.60 9.21 18.07
CA GLU G 364 33.40 8.00 18.84
C GLU G 364 32.59 6.93 18.10
N ALA G 365 31.53 7.34 17.38
CA ALA G 365 30.64 6.43 16.69
C ALA G 365 31.01 6.05 15.24
N GLY G 366 31.66 6.94 14.54
CA GLY G 366 31.98 6.79 13.13
C GLY G 366 30.80 7.33 12.32
N PRO G 367 30.89 7.38 10.98
CA PRO G 367 29.92 7.97 10.06
C PRO G 367 28.56 7.32 10.06
N SER G 368 28.44 6.08 10.53
CA SER G 368 27.13 5.43 10.54
C SER G 368 26.17 6.14 11.51
N ILE G 369 26.72 7.00 12.39
CA ILE G 369 25.93 7.76 13.35
C ILE G 369 24.88 8.63 12.70
N VAL G 370 25.13 9.11 11.50
CA VAL G 370 24.15 9.97 10.88
C VAL G 370 22.83 9.25 10.65
N HIS G 371 22.91 7.94 10.42
CA HIS G 371 21.77 7.09 10.17
C HIS G 371 20.91 6.91 11.41
N ARG G 372 21.51 7.13 12.59
CA ARG G 372 20.82 6.89 13.82
C ARG G 372 20.34 8.18 14.50
N LYS G 373 21.08 9.29 14.34
CA LYS G 373 20.69 10.50 15.06
C LYS G 373 19.88 11.50 14.23
N CYS G 374 20.11 11.62 12.91
CA CYS G 374 19.42 12.70 12.22
C CYS G 374 17.91 12.52 12.01
N PHE G 375 17.51 11.32 11.59
CA PHE G 375 16.10 11.00 11.31
C PHE G 375 15.94 9.56 10.81
N ASP H 1 -9.48 -32.60 -21.74
CA ASP H 1 -8.73 -33.83 -22.00
C ASP H 1 -8.99 -34.87 -20.91
N GLU H 2 -9.85 -34.52 -19.98
CA GLU H 2 -10.21 -35.40 -18.88
C GLU H 2 -11.22 -36.44 -19.38
N ASP H 3 -11.21 -37.63 -18.78
CA ASP H 3 -12.13 -38.69 -19.15
C ASP H 3 -13.33 -38.84 -18.23
N GLU H 4 -13.54 -37.85 -17.38
CA GLU H 4 -14.65 -37.81 -16.43
C GLU H 4 -15.05 -36.36 -16.22
N THR H 5 -16.30 -36.12 -15.86
CA THR H 5 -16.78 -34.75 -15.59
C THR H 5 -16.45 -34.36 -14.16
N THR H 6 -15.16 -34.37 -13.87
CA THR H 6 -14.62 -34.03 -12.58
C THR H 6 -14.74 -32.54 -12.38
N ALA H 7 -14.93 -32.11 -11.15
CA ALA H 7 -14.99 -30.69 -10.92
C ALA H 7 -13.64 -30.07 -11.18
N LEU H 8 -13.62 -28.82 -11.61
CA LEU H 8 -12.39 -28.09 -11.80
C LEU H 8 -12.12 -27.33 -10.54
N VAL H 9 -10.86 -27.14 -10.20
CA VAL H 9 -10.56 -26.33 -9.03
C VAL H 9 -9.57 -25.20 -9.35
N CYS H 10 -9.94 -23.97 -9.02
CA CYS H 10 -9.03 -22.83 -9.25
C CYS H 10 -8.99 -21.89 -8.03
N ASP H 11 -7.79 -21.69 -7.49
CA ASP H 11 -7.58 -20.85 -6.31
C ASP H 11 -7.06 -19.50 -6.77
N ASN H 12 -7.93 -18.50 -6.89
CA ASN H 12 -7.56 -17.22 -7.50
C ASN H 12 -7.01 -16.18 -6.52
N GLY H 13 -5.71 -16.13 -6.29
CA GLY H 13 -5.23 -15.17 -5.32
C GLY H 13 -4.69 -13.90 -5.96
N SER H 14 -4.18 -12.98 -5.13
CA SER H 14 -3.57 -11.73 -5.58
C SER H 14 -2.22 -11.98 -6.23
N GLY H 15 -1.68 -13.15 -5.93
CA GLY H 15 -0.39 -13.61 -6.40
C GLY H 15 -0.60 -14.44 -7.66
N LEU H 16 -0.87 -15.73 -7.47
CA LEU H 16 -1.07 -16.67 -8.56
C LEU H 16 -2.37 -17.43 -8.45
N VAL H 17 -2.89 -17.87 -9.60
CA VAL H 17 -4.05 -18.72 -9.58
C VAL H 17 -3.58 -20.16 -9.66
N LYS H 18 -3.89 -20.94 -8.64
CA LYS H 18 -3.48 -22.34 -8.72
C LYS H 18 -4.58 -23.07 -9.43
N ALA H 19 -4.28 -23.86 -10.45
CA ALA H 19 -5.40 -24.55 -11.08
C ALA H 19 -5.06 -25.95 -11.59
N GLY H 20 -6.07 -26.80 -11.54
CA GLY H 20 -6.02 -28.20 -11.96
C GLY H 20 -7.40 -28.80 -11.82
N PHE H 21 -7.50 -30.12 -11.81
CA PHE H 21 -8.82 -30.72 -11.72
C PHE H 21 -9.00 -31.43 -10.37
N ALA H 22 -10.24 -31.54 -9.92
CA ALA H 22 -10.54 -32.21 -8.68
C ALA H 22 -10.16 -33.67 -8.77
N GLY H 23 -9.59 -34.14 -7.69
CA GLY H 23 -9.15 -35.50 -7.56
C GLY H 23 -7.63 -35.55 -7.58
N ASP H 24 -6.96 -34.47 -8.04
CA ASP H 24 -5.51 -34.53 -7.99
C ASP H 24 -5.05 -34.01 -6.62
N ASP H 25 -3.74 -34.02 -6.38
CA ASP H 25 -3.16 -33.52 -5.13
C ASP H 25 -2.34 -32.27 -5.34
N ALA H 26 -2.46 -31.71 -6.53
CA ALA H 26 -1.74 -30.53 -6.93
C ALA H 26 -2.42 -29.89 -8.12
N PRO H 27 -2.25 -28.60 -8.36
CA PRO H 27 -2.70 -27.92 -9.55
C PRO H 27 -1.84 -28.41 -10.70
N ARG H 28 -2.34 -28.33 -11.93
CA ARG H 28 -1.51 -28.68 -13.09
C ARG H 28 -0.46 -27.60 -13.28
N ALA H 29 -0.86 -26.37 -13.02
CA ALA H 29 0.02 -25.24 -13.18
C ALA H 29 -0.41 -24.08 -12.31
N VAL H 30 0.53 -23.19 -12.07
CA VAL H 30 0.20 -21.98 -11.35
C VAL H 30 0.31 -20.85 -12.36
N PHE H 31 -0.75 -20.08 -12.42
CA PHE H 31 -0.93 -19.02 -13.39
C PHE H 31 -0.91 -17.69 -12.71
N PRO H 32 0.18 -16.92 -12.75
CA PRO H 32 0.30 -15.72 -11.97
C PRO H 32 -0.86 -14.86 -12.38
N SER H 33 -1.47 -14.15 -11.43
CA SER H 33 -2.66 -13.35 -11.72
C SER H 33 -2.26 -12.03 -12.37
N ILE H 34 -1.64 -12.13 -13.53
CA ILE H 34 -1.09 -10.98 -14.21
C ILE H 34 -1.52 -10.80 -15.65
N VAL H 35 -1.90 -9.57 -15.94
CA VAL H 35 -2.13 -9.20 -17.33
C VAL H 35 -1.17 -8.06 -17.64
N GLY H 36 -0.34 -8.30 -18.64
CA GLY H 36 0.68 -7.36 -19.03
C GLY H 36 0.30 -6.59 -20.26
N ARG H 37 0.84 -5.37 -20.36
CA ARG H 37 0.60 -4.51 -21.52
C ARG H 37 1.89 -3.82 -21.93
N PRO H 38 2.13 -3.69 -23.25
CA PRO H 38 3.33 -3.03 -23.73
C PRO H 38 3.30 -1.59 -23.29
N ARG H 39 4.46 -1.09 -22.89
CA ARG H 39 4.57 0.30 -22.47
C ARG H 39 5.46 1.12 -23.41
N HIS H 40 5.73 0.57 -24.59
CA HIS H 40 6.60 1.20 -25.59
C HIS H 40 5.94 1.19 -26.96
N GLN H 41 6.37 2.12 -27.82
CA GLN H 41 5.92 2.19 -29.21
C GLN H 41 6.74 1.29 -30.12
N GLY H 42 6.04 0.45 -30.89
CA GLY H 42 6.69 -0.46 -31.82
C GLY H 42 7.34 0.29 -32.96
N VAL H 43 8.51 -0.18 -33.39
CA VAL H 43 9.25 0.40 -34.51
C VAL H 43 9.31 -0.54 -35.72
N MET H 44 9.51 -1.84 -35.47
CA MET H 44 9.64 -2.80 -36.57
C MET H 44 8.27 -3.30 -37.04
N VAL H 45 8.16 -3.55 -38.34
CA VAL H 45 6.94 -4.06 -38.99
C VAL H 45 6.94 -5.59 -39.12
N GLY H 46 5.79 -6.23 -38.86
CA GLY H 46 5.70 -7.69 -39.00
C GLY H 46 6.20 -8.45 -37.78
N MET H 47 6.11 -7.81 -36.62
CA MET H 47 6.59 -8.36 -35.37
C MET H 47 5.51 -9.06 -34.56
N GLY H 48 4.31 -9.19 -35.13
CA GLY H 48 3.20 -9.71 -34.35
C GLY H 48 2.94 -8.63 -33.31
N GLN H 49 2.97 -9.01 -32.03
CA GLN H 49 2.76 -8.12 -30.88
C GLN H 49 1.30 -7.84 -30.56
N LYS H 50 0.90 -8.27 -29.38
CA LYS H 50 -0.47 -8.14 -28.92
C LYS H 50 -0.63 -6.97 -27.96
N ASP H 51 -1.87 -6.56 -27.73
CA ASP H 51 -2.18 -5.48 -26.81
C ASP H 51 -1.98 -5.88 -25.37
N SER H 52 -2.04 -7.17 -25.12
CA SER H 52 -1.91 -7.69 -23.79
C SER H 52 -1.38 -9.11 -23.78
N TYR H 53 -0.74 -9.47 -22.67
CA TYR H 53 -0.19 -10.79 -22.41
C TYR H 53 -0.72 -11.33 -21.11
N VAL H 54 -0.96 -12.64 -21.03
CA VAL H 54 -1.54 -13.16 -19.79
C VAL H 54 -0.79 -14.28 -19.07
N GLY H 55 -0.72 -14.16 -17.75
CA GLY H 55 -0.11 -15.18 -16.91
C GLY H 55 1.38 -15.29 -17.18
N ASP H 56 1.81 -16.48 -17.59
CA ASP H 56 3.20 -16.70 -17.87
C ASP H 56 3.65 -15.91 -19.10
N GLU H 57 2.72 -15.54 -19.99
CA GLU H 57 3.12 -14.74 -21.14
C GLU H 57 3.53 -13.37 -20.66
N ALA H 58 2.78 -12.87 -19.66
CA ALA H 58 2.98 -11.56 -19.13
C ALA H 58 4.34 -11.47 -18.45
N GLN H 59 4.71 -12.54 -17.73
CA GLN H 59 6.03 -12.50 -17.13
C GLN H 59 7.15 -12.76 -18.15
N SER H 60 6.95 -13.65 -19.12
CA SER H 60 8.01 -13.97 -20.08
C SER H 60 8.41 -12.78 -20.96
N LYS H 61 7.46 -11.92 -21.29
CA LYS H 61 7.72 -10.75 -22.14
C LYS H 61 7.81 -9.44 -21.35
N ARG H 62 7.94 -9.54 -20.02
CA ARG H 62 7.90 -8.42 -19.09
C ARG H 62 8.93 -7.33 -19.31
N GLY H 63 10.01 -7.59 -20.03
CA GLY H 63 11.03 -6.56 -20.22
C GLY H 63 10.45 -5.25 -20.76
N ILE H 64 9.39 -5.32 -21.59
CA ILE H 64 8.77 -4.10 -22.12
C ILE H 64 7.30 -3.96 -21.75
N LEU H 65 6.85 -4.70 -20.76
CA LEU H 65 5.45 -4.64 -20.35
C LEU H 65 5.31 -4.01 -19.00
N THR H 66 4.16 -3.42 -18.76
CA THR H 66 3.83 -2.96 -17.43
C THR H 66 2.92 -4.08 -16.93
N LEU H 67 3.21 -4.60 -15.74
CA LEU H 67 2.40 -5.70 -15.24
C LEU H 67 1.55 -5.35 -14.04
N LYS H 68 0.26 -5.68 -14.16
CA LYS H 68 -0.72 -5.41 -13.12
C LYS H 68 -1.49 -6.65 -12.71
N TYR H 69 -1.89 -6.67 -11.44
CA TYR H 69 -2.70 -7.75 -10.91
C TYR H 69 -4.15 -7.25 -10.76
N PRO H 70 -5.18 -8.04 -11.12
CA PRO H 70 -6.61 -7.75 -11.02
C PRO H 70 -7.24 -7.94 -9.65
N ILE H 71 -6.47 -8.52 -8.72
CA ILE H 71 -6.95 -8.85 -7.39
C ILE H 71 -6.28 -8.04 -6.30
N GLU H 72 -7.11 -7.40 -5.49
CA GLU H 72 -6.70 -6.53 -4.42
C GLU H 72 -7.05 -7.10 -3.06
N HIS H 73 -6.07 -7.64 -2.36
CA HIS H 73 -6.30 -8.22 -1.04
C HIS H 73 -7.43 -9.24 -0.99
N GLY H 74 -7.49 -10.09 -2.01
CA GLY H 74 -8.49 -11.14 -2.08
C GLY H 74 -9.73 -10.84 -2.94
N ILE H 75 -9.96 -9.59 -3.34
CA ILE H 75 -11.13 -9.28 -4.18
C ILE H 75 -10.76 -8.90 -5.60
N ILE H 76 -11.47 -9.49 -6.57
CA ILE H 76 -11.20 -9.17 -7.95
C ILE H 76 -11.88 -7.84 -8.24
N THR H 77 -11.10 -6.89 -8.71
CA THR H 77 -11.63 -5.59 -9.06
C THR H 77 -11.56 -5.39 -10.55
N ASN H 78 -10.67 -6.16 -11.22
CA ASN H 78 -10.54 -6.08 -12.66
C ASN H 78 -10.95 -7.40 -13.29
N TRP H 79 -12.21 -7.42 -13.73
CA TRP H 79 -12.84 -8.61 -14.25
C TRP H 79 -12.45 -8.92 -15.67
N ASP H 80 -12.01 -7.91 -16.44
CA ASP H 80 -11.60 -8.18 -17.82
C ASP H 80 -10.33 -8.99 -17.78
N ASP H 81 -9.45 -8.63 -16.85
CA ASP H 81 -8.20 -9.33 -16.74
C ASP H 81 -8.42 -10.71 -16.17
N MET H 82 -9.35 -10.88 -15.23
CA MET H 82 -9.57 -12.25 -14.77
C MET H 82 -10.21 -13.11 -15.86
N GLU H 83 -11.08 -12.57 -16.73
CA GLU H 83 -11.58 -13.45 -17.79
C GLU H 83 -10.43 -13.92 -18.66
N LYS H 84 -9.44 -13.06 -18.95
CA LYS H 84 -8.29 -13.49 -19.74
C LYS H 84 -7.45 -14.55 -19.04
N ILE H 85 -7.28 -14.40 -17.71
CA ILE H 85 -6.51 -15.35 -16.91
C ILE H 85 -7.22 -16.69 -16.86
N TRP H 86 -8.52 -16.69 -16.61
CA TRP H 86 -9.32 -17.89 -16.58
C TRP H 86 -9.40 -18.55 -17.94
N HIS H 87 -9.61 -17.76 -18.99
CA HIS H 87 -9.67 -18.32 -20.32
C HIS H 87 -8.37 -18.99 -20.65
N HIS H 88 -7.25 -18.31 -20.44
CA HIS H 88 -5.94 -18.90 -20.72
C HIS H 88 -5.73 -20.19 -19.93
N THR H 89 -6.08 -20.16 -18.65
CA THR H 89 -5.95 -21.31 -17.79
C THR H 89 -6.70 -22.51 -18.35
N PHE H 90 -7.96 -22.34 -18.75
CA PHE H 90 -8.71 -23.49 -19.23
C PHE H 90 -8.35 -23.84 -20.68
N TYR H 91 -8.35 -22.82 -21.53
CA TYR H 91 -8.10 -22.96 -22.96
C TYR H 91 -6.73 -23.45 -23.41
N ASN H 92 -5.66 -22.89 -22.86
CA ASN H 92 -4.34 -23.30 -23.30
C ASN H 92 -3.61 -24.31 -22.42
N GLU H 93 -3.67 -24.15 -21.09
CA GLU H 93 -2.85 -25.00 -20.22
C GLU H 93 -3.51 -26.15 -19.45
N LEU H 94 -4.73 -25.98 -18.98
CA LEU H 94 -5.32 -27.09 -18.24
C LEU H 94 -5.94 -28.04 -19.26
N ARG H 95 -6.15 -27.52 -20.48
CA ARG H 95 -6.78 -28.22 -21.58
C ARG H 95 -8.17 -28.69 -21.15
N VAL H 96 -8.93 -27.73 -20.64
CA VAL H 96 -10.24 -27.84 -20.07
C VAL H 96 -11.34 -27.06 -20.76
N ALA H 97 -12.50 -27.70 -20.85
CA ALA H 97 -13.72 -27.12 -21.37
C ALA H 97 -14.76 -27.08 -20.25
N PRO H 98 -14.89 -25.99 -19.44
CA PRO H 98 -15.72 -25.84 -18.25
C PRO H 98 -17.18 -26.16 -18.51
N GLU H 99 -17.60 -26.08 -19.75
CA GLU H 99 -18.96 -26.39 -20.11
C GLU H 99 -19.33 -27.81 -19.64
N GLU H 100 -18.35 -28.72 -19.63
CA GLU H 100 -18.56 -30.11 -19.25
C GLU H 100 -18.18 -30.42 -17.78
N HIS H 101 -17.79 -29.42 -16.98
CA HIS H 101 -17.32 -29.70 -15.61
C HIS H 101 -17.85 -28.72 -14.55
N PRO H 102 -18.23 -29.14 -13.34
CA PRO H 102 -18.54 -28.26 -12.21
C PRO H 102 -17.27 -27.49 -11.89
N THR H 103 -17.35 -26.24 -11.41
CA THR H 103 -16.12 -25.53 -11.02
C THR H 103 -16.16 -24.99 -9.59
N LEU H 104 -15.09 -25.27 -8.86
CA LEU H 104 -14.96 -24.79 -7.50
C LEU H 104 -13.89 -23.72 -7.43
N LEU H 105 -14.28 -22.58 -6.90
CA LEU H 105 -13.43 -21.44 -6.69
C LEU H 105 -13.28 -21.25 -5.21
N THR H 106 -12.29 -20.49 -4.80
CA THR H 106 -12.04 -20.29 -3.38
C THR H 106 -12.07 -18.80 -3.05
N GLU H 107 -12.27 -18.44 -1.78
CA GLU H 107 -12.31 -17.03 -1.34
C GLU H 107 -12.21 -16.87 0.18
N ALA H 108 -11.75 -15.71 0.66
CA ALA H 108 -11.69 -15.53 2.11
C ALA H 108 -13.15 -15.33 2.51
N PRO H 109 -13.61 -15.84 3.64
CA PRO H 109 -14.99 -15.72 4.10
C PRO H 109 -15.35 -14.29 4.47
N LEU H 110 -14.34 -13.45 4.57
CA LEU H 110 -14.46 -12.10 5.05
C LEU H 110 -14.50 -11.07 3.93
N ASN H 111 -14.42 -11.52 2.69
CA ASN H 111 -14.42 -10.56 1.59
C ASN H 111 -15.84 -10.13 1.20
N PRO H 112 -16.02 -8.95 0.55
CA PRO H 112 -17.30 -8.43 0.10
C PRO H 112 -18.00 -9.43 -0.79
N LYS H 113 -19.33 -9.49 -0.66
CA LYS H 113 -20.16 -10.46 -1.37
C LYS H 113 -20.08 -10.27 -2.86
N ALA H 114 -19.69 -9.09 -3.27
CA ALA H 114 -19.59 -8.78 -4.67
C ALA H 114 -18.67 -9.74 -5.37
N ASN H 115 -17.60 -10.21 -4.70
CA ASN H 115 -16.65 -11.08 -5.35
C ASN H 115 -17.20 -12.49 -5.51
N ARG H 116 -17.89 -13.02 -4.50
CA ARG H 116 -18.39 -14.37 -4.60
C ARG H 116 -19.57 -14.40 -5.58
N GLU H 117 -20.35 -13.29 -5.64
CA GLU H 117 -21.46 -13.25 -6.58
C GLU H 117 -20.95 -13.15 -8.01
N LYS H 118 -19.92 -12.32 -8.24
CA LYS H 118 -19.39 -12.19 -9.59
C LYS H 118 -18.64 -13.42 -10.05
N MET H 119 -17.91 -14.13 -9.16
CA MET H 119 -17.24 -15.33 -9.62
C MET H 119 -18.26 -16.39 -10.02
N THR H 120 -19.38 -16.45 -9.28
CA THR H 120 -20.44 -17.37 -9.60
C THR H 120 -21.01 -16.99 -10.98
N GLN H 121 -21.21 -15.67 -11.20
CA GLN H 121 -21.74 -15.18 -12.47
C GLN H 121 -20.82 -15.46 -13.64
N ILE H 122 -19.50 -15.33 -13.49
CA ILE H 122 -18.71 -15.53 -14.70
C ILE H 122 -18.61 -16.99 -15.06
N MET H 123 -18.51 -17.90 -14.09
CA MET H 123 -18.41 -19.24 -14.57
C MET H 123 -19.71 -19.69 -15.23
N PHE H 124 -20.87 -19.21 -14.75
CA PHE H 124 -22.14 -19.59 -15.38
C PHE H 124 -22.45 -18.82 -16.68
N GLU H 125 -22.09 -17.54 -16.74
CA GLU H 125 -22.44 -16.69 -17.87
C GLU H 125 -21.36 -16.55 -18.96
N THR H 126 -20.07 -16.69 -18.62
CA THR H 126 -19.01 -16.55 -19.61
C THR H 126 -18.44 -17.91 -19.99
N PHE H 127 -18.31 -18.79 -18.99
CA PHE H 127 -17.69 -20.08 -19.26
C PHE H 127 -18.71 -21.24 -19.37
N ASN H 128 -19.99 -20.95 -19.16
CA ASN H 128 -21.12 -21.89 -19.25
C ASN H 128 -20.96 -23.14 -18.39
N VAL H 129 -20.46 -23.00 -17.18
CA VAL H 129 -20.21 -24.13 -16.29
C VAL H 129 -21.57 -24.75 -15.89
N PRO H 130 -21.74 -26.07 -15.84
CA PRO H 130 -22.97 -26.72 -15.39
C PRO H 130 -23.24 -26.55 -13.89
N ALA H 131 -22.20 -26.23 -13.10
CA ALA H 131 -22.37 -26.05 -11.67
C ALA H 131 -21.26 -25.23 -11.02
N MET H 132 -21.58 -24.61 -9.87
CA MET H 132 -20.61 -23.83 -9.09
C MET H 132 -20.60 -23.95 -7.60
N TYR H 133 -19.40 -23.75 -7.05
CA TYR H 133 -19.28 -23.57 -5.62
C TYR H 133 -18.11 -22.65 -5.32
N VAL H 134 -18.27 -21.73 -4.38
CA VAL H 134 -17.16 -20.90 -3.95
C VAL H 134 -16.88 -21.31 -2.50
N ALA H 135 -15.66 -21.73 -2.23
CA ALA H 135 -15.28 -22.25 -0.93
C ALA H 135 -14.43 -21.31 -0.08
N ILE H 136 -14.53 -21.49 1.23
CA ILE H 136 -13.79 -20.75 2.24
C ILE H 136 -12.34 -21.24 2.41
N GLN H 137 -11.37 -20.33 2.35
CA GLN H 137 -9.97 -20.76 2.48
C GLN H 137 -9.60 -21.35 3.84
N ALA H 138 -10.31 -20.99 4.92
CA ALA H 138 -10.02 -21.61 6.22
C ALA H 138 -10.34 -23.11 6.15
N VAL H 139 -11.45 -23.39 5.50
CA VAL H 139 -11.99 -24.72 5.31
C VAL H 139 -11.08 -25.54 4.43
N LEU H 140 -10.66 -24.93 3.36
CA LEU H 140 -9.85 -25.62 2.41
C LEU H 140 -8.48 -26.02 2.98
N SER H 141 -7.82 -25.14 3.76
CA SER H 141 -6.54 -25.58 4.31
C SER H 141 -6.80 -26.71 5.31
N LEU H 142 -7.86 -26.59 6.13
CA LEU H 142 -8.15 -27.65 7.10
C LEU H 142 -8.43 -28.99 6.42
N TYR H 143 -9.15 -29.00 5.28
CA TYR H 143 -9.33 -30.30 4.65
C TYR H 143 -8.00 -30.88 4.18
N ALA H 144 -7.18 -30.05 3.55
CA ALA H 144 -5.90 -30.50 2.99
C ALA H 144 -4.97 -31.03 4.07
N SER H 145 -5.04 -30.42 5.24
CA SER H 145 -4.21 -30.75 6.39
C SER H 145 -4.74 -31.90 7.22
N GLY H 146 -5.94 -32.41 6.95
CA GLY H 146 -6.48 -33.46 7.79
C GLY H 146 -6.98 -32.95 9.15
N ARG H 147 -7.53 -31.74 9.19
CA ARG H 147 -8.00 -31.16 10.44
C ARG H 147 -9.44 -30.63 10.32
N THR H 148 -10.17 -30.63 11.44
CA THR H 148 -11.53 -30.08 11.49
C THR H 148 -11.59 -28.86 12.40
N THR H 149 -10.51 -28.70 13.16
CA THR H 149 -10.40 -27.67 14.17
C THR H 149 -9.08 -26.93 14.07
N GLY H 150 -9.14 -25.61 14.24
CA GLY H 150 -7.94 -24.81 14.32
C GLY H 150 -8.10 -23.36 13.89
N ILE H 151 -7.04 -22.59 14.08
CA ILE H 151 -7.06 -21.19 13.67
C ILE H 151 -6.39 -21.16 12.36
N VAL H 152 -7.06 -20.73 11.30
CA VAL H 152 -6.33 -20.80 10.06
C VAL H 152 -5.72 -19.44 9.73
N LEU H 153 -4.39 -19.45 9.62
CA LEU H 153 -3.54 -18.31 9.36
C LEU H 153 -2.91 -18.39 7.98
N ASP H 154 -3.39 -17.54 7.08
CA ASP H 154 -2.93 -17.56 5.70
C ASP H 154 -1.68 -16.72 5.50
N SER H 155 -1.66 -15.49 5.99
CA SER H 155 -0.48 -14.66 5.74
C SER H 155 -0.09 -14.80 4.28
N GLY H 156 -1.04 -14.57 3.37
CA GLY H 156 -0.76 -14.84 1.99
C GLY H 156 -0.18 -13.64 1.29
N ASP H 157 -0.45 -13.55 0.00
CA ASP H 157 0.04 -12.47 -0.85
C ASP H 157 -0.87 -11.25 -0.70
N GLY H 158 -2.17 -11.54 -0.55
CA GLY H 158 -3.25 -10.57 -0.49
C GLY H 158 -3.77 -10.24 0.91
N VAL H 159 -4.39 -11.22 1.56
CA VAL H 159 -5.06 -11.04 2.84
C VAL H 159 -4.69 -12.10 3.90
N THR H 160 -4.79 -11.71 5.18
CA THR H 160 -4.69 -12.68 6.25
C THR H 160 -6.12 -12.74 6.86
N HIS H 161 -6.80 -13.90 6.85
CA HIS H 161 -8.17 -13.90 7.34
C HIS H 161 -8.35 -14.24 8.84
N ASN H 162 -7.36 -14.91 9.46
CA ASN H 162 -7.42 -15.24 10.90
C ASN H 162 -8.74 -15.88 11.35
N VAL H 163 -9.10 -17.05 10.80
CA VAL H 163 -10.40 -17.61 11.16
C VAL H 163 -10.38 -18.94 11.95
N PRO H 164 -10.89 -18.94 13.21
CA PRO H 164 -11.06 -20.10 14.07
C PRO H 164 -12.23 -20.97 13.64
N ILE H 165 -11.96 -22.26 13.53
CA ILE H 165 -12.95 -23.28 13.19
C ILE H 165 -12.95 -24.35 14.30
N TYR H 166 -14.12 -24.74 14.78
CA TYR H 166 -14.18 -25.81 15.80
C TYR H 166 -15.19 -26.88 15.41
N GLU H 167 -14.75 -28.13 15.32
CA GLU H 167 -15.63 -29.22 14.91
C GLU H 167 -16.32 -28.90 13.59
N GLY H 168 -15.61 -28.24 12.69
CA GLY H 168 -16.16 -27.86 11.40
C GLY H 168 -17.01 -26.58 11.39
N TYR H 169 -17.19 -25.94 12.56
CA TYR H 169 -18.01 -24.72 12.68
C TYR H 169 -17.22 -23.45 12.73
N ALA H 170 -17.77 -22.40 12.13
CA ALA H 170 -17.10 -21.13 12.24
C ALA H 170 -17.42 -20.52 13.59
N LEU H 171 -16.45 -19.77 14.12
CA LEU H 171 -16.66 -19.05 15.36
C LEU H 171 -16.43 -17.55 15.05
N PRO H 172 -17.38 -16.90 14.33
CA PRO H 172 -17.22 -15.61 13.68
C PRO H 172 -16.89 -14.41 14.55
N HIS H 173 -17.23 -14.46 15.82
CA HIS H 173 -16.97 -13.33 16.69
C HIS H 173 -15.49 -13.22 17.03
N ALA H 174 -14.76 -14.30 16.73
CA ALA H 174 -13.35 -14.40 17.03
C ALA H 174 -12.49 -14.17 15.77
N ILE H 175 -13.10 -13.72 14.67
CA ILE H 175 -12.34 -13.49 13.44
C ILE H 175 -11.63 -12.15 13.36
N MET H 176 -10.36 -12.18 12.97
CA MET H 176 -9.58 -10.95 12.83
C MET H 176 -9.19 -10.64 11.37
N ARG H 177 -10.05 -10.02 10.56
CA ARG H 177 -9.66 -9.72 9.18
C ARG H 177 -8.44 -8.80 9.14
N LEU H 178 -7.32 -9.22 8.51
CA LEU H 178 -6.16 -8.35 8.52
C LEU H 178 -5.63 -7.90 7.15
N ASP H 179 -5.49 -6.58 7.02
CA ASP H 179 -4.97 -5.96 5.81
C ASP H 179 -3.44 -5.91 5.83
N LEU H 180 -2.85 -7.08 5.83
CA LEU H 180 -1.40 -7.29 5.79
C LEU H 180 -1.04 -8.61 5.14
N ALA H 181 -0.24 -8.50 4.09
CA ALA H 181 0.17 -9.67 3.32
C ALA H 181 1.48 -9.44 2.53
N GLY H 182 1.93 -10.47 1.80
CA GLY H 182 3.17 -10.49 1.02
C GLY H 182 3.36 -9.31 0.05
N ARG H 183 2.25 -8.75 -0.42
CA ARG H 183 2.32 -7.60 -1.33
C ARG H 183 2.83 -6.34 -0.61
N ASP H 184 2.63 -6.29 0.70
CA ASP H 184 3.06 -5.16 1.50
C ASP H 184 4.47 -5.42 1.96
N LEU H 185 4.77 -6.70 2.17
CA LEU H 185 6.09 -7.07 2.65
C LEU H 185 7.09 -6.73 1.53
N THR H 186 6.67 -6.97 0.29
CA THR H 186 7.49 -6.72 -0.90
C THR H 186 7.78 -5.23 -1.04
N ASP H 187 6.76 -4.37 -0.83
CA ASP H 187 7.00 -2.93 -0.95
C ASP H 187 7.98 -2.44 0.13
N TYR H 188 7.85 -3.00 1.34
CA TYR H 188 8.76 -2.64 2.42
C TYR H 188 10.19 -2.98 2.01
N LEU H 189 10.38 -4.19 1.47
CA LEU H 189 11.70 -4.63 1.07
C LEU H 189 12.25 -3.70 -0.01
N MET H 190 11.43 -3.26 -0.97
CA MET H 190 11.96 -2.34 -1.97
C MET H 190 12.50 -1.06 -1.31
N LYS H 191 11.82 -0.55 -0.28
CA LYS H 191 12.33 0.67 0.35
C LYS H 191 13.64 0.43 1.10
N ILE H 192 13.76 -0.69 1.81
CA ILE H 192 15.01 -0.94 2.55
C ILE H 192 16.15 -1.40 1.60
N LEU H 193 15.82 -1.95 0.43
CA LEU H 193 16.87 -2.27 -0.52
C LEU H 193 17.35 -0.97 -1.18
N THR H 194 16.48 0.05 -1.23
CA THR H 194 16.84 1.37 -1.75
C THR H 194 17.90 1.94 -0.80
N GLU H 195 17.71 1.74 0.52
CA GLU H 195 18.67 2.21 1.53
C GLU H 195 20.06 1.62 1.28
N ARG H 196 20.11 0.37 0.77
CA ARG H 196 21.38 -0.31 0.45
C ARG H 196 22.00 0.12 -0.89
N GLY H 197 21.31 0.97 -1.66
CA GLY H 197 21.80 1.41 -2.96
C GLY H 197 21.18 0.73 -4.18
N TYR H 198 20.13 -0.06 -3.99
CA TYR H 198 19.48 -0.73 -5.10
C TYR H 198 18.04 -0.30 -5.21
N SER H 199 17.76 0.60 -6.14
CA SER H 199 16.42 1.15 -6.30
C SER H 199 15.53 0.32 -7.19
N PHE H 200 14.46 -0.22 -6.62
CA PHE H 200 13.53 -1.06 -7.37
C PHE H 200 12.15 -0.40 -7.46
N VAL H 201 11.77 0.06 -8.66
CA VAL H 201 10.51 0.79 -8.87
C VAL H 201 9.56 0.20 -9.93
N THR H 202 10.12 -0.10 -11.11
CA THR H 202 9.35 -0.49 -12.30
C THR H 202 8.96 -1.96 -12.24
N THR H 203 8.13 -2.42 -13.17
CA THR H 203 7.71 -3.81 -13.12
C THR H 203 8.81 -4.84 -13.08
N ALA H 204 9.85 -4.70 -13.92
CA ALA H 204 10.88 -5.73 -13.89
C ALA H 204 11.49 -5.78 -12.49
N GLU H 205 11.70 -4.60 -11.92
CA GLU H 205 12.27 -4.45 -10.62
C GLU H 205 11.38 -4.97 -9.50
N ARG H 206 10.06 -4.78 -9.62
CA ARG H 206 9.12 -5.26 -8.63
C ARG H 206 9.10 -6.79 -8.61
N GLU H 207 9.17 -7.40 -9.80
CA GLU H 207 9.18 -8.86 -9.92
C GLU H 207 10.53 -9.40 -9.38
N ILE H 208 11.62 -8.65 -9.57
CA ILE H 208 12.88 -9.08 -8.99
C ILE H 208 12.81 -9.08 -7.49
N VAL H 209 12.27 -8.03 -6.89
CA VAL H 209 12.24 -8.00 -5.44
C VAL H 209 11.36 -9.08 -4.86
N ARG H 210 10.28 -9.44 -5.55
CA ARG H 210 9.40 -10.50 -5.08
C ARG H 210 10.15 -11.84 -5.14
N ASP H 211 11.07 -11.94 -6.09
CA ASP H 211 11.89 -13.15 -6.27
C ASP H 211 12.98 -13.19 -5.21
N ILE H 212 13.53 -12.01 -4.87
CA ILE H 212 14.53 -11.94 -3.82
C ILE H 212 13.90 -12.37 -2.52
N LYS H 213 12.73 -11.84 -2.20
CA LYS H 213 12.10 -12.21 -0.94
C LYS H 213 11.85 -13.71 -0.84
N GLU H 214 11.32 -14.28 -1.92
CA GLU H 214 10.96 -15.69 -2.00
C GLU H 214 12.18 -16.61 -1.85
N LYS H 215 13.35 -16.18 -2.33
CA LYS H 215 14.53 -17.01 -2.19
C LYS H 215 15.46 -16.67 -1.01
N LEU H 216 15.53 -15.41 -0.57
CA LEU H 216 16.48 -15.02 0.48
C LEU H 216 15.91 -14.78 1.89
N CYS H 217 14.64 -14.44 2.02
CA CYS H 217 14.10 -14.01 3.30
C CYS H 217 13.61 -15.08 4.28
N TYR H 218 13.61 -14.68 5.55
CA TYR H 218 13.15 -15.49 6.68
C TYR H 218 12.58 -14.61 7.78
N VAL H 219 11.81 -15.16 8.73
CA VAL H 219 11.29 -14.26 9.77
C VAL H 219 12.20 -14.14 10.96
N ALA H 220 12.86 -15.24 11.30
CA ALA H 220 13.74 -15.37 12.47
C ALA H 220 12.93 -15.84 13.63
N LEU H 221 13.44 -16.83 14.36
CA LEU H 221 12.70 -17.27 15.53
C LEU H 221 12.72 -16.09 16.52
N ASP H 222 13.91 -15.50 16.69
CA ASP H 222 14.09 -14.34 17.55
C ASP H 222 14.62 -13.16 16.72
N PHE H 223 13.75 -12.20 16.44
CA PHE H 223 14.10 -11.08 15.56
C PHE H 223 15.29 -10.28 16.04
N GLU H 224 15.28 -9.90 17.31
CA GLU H 224 16.31 -9.04 17.87
C GLU H 224 17.70 -9.67 17.85
N ASN H 225 17.77 -10.99 17.99
CA ASN H 225 19.08 -11.63 17.98
C ASN H 225 19.62 -11.64 16.56
N GLU H 226 18.73 -11.89 15.59
CA GLU H 226 19.15 -11.90 14.19
C GLU H 226 19.44 -10.49 13.74
N MET H 227 18.67 -9.52 14.24
CA MET H 227 18.82 -8.10 13.93
C MET H 227 20.18 -7.62 14.33
N ALA H 228 20.51 -7.83 15.60
CA ALA H 228 21.77 -7.37 16.11
C ALA H 228 22.94 -8.04 15.40
N THR H 229 22.79 -9.33 15.08
CA THR H 229 23.87 -10.03 14.42
C THR H 229 24.04 -9.59 12.97
N ALA H 230 22.94 -9.53 12.23
CA ALA H 230 22.96 -9.18 10.81
C ALA H 230 23.41 -7.75 10.59
N ALA H 231 23.12 -6.89 11.54
CA ALA H 231 23.52 -5.50 11.48
C ALA H 231 25.00 -5.33 11.84
N SER H 232 25.63 -6.37 12.41
CA SER H 232 27.00 -6.29 12.87
C SER H 232 27.98 -7.08 12.00
N SER H 233 27.49 -8.06 11.24
CA SER H 233 28.39 -8.90 10.45
C SER H 233 27.88 -9.41 9.11
N SER H 234 28.81 -9.41 8.14
CA SER H 234 28.61 -9.85 6.76
C SER H 234 28.32 -11.34 6.67
N SER H 235 28.55 -12.08 7.76
CA SER H 235 28.29 -13.51 7.78
C SER H 235 26.80 -13.81 7.65
N LEU H 236 25.96 -12.78 7.84
CA LEU H 236 24.53 -12.93 7.71
C LEU H 236 23.98 -12.46 6.36
N GLU H 237 24.87 -12.06 5.44
CA GLU H 237 24.40 -11.62 4.14
C GLU H 237 24.21 -12.80 3.21
N LYS H 238 23.26 -12.64 2.32
CA LYS H 238 22.98 -13.63 1.29
C LYS H 238 22.90 -12.93 -0.05
N SER H 239 23.51 -13.52 -1.08
CA SER H 239 23.48 -12.89 -2.39
C SER H 239 22.33 -13.35 -3.28
N TYR H 240 22.05 -12.50 -4.26
CA TYR H 240 21.07 -12.74 -5.29
C TYR H 240 21.58 -12.21 -6.64
N GLU H 241 21.35 -12.98 -7.69
CA GLU H 241 21.74 -12.58 -9.04
C GLU H 241 20.63 -11.83 -9.76
N LEU H 242 20.93 -10.61 -10.19
CA LEU H 242 20.00 -9.78 -10.89
C LEU H 242 20.14 -10.27 -12.34
N PRO H 243 19.10 -10.18 -13.19
CA PRO H 243 19.10 -10.71 -14.55
C PRO H 243 20.15 -10.13 -15.50
N ASP H 244 20.68 -8.95 -15.21
CA ASP H 244 21.65 -8.37 -16.11
C ASP H 244 23.10 -8.70 -15.75
N GLY H 245 23.30 -9.60 -14.79
CA GLY H 245 24.66 -9.98 -14.40
C GLY H 245 25.15 -9.23 -13.17
N GLN H 246 24.39 -8.24 -12.71
CA GLN H 246 24.78 -7.52 -11.52
C GLN H 246 24.29 -8.30 -10.33
N VAL H 247 24.86 -8.04 -9.17
CA VAL H 247 24.40 -8.73 -7.99
C VAL H 247 24.07 -7.78 -6.87
N ILE H 248 23.26 -8.29 -5.95
CA ILE H 248 22.85 -7.61 -4.75
C ILE H 248 23.10 -8.50 -3.55
N THR H 249 23.55 -7.93 -2.43
CA THR H 249 23.63 -8.73 -1.23
C THR H 249 22.69 -8.06 -0.27
N ILE H 250 22.05 -8.87 0.55
CA ILE H 250 21.07 -8.43 1.53
C ILE H 250 21.44 -8.90 2.93
N GLY H 251 21.39 -7.99 3.92
CA GLY H 251 21.81 -8.25 5.30
C GLY H 251 20.62 -8.42 6.22
N ASN H 252 20.36 -7.43 7.07
CA ASN H 252 19.27 -7.60 8.01
C ASN H 252 17.91 -7.36 7.34
N GLU H 253 17.94 -6.90 6.09
CA GLU H 253 16.74 -6.63 5.32
C GLU H 253 16.06 -7.95 4.97
N ARG H 254 16.88 -9.01 5.05
CA ARG H 254 16.56 -10.37 4.78
C ARG H 254 15.45 -10.84 5.72
N PHE H 255 15.38 -10.24 6.90
CA PHE H 255 14.38 -10.60 7.90
C PHE H 255 13.51 -9.40 8.27
N ARG H 256 14.02 -8.19 8.07
CA ARG H 256 13.23 -6.99 8.42
C ARG H 256 11.97 -6.95 7.57
N CYS H 257 12.05 -7.43 6.33
CA CYS H 257 10.86 -7.48 5.49
C CYS H 257 9.79 -8.42 6.06
N PRO H 258 10.02 -9.75 6.19
CA PRO H 258 9.11 -10.72 6.78
C PRO H 258 8.63 -10.34 8.18
N GLU H 259 9.45 -9.62 8.94
CA GLU H 259 9.14 -9.19 10.29
C GLU H 259 7.89 -8.34 10.36
N THR H 260 7.53 -7.68 9.26
CA THR H 260 6.36 -6.81 9.22
C THR H 260 5.11 -7.63 9.56
N LEU H 261 5.13 -8.95 9.29
CA LEU H 261 4.00 -9.79 9.61
C LEU H 261 3.75 -9.77 11.11
N PHE H 262 4.82 -9.69 11.90
CA PHE H 262 4.73 -9.67 13.35
C PHE H 262 4.67 -8.22 13.84
N GLN H 263 5.23 -7.32 13.02
CA GLN H 263 5.24 -5.89 13.32
C GLN H 263 4.75 -5.09 12.09
N PRO H 264 3.43 -4.91 11.97
CA PRO H 264 2.73 -4.20 10.89
C PRO H 264 3.04 -2.72 10.83
N SER H 265 3.53 -2.17 11.95
CA SER H 265 3.88 -0.78 12.09
C SER H 265 5.01 -0.41 11.12
N PHE H 266 5.73 -1.43 10.62
CA PHE H 266 6.82 -1.26 9.69
C PHE H 266 6.36 -0.66 8.37
N ILE H 267 5.08 -0.84 8.03
CA ILE H 267 4.53 -0.31 6.79
C ILE H 267 3.41 0.69 7.07
N GLY H 268 3.33 1.20 8.31
CA GLY H 268 2.30 2.15 8.66
C GLY H 268 0.93 1.52 8.96
N MET H 269 0.87 0.21 9.17
CA MET H 269 -0.40 -0.43 9.44
C MET H 269 -0.70 -0.45 10.92
N GLU H 270 -1.96 -0.25 11.26
CA GLU H 270 -2.39 -0.34 12.65
C GLU H 270 -2.90 -1.75 12.87
N SER H 271 -2.07 -2.58 13.45
CA SER H 271 -2.42 -3.98 13.64
C SER H 271 -1.70 -4.66 14.76
N ALA H 272 -2.40 -5.63 15.32
CA ALA H 272 -1.94 -6.51 16.37
C ALA H 272 -0.74 -7.39 15.93
N GLY H 273 -0.67 -7.74 14.65
CA GLY H 273 0.39 -8.61 14.14
C GLY H 273 -0.17 -10.02 13.97
N ILE H 274 0.41 -10.82 13.08
CA ILE H 274 -0.18 -12.14 12.84
C ILE H 274 -0.18 -13.06 14.07
N HIS H 275 0.75 -12.89 15.00
CA HIS H 275 0.74 -13.76 16.15
C HIS H 275 -0.29 -13.32 17.17
N GLU H 276 -0.69 -12.05 17.14
CA GLU H 276 -1.66 -11.63 18.11
C GLU H 276 -3.03 -11.85 17.54
N THR H 277 -3.17 -11.71 16.22
CA THR H 277 -4.48 -11.93 15.65
C THR H 277 -4.80 -13.41 15.78
N THR H 278 -3.79 -14.27 15.64
CA THR H 278 -3.99 -15.70 15.81
C THR H 278 -4.39 -15.94 17.26
N TYR H 279 -3.66 -15.32 18.19
CA TYR H 279 -3.95 -15.46 19.60
C TYR H 279 -5.35 -15.02 19.94
N ASN H 280 -5.78 -13.86 19.43
CA ASN H 280 -7.08 -13.31 19.74
C ASN H 280 -8.20 -14.17 19.15
N SER H 281 -7.93 -14.85 18.05
CA SER H 281 -8.94 -15.73 17.51
C SER H 281 -9.11 -16.95 18.42
N ILE H 282 -8.06 -17.34 19.14
CA ILE H 282 -8.19 -18.44 20.09
C ILE H 282 -8.89 -17.90 21.35
N MET H 283 -8.38 -16.78 21.84
CA MET H 283 -8.84 -16.15 23.08
C MET H 283 -10.32 -15.77 23.07
N LYS H 284 -10.83 -15.28 21.95
CA LYS H 284 -12.22 -14.88 21.88
C LYS H 284 -13.21 -16.02 21.77
N CYS H 285 -12.74 -17.26 21.63
CA CYS H 285 -13.62 -18.39 21.54
C CYS H 285 -13.97 -18.85 22.96
N ASP H 286 -15.03 -19.65 23.11
CA ASP H 286 -15.43 -20.07 24.44
C ASP H 286 -14.35 -20.84 25.18
N ILE H 287 -14.42 -20.79 26.49
CA ILE H 287 -13.42 -21.39 27.35
C ILE H 287 -13.17 -22.89 27.09
N ASP H 288 -14.19 -23.63 26.64
CA ASP H 288 -14.02 -25.06 26.35
C ASP H 288 -13.59 -25.32 24.90
N ILE H 289 -13.39 -24.25 24.14
CA ILE H 289 -12.92 -24.27 22.77
C ILE H 289 -11.43 -23.95 22.73
N ARG H 290 -11.05 -22.97 23.53
CA ARG H 290 -9.67 -22.48 23.61
C ARG H 290 -8.58 -23.55 23.63
N LYS H 291 -8.79 -24.63 24.38
CA LYS H 291 -7.76 -25.66 24.46
C LYS H 291 -7.52 -26.37 23.12
N ASP H 292 -8.57 -26.46 22.29
CA ASP H 292 -8.47 -27.19 21.04
C ASP H 292 -7.89 -26.29 19.99
N LEU H 293 -8.15 -25.00 20.10
CA LEU H 293 -7.59 -24.11 19.11
C LEU H 293 -6.10 -23.85 19.46
N TYR H 294 -5.72 -23.87 20.75
CA TYR H 294 -4.30 -23.69 21.10
C TYR H 294 -3.46 -24.80 20.50
N ALA H 295 -4.00 -26.02 20.53
CA ALA H 295 -3.35 -27.20 20.01
C ALA H 295 -3.43 -27.34 18.49
N ASN H 296 -4.16 -26.43 17.82
CA ASN H 296 -4.37 -26.47 16.40
C ASN H 296 -4.24 -25.09 15.75
N ASN H 297 -3.03 -24.57 15.74
CA ASN H 297 -2.72 -23.33 15.05
C ASN H 297 -2.39 -23.79 13.64
N VAL H 298 -3.27 -23.50 12.68
CA VAL H 298 -3.17 -24.09 11.34
C VAL H 298 -2.68 -23.16 10.24
N MET H 299 -1.64 -23.59 9.55
CA MET H 299 -1.09 -22.76 8.49
C MET H 299 -1.88 -22.92 7.19
N SER H 300 -1.89 -21.86 6.42
CA SER H 300 -2.47 -21.82 5.09
C SER H 300 -1.66 -20.91 4.20
N GLY H 301 -1.62 -21.21 2.91
CA GLY H 301 -1.00 -20.27 1.99
C GLY H 301 0.50 -20.18 2.12
N GLY H 302 1.07 -19.17 1.47
CA GLY H 302 2.50 -18.88 1.45
C GLY H 302 2.95 -18.05 2.66
N THR H 303 4.23 -17.65 2.71
CA THR H 303 4.89 -16.92 3.83
C THR H 303 5.03 -17.81 5.09
N THR H 304 4.23 -18.87 5.18
CA THR H 304 4.24 -19.84 6.26
C THR H 304 5.41 -20.78 6.02
N MET H 305 6.06 -20.56 4.89
CA MET H 305 7.24 -21.23 4.41
C MET H 305 8.54 -20.51 4.88
N TYR H 306 8.43 -19.34 5.54
CA TYR H 306 9.64 -18.64 5.98
C TYR H 306 10.34 -19.41 7.09
N PRO H 307 11.67 -19.54 7.08
CA PRO H 307 12.39 -20.13 8.19
C PRO H 307 12.12 -19.33 9.46
N GLY H 308 11.86 -20.08 10.53
CA GLY H 308 11.57 -19.55 11.85
C GLY H 308 10.09 -19.23 12.08
N ILE H 309 9.24 -19.29 11.06
CA ILE H 309 7.85 -18.89 11.30
C ILE H 309 7.00 -19.91 12.02
N ALA H 310 7.19 -21.20 11.76
CA ALA H 310 6.39 -22.21 12.46
C ALA H 310 6.85 -22.32 13.90
N ASP H 311 8.11 -22.02 14.15
CA ASP H 311 8.61 -22.11 15.52
C ASP H 311 8.32 -20.82 16.27
N ARG H 312 8.36 -19.72 15.54
CA ARG H 312 8.11 -18.39 16.10
C ARG H 312 6.63 -18.20 16.45
N MET H 313 5.74 -18.59 15.54
CA MET H 313 4.33 -18.43 15.83
C MET H 313 3.93 -19.27 17.05
N GLN H 314 4.53 -20.45 17.19
CA GLN H 314 4.17 -21.30 18.31
C GLN H 314 4.67 -20.64 19.59
N LYS H 315 5.89 -20.06 19.56
CA LYS H 315 6.46 -19.36 20.72
C LYS H 315 5.69 -18.09 21.07
N GLU H 316 5.29 -17.31 20.06
CA GLU H 316 4.58 -16.05 20.25
C GLU H 316 3.21 -16.28 20.86
N ILE H 317 2.51 -17.35 20.46
CA ILE H 317 1.22 -17.65 21.05
C ILE H 317 1.45 -18.17 22.47
N THR H 318 2.44 -19.07 22.64
CA THR H 318 2.75 -19.64 23.96
C THR H 318 3.01 -18.54 24.98
N ALA H 319 3.72 -17.49 24.56
CA ALA H 319 4.06 -16.35 25.40
C ALA H 319 2.84 -15.53 25.84
N LEU H 320 1.73 -15.64 25.12
CA LEU H 320 0.49 -14.92 25.40
C LEU H 320 -0.53 -15.84 26.09
N ALA H 321 -0.42 -17.14 25.80
CA ALA H 321 -1.31 -18.18 26.27
C ALA H 321 -1.18 -18.43 27.79
N PRO H 322 -2.25 -18.90 28.46
CA PRO H 322 -2.27 -19.39 29.82
C PRO H 322 -1.40 -20.63 29.92
N SER H 323 -0.96 -20.94 31.13
CA SER H 323 -0.18 -22.14 31.41
C SER H 323 -1.13 -23.32 31.29
N THR H 324 -0.61 -24.56 31.35
CA THR H 324 -1.40 -25.81 31.17
C THR H 324 -1.67 -26.09 29.69
N MET H 325 -2.15 -25.07 28.98
CA MET H 325 -2.47 -25.18 27.57
C MET H 325 -1.25 -25.56 26.77
N LYS H 326 -1.45 -26.50 25.85
CA LYS H 326 -0.38 -26.96 24.98
C LYS H 326 -0.60 -26.35 23.61
N ILE H 327 0.39 -25.61 23.16
CA ILE H 327 0.27 -24.86 21.92
C ILE H 327 1.03 -25.54 20.80
N LYS H 328 0.35 -25.78 19.68
CA LYS H 328 1.01 -26.45 18.56
C LYS H 328 0.63 -25.93 17.18
N ILE H 329 1.66 -25.74 16.34
CA ILE H 329 1.46 -25.42 14.93
C ILE H 329 1.48 -26.60 14.00
N ILE H 330 0.47 -26.60 13.15
CA ILE H 330 0.27 -27.59 12.14
C ILE H 330 0.82 -26.94 10.86
N ALA H 331 1.98 -27.41 10.41
CA ALA H 331 2.65 -26.79 9.25
C ALA H 331 3.08 -27.84 8.24
N PRO H 332 2.13 -28.41 7.49
CA PRO H 332 2.32 -29.51 6.57
C PRO H 332 3.07 -29.02 5.34
N PRO H 333 3.67 -29.90 4.54
CA PRO H 333 4.31 -29.60 3.27
C PRO H 333 3.29 -29.11 2.23
N GLU H 334 2.02 -29.42 2.49
CA GLU H 334 0.94 -28.96 1.63
C GLU H 334 0.79 -27.45 1.80
N ARG H 335 1.90 -26.81 2.17
CA ARG H 335 1.95 -25.37 2.37
C ARG H 335 1.97 -24.71 1.00
N LYS H 336 1.52 -23.46 0.96
CA LYS H 336 1.40 -22.68 -0.26
C LYS H 336 0.47 -23.38 -1.26
N TYR H 337 0.16 -24.66 -1.03
CA TYR H 337 -0.78 -25.32 -1.94
C TYR H 337 -2.08 -25.86 -1.31
N SER H 338 -2.19 -25.83 0.03
CA SER H 338 -3.31 -26.43 0.76
C SER H 338 -4.70 -25.89 0.44
N VAL H 339 -4.83 -24.66 -0.01
CA VAL H 339 -6.16 -24.19 -0.34
C VAL H 339 -6.66 -24.88 -1.62
N TRP H 340 -5.80 -24.98 -2.64
CA TRP H 340 -6.17 -25.65 -3.88
C TRP H 340 -6.49 -27.11 -3.57
N ILE H 341 -5.61 -27.73 -2.76
CA ILE H 341 -5.75 -29.14 -2.43
C ILE H 341 -7.05 -29.35 -1.70
N GLY H 342 -7.38 -28.49 -0.75
CA GLY H 342 -8.64 -28.61 -0.07
C GLY H 342 -9.80 -28.53 -1.05
N GLY H 343 -9.67 -27.73 -2.12
CA GLY H 343 -10.71 -27.59 -3.13
C GLY H 343 -10.94 -28.90 -3.86
N SER H 344 -9.84 -29.61 -4.13
CA SER H 344 -9.88 -30.92 -4.80
C SER H 344 -10.62 -31.92 -3.93
N ILE H 345 -10.29 -31.90 -2.64
CA ILE H 345 -10.89 -32.80 -1.67
C ILE H 345 -12.36 -32.49 -1.49
N LEU H 346 -12.68 -31.21 -1.31
CA LEU H 346 -14.04 -30.77 -1.08
C LEU H 346 -14.93 -31.02 -2.27
N ALA H 347 -14.46 -30.69 -3.47
CA ALA H 347 -15.23 -30.86 -4.69
C ALA H 347 -15.64 -32.31 -4.88
N SER H 348 -14.75 -33.22 -4.47
CA SER H 348 -14.88 -34.66 -4.59
C SER H 348 -15.61 -35.37 -3.44
N LEU H 349 -15.98 -34.67 -2.36
CA LEU H 349 -16.61 -35.36 -1.24
C LEU H 349 -18.03 -35.77 -1.59
N SER H 350 -18.46 -36.97 -1.20
CA SER H 350 -19.83 -37.39 -1.47
C SER H 350 -20.82 -36.52 -0.72
N THR H 351 -20.40 -36.02 0.43
CA THR H 351 -21.18 -35.17 1.31
C THR H 351 -21.34 -33.77 0.79
N PHE H 352 -20.58 -33.43 -0.24
CA PHE H 352 -20.58 -32.13 -0.86
C PHE H 352 -21.27 -32.15 -2.23
N GLN H 353 -21.80 -33.30 -2.66
CA GLN H 353 -22.33 -33.31 -4.01
C GLN H 353 -23.61 -32.49 -4.15
N GLN H 354 -24.32 -32.29 -3.06
CA GLN H 354 -25.54 -31.51 -3.07
C GLN H 354 -25.28 -30.03 -2.75
N MET H 355 -24.01 -29.67 -2.51
CA MET H 355 -23.67 -28.28 -2.18
C MET H 355 -23.41 -27.44 -3.40
N TRP H 356 -23.36 -28.09 -4.54
CA TRP H 356 -23.08 -27.45 -5.81
C TRP H 356 -24.31 -26.71 -6.33
N ILE H 357 -24.09 -25.50 -6.84
CA ILE H 357 -25.17 -24.72 -7.45
C ILE H 357 -25.27 -25.22 -8.85
N THR H 358 -26.44 -25.63 -9.31
CA THR H 358 -26.48 -26.10 -10.69
C THR H 358 -26.80 -24.92 -11.59
N LYS H 359 -26.61 -25.09 -12.91
CA LYS H 359 -26.96 -24.03 -13.84
C LYS H 359 -28.43 -23.68 -13.74
N GLN H 360 -29.29 -24.68 -13.59
CA GLN H 360 -30.71 -24.37 -13.53
C GLN H 360 -31.06 -23.58 -12.28
N GLU H 361 -30.44 -23.94 -11.15
CA GLU H 361 -30.71 -23.20 -9.91
C GLU H 361 -30.21 -21.78 -10.03
N TYR H 362 -29.05 -21.59 -10.65
CA TYR H 362 -28.50 -20.27 -10.84
C TYR H 362 -29.41 -19.42 -11.68
N ASP H 363 -29.85 -19.95 -12.83
CA ASP H 363 -30.68 -19.14 -13.71
C ASP H 363 -31.99 -18.73 -13.07
N GLU H 364 -32.59 -19.60 -12.27
CA GLU H 364 -33.83 -19.26 -11.60
C GLU H 364 -33.64 -18.32 -10.41
N ALA H 365 -32.58 -18.55 -9.63
CA ALA H 365 -32.27 -17.81 -8.41
C ALA H 365 -31.58 -16.47 -8.59
N GLY H 366 -30.81 -16.32 -9.66
CA GLY H 366 -30.03 -15.13 -9.89
C GLY H 366 -28.70 -15.24 -9.16
N PRO H 367 -27.78 -14.28 -9.30
CA PRO H 367 -26.43 -14.27 -8.75
C PRO H 367 -26.34 -14.30 -7.24
N SER H 368 -27.41 -13.87 -6.55
CA SER H 368 -27.45 -13.81 -5.11
C SER H 368 -27.48 -15.20 -4.51
N ILE H 369 -27.72 -16.21 -5.34
CA ILE H 369 -27.75 -17.61 -4.93
C ILE H 369 -26.49 -18.04 -4.19
N VAL H 370 -25.35 -17.44 -4.50
CA VAL H 370 -24.12 -17.82 -3.83
C VAL H 370 -24.22 -17.63 -2.31
N HIS H 371 -25.03 -16.65 -1.88
CA HIS H 371 -25.27 -16.31 -0.49
C HIS H 371 -26.12 -17.37 0.22
N ARG H 372 -26.88 -18.15 -0.55
CA ARG H 372 -27.79 -19.11 0.01
C ARG H 372 -27.25 -20.55 -0.13
N LYS H 373 -26.40 -20.76 -1.14
CA LYS H 373 -25.84 -22.08 -1.42
C LYS H 373 -24.37 -22.28 -1.04
N CYS H 374 -23.54 -21.23 -1.05
CA CYS H 374 -22.12 -21.43 -0.78
C CYS H 374 -21.70 -21.02 0.61
N PHE H 375 -21.91 -19.74 0.95
CA PHE H 375 -21.56 -19.17 2.27
C PHE H 375 -21.87 -17.68 2.38
N ASP I 1 -15.55 27.34 38.89
CA ASP I 1 -16.43 28.37 38.36
C ASP I 1 -17.84 28.16 38.91
N GLU I 2 -17.98 27.07 39.65
CA GLU I 2 -19.21 26.70 40.34
C GLU I 2 -19.30 27.50 41.65
N ASP I 3 -20.48 27.99 42.00
CA ASP I 3 -20.66 28.80 43.20
C ASP I 3 -20.96 28.04 44.50
N GLU I 4 -20.94 26.71 44.44
CA GLU I 4 -21.22 25.88 45.62
C GLU I 4 -20.41 24.60 45.61
N THR I 5 -20.12 24.08 46.79
CA THR I 5 -19.40 22.81 46.93
C THR I 5 -20.34 21.63 46.84
N THR I 6 -20.99 21.52 45.70
CA THR I 6 -21.94 20.47 45.42
C THR I 6 -21.21 19.24 44.97
N ALA I 7 -21.90 18.12 44.85
CA ALA I 7 -21.20 16.94 44.38
C ALA I 7 -20.87 17.02 42.91
N LEU I 8 -19.76 16.45 42.54
CA LEU I 8 -19.45 16.33 41.13
C LEU I 8 -20.11 15.06 40.71
N VAL I 9 -20.69 15.04 39.53
CA VAL I 9 -21.32 13.82 39.05
C VAL I 9 -20.72 13.40 37.71
N CYS I 10 -20.21 12.18 37.65
CA CYS I 10 -19.66 11.70 36.38
C CYS I 10 -20.04 10.26 36.08
N ASP I 11 -20.76 10.06 34.98
CA ASP I 11 -21.20 8.74 34.54
C ASP I 11 -20.19 8.28 33.48
N ASN I 12 -19.24 7.42 33.88
CA ASN I 12 -18.14 6.99 33.00
C ASN I 12 -18.37 5.62 32.39
N GLY I 13 -18.88 5.57 31.17
CA GLY I 13 -19.19 4.28 30.59
C GLY I 13 -18.09 3.80 29.65
N SER I 14 -18.37 2.70 28.95
CA SER I 14 -17.42 2.14 28.00
C SER I 14 -17.39 2.92 26.69
N GLY I 15 -18.38 3.79 26.51
CA GLY I 15 -18.53 4.64 25.34
C GLY I 15 -18.16 6.07 25.73
N LEU I 16 -19.17 6.84 26.12
CA LEU I 16 -19.05 8.24 26.53
C LEU I 16 -19.05 8.45 28.06
N VAL I 17 -18.52 9.61 28.47
CA VAL I 17 -18.50 10.11 29.83
C VAL I 17 -19.33 11.39 29.96
N LYS I 18 -20.31 11.36 30.85
CA LYS I 18 -21.15 12.55 31.07
C LYS I 18 -20.76 13.23 32.38
N ALA I 19 -20.21 14.44 32.32
CA ALA I 19 -19.77 15.09 33.54
C ALA I 19 -20.43 16.45 33.80
N GLY I 20 -20.75 16.71 35.07
CA GLY I 20 -21.35 17.98 35.49
C GLY I 20 -21.44 18.07 37.01
N PHE I 21 -22.23 19.01 37.49
CA PHE I 21 -22.38 19.23 38.93
C PHE I 21 -23.78 18.87 39.43
N ALA I 22 -23.84 18.28 40.61
CA ALA I 22 -25.11 17.89 41.18
C ALA I 22 -25.99 19.08 41.46
N GLY I 23 -27.25 18.90 41.16
CA GLY I 23 -28.28 19.87 41.33
C GLY I 23 -28.63 20.47 39.98
N ASP I 24 -27.79 20.24 38.96
CA ASP I 24 -28.11 20.76 37.65
C ASP I 24 -28.94 19.75 36.85
N ASP I 25 -29.31 20.15 35.64
CA ASP I 25 -30.16 19.40 34.70
C ASP I 25 -29.42 18.57 33.66
N ALA I 26 -28.18 18.90 33.39
CA ALA I 26 -27.45 18.23 32.33
C ALA I 26 -25.96 18.25 32.65
N PRO I 27 -25.17 17.35 32.07
CA PRO I 27 -23.74 17.35 32.20
C PRO I 27 -23.24 18.62 31.54
N ARG I 28 -22.14 19.16 32.04
CA ARG I 28 -21.56 20.37 31.48
C ARG I 28 -20.66 20.03 30.30
N ALA I 29 -20.11 18.82 30.32
CA ALA I 29 -19.25 18.36 29.26
C ALA I 29 -19.42 16.87 29.03
N VAL I 30 -19.30 16.47 27.78
CA VAL I 30 -19.34 15.07 27.43
C VAL I 30 -18.07 14.73 26.70
N PHE I 31 -17.42 13.69 27.16
CA PHE I 31 -16.15 13.27 26.60
C PHE I 31 -16.30 11.84 26.19
N PRO I 32 -15.60 11.34 25.19
CA PRO I 32 -15.53 9.94 24.94
C PRO I 32 -14.62 9.36 26.00
N SER I 33 -14.78 8.09 26.38
CA SER I 33 -13.84 7.46 27.30
C SER I 33 -12.60 6.99 26.54
N ILE I 34 -11.88 7.95 25.97
CA ILE I 34 -10.72 7.69 25.12
C ILE I 34 -9.44 8.42 25.45
N VAL I 35 -8.34 7.66 25.42
CA VAL I 35 -7.02 8.24 25.47
C VAL I 35 -6.29 7.83 24.18
N GLY I 36 -5.82 8.81 23.44
CA GLY I 36 -5.18 8.57 22.16
C GLY I 36 -3.68 8.70 22.23
N ARG I 37 -2.99 7.92 21.42
CA ARG I 37 -1.53 8.00 21.37
C ARG I 37 -1.00 7.92 19.94
N PRO I 38 0.01 8.73 19.57
CA PRO I 38 0.56 8.76 18.24
C PRO I 38 1.17 7.42 17.92
N ARG I 39 0.95 6.96 16.68
CA ARG I 39 1.49 5.69 16.21
C ARG I 39 2.49 5.90 15.07
N HIS I 40 2.99 7.13 14.94
CA HIS I 40 3.91 7.49 13.88
C HIS I 40 5.17 8.15 14.42
N GLN I 41 6.24 8.09 13.64
CA GLN I 41 7.51 8.75 13.94
C GLN I 41 7.50 10.21 13.52
N GLY I 42 7.85 11.10 14.44
CA GLY I 42 7.89 12.53 14.16
C GLY I 42 8.99 12.82 13.17
N VAL I 43 8.73 13.75 12.25
CA VAL I 43 9.70 14.11 11.24
C VAL I 43 10.19 15.57 11.38
N MET I 44 9.28 16.49 11.72
CA MET I 44 9.62 17.91 11.82
C MET I 44 10.02 18.27 13.26
N VAL I 45 10.86 19.28 13.41
CA VAL I 45 11.37 19.73 14.70
C VAL I 45 10.65 20.97 15.27
N GLY I 46 10.30 20.93 16.57
CA GLY I 46 9.62 22.07 17.20
C GLY I 46 8.13 22.10 16.92
N MET I 47 7.56 20.92 16.75
CA MET I 47 6.15 20.74 16.41
C MET I 47 5.23 20.58 17.60
N GLY I 48 5.77 20.64 18.82
CA GLY I 48 4.96 20.34 19.99
C GLY I 48 4.64 18.85 19.88
N GLN I 49 3.35 18.52 19.93
CA GLN I 49 2.84 17.13 19.84
C GLN I 49 2.93 16.41 21.18
N LYS I 50 1.77 15.96 21.66
CA LYS I 50 1.67 15.36 22.97
C LYS I 50 1.98 13.87 22.94
N ASP I 51 2.33 13.31 24.09
CA ASP I 51 2.58 11.88 24.19
C ASP I 51 1.27 11.11 24.20
N SER I 52 0.24 11.78 24.70
CA SER I 52 -1.09 11.23 24.80
C SER I 52 -2.10 12.36 24.75
N TYR I 53 -3.28 12.04 24.25
CA TYR I 53 -4.39 12.98 24.12
C TYR I 53 -5.61 12.45 24.87
N VAL I 54 -6.38 13.31 25.52
CA VAL I 54 -7.52 12.78 26.28
C VAL I 54 -8.91 13.32 25.93
N GLY I 55 -9.88 12.42 25.84
CA GLY I 55 -11.26 12.79 25.58
C GLY I 55 -11.42 13.38 24.20
N ASP I 56 -11.88 14.62 24.15
CA ASP I 56 -12.08 15.30 22.90
C ASP I 56 -10.77 15.61 22.21
N GLU I 57 -9.66 15.65 22.96
CA GLU I 57 -8.37 15.87 22.34
C GLU I 57 -8.01 14.64 21.53
N ALA I 58 -8.35 13.48 22.08
CA ALA I 58 -8.02 12.21 21.46
C ALA I 58 -8.75 12.05 20.15
N GLN I 59 -10.02 12.46 20.12
CA GLN I 59 -10.70 12.37 18.85
C GLN I 59 -10.28 13.48 17.89
N SER I 60 -10.03 14.68 18.37
CA SER I 60 -9.69 15.80 17.50
C SER I 60 -8.40 15.59 16.72
N LYS I 61 -7.41 14.94 17.34
CA LYS I 61 -6.10 14.70 16.74
C LYS I 61 -5.92 13.27 16.21
N ARG I 62 -7.03 12.51 16.16
CA ARG I 62 -7.06 11.09 15.85
C ARG I 62 -6.49 10.64 14.52
N GLY I 63 -6.30 11.55 13.57
CA GLY I 63 -5.79 11.14 12.27
C GLY I 63 -4.51 10.31 12.37
N ILE I 64 -3.63 10.59 13.36
CA ILE I 64 -2.40 9.83 13.52
C ILE I 64 -2.29 9.12 14.87
N LEU I 65 -3.41 8.98 15.56
CA LEU I 65 -3.40 8.36 16.89
C LEU I 65 -4.10 7.03 16.85
N THR I 66 -3.71 6.14 17.74
CA THR I 66 -4.49 4.92 17.92
C THR I 66 -5.36 5.27 19.11
N LEU I 67 -6.65 4.96 19.05
CA LEU I 67 -7.51 5.35 20.17
C LEU I 67 -7.94 4.19 21.03
N LYS I 68 -7.64 4.29 22.32
CA LYS I 68 -7.97 3.22 23.24
C LYS I 68 -9.05 3.61 24.22
N TYR I 69 -9.91 2.65 24.51
CA TYR I 69 -10.96 2.78 25.51
C TYR I 69 -10.53 2.02 26.77
N PRO I 70 -10.30 2.69 27.93
CA PRO I 70 -9.87 2.14 29.22
C PRO I 70 -10.86 1.17 29.87
N ILE I 71 -12.10 1.19 29.39
CA ILE I 71 -13.18 0.38 29.91
C ILE I 71 -13.58 -0.77 28.99
N GLU I 72 -13.55 -1.96 29.56
CA GLU I 72 -13.81 -3.22 28.89
C GLU I 72 -15.13 -3.81 29.34
N HIS I 73 -16.17 -3.68 28.54
CA HIS I 73 -17.47 -4.23 28.91
C HIS I 73 -17.95 -3.80 30.29
N GLY I 74 -17.75 -2.52 30.61
CA GLY I 74 -18.18 -1.94 31.86
C GLY I 74 -17.11 -1.85 32.96
N ILE I 75 -15.98 -2.53 32.83
CA ILE I 75 -14.96 -2.42 33.90
C ILE I 75 -13.71 -1.69 33.48
N ILE I 76 -13.25 -0.76 34.32
CA ILE I 76 -12.05 -0.03 33.98
C ILE I 76 -10.86 -0.92 34.28
N THR I 77 -10.03 -1.13 33.27
CA THR I 77 -8.85 -1.95 33.46
C THR I 77 -7.62 -1.06 33.32
N ASN I 78 -7.79 0.07 32.62
CA ASN I 78 -6.69 0.99 32.43
C ASN I 78 -6.92 2.27 33.24
N TRP I 79 -6.30 2.32 34.40
CA TRP I 79 -6.51 3.39 35.33
C TRP I 79 -5.57 4.54 35.11
N ASP I 80 -4.68 4.40 34.14
CA ASP I 80 -3.73 5.46 33.87
C ASP I 80 -4.49 6.40 32.96
N ASP I 81 -5.26 5.79 32.08
CA ASP I 81 -6.04 6.54 31.15
C ASP I 81 -7.26 7.11 31.84
N MET I 82 -7.83 6.38 32.79
CA MET I 82 -8.94 7.00 33.46
C MET I 82 -8.51 8.13 34.38
N GLU I 83 -7.33 8.09 35.03
CA GLU I 83 -7.02 9.27 35.83
C GLU I 83 -6.84 10.49 34.91
N LYS I 84 -6.40 10.27 33.65
CA LYS I 84 -6.27 11.39 32.70
C LYS I 84 -7.65 11.95 32.33
N ILE I 85 -8.62 11.05 32.11
CA ILE I 85 -9.97 11.44 31.76
C ILE I 85 -10.59 12.21 32.89
N TRP I 86 -10.45 11.72 34.11
CA TRP I 86 -10.96 12.41 35.28
C TRP I 86 -10.25 13.73 35.51
N HIS I 87 -8.92 13.77 35.42
CA HIS I 87 -8.22 15.02 35.64
C HIS I 87 -8.66 16.06 34.64
N HIS I 88 -8.74 15.68 33.37
CA HIS I 88 -9.17 16.59 32.33
C HIS I 88 -10.60 17.07 32.59
N THR I 89 -11.49 16.14 32.90
CA THR I 89 -12.86 16.47 33.16
C THR I 89 -12.98 17.48 34.28
N PHE I 90 -12.28 17.24 35.38
CA PHE I 90 -12.42 18.11 36.52
C PHE I 90 -11.67 19.41 36.34
N TYR I 91 -10.39 19.33 36.00
CA TYR I 91 -9.54 20.49 35.93
C TYR I 91 -9.82 21.44 34.76
N ASN I 92 -10.01 20.89 33.55
CA ASN I 92 -10.18 21.75 32.39
C ASN I 92 -11.62 22.11 32.06
N GLU I 93 -12.56 21.17 32.18
CA GLU I 93 -13.93 21.49 31.77
C GLU I 93 -14.89 21.81 32.90
N LEU I 94 -14.83 21.11 34.02
CA LEU I 94 -15.76 21.44 35.10
C LEU I 94 -15.16 22.53 35.97
N ARG I 95 -13.89 22.84 35.71
CA ARG I 95 -13.12 23.88 36.39
C ARG I 95 -13.14 23.71 37.90
N VAL I 96 -12.97 22.48 38.34
CA VAL I 96 -12.99 22.16 39.75
C VAL I 96 -11.87 21.28 40.23
N ALA I 97 -11.40 21.59 41.43
CA ALA I 97 -10.47 20.74 42.12
C ALA I 97 -11.34 19.88 43.04
N PRO I 98 -11.46 18.53 42.87
CA PRO I 98 -12.32 17.64 43.63
C PRO I 98 -12.05 17.71 45.12
N GLU I 99 -10.89 18.21 45.51
CA GLU I 99 -10.56 18.35 46.91
C GLU I 99 -11.64 19.17 47.63
N GLU I 100 -12.25 20.13 46.93
CA GLU I 100 -13.27 20.99 47.51
C GLU I 100 -14.73 20.50 47.31
N HIS I 101 -14.94 19.39 46.59
CA HIS I 101 -16.29 18.90 46.26
C HIS I 101 -16.40 17.36 46.38
N PRO I 102 -17.50 16.79 46.92
CA PRO I 102 -17.74 15.35 47.02
C PRO I 102 -17.99 14.83 45.60
N THR I 103 -17.73 13.54 45.32
CA THR I 103 -17.97 13.02 43.95
C THR I 103 -18.79 11.74 43.85
N LEU I 104 -19.72 11.71 42.89
CA LEU I 104 -20.53 10.53 42.63
C LEU I 104 -20.18 9.89 41.28
N LEU I 105 -19.81 8.62 41.35
CA LEU I 105 -19.47 7.77 40.21
C LEU I 105 -20.50 6.67 40.10
N THR I 106 -20.63 6.01 38.94
CA THR I 106 -21.68 5.01 38.76
C THR I 106 -21.24 3.63 38.20
N GLU I 107 -22.02 2.59 38.51
CA GLU I 107 -21.80 1.18 38.04
C GLU I 107 -22.92 0.18 38.35
N ALA I 108 -23.13 -0.82 37.48
CA ALA I 108 -24.10 -1.87 37.79
C ALA I 108 -23.66 -2.68 39.04
N PRO I 109 -24.57 -3.20 39.88
CA PRO I 109 -24.29 -4.04 41.04
C PRO I 109 -23.59 -5.37 40.74
N LEU I 110 -23.63 -5.85 39.49
CA LEU I 110 -22.94 -7.08 39.13
C LEU I 110 -21.58 -6.80 38.48
N ASN I 111 -21.20 -5.53 38.40
CA ASN I 111 -19.92 -5.13 37.88
C ASN I 111 -18.95 -5.62 38.97
N PRO I 112 -17.82 -6.28 38.66
CA PRO I 112 -16.93 -6.78 39.68
C PRO I 112 -16.64 -5.67 40.66
N LYS I 113 -16.64 -6.03 41.95
CA LYS I 113 -16.52 -5.09 43.07
C LYS I 113 -15.23 -4.33 43.04
N ALA I 114 -14.26 -4.87 42.34
CA ALA I 114 -12.97 -4.27 42.20
C ALA I 114 -13.09 -2.91 41.54
N ASN I 115 -14.07 -2.72 40.65
CA ASN I 115 -14.19 -1.48 39.93
C ASN I 115 -14.73 -0.38 40.84
N ARG I 116 -15.74 -0.69 41.67
CA ARG I 116 -16.29 0.34 42.56
C ARG I 116 -15.28 0.62 43.67
N GLU I 117 -14.45 -0.38 44.03
CA GLU I 117 -13.43 -0.11 45.04
C GLU I 117 -12.41 0.84 44.48
N LYS I 118 -12.01 0.64 43.21
CA LYS I 118 -11.04 1.50 42.56
C LYS I 118 -11.62 2.87 42.23
N MET I 119 -12.91 2.97 41.89
CA MET I 119 -13.48 4.29 41.63
C MET I 119 -13.47 5.10 42.93
N THR I 120 -13.75 4.43 44.05
CA THR I 120 -13.72 5.10 45.33
C THR I 120 -12.26 5.54 45.59
N GLN I 121 -11.29 4.64 45.34
CA GLN I 121 -9.87 4.92 45.52
C GLN I 121 -9.34 6.04 44.64
N ILE I 122 -9.75 6.13 43.38
CA ILE I 122 -9.16 7.18 42.57
C ILE I 122 -9.57 8.54 43.08
N MET I 123 -10.82 8.67 43.49
CA MET I 123 -11.17 9.98 43.93
C MET I 123 -10.54 10.34 45.28
N PHE I 124 -10.37 9.37 46.18
CA PHE I 124 -9.75 9.67 47.48
C PHE I 124 -8.23 9.74 47.46
N GLU I 125 -7.58 8.87 46.71
CA GLU I 125 -6.13 8.78 46.75
C GLU I 125 -5.43 9.65 45.66
N THR I 126 -6.08 9.95 44.52
CA THR I 126 -5.42 10.79 43.51
C THR I 126 -5.99 12.20 43.52
N PHE I 127 -7.31 12.32 43.67
CA PHE I 127 -7.90 13.65 43.60
C PHE I 127 -8.23 14.28 44.96
N ASN I 128 -8.04 13.53 46.05
CA ASN I 128 -8.29 13.94 47.43
C ASN I 128 -9.71 14.45 47.68
N VAL I 129 -10.69 13.78 47.10
CA VAL I 129 -12.07 14.18 47.23
C VAL I 129 -12.44 14.08 48.71
N PRO I 130 -13.17 15.02 49.32
CA PRO I 130 -13.58 14.94 50.70
C PRO I 130 -14.55 13.80 50.98
N ALA I 131 -15.28 13.35 49.93
CA ALA I 131 -16.21 12.26 50.10
C ALA I 131 -16.58 11.56 48.79
N MET I 132 -17.03 10.31 48.91
CA MET I 132 -17.46 9.50 47.77
C MET I 132 -18.72 8.71 47.89
N TYR I 133 -19.35 8.45 46.74
CA TYR I 133 -20.55 7.63 46.66
C TYR I 133 -20.71 6.98 45.28
N VAL I 134 -20.58 5.66 45.18
CA VAL I 134 -20.72 5.01 43.90
C VAL I 134 -22.16 4.58 43.79
N ALA I 135 -22.85 5.04 42.77
CA ALA I 135 -24.26 4.80 42.59
C ALA I 135 -24.60 3.70 41.61
N ILE I 136 -25.77 3.12 41.85
CA ILE I 136 -26.34 2.13 40.96
C ILE I 136 -27.01 2.86 39.80
N GLN I 137 -26.67 2.50 38.58
CA GLN I 137 -27.23 3.19 37.42
C GLN I 137 -28.75 3.03 37.34
N ALA I 138 -29.27 1.88 37.77
CA ALA I 138 -30.71 1.63 37.77
C ALA I 138 -31.45 2.55 38.75
N VAL I 139 -30.81 2.86 39.87
CA VAL I 139 -31.33 3.76 40.87
C VAL I 139 -31.44 5.14 40.29
N LEU I 140 -30.41 5.51 39.57
CA LEU I 140 -30.36 6.83 38.99
C LEU I 140 -31.36 6.91 37.84
N SER I 141 -31.53 5.81 37.10
CA SER I 141 -32.45 5.80 35.99
C SER I 141 -33.88 6.01 36.46
N LEU I 142 -34.27 5.34 37.55
CA LEU I 142 -35.62 5.50 38.06
C LEU I 142 -35.81 6.89 38.65
N TYR I 143 -34.81 7.49 39.30
CA TYR I 143 -35.08 8.84 39.79
C TYR I 143 -35.33 9.80 38.63
N ALA I 144 -34.51 9.70 37.59
CA ALA I 144 -34.59 10.60 36.45
C ALA I 144 -35.90 10.47 35.71
N SER I 145 -36.44 9.25 35.66
CA SER I 145 -37.68 8.94 34.97
C SER I 145 -38.93 9.15 35.82
N GLY I 146 -38.79 9.52 37.09
CA GLY I 146 -39.98 9.70 37.92
C GLY I 146 -40.60 8.38 38.42
N ARG I 147 -39.77 7.36 38.69
CA ARG I 147 -40.25 6.07 39.14
C ARG I 147 -39.50 5.55 40.37
N THR I 148 -40.16 4.64 41.11
CA THR I 148 -39.54 3.98 42.27
C THR I 148 -39.61 2.51 41.97
N THR I 149 -40.50 2.25 41.04
CA THR I 149 -40.83 0.91 40.64
C THR I 149 -40.77 0.78 39.14
N GLY I 150 -40.08 -0.25 38.68
CA GLY I 150 -40.01 -0.55 37.27
C GLY I 150 -38.81 -1.39 36.87
N ILE I 151 -38.75 -1.70 35.59
CA ILE I 151 -37.64 -2.48 35.03
C ILE I 151 -36.68 -1.55 34.39
N VAL I 152 -35.41 -1.65 34.76
CA VAL I 152 -34.47 -0.80 34.08
C VAL I 152 -33.79 -1.56 32.96
N LEU I 153 -34.04 -1.06 31.74
CA LEU I 153 -33.49 -1.59 30.51
C LEU I 153 -32.41 -0.61 30.11
N ASP I 154 -31.18 -1.07 30.26
CA ASP I 154 -30.00 -0.26 30.09
C ASP I 154 -28.93 -0.81 29.17
N SER I 155 -29.28 -1.42 28.05
CA SER I 155 -28.21 -1.91 27.22
C SER I 155 -27.34 -0.73 26.89
N GLY I 156 -26.04 -0.87 27.07
CA GLY I 156 -25.14 0.23 26.77
C GLY I 156 -24.20 -0.15 25.66
N ASP I 157 -22.97 0.34 25.77
CA ASP I 157 -21.88 0.07 24.82
C ASP I 157 -21.09 -1.18 25.27
N GLY I 158 -21.04 -1.40 26.60
CA GLY I 158 -20.29 -2.47 27.25
C GLY I 158 -21.09 -3.75 27.40
N VAL I 159 -22.04 -3.74 28.35
CA VAL I 159 -22.94 -4.84 28.68
C VAL I 159 -24.40 -4.36 28.86
N THR I 160 -25.33 -5.32 28.97
CA THR I 160 -26.74 -5.06 29.32
C THR I 160 -26.95 -5.64 30.72
N HIS I 161 -27.56 -4.87 31.64
CA HIS I 161 -27.73 -5.35 33.01
C HIS I 161 -29.12 -5.93 33.29
N ASN I 162 -30.19 -5.24 32.85
CA ASN I 162 -31.58 -5.72 33.07
C ASN I 162 -31.99 -5.92 34.54
N VAL I 163 -32.33 -4.84 35.26
CA VAL I 163 -32.68 -5.03 36.68
C VAL I 163 -34.05 -4.48 37.15
N PRO I 164 -34.90 -5.32 37.75
CA PRO I 164 -36.16 -4.94 38.35
C PRO I 164 -35.98 -4.32 39.73
N ILE I 165 -36.68 -3.21 39.97
CA ILE I 165 -36.74 -2.52 41.25
C ILE I 165 -38.21 -2.27 41.66
N TYR I 166 -38.57 -2.57 42.91
CA TYR I 166 -39.94 -2.35 43.39
C TYR I 166 -39.94 -1.56 44.67
N GLU I 167 -40.66 -0.43 44.71
CA GLU I 167 -40.68 0.45 45.89
C GLU I 167 -39.27 0.85 46.33
N GLY I 168 -38.36 1.03 45.37
CA GLY I 168 -37.00 1.38 45.66
C GLY I 168 -36.09 0.20 46.02
N TYR I 169 -36.64 -1.01 46.13
CA TYR I 169 -35.81 -2.16 46.49
C TYR I 169 -35.44 -3.00 45.27
N ALA I 170 -34.22 -3.55 45.26
CA ALA I 170 -33.85 -4.35 44.10
C ALA I 170 -34.34 -5.75 44.31
N LEU I 171 -34.63 -6.43 43.21
CA LEU I 171 -34.94 -7.82 43.25
C LEU I 171 -33.78 -8.52 42.52
N PRO I 172 -32.59 -8.70 43.16
CA PRO I 172 -31.34 -9.12 42.53
C PRO I 172 -31.34 -10.49 41.89
N HIS I 173 -32.23 -11.37 42.31
CA HIS I 173 -32.27 -12.71 41.76
C HIS I 173 -32.86 -12.69 40.35
N ALA I 174 -33.48 -11.57 40.02
CA ALA I 174 -34.16 -11.37 38.76
C ALA I 174 -33.30 -10.53 37.79
N ILE I 175 -32.04 -10.27 38.14
CA ILE I 175 -31.19 -9.51 37.22
C ILE I 175 -30.68 -10.43 36.13
N MET I 176 -30.86 -10.04 34.88
CA MET I 176 -30.43 -10.88 33.77
C MET I 176 -29.22 -10.26 33.05
N ARG I 177 -28.01 -10.56 33.52
CA ARG I 177 -26.85 -9.89 32.94
C ARG I 177 -26.42 -10.54 31.61
N LEU I 178 -26.23 -9.71 30.56
CA LEU I 178 -25.80 -10.22 29.26
C LEU I 178 -24.56 -9.53 28.70
N ASP I 179 -23.68 -10.31 28.08
CA ASP I 179 -22.54 -9.74 27.36
C ASP I 179 -22.99 -9.41 25.93
N LEU I 180 -23.93 -8.48 25.85
CA LEU I 180 -24.57 -8.00 24.64
C LEU I 180 -24.70 -6.49 24.66
N ALA I 181 -23.94 -5.79 23.82
CA ALA I 181 -23.96 -4.33 23.86
C ALA I 181 -23.52 -3.64 22.56
N GLY I 182 -23.60 -2.30 22.54
CA GLY I 182 -23.29 -1.45 21.40
C GLY I 182 -21.93 -1.69 20.76
N ARG I 183 -20.91 -2.08 21.53
CA ARG I 183 -19.60 -2.38 20.97
C ARG I 183 -19.69 -3.61 20.05
N ASP I 184 -20.59 -4.55 20.38
CA ASP I 184 -20.71 -5.77 19.63
C ASP I 184 -21.61 -5.49 18.45
N LEU I 185 -22.56 -4.58 18.65
CA LEU I 185 -23.49 -4.25 17.58
C LEU I 185 -22.67 -3.58 16.48
N THR I 186 -21.71 -2.75 16.91
CA THR I 186 -20.81 -2.01 16.03
C THR I 186 -19.92 -2.99 15.28
N ASP I 187 -19.41 -4.01 15.97
CA ASP I 187 -18.58 -5.01 15.32
C ASP I 187 -19.37 -5.74 14.24
N TYR I 188 -20.64 -6.05 14.53
CA TYR I 188 -21.47 -6.73 13.53
C TYR I 188 -21.63 -5.80 12.33
N LEU I 189 -21.87 -4.50 12.59
CA LEU I 189 -22.04 -3.55 11.50
C LEU I 189 -20.77 -3.48 10.67
N MET I 190 -19.59 -3.50 11.29
CA MET I 190 -18.36 -3.46 10.49
C MET I 190 -18.29 -4.68 9.56
N LYS I 191 -18.71 -5.85 10.04
CA LYS I 191 -18.65 -7.03 9.19
C LYS I 191 -19.64 -6.96 8.02
N ILE I 192 -20.85 -6.46 8.28
CA ILE I 192 -21.85 -6.40 7.22
C ILE I 192 -21.60 -5.20 6.26
N LEU I 193 -20.92 -4.15 6.73
CA LEU I 193 -20.56 -3.08 5.81
C LEU I 193 -19.43 -3.59 4.91
N THR I 194 -18.61 -4.52 5.43
CA THR I 194 -17.57 -5.15 4.64
C THR I 194 -18.25 -5.99 3.56
N GLU I 195 -19.36 -6.67 3.90
CA GLU I 195 -20.10 -7.47 2.92
C GLU I 195 -20.55 -6.59 1.74
N ARG I 196 -20.86 -5.33 2.01
CA ARG I 196 -21.29 -4.40 0.97
C ARG I 196 -20.15 -3.74 0.18
N GLY I 197 -18.90 -4.03 0.53
CA GLY I 197 -17.75 -3.45 -0.16
C GLY I 197 -17.02 -2.31 0.56
N TYR I 198 -17.35 -2.05 1.82
CA TYR I 198 -16.70 -1.00 2.59
C TYR I 198 -16.05 -1.57 3.83
N SER I 199 -14.78 -1.91 3.71
CA SER I 199 -14.05 -2.56 4.79
C SER I 199 -13.42 -1.54 5.74
N PHE I 200 -13.86 -1.57 7.00
CA PHE I 200 -13.42 -0.64 8.03
C PHE I 200 -12.66 -1.36 9.14
N VAL I 201 -11.33 -1.14 9.26
CA VAL I 201 -10.59 -1.85 10.31
C VAL I 201 -9.71 -1.00 11.28
N THR I 202 -9.27 0.20 10.84
CA THR I 202 -8.33 1.04 11.61
C THR I 202 -9.06 1.91 12.62
N THR I 203 -8.36 2.58 13.53
CA THR I 203 -9.09 3.42 14.48
C THR I 203 -9.99 4.44 13.82
N ALA I 204 -9.50 5.14 12.80
CA ALA I 204 -10.36 6.14 12.19
C ALA I 204 -11.60 5.46 11.60
N GLU I 205 -11.38 4.31 10.97
CA GLU I 205 -12.47 3.57 10.35
C GLU I 205 -13.47 2.99 11.36
N ARG I 206 -12.97 2.53 12.50
CA ARG I 206 -13.80 1.95 13.54
C ARG I 206 -14.70 3.05 14.14
N GLU I 207 -14.13 4.25 14.32
CA GLU I 207 -14.88 5.40 14.82
C GLU I 207 -15.94 5.82 13.81
N ILE I 208 -15.62 5.73 12.51
CA ILE I 208 -16.62 6.05 11.49
C ILE I 208 -17.78 5.09 11.57
N VAL I 209 -17.53 3.79 11.70
CA VAL I 209 -18.66 2.88 11.74
C VAL I 209 -19.49 3.10 12.99
N ARG I 210 -18.85 3.37 14.13
CA ARG I 210 -19.60 3.65 15.33
C ARG I 210 -20.50 4.89 15.09
N ASP I 211 -19.96 5.92 14.40
CA ASP I 211 -20.71 7.13 14.08
C ASP I 211 -21.85 6.83 13.09
N ILE I 212 -21.62 5.89 12.14
CA ILE I 212 -22.66 5.50 11.21
C ILE I 212 -23.79 4.89 11.98
N LYS I 213 -23.48 4.00 12.91
CA LYS I 213 -24.54 3.38 13.68
C LYS I 213 -25.38 4.42 14.39
N GLU I 214 -24.72 5.35 15.12
CA GLU I 214 -25.47 6.31 15.91
C GLU I 214 -26.41 7.17 15.07
N LYS I 215 -25.97 7.56 13.86
CA LYS I 215 -26.79 8.38 13.00
C LYS I 215 -27.79 7.65 12.08
N LEU I 216 -27.46 6.45 11.60
CA LEU I 216 -28.33 5.77 10.64
C LEU I 216 -29.19 4.61 11.16
N CYS I 217 -28.78 3.95 12.23
CA CYS I 217 -29.47 2.73 12.64
C CYS I 217 -30.77 2.87 13.43
N TYR I 218 -31.61 1.85 13.24
CA TYR I 218 -32.90 1.73 13.90
C TYR I 218 -33.30 0.28 14.06
N VAL I 219 -34.33 -0.02 14.85
CA VAL I 219 -34.73 -1.41 14.97
C VAL I 219 -35.99 -1.75 14.17
N ALA I 220 -37.01 -0.86 14.23
CA ALA I 220 -38.34 -1.08 13.64
C ALA I 220 -39.18 -1.92 14.59
N LEU I 221 -40.48 -1.69 14.59
CA LEU I 221 -41.36 -2.46 15.47
C LEU I 221 -41.32 -3.96 15.06
N ASP I 222 -41.52 -4.21 13.76
CA ASP I 222 -41.54 -5.58 13.19
C ASP I 222 -40.33 -5.89 12.34
N PHE I 223 -39.49 -6.81 12.80
CA PHE I 223 -38.25 -7.11 12.11
C PHE I 223 -38.44 -7.87 10.82
N GLU I 224 -39.37 -8.80 10.78
CA GLU I 224 -39.57 -9.61 9.59
C GLU I 224 -40.08 -8.74 8.44
N ASN I 225 -40.93 -7.78 8.78
CA ASN I 225 -41.51 -6.90 7.80
C ASN I 225 -40.50 -5.87 7.32
N GLU I 226 -39.62 -5.40 8.21
CA GLU I 226 -38.63 -4.42 7.83
C GLU I 226 -37.58 -5.09 6.95
N MET I 227 -37.26 -6.35 7.30
CA MET I 227 -36.30 -7.17 6.58
C MET I 227 -36.79 -7.43 5.18
N ALA I 228 -38.04 -7.92 5.07
CA ALA I 228 -38.60 -8.24 3.77
C ALA I 228 -38.68 -7.01 2.90
N THR I 229 -38.98 -5.85 3.52
CA THR I 229 -39.05 -4.62 2.76
C THR I 229 -37.67 -4.20 2.27
N ALA I 230 -36.66 -4.24 3.15
CA ALA I 230 -35.32 -3.80 2.76
C ALA I 230 -34.75 -4.66 1.65
N ALA I 231 -35.12 -5.94 1.68
CA ALA I 231 -34.68 -6.90 0.69
C ALA I 231 -35.40 -6.70 -0.65
N SER I 232 -36.49 -5.93 -0.65
CA SER I 232 -37.31 -5.72 -1.81
C SER I 232 -37.20 -4.32 -2.41
N SER I 233 -36.78 -3.33 -1.59
CA SER I 233 -36.75 -1.94 -2.07
C SER I 233 -35.68 -1.01 -1.49
N SER I 234 -35.18 -0.16 -2.39
CA SER I 234 -34.18 0.87 -2.13
C SER I 234 -34.70 1.98 -1.23
N SER I 235 -36.00 2.00 -0.98
CA SER I 235 -36.62 3.03 -0.15
C SER I 235 -36.13 3.00 1.30
N LEU I 236 -35.52 1.88 1.73
CA LEU I 236 -34.99 1.87 3.09
C LEU I 236 -33.49 2.13 3.17
N GLU I 237 -32.85 2.48 2.04
CA GLU I 237 -31.44 2.78 2.06
C GLU I 237 -31.20 4.23 2.52
N LYS I 238 -30.13 4.41 3.26
CA LYS I 238 -29.74 5.73 3.76
C LYS I 238 -28.25 5.97 3.56
N SER I 239 -27.88 7.16 3.14
CA SER I 239 -26.48 7.45 2.94
C SER I 239 -25.82 8.09 4.15
N TYR I 240 -24.50 7.96 4.18
CA TYR I 240 -23.63 8.56 5.16
C TYR I 240 -22.38 9.13 4.49
N GLU I 241 -21.97 10.32 4.92
CA GLU I 241 -20.76 10.91 4.37
C GLU I 241 -19.56 10.66 5.28
N LEU I 242 -18.44 10.31 4.66
CA LEU I 242 -17.22 10.01 5.40
C LEU I 242 -16.29 11.22 5.30
N PRO I 243 -15.31 11.38 6.23
CA PRO I 243 -14.38 12.50 6.32
C PRO I 243 -13.62 12.88 5.06
N ASP I 244 -13.33 11.94 4.15
CA ASP I 244 -12.57 12.32 2.99
C ASP I 244 -13.43 12.56 1.75
N GLY I 245 -14.75 12.61 1.90
CA GLY I 245 -15.62 12.81 0.75
C GLY I 245 -16.20 11.49 0.23
N GLN I 246 -15.82 10.36 0.82
CA GLN I 246 -16.43 9.10 0.38
C GLN I 246 -17.85 9.05 0.89
N VAL I 247 -18.72 8.37 0.16
CA VAL I 247 -20.09 8.16 0.59
C VAL I 247 -20.43 6.69 0.59
N ILE I 248 -21.04 6.25 1.68
CA ILE I 248 -21.49 4.88 1.84
C ILE I 248 -23.01 4.83 1.85
N THR I 249 -23.58 3.90 1.10
CA THR I 249 -25.03 3.73 1.11
C THR I 249 -25.28 2.43 1.81
N ILE I 250 -26.12 2.49 2.85
CA ILE I 250 -26.45 1.37 3.73
C ILE I 250 -27.92 0.96 3.66
N GLY I 251 -28.17 -0.36 3.49
CA GLY I 251 -29.51 -0.91 3.34
C GLY I 251 -29.98 -1.59 4.60
N ASN I 252 -30.16 -2.91 4.57
CA ASN I 252 -30.70 -3.59 5.73
C ASN I 252 -29.72 -3.68 6.89
N GLU I 253 -28.48 -3.28 6.65
CA GLU I 253 -27.45 -3.30 7.66
C GLU I 253 -27.78 -2.25 8.70
N ARG I 254 -28.61 -1.30 8.27
CA ARG I 254 -29.09 -0.20 9.03
C ARG I 254 -29.92 -0.70 10.22
N PHE I 255 -30.60 -1.85 10.07
CA PHE I 255 -31.33 -2.41 11.18
C PHE I 255 -30.78 -3.78 11.62
N ARG I 256 -29.94 -4.45 10.78
CA ARG I 256 -29.35 -5.75 11.16
C ARG I 256 -28.33 -5.55 12.28
N CYS I 257 -27.69 -4.38 12.31
CA CYS I 257 -26.79 -4.10 13.42
C CYS I 257 -27.57 -4.12 14.76
N PRO I 258 -28.56 -3.22 14.99
CA PRO I 258 -29.46 -3.16 16.14
C PRO I 258 -30.20 -4.45 16.44
N GLU I 259 -30.50 -5.21 15.38
CA GLU I 259 -31.19 -6.48 15.47
C GLU I 259 -30.51 -7.46 16.37
N THR I 260 -29.19 -7.33 16.53
CA THR I 260 -28.39 -8.23 17.35
C THR I 260 -28.88 -8.20 18.79
N LEU I 261 -29.49 -7.10 19.22
CA LEU I 261 -30.00 -6.99 20.57
C LEU I 261 -31.12 -8.00 20.78
N PHE I 262 -31.78 -8.40 19.69
CA PHE I 262 -32.86 -9.37 19.72
C PHE I 262 -32.34 -10.71 19.19
N GLN I 263 -31.26 -10.64 18.38
CA GLN I 263 -30.60 -11.78 17.77
C GLN I 263 -29.08 -11.85 18.07
N PRO I 264 -28.67 -12.14 19.33
CA PRO I 264 -27.31 -12.10 19.85
C PRO I 264 -26.37 -13.09 19.16
N SER I 265 -26.94 -14.06 18.43
CA SER I 265 -26.14 -15.04 17.73
C SER I 265 -25.32 -14.37 16.63
N PHE I 266 -25.69 -13.15 16.24
CA PHE I 266 -25.01 -12.38 15.21
C PHE I 266 -23.60 -12.01 15.64
N ILE I 267 -23.35 -11.98 16.94
CA ILE I 267 -22.06 -11.63 17.50
C ILE I 267 -21.49 -12.79 18.31
N GLY I 268 -22.03 -14.00 18.13
CA GLY I 268 -21.54 -15.17 18.83
C GLY I 268 -21.99 -15.28 20.29
N MET I 269 -23.05 -14.58 20.69
CA MET I 269 -23.50 -14.60 22.07
C MET I 269 -24.56 -15.66 22.32
N GLU I 270 -24.44 -16.34 23.45
CA GLU I 270 -25.42 -17.33 23.81
C GLU I 270 -26.55 -16.66 24.56
N SER I 271 -27.46 -16.08 23.79
CA SER I 271 -28.57 -15.35 24.36
C SER I 271 -29.79 -15.30 23.48
N ALA I 272 -30.95 -15.22 24.12
CA ALA I 272 -32.23 -15.10 23.43
C ALA I 272 -32.58 -13.65 23.11
N GLY I 273 -31.75 -12.71 23.56
CA GLY I 273 -31.99 -11.29 23.32
C GLY I 273 -32.51 -10.52 24.53
N ILE I 274 -32.51 -9.20 24.38
CA ILE I 274 -32.90 -8.28 25.44
C ILE I 274 -34.37 -8.36 25.83
N HIS I 275 -35.26 -8.76 24.91
CA HIS I 275 -36.66 -8.84 25.26
C HIS I 275 -36.96 -10.07 26.08
N GLU I 276 -36.14 -11.11 25.94
CA GLU I 276 -36.34 -12.32 26.70
C GLU I 276 -35.88 -12.03 28.11
N THR I 277 -34.79 -11.28 28.23
CA THR I 277 -34.27 -10.96 29.54
C THR I 277 -35.08 -9.87 30.22
N THR I 278 -35.63 -8.92 29.48
CA THR I 278 -36.47 -7.92 30.11
C THR I 278 -37.69 -8.64 30.69
N TYR I 279 -38.23 -9.55 29.89
CA TYR I 279 -39.36 -10.35 30.28
C TYR I 279 -39.06 -11.24 31.49
N ASN I 280 -37.89 -11.89 31.49
CA ASN I 280 -37.54 -12.74 32.59
C ASN I 280 -37.32 -11.96 33.89
N SER I 281 -36.79 -10.75 33.81
CA SER I 281 -36.63 -9.97 35.03
C SER I 281 -37.98 -9.69 35.68
N ILE I 282 -39.02 -9.52 34.88
CA ILE I 282 -40.33 -9.32 35.46
C ILE I 282 -40.77 -10.68 36.03
N MET I 283 -40.67 -11.75 35.23
CA MET I 283 -41.09 -13.11 35.57
C MET I 283 -40.46 -13.68 36.84
N LYS I 284 -39.22 -13.35 37.10
CA LYS I 284 -38.53 -13.88 38.26
C LYS I 284 -38.95 -13.19 39.56
N CYS I 285 -39.77 -12.15 39.47
CA CYS I 285 -40.26 -11.43 40.62
C CYS I 285 -41.61 -12.02 41.04
N ASP I 286 -41.99 -11.83 42.31
CA ASP I 286 -43.27 -12.35 42.81
C ASP I 286 -44.44 -11.75 42.04
N ILE I 287 -45.52 -12.49 41.92
CA ILE I 287 -46.66 -12.04 41.13
C ILE I 287 -47.33 -10.74 41.60
N ASP I 288 -47.12 -10.34 42.86
CA ASP I 288 -47.68 -9.09 43.35
C ASP I 288 -46.71 -7.92 43.12
N ILE I 289 -45.57 -8.22 42.52
CA ILE I 289 -44.54 -7.27 42.10
C ILE I 289 -44.70 -7.06 40.61
N ARG I 290 -44.89 -8.18 39.89
CA ARG I 290 -44.92 -8.23 38.44
C ARG I 290 -45.89 -7.26 37.82
N LYS I 291 -47.05 -7.07 38.43
CA LYS I 291 -48.04 -6.20 37.80
C LYS I 291 -47.53 -4.76 37.67
N ASP I 292 -46.69 -4.33 38.62
CA ASP I 292 -46.23 -2.98 38.62
C ASP I 292 -45.01 -2.88 37.74
N LEU I 293 -44.25 -3.97 37.65
CA LEU I 293 -43.08 -3.92 36.80
C LEU I 293 -43.53 -3.94 35.33
N TYR I 294 -44.58 -4.72 34.99
CA TYR I 294 -45.07 -4.78 33.60
C TYR I 294 -45.52 -3.42 33.10
N ALA I 295 -46.19 -2.68 33.97
CA ALA I 295 -46.73 -1.36 33.66
C ALA I 295 -45.68 -0.25 33.71
N ASN I 296 -44.47 -0.57 34.18
CA ASN I 296 -43.41 0.41 34.33
C ASN I 296 -42.09 -0.15 33.86
N ASN I 297 -42.02 -0.44 32.57
CA ASN I 297 -40.80 -0.91 31.93
C ASN I 297 -40.07 0.37 31.50
N VAL I 298 -38.94 0.67 32.12
CA VAL I 298 -38.28 1.96 31.92
C VAL I 298 -36.93 1.90 31.20
N MET I 299 -36.84 2.61 30.09
CA MET I 299 -35.60 2.68 29.35
C MET I 299 -34.69 3.78 29.86
N SER I 300 -33.40 3.50 29.91
CA SER I 300 -32.41 4.49 30.30
C SER I 300 -31.13 4.16 29.60
N GLY I 301 -30.19 5.09 29.59
CA GLY I 301 -28.94 4.81 28.91
C GLY I 301 -29.24 4.99 27.43
N GLY I 302 -28.27 4.67 26.58
CA GLY I 302 -28.42 4.83 25.13
C GLY I 302 -28.94 3.53 24.49
N THR I 303 -28.91 3.44 23.14
CA THR I 303 -29.46 2.32 22.29
C THR I 303 -31.02 2.31 22.30
N THR I 304 -31.58 3.01 23.27
CA THR I 304 -32.98 3.21 23.53
C THR I 304 -33.49 4.31 22.62
N MET I 305 -32.54 4.87 21.89
CA MET I 305 -32.74 5.93 20.94
C MET I 305 -33.07 5.35 19.55
N TYR I 306 -33.02 4.01 19.38
CA TYR I 306 -33.35 3.46 18.07
C TYR I 306 -34.86 3.58 17.87
N PRO I 307 -35.38 4.17 16.81
CA PRO I 307 -36.79 4.23 16.63
C PRO I 307 -37.29 2.80 16.44
N GLY I 308 -38.45 2.56 17.03
CA GLY I 308 -39.11 1.27 17.02
C GLY I 308 -38.75 0.44 18.26
N ILE I 309 -37.76 0.89 19.07
CA ILE I 309 -37.35 0.07 20.21
C ILE I 309 -38.37 0.06 21.35
N ALA I 310 -39.01 1.18 21.64
CA ALA I 310 -39.98 1.18 22.72
C ALA I 310 -41.17 0.32 22.34
N ASP I 311 -41.52 0.33 21.06
CA ASP I 311 -42.68 -0.41 20.63
C ASP I 311 -42.37 -1.87 20.43
N ARG I 312 -41.16 -2.20 19.97
CA ARG I 312 -40.85 -3.60 19.81
C ARG I 312 -40.71 -4.24 21.17
N MET I 313 -40.07 -3.57 22.12
CA MET I 313 -39.92 -4.15 23.43
C MET I 313 -41.28 -4.31 24.10
N GLN I 314 -42.18 -3.34 23.93
CA GLN I 314 -43.48 -3.47 24.58
C GLN I 314 -44.23 -4.64 23.97
N LYS I 315 -44.14 -4.79 22.63
CA LYS I 315 -44.82 -5.88 21.94
C LYS I 315 -44.24 -7.25 22.29
N GLU I 316 -42.91 -7.38 22.36
CA GLU I 316 -42.32 -8.67 22.68
C GLU I 316 -42.62 -9.08 24.10
N ILE I 317 -42.58 -8.13 25.04
CA ILE I 317 -42.88 -8.48 26.42
C ILE I 317 -44.34 -8.87 26.49
N THR I 318 -45.22 -8.12 25.79
CA THR I 318 -46.64 -8.43 25.76
C THR I 318 -46.90 -9.81 25.19
N ALA I 319 -46.20 -10.18 24.12
CA ALA I 319 -46.35 -11.49 23.52
C ALA I 319 -45.94 -12.61 24.49
N LEU I 320 -44.90 -12.37 25.27
CA LEU I 320 -44.39 -13.33 26.25
C LEU I 320 -45.23 -13.34 27.54
N ALA I 321 -45.79 -12.18 27.88
CA ALA I 321 -46.60 -11.94 29.07
C ALA I 321 -47.97 -12.62 29.00
N PRO I 322 -48.61 -12.87 30.15
CA PRO I 322 -49.99 -13.30 30.27
C PRO I 322 -50.89 -12.23 29.66
N SER I 323 -52.05 -12.65 29.17
CA SER I 323 -53.06 -11.76 28.63
C SER I 323 -53.70 -11.00 29.77
N THR I 324 -54.56 -10.00 29.47
CA THR I 324 -55.22 -9.12 30.47
C THR I 324 -54.26 -8.05 31.00
N MET I 325 -53.08 -8.47 31.40
CA MET I 325 -52.03 -7.62 31.93
C MET I 325 -51.65 -6.52 30.95
N LYS I 326 -51.45 -5.31 31.50
CA LYS I 326 -51.05 -4.17 30.72
C LYS I 326 -49.55 -3.92 30.82
N ILE I 327 -48.89 -3.94 29.69
CA ILE I 327 -47.47 -3.76 29.59
C ILE I 327 -47.19 -2.40 28.99
N LYS I 328 -46.37 -1.60 29.66
CA LYS I 328 -46.10 -0.27 29.14
C LYS I 328 -44.63 0.13 29.24
N ILE I 329 -44.11 0.78 28.19
CA ILE I 329 -42.76 1.31 28.21
C ILE I 329 -42.63 2.82 28.25
N ILE I 330 -41.78 3.22 29.18
CA ILE I 330 -41.40 4.59 29.43
C ILE I 330 -40.07 4.80 28.74
N ALA I 331 -40.03 5.73 27.80
CA ALA I 331 -38.82 5.99 27.03
C ALA I 331 -38.70 7.49 26.83
N PRO I 332 -38.29 8.22 27.88
CA PRO I 332 -38.31 9.67 27.98
C PRO I 332 -37.22 10.26 27.10
N PRO I 333 -37.32 11.55 26.73
CA PRO I 333 -36.33 12.29 25.95
C PRO I 333 -35.00 12.43 26.69
N GLU I 334 -35.06 12.31 28.03
CA GLU I 334 -33.87 12.38 28.86
C GLU I 334 -33.12 11.07 28.71
N ARG I 335 -33.24 10.45 27.54
CA ARG I 335 -32.58 9.18 27.24
C ARG I 335 -31.09 9.43 27.03
N LYS I 336 -30.29 8.37 27.20
CA LYS I 336 -28.84 8.40 27.08
C LYS I 336 -28.19 9.36 28.09
N TYR I 337 -28.96 10.34 28.56
CA TYR I 337 -28.46 11.26 29.58
C TYR I 337 -29.09 11.11 30.97
N SER I 338 -30.21 10.38 31.06
CA SER I 338 -30.99 10.27 32.30
C SER I 338 -30.24 9.69 33.48
N VAL I 339 -29.22 8.87 33.25
CA VAL I 339 -28.46 8.35 34.37
C VAL I 339 -27.70 9.50 35.03
N TRP I 340 -27.15 10.42 34.22
CA TRP I 340 -26.40 11.55 34.77
C TRP I 340 -27.34 12.35 35.63
N ILE I 341 -28.54 12.56 35.11
CA ILE I 341 -29.57 13.35 35.76
C ILE I 341 -29.93 12.67 37.07
N GLY I 342 -30.09 11.36 37.05
CA GLY I 342 -30.39 10.65 38.26
C GLY I 342 -29.26 10.83 39.28
N GLY I 343 -28.00 10.90 38.80
CA GLY I 343 -26.82 11.11 39.64
C GLY I 343 -26.95 12.44 40.37
N SER I 344 -27.33 13.47 39.62
CA SER I 344 -27.54 14.82 40.14
C SER I 344 -28.65 14.81 41.20
N ILE I 345 -29.73 14.08 40.90
CA ILE I 345 -30.84 14.00 41.83
C ILE I 345 -30.43 13.30 43.09
N LEU I 346 -29.76 12.16 42.99
CA LEU I 346 -29.38 11.40 44.17
C LEU I 346 -28.38 12.13 45.03
N ALA I 347 -27.34 12.69 44.41
CA ALA I 347 -26.25 13.35 45.13
C ALA I 347 -26.74 14.48 46.00
N SER I 348 -27.76 15.19 45.50
CA SER I 348 -28.37 16.34 46.15
C SER I 348 -29.56 16.03 47.09
N LEU I 349 -30.00 14.78 47.23
CA LEU I 349 -31.16 14.52 48.09
C LEU I 349 -30.76 14.66 49.55
N SER I 350 -31.63 15.26 50.37
CA SER I 350 -31.31 15.40 51.80
C SER I 350 -31.22 14.04 52.49
N THR I 351 -31.95 13.07 51.95
CA THR I 351 -32.04 11.71 52.48
C THR I 351 -30.81 10.89 52.10
N PHE I 352 -29.97 11.46 51.26
CA PHE I 352 -28.76 10.86 50.78
C PHE I 352 -27.52 11.50 51.38
N GLN I 353 -27.68 12.48 52.28
CA GLN I 353 -26.45 13.16 52.70
C GLN I 353 -25.66 12.37 53.71
N GLN I 354 -26.25 11.30 54.21
CA GLN I 354 -25.60 10.43 55.17
C GLN I 354 -25.00 9.22 54.46
N MET I 355 -25.18 9.13 53.12
CA MET I 355 -24.69 7.99 52.36
C MET I 355 -23.28 8.18 51.83
N TRP I 356 -22.75 9.38 51.99
CA TRP I 356 -21.43 9.74 51.48
C TRP I 356 -20.32 9.19 52.39
N ILE I 357 -19.30 8.60 51.77
CA ILE I 357 -18.14 8.08 52.49
C ILE I 357 -17.20 9.23 52.64
N THR I 358 -16.74 9.55 53.83
CA THR I 358 -15.81 10.68 53.95
C THR I 358 -14.36 10.26 53.85
N LYS I 359 -13.44 11.21 53.60
CA LYS I 359 -12.02 10.82 53.58
C LYS I 359 -11.52 10.84 55.02
N GLN I 360 -11.90 9.78 55.68
CA GLN I 360 -11.71 9.48 57.08
C GLN I 360 -12.31 8.12 57.20
N GLU I 361 -13.62 7.97 57.01
CA GLU I 361 -14.17 6.62 57.09
C GLU I 361 -13.48 5.74 56.06
N TYR I 362 -13.23 6.30 54.87
CA TYR I 362 -12.53 5.59 53.83
C TYR I 362 -11.12 5.22 54.26
N ASP I 363 -10.36 6.17 54.77
CA ASP I 363 -8.99 5.88 55.13
C ASP I 363 -8.87 4.87 56.27
N GLU I 364 -9.79 4.92 57.22
CA GLU I 364 -9.76 3.99 58.34
C GLU I 364 -10.12 2.56 57.92
N ALA I 365 -11.13 2.44 57.05
CA ALA I 365 -11.63 1.15 56.57
C ALA I 365 -10.87 0.56 55.38
N GLY I 366 -10.44 1.43 54.47
CA GLY I 366 -9.78 1.00 53.26
C GLY I 366 -10.79 0.99 52.12
N PRO I 367 -10.35 0.59 50.93
CA PRO I 367 -11.13 0.49 49.70
C PRO I 367 -12.39 -0.35 49.73
N SER I 368 -12.40 -1.41 50.55
CA SER I 368 -13.51 -2.35 50.65
C SER I 368 -14.77 -1.70 51.23
N ILE I 369 -14.62 -0.52 51.83
CA ILE I 369 -15.72 0.22 52.42
C ILE I 369 -16.84 0.48 51.44
N VAL I 370 -16.53 0.61 50.16
CA VAL I 370 -17.55 0.88 49.17
C VAL I 370 -18.63 -0.22 49.15
N HIS I 371 -18.24 -1.44 49.49
CA HIS I 371 -19.11 -2.60 49.49
C HIS I 371 -20.12 -2.52 50.64
N ARG I 372 -19.81 -1.74 51.68
CA ARG I 372 -20.66 -1.64 52.85
C ARG I 372 -21.42 -0.31 52.89
N LYS I 373 -20.81 0.75 52.33
CA LYS I 373 -21.40 2.09 52.31
C LYS I 373 -22.16 2.47 51.05
N CYS I 374 -21.83 1.86 49.89
CA CYS I 374 -22.49 2.26 48.67
C CYS I 374 -23.43 1.20 48.14
N PHE I 375 -22.88 0.01 47.86
CA PHE I 375 -23.61 -1.17 47.38
C PHE I 375 -22.68 -2.36 47.11
N ASP J 1 -29.15 -57.71 26.77
CA ASP J 1 -27.89 -58.39 27.10
C ASP J 1 -27.94 -59.12 28.44
N GLU J 2 -28.87 -58.70 29.29
CA GLU J 2 -29.05 -59.33 30.61
C GLU J 2 -29.74 -60.67 30.44
N ASP J 3 -29.47 -61.61 31.36
CA ASP J 3 -30.06 -62.94 31.33
C ASP J 3 -31.23 -63.13 32.28
N GLU J 4 -31.76 -62.03 32.79
CA GLU J 4 -32.92 -62.03 33.68
C GLU J 4 -33.74 -60.78 33.44
N THR J 5 -35.04 -60.86 33.68
CA THR J 5 -35.93 -59.71 33.51
C THR J 5 -35.93 -58.85 34.76
N THR J 6 -34.75 -58.36 35.11
CA THR J 6 -34.54 -57.51 36.25
C THR J 6 -35.20 -56.18 36.00
N ALA J 7 -35.78 -55.60 37.03
CA ALA J 7 -36.40 -54.30 36.87
C ALA J 7 -35.34 -53.27 36.60
N LEU J 8 -35.66 -52.25 35.83
CA LEU J 8 -34.69 -51.18 35.63
C LEU J 8 -34.99 -50.10 36.62
N VAL J 9 -33.97 -49.40 37.07
CA VAL J 9 -34.14 -48.31 38.02
C VAL J 9 -33.49 -47.00 37.56
N CYS J 10 -34.27 -45.90 37.55
CA CYS J 10 -33.67 -44.61 37.20
C CYS J 10 -34.15 -43.46 38.09
N ASP J 11 -33.20 -42.63 38.53
CA ASP J 11 -33.50 -41.46 39.36
C ASP J 11 -33.17 -40.21 38.53
N ASN J 12 -34.22 -39.61 37.94
CA ASN J 12 -34.12 -38.53 36.96
C ASN J 12 -34.34 -37.12 37.51
N GLY J 13 -33.29 -36.33 37.67
CA GLY J 13 -33.50 -34.99 38.22
C GLY J 13 -33.08 -33.88 37.26
N SER J 14 -33.07 -32.64 37.78
CA SER J 14 -32.69 -31.41 37.05
C SER J 14 -31.17 -31.31 36.90
N GLY J 15 -30.50 -32.22 37.55
CA GLY J 15 -29.06 -32.38 37.56
C GLY J 15 -28.68 -33.53 36.61
N LEU J 16 -28.66 -34.74 37.16
CA LEU J 16 -28.24 -35.96 36.47
C LEU J 16 -29.24 -37.12 36.59
N VAL J 17 -29.14 -38.06 35.66
CA VAL J 17 -29.91 -39.29 35.70
C VAL J 17 -29.05 -40.48 36.09
N LYS J 18 -29.38 -41.07 37.21
CA LYS J 18 -28.64 -42.25 37.64
C LYS J 18 -29.40 -43.43 37.11
N ALA J 19 -28.74 -44.32 36.38
CA ALA J 19 -29.50 -45.44 35.86
C ALA J 19 -28.72 -46.74 35.82
N GLY J 20 -29.42 -47.81 36.14
CA GLY J 20 -28.84 -49.14 36.21
C GLY J 20 -29.95 -50.14 36.41
N PHE J 21 -29.62 -51.36 36.77
CA PHE J 21 -30.64 -52.36 36.97
C PHE J 21 -30.81 -52.77 38.43
N ALA J 22 -32.02 -53.21 38.74
CA ALA J 22 -32.35 -53.67 40.06
C ALA J 22 -31.55 -54.89 40.41
N GLY J 23 -31.17 -54.93 41.67
CA GLY J 23 -30.42 -56.01 42.23
C GLY J 23 -28.98 -55.59 42.42
N ASP J 24 -28.53 -54.50 41.78
CA ASP J 24 -27.16 -54.12 42.06
C ASP J 24 -27.14 -53.19 43.28
N ASP J 25 -25.94 -52.80 43.68
CA ASP J 25 -25.69 -51.88 44.79
C ASP J 25 -25.09 -50.57 44.31
N ALA J 26 -25.21 -50.31 43.02
CA ALA J 26 -24.63 -49.11 42.46
C ALA J 26 -25.41 -48.62 41.27
N PRO J 27 -25.40 -47.30 40.99
CA PRO J 27 -26.09 -46.66 39.89
C PRO J 27 -25.62 -47.08 38.51
N ARG J 28 -24.51 -47.80 38.41
CA ARG J 28 -23.93 -48.29 37.16
C ARG J 28 -23.42 -47.17 36.26
N ALA J 29 -24.33 -46.33 35.76
CA ALA J 29 -23.91 -45.20 34.93
C ALA J 29 -24.73 -43.97 35.26
N VAL J 30 -24.05 -42.83 35.29
CA VAL J 30 -24.76 -41.60 35.57
C VAL J 30 -24.58 -40.67 34.40
N PHE J 31 -25.69 -40.18 33.90
CA PHE J 31 -25.69 -39.35 32.74
C PHE J 31 -26.14 -37.96 33.16
N PRO J 32 -25.61 -36.88 32.64
CA PRO J 32 -26.13 -35.55 32.86
C PRO J 32 -27.55 -35.52 32.30
N SER J 33 -28.49 -34.80 32.91
CA SER J 33 -29.83 -34.70 32.32
C SER J 33 -29.80 -33.61 31.26
N ILE J 34 -28.98 -33.82 30.24
CA ILE J 34 -28.72 -32.82 29.23
C ILE J 34 -28.87 -33.24 27.78
N VAL J 35 -29.55 -32.39 27.02
CA VAL J 35 -29.54 -32.53 25.58
C VAL J 35 -28.92 -31.24 25.03
N GLY J 36 -27.82 -31.38 24.31
CA GLY J 36 -27.08 -30.23 23.82
C GLY J 36 -27.33 -29.95 22.36
N ARG J 37 -27.32 -28.68 21.98
CA ARG J 37 -27.54 -28.34 20.58
C ARG J 37 -26.59 -27.24 20.10
N PRO J 38 -26.03 -27.33 18.88
CA PRO J 38 -25.08 -26.36 18.34
C PRO J 38 -25.71 -25.00 18.16
N ARG J 39 -24.92 -23.97 18.48
CA ARG J 39 -25.36 -22.58 18.35
C ARG J 39 -24.54 -21.81 17.30
N HIS J 40 -23.87 -22.55 16.43
CA HIS J 40 -23.01 -22.02 15.38
C HIS J 40 -23.34 -22.55 13.99
N GLN J 41 -22.97 -21.77 12.98
CA GLN J 41 -23.10 -22.16 11.59
C GLN J 41 -21.91 -22.99 11.14
N GLY J 42 -22.20 -24.18 10.59
CA GLY J 42 -21.15 -25.05 10.11
C GLY J 42 -20.59 -24.54 8.80
N VAL J 43 -19.28 -24.73 8.59
CA VAL J 43 -18.69 -24.36 7.31
C VAL J 43 -18.01 -25.56 6.62
N MET J 44 -17.60 -26.56 7.40
CA MET J 44 -16.97 -27.72 6.80
C MET J 44 -18.06 -28.77 6.60
N VAL J 45 -17.93 -29.57 5.55
CA VAL J 45 -18.91 -30.60 5.20
C VAL J 45 -18.35 -32.02 5.32
N GLY J 46 -19.19 -32.95 5.78
CA GLY J 46 -18.71 -34.33 5.97
C GLY J 46 -17.98 -34.45 7.28
N MET J 47 -18.41 -33.63 8.24
CA MET J 47 -17.82 -33.53 9.58
C MET J 47 -18.64 -34.29 10.59
N GLY J 48 -19.60 -35.08 10.13
CA GLY J 48 -20.53 -35.69 11.07
C GLY J 48 -21.30 -34.51 11.65
N GLN J 49 -21.34 -34.40 12.97
CA GLN J 49 -22.03 -33.33 13.71
C GLN J 49 -23.51 -33.60 13.84
N LYS J 50 -23.95 -33.71 15.08
CA LYS J 50 -25.32 -34.11 15.38
C LYS J 50 -26.24 -32.90 15.50
N ASP J 51 -27.54 -33.12 15.36
CA ASP J 51 -28.49 -32.05 15.56
C ASP J 51 -28.65 -31.79 17.04
N SER J 52 -28.44 -32.84 17.82
CA SER J 52 -28.53 -32.82 19.24
C SER J 52 -27.59 -33.89 19.81
N TYR J 53 -27.06 -33.61 21.00
CA TYR J 53 -26.15 -34.50 21.70
C TYR J 53 -26.78 -34.90 23.02
N VAL J 54 -26.58 -36.12 23.48
CA VAL J 54 -27.23 -36.49 24.74
C VAL J 54 -26.32 -36.96 25.89
N GLY J 55 -26.59 -36.44 27.09
CA GLY J 55 -25.87 -36.82 28.28
C GLY J 55 -24.41 -36.41 28.20
N ASP J 56 -23.54 -37.40 28.29
CA ASP J 56 -22.13 -37.18 28.23
C ASP J 56 -21.68 -36.69 26.85
N GLU J 57 -22.47 -36.96 25.81
CA GLU J 57 -22.12 -36.46 24.49
C GLU J 57 -22.27 -34.95 24.50
N ALA J 58 -23.32 -34.49 25.20
CA ALA J 58 -23.65 -33.09 25.27
C ALA J 58 -22.58 -32.33 26.02
N GLN J 59 -22.05 -32.93 27.09
CA GLN J 59 -20.96 -32.25 27.75
C GLN J 59 -19.64 -32.33 26.98
N SER J 60 -19.34 -33.47 26.35
CA SER J 60 -18.07 -33.63 25.64
C SER J 60 -17.88 -32.68 24.46
N LYS J 61 -18.97 -32.34 23.77
CA LYS J 61 -18.90 -31.43 22.62
C LYS J 61 -19.43 -30.03 22.92
N ARG J 62 -19.59 -29.72 24.22
CA ARG J 62 -20.21 -28.49 24.73
C ARG J 62 -19.55 -27.20 24.30
N GLY J 63 -18.33 -27.24 23.79
CA GLY J 63 -17.66 -26.00 23.40
C GLY J 63 -18.53 -25.13 22.49
N ILE J 64 -19.35 -25.72 21.62
CA ILE J 64 -20.22 -24.93 20.75
C ILE J 64 -21.71 -25.24 20.93
N LEU J 65 -22.07 -25.88 22.03
CA LEU J 65 -23.46 -26.25 22.24
C LEU J 65 -24.08 -25.44 23.34
N THR J 66 -25.38 -25.26 23.26
CA THR J 66 -26.12 -24.68 24.38
C THR J 66 -26.65 -25.91 25.07
N LEU J 67 -26.56 -25.98 26.40
CA LEU J 67 -27.02 -27.21 27.05
C LEU J 67 -28.32 -27.02 27.81
N LYS J 68 -29.32 -27.82 27.44
CA LYS J 68 -30.63 -27.70 28.07
C LYS J 68 -30.95 -28.91 28.93
N TYR J 69 -31.60 -28.62 30.04
CA TYR J 69 -32.05 -29.64 30.99
C TYR J 69 -33.59 -29.83 30.88
N PRO J 70 -34.09 -31.03 30.47
CA PRO J 70 -35.51 -31.41 30.29
C PRO J 70 -36.38 -31.36 31.55
N ILE J 71 -35.71 -31.35 32.71
CA ILE J 71 -36.35 -31.34 34.00
C ILE J 71 -36.25 -29.99 34.70
N GLU J 72 -37.42 -29.46 35.06
CA GLU J 72 -37.58 -28.14 35.65
C GLU J 72 -37.91 -28.24 37.12
N HIS J 73 -36.92 -28.04 37.98
CA HIS J 73 -37.15 -28.14 39.42
C HIS J 73 -37.86 -29.43 39.84
N GLY J 74 -37.44 -30.54 39.27
CA GLY J 74 -37.99 -31.85 39.58
C GLY J 74 -39.05 -32.39 38.62
N ILE J 75 -39.63 -31.57 37.73
CA ILE J 75 -40.64 -32.11 36.82
C ILE J 75 -40.20 -32.19 35.37
N ILE J 76 -40.45 -33.35 34.76
CA ILE J 76 -40.09 -33.49 33.36
C ILE J 76 -41.12 -32.79 32.52
N THR J 77 -40.65 -31.85 31.71
CA THR J 77 -41.56 -31.13 30.83
C THR J 77 -41.15 -31.47 29.40
N ASN J 78 -39.85 -31.62 29.17
CA ASN J 78 -39.42 -31.94 27.84
C ASN J 78 -39.29 -33.45 27.75
N TRP J 79 -40.44 -34.10 27.60
CA TRP J 79 -40.46 -35.55 27.58
C TRP J 79 -39.69 -36.10 26.38
N ASP J 80 -39.60 -35.32 25.29
CA ASP J 80 -38.89 -35.78 24.10
C ASP J 80 -37.41 -35.91 24.40
N ASP J 81 -36.87 -34.95 25.13
CA ASP J 81 -35.48 -35.05 25.47
C ASP J 81 -35.25 -36.15 26.50
N MET J 82 -36.21 -36.38 27.41
CA MET J 82 -36.00 -37.49 28.33
C MET J 82 -36.05 -38.83 27.62
N GLU J 83 -36.85 -38.93 26.56
CA GLU J 83 -36.92 -40.16 25.78
C GLU J 83 -35.54 -40.46 25.20
N LYS J 84 -34.87 -39.44 24.68
CA LYS J 84 -33.54 -39.59 24.10
C LYS J 84 -32.51 -39.98 25.17
N ILE J 85 -32.62 -39.38 26.36
CA ILE J 85 -31.71 -39.70 27.45
C ILE J 85 -31.91 -41.15 27.86
N TRP J 86 -33.17 -41.58 28.01
CA TRP J 86 -33.49 -42.94 28.38
C TRP J 86 -33.05 -43.93 27.32
N HIS J 87 -33.23 -43.59 26.04
CA HIS J 87 -32.81 -44.46 24.96
C HIS J 87 -31.30 -44.65 25.03
N HIS J 88 -30.57 -43.55 25.14
CA HIS J 88 -29.12 -43.58 25.24
C HIS J 88 -28.69 -44.41 26.43
N THR J 89 -29.30 -44.13 27.56
CA THR J 89 -28.98 -44.83 28.78
C THR J 89 -29.17 -46.35 28.64
N PHE J 90 -30.34 -46.76 28.16
CA PHE J 90 -30.71 -48.16 28.08
C PHE J 90 -29.93 -48.93 27.03
N TYR J 91 -29.67 -48.32 25.88
CA TYR J 91 -29.04 -49.10 24.85
C TYR J 91 -27.53 -48.89 24.71
N ASN J 92 -26.98 -47.74 25.09
CA ASN J 92 -25.55 -47.56 24.91
C ASN J 92 -24.71 -47.92 26.14
N GLU J 93 -25.20 -47.65 27.37
CA GLU J 93 -24.36 -47.90 28.54
C GLU J 93 -24.85 -49.00 29.48
N LEU J 94 -26.17 -49.07 29.70
CA LEU J 94 -26.71 -50.06 30.63
C LEU J 94 -26.81 -51.43 30.01
N ARG J 95 -26.94 -51.46 28.68
CA ARG J 95 -27.10 -52.69 27.90
C ARG J 95 -28.29 -53.51 28.38
N VAL J 96 -29.44 -52.84 28.41
CA VAL J 96 -30.70 -53.44 28.83
C VAL J 96 -31.73 -53.29 27.72
N ALA J 97 -32.81 -54.03 27.79
CA ALA J 97 -33.83 -53.96 26.75
C ALA J 97 -35.21 -53.77 27.35
N PRO J 98 -35.67 -52.52 27.63
CA PRO J 98 -36.87 -52.18 28.40
C PRO J 98 -38.12 -52.98 28.04
N GLU J 99 -38.25 -53.42 26.80
CA GLU J 99 -39.42 -54.21 26.41
C GLU J 99 -39.54 -55.46 27.31
N GLU J 100 -38.40 -55.96 27.77
CA GLU J 100 -38.32 -57.13 28.62
C GLU J 100 -38.11 -56.79 30.11
N HIS J 101 -38.11 -55.51 30.50
CA HIS J 101 -37.81 -55.17 31.90
C HIS J 101 -38.77 -54.17 32.55
N PRO J 102 -39.44 -54.53 33.66
CA PRO J 102 -40.38 -53.68 34.34
C PRO J 102 -39.52 -52.52 34.80
N THR J 103 -40.04 -51.31 34.82
CA THR J 103 -39.18 -50.19 35.17
C THR J 103 -39.70 -49.27 36.27
N LEU J 104 -38.79 -48.96 37.19
CA LEU J 104 -39.06 -48.07 38.31
C LEU J 104 -38.36 -46.73 38.15
N LEU J 105 -39.15 -45.68 38.18
CA LEU J 105 -38.67 -44.31 38.07
C LEU J 105 -39.05 -43.59 39.35
N THR J 106 -38.26 -42.62 39.77
CA THR J 106 -38.59 -41.89 41.00
C THR J 106 -39.13 -40.46 40.83
N GLU J 107 -39.78 -39.96 41.90
CA GLU J 107 -40.19 -38.55 42.03
C GLU J 107 -40.43 -38.14 43.48
N ALA J 108 -40.47 -36.83 43.73
CA ALA J 108 -40.97 -36.36 45.02
C ALA J 108 -42.52 -36.52 45.00
N PRO J 109 -43.18 -36.96 46.07
CA PRO J 109 -44.63 -37.06 46.20
C PRO J 109 -45.45 -35.79 45.95
N LEU J 110 -44.84 -34.62 46.10
CA LEU J 110 -45.55 -33.36 45.89
C LEU J 110 -45.19 -32.72 44.54
N ASN J 111 -44.52 -33.49 43.70
CA ASN J 111 -44.18 -33.11 42.35
C ASN J 111 -45.54 -33.03 41.63
N PRO J 112 -45.83 -32.05 40.77
CA PRO J 112 -47.09 -31.98 40.05
C PRO J 112 -47.35 -33.32 39.36
N LYS J 113 -48.61 -33.71 39.29
CA LYS J 113 -49.05 -35.02 38.79
C LYS J 113 -48.63 -35.36 37.38
N ALA J 114 -48.46 -34.37 36.52
CA ALA J 114 -48.06 -34.65 35.16
C ALA J 114 -46.75 -35.43 35.11
N ASN J 115 -45.86 -35.26 36.10
CA ASN J 115 -44.56 -35.93 36.06
C ASN J 115 -44.70 -37.45 36.07
N ARG J 116 -45.50 -37.96 36.99
CA ARG J 116 -45.72 -39.39 37.12
C ARG J 116 -46.53 -39.95 35.96
N GLU J 117 -47.43 -39.14 35.42
CA GLU J 117 -48.25 -39.57 34.31
C GLU J 117 -47.42 -39.71 33.04
N LYS J 118 -46.49 -38.77 32.81
CA LYS J 118 -45.64 -38.86 31.63
C LYS J 118 -44.57 -39.91 31.79
N MET J 119 -44.02 -40.10 33.00
CA MET J 119 -43.02 -41.15 33.11
C MET J 119 -43.64 -42.50 32.78
N THR J 120 -44.87 -42.72 33.26
CA THR J 120 -45.59 -43.95 33.02
C THR J 120 -45.92 -44.08 31.53
N GLN J 121 -46.42 -42.99 30.92
CA GLN J 121 -46.77 -43.01 29.51
C GLN J 121 -45.63 -43.26 28.56
N ILE J 122 -44.49 -42.65 28.79
CA ILE J 122 -43.41 -42.82 27.85
C ILE J 122 -42.83 -44.23 27.96
N MET J 123 -42.62 -44.71 29.18
CA MET J 123 -42.08 -46.05 29.22
C MET J 123 -43.03 -47.09 28.61
N PHE J 124 -44.36 -46.92 28.75
CA PHE J 124 -45.28 -47.86 28.12
C PHE J 124 -45.48 -47.66 26.63
N GLU J 125 -45.50 -46.42 26.14
CA GLU J 125 -45.77 -46.21 24.73
C GLU J 125 -44.55 -46.11 23.81
N THR J 126 -43.38 -45.66 24.31
CA THR J 126 -42.25 -45.55 23.38
C THR J 126 -41.24 -46.67 23.64
N PHE J 127 -41.20 -47.19 24.87
CA PHE J 127 -40.26 -48.26 25.20
C PHE J 127 -40.91 -49.64 25.35
N ASN J 128 -42.24 -49.68 25.37
CA ASN J 128 -43.04 -50.89 25.53
C ASN J 128 -42.67 -51.70 26.78
N VAL J 129 -42.45 -51.00 27.88
CA VAL J 129 -42.05 -51.64 29.12
C VAL J 129 -43.20 -52.55 29.60
N PRO J 130 -42.96 -53.78 30.08
CA PRO J 130 -43.99 -54.69 30.55
C PRO J 130 -44.71 -54.21 31.81
N ALA J 131 -44.06 -53.32 32.57
CA ALA J 131 -44.67 -52.78 33.77
C ALA J 131 -43.99 -51.50 34.22
N MET J 132 -44.72 -50.71 35.00
CA MET J 132 -44.19 -49.47 35.60
C MET J 132 -44.49 -49.20 37.04
N TYR J 133 -43.60 -48.46 37.69
CA TYR J 133 -43.79 -48.07 39.09
C TYR J 133 -43.08 -46.76 39.45
N VAL J 134 -43.85 -45.75 39.85
CA VAL J 134 -43.29 -44.47 40.22
C VAL J 134 -43.06 -44.48 41.72
N ALA J 135 -41.81 -44.33 42.12
CA ALA J 135 -41.38 -44.44 43.49
C ALA J 135 -41.18 -43.13 44.19
N ILE J 136 -41.29 -43.20 45.51
CA ILE J 136 -41.05 -42.08 46.39
C ILE J 136 -39.58 -42.03 46.78
N GLN J 137 -38.92 -40.92 46.50
CA GLN J 137 -37.48 -40.81 46.79
C GLN J 137 -37.16 -41.03 48.28
N ALA J 138 -38.06 -40.60 49.16
CA ALA J 138 -37.89 -40.79 50.61
C ALA J 138 -37.98 -42.26 51.03
N VAL J 139 -38.79 -43.04 50.32
CA VAL J 139 -38.95 -44.46 50.58
C VAL J 139 -37.67 -45.14 50.23
N LEU J 140 -37.11 -44.70 49.13
CA LEU J 140 -35.91 -45.31 48.64
C LEU J 140 -34.72 -44.87 49.52
N SER J 141 -34.75 -43.64 50.02
CA SER J 141 -33.66 -43.19 50.87
C SER J 141 -33.64 -44.01 52.16
N LEU J 142 -34.81 -44.26 52.74
CA LEU J 142 -34.85 -45.06 53.95
C LEU J 142 -34.48 -46.53 53.67
N TYR J 143 -34.85 -47.09 52.51
CA TYR J 143 -34.41 -48.46 52.28
C TYR J 143 -32.89 -48.53 52.18
N ALA J 144 -32.29 -47.59 51.46
CA ALA J 144 -30.85 -47.59 51.24
C ALA J 144 -30.07 -47.46 52.54
N SER J 145 -30.62 -46.70 53.48
CA SER J 145 -30.00 -46.47 54.78
C SER J 145 -30.33 -47.54 55.82
N GLY J 146 -31.22 -48.49 55.49
CA GLY J 146 -31.62 -49.53 56.44
C GLY J 146 -32.57 -49.04 57.53
N ARG J 147 -33.38 -48.03 57.25
CA ARG J 147 -34.27 -47.46 58.26
C ARG J 147 -35.73 -47.47 57.81
N THR J 148 -36.66 -47.43 58.77
CA THR J 148 -38.08 -47.32 58.44
C THR J 148 -38.64 -46.00 58.96
N THR J 149 -37.81 -45.32 59.75
CA THR J 149 -38.18 -44.10 60.41
C THR J 149 -37.13 -43.02 60.21
N GLY J 150 -37.59 -41.82 59.90
CA GLY J 150 -36.71 -40.68 59.81
C GLY J 150 -37.21 -39.56 58.91
N ILE J 151 -36.45 -38.48 58.89
CA ILE J 151 -36.78 -37.34 58.05
C ILE J 151 -35.92 -37.44 56.84
N VAL J 152 -36.51 -37.51 55.66
CA VAL J 152 -35.63 -37.60 54.53
C VAL J 152 -35.43 -36.27 53.87
N LEU J 153 -34.18 -35.84 53.92
CA LEU J 153 -33.78 -34.59 53.31
C LEU J 153 -33.07 -35.02 52.06
N ASP J 154 -33.77 -34.97 50.92
CA ASP J 154 -33.26 -35.44 49.66
C ASP J 154 -32.60 -34.34 48.85
N SER J 155 -32.53 -33.17 49.47
CA SER J 155 -31.88 -31.94 49.00
C SER J 155 -31.19 -32.04 47.63
N GLY J 156 -31.94 -32.24 46.56
CA GLY J 156 -31.30 -32.43 45.27
C GLY J 156 -31.06 -31.12 44.53
N ASP J 157 -31.00 -31.21 43.19
CA ASP J 157 -30.73 -30.06 42.34
C ASP J 157 -31.98 -29.22 42.07
N GLY J 158 -33.15 -29.88 42.04
CA GLY J 158 -34.44 -29.26 41.70
C GLY J 158 -35.13 -28.58 42.88
N VAL J 159 -35.76 -29.38 43.73
CA VAL J 159 -36.44 -28.94 44.95
C VAL J 159 -36.05 -29.83 46.11
N THR J 160 -36.29 -29.37 47.33
CA THR J 160 -36.07 -30.21 48.52
C THR J 160 -37.45 -30.71 48.97
N HIS J 161 -37.63 -32.02 49.14
CA HIS J 161 -38.93 -32.56 49.53
C HIS J 161 -39.13 -32.56 51.06
N ASN J 162 -38.11 -33.01 51.81
CA ASN J 162 -38.18 -32.99 53.27
C ASN J 162 -39.38 -33.68 53.95
N VAL J 163 -39.47 -35.03 53.82
CA VAL J 163 -40.63 -35.72 54.39
C VAL J 163 -40.35 -36.65 55.57
N PRO J 164 -41.09 -36.53 56.67
CA PRO J 164 -41.06 -37.44 57.78
C PRO J 164 -41.82 -38.72 57.46
N ILE J 165 -41.18 -39.85 57.75
CA ILE J 165 -41.74 -41.19 57.62
C ILE J 165 -41.59 -41.93 58.96
N TYR J 166 -42.64 -42.57 59.46
CA TYR J 166 -42.51 -43.30 60.72
C TYR J 166 -43.06 -44.69 60.49
N GLU J 167 -42.32 -45.72 60.91
CA GLU J 167 -42.76 -47.12 60.72
C GLU J 167 -43.19 -47.37 59.27
N GLY J 168 -42.53 -46.74 58.31
CA GLY J 168 -42.88 -46.92 56.92
C GLY J 168 -44.06 -46.07 56.43
N TYR J 169 -44.72 -45.35 57.33
CA TYR J 169 -45.88 -44.54 56.92
C TYR J 169 -45.55 -43.05 56.81
N ALA J 170 -46.18 -42.36 55.86
CA ALA J 170 -45.91 -40.94 55.73
C ALA J 170 -46.67 -40.17 56.79
N LEU J 171 -46.10 -39.04 57.17
CA LEU J 171 -46.71 -38.04 58.02
C LEU J 171 -46.88 -36.81 57.10
N PRO J 172 -47.77 -36.86 56.08
CA PRO J 172 -47.85 -35.95 54.94
C PRO J 172 -48.12 -34.50 55.25
N HIS J 173 -48.74 -34.22 56.39
CA HIS J 173 -49.06 -32.85 56.75
C HIS J 173 -47.81 -32.12 57.20
N ALA J 174 -46.76 -32.89 57.47
CA ALA J 174 -45.51 -32.38 57.95
C ALA J 174 -44.46 -32.37 56.84
N ILE J 175 -44.86 -32.55 55.58
CA ILE J 175 -43.84 -32.47 54.53
C ILE J 175 -43.55 -31.01 54.28
N MET J 176 -42.29 -30.63 54.39
CA MET J 176 -41.95 -29.23 54.20
C MET J 176 -41.29 -29.00 52.85
N ARG J 177 -42.04 -29.12 51.76
CA ARG J 177 -41.38 -28.97 50.47
C ARG J 177 -40.87 -27.55 50.36
N LEU J 178 -39.62 -27.41 49.92
CA LEU J 178 -39.00 -26.11 49.78
C LEU J 178 -38.39 -25.83 48.41
N ASP J 179 -38.73 -24.68 47.83
CA ASP J 179 -38.18 -24.32 46.53
C ASP J 179 -36.79 -23.68 46.66
N LEU J 180 -35.86 -24.53 47.07
CA LEU J 180 -34.44 -24.27 47.24
C LEU J 180 -33.66 -25.55 47.05
N ALA J 181 -32.74 -25.51 46.09
CA ALA J 181 -31.96 -26.68 45.74
C ALA J 181 -30.62 -26.34 45.10
N GLY J 182 -29.84 -27.36 44.74
CA GLY J 182 -28.49 -27.20 44.17
C GLY J 182 -28.43 -26.27 42.96
N ARG J 183 -29.48 -26.21 42.15
CA ARG J 183 -29.53 -25.35 40.99
C ARG J 183 -29.47 -23.87 41.40
N ASP J 184 -30.05 -23.54 42.57
CA ASP J 184 -30.13 -22.16 43.03
C ASP J 184 -28.82 -21.81 43.71
N LEU J 185 -28.20 -22.82 44.31
CA LEU J 185 -26.96 -22.56 45.02
C LEU J 185 -25.93 -22.19 43.94
N THR J 186 -26.00 -22.85 42.78
CA THR J 186 -25.10 -22.60 41.66
C THR J 186 -25.28 -21.17 41.16
N ASP J 187 -26.54 -20.72 41.00
CA ASP J 187 -26.78 -19.36 40.53
C ASP J 187 -26.19 -18.31 41.47
N TYR J 188 -26.30 -18.55 42.79
CA TYR J 188 -25.75 -17.59 43.74
C TYR J 188 -24.24 -17.52 43.56
N LEU J 189 -23.60 -18.69 43.42
CA LEU J 189 -22.15 -18.73 43.26
C LEU J 189 -21.75 -18.01 41.97
N MET J 190 -22.52 -18.17 40.89
CA MET J 190 -22.15 -17.48 39.65
C MET J 190 -22.13 -15.96 39.89
N LYS J 191 -23.14 -15.44 40.61
CA LYS J 191 -23.18 -14.01 40.85
C LYS J 191 -22.06 -13.50 41.78
N ILE J 192 -21.74 -14.24 42.84
CA ILE J 192 -20.68 -13.78 43.73
C ILE J 192 -19.28 -13.98 43.12
N LEU J 193 -19.11 -14.96 42.24
CA LEU J 193 -17.80 -15.09 41.58
C LEU J 193 -17.66 -13.97 40.54
N THR J 194 -18.79 -13.48 40.01
CA THR J 194 -18.80 -12.34 39.09
C THR J 194 -18.28 -11.13 39.87
N GLU J 195 -18.73 -10.98 41.13
CA GLU J 195 -18.29 -9.87 41.97
C GLU J 195 -16.77 -9.90 42.17
N ARG J 196 -16.17 -11.11 42.23
CA ARG J 196 -14.71 -11.28 42.40
C ARG J 196 -13.91 -11.00 41.12
N GLY J 197 -14.57 -10.77 39.98
CA GLY J 197 -13.86 -10.54 38.72
C GLY J 197 -13.87 -11.70 37.74
N TYR J 198 -14.67 -12.72 38.01
CA TYR J 198 -14.78 -13.87 37.13
C TYR J 198 -16.21 -14.07 36.72
N SER J 199 -16.66 -13.30 35.74
CA SER J 199 -18.04 -13.40 35.30
C SER J 199 -18.27 -14.72 34.59
N PHE J 200 -19.41 -15.35 34.87
CA PHE J 200 -19.83 -16.57 34.21
C PHE J 200 -21.27 -16.40 33.70
N VAL J 201 -21.49 -16.32 32.38
CA VAL J 201 -22.85 -16.13 31.87
C VAL J 201 -23.32 -17.17 30.81
N THR J 202 -22.39 -17.90 30.19
CA THR J 202 -22.72 -18.86 29.11
C THR J 202 -22.79 -20.27 29.65
N THR J 203 -23.23 -21.24 28.84
CA THR J 203 -23.28 -22.62 29.33
C THR J 203 -21.92 -23.15 29.74
N ALA J 204 -20.88 -22.94 28.94
CA ALA J 204 -19.60 -23.50 29.32
C ALA J 204 -19.18 -22.94 30.68
N GLU J 205 -19.46 -21.65 30.88
CA GLU J 205 -19.14 -20.98 32.12
C GLU J 205 -20.01 -21.49 33.29
N ARG J 206 -21.28 -21.78 33.02
CA ARG J 206 -22.21 -22.31 34.00
C ARG J 206 -21.77 -23.68 34.47
N GLU J 207 -21.29 -24.52 33.53
CA GLU J 207 -20.81 -25.86 33.86
C GLU J 207 -19.54 -25.73 34.72
N ILE J 208 -18.71 -24.72 34.46
CA ILE J 208 -17.54 -24.53 35.31
C ILE J 208 -17.95 -24.17 36.72
N VAL J 209 -18.92 -23.27 36.88
CA VAL J 209 -19.28 -22.90 38.25
C VAL J 209 -19.86 -24.06 39.02
N ARG J 210 -20.59 -24.95 38.36
CA ARG J 210 -21.15 -26.12 39.02
C ARG J 210 -20.04 -27.08 39.41
N ASP J 211 -18.93 -27.02 38.69
CA ASP J 211 -17.78 -27.88 38.96
C ASP J 211 -16.99 -27.30 40.14
N ILE J 212 -16.94 -25.96 40.23
CA ILE J 212 -16.29 -25.30 41.33
C ILE J 212 -17.02 -25.66 42.60
N LYS J 213 -18.34 -25.54 42.59
CA LYS J 213 -19.11 -25.83 43.77
C LYS J 213 -18.89 -27.26 44.26
N GLU J 214 -18.93 -28.22 43.34
CA GLU J 214 -18.80 -29.63 43.66
C GLU J 214 -17.43 -29.98 44.24
N LYS J 215 -16.37 -29.25 43.85
CA LYS J 215 -15.05 -29.54 44.38
C LYS J 215 -14.55 -28.65 45.55
N LEU J 216 -14.97 -27.38 45.60
CA LEU J 216 -14.48 -26.44 46.63
C LEU J 216 -15.41 -26.10 47.79
N CYS J 217 -16.72 -26.20 47.60
CA CYS J 217 -17.62 -25.68 48.61
C CYS J 217 -17.96 -26.54 49.82
N TYR J 218 -18.31 -25.84 50.90
CA TYR J 218 -18.73 -26.41 52.19
C TYR J 218 -19.68 -25.44 52.88
N VAL J 219 -20.43 -25.85 53.90
CA VAL J 219 -21.31 -24.85 54.52
C VAL J 219 -20.64 -24.13 55.68
N ALA J 220 -19.85 -24.87 56.47
CA ALA J 220 -19.18 -24.39 57.68
C ALA J 220 -20.08 -24.57 58.89
N LEU J 221 -19.51 -25.00 60.01
CA LEU J 221 -20.34 -25.15 61.19
C LEU J 221 -20.81 -23.80 61.78
N ASP J 222 -19.88 -22.85 61.90
CA ASP J 222 -20.20 -21.52 62.41
C ASP J 222 -20.03 -20.50 61.29
N PHE J 223 -21.13 -20.00 60.75
CA PHE J 223 -21.07 -19.16 59.58
C PHE J 223 -20.41 -17.82 59.82
N GLU J 224 -20.70 -17.19 60.94
CA GLU J 224 -20.18 -15.86 61.21
C GLU J 224 -18.67 -15.87 61.39
N ASN J 225 -18.17 -16.90 62.05
CA ASN J 225 -16.75 -16.98 62.32
C ASN J 225 -15.99 -17.36 61.07
N GLU J 226 -16.60 -18.22 60.24
CA GLU J 226 -15.94 -18.70 59.05
C GLU J 226 -15.92 -17.54 58.06
N MET J 227 -17.03 -16.77 58.02
CA MET J 227 -17.19 -15.62 57.15
C MET J 227 -16.20 -14.55 57.47
N ALA J 228 -16.12 -14.18 58.75
CA ALA J 228 -15.22 -13.14 59.16
C ALA J 228 -13.78 -13.52 58.88
N THR J 229 -13.45 -14.80 59.08
CA THR J 229 -12.09 -15.25 58.83
C THR J 229 -11.79 -15.27 57.34
N ALA J 230 -12.69 -15.86 56.55
CA ALA J 230 -12.48 -16.00 55.11
C ALA J 230 -12.41 -14.65 54.42
N ALA J 231 -13.14 -13.68 54.94
CA ALA J 231 -13.14 -12.34 54.40
C ALA J 231 -11.91 -11.54 54.83
N SER J 232 -11.14 -12.06 55.80
CA SER J 232 -10.00 -11.36 56.36
C SER J 232 -8.66 -12.02 56.03
N SER J 233 -8.68 -13.30 55.66
CA SER J 233 -7.45 -14.04 55.42
C SER J 233 -7.49 -15.11 54.34
N SER J 234 -6.38 -15.19 53.62
CA SER J 234 -6.15 -16.14 52.54
C SER J 234 -6.12 -17.58 53.02
N SER J 235 -6.03 -17.78 54.35
CA SER J 235 -5.98 -19.12 54.91
C SER J 235 -7.25 -19.93 54.64
N LEU J 236 -8.38 -19.29 54.35
CA LEU J 236 -9.56 -20.08 54.02
C LEU J 236 -9.88 -20.07 52.53
N GLU J 237 -8.96 -19.55 51.70
CA GLU J 237 -9.22 -19.55 50.27
C GLU J 237 -8.81 -20.88 49.68
N LYS J 238 -9.49 -21.26 48.62
CA LYS J 238 -9.14 -22.49 47.93
C LYS J 238 -9.08 -22.21 46.44
N SER J 239 -8.09 -22.81 45.76
CA SER J 239 -7.94 -22.60 44.33
C SER J 239 -8.64 -23.65 43.48
N TYR J 240 -9.13 -23.20 42.35
CA TYR J 240 -9.75 -24.03 41.32
C TYR J 240 -9.12 -23.76 39.96
N GLU J 241 -8.87 -24.83 39.20
CA GLU J 241 -8.31 -24.67 37.86
C GLU J 241 -9.41 -24.73 36.81
N LEU J 242 -9.37 -23.80 35.85
CA LEU J 242 -10.37 -23.72 34.82
C LEU J 242 -9.84 -24.41 33.56
N PRO J 243 -10.72 -24.85 32.63
CA PRO J 243 -10.39 -25.56 31.40
C PRO J 243 -9.36 -24.92 30.48
N ASP J 244 -9.19 -23.59 30.51
CA ASP J 244 -8.24 -22.96 29.61
C ASP J 244 -6.93 -22.57 30.26
N GLY J 245 -6.66 -23.03 31.48
CA GLY J 245 -5.40 -22.68 32.13
C GLY J 245 -5.55 -21.52 33.12
N GLN J 246 -6.72 -20.90 33.19
CA GLN J 246 -6.95 -19.84 34.15
C GLN J 246 -7.20 -20.46 35.49
N VAL J 247 -6.97 -19.70 36.56
CA VAL J 247 -7.31 -20.19 37.87
C VAL J 247 -8.13 -19.13 38.57
N ILE J 248 -8.92 -19.58 39.53
CA ILE J 248 -9.73 -18.72 40.36
C ILE J 248 -9.48 -19.06 41.81
N THR J 249 -9.43 -18.04 42.67
CA THR J 249 -9.32 -18.29 44.08
C THR J 249 -10.64 -17.85 44.65
N ILE J 250 -11.16 -18.66 45.56
CA ILE J 250 -12.46 -18.40 46.18
C ILE J 250 -12.34 -18.37 47.70
N GLY J 251 -12.88 -17.31 48.34
CA GLY J 251 -12.78 -17.09 49.78
C GLY J 251 -14.05 -17.42 50.50
N ASN J 252 -14.81 -16.41 50.96
CA ASN J 252 -16.00 -16.78 51.71
C ASN J 252 -17.11 -17.22 50.77
N GLU J 253 -16.89 -17.07 49.47
CA GLU J 253 -17.84 -17.45 48.47
C GLU J 253 -17.93 -18.98 48.42
N ARG J 254 -16.86 -19.59 48.95
CA ARG J 254 -16.66 -21.01 49.05
C ARG J 254 -17.73 -21.61 49.93
N PHE J 255 -18.23 -20.83 50.87
CA PHE J 255 -19.27 -21.29 51.79
C PHE J 255 -20.56 -20.48 51.68
N ARG J 256 -20.47 -19.26 51.15
CA ARG J 256 -21.66 -18.42 51.01
C ARG J 256 -22.63 -19.03 50.01
N CYS J 257 -22.10 -19.73 49.01
CA CYS J 257 -22.99 -20.43 48.10
C CYS J 257 -23.85 -21.47 48.87
N PRO J 258 -23.26 -22.52 49.48
CA PRO J 258 -23.90 -23.52 50.32
C PRO J 258 -24.71 -22.96 51.48
N GLU J 259 -24.28 -21.80 52.00
CA GLU J 259 -24.92 -21.10 53.11
C GLU J 259 -26.36 -20.79 52.80
N THR J 260 -26.70 -20.65 51.52
CA THR J 260 -28.04 -20.31 51.07
C THR J 260 -29.03 -21.39 51.50
N LEU J 261 -28.54 -22.62 51.75
CA LEU J 261 -29.41 -23.68 52.21
C LEU J 261 -30.02 -23.29 53.55
N PHE J 262 -29.26 -22.58 54.37
CA PHE J 262 -29.66 -22.11 55.68
C PHE J 262 -30.15 -20.67 55.57
N GLN J 263 -29.69 -19.96 54.53
CA GLN J 263 -30.04 -18.57 54.26
C GLN J 263 -30.65 -18.31 52.86
N PRO J 264 -31.89 -18.76 52.57
CA PRO J 264 -32.59 -18.70 51.28
C PRO J 264 -32.75 -17.28 50.75
N SER J 265 -32.65 -16.31 51.65
CA SER J 265 -32.80 -14.91 51.31
C SER J 265 -31.70 -14.46 50.37
N PHE J 266 -30.61 -15.23 50.30
CA PHE J 266 -29.47 -14.92 49.44
C PHE J 266 -29.86 -14.94 47.97
N ILE J 267 -30.90 -15.69 47.62
CA ILE J 267 -31.35 -15.80 46.25
C ILE J 267 -32.75 -15.23 46.08
N GLY J 268 -33.22 -14.46 47.06
CA GLY J 268 -34.56 -13.87 47.01
C GLY J 268 -35.69 -14.80 47.44
N MET J 269 -35.38 -15.94 48.08
CA MET J 269 -36.43 -16.87 48.50
C MET J 269 -36.91 -16.56 49.90
N GLU J 270 -38.22 -16.71 50.10
CA GLU J 270 -38.82 -16.52 51.41
C GLU J 270 -38.92 -17.86 52.12
N SER J 271 -38.00 -18.08 53.04
CA SER J 271 -37.89 -19.33 53.77
C SER J 271 -37.06 -19.18 55.03
N ALA J 272 -37.31 -20.06 55.99
CA ALA J 272 -36.57 -20.09 57.25
C ALA J 272 -35.23 -20.84 57.14
N GLY J 273 -35.00 -21.49 56.00
CA GLY J 273 -33.76 -22.24 55.82
C GLY J 273 -33.97 -23.71 56.08
N ILE J 274 -33.04 -24.51 55.59
CA ILE J 274 -33.11 -25.97 55.67
C ILE J 274 -33.12 -26.52 57.10
N HIS J 275 -32.47 -25.85 58.05
CA HIS J 275 -32.45 -26.33 59.42
C HIS J 275 -33.81 -26.16 60.06
N GLU J 276 -34.37 -24.95 60.01
CA GLU J 276 -35.67 -24.71 60.60
C GLU J 276 -36.73 -25.50 59.84
N THR J 277 -36.57 -25.62 58.52
CA THR J 277 -37.52 -26.35 57.71
C THR J 277 -37.50 -27.82 58.15
N THR J 278 -36.29 -28.39 58.36
CA THR J 278 -36.16 -29.78 58.84
C THR J 278 -36.81 -29.90 60.22
N TYR J 279 -36.56 -28.89 61.05
CA TYR J 279 -37.11 -28.86 62.39
C TYR J 279 -38.64 -28.97 62.35
N ASN J 280 -39.27 -28.20 61.47
CA ASN J 280 -40.71 -28.21 61.35
C ASN J 280 -41.22 -29.57 60.85
N SER J 281 -40.44 -30.28 60.03
CA SER J 281 -40.88 -31.61 59.59
C SER J 281 -41.01 -32.52 60.79
N ILE J 282 -40.11 -32.35 61.76
CA ILE J 282 -40.13 -33.16 62.96
C ILE J 282 -41.23 -32.66 63.90
N MET J 283 -41.25 -31.35 64.15
CA MET J 283 -42.16 -30.70 65.09
C MET J 283 -43.64 -30.87 64.74
N LYS J 284 -43.97 -30.92 63.45
CA LYS J 284 -45.34 -31.02 63.01
C LYS J 284 -45.87 -32.46 63.05
N CYS J 285 -45.03 -33.41 63.41
CA CYS J 285 -45.41 -34.81 63.52
C CYS J 285 -46.03 -35.10 64.89
N ASP J 286 -46.62 -36.28 65.02
CA ASP J 286 -47.25 -36.69 66.28
C ASP J 286 -46.28 -36.57 67.46
N ILE J 287 -46.84 -36.19 68.60
CA ILE J 287 -46.05 -36.00 69.81
C ILE J 287 -45.26 -37.26 70.24
N ASP J 288 -45.74 -38.47 69.90
CA ASP J 288 -44.98 -39.69 70.23
C ASP J 288 -44.04 -40.14 69.11
N ILE J 289 -43.95 -39.33 68.05
CA ILE J 289 -43.09 -39.53 66.90
C ILE J 289 -41.87 -38.62 66.88
N ARG J 290 -42.09 -37.35 67.26
CA ARG J 290 -41.05 -36.32 67.28
C ARG J 290 -39.68 -36.77 67.79
N LYS J 291 -39.68 -37.52 68.87
CA LYS J 291 -38.43 -38.01 69.47
C LYS J 291 -37.66 -39.00 68.56
N ASP J 292 -38.40 -39.76 67.75
CA ASP J 292 -37.77 -40.75 66.93
C ASP J 292 -37.26 -40.09 65.67
N LEU J 293 -37.91 -39.01 65.27
CA LEU J 293 -37.45 -38.33 64.09
C LEU J 293 -36.24 -37.46 64.44
N TYR J 294 -36.17 -36.92 65.66
CA TYR J 294 -35.00 -36.12 66.03
C TYR J 294 -33.76 -37.02 65.94
N ALA J 295 -33.93 -38.29 66.38
CA ALA J 295 -32.88 -39.29 66.41
C ALA J 295 -32.63 -39.98 65.05
N ASN J 296 -33.43 -39.67 64.04
CA ASN J 296 -33.33 -40.27 62.71
C ASN J 296 -33.46 -39.20 61.62
N ASN J 297 -32.58 -38.23 61.67
CA ASN J 297 -32.55 -37.16 60.70
C ASN J 297 -31.63 -37.64 59.58
N VAL J 298 -32.16 -37.98 58.41
CA VAL J 298 -31.31 -38.62 57.41
C VAL J 298 -31.20 -37.89 56.08
N MET J 299 -29.96 -37.71 55.66
CA MET J 299 -29.64 -37.06 54.41
C MET J 299 -29.48 -38.06 53.28
N SER J 300 -29.98 -37.69 52.11
CA SER J 300 -29.83 -38.50 50.90
C SER J 300 -29.78 -37.53 49.75
N GLY J 301 -29.37 -37.98 48.59
CA GLY J 301 -29.32 -37.05 47.47
C GLY J 301 -28.03 -36.26 47.59
N GLY J 302 -27.80 -35.35 46.67
CA GLY J 302 -26.60 -34.50 46.63
C GLY J 302 -26.79 -33.22 47.44
N THR J 303 -25.84 -32.26 47.40
CA THR J 303 -25.87 -30.99 48.19
C THR J 303 -25.69 -31.23 49.71
N THR J 304 -25.68 -32.50 50.11
CA THR J 304 -25.52 -33.06 51.44
C THR J 304 -24.07 -33.46 51.63
N MET J 305 -23.30 -33.18 50.60
CA MET J 305 -21.91 -33.52 50.48
C MET J 305 -21.01 -32.43 51.06
N TYR J 306 -21.61 -31.35 51.52
CA TYR J 306 -20.84 -30.24 52.06
C TYR J 306 -20.35 -30.51 53.48
N PRO J 307 -19.08 -30.27 53.79
CA PRO J 307 -18.59 -30.32 55.15
C PRO J 307 -19.35 -29.30 55.97
N GLY J 308 -19.73 -29.71 57.17
CA GLY J 308 -20.47 -28.87 58.08
C GLY J 308 -21.99 -29.00 57.92
N ILE J 309 -22.49 -29.73 56.90
CA ILE J 309 -23.96 -29.79 56.76
C ILE J 309 -24.61 -30.62 57.84
N ALA J 310 -24.01 -31.75 58.20
CA ALA J 310 -24.57 -32.61 59.22
C ALA J 310 -24.23 -32.06 60.59
N ASP J 311 -23.14 -31.30 60.69
CA ASP J 311 -22.76 -30.79 61.98
C ASP J 311 -23.59 -29.55 62.30
N ARG J 312 -23.84 -28.72 61.28
CA ARG J 312 -24.61 -27.53 61.52
C ARG J 312 -26.06 -27.88 61.64
N MET J 313 -26.56 -28.79 60.82
CA MET J 313 -27.96 -29.10 61.01
C MET J 313 -28.15 -29.75 62.38
N GLN J 314 -27.26 -30.64 62.81
CA GLN J 314 -27.51 -31.26 64.10
C GLN J 314 -27.50 -30.21 65.21
N LYS J 315 -26.57 -29.23 65.12
CA LYS J 315 -26.49 -28.15 66.09
C LYS J 315 -27.75 -27.28 66.08
N GLU J 316 -28.21 -26.89 64.88
CA GLU J 316 -29.38 -26.01 64.76
C GLU J 316 -30.66 -26.70 65.17
N ILE J 317 -30.82 -27.98 64.85
CA ILE J 317 -32.06 -28.64 65.23
C ILE J 317 -32.06 -28.75 66.73
N THR J 318 -30.90 -29.07 67.33
CA THR J 318 -30.79 -29.19 68.77
C THR J 318 -31.12 -27.85 69.44
N ALA J 319 -30.63 -26.74 68.87
CA ALA J 319 -30.93 -25.42 69.41
C ALA J 319 -32.43 -25.09 69.35
N LEU J 320 -33.11 -25.52 68.27
CA LEU J 320 -34.54 -25.28 68.08
C LEU J 320 -35.40 -26.26 68.90
N ALA J 321 -34.89 -27.47 69.09
CA ALA J 321 -35.53 -28.57 69.78
C ALA J 321 -35.65 -28.34 71.28
N PRO J 322 -36.63 -29.00 71.94
CA PRO J 322 -36.77 -29.11 73.36
C PRO J 322 -35.55 -29.85 73.90
N SER J 323 -35.28 -29.67 75.19
CA SER J 323 -34.18 -30.35 75.86
C SER J 323 -34.53 -31.82 76.01
N THR J 324 -33.58 -32.64 76.47
CA THR J 324 -33.73 -34.11 76.59
C THR J 324 -33.55 -34.80 75.24
N MET J 325 -34.23 -34.31 74.22
CA MET J 325 -34.18 -34.86 72.89
C MET J 325 -32.78 -34.79 72.32
N LYS J 326 -32.37 -35.87 71.69
CA LYS J 326 -31.06 -35.91 71.07
C LYS J 326 -31.24 -36.02 69.59
N ILE J 327 -30.55 -35.15 68.89
CA ILE J 327 -30.65 -35.10 67.45
C ILE J 327 -29.49 -35.83 66.87
N LYS J 328 -29.79 -36.74 65.97
CA LYS J 328 -28.74 -37.52 65.36
C LYS J 328 -28.89 -37.50 63.85
N ILE J 329 -27.84 -37.06 63.17
CA ILE J 329 -27.87 -37.02 61.71
C ILE J 329 -27.08 -38.12 61.05
N ILE J 330 -27.76 -38.76 60.12
CA ILE J 330 -27.25 -39.83 59.32
C ILE J 330 -26.94 -39.22 57.95
N ALA J 331 -25.69 -39.35 57.53
CA ALA J 331 -25.24 -38.78 56.27
C ALA J 331 -24.19 -39.72 55.68
N PRO J 332 -24.63 -40.84 55.09
CA PRO J 332 -23.80 -41.97 54.67
C PRO J 332 -22.97 -41.59 53.46
N PRO J 333 -21.89 -42.33 53.17
CA PRO J 333 -21.02 -42.16 52.01
C PRO J 333 -21.74 -42.43 50.70
N GLU J 334 -22.87 -43.13 50.79
CA GLU J 334 -23.69 -43.39 49.63
C GLU J 334 -24.43 -42.10 49.31
N ARG J 335 -23.80 -40.97 49.62
CA ARG J 335 -24.37 -39.65 49.38
C ARG J 335 -24.54 -39.42 47.90
N LYS J 336 -25.62 -38.72 47.55
CA LYS J 336 -26.03 -38.39 46.17
C LYS J 336 -26.53 -39.59 45.36
N TYR J 337 -26.07 -40.81 45.65
CA TYR J 337 -26.61 -41.93 44.88
C TYR J 337 -27.44 -42.99 45.66
N SER J 338 -27.60 -42.81 46.97
CA SER J 338 -28.34 -43.78 47.79
C SER J 338 -29.80 -43.93 47.38
N VAL J 339 -30.39 -42.92 46.75
CA VAL J 339 -31.77 -43.02 46.29
C VAL J 339 -31.84 -44.07 45.20
N TRP J 340 -30.83 -44.12 44.32
CA TRP J 340 -30.85 -45.10 43.25
C TRP J 340 -30.84 -46.47 43.88
N ILE J 341 -29.97 -46.63 44.89
CA ILE J 341 -29.82 -47.92 45.57
C ILE J 341 -31.13 -48.29 46.21
N GLY J 342 -31.79 -47.34 46.83
CA GLY J 342 -33.08 -47.62 47.40
C GLY J 342 -34.05 -48.12 46.34
N GLY J 343 -33.95 -47.59 45.10
CA GLY J 343 -34.77 -47.98 43.96
C GLY J 343 -34.52 -49.45 43.62
N SER J 344 -33.26 -49.86 43.65
CA SER J 344 -32.84 -51.24 43.42
C SER J 344 -33.42 -52.14 44.49
N ILE J 345 -33.37 -51.67 45.74
CA ILE J 345 -33.90 -52.45 46.84
C ILE J 345 -35.38 -52.60 46.68
N LEU J 346 -36.12 -51.53 46.42
CA LEU J 346 -37.56 -51.63 46.31
C LEU J 346 -37.97 -52.47 45.12
N ALA J 347 -37.34 -52.23 43.97
CA ALA J 347 -37.68 -52.92 42.75
C ALA J 347 -37.52 -54.43 42.87
N SER J 348 -36.54 -54.86 43.66
CA SER J 348 -36.26 -56.27 43.87
C SER J 348 -36.97 -56.93 45.08
N LEU J 349 -37.78 -56.19 45.86
CA LEU J 349 -38.43 -56.81 47.02
C LEU J 349 -39.60 -57.67 46.57
N SER J 350 -39.83 -58.79 47.26
CA SER J 350 -40.97 -59.65 46.93
C SER J 350 -42.29 -58.97 47.31
N THR J 351 -42.20 -58.02 48.22
CA THR J 351 -43.32 -57.27 48.79
C THR J 351 -43.69 -56.11 47.90
N PHE J 352 -42.93 -55.94 46.82
CA PHE J 352 -43.15 -54.92 45.86
C PHE J 352 -43.64 -55.47 44.53
N GLN J 353 -43.82 -56.78 44.39
CA GLN J 353 -44.11 -57.23 43.03
C GLN J 353 -45.57 -57.14 42.68
N GLN J 354 -46.37 -56.72 43.65
CA GLN J 354 -47.80 -56.53 43.47
C GLN J 354 -48.08 -55.05 43.24
N MET J 355 -47.04 -54.21 43.29
CA MET J 355 -47.20 -52.76 43.16
C MET J 355 -47.07 -52.25 41.74
N TRP J 356 -46.74 -53.14 40.82
CA TRP J 356 -46.50 -52.78 39.42
C TRP J 356 -47.74 -52.53 38.58
N ILE J 357 -47.67 -51.52 37.73
CA ILE J 357 -48.69 -51.24 36.74
C ILE J 357 -48.33 -52.13 35.59
N THR J 358 -49.21 -52.98 35.11
CA THR J 358 -48.77 -53.83 34.01
C THR J 358 -49.08 -53.25 32.64
N LYS J 359 -48.45 -53.79 31.59
CA LYS J 359 -48.77 -53.33 30.24
C LYS J 359 -49.98 -54.09 29.75
N GLN J 360 -51.09 -53.66 30.29
CA GLN J 360 -52.44 -54.14 30.12
C GLN J 360 -53.25 -53.19 30.95
N GLU J 361 -52.94 -53.10 32.24
CA GLU J 361 -53.67 -52.16 33.08
C GLU J 361 -53.47 -50.73 32.56
N TYR J 362 -52.24 -50.42 32.15
CA TYR J 362 -51.95 -49.14 31.52
C TYR J 362 -52.68 -49.00 30.20
N ASP J 363 -52.59 -50.00 29.35
CA ASP J 363 -53.20 -49.86 28.04
C ASP J 363 -54.72 -49.62 28.16
N GLU J 364 -55.36 -50.24 29.15
CA GLU J 364 -56.78 -50.07 29.37
C GLU J 364 -57.16 -48.72 30.02
N ALA J 365 -56.41 -48.27 31.03
CA ALA J 365 -56.72 -47.03 31.76
C ALA J 365 -56.02 -45.76 31.27
N GLY J 366 -54.88 -45.90 30.62
CA GLY J 366 -54.07 -44.77 30.21
C GLY J 366 -53.24 -44.32 31.42
N PRO J 367 -52.55 -43.18 31.34
CA PRO J 367 -51.63 -42.62 32.33
C PRO J 367 -52.21 -42.47 33.72
N SER J 368 -53.54 -42.34 33.86
CA SER J 368 -54.19 -42.17 35.15
C SER J 368 -54.05 -43.40 36.05
N ILE J 369 -53.63 -44.52 35.45
CA ILE J 369 -53.40 -45.78 36.16
C ILE J 369 -52.35 -45.59 37.26
N VAL J 370 -51.47 -44.61 37.06
CA VAL J 370 -50.39 -44.33 37.96
C VAL J 370 -50.91 -43.88 39.32
N HIS J 371 -52.11 -43.31 39.38
CA HIS J 371 -52.63 -42.81 40.64
C HIS J 371 -53.37 -43.90 41.38
N ARG J 372 -53.54 -45.06 40.75
CA ARG J 372 -54.24 -46.16 41.39
C ARG J 372 -53.21 -47.12 41.97
N LYS J 373 -52.06 -47.21 41.29
CA LYS J 373 -51.01 -48.15 41.68
C LYS J 373 -49.80 -47.62 42.42
N CYS J 374 -49.39 -46.37 42.23
CA CYS J 374 -48.11 -46.02 42.81
C CYS J 374 -48.14 -45.61 44.29
N PHE J 375 -48.92 -44.59 44.61
CA PHE J 375 -49.03 -44.05 45.96
C PHE J 375 -49.98 -42.87 46.01
N ASP K 1 -69.20 10.28 63.96
CA ASP K 1 -70.10 10.99 64.86
C ASP K 1 -70.22 10.27 66.20
N GLU K 2 -69.18 10.36 67.02
CA GLU K 2 -69.17 9.71 68.33
C GLU K 2 -69.17 10.73 69.45
N ASP K 3 -70.36 11.15 69.87
CA ASP K 3 -70.50 12.12 70.95
C ASP K 3 -70.84 11.44 72.27
N GLU K 4 -70.86 10.11 72.25
CA GLU K 4 -71.17 9.32 73.43
C GLU K 4 -70.12 8.25 73.67
N THR K 5 -69.82 7.99 74.94
CA THR K 5 -68.81 7.00 75.29
C THR K 5 -69.32 5.58 75.04
N THR K 6 -69.59 5.26 73.78
CA THR K 6 -70.08 3.94 73.42
C THR K 6 -68.92 2.98 73.49
N ALA K 7 -69.19 1.74 73.83
CA ALA K 7 -68.11 0.79 73.85
C ALA K 7 -67.61 0.53 72.45
N LEU K 8 -66.34 0.24 72.30
CA LEU K 8 -65.82 -0.13 71.01
C LEU K 8 -65.83 -1.64 70.94
N VAL K 9 -66.01 -2.19 69.75
CA VAL K 9 -66.02 -3.64 69.60
C VAL K 9 -64.99 -4.10 68.57
N CYS K 10 -64.12 -5.03 68.97
CA CYS K 10 -63.07 -5.52 68.07
C CYS K 10 -62.77 -7.02 68.24
N ASP K 11 -63.18 -7.80 67.24
CA ASP K 11 -63.07 -9.26 67.18
C ASP K 11 -61.79 -9.65 66.41
N ASN K 12 -60.77 -10.19 67.10
CA ASN K 12 -59.45 -10.43 66.49
C ASN K 12 -59.05 -11.88 66.24
N GLY K 13 -59.07 -12.34 64.98
CA GLY K 13 -58.70 -13.74 64.72
C GLY K 13 -57.33 -13.91 64.04
N SER K 14 -57.06 -15.13 63.58
CA SER K 14 -55.82 -15.51 62.88
C SER K 14 -55.91 -15.07 61.42
N GLY K 15 -57.13 -14.81 61.01
CA GLY K 15 -57.59 -14.40 59.71
C GLY K 15 -57.83 -12.90 59.65
N LEU K 16 -59.01 -12.46 60.08
CA LEU K 16 -59.39 -11.05 60.01
C LEU K 16 -59.77 -10.40 61.34
N VAL K 17 -59.55 -9.08 61.46
CA VAL K 17 -60.04 -8.32 62.61
C VAL K 17 -61.23 -7.45 62.21
N LYS K 18 -62.34 -7.67 62.88
CA LYS K 18 -63.55 -6.92 62.60
C LYS K 18 -63.71 -5.84 63.64
N ALA K 19 -63.79 -4.58 63.23
CA ALA K 19 -63.94 -3.56 64.26
C ALA K 19 -64.91 -2.45 63.86
N GLY K 20 -65.55 -1.92 64.88
CA GLY K 20 -66.50 -0.82 64.76
C GLY K 20 -66.91 -0.41 66.15
N PHE K 21 -67.96 0.38 66.28
CA PHE K 21 -68.37 0.79 67.61
C PHE K 21 -69.67 0.11 68.02
N ALA K 22 -69.87 -0.04 69.31
CA ALA K 22 -71.09 -0.64 69.80
C ALA K 22 -72.25 0.26 69.42
N GLY K 23 -73.31 -0.39 68.98
CA GLY K 23 -74.52 0.27 68.56
C GLY K 23 -74.66 0.16 67.05
N ASP K 24 -73.58 -0.18 66.32
CA ASP K 24 -73.77 -0.35 64.88
C ASP K 24 -74.20 -1.80 64.63
N ASP K 25 -74.45 -2.15 63.36
CA ASP K 25 -74.85 -3.50 62.96
C ASP K 25 -73.79 -4.18 62.09
N ALA K 26 -72.63 -3.57 62.04
CA ALA K 26 -71.52 -4.06 61.25
C ALA K 26 -70.25 -3.41 61.76
N PRO K 27 -69.08 -4.02 61.54
CA PRO K 27 -67.81 -3.40 61.82
C PRO K 27 -67.70 -2.26 60.83
N ARG K 28 -66.99 -1.21 61.20
CA ARG K 28 -66.82 -0.09 60.29
C ARG K 28 -65.74 -0.42 59.29
N ALA K 29 -64.78 -1.23 59.73
CA ALA K 29 -63.68 -1.60 58.88
C ALA K 29 -63.10 -2.96 59.27
N VAL K 30 -62.47 -3.61 58.30
CA VAL K 30 -61.80 -4.87 58.53
C VAL K 30 -60.31 -4.72 58.30
N PHE K 31 -59.57 -5.09 59.34
CA PHE K 31 -58.12 -5.08 59.36
C PHE K 31 -57.79 -6.56 59.36
N PRO K 32 -57.15 -7.04 58.29
CA PRO K 32 -56.89 -8.46 58.17
C PRO K 32 -55.71 -9.06 58.97
N SER K 33 -55.72 -8.83 60.30
CA SER K 33 -54.79 -9.35 61.31
C SER K 33 -53.34 -9.32 60.89
N ILE K 34 -52.88 -8.22 60.31
CA ILE K 34 -51.55 -8.28 59.75
C ILE K 34 -50.58 -7.15 59.95
N VAL K 35 -49.33 -7.54 60.27
CA VAL K 35 -48.24 -6.59 60.22
C VAL K 35 -47.24 -7.15 59.18
N GLY K 36 -46.97 -6.35 58.16
CA GLY K 36 -46.09 -6.78 57.08
C GLY K 36 -44.73 -6.14 57.19
N ARG K 37 -43.68 -6.86 56.76
CA ARG K 37 -42.33 -6.28 56.83
C ARG K 37 -41.51 -6.57 55.57
N PRO K 38 -40.73 -5.62 55.04
CA PRO K 38 -39.95 -5.79 53.82
C PRO K 38 -38.93 -6.89 53.99
N ARG K 39 -38.79 -7.70 52.95
CA ARG K 39 -37.83 -8.81 52.95
C ARG K 39 -36.70 -8.64 51.94
N HIS K 40 -36.55 -7.43 51.41
CA HIS K 40 -35.56 -7.13 50.39
C HIS K 40 -34.68 -5.95 50.77
N GLN K 41 -33.50 -5.89 50.16
CA GLN K 41 -32.55 -4.78 50.34
C GLN K 41 -32.89 -3.60 49.44
N GLY K 42 -33.01 -2.43 50.07
CA GLY K 42 -33.31 -1.20 49.35
C GLY K 42 -32.10 -0.69 48.56
N VAL K 43 -32.37 -0.09 47.40
CA VAL K 43 -31.31 0.54 46.61
C VAL K 43 -31.53 2.05 46.45
N MET K 44 -32.79 2.47 46.29
CA MET K 44 -33.10 3.87 46.10
C MET K 44 -33.30 4.48 47.49
N VAL K 45 -33.07 5.78 47.63
CA VAL K 45 -33.29 6.42 48.95
C VAL K 45 -34.29 7.56 48.83
N GLY K 46 -34.88 7.98 49.94
CA GLY K 46 -35.87 9.06 49.86
C GLY K 46 -37.17 8.49 49.30
N MET K 47 -37.39 7.22 49.59
CA MET K 47 -38.51 6.42 49.13
C MET K 47 -39.54 6.23 50.22
N GLY K 48 -39.44 6.99 51.31
CA GLY K 48 -40.31 6.73 52.43
C GLY K 48 -39.85 5.36 52.93
N GLN K 49 -40.78 4.41 53.00
CA GLN K 49 -40.57 3.02 53.44
C GLN K 49 -40.60 2.83 54.93
N LYS K 50 -41.57 2.06 55.36
CA LYS K 50 -41.82 1.82 56.77
C LYS K 50 -41.08 0.58 57.23
N ASP K 51 -40.88 0.46 58.54
CA ASP K 51 -40.25 -0.74 59.07
C ASP K 51 -41.26 -1.87 59.07
N SER K 52 -42.52 -1.47 59.20
CA SER K 52 -43.63 -2.37 59.21
C SER K 52 -44.87 -1.67 58.69
N TYR K 53 -45.76 -2.46 58.10
CA TYR K 53 -47.02 -1.98 57.54
C TYR K 53 -48.17 -2.64 58.28
N VAL K 54 -49.27 -1.93 58.51
CA VAL K 54 -50.34 -2.56 59.29
C VAL K 54 -51.72 -2.65 58.60
N GLY K 55 -52.35 -3.81 58.75
CA GLY K 55 -53.67 -4.05 58.21
C GLY K 55 -53.65 -4.01 56.70
N ASP K 56 -54.48 -3.14 56.14
CA ASP K 56 -54.60 -2.99 54.71
C ASP K 56 -53.32 -2.43 54.10
N GLU K 57 -52.47 -1.78 54.92
CA GLU K 57 -51.21 -1.27 54.42
C GLU K 57 -50.30 -2.43 54.07
N ALA K 58 -50.37 -3.49 54.90
CA ALA K 58 -49.51 -4.64 54.71
C ALA K 58 -49.93 -5.37 53.46
N GLN K 59 -51.23 -5.40 53.21
CA GLN K 59 -51.65 -6.07 51.99
C GLN K 59 -51.33 -5.22 50.75
N SER K 60 -51.51 -3.90 50.81
CA SER K 60 -51.27 -3.04 49.66
C SER K 60 -49.83 -3.03 49.17
N LYS K 61 -48.87 -3.15 50.09
CA LYS K 61 -47.46 -3.17 49.72
C LYS K 61 -46.82 -4.56 49.77
N ARG K 62 -47.66 -5.60 49.87
CA ARG K 62 -47.24 -6.99 50.07
C ARG K 62 -46.30 -7.56 49.04
N GLY K 63 -46.18 -6.95 47.86
CA GLY K 63 -45.33 -7.51 46.82
C GLY K 63 -43.92 -7.81 47.33
N ILE K 64 -43.39 -7.00 48.26
CA ILE K 64 -42.06 -7.25 48.81
C ILE K 64 -42.05 -7.46 50.31
N LEU K 65 -43.20 -7.76 50.91
CA LEU K 65 -43.26 -7.90 52.35
C LEU K 65 -43.48 -9.35 52.70
N THR K 66 -42.99 -9.75 53.85
CA THR K 66 -43.35 -11.06 54.36
C THR K 66 -44.52 -10.70 55.25
N LEU K 67 -45.59 -11.47 55.18
CA LEU K 67 -46.75 -11.14 55.99
C LEU K 67 -46.92 -12.03 57.21
N LYS K 68 -46.85 -11.41 58.40
CA LYS K 68 -46.94 -12.15 59.65
C LYS K 68 -48.25 -11.89 60.38
N TYR K 69 -48.90 -12.97 60.75
CA TYR K 69 -50.16 -12.88 61.44
C TYR K 69 -49.90 -13.17 62.93
N PRO K 70 -50.20 -12.22 63.86
CA PRO K 70 -49.93 -12.24 65.30
C PRO K 70 -50.74 -13.24 66.12
N ILE K 71 -51.80 -13.77 65.52
CA ILE K 71 -52.70 -14.69 66.19
C ILE K 71 -52.67 -16.10 65.60
N GLU K 72 -52.38 -17.08 66.47
CA GLU K 72 -52.27 -18.47 66.05
C GLU K 72 -53.37 -19.30 66.67
N HIS K 73 -54.22 -19.88 65.84
CA HIS K 73 -55.35 -20.67 66.32
C HIS K 73 -56.20 -19.90 67.31
N GLY K 74 -56.39 -18.61 67.04
CA GLY K 74 -57.20 -17.74 67.90
C GLY K 74 -56.45 -17.18 69.13
N ILE K 75 -55.16 -17.46 69.28
CA ILE K 75 -54.40 -17.01 70.43
C ILE K 75 -53.40 -15.91 70.08
N ILE K 76 -53.45 -14.78 70.77
CA ILE K 76 -52.51 -13.71 70.47
C ILE K 76 -51.17 -14.02 71.10
N THR K 77 -50.13 -14.08 70.27
CA THR K 77 -48.81 -14.32 70.80
C THR K 77 -48.00 -13.08 70.53
N ASN K 78 -48.21 -12.47 69.36
CA ASN K 78 -47.45 -11.29 69.06
C ASN K 78 -48.26 -10.08 69.47
N TRP K 79 -48.21 -9.82 70.76
CA TRP K 79 -48.97 -8.73 71.34
C TRP K 79 -48.53 -7.37 70.82
N ASP K 80 -47.26 -7.23 70.39
CA ASP K 80 -46.78 -5.94 69.90
C ASP K 80 -47.46 -5.64 68.58
N ASP K 81 -47.63 -6.66 67.76
CA ASP K 81 -48.29 -6.43 66.49
C ASP K 81 -49.77 -6.18 66.71
N MET K 82 -50.37 -6.78 67.74
CA MET K 82 -51.77 -6.45 67.99
C MET K 82 -51.94 -5.01 68.45
N GLU K 83 -50.94 -4.46 69.16
CA GLU K 83 -51.04 -3.06 69.56
C GLU K 83 -51.01 -2.17 68.32
N LYS K 84 -50.18 -2.54 67.32
CA LYS K 84 -50.10 -1.76 66.08
C LYS K 84 -51.42 -1.80 65.34
N ILE K 85 -52.05 -2.99 65.33
CA ILE K 85 -53.32 -3.18 64.67
C ILE K 85 -54.40 -2.41 65.39
N TRP K 86 -54.45 -2.49 66.71
CA TRP K 86 -55.46 -1.77 67.48
C TRP K 86 -55.29 -0.27 67.36
N HIS K 87 -54.06 0.25 67.39
CA HIS K 87 -53.92 1.68 67.24
C HIS K 87 -54.48 2.09 65.88
N HIS K 88 -54.06 1.38 64.82
CA HIS K 88 -54.53 1.71 63.49
C HIS K 88 -56.05 1.58 63.39
N THR K 89 -56.58 0.48 63.92
CA THR K 89 -57.99 0.20 63.86
C THR K 89 -58.85 1.26 64.52
N PHE K 90 -58.48 1.61 65.74
CA PHE K 90 -59.30 2.51 66.50
C PHE K 90 -59.12 3.95 66.07
N TYR K 91 -57.88 4.39 65.89
CA TYR K 91 -57.65 5.79 65.61
C TYR K 91 -57.78 6.21 64.14
N ASN K 92 -57.43 5.33 63.17
CA ASN K 92 -57.48 5.78 61.79
C ASN K 92 -58.80 5.52 61.08
N GLU K 93 -59.48 4.42 61.39
CA GLU K 93 -60.74 4.14 60.68
C GLU K 93 -61.99 4.36 61.52
N LEU K 94 -61.95 3.95 62.79
CA LEU K 94 -63.12 4.11 63.63
C LEU K 94 -63.18 5.55 64.14
N ARG K 95 -62.03 6.22 64.06
CA ARG K 95 -61.76 7.59 64.49
C ARG K 95 -62.07 7.81 65.96
N VAL K 96 -61.64 6.87 66.78
CA VAL K 96 -61.82 6.92 68.22
C VAL K 96 -60.54 6.62 68.95
N ALA K 97 -60.47 7.07 70.19
CA ALA K 97 -59.37 6.72 71.05
C ALA K 97 -59.94 5.87 72.18
N PRO K 98 -59.50 4.61 72.41
CA PRO K 98 -60.00 3.71 73.45
C PRO K 98 -59.98 4.39 74.82
N GLU K 99 -59.08 5.34 75.02
CA GLU K 99 -59.02 6.09 76.27
C GLU K 99 -60.38 6.70 76.64
N GLU K 100 -61.17 7.09 75.64
CA GLU K 100 -62.48 7.70 75.86
C GLU K 100 -63.66 6.73 75.76
N HIS K 101 -63.41 5.43 75.53
CA HIS K 101 -64.47 4.44 75.33
C HIS K 101 -64.20 3.08 76.00
N PRO K 102 -65.17 2.36 76.57
CA PRO K 102 -65.01 0.98 77.02
C PRO K 102 -64.66 0.14 75.80
N THR K 103 -63.86 -0.91 75.93
CA THR K 103 -63.57 -1.76 74.74
C THR K 103 -63.84 -3.24 74.98
N LEU K 104 -64.54 -3.87 74.02
CA LEU K 104 -64.84 -5.28 74.09
C LEU K 104 -64.03 -6.07 73.06
N LEU K 105 -63.29 -7.04 73.58
CA LEU K 105 -62.44 -7.97 72.82
C LEU K 105 -63.02 -9.37 72.99
N THR K 106 -62.66 -10.31 72.12
CA THR K 106 -63.23 -11.65 72.15
C THR K 106 -62.23 -12.81 72.09
N GLU K 107 -62.69 -14.01 72.52
CA GLU K 107 -61.90 -15.27 72.51
C GLU K 107 -62.71 -16.56 72.83
N ALA K 108 -62.34 -17.70 72.23
CA ALA K 108 -63.01 -18.98 72.52
C ALA K 108 -62.94 -19.28 74.05
N PRO K 109 -63.95 -19.93 74.67
CA PRO K 109 -63.97 -20.33 76.08
C PRO K 109 -62.76 -21.14 76.61
N LEU K 110 -62.09 -21.95 75.77
CA LEU K 110 -60.93 -22.74 76.21
C LEU K 110 -59.63 -22.15 75.69
N ASN K 111 -59.68 -20.94 75.18
CA ASN K 111 -58.51 -20.24 74.72
C ASN K 111 -57.67 -20.07 76.00
N PRO K 112 -56.37 -20.41 76.02
CA PRO K 112 -55.54 -20.32 77.20
C PRO K 112 -55.76 -18.97 77.82
N LYS K 113 -55.86 -18.98 79.15
CA LYS K 113 -56.22 -17.80 79.95
C LYS K 113 -55.27 -16.64 79.80
N ALA K 114 -54.07 -16.92 79.35
CA ALA K 114 -53.10 -15.87 79.15
C ALA K 114 -53.60 -14.87 78.11
N ASN K 115 -54.40 -15.35 77.15
CA ASN K 115 -54.88 -14.49 76.07
C ASN K 115 -55.87 -13.47 76.59
N ARG K 116 -56.82 -13.89 77.43
CA ARG K 116 -57.81 -12.96 77.96
C ARG K 116 -57.15 -12.00 78.95
N GLU K 117 -56.09 -12.47 79.64
CA GLU K 117 -55.38 -11.59 80.56
C GLU K 117 -54.61 -10.52 79.80
N LYS K 118 -53.96 -10.90 78.68
CA LYS K 118 -53.24 -9.90 77.89
C LYS K 118 -54.18 -8.96 77.18
N MET K 119 -55.32 -9.45 76.67
CA MET K 119 -56.20 -8.50 76.02
C MET K 119 -56.64 -7.41 76.99
N THR K 120 -56.94 -7.83 78.23
CA THR K 120 -57.36 -6.90 79.27
C THR K 120 -56.20 -5.94 79.61
N GLN K 121 -55.00 -6.49 79.81
CA GLN K 121 -53.83 -5.69 80.15
C GLN K 121 -53.42 -4.69 79.10
N ILE K 122 -53.45 -5.09 77.85
CA ILE K 122 -52.99 -4.21 76.80
C ILE K 122 -53.92 -3.02 76.67
N MET K 123 -55.22 -3.27 76.64
CA MET K 123 -56.07 -2.14 76.47
C MET K 123 -56.00 -1.19 77.68
N PHE K 124 -55.78 -1.72 78.90
CA PHE K 124 -55.67 -0.84 80.06
C PHE K 124 -54.32 -0.15 80.22
N GLU K 125 -53.21 -0.81 79.88
CA GLU K 125 -51.90 -0.20 80.09
C GLU K 125 -51.32 0.51 78.87
N THR K 126 -51.69 0.11 77.64
CA THR K 126 -51.15 0.74 76.44
C THR K 126 -52.13 1.75 75.88
N PHE K 127 -53.42 1.42 75.93
CA PHE K 127 -54.42 2.32 75.35
C PHE K 127 -55.21 3.15 76.38
N ASN K 128 -55.00 2.86 77.66
CA ASN K 128 -55.66 3.52 78.79
C ASN K 128 -57.19 3.50 78.69
N VAL K 129 -57.74 2.37 78.26
CA VAL K 129 -59.18 2.24 78.10
C VAL K 129 -59.82 2.36 79.48
N PRO K 130 -60.93 3.10 79.68
CA PRO K 130 -61.61 3.26 80.94
C PRO K 130 -62.27 1.98 81.42
N ALA K 131 -62.52 1.05 80.50
CA ALA K 131 -63.14 -0.22 80.87
C ALA K 131 -62.89 -1.34 79.85
N MET K 132 -62.96 -2.58 80.33
CA MET K 132 -62.81 -3.76 79.47
C MET K 132 -63.76 -4.90 79.67
N TYR K 133 -63.97 -5.66 78.60
CA TYR K 133 -64.81 -6.86 78.65
C TYR K 133 -64.43 -7.90 77.59
N VAL K 134 -63.91 -9.06 78.01
CA VAL K 134 -63.54 -10.08 77.06
C VAL K 134 -64.74 -11.02 76.93
N ALA K 135 -65.24 -11.12 75.71
CA ALA K 135 -66.43 -11.88 75.41
C ALA K 135 -66.18 -13.21 74.75
N ILE K 136 -67.16 -14.09 74.94
CA ILE K 136 -67.18 -15.39 74.29
C ILE K 136 -67.75 -15.25 72.89
N GLN K 137 -67.01 -15.72 71.90
CA GLN K 137 -67.41 -15.61 70.50
C GLN K 137 -68.70 -16.37 70.21
N ALA K 138 -68.88 -17.51 70.87
CA ALA K 138 -70.07 -18.32 70.67
C ALA K 138 -71.33 -17.58 71.09
N VAL K 139 -71.21 -16.81 72.16
CA VAL K 139 -72.27 -16.02 72.70
C VAL K 139 -72.63 -14.93 71.77
N LEU K 140 -71.63 -14.31 71.21
CA LEU K 140 -71.91 -13.20 70.35
C LEU K 140 -72.66 -13.66 69.09
N SER K 141 -72.32 -14.84 68.52
CA SER K 141 -73.10 -15.27 67.36
C SER K 141 -74.56 -15.51 67.78
N LEU K 142 -74.77 -16.13 68.96
CA LEU K 142 -76.14 -16.37 69.41
C LEU K 142 -76.92 -15.06 69.57
N TYR K 143 -76.30 -14.00 70.09
CA TYR K 143 -77.08 -12.77 70.18
C TYR K 143 -77.47 -12.28 68.80
N ALA K 144 -76.51 -12.28 67.87
CA ALA K 144 -76.72 -11.78 66.51
C ALA K 144 -77.78 -12.58 65.77
N SER K 145 -77.83 -13.88 66.03
CA SER K 145 -78.72 -14.83 65.39
C SER K 145 -80.10 -14.96 66.05
N GLY K 146 -80.34 -14.27 67.17
CA GLY K 146 -81.62 -14.41 67.83
C GLY K 146 -81.80 -15.73 68.63
N ARG K 147 -80.73 -16.25 69.21
CA ARG K 147 -80.79 -17.48 69.98
C ARG K 147 -80.19 -17.39 71.37
N THR K 148 -80.67 -18.25 72.27
CA THR K 148 -80.17 -18.35 73.64
C THR K 148 -79.74 -19.78 73.80
N THR K 149 -80.21 -20.54 72.84
CA THR K 149 -80.02 -21.98 72.84
C THR K 149 -79.50 -22.49 71.51
N GLY K 150 -78.50 -23.35 71.58
CA GLY K 150 -77.97 -24.04 70.41
C GLY K 150 -76.52 -24.44 70.50
N ILE K 151 -76.07 -25.17 69.50
CA ILE K 151 -74.66 -25.58 69.46
C ILE K 151 -73.98 -24.58 68.63
N VAL K 152 -73.00 -23.87 69.16
CA VAL K 152 -72.42 -22.87 68.30
C VAL K 152 -71.12 -23.39 67.71
N LEU K 153 -71.14 -23.57 66.40
CA LEU K 153 -70.01 -24.13 65.67
C LEU K 153 -69.26 -23.01 64.94
N ASP K 154 -68.20 -22.54 65.57
CA ASP K 154 -67.40 -21.43 65.10
C ASP K 154 -66.26 -21.84 64.17
N SER K 155 -66.62 -22.29 62.98
CA SER K 155 -65.66 -22.80 61.99
C SER K 155 -64.88 -21.71 61.28
N GLY K 156 -64.09 -20.96 62.04
CA GLY K 156 -63.33 -19.83 61.53
C GLY K 156 -61.92 -20.17 61.08
N ASP K 157 -61.05 -19.16 61.12
CA ASP K 157 -59.65 -19.15 60.70
C ASP K 157 -58.64 -19.79 61.64
N GLY K 158 -58.94 -19.68 62.93
CA GLY K 158 -58.09 -20.12 64.01
C GLY K 158 -58.35 -21.55 64.50
N VAL K 159 -59.33 -21.68 65.39
CA VAL K 159 -59.69 -22.95 66.00
C VAL K 159 -61.20 -23.09 65.91
N THR K 160 -61.72 -24.30 65.77
CA THR K 160 -63.17 -24.48 65.84
C THR K 160 -63.38 -24.90 67.29
N HIS K 161 -64.18 -24.13 68.00
CA HIS K 161 -64.41 -24.35 69.43
C HIS K 161 -65.54 -25.30 69.79
N ASN K 162 -66.69 -25.10 69.15
CA ASN K 162 -67.91 -25.88 69.31
C ASN K 162 -68.48 -25.92 70.74
N VAL K 163 -69.28 -24.93 71.12
CA VAL K 163 -69.82 -24.97 72.50
C VAL K 163 -71.35 -24.92 72.57
N PRO K 164 -72.00 -25.90 73.21
CA PRO K 164 -73.42 -25.93 73.47
C PRO K 164 -73.78 -24.93 74.56
N ILE K 165 -74.82 -24.15 74.29
CA ILE K 165 -75.39 -23.17 75.21
C ILE K 165 -76.91 -23.44 75.32
N TYR K 166 -77.44 -23.49 76.55
CA TYR K 166 -78.88 -23.75 76.74
C TYR K 166 -79.52 -22.72 77.66
N GLU K 167 -80.57 -22.04 77.19
CA GLU K 167 -81.22 -21.00 77.98
C GLU K 167 -80.22 -19.98 78.50
N GLY K 168 -79.22 -19.65 77.72
CA GLY K 168 -78.23 -18.68 78.15
C GLY K 168 -77.13 -19.24 79.04
N TYR K 169 -77.11 -20.55 79.32
CA TYR K 169 -76.10 -21.18 80.17
C TYR K 169 -75.09 -21.98 79.41
N ALA K 170 -73.85 -21.97 79.88
CA ALA K 170 -72.87 -22.79 79.21
C ALA K 170 -73.01 -24.22 79.67
N LEU K 171 -72.72 -25.14 78.77
CA LEU K 171 -72.69 -26.54 79.10
C LEU K 171 -71.27 -27.00 78.74
N PRO K 172 -70.21 -26.50 79.45
CA PRO K 172 -68.81 -26.55 79.09
C PRO K 172 -68.21 -27.94 79.00
N HIS K 173 -68.84 -28.91 79.65
CA HIS K 173 -68.31 -30.24 79.64
C HIS K 173 -68.51 -30.90 78.28
N ALA K 174 -69.40 -30.31 77.49
CA ALA K 174 -69.78 -30.79 76.19
C ALA K 174 -69.09 -30.01 75.07
N ILE K 175 -68.05 -29.23 75.40
CA ILE K 175 -67.28 -28.53 74.38
C ILE K 175 -66.40 -29.52 73.65
N MET K 176 -66.45 -29.50 72.31
CA MET K 176 -65.67 -30.47 71.54
C MET K 176 -64.73 -29.74 70.55
N ARG K 177 -63.67 -29.14 71.09
CA ARG K 177 -62.74 -28.28 70.35
C ARG K 177 -61.88 -29.05 69.34
N LEU K 178 -61.74 -28.49 68.14
CA LEU K 178 -60.91 -29.08 67.10
C LEU K 178 -59.82 -28.17 66.53
N ASP K 179 -58.63 -28.73 66.33
CA ASP K 179 -57.55 -27.98 65.69
C ASP K 179 -57.72 -28.14 64.18
N LEU K 180 -58.80 -27.56 63.71
CA LEU K 180 -59.30 -27.57 62.36
C LEU K 180 -59.87 -26.21 62.01
N ALA K 181 -59.23 -25.51 61.08
CA ALA K 181 -59.68 -24.16 60.76
C ALA K 181 -59.27 -23.66 59.37
N GLY K 182 -59.74 -22.45 59.04
CA GLY K 182 -59.52 -21.81 57.75
C GLY K 182 -58.06 -21.74 57.30
N ARG K 183 -57.13 -21.67 58.24
CA ARG K 183 -55.72 -21.62 57.90
C ARG K 183 -55.15 -23.00 57.51
N ASP K 184 -55.88 -24.07 57.80
CA ASP K 184 -55.43 -25.41 57.47
C ASP K 184 -56.01 -25.71 56.11
N LEU K 185 -57.19 -25.14 55.87
CA LEU K 185 -57.85 -25.30 54.59
C LEU K 185 -57.02 -24.65 53.49
N THR K 186 -56.47 -23.45 53.78
CA THR K 186 -55.63 -22.75 52.82
C THR K 186 -54.38 -23.55 52.52
N ASP K 187 -53.73 -24.10 53.57
CA ASP K 187 -52.51 -24.89 53.35
C ASP K 187 -52.78 -26.12 52.51
N TYR K 188 -53.89 -26.80 52.78
CA TYR K 188 -54.27 -27.98 52.04
C TYR K 188 -54.45 -27.63 50.57
N LEU K 189 -55.17 -26.52 50.29
CA LEU K 189 -55.42 -26.10 48.93
C LEU K 189 -54.09 -25.74 48.23
N MET K 190 -53.14 -25.10 48.91
CA MET K 190 -51.85 -24.78 48.26
C MET K 190 -51.21 -26.10 47.77
N LYS K 191 -51.27 -27.14 48.60
CA LYS K 191 -50.69 -28.43 48.20
C LYS K 191 -51.43 -29.12 47.05
N ILE K 192 -52.76 -29.11 47.04
CA ILE K 192 -53.47 -29.77 45.94
C ILE K 192 -53.45 -28.93 44.65
N LEU K 193 -53.25 -27.61 44.77
CA LEU K 193 -53.11 -26.82 43.55
C LEU K 193 -51.72 -27.05 42.96
N THR K 194 -50.75 -27.43 43.82
CA THR K 194 -49.41 -27.79 43.37
C THR K 194 -49.52 -29.05 42.51
N GLU K 195 -50.39 -30.00 42.94
CA GLU K 195 -50.62 -31.25 42.20
C GLU K 195 -51.11 -30.95 40.78
N ARG K 196 -51.86 -29.87 40.62
CA ARG K 196 -52.37 -29.48 39.30
C ARG K 196 -51.37 -28.70 38.44
N GLY K 197 -50.19 -28.42 38.97
CA GLY K 197 -49.17 -27.67 38.23
C GLY K 197 -49.04 -26.20 38.61
N TYR K 198 -49.67 -25.76 39.69
CA TYR K 198 -49.60 -24.39 40.13
C TYR K 198 -49.09 -24.32 41.56
N SER K 199 -47.78 -24.37 41.72
CA SER K 199 -47.20 -24.37 43.07
C SER K 199 -47.42 -23.05 43.79
N PHE K 200 -47.79 -23.13 45.07
CA PHE K 200 -47.94 -21.97 45.94
C PHE K 200 -47.16 -22.21 47.24
N VAL K 201 -46.16 -21.36 47.52
CA VAL K 201 -45.30 -21.49 48.71
C VAL K 201 -45.17 -20.23 49.57
N THR K 202 -44.81 -19.13 48.93
CA THR K 202 -44.43 -17.86 49.59
C THR K 202 -45.65 -17.05 50.00
N THR K 203 -45.45 -15.94 50.71
CA THR K 203 -46.57 -15.11 51.17
C THR K 203 -47.52 -14.65 50.07
N ALA K 204 -47.01 -14.14 48.95
CA ALA K 204 -47.92 -13.65 47.92
C ALA K 204 -48.79 -14.79 47.40
N GLU K 205 -48.17 -15.95 47.28
CA GLU K 205 -48.81 -17.15 46.79
C GLU K 205 -49.84 -17.69 47.79
N ARG K 206 -49.52 -17.59 49.08
CA ARG K 206 -50.42 -18.01 50.14
C ARG K 206 -51.69 -17.14 50.15
N GLU K 207 -51.51 -15.83 49.96
CA GLU K 207 -52.64 -14.89 49.90
C GLU K 207 -53.53 -15.19 48.70
N ILE K 208 -52.93 -15.58 47.58
CA ILE K 208 -53.73 -15.93 46.42
C ILE K 208 -54.58 -17.13 46.73
N VAL K 209 -54.00 -18.17 47.33
CA VAL K 209 -54.78 -19.35 47.59
C VAL K 209 -55.91 -19.05 48.55
N ARG K 210 -55.64 -18.23 49.58
CA ARG K 210 -56.71 -17.87 50.49
C ARG K 210 -57.86 -17.19 49.73
N ASP K 211 -57.52 -16.29 48.79
CA ASP K 211 -58.54 -15.59 48.01
C ASP K 211 -59.29 -16.56 47.08
N ILE K 212 -58.56 -17.55 46.51
CA ILE K 212 -59.20 -18.54 45.64
C ILE K 212 -60.20 -19.30 46.44
N LYS K 213 -59.80 -19.75 47.62
CA LYS K 213 -60.69 -20.53 48.44
C LYS K 213 -61.98 -19.79 48.75
N GLU K 214 -61.87 -18.55 49.20
CA GLU K 214 -63.03 -17.78 49.62
C GLU K 214 -64.04 -17.55 48.48
N LYS K 215 -63.53 -17.38 47.26
CA LYS K 215 -64.37 -17.11 46.10
C LYS K 215 -64.78 -18.32 45.24
N LEU K 216 -63.95 -19.38 45.14
CA LEU K 216 -64.27 -20.53 44.29
C LEU K 216 -64.75 -21.79 45.00
N CYS K 217 -64.41 -21.96 46.28
CA CYS K 217 -64.70 -23.22 46.95
C CYS K 217 -66.09 -23.38 47.56
N TYR K 218 -66.48 -24.65 47.68
CA TYR K 218 -67.76 -25.05 48.26
C TYR K 218 -67.72 -26.43 48.90
N VAL K 219 -68.74 -26.78 49.68
CA VAL K 219 -68.75 -28.12 50.28
C VAL K 219 -69.73 -29.08 49.60
N ALA K 220 -70.88 -28.57 49.14
CA ALA K 220 -71.94 -29.40 48.57
C ALA K 220 -72.45 -30.36 49.63
N LEU K 221 -73.36 -31.25 49.27
CA LEU K 221 -73.91 -32.17 50.25
C LEU K 221 -73.36 -33.59 50.21
N ASP K 222 -72.72 -33.99 49.11
CA ASP K 222 -72.22 -35.36 48.96
C ASP K 222 -70.87 -35.34 48.27
N PHE K 223 -69.80 -35.47 49.07
CA PHE K 223 -68.44 -35.36 48.59
C PHE K 223 -68.05 -36.35 47.52
N GLU K 224 -68.37 -37.61 47.75
CA GLU K 224 -67.98 -38.64 46.83
C GLU K 224 -68.68 -38.50 45.50
N ASN K 225 -69.96 -38.14 45.50
CA ASN K 225 -70.64 -37.98 44.22
C ASN K 225 -70.18 -36.70 43.53
N GLU K 226 -69.87 -35.67 44.33
CA GLU K 226 -69.45 -34.40 43.76
C GLU K 226 -68.07 -34.62 43.10
N MET K 227 -67.21 -35.40 43.78
CA MET K 227 -65.89 -35.76 43.28
C MET K 227 -66.00 -36.64 42.06
N ALA K 228 -66.95 -37.56 42.03
CA ALA K 228 -67.07 -38.43 40.88
C ALA K 228 -67.27 -37.61 39.60
N THR K 229 -68.06 -36.53 39.67
CA THR K 229 -68.22 -35.75 38.46
C THR K 229 -67.16 -34.67 38.31
N ALA K 230 -66.67 -34.10 39.41
CA ALA K 230 -65.65 -33.04 39.30
C ALA K 230 -64.36 -33.57 38.72
N ALA K 231 -64.06 -34.83 39.02
CA ALA K 231 -62.87 -35.48 38.53
C ALA K 231 -63.04 -36.02 37.11
N SER K 232 -64.28 -35.99 36.58
CA SER K 232 -64.57 -36.54 35.26
C SER K 232 -64.88 -35.48 34.22
N SER K 233 -65.28 -34.28 34.64
CA SER K 233 -65.68 -33.26 33.67
C SER K 233 -65.39 -31.81 34.04
N SER K 234 -65.09 -31.05 32.99
CA SER K 234 -64.79 -29.61 33.02
C SER K 234 -66.00 -28.79 33.43
N SER K 235 -67.17 -29.42 33.41
CA SER K 235 -68.42 -28.77 33.78
C SER K 235 -68.45 -28.38 35.25
N LEU K 236 -67.55 -28.95 36.08
CA LEU K 236 -67.52 -28.55 37.48
C LEU K 236 -66.26 -27.76 37.81
N GLU K 237 -65.56 -27.25 36.79
CA GLU K 237 -64.36 -26.46 36.99
C GLU K 237 -64.66 -24.98 37.02
N LYS K 238 -63.82 -24.23 37.72
CA LYS K 238 -63.99 -22.78 37.75
C LYS K 238 -62.64 -22.09 37.63
N SER K 239 -62.60 -21.01 36.85
CA SER K 239 -61.35 -20.27 36.66
C SER K 239 -61.20 -19.09 37.61
N TYR K 240 -59.96 -18.87 38.01
CA TYR K 240 -59.55 -17.75 38.86
C TYR K 240 -58.40 -16.95 38.26
N GLU K 241 -58.51 -15.62 38.32
CA GLU K 241 -57.46 -14.75 37.81
C GLU K 241 -56.40 -14.46 38.85
N LEU K 242 -55.17 -14.84 38.53
CA LEU K 242 -54.03 -14.65 39.39
C LEU K 242 -53.59 -13.19 39.20
N PRO K 243 -52.92 -12.55 40.18
CA PRO K 243 -52.46 -11.16 40.13
C PRO K 243 -51.66 -10.75 38.90
N ASP K 244 -50.93 -11.67 38.28
CA ASP K 244 -50.13 -11.31 37.13
C ASP K 244 -50.82 -11.57 35.80
N GLY K 245 -52.11 -11.87 35.82
CA GLY K 245 -52.85 -12.12 34.60
C GLY K 245 -52.90 -13.59 34.21
N GLN K 246 -52.24 -14.46 34.99
CA GLN K 246 -52.31 -15.87 34.64
C GLN K 246 -53.62 -16.43 35.17
N VAL K 247 -54.08 -17.52 34.58
CA VAL K 247 -55.31 -18.13 35.05
C VAL K 247 -55.11 -19.55 35.51
N ILE K 248 -55.69 -19.82 36.67
CA ILE K 248 -55.70 -21.13 37.26
C ILE K 248 -57.11 -21.68 37.19
N THR K 249 -57.24 -22.90 36.67
CA THR K 249 -58.56 -23.51 36.61
C THR K 249 -58.53 -24.67 37.57
N ILE K 250 -59.52 -24.69 38.46
CA ILE K 250 -59.65 -25.61 39.57
C ILE K 250 -60.87 -26.54 39.48
N GLY K 251 -60.65 -27.85 39.68
CA GLY K 251 -61.68 -28.88 39.56
C GLY K 251 -62.15 -29.38 40.90
N ASN K 252 -61.83 -30.62 41.25
CA ASN K 252 -62.36 -31.17 42.50
C ASN K 252 -61.67 -30.58 43.73
N GLU K 253 -60.61 -29.81 43.52
CA GLU K 253 -59.87 -29.16 44.58
C GLU K 253 -60.74 -28.08 45.20
N ARG K 254 -61.73 -27.67 44.42
CA ARG K 254 -62.70 -26.66 44.71
C ARG K 254 -63.53 -27.08 45.91
N PHE K 255 -63.65 -28.39 46.12
CA PHE K 255 -64.41 -28.93 47.23
C PHE K 255 -63.55 -29.79 48.16
N ARG K 256 -62.44 -30.32 47.64
CA ARG K 256 -61.56 -31.16 48.46
C ARG K 256 -60.97 -30.32 49.58
N CYS K 257 -60.70 -29.05 49.31
CA CYS K 257 -60.21 -28.21 50.38
C CYS K 257 -61.24 -28.06 51.51
N PRO K 258 -62.45 -27.50 51.28
CA PRO K 258 -63.55 -27.38 52.24
C PRO K 258 -63.91 -28.67 52.96
N GLU K 259 -63.76 -29.79 52.25
CA GLU K 259 -64.06 -31.11 52.77
C GLU K 259 -63.23 -31.45 53.99
N THR K 260 -62.07 -30.80 54.17
CA THR K 260 -61.17 -31.05 55.30
C THR K 260 -61.97 -30.88 56.59
N LEU K 261 -62.95 -29.96 56.58
CA LEU K 261 -63.78 -29.69 57.76
C LEU K 261 -64.60 -30.92 58.13
N PHE K 262 -64.91 -31.77 57.16
CA PHE K 262 -65.68 -32.97 57.37
C PHE K 262 -64.73 -34.17 57.44
N GLN K 263 -63.53 -33.99 56.87
CA GLN K 263 -62.49 -35.01 56.87
C GLN K 263 -61.12 -34.40 57.21
N PRO K 264 -60.86 -34.20 58.51
CA PRO K 264 -59.64 -33.61 59.08
C PRO K 264 -58.39 -34.46 58.88
N SER K 265 -58.59 -35.71 58.48
CA SER K 265 -57.48 -36.62 58.19
C SER K 265 -56.71 -36.09 56.99
N PHE K 266 -57.34 -35.18 56.21
CA PHE K 266 -56.76 -34.54 55.04
C PHE K 266 -55.56 -33.68 55.42
N ILE K 267 -55.53 -33.21 56.67
CA ILE K 267 -54.45 -32.39 57.18
C ILE K 267 -53.71 -33.08 58.33
N GLY K 268 -53.87 -34.41 58.43
CA GLY K 268 -53.18 -35.21 59.44
C GLY K 268 -53.80 -35.24 60.85
N MET K 269 -55.07 -34.84 61.02
CA MET K 269 -55.63 -34.87 62.36
C MET K 269 -56.56 -36.04 62.61
N GLU K 270 -56.39 -36.71 63.75
CA GLU K 270 -57.29 -37.80 64.13
C GLU K 270 -58.63 -37.25 64.63
N SER K 271 -59.50 -36.90 63.70
CA SER K 271 -60.83 -36.35 63.93
C SER K 271 -61.83 -36.71 62.86
N ALA K 272 -63.09 -36.83 63.27
CA ALA K 272 -64.19 -37.13 62.37
C ALA K 272 -64.82 -35.90 61.73
N GLY K 273 -64.35 -34.69 62.07
CA GLY K 273 -64.89 -33.47 61.46
C GLY K 273 -65.88 -32.68 62.30
N ILE K 274 -66.28 -31.54 61.74
CA ILE K 274 -67.15 -30.57 62.40
C ILE K 274 -68.57 -31.04 62.61
N HIS K 275 -69.10 -31.91 61.75
CA HIS K 275 -70.46 -32.35 61.97
C HIS K 275 -70.55 -33.36 63.09
N GLU K 276 -69.46 -34.09 63.36
CA GLU K 276 -69.53 -35.02 64.47
C GLU K 276 -69.20 -34.29 65.73
N THR K 277 -68.37 -33.23 65.66
CA THR K 277 -68.09 -32.54 66.89
C THR K 277 -69.36 -31.79 67.31
N THR K 278 -70.12 -31.26 66.34
CA THR K 278 -71.37 -30.55 66.60
C THR K 278 -72.36 -31.51 67.24
N TYR K 279 -72.47 -32.69 66.62
CA TYR K 279 -73.36 -33.73 67.10
C TYR K 279 -72.99 -34.23 68.50
N ASN K 280 -71.69 -34.42 68.75
CA ASN K 280 -71.29 -34.90 70.04
C ASN K 280 -71.59 -33.88 71.11
N SER K 281 -71.46 -32.58 70.81
CA SER K 281 -71.80 -31.60 71.83
C SER K 281 -73.26 -31.72 72.22
N ILE K 282 -74.14 -32.07 71.27
CA ILE K 282 -75.54 -32.24 71.62
C ILE K 282 -75.66 -33.47 72.51
N MET K 283 -75.02 -34.56 72.08
CA MET K 283 -75.05 -35.86 72.77
C MET K 283 -74.54 -35.80 74.21
N LYS K 284 -73.50 -35.00 74.45
CA LYS K 284 -72.85 -34.87 75.74
C LYS K 284 -73.63 -34.00 76.73
N CYS K 285 -74.71 -33.37 76.26
CA CYS K 285 -75.54 -32.54 77.10
C CYS K 285 -76.63 -33.41 77.73
N ASP K 286 -77.29 -32.90 78.76
CA ASP K 286 -78.32 -33.68 79.45
C ASP K 286 -79.47 -34.12 78.54
N ILE K 287 -80.11 -35.22 78.95
CA ILE K 287 -81.21 -35.81 78.20
C ILE K 287 -82.34 -34.81 77.95
N ASP K 288 -82.59 -33.85 78.85
CA ASP K 288 -83.64 -32.86 78.62
C ASP K 288 -83.14 -31.57 77.96
N ILE K 289 -81.91 -31.60 77.47
CA ILE K 289 -81.32 -30.44 76.82
C ILE K 289 -80.84 -30.77 75.40
N ARG K 290 -81.12 -31.99 74.97
CA ARG K 290 -80.72 -32.44 73.63
C ARG K 290 -81.82 -32.15 72.61
N LYS K 291 -83.07 -32.25 73.04
CA LYS K 291 -84.21 -32.01 72.17
C LYS K 291 -84.29 -30.55 71.73
N ASP K 292 -83.45 -29.71 72.32
CA ASP K 292 -83.42 -28.30 72.01
C ASP K 292 -82.16 -27.97 71.26
N LEU K 293 -81.10 -28.71 71.53
CA LEU K 293 -79.89 -28.44 70.81
C LEU K 293 -80.00 -29.06 69.40
N TYR K 294 -80.74 -30.18 69.25
CA TYR K 294 -80.92 -30.76 67.90
C TYR K 294 -81.63 -29.77 66.99
N ALA K 295 -82.61 -29.07 67.57
CA ALA K 295 -83.41 -28.10 66.84
C ALA K 295 -82.69 -26.75 66.67
N ASN K 296 -81.50 -26.61 67.25
CA ASN K 296 -80.76 -25.37 67.19
C ASN K 296 -79.26 -25.56 66.95
N ASN K 297 -78.92 -25.92 65.72
CA ASN K 297 -77.53 -26.04 65.27
C ASN K 297 -77.16 -24.63 64.82
N VAL K 298 -76.29 -23.94 65.55
CA VAL K 298 -76.00 -22.54 65.30
C VAL K 298 -74.64 -22.28 64.68
N MET K 299 -74.64 -21.57 63.56
CA MET K 299 -73.38 -21.27 62.93
C MET K 299 -72.73 -20.01 63.52
N SER K 300 -71.42 -20.00 63.54
CA SER K 300 -70.68 -18.83 63.95
C SER K 300 -69.43 -18.67 63.13
N GLY K 301 -69.08 -17.44 62.88
CA GLY K 301 -67.86 -17.18 62.15
C GLY K 301 -68.02 -17.57 60.69
N GLY K 302 -66.86 -17.75 60.04
CA GLY K 302 -66.68 -18.06 58.61
C GLY K 302 -66.69 -19.54 58.25
N THR K 303 -66.42 -19.83 56.95
CA THR K 303 -66.50 -21.16 56.29
C THR K 303 -67.97 -21.67 56.17
N THR K 304 -68.86 -21.00 56.90
CA THR K 304 -70.29 -21.17 57.00
C THR K 304 -70.91 -20.52 55.77
N MET K 305 -70.05 -19.86 55.02
CA MET K 305 -70.37 -19.15 53.83
C MET K 305 -69.97 -20.00 52.59
N TYR K 306 -69.63 -21.30 52.78
CA TYR K 306 -69.40 -22.18 51.63
C TYR K 306 -70.76 -22.62 51.06
N PRO K 307 -70.99 -22.62 49.74
CA PRO K 307 -72.20 -23.15 49.17
C PRO K 307 -72.41 -24.59 49.59
N GLY K 308 -73.65 -24.89 49.98
CA GLY K 308 -74.08 -26.22 50.42
C GLY K 308 -73.86 -26.47 51.91
N ILE K 309 -73.18 -25.57 52.63
CA ILE K 309 -72.89 -25.85 54.03
C ILE K 309 -74.08 -25.80 54.95
N ALA K 310 -75.03 -24.89 54.73
CA ALA K 310 -76.14 -24.85 55.66
C ALA K 310 -76.92 -26.15 55.61
N ASP K 311 -77.07 -26.70 54.41
CA ASP K 311 -77.83 -27.91 54.29
C ASP K 311 -77.00 -29.11 54.60
N ARG K 312 -75.69 -29.08 54.34
CA ARG K 312 -74.91 -30.23 54.69
C ARG K 312 -74.82 -30.37 56.18
N MET K 313 -74.62 -29.27 56.92
CA MET K 313 -74.55 -29.40 58.36
C MET K 313 -75.88 -29.87 58.94
N GLN K 314 -77.01 -29.38 58.42
CA GLN K 314 -78.25 -29.86 58.98
C GLN K 314 -78.42 -31.35 58.65
N LYS K 315 -78.03 -31.75 57.43
CA LYS K 315 -78.12 -33.12 56.97
C LYS K 315 -77.24 -34.07 57.75
N GLU K 316 -75.98 -33.68 58.02
CA GLU K 316 -75.07 -34.55 58.74
C GLU K 316 -75.55 -34.75 60.16
N ILE K 317 -76.05 -33.70 60.81
CA ILE K 317 -76.51 -33.88 62.18
C ILE K 317 -77.73 -34.78 62.13
N THR K 318 -78.63 -34.55 61.15
CA THR K 318 -79.84 -35.35 61.00
C THR K 318 -79.48 -36.82 60.80
N ALA K 319 -78.48 -37.11 59.98
CA ALA K 319 -78.03 -38.47 59.74
C ALA K 319 -77.47 -39.14 61.01
N LEU K 320 -76.77 -38.37 61.84
CA LEU K 320 -76.18 -38.86 63.08
C LEU K 320 -77.24 -38.97 64.20
N ALA K 321 -78.21 -38.06 64.16
CA ALA K 321 -79.30 -37.93 65.11
C ALA K 321 -80.28 -39.10 65.01
N PRO K 322 -81.00 -39.39 66.09
CA PRO K 322 -82.08 -40.35 66.13
C PRO K 322 -83.26 -39.75 65.38
N SER K 323 -84.15 -40.61 64.94
CA SER K 323 -85.38 -40.19 64.29
C SER K 323 -86.27 -39.56 65.33
N THR K 324 -87.41 -38.99 64.91
CA THR K 324 -88.37 -38.28 65.77
C THR K 324 -87.91 -36.85 66.08
N MET K 325 -86.67 -36.68 66.49
CA MET K 325 -86.15 -35.35 66.77
C MET K 325 -86.11 -34.49 65.55
N LYS K 326 -86.41 -33.22 65.76
CA LYS K 326 -86.39 -32.23 64.71
C LYS K 326 -85.02 -31.59 64.71
N ILE K 327 -84.35 -31.63 63.56
CA ILE K 327 -83.02 -31.07 63.45
C ILE K 327 -83.06 -29.83 62.58
N LYS K 328 -82.54 -28.73 63.10
CA LYS K 328 -82.57 -27.48 62.32
C LYS K 328 -81.30 -26.65 62.45
N ILE K 329 -80.91 -26.02 61.33
CA ILE K 329 -79.76 -25.14 61.34
C ILE K 329 -80.10 -23.67 61.19
N ILE K 330 -79.39 -22.86 61.97
CA ILE K 330 -79.47 -21.43 61.91
C ILE K 330 -78.21 -20.93 61.22
N ALA K 331 -78.41 -20.36 60.03
CA ALA K 331 -77.30 -19.90 59.20
C ALA K 331 -77.69 -18.60 58.49
N PRO K 332 -77.77 -17.48 59.23
CA PRO K 332 -78.25 -16.17 58.82
C PRO K 332 -77.22 -15.50 57.93
N PRO K 333 -77.57 -14.45 57.16
CA PRO K 333 -76.66 -13.65 56.35
C PRO K 333 -75.62 -12.92 57.21
N GLU K 334 -75.93 -12.76 58.49
CA GLU K 334 -75.02 -12.14 59.43
C GLU K 334 -73.86 -13.11 59.68
N ARG K 335 -73.58 -13.93 58.67
CA ARG K 335 -72.51 -14.91 58.71
C ARG K 335 -71.19 -14.20 58.51
N LYS K 336 -70.12 -14.87 58.94
CA LYS K 336 -68.76 -14.34 58.88
C LYS K 336 -68.65 -13.02 59.64
N TYR K 337 -69.80 -12.47 60.06
CA TYR K 337 -69.74 -11.23 60.84
C TYR K 337 -70.64 -11.23 62.10
N SER K 338 -71.27 -12.37 62.42
CA SER K 338 -72.21 -12.45 63.54
C SER K 338 -71.57 -12.21 64.88
N VAL K 339 -70.31 -12.55 65.02
CA VAL K 339 -69.63 -12.34 66.29
C VAL K 339 -69.46 -10.85 66.53
N TRP K 340 -69.09 -10.09 65.50
CA TRP K 340 -68.92 -8.66 65.71
C TRP K 340 -70.25 -8.07 66.15
N ILE K 341 -71.31 -8.47 65.44
CA ILE K 341 -72.64 -7.94 65.69
C ILE K 341 -73.06 -8.26 67.11
N GLY K 342 -72.81 -9.48 67.54
CA GLY K 342 -73.12 -9.83 68.90
C GLY K 342 -72.36 -8.97 69.90
N GLY K 343 -71.11 -8.58 69.58
CA GLY K 343 -70.30 -7.76 70.47
C GLY K 343 -70.96 -6.41 70.68
N SER K 344 -71.54 -5.87 69.60
CA SER K 344 -72.26 -4.60 69.63
C SER K 344 -73.49 -4.72 70.54
N ILE K 345 -74.20 -5.85 70.37
CA ILE K 345 -75.41 -6.12 71.16
C ILE K 345 -75.08 -6.29 72.62
N LEU K 346 -74.06 -7.09 72.93
CA LEU K 346 -73.69 -7.35 74.31
C LEU K 346 -73.19 -6.11 75.01
N ALA K 347 -72.30 -5.38 74.34
CA ALA K 347 -71.68 -4.18 74.92
C ALA K 347 -72.72 -3.15 75.32
N SER K 348 -73.79 -3.09 74.52
CA SER K 348 -74.91 -2.17 74.64
C SER K 348 -76.06 -2.61 75.57
N LEU K 349 -76.05 -3.84 76.09
CA LEU K 349 -77.20 -4.25 76.91
C LEU K 349 -77.18 -3.53 78.23
N SER K 350 -78.35 -3.09 78.73
CA SER K 350 -78.38 -2.42 80.03
C SER K 350 -77.97 -3.37 81.16
N THR K 351 -78.24 -4.66 80.94
CA THR K 351 -77.95 -5.74 81.86
C THR K 351 -76.48 -6.12 81.86
N PHE K 352 -75.73 -5.53 80.94
CA PHE K 352 -74.31 -5.77 80.78
C PHE K 352 -73.50 -4.58 81.26
N GLN K 353 -74.13 -3.54 81.79
CA GLN K 353 -73.31 -2.38 82.11
C GLN K 353 -72.53 -2.57 83.39
N GLN K 354 -72.87 -3.62 84.13
CA GLN K 354 -72.18 -3.95 85.36
C GLN K 354 -71.12 -5.04 85.12
N MET K 355 -71.02 -5.52 83.87
CA MET K 355 -70.07 -6.58 83.54
C MET K 355 -68.71 -6.08 83.12
N TRP K 356 -68.62 -4.77 82.92
CA TRP K 356 -67.41 -4.13 82.48
C TRP K 356 -66.40 -4.00 83.61
N ILE K 357 -65.13 -4.28 83.31
CA ILE K 357 -64.04 -4.10 84.25
C ILE K 357 -63.70 -2.66 84.17
N THR K 358 -63.69 -1.92 85.27
CA THR K 358 -63.34 -0.52 85.11
C THR K 358 -61.84 -0.41 85.22
N LYS K 359 -61.27 0.71 84.79
CA LYS K 359 -59.84 0.87 84.94
C LYS K 359 -59.42 0.84 86.39
N GLN K 360 -60.23 1.39 87.30
CA GLN K 360 -59.81 1.38 88.69
C GLN K 360 -59.77 -0.05 89.22
N GLU K 361 -60.74 -0.88 88.85
CA GLU K 361 -60.75 -2.26 89.31
C GLU K 361 -59.55 -3.01 88.76
N TYR K 362 -59.23 -2.74 87.49
CA TYR K 362 -58.08 -3.34 86.85
C TYR K 362 -56.79 -2.94 87.54
N ASP K 363 -56.59 -1.65 87.76
CA ASP K 363 -55.34 -1.23 88.36
C ASP K 363 -55.14 -1.86 89.73
N GLU K 364 -56.21 -2.01 90.51
CA GLU K 364 -56.09 -2.63 91.81
C GLU K 364 -55.81 -4.15 91.77
N ALA K 365 -56.49 -4.87 90.87
CA ALA K 365 -56.36 -6.33 90.77
C ALA K 365 -55.28 -6.87 89.82
N GLY K 366 -55.08 -6.20 88.69
CA GLY K 366 -54.14 -6.65 87.68
C GLY K 366 -54.87 -7.44 86.61
N PRO K 367 -54.12 -8.01 85.65
CA PRO K 367 -54.62 -8.80 84.51
C PRO K 367 -55.48 -10.00 84.86
N SER K 368 -55.26 -10.62 86.03
CA SER K 368 -56.02 -11.79 86.43
C SER K 368 -57.50 -11.50 86.67
N ILE K 369 -57.83 -10.21 86.78
CA ILE K 369 -59.18 -9.73 86.99
C ILE K 369 -60.13 -10.19 85.91
N VAL K 370 -59.62 -10.46 84.72
CA VAL K 370 -60.45 -10.90 83.63
C VAL K 370 -61.19 -12.21 83.96
N HIS K 371 -60.61 -13.04 84.83
CA HIS K 371 -61.23 -14.31 85.17
C HIS K 371 -62.24 -14.15 86.31
N ARG K 372 -62.24 -12.98 86.93
CA ARG K 372 -63.14 -12.68 88.04
C ARG K 372 -64.33 -11.90 87.53
N LYS K 373 -64.10 -11.11 86.47
CA LYS K 373 -65.11 -10.23 85.89
C LYS K 373 -65.69 -10.64 84.53
N CYS K 374 -64.93 -11.34 83.67
CA CYS K 374 -65.45 -11.63 82.33
C CYS K 374 -65.96 -13.04 82.17
N PHE K 375 -65.07 -14.03 82.40
CA PHE K 375 -65.39 -15.47 82.30
C PHE K 375 -64.19 -16.38 82.58
N ASP L 1 -46.35 -71.09 80.84
CA ASP L 1 -45.22 -71.05 81.77
C ASP L 1 -45.69 -71.38 83.18
N GLU L 2 -47.01 -71.51 83.30
CA GLU L 2 -47.67 -71.82 84.57
C GLU L 2 -47.53 -73.32 84.85
N ASP L 3 -47.48 -73.69 86.12
CA ASP L 3 -47.32 -75.08 86.56
C ASP L 3 -48.55 -75.81 87.10
N GLU L 4 -49.75 -75.29 86.86
CA GLU L 4 -50.96 -75.96 87.37
C GLU L 4 -52.16 -75.75 86.46
N THR L 5 -53.10 -76.70 86.49
CA THR L 5 -54.34 -76.58 85.72
C THR L 5 -55.34 -75.79 86.52
N THR L 6 -55.00 -74.52 86.74
CA THR L 6 -55.79 -73.60 87.53
C THR L 6 -56.65 -72.72 86.69
N ALA L 7 -57.48 -71.94 87.35
CA ALA L 7 -58.35 -70.99 86.69
C ALA L 7 -57.55 -69.77 86.27
N LEU L 8 -58.04 -69.05 85.29
CA LEU L 8 -57.40 -67.83 84.86
C LEU L 8 -58.23 -66.67 85.37
N VAL L 9 -57.58 -65.56 85.71
CA VAL L 9 -58.30 -64.38 86.19
C VAL L 9 -57.98 -63.14 85.37
N CYS L 10 -59.01 -62.43 84.90
CA CYS L 10 -58.74 -61.23 84.11
C CYS L 10 -59.74 -60.07 84.30
N ASP L 11 -59.26 -59.02 84.99
CA ASP L 11 -60.08 -57.85 85.33
C ASP L 11 -59.97 -56.84 84.19
N ASN L 12 -60.70 -57.10 83.11
CA ASN L 12 -60.61 -56.29 81.90
C ASN L 12 -61.66 -55.16 81.86
N GLY L 13 -61.24 -53.91 82.11
CA GLY L 13 -62.17 -52.78 82.15
C GLY L 13 -61.95 -51.77 81.01
N SER L 14 -62.55 -50.57 81.13
CA SER L 14 -62.45 -49.49 80.13
C SER L 14 -61.11 -48.77 80.09
N GLY L 15 -60.31 -48.98 81.11
CA GLY L 15 -59.00 -48.37 81.24
C GLY L 15 -57.96 -49.38 80.83
N LEU L 16 -57.57 -50.15 81.82
CA LEU L 16 -56.56 -51.18 81.74
C LEU L 16 -57.14 -52.51 82.14
N VAL L 17 -56.44 -53.55 81.72
CA VAL L 17 -56.77 -54.92 82.01
C VAL L 17 -55.67 -55.66 82.76
N LYS L 18 -56.04 -56.27 83.88
CA LYS L 18 -55.08 -57.02 84.68
C LYS L 18 -55.29 -58.50 84.57
N ALA L 19 -54.21 -59.24 84.34
CA ALA L 19 -54.39 -60.67 84.24
C ALA L 19 -53.24 -61.50 84.78
N GLY L 20 -53.59 -62.70 85.23
CA GLY L 20 -52.68 -63.70 85.79
C GLY L 20 -53.51 -64.93 86.09
N PHE L 21 -52.99 -65.84 86.90
CA PHE L 21 -53.74 -67.06 87.18
C PHE L 21 -54.30 -67.11 88.58
N ALA L 22 -55.37 -67.86 88.74
CA ALA L 22 -55.93 -68.01 90.06
C ALA L 22 -54.95 -68.75 90.94
N GLY L 23 -54.79 -68.23 92.13
CA GLY L 23 -53.88 -68.78 93.11
C GLY L 23 -52.70 -67.85 93.32
N ASP L 24 -52.46 -66.87 92.41
CA ASP L 24 -51.34 -65.97 92.68
C ASP L 24 -51.86 -64.78 93.50
N ASP L 25 -50.97 -63.86 93.87
CA ASP L 25 -51.32 -62.66 94.64
C ASP L 25 -51.18 -61.38 93.82
N ALA L 26 -50.97 -61.57 92.54
CA ALA L 26 -50.79 -60.47 91.61
C ALA L 26 -51.03 -60.97 90.19
N PRO L 27 -51.42 -60.10 89.25
CA PRO L 27 -51.52 -60.42 87.86
C PRO L 27 -50.11 -60.59 87.33
N ARG L 28 -49.94 -61.34 86.26
CA ARG L 28 -48.61 -61.46 85.64
C ARG L 28 -48.27 -60.16 84.97
N ALA L 29 -49.28 -59.53 84.40
CA ALA L 29 -49.08 -58.28 83.70
C ALA L 29 -50.36 -57.47 83.59
N VAL L 30 -50.18 -56.18 83.38
CA VAL L 30 -51.29 -55.27 83.13
C VAL L 30 -51.06 -54.62 81.79
N PHE L 31 -52.11 -54.60 80.98
CA PHE L 31 -52.06 -54.03 79.64
C PHE L 31 -53.13 -53.00 79.55
N PRO L 32 -53.06 -52.01 78.68
CA PRO L 32 -54.15 -51.09 78.42
C PRO L 32 -55.23 -51.90 77.71
N SER L 33 -56.51 -51.59 77.93
CA SER L 33 -57.59 -52.34 77.25
C SER L 33 -57.81 -51.77 75.86
N ILE L 34 -56.78 -51.91 75.05
CA ILE L 34 -56.73 -51.28 73.74
C ILE L 34 -56.39 -52.15 72.55
N VAL L 35 -57.14 -51.88 71.49
CA VAL L 35 -56.83 -52.43 70.18
C VAL L 35 -56.57 -51.21 69.28
N GLY L 36 -55.38 -51.18 68.68
CA GLY L 36 -54.97 -50.04 67.88
C GLY L 36 -55.00 -50.30 66.40
N ARG L 37 -55.27 -49.27 65.61
CA ARG L 37 -55.28 -49.44 64.16
C ARG L 37 -54.59 -48.24 63.48
N PRO L 38 -53.81 -48.43 62.41
CA PRO L 38 -53.13 -47.36 61.69
C PRO L 38 -54.07 -46.26 61.24
N ARG L 39 -53.62 -45.00 61.43
CA ARG L 39 -54.39 -43.83 61.02
C ARG L 39 -53.67 -43.10 59.87
N HIS L 40 -52.65 -43.75 59.31
CA HIS L 40 -51.81 -43.22 58.25
C HIS L 40 -51.67 -44.15 57.05
N GLN L 41 -51.38 -43.54 55.90
CA GLN L 41 -51.09 -44.24 54.66
C GLN L 41 -49.64 -44.66 54.60
N GLY L 42 -49.41 -45.95 54.36
CA GLY L 42 -48.07 -46.48 54.26
C GLY L 42 -47.41 -46.06 52.94
N VAL L 43 -46.11 -45.84 52.98
CA VAL L 43 -45.35 -45.55 51.76
C VAL L 43 -44.29 -46.62 51.46
N MET L 44 -43.67 -47.16 52.51
CA MET L 44 -42.64 -48.17 52.33
C MET L 44 -43.35 -49.53 52.32
N VAL L 45 -42.76 -50.55 51.68
CA VAL L 45 -43.39 -51.88 51.69
C VAL L 45 -42.44 -52.91 52.31
N GLY L 46 -42.99 -54.04 52.78
CA GLY L 46 -42.13 -55.03 53.42
C GLY L 46 -41.76 -54.54 54.82
N MET L 47 -42.68 -53.80 55.40
CA MET L 47 -42.53 -53.16 56.71
C MET L 47 -43.30 -53.91 57.78
N GLY L 48 -43.76 -55.12 57.45
CA GLY L 48 -44.63 -55.80 58.37
C GLY L 48 -45.89 -54.95 58.41
N GLN L 49 -46.30 -54.53 59.59
CA GLN L 49 -47.48 -53.69 59.85
C GLN L 49 -48.76 -54.50 59.92
N LYS L 50 -49.36 -54.46 61.09
CA LYS L 50 -50.55 -55.23 61.39
C LYS L 50 -51.80 -54.44 61.03
N ASP L 51 -52.92 -55.14 60.86
CA ASP L 51 -54.19 -54.47 60.62
C ASP L 51 -54.65 -53.86 61.92
N SER L 52 -54.32 -54.56 62.99
CA SER L 52 -54.63 -54.20 64.34
C SER L 52 -53.56 -54.67 65.32
N TYR L 53 -53.37 -53.87 66.37
CA TYR L 53 -52.39 -54.12 67.42
C TYR L 53 -53.08 -54.28 68.75
N VAL L 54 -52.61 -55.16 69.64
CA VAL L 54 -53.31 -55.28 70.92
C VAL L 54 -52.48 -55.13 72.21
N GLY L 55 -53.04 -54.39 73.18
CA GLY L 55 -52.42 -54.18 74.47
C GLY L 55 -51.11 -53.42 74.32
N ASP L 56 -50.01 -54.03 74.77
CA ASP L 56 -48.73 -53.36 74.67
C ASP L 56 -48.37 -53.06 73.23
N GLU L 57 -48.83 -53.88 72.27
CA GLU L 57 -48.51 -53.63 70.88
C GLU L 57 -49.17 -52.34 70.42
N ALA L 58 -50.39 -52.12 70.88
CA ALA L 58 -51.19 -50.97 70.52
C ALA L 58 -50.60 -49.71 71.10
N GLN L 59 -50.04 -49.81 72.29
CA GLN L 59 -49.46 -48.63 72.87
C GLN L 59 -48.06 -48.40 72.29
N SER L 60 -47.29 -49.46 72.06
CA SER L 60 -45.91 -49.35 71.58
C SER L 60 -45.80 -48.71 70.21
N LYS L 61 -46.77 -48.97 69.34
CA LYS L 61 -46.75 -48.43 67.98
C LYS L 61 -47.74 -47.27 67.79
N ARG L 62 -48.22 -46.71 68.92
CA ARG L 62 -49.27 -45.68 68.94
C ARG L 62 -48.98 -44.43 68.14
N GLY L 63 -47.73 -44.13 67.84
CA GLY L 63 -47.41 -42.91 67.10
C GLY L 63 -48.19 -42.81 65.78
N ILE L 64 -48.49 -43.94 65.12
CA ILE L 64 -49.24 -43.90 63.86
C ILE L 64 -50.60 -44.59 63.93
N LEU L 65 -51.06 -44.89 65.15
CA LEU L 65 -52.33 -45.60 65.37
C LEU L 65 -53.36 -44.70 66.02
N THR L 66 -54.61 -45.02 65.80
CA THR L 66 -55.70 -44.42 66.55
C THR L 66 -56.09 -45.52 67.53
N LEU L 67 -56.22 -45.21 68.82
CA LEU L 67 -56.49 -46.30 69.76
C LEU L 67 -57.87 -46.28 70.37
N LYS L 68 -58.50 -47.45 70.41
CA LYS L 68 -59.84 -47.57 70.97
C LYS L 68 -59.92 -48.65 72.04
N TYR L 69 -60.83 -48.43 73.00
CA TYR L 69 -61.08 -49.46 74.00
C TYR L 69 -62.50 -50.01 73.75
N PRO L 70 -62.74 -51.31 73.99
CA PRO L 70 -64.02 -52.00 73.84
C PRO L 70 -65.10 -51.80 74.89
N ILE L 71 -64.72 -51.26 76.04
CA ILE L 71 -65.63 -51.12 77.17
C ILE L 71 -66.01 -49.67 77.46
N GLU L 72 -67.29 -49.39 77.37
CA GLU L 72 -67.84 -48.05 77.52
C GLU L 72 -68.47 -47.89 78.89
N HIS L 73 -67.77 -47.23 79.79
CA HIS L 73 -68.23 -47.05 81.16
C HIS L 73 -68.62 -48.34 81.85
N GLY L 74 -67.83 -49.38 81.62
CA GLY L 74 -68.06 -50.69 82.20
C GLY L 74 -68.78 -51.69 81.28
N ILE L 75 -69.34 -51.23 80.15
CA ILE L 75 -70.05 -52.14 79.24
C ILE L 75 -69.32 -52.51 77.95
N ILE L 76 -69.19 -53.81 77.68
CA ILE L 76 -68.57 -54.23 76.45
C ILE L 76 -69.50 -54.01 75.30
N THR L 77 -69.03 -53.28 74.29
CA THR L 77 -69.80 -53.08 73.09
C THR L 77 -68.99 -53.67 71.95
N ASN L 78 -67.68 -53.51 72.02
CA ASN L 78 -66.85 -54.04 70.94
C ASN L 78 -66.34 -55.40 71.36
N TRP L 79 -67.17 -56.42 71.20
CA TRP L 79 -66.80 -57.74 71.66
C TRP L 79 -65.65 -58.32 70.83
N ASP L 80 -65.45 -57.80 69.61
CA ASP L 80 -64.40 -58.33 68.76
C ASP L 80 -63.04 -57.84 69.28
N ASP L 81 -63.01 -56.61 69.80
CA ASP L 81 -61.77 -56.15 70.37
C ASP L 81 -61.53 -56.85 71.70
N MET L 82 -62.61 -57.22 72.40
CA MET L 82 -62.41 -57.97 73.65
C MET L 82 -61.78 -59.31 73.31
N GLU L 83 -62.22 -59.91 72.22
CA GLU L 83 -61.66 -61.18 71.77
C GLU L 83 -60.15 -61.03 71.55
N LYS L 84 -59.74 -59.95 70.90
CA LYS L 84 -58.31 -59.71 70.64
C LYS L 84 -57.51 -59.58 71.93
N ILE L 85 -58.08 -58.86 72.92
CA ILE L 85 -57.44 -58.63 74.19
C ILE L 85 -57.35 -59.90 75.01
N TRP L 86 -58.45 -60.67 75.09
CA TRP L 86 -58.48 -61.92 75.82
C TRP L 86 -57.56 -62.92 75.15
N HIS L 87 -57.53 -62.96 73.82
CA HIS L 87 -56.66 -63.91 73.17
C HIS L 87 -55.23 -63.60 73.49
N HIS L 88 -54.83 -62.35 73.28
CA HIS L 88 -53.45 -62.00 73.55
C HIS L 88 -53.11 -62.23 75.02
N THR L 89 -53.97 -61.73 75.90
CA THR L 89 -53.73 -61.85 77.32
C THR L 89 -53.58 -63.29 77.76
N PHE L 90 -54.48 -64.17 77.34
CA PHE L 90 -54.36 -65.52 77.82
C PHE L 90 -53.29 -66.28 77.05
N TYR L 91 -53.32 -66.23 75.72
CA TYR L 91 -52.44 -67.01 74.88
C TYR L 91 -50.97 -66.58 74.86
N ASN L 92 -50.67 -65.28 74.76
CA ASN L 92 -49.29 -64.83 74.66
C ASN L 92 -48.67 -64.34 75.97
N GLU L 93 -49.47 -63.73 76.83
CA GLU L 93 -48.92 -63.12 78.05
C GLU L 93 -49.00 -64.03 79.29
N LEU L 94 -50.11 -64.73 79.45
CA LEU L 94 -50.25 -65.69 80.53
C LEU L 94 -49.73 -67.02 80.04
N ARG L 95 -49.61 -67.13 78.72
CA ARG L 95 -49.12 -68.29 78.01
C ARG L 95 -49.88 -69.57 78.31
N VAL L 96 -51.19 -69.43 78.29
CA VAL L 96 -52.11 -70.53 78.52
C VAL L 96 -53.15 -70.62 77.43
N ALA L 97 -53.73 -71.79 77.28
CA ALA L 97 -54.82 -71.97 76.35
C ALA L 97 -56.12 -72.06 77.15
N PRO L 98 -57.07 -71.09 77.05
CA PRO L 98 -58.33 -71.08 77.78
C PRO L 98 -59.07 -72.41 77.68
N GLU L 99 -58.90 -73.13 76.58
CA GLU L 99 -59.54 -74.41 76.41
C GLU L 99 -59.24 -75.38 77.58
N GLU L 100 -58.05 -75.26 78.17
CA GLU L 100 -57.62 -76.13 79.26
C GLU L 100 -57.81 -75.53 80.67
N HIS L 101 -58.38 -74.30 80.78
CA HIS L 101 -58.50 -73.65 82.10
C HIS L 101 -59.83 -72.90 82.31
N PRO L 102 -60.49 -72.97 83.48
CA PRO L 102 -61.66 -72.17 83.83
C PRO L 102 -61.26 -70.70 83.80
N THR L 103 -62.15 -69.79 83.41
CA THR L 103 -61.79 -68.35 83.41
C THR L 103 -62.77 -67.46 84.18
N LEU L 104 -62.22 -66.56 85.00
CA LEU L 104 -63.03 -65.62 85.77
C LEU L 104 -62.85 -64.18 85.26
N LEU L 105 -63.96 -63.60 84.86
CA LEU L 105 -64.05 -62.23 84.35
C LEU L 105 -64.89 -61.41 85.31
N THR L 106 -64.78 -60.07 85.30
CA THR L 106 -65.47 -59.26 86.31
C THR L 106 -66.37 -58.12 85.81
N GLU L 107 -67.33 -57.72 86.66
CA GLU L 107 -68.28 -56.60 86.39
C GLU L 107 -69.14 -56.17 87.61
N ALA L 108 -69.49 -54.89 87.71
CA ALA L 108 -70.37 -54.43 88.77
C ALA L 108 -71.71 -55.20 88.70
N PRO L 109 -72.39 -55.51 89.81
CA PRO L 109 -73.67 -56.21 89.85
C PRO L 109 -74.82 -55.43 89.18
N LEU L 110 -74.68 -54.11 89.02
CA LEU L 110 -75.70 -53.29 88.38
C LEU L 110 -75.33 -52.95 86.93
N ASN L 111 -74.26 -53.56 86.44
CA ASN L 111 -73.78 -53.38 85.08
C ASN L 111 -74.83 -54.02 84.16
N PRO L 112 -75.20 -53.42 83.00
CA PRO L 112 -76.14 -54.00 82.06
C PRO L 112 -75.77 -55.44 81.71
N LYS L 113 -76.79 -56.30 81.64
CA LYS L 113 -76.66 -57.75 81.45
C LYS L 113 -75.90 -58.18 80.23
N ALA L 114 -75.96 -57.40 79.17
CA ALA L 114 -75.25 -57.80 77.97
C ALA L 114 -73.77 -58.00 78.27
N ASN L 115 -73.21 -57.26 79.23
CA ASN L 115 -71.79 -57.35 79.53
C ASN L 115 -71.45 -58.75 80.06
N ARG L 116 -72.17 -59.19 81.08
CA ARG L 116 -71.95 -60.51 81.66
C ARG L 116 -72.26 -61.63 80.68
N GLU L 117 -73.26 -61.41 79.81
CA GLU L 117 -73.63 -62.42 78.83
C GLU L 117 -72.55 -62.58 77.77
N LYS L 118 -71.96 -61.47 77.28
CA LYS L 118 -70.91 -61.58 76.28
C LYS L 118 -69.64 -62.14 76.90
N MET L 119 -69.33 -61.79 78.14
CA MET L 119 -68.11 -62.36 78.69
C MET L 119 -68.22 -63.88 78.78
N THR L 120 -69.38 -64.36 79.22
CA THR L 120 -69.60 -65.78 79.35
C THR L 120 -69.62 -66.43 77.96
N GLN L 121 -70.35 -65.82 77.02
CA GLN L 121 -70.48 -66.35 75.68
C GLN L 121 -69.21 -66.40 74.86
N ILE L 122 -68.40 -65.38 74.91
CA ILE L 122 -67.21 -65.40 74.09
C ILE L 122 -66.23 -66.40 74.65
N MET L 123 -66.03 -66.43 75.97
CA MET L 123 -65.07 -67.39 76.42
C MET L 123 -65.52 -68.83 76.11
N PHE L 124 -66.83 -69.12 76.15
CA PHE L 124 -67.28 -70.46 75.80
C PHE L 124 -67.36 -70.75 74.30
N GLU L 125 -67.76 -69.79 73.48
CA GLU L 125 -67.93 -70.08 72.06
C GLU L 125 -66.72 -69.78 71.17
N THR L 126 -65.84 -68.82 71.51
CA THR L 126 -64.72 -68.58 70.61
C THR L 126 -63.43 -69.15 71.21
N PHE L 127 -63.38 -69.24 72.54
CA PHE L 127 -62.18 -69.78 73.19
C PHE L 127 -62.32 -71.21 73.72
N ASN L 128 -63.54 -71.72 73.75
CA ASN L 128 -63.88 -73.06 74.27
C ASN L 128 -63.41 -73.30 75.69
N VAL L 129 -63.56 -72.30 76.56
CA VAL L 129 -63.12 -72.42 77.94
C VAL L 129 -63.98 -73.52 78.57
N PRO L 130 -63.44 -74.46 79.37
CA PRO L 130 -64.19 -75.53 80.00
C PRO L 130 -65.16 -75.03 81.06
N ALA L 131 -64.90 -73.82 81.57
CA ALA L 131 -65.78 -73.25 82.57
C ALA L 131 -65.68 -71.73 82.70
N MET L 132 -66.76 -71.12 83.17
CA MET L 132 -66.81 -69.67 83.41
C MET L 132 -67.46 -69.18 84.65
N TYR L 133 -67.02 -68.01 85.11
CA TYR L 133 -67.61 -67.37 86.29
C TYR L 133 -67.43 -65.84 86.26
N VAL L 134 -68.51 -65.09 86.04
CA VAL L 134 -68.43 -63.66 86.02
C VAL L 134 -68.57 -63.26 87.46
N ALA L 135 -67.60 -62.53 87.96
CA ALA L 135 -67.54 -62.14 89.35
C ALA L 135 -67.97 -60.72 89.62
N ILE L 136 -68.43 -60.52 90.85
CA ILE L 136 -68.81 -59.22 91.35
C ILE L 136 -67.57 -58.52 91.88
N GLN L 137 -67.27 -57.36 91.32
CA GLN L 137 -66.06 -56.64 91.70
C GLN L 137 -66.02 -56.27 93.18
N ALA L 138 -67.18 -55.96 93.76
CA ALA L 138 -67.27 -55.61 95.17
C ALA L 138 -66.90 -56.79 96.08
N VAL L 139 -67.22 -58.01 95.64
CA VAL L 139 -66.92 -59.21 96.38
C VAL L 139 -65.44 -59.42 96.36
N LEU L 140 -64.88 -59.22 95.18
CA LEU L 140 -63.48 -59.45 95.01
C LEU L 140 -62.68 -58.44 95.84
N SER L 141 -63.17 -57.19 95.89
CA SER L 141 -62.49 -56.18 96.68
C SER L 141 -62.47 -56.54 98.15
N LEU L 142 -63.60 -56.99 98.68
CA LEU L 142 -63.65 -57.36 100.08
C LEU L 142 -62.76 -58.57 100.37
N TYR L 143 -62.65 -59.52 99.45
CA TYR L 143 -61.80 -60.70 99.70
C TYR L 143 -60.30 -60.36 99.72
N ALA L 144 -59.92 -59.35 98.94
CA ALA L 144 -58.56 -58.86 98.86
C ALA L 144 -58.21 -57.97 100.04
N SER L 145 -59.22 -57.25 100.52
CA SER L 145 -59.09 -56.31 101.61
C SER L 145 -59.21 -56.95 102.99
N GLY L 146 -59.52 -58.26 103.07
CA GLY L 146 -59.69 -58.90 104.37
C GLY L 146 -61.01 -58.55 105.06
N ARG L 147 -62.07 -58.32 104.29
CA ARG L 147 -63.36 -57.93 104.85
C ARG L 147 -64.54 -58.73 104.28
N THR L 148 -65.66 -58.71 105.03
CA THR L 148 -66.91 -59.35 104.63
C THR L 148 -67.93 -58.26 104.61
N THR L 149 -67.50 -57.17 105.24
CA THR L 149 -68.35 -56.01 105.47
C THR L 149 -67.64 -54.71 105.08
N GLY L 150 -68.39 -53.83 104.42
CA GLY L 150 -67.92 -52.48 104.09
C GLY L 150 -68.56 -51.90 102.85
N ILE L 151 -68.16 -50.67 102.52
CA ILE L 151 -68.69 -50.02 101.31
C ILE L 151 -67.64 -50.12 100.26
N VAL L 152 -67.93 -50.74 99.12
CA VAL L 152 -66.84 -50.81 98.16
C VAL L 152 -66.91 -49.75 97.10
N LEU L 153 -65.86 -48.92 97.13
CA LEU L 153 -65.66 -47.84 96.20
C LEU L 153 -64.58 -48.27 95.25
N ASP L 154 -65.01 -48.71 94.07
CA ASP L 154 -64.12 -49.21 93.06
C ASP L 154 -63.72 -48.14 92.09
N SER L 155 -64.21 -46.93 92.35
CA SER L 155 -63.94 -45.67 91.63
C SER L 155 -63.04 -45.88 90.41
N GLY L 156 -63.52 -46.59 89.39
CA GLY L 156 -62.64 -46.95 88.32
C GLY L 156 -62.62 -45.97 87.18
N ASP L 157 -62.17 -46.46 86.03
CA ASP L 157 -62.01 -45.72 84.79
C ASP L 157 -63.39 -45.46 84.18
N GLY L 158 -64.27 -46.48 84.30
CA GLY L 158 -65.60 -46.49 83.73
C GLY L 158 -66.69 -45.87 84.61
N VAL L 159 -67.04 -46.56 85.69
CA VAL L 159 -68.08 -46.15 86.62
C VAL L 159 -67.66 -46.32 88.10
N THR L 160 -68.22 -45.51 89.00
CA THR L 160 -68.02 -45.74 90.42
C THR L 160 -69.23 -46.53 90.88
N HIS L 161 -69.00 -47.73 91.40
CA HIS L 161 -70.06 -48.65 91.85
C HIS L 161 -70.67 -48.31 93.21
N ASN L 162 -69.80 -48.07 94.20
CA ASN L 162 -70.20 -47.69 95.56
C ASN L 162 -71.25 -48.56 96.31
N VAL L 163 -70.93 -49.84 96.53
CA VAL L 163 -71.93 -50.74 97.15
C VAL L 163 -71.67 -51.22 98.58
N PRO L 164 -72.62 -51.07 99.50
CA PRO L 164 -72.56 -51.60 100.83
C PRO L 164 -72.82 -53.11 100.83
N ILE L 165 -71.97 -53.83 101.54
CA ILE L 165 -72.06 -55.27 101.79
C ILE L 165 -71.94 -55.53 103.30
N TYR L 166 -72.84 -56.34 103.87
CA TYR L 166 -72.78 -56.64 105.31
C TYR L 166 -72.86 -58.12 105.57
N GLU L 167 -71.88 -58.66 106.30
CA GLU L 167 -71.83 -60.09 106.58
C GLU L 167 -71.93 -60.92 105.31
N GLY L 168 -71.31 -60.44 104.24
CA GLY L 168 -71.35 -61.17 102.99
C GLY L 168 -72.62 -60.96 102.17
N TYR L 169 -73.57 -60.14 102.65
CA TYR L 169 -74.83 -59.89 101.94
C TYR L 169 -74.85 -58.58 101.20
N ALA L 170 -75.48 -58.57 100.02
CA ALA L 170 -75.60 -57.29 99.35
C ALA L 170 -76.70 -56.51 99.99
N LEU L 171 -76.54 -55.19 99.99
CA LEU L 171 -77.58 -54.30 100.46
C LEU L 171 -77.91 -53.38 99.28
N PRO L 172 -78.52 -53.90 98.18
CA PRO L 172 -78.67 -53.27 96.88
C PRO L 172 -79.49 -51.99 96.87
N HIS L 173 -80.34 -51.81 97.88
CA HIS L 173 -81.19 -50.65 97.95
C HIS L 173 -80.38 -49.41 98.26
N ALA L 174 -79.17 -49.64 98.77
CA ALA L 174 -78.27 -48.60 99.17
C ALA L 174 -77.09 -48.43 98.22
N ILE L 175 -77.15 -48.99 97.00
CA ILE L 175 -75.99 -48.76 96.12
C ILE L 175 -76.13 -47.43 95.44
N MET L 176 -75.20 -46.54 95.75
CA MET L 176 -75.33 -45.21 95.19
C MET L 176 -74.43 -45.16 93.97
N ARG L 177 -74.88 -45.85 92.92
CA ARG L 177 -74.13 -46.04 91.68
C ARG L 177 -73.93 -44.68 91.03
N LEU L 178 -72.72 -44.39 90.55
CA LEU L 178 -72.48 -43.08 89.96
C LEU L 178 -71.65 -43.02 88.67
N ASP L 179 -72.19 -42.30 87.69
CA ASP L 179 -71.51 -42.10 86.42
C ASP L 179 -70.51 -40.94 86.47
N LEU L 180 -69.47 -41.19 87.25
CA LEU L 180 -68.33 -40.31 87.50
C LEU L 180 -67.10 -41.20 87.60
N ALA L 181 -66.14 -41.03 86.68
CA ALA L 181 -65.01 -41.96 86.67
C ALA L 181 -63.70 -41.42 86.10
N GLY L 182 -62.63 -42.21 86.24
CA GLY L 182 -61.28 -41.86 85.81
C GLY L 182 -61.17 -41.41 84.36
N ARG L 183 -62.03 -41.93 83.49
CA ARG L 183 -62.02 -41.55 82.08
C ARG L 183 -62.50 -40.11 81.87
N ASP L 184 -63.31 -39.62 82.81
CA ASP L 184 -63.83 -38.27 82.73
C ASP L 184 -62.81 -37.36 83.34
N LEU L 185 -62.09 -37.88 84.33
CA LEU L 185 -61.10 -37.09 85.02
C LEU L 185 -59.98 -36.74 84.04
N THR L 186 -59.62 -37.70 83.16
CA THR L 186 -58.59 -37.47 82.15
C THR L 186 -59.04 -36.38 81.17
N ASP L 187 -60.31 -36.46 80.70
CA ASP L 187 -60.77 -35.49 79.72
C ASP L 187 -60.84 -34.09 80.38
N TYR L 188 -61.22 -34.05 81.66
CA TYR L 188 -61.27 -32.81 82.40
C TYR L 188 -59.90 -32.20 82.47
N LEU L 189 -58.88 -33.02 82.81
CA LEU L 189 -57.52 -32.53 82.91
C LEU L 189 -57.09 -31.97 81.56
N MET L 190 -57.45 -32.62 80.45
CA MET L 190 -57.05 -32.07 79.14
C MET L 190 -57.61 -30.66 78.95
N LYS L 191 -58.85 -30.40 79.37
CA LYS L 191 -59.42 -29.07 79.18
C LYS L 191 -58.74 -28.03 80.06
N ILE L 192 -58.43 -28.38 81.32
CA ILE L 192 -57.78 -27.40 82.18
C ILE L 192 -56.28 -27.22 81.81
N LEU L 193 -55.65 -28.25 81.23
CA LEU L 193 -54.28 -28.06 80.77
C LEU L 193 -54.29 -27.15 79.54
N THR L 194 -55.38 -27.19 78.76
CA THR L 194 -55.56 -26.32 77.60
C THR L 194 -55.65 -24.86 78.12
N GLU L 195 -56.36 -24.66 79.25
CA GLU L 195 -56.49 -23.33 79.86
C GLU L 195 -55.10 -22.78 80.23
N ARG L 196 -54.17 -23.66 80.56
CA ARG L 196 -52.82 -23.27 80.93
C ARG L 196 -51.86 -23.10 79.73
N GLY L 197 -52.36 -23.34 78.52
CA GLY L 197 -51.53 -23.20 77.33
C GLY L 197 -50.98 -24.50 76.75
N TYR L 198 -51.45 -25.65 77.22
CA TYR L 198 -50.99 -26.93 76.72
C TYR L 198 -52.13 -27.76 76.17
N SER L 199 -52.40 -27.60 74.88
CA SER L 199 -53.50 -28.27 74.22
C SER L 199 -53.19 -29.76 74.01
N PHE L 200 -54.23 -30.60 74.15
CA PHE L 200 -54.14 -32.03 73.85
C PHE L 200 -55.41 -32.44 73.08
N VAL L 201 -55.27 -33.19 71.98
CA VAL L 201 -56.41 -33.66 71.16
C VAL L 201 -56.43 -35.17 70.82
N THR L 202 -55.33 -35.64 70.26
CA THR L 202 -55.19 -36.97 69.64
C THR L 202 -54.96 -38.09 70.63
N THR L 203 -55.00 -39.34 70.15
CA THR L 203 -54.75 -40.46 71.06
C THR L 203 -53.44 -40.34 71.79
N ALA L 204 -52.36 -39.99 71.10
CA ALA L 204 -51.07 -39.90 71.77
C ALA L 204 -51.14 -38.83 72.85
N GLU L 205 -51.80 -37.72 72.53
CA GLU L 205 -51.94 -36.64 73.47
C GLU L 205 -52.78 -37.07 74.69
N ARG L 206 -53.82 -37.89 74.46
CA ARG L 206 -54.65 -38.42 75.54
C ARG L 206 -53.86 -39.38 76.43
N GLU L 207 -53.00 -40.23 75.83
CA GLU L 207 -52.18 -41.16 76.60
C GLU L 207 -51.20 -40.39 77.48
N ILE L 208 -50.69 -39.29 76.94
CA ILE L 208 -49.76 -38.46 77.69
C ILE L 208 -50.47 -37.83 78.88
N VAL L 209 -51.67 -37.29 78.67
CA VAL L 209 -52.40 -36.69 79.78
C VAL L 209 -52.72 -37.74 80.81
N ARG L 210 -53.13 -38.94 80.39
CA ARG L 210 -53.40 -40.00 81.35
C ARG L 210 -52.13 -40.29 82.16
N ASP L 211 -50.95 -40.32 81.53
CA ASP L 211 -49.70 -40.56 82.25
C ASP L 211 -49.39 -39.41 83.20
N ILE L 212 -49.72 -38.16 82.80
CA ILE L 212 -49.52 -37.02 83.67
C ILE L 212 -50.38 -37.18 84.89
N LYS L 213 -51.63 -37.52 84.67
CA LYS L 213 -52.57 -37.68 85.75
C LYS L 213 -52.12 -38.73 86.76
N GLU L 214 -51.73 -39.90 86.25
CA GLU L 214 -51.34 -41.01 87.11
C GLU L 214 -50.09 -40.70 87.95
N LYS L 215 -49.17 -39.87 87.44
CA LYS L 215 -47.96 -39.54 88.23
C LYS L 215 -48.05 -38.24 89.04
N LEU L 216 -48.74 -37.21 88.54
CA LEU L 216 -48.77 -35.92 89.22
C LEU L 216 -50.03 -35.59 90.02
N CYS L 217 -51.18 -36.18 89.69
CA CYS L 217 -52.38 -35.72 90.35
C CYS L 217 -52.60 -36.29 91.73
N TYR L 218 -53.27 -35.49 92.54
CA TYR L 218 -53.56 -35.84 93.91
C TYR L 218 -54.85 -35.21 94.38
N VAL L 219 -55.38 -35.69 95.49
CA VAL L 219 -56.63 -35.15 96.02
C VAL L 219 -56.41 -34.02 97.00
N ALA L 220 -55.47 -34.20 97.92
CA ALA L 220 -55.18 -33.27 99.02
C ALA L 220 -56.14 -33.48 100.17
N LEU L 221 -55.82 -32.95 101.34
CA LEU L 221 -56.69 -33.15 102.48
C LEU L 221 -57.77 -32.08 102.57
N ASP L 222 -57.50 -30.90 101.98
CA ASP L 222 -58.36 -29.73 102.05
C ASP L 222 -58.29 -28.96 100.72
N PHE L 223 -59.32 -29.08 99.89
CA PHE L 223 -59.26 -28.53 98.53
C PHE L 223 -59.18 -27.01 98.53
N GLU L 224 -59.91 -26.36 99.42
CA GLU L 224 -59.93 -24.91 99.46
C GLU L 224 -58.59 -24.34 99.91
N ASN L 225 -57.98 -24.95 100.92
CA ASN L 225 -56.70 -24.43 101.34
C ASN L 225 -55.61 -24.80 100.35
N GLU L 226 -55.77 -25.96 99.70
CA GLU L 226 -54.76 -26.41 98.77
C GLU L 226 -54.75 -25.47 97.55
N MET L 227 -55.94 -25.06 97.06
CA MET L 227 -56.00 -24.17 95.91
C MET L 227 -55.62 -22.76 96.30
N ALA L 228 -55.86 -22.37 97.55
CA ALA L 228 -55.48 -21.01 97.92
C ALA L 228 -53.99 -20.83 97.71
N THR L 229 -53.20 -21.85 98.04
CA THR L 229 -51.77 -21.77 97.79
C THR L 229 -51.39 -22.20 96.38
N ALA L 230 -51.92 -23.33 95.91
CA ALA L 230 -51.51 -23.86 94.61
C ALA L 230 -51.83 -22.91 93.46
N ALA L 231 -52.92 -22.16 93.56
CA ALA L 231 -53.28 -21.23 92.52
C ALA L 231 -52.58 -19.88 92.68
N SER L 232 -51.84 -19.70 93.79
CA SER L 232 -51.17 -18.43 94.10
C SER L 232 -49.64 -18.54 94.05
N SER L 233 -49.11 -19.75 94.16
CA SER L 233 -47.66 -19.94 94.24
C SER L 233 -47.10 -21.19 93.58
N SER L 234 -45.93 -21.00 92.99
CA SER L 234 -45.16 -22.01 92.28
C SER L 234 -44.66 -23.12 93.21
N SER L 235 -44.74 -22.88 94.53
CA SER L 235 -44.27 -23.85 95.50
C SER L 235 -45.04 -25.16 95.45
N LEU L 236 -46.28 -25.17 94.93
CA LEU L 236 -47.00 -26.44 94.83
C LEU L 236 -47.10 -26.96 93.40
N GLU L 237 -46.34 -26.37 92.48
CA GLU L 237 -46.37 -26.81 91.11
C GLU L 237 -45.41 -27.97 90.89
N LYS L 238 -45.77 -28.85 89.99
CA LYS L 238 -44.91 -29.96 89.60
C LYS L 238 -44.86 -30.11 88.11
N SER L 239 -43.67 -30.22 87.57
CA SER L 239 -43.51 -30.42 86.16
C SER L 239 -43.57 -31.87 85.73
N TYR L 240 -43.87 -32.04 84.46
CA TYR L 240 -43.89 -33.32 83.78
C TYR L 240 -43.21 -33.22 82.43
N GLU L 241 -42.43 -34.22 82.11
CA GLU L 241 -41.74 -34.24 80.83
C GLU L 241 -42.54 -34.98 79.79
N LEU L 242 -42.87 -34.27 78.73
CA LEU L 242 -43.65 -34.79 77.62
C LEU L 242 -42.63 -35.61 76.83
N PRO L 243 -43.03 -36.65 76.08
CA PRO L 243 -42.14 -37.55 75.34
C PRO L 243 -41.31 -36.87 74.26
N ASP L 244 -41.71 -35.67 73.82
CA ASP L 244 -40.97 -34.94 72.83
C ASP L 244 -40.00 -33.94 73.44
N GLY L 245 -39.84 -34.00 74.77
CA GLY L 245 -38.92 -33.14 75.50
C GLY L 245 -39.56 -31.84 76.01
N GLN L 246 -40.80 -31.57 75.64
CA GLN L 246 -41.39 -30.33 76.13
C GLN L 246 -41.78 -30.51 77.58
N VAL L 247 -41.81 -29.42 78.33
CA VAL L 247 -42.18 -29.54 79.73
C VAL L 247 -43.44 -28.78 80.06
N ILE L 248 -44.33 -29.48 80.75
CA ILE L 248 -45.58 -28.94 81.19
C ILE L 248 -45.54 -28.77 82.70
N THR L 249 -45.88 -27.57 83.18
CA THR L 249 -45.89 -27.32 84.61
C THR L 249 -47.33 -27.14 85.01
N ILE L 250 -47.75 -27.91 86.02
CA ILE L 250 -49.14 -27.95 86.51
C ILE L 250 -49.25 -27.53 88.00
N GLY L 251 -50.20 -26.61 88.32
CA GLY L 251 -50.40 -26.08 89.67
C GLY L 251 -51.62 -26.68 90.34
N ASN L 252 -52.66 -25.88 90.57
CA ASN L 252 -53.84 -26.40 91.25
C ASN L 252 -54.61 -27.37 90.38
N GLU L 253 -54.32 -27.36 89.08
CA GLU L 253 -54.96 -28.23 88.11
C GLU L 253 -54.57 -29.68 88.40
N ARG L 254 -53.46 -29.82 89.13
CA ARG L 254 -52.87 -31.05 89.57
C ARG L 254 -53.85 -31.77 90.51
N PHE L 255 -54.67 -30.99 91.21
CA PHE L 255 -55.65 -31.54 92.14
C PHE L 255 -57.08 -31.30 91.67
N ARG L 256 -57.27 -30.38 90.73
CA ARG L 256 -58.63 -30.10 90.24
C ARG L 256 -59.15 -31.35 89.54
N CYS L 257 -58.26 -32.09 88.89
CA CYS L 257 -58.71 -33.30 88.23
C CYS L 257 -59.33 -34.26 89.29
N PRO L 258 -58.61 -34.85 90.28
CA PRO L 258 -59.19 -35.65 91.35
C PRO L 258 -60.31 -34.97 92.16
N GLU L 259 -60.26 -33.63 92.27
CA GLU L 259 -61.28 -32.86 92.99
C GLU L 259 -62.64 -33.10 92.36
N THR L 260 -62.67 -33.31 91.03
CA THR L 260 -63.88 -33.59 90.25
C THR L 260 -64.65 -34.76 90.87
N LEU L 261 -63.95 -35.74 91.46
CA LEU L 261 -64.63 -36.88 92.07
C LEU L 261 -65.51 -36.42 93.23
N PHE L 262 -65.07 -35.37 93.93
CA PHE L 262 -65.77 -34.82 95.08
C PHE L 262 -66.69 -33.69 94.62
N GLN L 263 -66.34 -33.11 93.46
CA GLN L 263 -67.06 -32.00 92.83
C GLN L 263 -67.44 -32.31 91.36
N PRO L 264 -68.43 -33.20 91.11
CA PRO L 264 -68.83 -33.74 89.81
C PRO L 264 -69.29 -32.68 88.82
N SER L 265 -69.66 -31.50 89.35
CA SER L 265 -70.12 -30.39 88.53
C SER L 265 -69.02 -29.89 87.62
N PHE L 266 -67.77 -30.27 87.93
CA PHE L 266 -66.60 -29.91 87.16
C PHE L 266 -66.67 -30.49 85.74
N ILE L 267 -67.44 -31.58 85.56
CA ILE L 267 -67.60 -32.21 84.27
C ILE L 267 -69.07 -32.19 83.84
N GLY L 268 -69.89 -31.34 84.45
CA GLY L 268 -71.29 -31.21 84.10
C GLY L 268 -72.20 -32.28 84.68
N MET L 269 -71.70 -33.07 85.64
CA MET L 269 -72.48 -34.13 86.21
C MET L 269 -73.25 -33.64 87.41
N GLU L 270 -74.50 -34.08 87.54
CA GLU L 270 -75.26 -33.76 88.73
C GLU L 270 -75.08 -34.87 89.74
N SER L 271 -74.29 -34.61 90.74
CA SER L 271 -74.00 -35.59 91.76
C SER L 271 -73.52 -34.96 93.03
N ALA L 272 -73.74 -35.66 94.12
CA ALA L 272 -73.33 -35.23 95.45
C ALA L 272 -71.81 -35.37 95.68
N GLY L 273 -71.14 -36.18 94.84
CA GLY L 273 -69.72 -36.42 94.99
C GLY L 273 -69.50 -37.80 95.59
N ILE L 274 -68.36 -38.40 95.33
CA ILE L 274 -68.13 -39.78 95.81
C ILE L 274 -68.19 -39.94 97.33
N HIS L 275 -67.87 -38.91 98.11
CA HIS L 275 -67.93 -39.07 99.54
C HIS L 275 -69.32 -38.93 100.11
N GLU L 276 -70.23 -38.29 99.39
CA GLU L 276 -71.55 -38.12 99.94
C GLU L 276 -72.34 -39.32 99.51
N THR L 277 -72.02 -39.84 98.33
CA THR L 277 -72.72 -41.00 97.86
C THR L 277 -72.28 -42.18 98.74
N THR L 278 -71.02 -42.19 99.19
CA THR L 278 -70.54 -43.23 100.11
C THR L 278 -71.31 -43.10 101.42
N TYR L 279 -71.43 -41.87 101.92
CA TYR L 279 -72.15 -41.60 103.15
C TYR L 279 -73.58 -42.08 103.05
N ASN L 280 -74.25 -41.78 101.94
CA ASN L 280 -75.62 -42.20 101.77
C ASN L 280 -75.73 -43.72 101.70
N SER L 281 -74.77 -44.42 101.08
CA SER L 281 -74.87 -45.88 101.07
C SER L 281 -74.83 -46.41 102.49
N ILE L 282 -74.04 -45.79 103.35
CA ILE L 282 -73.99 -46.21 104.72
C ILE L 282 -75.32 -45.88 105.41
N MET L 283 -75.80 -44.63 105.25
CA MET L 283 -77.01 -44.17 105.93
C MET L 283 -78.30 -44.87 105.49
N LYS L 284 -78.37 -45.30 104.24
CA LYS L 284 -79.54 -46.00 103.71
C LYS L 284 -79.71 -47.37 104.33
N CYS L 285 -78.68 -47.90 104.96
CA CYS L 285 -78.72 -49.21 105.57
C CYS L 285 -79.29 -49.10 106.99
N ASP L 286 -79.74 -50.21 107.54
CA ASP L 286 -80.33 -50.26 108.88
C ASP L 286 -79.38 -49.80 109.98
N ILE L 287 -79.94 -49.38 111.11
CA ILE L 287 -79.16 -48.84 112.23
C ILE L 287 -78.09 -49.84 112.71
N ASP L 288 -78.39 -51.13 112.70
CA ASP L 288 -77.45 -52.15 113.16
C ASP L 288 -76.44 -52.61 112.08
N ILE L 289 -76.54 -51.97 110.90
CA ILE L 289 -75.63 -52.17 109.80
C ILE L 289 -74.65 -51.01 109.71
N ARG L 290 -75.20 -49.80 109.80
CA ARG L 290 -74.46 -48.55 109.70
C ARG L 290 -73.16 -48.46 110.49
N LYS L 291 -73.15 -48.98 111.71
CA LYS L 291 -71.94 -48.86 112.53
C LYS L 291 -70.76 -49.61 111.90
N ASP L 292 -71.04 -50.71 111.19
CA ASP L 292 -70.00 -51.54 110.65
C ASP L 292 -69.58 -51.00 109.32
N LEU L 293 -70.49 -50.34 108.64
CA LEU L 293 -70.11 -49.78 107.35
C LEU L 293 -69.27 -48.49 107.60
N TYR L 294 -69.57 -47.74 108.68
CA TYR L 294 -68.78 -46.52 108.97
C TYR L 294 -67.32 -46.86 109.20
N ALA L 295 -67.10 -47.97 109.89
CA ALA L 295 -65.78 -48.46 110.23
C ALA L 295 -65.08 -49.19 109.07
N ASN L 296 -65.77 -49.39 107.95
CA ASN L 296 -65.23 -50.14 106.84
C ASN L 296 -65.51 -49.55 105.46
N ASN L 297 -64.88 -48.43 105.13
CA ASN L 297 -64.99 -47.82 103.80
C ASN L 297 -63.86 -48.47 102.98
N VAL L 298 -64.21 -49.33 102.00
CA VAL L 298 -63.24 -50.18 101.29
C VAL L 298 -62.84 -49.76 99.86
N MET L 299 -61.53 -49.59 99.62
CA MET L 299 -61.04 -49.22 98.29
C MET L 299 -60.55 -50.32 97.33
N SER L 300 -60.92 -50.11 96.07
CA SER L 300 -60.49 -50.91 94.94
C SER L 300 -60.43 -50.06 93.70
N GLY L 301 -59.78 -50.56 92.68
CA GLY L 301 -59.75 -49.85 91.41
C GLY L 301 -58.75 -48.71 91.41
N GLY L 302 -58.75 -47.99 90.30
CA GLY L 302 -57.89 -46.84 90.12
C GLY L 302 -58.49 -45.64 90.82
N THR L 303 -57.85 -44.47 90.75
CA THR L 303 -58.27 -43.22 91.44
C THR L 303 -58.10 -43.30 92.98
N THR L 304 -58.05 -44.51 93.52
CA THR L 304 -57.84 -44.78 94.95
C THR L 304 -56.36 -44.61 95.26
N MET L 305 -55.61 -44.49 94.18
CA MET L 305 -54.18 -44.30 94.18
C MET L 305 -53.77 -42.82 94.18
N TYR L 306 -54.71 -41.87 94.14
CA TYR L 306 -54.29 -40.47 94.17
C TYR L 306 -53.85 -40.16 95.60
N PRO L 307 -52.71 -39.50 95.84
CA PRO L 307 -52.30 -39.12 97.17
C PRO L 307 -53.38 -38.28 97.84
N GLY L 308 -53.70 -38.61 99.08
CA GLY L 308 -54.72 -37.88 99.83
C GLY L 308 -56.15 -38.40 99.60
N ILE L 309 -56.37 -39.36 98.70
CA ILE L 309 -57.75 -39.82 98.47
C ILE L 309 -58.30 -40.62 99.63
N ALA L 310 -57.46 -41.47 100.21
CA ALA L 310 -57.92 -42.29 101.31
C ALA L 310 -58.24 -41.44 102.51
N ASP L 311 -57.45 -40.38 102.68
CA ASP L 311 -57.59 -39.51 103.81
C ASP L 311 -58.70 -38.51 103.60
N ARG L 312 -58.90 -38.03 102.37
CA ARG L 312 -59.98 -37.09 102.20
C ARG L 312 -61.28 -37.85 102.34
N MET L 313 -61.36 -39.09 101.84
CA MET L 313 -62.59 -39.86 102.00
C MET L 313 -62.88 -40.12 103.48
N GLN L 314 -61.87 -40.46 104.29
CA GLN L 314 -62.15 -40.70 105.70
C GLN L 314 -62.62 -39.41 106.38
N LYS L 315 -62.02 -38.27 106.02
CA LYS L 315 -62.40 -37.00 106.61
C LYS L 315 -63.80 -36.57 106.19
N GLU L 316 -64.15 -36.78 104.92
CA GLU L 316 -65.48 -36.41 104.46
C GLU L 316 -66.54 -37.24 105.15
N ILE L 317 -66.28 -38.53 105.37
CA ILE L 317 -67.28 -39.34 106.04
C ILE L 317 -67.37 -39.01 107.51
N THR L 318 -66.23 -38.86 108.21
CA THR L 318 -66.31 -38.61 109.64
C THR L 318 -67.00 -37.27 109.91
N ALA L 319 -66.87 -36.31 108.98
CA ALA L 319 -67.50 -35.01 109.08
C ALA L 319 -69.04 -35.05 108.91
N LEU L 320 -69.56 -36.12 108.30
CA LEU L 320 -70.99 -36.29 108.04
C LEU L 320 -71.59 -37.29 109.05
N ALA L 321 -70.77 -38.23 109.47
CA ALA L 321 -71.10 -39.32 110.38
C ALA L 321 -71.36 -38.80 111.79
N PRO L 322 -72.15 -39.53 112.59
CA PRO L 322 -72.40 -39.26 113.99
C PRO L 322 -71.17 -39.56 114.83
N SER L 323 -71.16 -39.02 116.04
CA SER L 323 -70.11 -39.25 117.02
C SER L 323 -70.21 -40.66 117.57
N THR L 324 -69.22 -41.07 118.38
CA THR L 324 -69.07 -42.42 118.96
C THR L 324 -68.50 -43.40 117.93
N MET L 325 -69.08 -43.42 116.75
CA MET L 325 -68.64 -44.29 115.68
C MET L 325 -67.23 -43.94 115.27
N LYS L 326 -66.43 -44.98 115.01
CA LYS L 326 -65.08 -44.72 114.54
C LYS L 326 -65.15 -44.92 113.03
N ILE L 327 -64.83 -43.88 112.28
CA ILE L 327 -64.90 -43.90 110.83
C ILE L 327 -63.53 -44.22 110.29
N LYS L 328 -63.45 -45.26 109.45
CA LYS L 328 -62.16 -45.67 108.95
C LYS L 328 -62.12 -46.02 107.45
N ILE L 329 -61.01 -45.65 106.82
CA ILE L 329 -60.77 -46.00 105.43
C ILE L 329 -59.83 -47.19 105.33
N ILE L 330 -60.19 -48.14 104.50
CA ILE L 330 -59.37 -49.29 104.22
C ILE L 330 -58.80 -49.07 102.83
N ALA L 331 -57.52 -48.72 102.79
CA ALA L 331 -56.87 -48.38 101.54
C ALA L 331 -55.49 -49.03 101.47
N PRO L 332 -55.44 -50.35 101.27
CA PRO L 332 -54.28 -51.19 101.33
C PRO L 332 -53.42 -50.95 100.08
N PRO L 333 -52.15 -51.37 100.06
CA PRO L 333 -51.26 -51.40 98.90
C PRO L 333 -51.89 -52.15 97.73
N GLU L 334 -52.77 -53.10 98.06
CA GLU L 334 -53.49 -53.86 97.05
C GLU L 334 -54.44 -52.92 96.30
N ARG L 335 -54.16 -51.62 96.38
CA ARG L 335 -54.96 -50.61 95.69
C ARG L 335 -54.82 -50.83 94.19
N LYS L 336 -55.92 -50.61 93.47
CA LYS L 336 -56.06 -50.83 92.02
C LYS L 336 -56.01 -52.33 91.67
N TYR L 337 -55.26 -53.10 92.44
CA TYR L 337 -55.24 -54.55 92.22
C TYR L 337 -56.21 -55.34 93.13
N SER L 338 -57.03 -54.66 93.96
CA SER L 338 -57.90 -55.37 94.92
C SER L 338 -58.84 -56.34 94.20
N VAL L 339 -59.35 -55.95 93.05
CA VAL L 339 -60.26 -56.81 92.32
C VAL L 339 -59.55 -58.00 91.69
N TRP L 340 -58.38 -57.79 91.06
CA TRP L 340 -57.70 -58.93 90.47
C TRP L 340 -57.39 -59.96 91.56
N ILE L 341 -56.90 -59.47 92.70
CA ILE L 341 -56.49 -60.32 93.81
C ILE L 341 -57.70 -61.07 94.33
N GLY L 342 -58.81 -60.37 94.50
CA GLY L 342 -60.01 -61.02 94.93
C GLY L 342 -60.44 -62.08 93.93
N GLY L 343 -60.24 -61.84 92.63
CA GLY L 343 -60.61 -62.78 91.57
C GLY L 343 -59.87 -64.10 91.75
N SER L 344 -58.58 -63.99 92.07
CA SER L 344 -57.73 -65.14 92.35
C SER L 344 -58.25 -65.90 93.56
N ILE L 345 -58.64 -65.16 94.60
CA ILE L 345 -59.16 -65.76 95.80
C ILE L 345 -60.47 -66.47 95.50
N LEU L 346 -61.40 -65.81 94.80
CA LEU L 346 -62.69 -66.41 94.56
C LEU L 346 -62.58 -67.64 93.69
N ALA L 347 -61.80 -67.55 92.60
CA ALA L 347 -61.66 -68.65 91.66
C ALA L 347 -61.14 -69.92 92.32
N SER L 348 -60.19 -69.72 93.26
CA SER L 348 -59.56 -70.80 93.98
C SER L 348 -60.29 -71.27 95.27
N LEU L 349 -61.25 -70.51 95.80
CA LEU L 349 -61.93 -70.98 97.02
C LEU L 349 -62.59 -72.33 96.81
N SER L 350 -62.43 -73.26 97.76
CA SER L 350 -63.07 -74.57 97.63
C SER L 350 -64.59 -74.44 97.67
N THR L 351 -65.05 -73.41 98.37
CA THR L 351 -66.45 -73.11 98.57
C THR L 351 -67.09 -72.47 97.35
N PHE L 352 -66.27 -72.21 96.32
CA PHE L 352 -66.69 -71.64 95.06
C PHE L 352 -66.60 -72.62 93.91
N GLN L 353 -66.20 -73.87 94.13
CA GLN L 353 -65.99 -74.67 92.94
C GLN L 353 -67.30 -75.01 92.21
N GLN L 354 -68.38 -75.10 92.97
CA GLN L 354 -69.69 -75.45 92.45
C GLN L 354 -70.32 -74.27 91.72
N MET L 355 -69.70 -73.08 91.84
CA MET L 355 -70.26 -71.88 91.25
C MET L 355 -69.83 -71.70 89.80
N TRP L 356 -68.90 -72.53 89.33
CA TRP L 356 -68.42 -72.41 87.96
C TRP L 356 -69.43 -72.98 86.97
N ILE L 357 -69.65 -72.27 85.85
CA ILE L 357 -70.51 -72.76 84.78
C ILE L 357 -69.66 -73.67 83.97
N THR L 358 -70.10 -74.90 83.71
CA THR L 358 -69.22 -75.74 82.91
C THR L 358 -69.58 -75.54 81.46
N LYS L 359 -68.71 -75.95 80.55
CA LYS L 359 -69.04 -75.83 79.14
C LYS L 359 -70.26 -76.63 78.77
N GLN L 360 -70.45 -77.81 79.38
CA GLN L 360 -71.62 -78.59 79.01
C GLN L 360 -72.88 -77.87 79.43
N GLU L 361 -72.88 -77.26 80.61
CA GLU L 361 -74.07 -76.54 81.06
C GLU L 361 -74.34 -75.35 80.16
N TYR L 362 -73.27 -74.66 79.76
CA TYR L 362 -73.39 -73.52 78.88
C TYR L 362 -74.00 -73.92 77.55
N ASP L 363 -73.48 -74.98 76.94
CA ASP L 363 -73.97 -75.38 75.64
C ASP L 363 -75.45 -75.75 75.70
N GLU L 364 -75.88 -76.40 76.79
CA GLU L 364 -77.29 -76.76 76.91
C GLU L 364 -78.22 -75.57 77.16
N ALA L 365 -77.79 -74.63 78.01
CA ALA L 365 -78.62 -73.47 78.37
C ALA L 365 -78.52 -72.24 77.45
N GLY L 366 -77.36 -72.02 76.84
CA GLY L 366 -77.13 -70.83 76.03
C GLY L 366 -76.59 -69.70 76.92
N PRO L 367 -76.31 -68.51 76.35
CA PRO L 367 -75.67 -67.35 77.00
C PRO L 367 -76.38 -66.79 78.21
N SER L 368 -77.69 -67.03 78.32
CA SER L 368 -78.50 -66.55 79.43
C SER L 368 -78.13 -67.23 80.75
N ILE L 369 -77.37 -68.33 80.67
CA ILE L 369 -76.93 -69.11 81.82
C ILE L 369 -76.16 -68.27 82.82
N VAL L 370 -75.54 -67.20 82.37
CA VAL L 370 -74.79 -66.36 83.27
C VAL L 370 -75.66 -65.80 84.40
N HIS L 371 -76.96 -65.63 84.15
CA HIS L 371 -77.85 -65.09 85.15
C HIS L 371 -78.37 -66.19 86.09
N ARG L 372 -78.16 -67.45 85.72
CA ARG L 372 -78.61 -68.56 86.54
C ARG L 372 -77.50 -68.93 87.53
N LYS L 373 -76.26 -68.86 87.05
CA LYS L 373 -75.10 -69.25 87.84
C LYS L 373 -74.21 -68.16 88.42
N CYS L 374 -74.13 -66.98 87.81
CA CYS L 374 -73.18 -66.00 88.31
C CYS L 374 -73.83 -64.96 89.17
N PHE L 375 -74.75 -64.19 88.58
CA PHE L 375 -75.50 -63.11 89.26
C PHE L 375 -76.47 -62.34 88.35
N ASP M 1 -112.18 -12.96 92.58
CA ASP M 1 -112.61 -14.04 91.70
C ASP M 1 -113.68 -14.91 92.37
N GLU M 2 -113.59 -15.03 93.68
CA GLU M 2 -114.55 -15.82 94.44
C GLU M 2 -115.71 -14.92 94.88
N ASP M 3 -116.94 -15.43 94.91
CA ASP M 3 -118.09 -14.67 95.38
C ASP M 3 -118.52 -14.98 96.81
N GLU M 4 -117.69 -15.76 97.49
CA GLU M 4 -117.89 -16.18 98.88
C GLU M 4 -116.52 -16.47 99.47
N THR M 5 -116.38 -16.41 100.79
CA THR M 5 -115.10 -16.76 101.42
C THR M 5 -114.96 -18.26 101.58
N THR M 6 -114.96 -18.94 100.44
CA THR M 6 -114.83 -20.39 100.37
C THR M 6 -113.44 -20.81 100.76
N ALA M 7 -113.35 -21.92 101.46
CA ALA M 7 -112.05 -22.41 101.85
C ALA M 7 -111.27 -22.87 100.65
N LEU M 8 -109.96 -22.78 100.72
CA LEU M 8 -109.13 -23.32 99.67
C LEU M 8 -108.72 -24.70 100.10
N VAL M 9 -108.60 -25.59 99.14
CA VAL M 9 -108.24 -26.97 99.43
C VAL M 9 -107.02 -27.44 98.66
N CYS M 10 -106.07 -28.05 99.37
CA CYS M 10 -104.93 -28.59 98.66
C CYS M 10 -104.26 -29.83 99.24
N ASP M 11 -104.11 -30.83 98.39
CA ASP M 11 -103.46 -32.09 98.71
C ASP M 11 -102.01 -31.92 98.24
N ASN M 12 -101.09 -31.72 99.16
CA ASN M 12 -99.70 -31.39 98.79
C ASN M 12 -98.72 -32.34 99.47
N GLY M 13 -98.20 -33.29 98.70
CA GLY M 13 -97.33 -34.32 99.24
C GLY M 13 -95.92 -34.32 98.67
N SER M 14 -95.25 -35.47 98.75
CA SER M 14 -93.88 -35.65 98.29
C SER M 14 -93.80 -35.76 96.77
N GLY M 15 -94.97 -35.92 96.16
CA GLY M 15 -95.13 -36.08 94.72
C GLY M 15 -95.65 -34.80 94.11
N LEU M 16 -96.97 -34.68 94.09
CA LEU M 16 -97.70 -33.59 93.47
C LEU M 16 -98.57 -32.79 94.42
N VAL M 17 -98.93 -31.62 93.94
CA VAL M 17 -99.76 -30.64 94.59
C VAL M 17 -101.08 -30.41 93.84
N LYS M 18 -102.20 -30.71 94.45
CA LYS M 18 -103.50 -30.52 93.79
C LYS M 18 -104.23 -29.40 94.47
N ALA M 19 -104.63 -28.34 93.74
CA ALA M 19 -105.32 -27.25 94.42
C ALA M 19 -106.50 -26.67 93.65
N GLY M 20 -107.46 -26.19 94.42
CA GLY M 20 -108.67 -25.55 93.92
C GLY M 20 -109.45 -25.03 95.10
N PHE M 21 -110.71 -24.67 94.89
CA PHE M 21 -111.49 -24.11 95.99
C PHE M 21 -112.53 -25.10 96.49
N ALA M 22 -112.89 -24.96 97.76
CA ALA M 22 -113.93 -25.81 98.29
C ALA M 22 -115.21 -25.53 97.58
N GLY M 23 -115.90 -26.59 97.25
CA GLY M 23 -117.15 -26.54 96.54
C GLY M 23 -116.97 -27.06 95.12
N ASP M 24 -115.72 -27.16 94.61
CA ASP M 24 -115.61 -27.72 93.27
C ASP M 24 -115.51 -29.25 93.37
N ASP M 25 -115.44 -29.92 92.22
CA ASP M 25 -115.29 -31.37 92.15
C ASP M 25 -113.93 -31.82 91.63
N ALA M 26 -113.01 -30.88 91.55
CA ALA M 26 -111.68 -31.13 91.06
C ALA M 26 -110.77 -29.98 91.46
N PRO M 27 -109.45 -30.19 91.55
CA PRO M 27 -108.49 -29.13 91.72
C PRO M 27 -108.52 -28.35 90.43
N ARG M 28 -108.24 -27.05 90.48
CA ARG M 28 -108.23 -26.26 89.26
C ARG M 28 -106.86 -26.39 88.61
N ALA M 29 -105.83 -26.62 89.42
CA ALA M 29 -104.49 -26.73 88.93
C ALA M 29 -103.72 -27.81 89.68
N VAL M 30 -102.86 -28.50 88.95
CA VAL M 30 -102.00 -29.52 89.54
C VAL M 30 -100.55 -29.21 89.20
N PHE M 31 -99.72 -29.21 90.23
CA PHE M 31 -98.31 -28.88 90.09
C PHE M 31 -97.54 -30.01 90.70
N PRO M 32 -96.30 -30.29 90.33
CA PRO M 32 -95.43 -31.19 91.04
C PRO M 32 -94.97 -30.44 92.31
N SER M 33 -94.62 -31.15 93.39
CA SER M 33 -94.08 -30.48 94.59
C SER M 33 -92.59 -30.23 94.43
N ILE M 34 -92.25 -29.42 93.43
CA ILE M 34 -90.87 -29.16 93.07
C ILE M 34 -90.40 -27.71 93.02
N VAL M 35 -89.24 -27.47 93.61
CA VAL M 35 -88.59 -26.19 93.45
C VAL M 35 -87.24 -26.47 92.76
N GLY M 36 -87.07 -25.85 91.59
CA GLY M 36 -85.89 -26.09 90.78
C GLY M 36 -84.88 -24.98 90.86
N ARG M 37 -83.61 -25.33 90.73
CA ARG M 37 -82.55 -24.33 90.73
C ARG M 37 -81.54 -24.63 89.64
N PRO M 38 -80.94 -23.64 88.98
CA PRO M 38 -79.93 -23.86 87.96
C PRO M 38 -78.71 -24.51 88.55
N ARG M 39 -78.13 -25.45 87.80
CA ARG M 39 -76.91 -26.15 88.21
C ARG M 39 -75.74 -25.82 87.28
N HIS M 40 -75.91 -24.74 86.51
CA HIS M 40 -74.93 -24.25 85.54
C HIS M 40 -74.63 -22.78 85.70
N GLN M 41 -73.45 -22.40 85.22
CA GLN M 41 -73.01 -21.01 85.16
C GLN M 41 -73.55 -20.33 83.91
N GLY M 42 -74.22 -19.18 84.11
CA GLY M 42 -74.77 -18.44 82.99
C GLY M 42 -73.64 -17.92 82.13
N VAL M 43 -73.85 -17.93 80.81
CA VAL M 43 -72.85 -17.46 79.88
C VAL M 43 -73.34 -16.20 79.15
N MET M 44 -74.63 -16.17 78.82
CA MET M 44 -75.17 -15.04 78.09
C MET M 44 -75.81 -14.05 79.07
N VAL M 45 -75.73 -12.77 78.73
CA VAL M 45 -76.26 -11.68 79.55
C VAL M 45 -77.62 -11.17 79.07
N GLY M 46 -78.55 -10.88 80.00
CA GLY M 46 -79.86 -10.37 79.61
C GLY M 46 -80.81 -11.48 79.18
N MET M 47 -80.61 -12.67 79.75
CA MET M 47 -81.37 -13.87 79.44
C MET M 47 -82.53 -14.12 80.37
N GLY M 48 -82.80 -13.20 81.28
CA GLY M 48 -83.79 -13.47 82.31
C GLY M 48 -83.16 -14.57 83.15
N GLN M 49 -83.89 -15.68 83.34
CA GLN M 49 -83.45 -16.84 84.13
C GLN M 49 -83.64 -16.60 85.61
N LYS M 50 -84.40 -17.47 86.24
CA LYS M 50 -84.77 -17.31 87.63
C LYS M 50 -83.78 -17.94 88.59
N ASP M 51 -83.75 -17.45 89.83
CA ASP M 51 -82.90 -18.04 90.86
C ASP M 51 -83.48 -19.38 91.27
N SER M 52 -84.80 -19.47 91.23
CA SER M 52 -85.53 -20.67 91.55
C SER M 52 -86.79 -20.71 90.69
N TYR M 53 -87.24 -21.92 90.40
CA TYR M 53 -88.43 -22.18 89.61
C TYR M 53 -89.43 -22.97 90.45
N VAL M 54 -90.73 -22.71 90.32
CA VAL M 54 -91.69 -23.44 91.16
C VAL M 54 -92.74 -24.26 90.38
N GLY M 55 -92.88 -25.53 90.76
CA GLY M 55 -93.88 -26.40 90.19
C GLY M 55 -93.61 -26.71 88.72
N ASP M 56 -94.55 -26.33 87.87
CA ASP M 56 -94.45 -26.56 86.46
C ASP M 56 -93.33 -25.72 85.84
N GLU M 57 -92.93 -24.62 86.49
CA GLU M 57 -91.83 -23.85 85.95
C GLU M 57 -90.56 -24.68 86.05
N ALA M 58 -90.45 -25.39 87.18
CA ALA M 58 -89.29 -26.19 87.50
C ALA M 58 -89.17 -27.36 86.54
N GLN M 59 -90.28 -27.98 86.18
CA GLN M 59 -90.15 -29.05 85.21
C GLN M 59 -89.92 -28.51 83.79
N SER M 60 -90.54 -27.40 83.41
CA SER M 60 -90.40 -26.90 82.04
C SER M 60 -88.97 -26.51 81.66
N LYS M 61 -88.20 -25.99 82.61
CA LYS M 61 -86.82 -25.58 82.33
C LYS M 61 -85.78 -26.55 82.92
N ARG M 62 -86.21 -27.77 83.28
CA ARG M 62 -85.43 -28.79 83.97
C ARG M 62 -84.16 -29.25 83.28
N GLY M 63 -83.98 -29.00 81.99
CA GLY M 63 -82.78 -29.45 81.30
C GLY M 63 -81.50 -29.00 82.02
N ILE M 64 -81.50 -27.83 82.66
CA ILE M 64 -80.32 -27.35 83.39
C ILE M 64 -80.58 -27.10 84.87
N LEU M 65 -81.65 -27.68 85.40
CA LEU M 65 -81.97 -27.45 86.81
C LEU M 65 -81.78 -28.71 87.61
N THR M 66 -81.52 -28.53 88.88
CA THR M 66 -81.53 -29.63 89.81
C THR M 66 -82.89 -29.49 90.46
N LEU M 67 -83.66 -30.58 90.52
CA LEU M 67 -85.01 -30.46 91.06
C LEU M 67 -85.20 -31.16 92.39
N LYS M 68 -85.60 -30.37 93.39
CA LYS M 68 -85.77 -30.90 94.72
C LYS M 68 -87.23 -30.88 95.15
N TYR M 69 -87.59 -31.86 95.97
CA TYR M 69 -88.92 -31.96 96.55
C TYR M 69 -88.84 -31.57 98.04
N PRO M 70 -89.48 -30.46 98.49
CA PRO M 70 -89.50 -29.95 99.86
C PRO M 70 -90.14 -30.91 100.86
N ILE M 71 -90.91 -31.86 100.32
CA ILE M 71 -91.60 -32.88 101.08
C ILE M 71 -91.04 -34.24 100.70
N GLU M 72 -90.68 -35.01 101.71
CA GLU M 72 -90.18 -36.36 101.48
C GLU M 72 -90.83 -37.33 102.44
N HIS M 73 -91.19 -38.50 101.94
CA HIS M 73 -91.76 -39.56 102.76
C HIS M 73 -92.95 -39.10 103.61
N GLY M 74 -93.75 -38.19 103.04
CA GLY M 74 -94.94 -37.61 103.66
C GLY M 74 -94.71 -36.31 104.46
N ILE M 75 -93.47 -35.89 104.70
CA ILE M 75 -93.22 -34.71 105.52
C ILE M 75 -92.46 -33.52 104.95
N ILE M 76 -92.97 -32.32 105.25
CA ILE M 76 -92.30 -31.10 104.85
C ILE M 76 -91.06 -30.89 105.69
N THR M 77 -89.93 -30.72 105.02
CA THR M 77 -88.71 -30.40 105.74
C THR M 77 -88.24 -29.04 105.26
N ASN M 78 -88.44 -28.76 103.97
CA ASN M 78 -87.97 -27.48 103.45
C ASN M 78 -89.10 -26.48 103.45
N TRP M 79 -89.30 -25.85 104.60
CA TRP M 79 -90.41 -24.91 104.75
C TRP M 79 -90.29 -23.70 103.82
N ASP M 80 -89.07 -23.29 103.44
CA ASP M 80 -88.90 -22.12 102.59
C ASP M 80 -89.44 -22.43 101.19
N ASP M 81 -89.14 -23.62 100.71
CA ASP M 81 -89.61 -23.98 99.40
C ASP M 81 -91.12 -24.20 99.45
N MET M 82 -91.63 -24.65 100.59
CA MET M 82 -93.08 -24.77 100.68
C MET M 82 -93.78 -23.43 100.63
N GLU M 83 -93.19 -22.37 101.20
CA GLU M 83 -93.89 -21.09 101.09
C GLU M 83 -94.01 -20.68 99.62
N LYS M 84 -92.96 -20.94 98.84
CA LYS M 84 -93.00 -20.61 97.41
C LYS M 84 -94.06 -21.45 96.70
N ILE M 85 -94.14 -22.75 97.06
CA ILE M 85 -95.14 -23.61 96.46
C ILE M 85 -96.54 -23.16 96.85
N TRP M 86 -96.79 -22.86 98.13
CA TRP M 86 -98.14 -22.48 98.55
C TRP M 86 -98.60 -21.21 97.84
N HIS M 87 -97.69 -20.25 97.65
CA HIS M 87 -98.08 -19.04 96.96
C HIS M 87 -98.49 -19.35 95.52
N HIS M 88 -97.68 -20.14 94.84
CA HIS M 88 -97.97 -20.49 93.46
C HIS M 88 -99.27 -21.31 93.36
N THR M 89 -99.38 -22.27 94.27
CA THR M 89 -100.48 -23.21 94.37
C THR M 89 -101.83 -22.56 94.63
N PHE M 90 -101.89 -21.60 95.56
CA PHE M 90 -103.15 -20.97 95.87
C PHE M 90 -103.36 -19.61 95.22
N TYR M 91 -102.31 -18.82 95.00
CA TYR M 91 -102.57 -17.53 94.45
C TYR M 91 -102.24 -17.43 92.98
N ASN M 92 -101.05 -17.84 92.55
CA ASN M 92 -100.76 -17.57 91.15
C ASN M 92 -101.76 -18.21 90.18
N GLU M 93 -102.20 -19.45 90.45
CA GLU M 93 -103.17 -20.07 89.55
C GLU M 93 -104.65 -19.92 89.94
N LEU M 94 -104.97 -19.82 91.23
CA LEU M 94 -106.39 -19.75 91.58
C LEU M 94 -106.80 -18.27 91.71
N ARG M 95 -105.80 -17.40 91.92
CA ARG M 95 -105.92 -15.99 92.19
C ARG M 95 -106.65 -15.74 93.49
N VAL M 96 -106.46 -16.62 94.49
CA VAL M 96 -107.12 -16.37 95.73
C VAL M 96 -106.11 -16.27 96.83
N ALA M 97 -106.12 -15.13 97.50
CA ALA M 97 -105.18 -14.92 98.59
C ALA M 97 -105.75 -15.56 99.86
N PRO M 98 -105.03 -16.49 100.54
CA PRO M 98 -105.46 -17.20 101.75
C PRO M 98 -105.87 -16.25 102.86
N GLU M 99 -105.40 -15.02 102.83
CA GLU M 99 -105.72 -14.05 103.87
C GLU M 99 -107.23 -13.94 104.10
N GLU M 100 -108.04 -14.06 103.04
CA GLU M 100 -109.49 -13.95 103.21
C GLU M 100 -110.22 -15.30 103.10
N HIS M 101 -109.49 -16.42 103.04
CA HIS M 101 -110.07 -17.75 102.85
C HIS M 101 -109.44 -18.85 103.73
N PRO M 102 -110.22 -19.67 104.47
CA PRO M 102 -109.75 -20.79 105.29
C PRO M 102 -109.02 -21.79 104.39
N THR M 103 -108.02 -22.52 104.90
CA THR M 103 -107.34 -23.53 104.06
C THR M 103 -107.27 -24.95 104.66
N LEU M 104 -107.61 -25.95 103.83
CA LEU M 104 -107.61 -27.35 104.26
C LEU M 104 -106.49 -28.16 103.57
N LEU M 105 -105.58 -28.69 104.40
CA LEU M 105 -104.41 -29.47 103.96
C LEU M 105 -104.48 -30.91 104.45
N THR M 106 -103.70 -31.82 103.83
CA THR M 106 -103.76 -33.25 104.16
C THR M 106 -102.49 -33.96 104.65
N GLU M 107 -102.72 -35.05 105.43
CA GLU M 107 -101.70 -36.02 105.90
C GLU M 107 -102.32 -37.35 106.41
N ALA M 108 -101.73 -37.93 107.48
CA ALA M 108 -102.20 -39.16 108.12
C ALA M 108 -101.71 -39.18 109.58
N PRO M 109 -102.34 -39.90 110.53
CA PRO M 109 -101.92 -39.98 111.92
C PRO M 109 -100.47 -40.44 112.20
N LEU M 110 -99.83 -41.19 111.30
CA LEU M 110 -98.45 -41.59 111.58
C LEU M 110 -97.44 -40.69 110.87
N ASN M 111 -97.93 -39.62 110.28
CA ASN M 111 -97.13 -38.62 109.62
C ASN M 111 -96.55 -37.77 110.77
N PRO M 112 -95.23 -37.62 110.96
CA PRO M 112 -94.63 -36.93 112.09
C PRO M 112 -95.26 -35.55 112.27
N LYS M 113 -95.41 -35.12 113.53
CA LYS M 113 -96.12 -33.91 113.94
C LYS M 113 -95.64 -32.65 113.28
N ALA M 114 -94.35 -32.56 113.01
CA ALA M 114 -93.87 -31.36 112.38
C ALA M 114 -94.58 -31.10 111.06
N ASN M 115 -95.06 -32.14 110.34
CA ASN M 115 -95.71 -31.87 109.08
C ASN M 115 -96.99 -31.06 109.31
N ARG M 116 -97.85 -31.53 110.20
CA ARG M 116 -99.08 -30.83 110.51
C ARG M 116 -98.85 -29.47 111.16
N GLU M 117 -97.76 -29.34 111.92
CA GLU M 117 -97.45 -28.08 112.58
C GLU M 117 -96.93 -27.05 111.60
N LYS M 118 -96.09 -27.46 110.63
CA LYS M 118 -95.61 -26.51 109.64
C LYS M 118 -96.70 -26.19 108.65
N MET M 119 -97.55 -27.15 108.28
CA MET M 119 -98.60 -26.78 107.35
C MET M 119 -99.50 -25.70 107.96
N THR M 120 -99.86 -25.88 109.23
CA THR M 120 -100.72 -24.97 109.93
C THR M 120 -100.01 -23.63 110.16
N GLN M 121 -98.76 -23.68 110.63
CA GLN M 121 -97.97 -22.49 110.89
C GLN M 121 -97.68 -21.66 109.67
N ILE M 122 -97.36 -22.27 108.55
CA ILE M 122 -97.04 -21.48 107.40
C ILE M 122 -98.27 -20.75 106.92
N MET M 123 -99.39 -21.45 106.81
CA MET M 123 -100.53 -20.74 106.30
C MET M 123 -100.99 -19.62 107.25
N PHE M 124 -100.83 -19.79 108.58
CA PHE M 124 -101.20 -18.73 109.52
C PHE M 124 -100.18 -17.59 109.67
N GLU M 125 -98.90 -17.88 109.66
CA GLU M 125 -97.92 -16.82 109.89
C GLU M 125 -97.37 -16.17 108.61
N THR M 126 -97.39 -16.88 107.48
CA THR M 126 -96.88 -16.30 106.25
C THR M 126 -98.01 -15.84 105.34
N PHE M 127 -99.10 -16.59 105.30
CA PHE M 127 -100.21 -16.22 104.41
C PHE M 127 -101.40 -15.58 105.12
N ASN M 128 -101.35 -15.52 106.46
CA ASN M 128 -102.39 -14.96 107.32
C ASN M 128 -103.77 -15.55 107.10
N VAL M 129 -103.83 -16.85 106.89
CA VAL M 129 -105.11 -17.51 106.62
C VAL M 129 -106.00 -17.34 107.86
N PRO M 130 -107.30 -17.00 107.74
CA PRO M 130 -108.19 -16.81 108.87
C PRO M 130 -108.46 -18.10 109.64
N ALA M 131 -108.24 -19.24 108.98
CA ALA M 131 -108.46 -20.52 109.61
C ALA M 131 -107.74 -21.68 108.91
N MET M 132 -107.47 -22.75 109.67
CA MET M 132 -106.84 -23.97 109.14
C MET M 132 -107.41 -25.28 109.60
N TYR M 133 -107.31 -26.27 108.74
CA TYR M 133 -107.61 -27.61 109.17
C TYR M 133 -106.71 -28.61 108.47
N VAL M 134 -106.20 -29.57 109.25
CA VAL M 134 -105.42 -30.65 108.68
C VAL M 134 -106.25 -31.93 108.70
N ALA M 135 -106.44 -32.51 107.54
CA ALA M 135 -107.26 -33.69 107.38
C ALA M 135 -106.44 -34.93 107.10
N ILE M 136 -106.99 -36.05 107.48
CA ILE M 136 -106.42 -37.34 107.15
C ILE M 136 -106.84 -37.60 105.71
N GLN M 137 -105.92 -37.97 104.82
CA GLN M 137 -106.32 -38.19 103.42
C GLN M 137 -107.36 -39.29 103.27
N ALA M 138 -107.34 -40.27 104.18
CA ALA M 138 -108.28 -41.36 104.18
C ALA M 138 -109.68 -40.87 104.42
N VAL M 139 -109.83 -39.83 105.25
CA VAL M 139 -111.13 -39.28 105.55
C VAL M 139 -111.66 -38.68 104.30
N LEU M 140 -110.79 -37.98 103.61
CA LEU M 140 -111.23 -37.28 102.44
C LEU M 140 -111.54 -38.26 101.30
N SER M 141 -110.74 -39.32 101.17
CA SER M 141 -111.02 -40.26 100.10
C SER M 141 -112.38 -40.90 100.35
N LEU M 142 -112.66 -41.28 101.61
CA LEU M 142 -113.94 -41.88 101.93
C LEU M 142 -115.09 -40.88 101.70
N TYR M 143 -114.94 -39.59 102.01
CA TYR M 143 -116.05 -38.69 101.70
C TYR M 143 -116.32 -38.66 100.20
N ALA M 144 -115.25 -38.56 99.41
CA ALA M 144 -115.34 -38.45 97.95
C ALA M 144 -115.98 -39.68 97.32
N SER M 145 -115.70 -40.85 97.90
CA SER M 145 -116.21 -42.12 97.43
C SER M 145 -117.60 -42.47 97.94
N GLY M 146 -118.19 -41.64 98.82
CA GLY M 146 -119.49 -41.99 99.37
C GLY M 146 -119.44 -43.04 100.47
N ARG M 147 -118.38 -43.04 101.27
CA ARG M 147 -118.22 -44.01 102.34
C ARG M 147 -117.81 -43.39 103.67
N THR M 148 -118.16 -44.07 104.76
CA THR M 148 -117.71 -43.71 106.09
C THR M 148 -116.74 -44.77 106.62
N THR M 149 -116.77 -45.93 105.97
CA THR M 149 -115.98 -47.08 106.38
C THR M 149 -115.15 -47.65 105.27
N GLY M 150 -113.89 -47.89 105.57
CA GLY M 150 -112.99 -48.55 104.65
C GLY M 150 -111.52 -48.34 104.97
N ILE M 151 -110.69 -49.03 104.21
CA ILE M 151 -109.25 -48.90 104.37
C ILE M 151 -108.74 -48.04 103.28
N VAL M 152 -108.08 -46.94 103.58
CA VAL M 152 -107.61 -46.20 102.45
C VAL M 152 -106.11 -46.44 102.26
N LEU M 153 -105.83 -47.15 101.18
CA LEU M 153 -104.50 -47.54 100.80
C LEU M 153 -104.08 -46.46 99.80
N ASP M 154 -103.28 -45.52 100.26
CA ASP M 154 -102.95 -44.34 99.48
C ASP M 154 -101.72 -44.38 98.63
N SER M 155 -101.05 -45.53 98.62
CA SER M 155 -99.87 -45.80 97.80
C SER M 155 -99.33 -44.59 97.05
N GLY M 156 -98.80 -43.58 97.78
CA GLY M 156 -98.41 -42.33 97.15
C GLY M 156 -96.98 -42.34 96.70
N ASP M 157 -96.39 -41.15 96.60
CA ASP M 157 -95.03 -40.92 96.11
C ASP M 157 -93.93 -41.24 97.13
N GLY M 158 -94.09 -40.81 98.38
CA GLY M 158 -93.00 -41.04 99.33
C GLY M 158 -93.34 -42.02 100.44
N VAL M 159 -94.62 -42.24 100.66
CA VAL M 159 -95.06 -43.11 101.72
C VAL M 159 -96.42 -43.70 101.45
N THR M 160 -96.64 -44.92 101.96
CA THR M 160 -97.95 -45.51 101.96
C THR M 160 -98.37 -45.48 103.43
N HIS M 161 -99.54 -44.92 103.76
CA HIS M 161 -99.95 -44.88 105.17
C HIS M 161 -100.96 -45.94 105.51
N ASN M 162 -101.77 -46.35 104.54
CA ASN M 162 -102.77 -47.38 104.81
C ASN M 162 -103.63 -47.14 106.06
N VAL M 163 -104.51 -46.13 106.00
CA VAL M 163 -105.24 -45.77 107.21
C VAL M 163 -106.70 -46.27 107.27
N PRO M 164 -107.04 -47.18 108.21
CA PRO M 164 -108.38 -47.69 108.43
C PRO M 164 -109.26 -46.67 109.14
N ILE M 165 -110.48 -46.52 108.65
CA ILE M 165 -111.53 -45.69 109.24
C ILE M 165 -112.85 -46.47 109.33
N TYR M 166 -113.51 -46.46 110.48
CA TYR M 166 -114.80 -47.17 110.60
C TYR M 166 -115.90 -46.24 111.05
N GLU M 167 -116.94 -46.13 110.25
CA GLU M 167 -118.08 -45.27 110.51
C GLU M 167 -117.66 -43.85 110.89
N GLY M 168 -116.66 -43.33 110.18
CA GLY M 168 -116.14 -41.99 110.39
C GLY M 168 -115.16 -41.83 111.57
N TYR M 169 -114.71 -42.94 112.16
CA TYR M 169 -113.74 -42.90 113.26
C TYR M 169 -112.41 -43.44 112.83
N ALA M 170 -111.33 -42.83 113.27
CA ALA M 170 -110.03 -43.35 112.87
C ALA M 170 -109.71 -44.51 113.75
N LEU M 171 -108.97 -45.47 113.22
CA LEU M 171 -108.54 -46.61 114.02
C LEU M 171 -107.01 -46.64 114.00
N PRO M 172 -106.33 -45.66 114.64
CA PRO M 172 -104.92 -45.36 114.48
C PRO M 172 -103.96 -46.47 114.86
N HIS M 173 -104.36 -47.40 115.71
CA HIS M 173 -103.45 -48.46 116.12
C HIS M 173 -103.22 -49.45 114.98
N ALA M 174 -104.10 -49.40 114.00
CA ALA M 174 -104.09 -50.29 112.88
C ALA M 174 -103.52 -49.64 111.62
N ILE M 175 -102.92 -48.45 111.73
CA ILE M 175 -102.36 -47.84 110.54
C ILE M 175 -101.04 -48.51 110.22
N MET M 176 -100.88 -48.94 108.98
CA MET M 176 -99.63 -49.60 108.64
C MET M 176 -98.79 -48.70 107.76
N ARG M 177 -97.78 -48.07 108.34
CA ARG M 177 -96.97 -47.14 107.56
C ARG M 177 -95.88 -47.95 106.89
N LEU M 178 -95.85 -47.90 105.57
CA LEU M 178 -94.90 -48.67 104.79
C LEU M 178 -93.91 -47.81 104.01
N ASP M 179 -92.63 -48.17 104.13
CA ASP M 179 -91.56 -47.50 103.39
C ASP M 179 -91.40 -48.07 101.99
N LEU M 180 -92.45 -47.85 101.22
CA LEU M 180 -92.59 -48.19 99.82
C LEU M 180 -93.60 -47.28 99.18
N ALA M 181 -93.13 -46.57 98.19
CA ALA M 181 -93.96 -45.61 97.48
C ALA M 181 -93.48 -45.37 96.05
N GLY M 182 -94.23 -44.57 95.29
CA GLY M 182 -93.98 -44.30 93.89
C GLY M 182 -92.55 -43.85 93.57
N ARG M 183 -91.90 -43.12 94.48
CA ARG M 183 -90.53 -42.66 94.32
C ARG M 183 -89.57 -43.86 94.31
N ASP M 184 -89.93 -44.94 95.04
CA ASP M 184 -89.09 -46.12 95.16
C ASP M 184 -89.36 -46.99 93.96
N LEU M 185 -90.59 -46.91 93.46
CA LEU M 185 -90.97 -47.70 92.29
C LEU M 185 -90.15 -47.13 91.11
N THR M 186 -89.96 -45.79 91.07
CA THR M 186 -89.16 -45.10 90.04
C THR M 186 -87.72 -45.57 90.16
N ASP M 187 -87.19 -45.65 91.40
CA ASP M 187 -85.83 -46.11 91.64
C ASP M 187 -85.63 -47.55 91.17
N TYR M 188 -86.61 -48.43 91.47
CA TYR M 188 -86.52 -49.81 91.04
C TYR M 188 -86.44 -49.87 89.53
N LEU M 189 -87.34 -49.12 88.87
CA LEU M 189 -87.42 -49.16 87.43
C LEU M 189 -86.11 -48.68 86.83
N MET M 190 -85.50 -47.61 87.34
CA MET M 190 -84.26 -47.24 86.67
C MET M 190 -83.16 -48.29 86.86
N LYS M 191 -83.18 -49.04 87.96
CA LYS M 191 -82.16 -50.08 88.13
C LYS M 191 -82.40 -51.24 87.17
N ILE M 192 -83.65 -51.62 86.97
CA ILE M 192 -83.95 -52.73 86.06
C ILE M 192 -83.74 -52.25 84.60
N LEU M 193 -84.00 -50.96 84.33
CA LEU M 193 -83.78 -50.43 83.00
C LEU M 193 -82.27 -50.41 82.74
N THR M 194 -81.46 -50.19 83.80
CA THR M 194 -80.00 -50.23 83.69
C THR M 194 -79.60 -51.64 83.29
N GLU M 195 -80.26 -52.66 83.86
CA GLU M 195 -79.95 -54.05 83.48
C GLU M 195 -80.15 -54.27 81.97
N ARG M 196 -81.08 -53.51 81.38
CA ARG M 196 -81.35 -53.61 79.95
C ARG M 196 -80.49 -52.66 79.09
N GLY M 197 -79.62 -51.90 79.73
CA GLY M 197 -78.74 -50.94 79.05
C GLY M 197 -79.12 -49.46 79.11
N TYR M 198 -80.11 -49.10 79.92
CA TYR M 198 -80.53 -47.70 80.01
C TYR M 198 -80.40 -47.14 81.42
N SER M 199 -79.27 -46.47 81.68
CA SER M 199 -78.96 -45.90 82.98
C SER M 199 -79.49 -44.48 83.10
N PHE M 200 -80.17 -44.19 84.22
CA PHE M 200 -80.75 -42.88 84.52
C PHE M 200 -80.26 -42.37 85.88
N VAL M 201 -79.44 -41.30 85.90
CA VAL M 201 -78.89 -40.80 87.17
C VAL M 201 -79.29 -39.36 87.57
N THR M 202 -79.28 -38.43 86.60
CA THR M 202 -79.48 -37.00 86.88
C THR M 202 -80.95 -36.68 87.09
N THR M 203 -81.27 -35.45 87.54
CA THR M 203 -82.66 -35.06 87.73
C THR M 203 -83.51 -35.28 86.51
N ALA M 204 -83.01 -34.87 85.35
CA ALA M 204 -83.81 -35.04 84.15
C ALA M 204 -84.07 -36.50 83.90
N GLU M 205 -83.04 -37.33 84.11
CA GLU M 205 -83.20 -38.74 83.88
C GLU M 205 -84.20 -39.36 84.86
N ARG M 206 -84.19 -38.87 86.10
CA ARG M 206 -85.12 -39.37 87.12
C ARG M 206 -86.58 -39.02 86.75
N GLU M 207 -86.80 -37.79 86.30
CA GLU M 207 -88.13 -37.35 85.93
C GLU M 207 -88.61 -38.13 84.69
N ILE M 208 -87.70 -38.47 83.79
CA ILE M 208 -88.07 -39.29 82.65
C ILE M 208 -88.50 -40.67 83.11
N VAL M 209 -87.76 -41.29 84.04
CA VAL M 209 -88.15 -42.64 84.47
C VAL M 209 -89.52 -42.63 85.11
N ARG M 210 -89.86 -41.56 85.83
CA ARG M 210 -91.17 -41.45 86.45
C ARG M 210 -92.27 -41.32 85.39
N ASP M 211 -91.91 -40.78 84.23
CA ASP M 211 -92.87 -40.61 83.14
C ASP M 211 -93.06 -41.97 82.46
N ILE M 212 -91.97 -42.73 82.34
CA ILE M 212 -92.05 -44.04 81.73
C ILE M 212 -92.96 -44.88 82.59
N LYS M 213 -92.73 -44.85 83.89
CA LYS M 213 -93.54 -45.62 84.82
C LYS M 213 -95.03 -45.29 84.76
N GLU M 214 -95.35 -43.99 84.80
CA GLU M 214 -96.72 -43.53 84.83
C GLU M 214 -97.52 -43.91 83.58
N LYS M 215 -96.85 -43.96 82.42
CA LYS M 215 -97.51 -44.30 81.16
C LYS M 215 -97.35 -45.76 80.69
N LEU M 216 -96.24 -46.43 80.99
CA LEU M 216 -96.04 -47.78 80.47
C LEU M 216 -96.27 -48.91 81.44
N CYS M 217 -96.14 -48.67 82.74
CA CYS M 217 -96.20 -49.78 83.67
C CYS M 217 -97.61 -50.15 84.08
N TYR M 218 -97.73 -51.41 84.47
CA TYR M 218 -98.99 -51.97 84.93
C TYR M 218 -98.78 -53.02 85.99
N VAL M 219 -99.82 -53.32 86.74
CA VAL M 219 -99.75 -54.28 87.81
C VAL M 219 -100.13 -55.69 87.36
N ALA M 220 -101.24 -55.78 86.63
CA ALA M 220 -101.84 -57.04 86.17
C ALA M 220 -102.34 -57.84 87.36
N LEU M 221 -103.01 -58.97 87.10
CA LEU M 221 -103.60 -59.70 88.23
C LEU M 221 -102.74 -60.86 88.73
N ASP M 222 -101.83 -61.37 87.92
CA ASP M 222 -100.99 -62.50 88.32
C ASP M 222 -99.61 -62.35 87.72
N PHE M 223 -98.67 -61.90 88.55
CA PHE M 223 -97.32 -61.57 88.09
C PHE M 223 -96.51 -62.78 87.68
N GLU M 224 -96.79 -63.97 88.23
CA GLU M 224 -95.98 -65.10 87.82
C GLU M 224 -96.36 -65.50 86.41
N ASN M 225 -97.67 -65.43 86.12
CA ASN M 225 -98.12 -65.78 84.79
C ASN M 225 -97.79 -64.66 83.79
N GLU M 226 -97.81 -63.42 84.28
CA GLU M 226 -97.53 -62.28 83.42
C GLU M 226 -96.08 -62.34 83.01
N MET M 227 -95.20 -62.73 83.96
CA MET M 227 -93.79 -62.86 83.71
C MET M 227 -93.49 -64.04 82.82
N ALA M 228 -94.23 -65.13 82.97
CA ALA M 228 -93.96 -66.27 82.12
C ALA M 228 -94.09 -65.87 80.65
N THR M 229 -95.08 -65.03 80.34
CA THR M 229 -95.20 -64.58 78.96
C THR M 229 -94.27 -63.39 78.65
N ALA M 230 -94.24 -62.39 79.52
CA ALA M 230 -93.45 -61.18 79.26
C ALA M 230 -91.97 -61.48 79.13
N ALA M 231 -91.48 -62.47 79.86
CA ALA M 231 -90.08 -62.87 79.82
C ALA M 231 -89.78 -63.76 78.61
N SER M 232 -90.82 -64.27 77.93
CA SER M 232 -90.66 -65.19 76.82
C SER M 232 -90.95 -64.56 75.46
N SER M 233 -91.70 -63.46 75.44
CA SER M 233 -92.10 -62.88 74.17
C SER M 233 -92.20 -61.35 74.11
N SER M 234 -91.77 -60.85 72.96
CA SER M 234 -91.76 -59.43 72.59
C SER M 234 -93.16 -58.87 72.45
N SER M 235 -94.17 -59.74 72.42
CA SER M 235 -95.54 -59.30 72.28
C SER M 235 -96.01 -58.46 73.46
N LEU M 236 -95.34 -58.55 74.61
CA LEU M 236 -95.75 -57.71 75.73
C LEU M 236 -94.80 -56.53 75.96
N GLU M 237 -93.88 -56.27 75.02
CA GLU M 237 -92.97 -55.15 75.16
C GLU M 237 -93.60 -53.87 74.64
N LYS M 238 -93.23 -52.75 75.25
CA LYS M 238 -93.71 -51.45 74.82
C LYS M 238 -92.60 -50.42 74.74
N SER M 239 -92.61 -49.67 73.65
CA SER M 239 -91.65 -48.61 73.41
C SER M 239 -92.03 -47.29 74.08
N TYR M 240 -91.03 -46.64 74.64
CA TYR M 240 -91.18 -45.29 75.19
C TYR M 240 -90.18 -44.33 74.54
N GLU M 241 -90.68 -43.14 74.21
CA GLU M 241 -89.83 -42.13 73.61
C GLU M 241 -89.12 -41.28 74.63
N LEU M 242 -87.80 -41.32 74.61
CA LEU M 242 -87.01 -40.51 75.50
C LEU M 242 -86.98 -39.17 74.74
N PRO M 243 -86.95 -38.00 75.41
CA PRO M 243 -86.98 -36.69 74.78
C PRO M 243 -85.64 -36.27 74.20
N ASP M 244 -85.10 -37.11 73.36
CA ASP M 244 -83.85 -36.87 72.69
C ASP M 244 -83.85 -37.76 71.47
N GLY M 245 -84.97 -38.48 71.29
CA GLY M 245 -85.20 -39.36 70.15
C GLY M 245 -84.82 -40.82 70.38
N GLN M 246 -84.23 -41.14 71.51
CA GLN M 246 -83.87 -42.51 71.77
C GLN M 246 -85.12 -43.27 72.19
N VAL M 247 -85.14 -44.56 71.90
CA VAL M 247 -86.26 -45.37 72.34
C VAL M 247 -85.82 -46.45 73.27
N ILE M 248 -86.55 -46.54 74.36
CA ILE M 248 -86.33 -47.54 75.35
C ILE M 248 -87.43 -48.58 75.26
N THR M 249 -87.05 -49.84 75.17
CA THR M 249 -88.03 -50.92 75.06
C THR M 249 -88.07 -51.61 76.40
N ILE M 250 -89.27 -51.69 76.98
CA ILE M 250 -89.50 -52.26 78.30
C ILE M 250 -90.41 -53.50 78.21
N GLY M 251 -89.98 -54.63 78.81
CA GLY M 251 -90.65 -55.93 78.73
C GLY M 251 -91.33 -56.34 80.02
N ASN M 252 -90.78 -57.32 80.75
CA ASN M 252 -91.43 -57.73 81.98
C ASN M 252 -91.13 -56.72 83.07
N GLU M 253 -90.23 -55.81 82.76
CA GLU M 253 -89.80 -54.73 83.61
C GLU M 253 -90.95 -53.73 83.75
N ARG M 254 -91.87 -53.82 82.78
CA ARG M 254 -93.04 -53.02 82.64
C ARG M 254 -93.98 -53.28 83.82
N PHE M 255 -93.97 -54.50 84.39
CA PHE M 255 -94.82 -54.72 85.54
C PHE M 255 -93.96 -54.99 86.79
N ARG M 256 -92.66 -55.30 86.61
CA ARG M 256 -91.83 -55.57 87.77
C ARG M 256 -91.64 -54.30 88.60
N CYS M 257 -91.74 -53.12 87.97
CA CYS M 257 -91.71 -51.89 88.76
C CYS M 257 -92.85 -51.84 89.80
N PRO M 258 -94.17 -51.80 89.42
CA PRO M 258 -95.29 -51.84 90.33
C PRO M 258 -95.40 -53.12 91.14
N GLU M 259 -94.79 -54.19 90.64
CA GLU M 259 -94.78 -55.46 91.35
C GLU M 259 -94.14 -55.31 92.74
N THR M 260 -93.30 -54.28 92.90
CA THR M 260 -92.64 -54.00 94.15
C THR M 260 -93.72 -53.86 95.23
N LEU M 261 -94.89 -53.31 94.88
CA LEU M 261 -96.00 -53.10 95.80
C LEU M 261 -96.47 -54.44 96.36
N PHE M 262 -96.19 -55.52 95.65
CA PHE M 262 -96.57 -56.86 96.04
C PHE M 262 -95.32 -57.69 96.41
N GLN M 263 -94.14 -57.02 96.36
CA GLN M 263 -92.79 -57.53 96.61
C GLN M 263 -91.80 -56.42 97.09
N PRO M 264 -92.00 -55.76 98.25
CA PRO M 264 -91.17 -54.66 98.79
C PRO M 264 -89.71 -55.05 99.01
N SER M 265 -89.43 -56.35 99.04
CA SER M 265 -88.08 -56.84 99.22
C SER M 265 -87.20 -56.40 98.04
N PHE M 266 -87.82 -56.00 96.93
CA PHE M 266 -87.12 -55.55 95.73
C PHE M 266 -86.33 -54.27 95.99
N ILE M 267 -86.75 -53.50 96.99
CA ILE M 267 -86.07 -52.25 97.32
C ILE M 267 -85.47 -52.33 98.72
N GLY M 268 -85.30 -53.55 99.24
CA GLY M 268 -84.72 -53.72 100.56
C GLY M 268 -85.69 -53.52 101.73
N MET M 269 -87.00 -53.60 101.50
CA MET M 269 -87.94 -53.41 102.60
C MET M 269 -88.43 -54.73 103.17
N GLU M 270 -88.48 -54.79 104.50
CA GLU M 270 -88.97 -55.98 105.20
C GLU M 270 -90.49 -55.97 105.22
N SER M 271 -91.09 -56.28 104.07
CA SER M 271 -92.54 -56.29 103.90
C SER M 271 -92.99 -57.20 102.78
N ALA M 272 -94.20 -57.74 102.93
CA ALA M 272 -94.83 -58.57 101.90
C ALA M 272 -95.68 -57.76 100.91
N GLY M 273 -95.82 -56.45 101.12
CA GLY M 273 -96.61 -55.65 100.17
C GLY M 273 -97.83 -54.95 100.73
N ILE M 274 -98.43 -54.12 99.87
CA ILE M 274 -99.59 -53.30 100.19
C ILE M 274 -100.88 -54.10 100.45
N HIS M 275 -101.01 -55.32 99.89
CA HIS M 275 -102.20 -56.08 100.19
C HIS M 275 -102.06 -56.74 101.55
N GLU M 276 -100.80 -56.91 102.01
CA GLU M 276 -100.53 -57.48 103.30
C GLU M 276 -100.81 -56.42 104.34
N THR M 277 -100.44 -55.17 104.03
CA THR M 277 -100.69 -54.09 104.96
C THR M 277 -102.19 -53.81 105.01
N THR M 278 -102.90 -53.92 103.88
CA THR M 278 -104.34 -53.69 103.89
C THR M 278 -104.96 -54.75 104.81
N TYR M 279 -104.54 -56.00 104.61
CA TYR M 279 -104.99 -57.11 105.42
C TYR M 279 -104.71 -56.89 106.90
N ASN M 280 -103.49 -56.48 107.25
CA ASN M 280 -103.13 -56.27 108.64
C ASN M 280 -103.88 -55.10 109.29
N SER M 281 -104.14 -54.02 108.54
CA SER M 281 -104.90 -52.92 109.14
C SER M 281 -106.27 -53.40 109.51
N ILE M 282 -106.82 -54.28 108.68
CA ILE M 282 -108.11 -54.78 108.99
C ILE M 282 -107.99 -55.75 110.18
N MET M 283 -107.04 -56.69 110.13
CA MET M 283 -106.81 -57.71 111.16
C MET M 283 -106.61 -57.15 112.57
N LYS M 284 -105.93 -56.02 112.67
CA LYS M 284 -105.66 -55.36 113.95
C LYS M 284 -106.92 -54.78 114.60
N CYS M 285 -107.99 -54.66 113.84
CA CYS M 285 -109.24 -54.10 114.31
C CYS M 285 -110.16 -55.24 114.83
N ASP M 286 -111.09 -54.91 115.74
CA ASP M 286 -112.03 -55.92 116.23
C ASP M 286 -112.86 -56.45 115.07
N ILE M 287 -113.31 -57.70 115.20
CA ILE M 287 -113.97 -58.40 114.08
C ILE M 287 -115.25 -57.74 113.56
N ASP M 288 -115.91 -56.97 114.42
CA ASP M 288 -117.13 -56.29 114.06
C ASP M 288 -116.85 -55.02 113.28
N ILE M 289 -115.56 -54.71 113.15
CA ILE M 289 -115.08 -53.60 112.35
C ILE M 289 -114.62 -54.23 111.02
N ARG M 290 -113.86 -55.33 111.16
CA ARG M 290 -113.19 -55.99 110.05
C ARG M 290 -114.10 -56.35 108.92
N LYS M 291 -115.28 -56.87 109.23
CA LYS M 291 -116.14 -57.32 108.14
C LYS M 291 -116.48 -56.17 107.17
N ASP M 292 -116.57 -54.94 107.68
CA ASP M 292 -116.97 -53.83 106.85
C ASP M 292 -115.75 -53.24 106.19
N LEU M 293 -114.60 -53.34 106.84
CA LEU M 293 -113.40 -52.81 106.22
C LEU M 293 -113.01 -53.72 105.03
N TYR M 294 -113.18 -55.04 105.16
CA TYR M 294 -112.82 -55.95 104.05
C TYR M 294 -113.72 -55.75 102.84
N ALA M 295 -114.98 -55.44 103.11
CA ALA M 295 -115.96 -55.21 102.07
C ALA M 295 -115.81 -53.83 101.42
N ASN M 296 -114.94 -52.98 101.99
CA ASN M 296 -114.71 -51.62 101.53
C ASN M 296 -113.23 -51.26 101.56
N ASN M 297 -112.44 -51.92 100.74
CA ASN M 297 -111.03 -51.58 100.62
C ASN M 297 -111.03 -50.40 99.64
N VAL M 298 -110.36 -49.32 99.98
CA VAL M 298 -110.45 -48.12 99.15
C VAL M 298 -109.12 -47.68 98.57
N MET M 299 -109.12 -47.44 97.27
CA MET M 299 -107.91 -46.96 96.64
C MET M 299 -107.94 -45.44 96.62
N SER M 300 -106.83 -44.80 96.97
CA SER M 300 -106.77 -43.34 96.90
C SER M 300 -105.38 -42.95 96.53
N GLY M 301 -105.20 -41.72 96.12
CA GLY M 301 -103.85 -41.27 95.86
C GLY M 301 -103.21 -41.88 94.60
N GLY M 302 -101.90 -41.83 94.63
CA GLY M 302 -101.01 -42.22 93.55
C GLY M 302 -100.89 -43.71 93.35
N THR M 303 -100.38 -44.12 92.18
CA THR M 303 -100.19 -45.54 91.84
C THR M 303 -101.52 -46.32 91.66
N THR M 304 -102.66 -45.70 92.02
CA THR M 304 -103.98 -46.30 91.91
C THR M 304 -104.42 -46.30 90.46
N MET M 305 -103.63 -45.60 89.65
CA MET M 305 -103.82 -45.46 88.24
C MET M 305 -102.89 -46.38 87.42
N TYR M 306 -102.40 -47.46 88.02
CA TYR M 306 -101.62 -48.41 87.24
C TYR M 306 -102.66 -49.43 86.81
N PRO M 307 -102.70 -49.77 85.51
CA PRO M 307 -103.68 -50.76 85.06
C PRO M 307 -103.56 -52.04 85.87
N GLY M 308 -104.70 -52.55 86.31
CA GLY M 308 -104.78 -53.79 87.08
C GLY M 308 -104.64 -53.59 88.59
N ILE M 309 -104.34 -52.38 89.07
CA ILE M 309 -104.14 -52.28 90.53
C ILE M 309 -105.39 -52.49 91.38
N ALA M 310 -106.55 -51.98 90.98
CA ALA M 310 -107.72 -52.16 91.84
C ALA M 310 -108.14 -53.62 91.89
N ASP M 311 -107.97 -54.32 90.76
CA ASP M 311 -108.41 -55.68 90.64
C ASP M 311 -107.37 -56.63 91.24
N ARG M 312 -106.10 -56.26 91.11
CA ARG M 312 -105.01 -57.05 91.67
C ARG M 312 -105.14 -57.03 93.19
N MET M 313 -105.43 -55.86 93.75
CA MET M 313 -105.58 -55.73 95.17
C MET M 313 -106.76 -56.54 95.67
N GLN M 314 -107.88 -56.55 94.95
CA GLN M 314 -109.01 -57.31 95.46
C GLN M 314 -108.67 -58.79 95.49
N LYS M 315 -107.96 -59.27 94.44
CA LYS M 315 -107.54 -60.66 94.34
C LYS M 315 -106.53 -61.03 95.44
N GLU M 316 -105.54 -60.16 95.66
CA GLU M 316 -104.51 -60.38 96.67
C GLU M 316 -105.06 -60.32 98.08
N ILE M 317 -106.05 -59.45 98.32
CA ILE M 317 -106.64 -59.33 99.64
C ILE M 317 -107.58 -60.50 99.90
N THR M 318 -108.41 -60.89 98.92
CA THR M 318 -109.34 -61.99 99.16
C THR M 318 -108.54 -63.27 99.40
N ALA M 319 -107.34 -63.37 98.82
CA ALA M 319 -106.45 -64.51 99.02
C ALA M 319 -105.90 -64.59 100.47
N LEU M 320 -105.91 -63.48 101.22
CA LEU M 320 -105.42 -63.45 102.60
C LEU M 320 -106.58 -63.46 103.59
N ALA M 321 -107.66 -62.82 103.19
CA ALA M 321 -108.86 -62.63 103.98
C ALA M 321 -109.59 -63.96 104.16
N PRO M 322 -110.38 -64.12 105.22
CA PRO M 322 -111.26 -65.27 105.42
C PRO M 322 -112.26 -65.42 104.27
N SER M 323 -112.62 -66.66 103.99
CA SER M 323 -113.59 -67.07 102.96
C SER M 323 -115.01 -66.75 103.40
N THR M 324 -116.00 -66.96 102.50
CA THR M 324 -117.44 -66.69 102.74
C THR M 324 -117.78 -65.19 102.66
N MET M 325 -117.01 -64.39 103.37
CA MET M 325 -117.09 -62.94 103.41
C MET M 325 -116.77 -62.34 102.06
N LYS M 326 -117.46 -61.26 101.73
CA LYS M 326 -117.17 -60.58 100.49
C LYS M 326 -116.12 -59.50 100.64
N ILE M 327 -115.06 -59.64 99.87
CA ILE M 327 -113.96 -58.69 99.82
C ILE M 327 -114.15 -57.85 98.56
N LYS M 328 -114.15 -56.53 98.72
CA LYS M 328 -114.37 -55.66 97.57
C LYS M 328 -113.56 -54.37 97.60
N ILE M 329 -113.15 -53.90 96.40
CA ILE M 329 -112.47 -52.63 96.24
C ILE M 329 -113.26 -51.51 95.58
N ILE M 330 -113.17 -50.37 96.23
CA ILE M 330 -113.76 -49.12 95.80
C ILE M 330 -112.66 -48.35 95.06
N ALA M 331 -112.83 -48.22 93.75
CA ALA M 331 -111.80 -47.58 92.92
C ALA M 331 -112.41 -46.83 91.74
N PRO M 332 -113.10 -45.71 91.99
CA PRO M 332 -113.79 -44.88 91.02
C PRO M 332 -112.76 -44.14 90.19
N PRO M 333 -113.14 -43.53 89.06
CA PRO M 333 -112.29 -42.68 88.22
C PRO M 333 -111.82 -41.44 88.97
N GLU M 334 -112.54 -41.16 90.06
CA GLU M 334 -112.21 -40.05 90.94
C GLU M 334 -111.07 -40.51 91.86
N ARG M 335 -110.28 -41.47 91.38
CA ARG M 335 -109.14 -41.99 92.11
C ARG M 335 -108.02 -40.96 91.98
N LYS M 336 -107.09 -40.99 92.92
CA LYS M 336 -105.97 -40.05 93.02
C LYS M 336 -106.48 -38.62 93.23
N TYR M 337 -107.69 -38.30 92.73
CA TYR M 337 -108.21 -36.98 93.00
C TYR M 337 -109.22 -37.00 94.15
N SER M 338 -109.49 -38.19 94.72
CA SER M 338 -110.47 -38.36 95.78
C SER M 338 -110.06 -37.67 97.06
N VAL M 339 -108.77 -37.51 97.28
CA VAL M 339 -108.37 -36.83 98.49
C VAL M 339 -108.68 -35.34 98.35
N TRP M 340 -108.35 -34.76 97.19
CA TRP M 340 -108.67 -33.36 96.99
C TRP M 340 -110.17 -33.14 97.09
N ILE M 341 -110.94 -34.03 96.43
CA ILE M 341 -112.40 -33.92 96.39
C ILE M 341 -112.97 -34.01 97.78
N GLY M 342 -112.50 -34.95 98.57
CA GLY M 342 -112.99 -35.03 99.91
C GLY M 342 -112.70 -33.75 100.68
N GLY M 343 -111.55 -33.10 100.40
CA GLY M 343 -111.19 -31.87 101.07
C GLY M 343 -112.22 -30.79 100.77
N SER M 344 -112.70 -30.76 99.52
CA SER M 344 -113.73 -29.83 99.08
C SER M 344 -115.03 -30.09 99.81
N ILE M 345 -115.38 -31.39 99.91
CA ILE M 345 -116.60 -31.78 100.58
C ILE M 345 -116.54 -31.42 102.04
N LEU M 346 -115.43 -31.77 102.70
CA LEU M 346 -115.31 -31.52 104.12
C LEU M 346 -115.24 -30.04 104.44
N ALA M 347 -114.44 -29.28 103.70
CA ALA M 347 -114.25 -27.86 103.97
C ALA M 347 -115.55 -27.08 103.92
N SER M 348 -116.44 -27.49 103.00
CA SER M 348 -117.72 -26.87 102.75
C SER M 348 -118.92 -27.44 103.55
N LEU M 349 -118.73 -28.47 104.39
CA LEU M 349 -119.89 -29.01 105.10
C LEU M 349 -120.31 -28.00 106.15
N SER M 350 -121.61 -27.82 106.36
CA SER M 350 -122.05 -26.85 107.37
C SER M 350 -121.63 -27.23 108.78
N THR M 351 -121.49 -28.53 109.02
CA THR M 351 -121.10 -29.04 110.32
C THR M 351 -119.60 -28.92 110.53
N PHE M 352 -118.87 -28.66 109.46
CA PHE M 352 -117.43 -28.57 109.51
C PHE M 352 -117.05 -27.15 109.78
N GLN M 353 -118.04 -26.27 109.90
CA GLN M 353 -117.67 -24.90 110.11
C GLN M 353 -117.26 -24.73 111.57
N GLN M 354 -117.50 -25.77 112.39
CA GLN M 354 -117.11 -25.75 113.79
C GLN M 354 -115.77 -26.48 114.00
N MET M 355 -115.20 -27.04 112.92
CA MET M 355 -113.98 -27.83 112.98
C MET M 355 -112.71 -27.07 112.58
N TRP M 356 -112.86 -25.84 112.17
CA TRP M 356 -111.74 -25.02 111.71
C TRP M 356 -110.96 -24.40 112.87
N ILE M 357 -109.63 -24.38 112.78
CA ILE M 357 -108.80 -23.72 113.78
C ILE M 357 -108.83 -22.29 113.35
N THR M 358 -109.22 -21.37 114.21
CA THR M 358 -109.27 -20.00 113.72
C THR M 358 -107.92 -19.36 113.94
N LYS M 359 -107.68 -18.22 113.28
CA LYS M 359 -106.44 -17.51 113.49
C LYS M 359 -106.29 -17.04 114.92
N GLN M 360 -107.39 -16.64 115.56
CA GLN M 360 -107.25 -16.17 116.92
C GLN M 360 -106.82 -17.31 117.83
N GLU M 361 -107.38 -18.51 117.62
CA GLU M 361 -107.00 -19.65 118.44
C GLU M 361 -105.54 -20.01 118.20
N TYR M 362 -105.12 -19.94 116.94
CA TYR M 362 -103.76 -20.22 116.56
C TYR M 362 -102.79 -19.26 117.22
N ASP M 363 -103.08 -17.96 117.13
CA ASP M 363 -102.15 -16.99 117.68
C ASP M 363 -102.00 -17.16 119.19
N GLU M 364 -103.08 -17.50 119.88
CA GLU M 364 -103.00 -17.71 121.32
C GLU M 364 -102.24 -18.98 121.72
N ALA M 365 -102.48 -20.08 120.99
CA ALA M 365 -101.86 -21.38 121.32
C ALA M 365 -100.48 -21.66 120.70
N GLY M 366 -100.19 -21.11 119.53
CA GLY M 366 -98.94 -21.39 118.82
C GLY M 366 -99.11 -22.57 117.84
N PRO M 367 -98.04 -22.97 117.11
CA PRO M 367 -98.06 -23.97 116.03
C PRO M 367 -98.53 -25.36 116.45
N SER M 368 -98.38 -25.69 117.73
CA SER M 368 -98.75 -26.98 118.26
C SER M 368 -100.26 -27.18 118.32
N ILE M 369 -101.03 -26.10 118.12
CA ILE M 369 -102.48 -26.16 118.18
C ILE M 369 -103.07 -27.17 117.22
N VAL M 370 -102.42 -27.41 116.11
CA VAL M 370 -102.98 -28.36 115.19
C VAL M 370 -103.12 -29.74 115.81
N HIS M 371 -102.23 -30.10 116.74
CA HIS M 371 -102.26 -31.38 117.39
C HIS M 371 -103.43 -31.49 118.38
N ARG M 372 -103.95 -30.34 118.82
CA ARG M 372 -105.04 -30.31 119.78
C ARG M 372 -106.37 -30.32 119.05
N LYS M 373 -106.40 -29.71 117.86
CA LYS M 373 -107.63 -29.51 117.12
C LYS M 373 -107.94 -30.40 115.88
N CYS M 374 -106.93 -30.91 115.14
CA CYS M 374 -107.29 -31.58 113.89
C CYS M 374 -107.86 -33.02 114.02
N PHE M 375 -107.19 -33.87 114.79
CA PHE M 375 -107.55 -35.28 114.96
C PHE M 375 -106.57 -35.98 115.89
N ASP N 1 -70.87 -83.27 131.98
CA ASP N 1 -71.11 -81.84 132.13
C ASP N 1 -71.67 -81.52 133.52
N GLU N 2 -72.47 -82.46 134.04
CA GLU N 2 -73.09 -82.39 135.36
C GLU N 2 -72.93 -83.75 136.05
N ASP N 3 -72.84 -83.77 137.38
CA ASP N 3 -72.70 -85.01 138.13
C ASP N 3 -73.97 -85.51 138.85
N GLU N 4 -75.11 -84.94 138.51
CA GLU N 4 -76.39 -85.34 139.10
C GLU N 4 -77.52 -85.18 138.09
N THR N 5 -78.49 -86.08 138.14
CA THR N 5 -79.65 -86.04 137.24
C THR N 5 -80.75 -85.14 137.78
N THR N 6 -80.37 -83.88 137.98
CA THR N 6 -81.26 -82.84 138.47
C THR N 6 -82.22 -82.44 137.39
N ALA N 7 -83.40 -82.01 137.76
CA ALA N 7 -84.33 -81.55 136.74
C ALA N 7 -83.81 -80.29 136.09
N LEU N 8 -84.12 -80.08 134.82
CA LEU N 8 -83.73 -78.85 134.15
C LEU N 8 -84.90 -77.91 134.19
N VAL N 9 -84.64 -76.62 134.23
CA VAL N 9 -85.72 -75.63 134.24
C VAL N 9 -85.60 -74.54 133.17
N CYS N 10 -86.69 -74.33 132.39
CA CYS N 10 -86.67 -73.26 131.39
C CYS N 10 -87.96 -72.42 131.26
N ASP N 11 -87.84 -71.12 131.50
CA ASP N 11 -88.97 -70.22 131.34
C ASP N 11 -88.94 -69.71 129.89
N ASN N 12 -89.48 -70.50 128.97
CA ASN N 12 -89.45 -70.13 127.55
C ASN N 12 -90.61 -69.23 127.16
N GLY N 13 -90.46 -67.93 127.41
CA GLY N 13 -91.55 -66.99 127.15
C GLY N 13 -91.52 -66.38 125.75
N SER N 14 -92.39 -65.39 125.53
CA SER N 14 -92.51 -64.70 124.23
C SER N 14 -91.40 -63.67 124.06
N GLY N 15 -90.67 -63.43 125.14
CA GLY N 15 -89.57 -62.50 125.18
C GLY N 15 -88.28 -63.30 125.10
N LEU N 16 -87.81 -63.73 126.26
CA LEU N 16 -86.57 -64.47 126.44
C LEU N 16 -86.79 -65.80 127.16
N VAL N 17 -85.86 -66.72 126.95
CA VAL N 17 -85.88 -67.98 127.65
C VAL N 17 -84.77 -68.08 128.68
N LYS N 18 -85.18 -68.19 129.93
CA LYS N 18 -84.21 -68.31 131.02
C LYS N 18 -83.95 -69.77 131.28
N ALA N 19 -82.68 -70.17 131.35
CA ALA N 19 -82.43 -71.58 131.59
C ALA N 19 -81.30 -71.84 132.59
N GLY N 20 -81.48 -72.90 133.34
CA GLY N 20 -80.53 -73.33 134.34
C GLY N 20 -80.96 -74.69 134.83
N PHE N 21 -80.35 -75.17 135.90
CA PHE N 21 -80.73 -76.48 136.39
C PHE N 21 -81.42 -76.33 137.72
N ALA N 22 -82.30 -77.27 138.05
CA ALA N 22 -82.99 -77.22 139.31
C ALA N 22 -81.99 -77.34 140.44
N GLY N 23 -82.20 -76.51 141.44
CA GLY N 23 -81.35 -76.45 142.60
C GLY N 23 -80.53 -75.15 142.59
N ASP N 24 -80.45 -74.46 141.44
CA ASP N 24 -79.70 -73.20 141.50
C ASP N 24 -80.69 -72.10 141.89
N ASP N 25 -80.18 -70.87 142.02
CA ASP N 25 -81.00 -69.70 142.38
C ASP N 25 -81.06 -68.68 141.25
N ALA N 26 -80.59 -69.09 140.09
CA ALA N 26 -80.55 -68.26 138.92
C ALA N 26 -80.41 -69.15 137.70
N PRO N 27 -80.81 -68.72 136.50
CA PRO N 27 -80.56 -69.42 135.28
C PRO N 27 -79.08 -69.31 135.01
N ARG N 28 -78.52 -70.28 134.28
CA ARG N 28 -77.11 -70.25 133.93
C ARG N 28 -76.92 -69.25 132.79
N ALA N 29 -77.94 -69.14 131.94
CA ALA N 29 -77.93 -68.22 130.82
C ALA N 29 -79.33 -67.87 130.37
N VAL N 30 -79.47 -66.71 129.75
CA VAL N 30 -80.73 -66.33 129.15
C VAL N 30 -80.52 -65.99 127.70
N PHE N 31 -81.39 -66.49 126.85
CA PHE N 31 -81.31 -66.19 125.43
C PHE N 31 -82.67 -65.68 125.02
N PRO N 32 -82.71 -64.83 123.97
CA PRO N 32 -83.95 -64.33 123.46
C PRO N 32 -84.66 -65.50 122.82
N SER N 33 -85.99 -65.52 122.83
CA SER N 33 -86.73 -66.61 122.19
C SER N 33 -86.87 -66.32 120.71
N ILE N 34 -85.74 -66.26 120.04
CA ILE N 34 -85.66 -65.86 118.65
C ILE N 34 -84.91 -66.76 117.70
N VAL N 35 -85.54 -66.96 116.53
CA VAL N 35 -84.87 -67.60 115.41
C VAL N 35 -84.87 -66.56 114.27
N GLY N 36 -83.69 -66.19 113.80
CA GLY N 36 -83.55 -65.15 112.81
C GLY N 36 -83.25 -65.68 111.43
N ARG N 37 -83.73 -65.01 110.40
CA ARG N 37 -83.44 -65.45 109.04
C ARG N 37 -83.08 -64.29 108.12
N PRO N 38 -82.11 -64.41 107.21
CA PRO N 38 -81.68 -63.35 106.34
C PRO N 38 -82.79 -62.91 105.43
N ARG N 39 -82.87 -61.59 105.23
CA ARG N 39 -83.86 -60.99 104.34
C ARG N 39 -83.16 -60.42 103.11
N HIS N 40 -81.90 -60.79 102.94
CA HIS N 40 -81.02 -60.35 101.87
C HIS N 40 -80.39 -61.52 101.13
N GLN N 41 -80.04 -61.27 99.87
CA GLN N 41 -79.33 -62.22 99.03
C GLN N 41 -77.83 -62.14 99.29
N GLY N 42 -77.22 -63.30 99.57
CA GLY N 42 -75.79 -63.35 99.81
C GLY N 42 -75.06 -62.96 98.54
N VAL N 43 -73.99 -62.20 98.68
CA VAL N 43 -73.20 -61.75 97.54
C VAL N 43 -71.81 -62.39 97.53
N MET N 44 -71.19 -62.50 98.71
CA MET N 44 -69.85 -63.05 98.80
C MET N 44 -69.90 -64.56 99.04
N VAL N 45 -68.93 -65.28 98.48
CA VAL N 45 -68.81 -66.74 98.62
C VAL N 45 -67.84 -67.16 99.73
N GLY N 46 -68.21 -68.18 100.51
CA GLY N 46 -67.32 -68.66 101.57
C GLY N 46 -67.42 -67.83 102.85
N MET N 47 -68.59 -67.25 103.06
CA MET N 47 -68.89 -66.38 104.19
C MET N 47 -69.55 -67.10 105.35
N GLY N 48 -69.66 -68.41 105.25
CA GLY N 48 -70.43 -69.13 106.24
C GLY N 48 -71.85 -68.62 106.05
N GLN N 49 -72.48 -68.14 107.12
CA GLN N 49 -73.85 -67.61 107.12
C GLN N 49 -74.87 -68.74 107.20
N LYS N 50 -75.68 -68.67 108.23
CA LYS N 50 -76.65 -69.72 108.53
C LYS N 50 -77.96 -69.45 107.80
N ASP N 51 -78.75 -70.50 107.59
CA ASP N 51 -80.06 -70.35 107.00
C ASP N 51 -80.99 -69.75 108.03
N SER N 52 -80.68 -70.03 109.28
CA SER N 52 -81.39 -69.55 110.43
C SER N 52 -80.41 -69.42 111.60
N TYR N 53 -80.63 -68.39 112.41
CA TYR N 53 -79.78 -68.08 113.55
C TYR N 53 -80.56 -68.26 114.81
N VAL N 54 -79.92 -68.76 115.88
CA VAL N 54 -80.70 -68.97 117.10
C VAL N 54 -80.23 -68.25 118.35
N GLY N 55 -81.18 -67.67 119.08
CA GLY N 55 -80.88 -67.03 120.35
C GLY N 55 -79.99 -65.81 120.16
N ASP N 56 -78.83 -65.84 120.78
CA ASP N 56 -77.90 -64.74 120.70
C ASP N 56 -77.32 -64.60 119.30
N GLU N 57 -77.34 -65.68 118.51
CA GLU N 57 -76.83 -65.56 117.16
C GLU N 57 -77.78 -64.68 116.37
N ALA N 58 -79.08 -64.85 116.64
CA ALA N 58 -80.10 -64.13 115.92
C ALA N 58 -80.02 -62.65 116.21
N GLN N 59 -79.74 -62.29 117.46
CA GLN N 59 -79.61 -60.87 117.70
C GLN N 59 -78.25 -60.31 117.24
N SER N 60 -77.16 -61.07 117.37
CA SER N 60 -75.85 -60.55 117.00
C SER N 60 -75.71 -60.25 115.50
N LYS N 61 -76.40 -61.02 114.67
CA LYS N 61 -76.36 -60.88 113.21
C LYS N 61 -77.61 -60.19 112.64
N ARG N 62 -78.42 -59.60 113.54
CA ARG N 62 -79.73 -59.01 113.22
C ARG N 62 -79.75 -57.92 112.19
N GLY N 63 -78.63 -57.28 111.90
CA GLY N 63 -78.63 -56.19 110.93
C GLY N 63 -79.28 -56.60 109.60
N ILE N 64 -79.13 -57.86 109.18
CA ILE N 64 -79.75 -58.30 107.91
C ILE N 64 -80.79 -59.42 108.08
N LEU N 65 -81.23 -59.65 109.31
CA LEU N 65 -82.18 -60.75 109.59
C LEU N 65 -83.55 -60.22 109.94
N THR N 66 -84.56 -61.03 109.67
CA THR N 66 -85.89 -60.75 110.16
C THR N 66 -85.94 -61.61 111.41
N LEU N 67 -86.40 -61.07 112.52
CA LEU N 67 -86.40 -61.87 113.73
C LEU N 67 -87.80 -62.27 114.20
N LYS N 68 -87.99 -63.59 114.27
CA LYS N 68 -89.27 -64.15 114.64
C LYS N 68 -89.22 -64.80 116.02
N TYR N 69 -90.32 -64.73 116.72
CA TYR N 69 -90.46 -65.34 118.02
C TYR N 69 -91.42 -66.54 117.94
N PRO N 70 -90.95 -67.81 118.10
CA PRO N 70 -91.75 -69.03 118.03
C PRO N 70 -92.87 -69.03 119.07
N ILE N 71 -92.66 -68.23 120.12
CA ILE N 71 -93.60 -68.07 121.21
C ILE N 71 -94.21 -66.67 121.06
N GLU N 72 -95.52 -66.60 120.91
CA GLU N 72 -96.25 -65.35 120.74
C GLU N 72 -97.40 -65.28 121.74
N HIS N 73 -97.50 -64.19 122.50
CA HIS N 73 -98.54 -64.06 123.51
C HIS N 73 -98.53 -65.24 124.48
N GLY N 74 -97.33 -65.71 124.79
CA GLY N 74 -97.10 -66.82 125.71
C GLY N 74 -97.22 -68.22 125.11
N ILE N 75 -97.60 -68.36 123.84
CA ILE N 75 -97.78 -69.68 123.24
C ILE N 75 -96.93 -70.06 122.04
N ILE N 76 -96.45 -71.31 122.08
CA ILE N 76 -95.70 -71.81 120.94
C ILE N 76 -96.58 -72.08 119.74
N THR N 77 -96.18 -71.49 118.61
CA THR N 77 -96.87 -71.71 117.36
C THR N 77 -95.90 -72.37 116.38
N ASN N 78 -94.58 -72.21 116.63
CA ASN N 78 -93.58 -72.78 115.74
C ASN N 78 -92.63 -73.71 116.52
N TRP N 79 -93.03 -74.97 116.63
CA TRP N 79 -92.28 -75.93 117.43
C TRP N 79 -90.91 -76.27 116.83
N ASP N 80 -90.73 -76.10 115.52
CA ASP N 80 -89.44 -76.41 114.90
C ASP N 80 -88.39 -75.42 115.40
N ASP N 81 -88.78 -74.15 115.49
CA ASP N 81 -87.86 -73.16 115.96
C ASP N 81 -87.63 -73.34 117.46
N MET N 82 -88.64 -73.82 118.18
CA MET N 82 -88.48 -74.11 119.60
C MET N 82 -87.43 -75.18 119.82
N GLU N 83 -87.42 -76.22 118.98
CA GLU N 83 -86.41 -77.26 119.13
C GLU N 83 -85.01 -76.70 118.96
N LYS N 84 -84.83 -75.77 118.01
CA LYS N 84 -83.52 -75.15 117.81
C LYS N 84 -83.13 -74.31 119.02
N ILE N 85 -84.09 -73.56 119.58
CA ILE N 85 -83.81 -72.75 120.75
C ILE N 85 -83.44 -73.64 121.91
N TRP N 86 -84.21 -74.70 122.14
CA TRP N 86 -83.92 -75.63 123.22
C TRP N 86 -82.62 -76.38 123.00
N HIS N 87 -82.27 -76.78 121.80
CA HIS N 87 -81.00 -77.47 121.64
C HIS N 87 -79.86 -76.54 122.08
N HIS N 88 -79.91 -75.31 121.59
CA HIS N 88 -78.89 -74.32 121.88
C HIS N 88 -78.89 -73.98 123.37
N THR N 89 -80.06 -73.73 123.93
CA THR N 89 -80.20 -73.37 125.32
C THR N 89 -79.74 -74.51 126.25
N PHE N 90 -80.19 -75.74 125.96
CA PHE N 90 -79.87 -76.87 126.82
C PHE N 90 -78.47 -77.42 126.63
N TYR N 91 -78.14 -77.88 125.43
CA TYR N 91 -76.85 -78.51 125.17
C TYR N 91 -75.68 -77.61 124.81
N ASN N 92 -75.89 -76.53 124.08
CA ASN N 92 -74.74 -75.72 123.72
C ASN N 92 -74.29 -74.79 124.87
N GLU N 93 -75.24 -74.17 125.57
CA GLU N 93 -74.88 -73.26 126.66
C GLU N 93 -74.99 -73.83 128.08
N LEU N 94 -76.12 -74.46 128.43
CA LEU N 94 -76.33 -75.01 129.77
C LEU N 94 -75.53 -76.30 129.95
N ARG N 95 -75.14 -76.89 128.83
CA ARG N 95 -74.39 -78.14 128.73
C ARG N 95 -75.10 -79.31 129.36
N VAL N 96 -76.39 -79.42 129.12
CA VAL N 96 -77.14 -80.53 129.65
C VAL N 96 -77.88 -81.24 128.55
N ALA N 97 -78.00 -82.54 128.70
CA ALA N 97 -78.72 -83.36 127.77
C ALA N 97 -80.00 -83.84 128.45
N PRO N 98 -81.20 -83.30 128.10
CA PRO N 98 -82.49 -83.60 128.72
C PRO N 98 -82.75 -85.10 128.80
N GLU N 99 -82.16 -85.89 127.91
CA GLU N 99 -82.34 -87.33 127.97
C GLU N 99 -82.00 -87.87 129.36
N GLU N 100 -81.02 -87.26 130.05
CA GLU N 100 -80.59 -87.70 131.36
C GLU N 100 -81.22 -86.90 132.54
N HIS N 101 -82.14 -85.97 132.24
CA HIS N 101 -82.72 -85.11 133.28
C HIS N 101 -84.24 -84.87 133.10
N PRO N 102 -85.07 -84.86 134.14
CA PRO N 102 -86.48 -84.44 134.07
C PRO N 102 -86.48 -82.98 133.62
N THR N 103 -87.47 -82.51 132.88
CA THR N 103 -87.48 -81.07 132.52
C THR N 103 -88.78 -80.36 132.87
N LEU N 104 -88.64 -79.21 133.53
CA LEU N 104 -89.77 -78.38 133.90
C LEU N 104 -89.80 -77.14 133.04
N LEU N 105 -90.94 -76.93 132.44
CA LEU N 105 -91.18 -75.78 131.59
C LEU N 105 -92.28 -74.98 132.21
N THR N 106 -92.30 -73.70 131.96
CA THR N 106 -93.34 -72.88 132.53
C THR N 106 -94.35 -72.41 131.47
N GLU N 107 -95.54 -72.01 131.92
CA GLU N 107 -96.54 -71.33 131.07
C GLU N 107 -97.49 -70.49 131.92
N ALA N 108 -98.17 -69.54 131.30
CA ALA N 108 -99.19 -68.80 132.03
C ALA N 108 -100.34 -69.74 132.40
N PRO N 109 -101.05 -69.56 133.53
CA PRO N 109 -102.14 -70.44 133.95
C PRO N 109 -103.33 -70.55 132.98
N LEU N 110 -103.56 -69.54 132.13
CA LEU N 110 -104.65 -69.61 131.15
C LEU N 110 -104.12 -69.76 129.73
N ASN N 111 -102.87 -70.14 129.60
CA ASN N 111 -102.22 -70.32 128.31
C ASN N 111 -102.98 -71.44 127.57
N PRO N 112 -103.27 -71.32 126.27
CA PRO N 112 -103.99 -72.34 125.52
C PRO N 112 -103.30 -73.70 125.63
N LYS N 113 -104.14 -74.75 125.65
CA LYS N 113 -103.78 -76.16 125.83
C LYS N 113 -102.65 -76.63 124.94
N ALA N 114 -102.65 -76.17 123.71
CA ALA N 114 -101.65 -76.56 122.76
C ALA N 114 -100.25 -76.23 123.25
N ASN N 115 -100.07 -75.19 124.07
CA ASN N 115 -98.73 -74.84 124.48
C ASN N 115 -98.13 -75.95 125.33
N ARG N 116 -98.85 -76.35 126.38
CA ARG N 116 -98.40 -77.43 127.25
C ARG N 116 -98.28 -78.76 126.53
N GLU N 117 -99.13 -78.98 125.51
CA GLU N 117 -99.09 -80.23 124.77
C GLU N 117 -97.89 -80.28 123.83
N LYS N 118 -97.64 -79.19 123.10
CA LYS N 118 -96.51 -79.15 122.17
C LYS N 118 -95.19 -79.18 122.91
N MET N 119 -95.10 -78.47 124.04
CA MET N 119 -93.85 -78.49 124.78
C MET N 119 -93.55 -79.90 125.28
N THR N 120 -94.61 -80.60 125.74
CA THR N 120 -94.49 -81.95 126.25
C THR N 120 -94.07 -82.90 125.13
N GLN N 121 -94.69 -82.76 123.95
CA GLN N 121 -94.34 -83.65 122.86
C GLN N 121 -92.91 -83.47 122.41
N ILE N 122 -92.46 -82.24 122.29
CA ILE N 122 -91.10 -82.05 121.82
C ILE N 122 -90.09 -82.55 122.84
N MET N 123 -90.29 -82.25 124.12
CA MET N 123 -89.29 -82.73 125.03
C MET N 123 -89.23 -84.26 125.13
N PHE N 124 -90.38 -84.95 125.02
CA PHE N 124 -90.36 -86.41 125.06
C PHE N 124 -89.94 -87.09 123.76
N GLU N 125 -90.30 -86.55 122.59
CA GLU N 125 -89.95 -87.22 121.34
C GLU N 125 -88.67 -86.73 120.65
N THR N 126 -88.25 -85.48 120.87
CA THR N 126 -87.04 -84.98 120.22
C THR N 126 -85.87 -84.97 121.17
N PHE N 127 -86.13 -84.62 122.43
CA PHE N 127 -85.05 -84.54 123.40
C PHE N 127 -84.94 -85.78 124.29
N ASN N 128 -85.94 -86.67 124.18
CA ASN N 128 -86.05 -87.92 124.93
C ASN N 128 -85.97 -87.75 126.44
N VAL N 129 -86.60 -86.71 126.95
CA VAL N 129 -86.55 -86.41 128.38
C VAL N 129 -87.25 -87.55 129.13
N PRO N 130 -86.71 -88.07 130.24
CA PRO N 130 -87.33 -89.13 131.02
C PRO N 130 -88.61 -88.70 131.72
N ALA N 131 -88.79 -87.39 131.92
CA ALA N 131 -89.99 -86.89 132.57
C ALA N 131 -90.27 -85.42 132.27
N MET N 132 -91.54 -85.04 132.39
CA MET N 132 -91.97 -83.66 132.18
C MET N 132 -92.96 -83.08 133.14
N TYR N 133 -92.86 -81.78 133.33
CA TYR N 133 -93.89 -81.04 134.03
C TYR N 133 -94.02 -79.65 133.46
N VAL N 134 -95.25 -79.19 133.27
CA VAL N 134 -95.49 -77.82 132.85
C VAL N 134 -96.13 -77.06 134.01
N ALA N 135 -95.40 -76.05 134.47
CA ALA N 135 -95.75 -75.26 135.64
C ALA N 135 -96.39 -73.94 135.34
N ILE N 136 -97.14 -73.45 136.32
CA ILE N 136 -97.78 -72.16 136.21
C ILE N 136 -96.74 -71.10 136.55
N GLN N 137 -96.51 -70.14 135.66
CA GLN N 137 -95.47 -69.13 135.90
C GLN N 137 -95.75 -68.35 137.17
N ALA N 138 -97.02 -68.09 137.42
CA ALA N 138 -97.42 -67.35 138.59
C ALA N 138 -97.12 -68.11 139.90
N VAL N 139 -97.20 -69.45 139.94
CA VAL N 139 -96.96 -70.07 141.24
C VAL N 139 -95.48 -70.04 141.46
N LEU N 140 -94.73 -70.16 140.38
CA LEU N 140 -93.30 -70.19 140.49
C LEU N 140 -92.78 -68.84 140.98
N SER N 141 -93.39 -67.74 140.53
CA SER N 141 -92.93 -66.47 141.02
C SER N 141 -93.15 -66.36 142.53
N LEU N 142 -94.31 -66.80 143.02
CA LEU N 142 -94.49 -66.72 144.47
C LEU N 142 -93.56 -67.72 145.19
N TYR N 143 -93.24 -68.90 144.62
CA TYR N 143 -92.30 -69.80 145.30
C TYR N 143 -90.96 -69.10 145.48
N ALA N 144 -90.51 -68.42 144.42
CA ALA N 144 -89.23 -67.70 144.39
C ALA N 144 -89.20 -66.59 145.42
N SER N 145 -90.35 -65.97 145.62
CA SER N 145 -90.53 -64.84 146.51
C SER N 145 -90.74 -65.27 147.96
N GLY N 146 -90.88 -66.58 148.22
CA GLY N 146 -91.16 -67.07 149.57
C GLY N 146 -92.60 -66.85 150.01
N ARG N 147 -93.53 -66.80 149.06
CA ARG N 147 -94.93 -66.55 149.40
C ARG N 147 -95.88 -67.60 148.83
N THR N 148 -97.01 -67.78 149.50
CA THR N 148 -98.00 -68.75 149.04
C THR N 148 -99.29 -68.08 148.59
N THR N 149 -99.49 -66.82 148.99
CA THR N 149 -100.71 -66.12 148.64
C THR N 149 -100.39 -64.74 148.07
N GLY N 150 -101.07 -64.39 146.97
CA GLY N 150 -100.91 -63.07 146.36
C GLY N 150 -101.32 -63.02 144.89
N ILE N 151 -101.15 -61.85 144.28
CA ILE N 151 -101.48 -61.67 142.87
C ILE N 151 -100.20 -61.57 142.09
N VAL N 152 -100.04 -62.40 141.08
CA VAL N 152 -98.80 -62.24 140.35
C VAL N 152 -98.99 -61.35 139.15
N LEU N 153 -98.34 -60.21 139.25
CA LEU N 153 -98.39 -59.17 138.26
C LEU N 153 -97.25 -59.44 137.32
N ASP N 154 -97.43 -60.46 136.47
CA ASP N 154 -96.39 -60.95 135.58
C ASP N 154 -96.13 -59.98 134.45
N SER N 155 -97.19 -59.32 134.01
CA SER N 155 -97.13 -58.28 132.97
C SER N 155 -95.97 -58.50 132.00
N GLY N 156 -96.01 -59.60 131.24
CA GLY N 156 -94.80 -59.98 130.53
C GLY N 156 -94.77 -59.41 129.14
N ASP N 157 -94.00 -60.05 128.27
CA ASP N 157 -93.81 -59.67 126.87
C ASP N 157 -95.06 -60.02 126.05
N GLY N 158 -95.65 -61.17 126.40
CA GLY N 158 -96.79 -61.77 125.73
C GLY N 158 -98.15 -61.26 126.20
N VAL N 159 -98.56 -61.68 127.40
CA VAL N 159 -99.85 -61.33 128.01
C VAL N 159 -99.72 -60.98 129.51
N THR N 160 -100.60 -60.09 129.99
CA THR N 160 -100.67 -59.75 131.42
C THR N 160 -101.76 -60.63 132.05
N HIS N 161 -101.45 -61.36 133.12
CA HIS N 161 -102.48 -62.20 133.69
C HIS N 161 -103.04 -61.79 135.05
N ASN N 162 -102.34 -60.99 135.85
CA ASN N 162 -102.92 -60.60 137.15
C ASN N 162 -103.42 -61.83 137.90
N VAL N 163 -102.55 -62.82 138.14
CA VAL N 163 -103.05 -64.10 138.66
C VAL N 163 -103.11 -64.27 140.16
N PRO N 164 -104.31 -64.42 140.77
CA PRO N 164 -104.47 -64.65 142.17
C PRO N 164 -104.09 -66.07 142.46
N ILE N 165 -103.33 -66.25 143.53
CA ILE N 165 -102.87 -67.51 144.06
C ILE N 165 -103.17 -67.63 145.54
N TYR N 166 -103.71 -68.77 145.95
CA TYR N 166 -104.00 -69.01 147.36
C TYR N 166 -103.40 -70.33 147.81
N GLU N 167 -102.61 -70.31 148.88
CA GLU N 167 -101.95 -71.50 149.43
C GLU N 167 -101.16 -72.26 148.34
N GLY N 168 -100.48 -71.52 147.49
CA GLY N 168 -99.63 -72.08 146.45
C GLY N 168 -100.26 -72.26 145.06
N TYR N 169 -101.59 -72.18 144.91
CA TYR N 169 -102.15 -72.38 143.56
C TYR N 169 -103.10 -71.31 143.03
N ALA N 170 -103.08 -71.16 141.71
CA ALA N 170 -103.89 -70.20 140.99
C ALA N 170 -105.37 -70.48 141.11
N LEU N 171 -106.16 -69.42 141.00
CA LEU N 171 -107.62 -69.45 141.03
C LEU N 171 -108.19 -68.91 139.70
N PRO N 172 -108.29 -69.73 138.62
CA PRO N 172 -108.65 -69.37 137.24
C PRO N 172 -109.93 -68.56 137.05
N HIS N 173 -110.92 -68.72 137.91
CA HIS N 173 -112.13 -67.96 137.67
C HIS N 173 -111.88 -66.46 137.80
N ALA N 174 -110.85 -66.10 138.57
CA ALA N 174 -110.52 -64.73 138.85
C ALA N 174 -109.29 -64.24 138.10
N ILE N 175 -108.79 -64.95 137.10
CA ILE N 175 -107.61 -64.40 136.45
C ILE N 175 -108.05 -63.43 135.36
N MET N 176 -107.83 -62.14 135.60
CA MET N 176 -108.25 -61.10 134.68
C MET N 176 -107.23 -60.88 133.60
N ARG N 177 -107.21 -61.84 132.68
CA ARG N 177 -106.25 -61.85 131.59
C ARG N 177 -106.50 -60.69 130.66
N LEU N 178 -105.42 -59.98 130.36
CA LEU N 178 -105.45 -58.82 129.49
C LEU N 178 -104.45 -58.96 128.35
N ASP N 179 -104.93 -58.87 127.11
CA ASP N 179 -104.02 -59.05 125.97
C ASP N 179 -103.32 -57.75 125.60
N LEU N 180 -102.50 -57.31 126.55
CA LEU N 180 -101.64 -56.15 126.53
C LEU N 180 -100.35 -56.49 127.21
N ALA N 181 -99.26 -56.36 126.49
CA ALA N 181 -97.99 -56.76 127.05
C ALA N 181 -96.80 -55.97 126.50
N GLY N 182 -95.61 -56.29 126.99
CA GLY N 182 -94.40 -55.57 126.64
C GLY N 182 -94.16 -55.45 125.15
N ARG N 183 -94.55 -56.45 124.35
CA ARG N 183 -94.37 -56.39 122.91
C ARG N 183 -95.25 -55.26 122.31
N ASP N 184 -96.41 -54.99 122.93
CA ASP N 184 -97.35 -54.00 122.43
C ASP N 184 -96.94 -52.63 122.92
N LEU N 185 -96.31 -52.60 124.08
CA LEU N 185 -95.88 -51.33 124.65
C LEU N 185 -94.80 -50.80 123.71
N THR N 186 -93.96 -51.70 123.17
CA THR N 186 -92.91 -51.35 122.22
C THR N 186 -93.56 -50.76 120.97
N ASP N 187 -94.61 -51.41 120.44
CA ASP N 187 -95.28 -50.88 119.24
C ASP N 187 -95.87 -49.50 119.48
N TYR N 188 -96.48 -49.28 120.64
CA TYR N 188 -97.02 -47.97 120.92
C TYR N 188 -95.91 -46.94 120.89
N LEU N 189 -94.78 -47.25 121.54
CA LEU N 189 -93.64 -46.34 121.56
C LEU N 189 -93.15 -46.11 120.14
N MET N 190 -93.09 -47.16 119.29
CA MET N 190 -92.63 -46.97 117.90
C MET N 190 -93.52 -45.92 117.20
N LYS N 191 -94.83 -45.99 117.43
CA LYS N 191 -95.74 -45.05 116.79
C LYS N 191 -95.60 -43.60 117.32
N ILE N 192 -95.41 -43.43 118.62
CA ILE N 192 -95.23 -42.07 119.15
C ILE N 192 -93.79 -41.55 118.89
N LEU N 193 -92.81 -42.44 118.70
CA LEU N 193 -91.48 -41.96 118.31
C LEU N 193 -91.56 -41.50 116.84
N THR N 194 -92.46 -42.13 116.07
CA THR N 194 -92.71 -41.73 114.68
C THR N 194 -93.29 -40.32 114.69
N GLU N 195 -94.19 -40.03 115.66
CA GLU N 195 -94.76 -38.69 115.79
C GLU N 195 -93.67 -37.63 115.98
N ARG N 196 -92.57 -37.99 116.66
CA ARG N 196 -91.45 -37.06 116.89
C ARG N 196 -90.46 -36.97 115.71
N GLY N 197 -90.70 -37.73 114.64
CA GLY N 197 -89.80 -37.73 113.49
C GLY N 197 -88.83 -38.90 113.40
N TYR N 198 -89.02 -39.90 114.26
CA TYR N 198 -88.15 -41.07 114.27
C TYR N 198 -88.97 -42.32 113.98
N SER N 199 -89.07 -42.68 112.70
CA SER N 199 -89.84 -43.86 112.32
C SER N 199 -89.02 -45.13 112.44
N PHE N 200 -89.66 -46.17 112.97
CA PHE N 200 -89.06 -47.50 113.10
C PHE N 200 -90.01 -48.51 112.45
N VAL N 201 -89.61 -49.16 111.35
CA VAL N 201 -90.50 -50.11 110.68
C VAL N 201 -89.96 -51.54 110.45
N THR N 202 -88.65 -51.76 110.61
CA THR N 202 -88.03 -53.09 110.36
C THR N 202 -87.71 -53.79 111.67
N THR N 203 -87.28 -55.05 111.62
CA THR N 203 -86.89 -55.76 112.85
C THR N 203 -85.78 -55.10 113.63
N ALA N 204 -84.71 -54.69 112.97
CA ALA N 204 -83.63 -54.09 113.76
C ALA N 204 -84.18 -52.85 114.46
N GLU N 205 -85.02 -52.10 113.76
CA GLU N 205 -85.59 -50.91 114.32
C GLU N 205 -86.54 -51.22 115.50
N ARG N 206 -87.30 -52.30 115.37
CA ARG N 206 -88.21 -52.72 116.43
C ARG N 206 -87.45 -53.10 117.70
N GLU N 207 -86.36 -53.86 117.53
CA GLU N 207 -85.55 -54.29 118.66
C GLU N 207 -84.88 -53.08 119.32
N ILE N 208 -84.50 -52.08 118.52
CA ILE N 208 -83.92 -50.87 119.06
C ILE N 208 -84.94 -50.13 119.91
N VAL N 209 -86.19 -50.01 119.44
CA VAL N 209 -87.20 -49.33 120.25
C VAL N 209 -87.43 -50.09 121.53
N ARG N 210 -87.34 -51.42 121.46
CA ARG N 210 -87.52 -52.26 122.64
C ARG N 210 -86.44 -51.92 123.66
N ASP N 211 -85.22 -51.73 123.16
CA ASP N 211 -84.10 -51.38 124.03
C ASP N 211 -84.27 -49.95 124.61
N ILE N 212 -84.83 -49.03 123.81
CA ILE N 212 -85.07 -47.67 124.28
C ILE N 212 -86.03 -47.71 125.43
N LYS N 213 -87.12 -48.45 125.25
CA LYS N 213 -88.14 -48.55 126.26
C LYS N 213 -87.58 -49.06 127.58
N GLU N 214 -86.80 -50.13 127.49
CA GLU N 214 -86.25 -50.77 128.67
C GLU N 214 -85.35 -49.86 129.50
N LYS N 215 -84.60 -48.99 128.83
CA LYS N 215 -83.69 -48.09 129.54
C LYS N 215 -84.26 -46.70 129.88
N LEU N 216 -85.18 -46.17 129.07
CA LEU N 216 -85.67 -44.81 129.30
C LEU N 216 -87.03 -44.66 129.95
N CYS N 217 -87.91 -45.65 129.81
CA CYS N 217 -89.27 -45.45 130.26
C CYS N 217 -89.55 -45.67 131.74
N TYR N 218 -90.56 -44.94 132.22
CA TYR N 218 -90.98 -45.01 133.63
C TYR N 218 -92.45 -44.68 133.86
N VAL N 219 -92.92 -45.02 135.06
CA VAL N 219 -94.29 -44.77 135.50
C VAL N 219 -94.42 -43.62 136.50
N ALA N 220 -93.56 -43.61 137.50
CA ALA N 220 -93.62 -42.65 138.60
C ALA N 220 -95.01 -42.73 139.26
N LEU N 221 -95.65 -41.59 139.57
CA LEU N 221 -96.95 -41.68 140.25
C LEU N 221 -98.17 -41.14 139.52
N ASP N 222 -97.99 -40.33 138.48
CA ASP N 222 -99.13 -39.66 137.83
C ASP N 222 -98.85 -39.28 136.37
N PHE N 223 -99.39 -40.04 135.42
CA PHE N 223 -99.05 -39.84 134.01
C PHE N 223 -99.55 -38.52 133.44
N GLU N 224 -100.74 -38.09 133.85
CA GLU N 224 -101.28 -36.86 133.28
C GLU N 224 -100.48 -35.66 133.75
N ASN N 225 -100.09 -35.65 135.01
CA ASN N 225 -99.32 -34.51 135.49
C ASN N 225 -97.89 -34.58 134.98
N GLU N 226 -97.40 -35.80 134.76
CA GLU N 226 -96.04 -35.97 134.32
C GLU N 226 -95.94 -35.50 132.86
N MET N 227 -96.97 -35.77 132.01
CA MET N 227 -96.92 -35.28 130.62
C MET N 227 -97.27 -33.82 130.57
N ALA N 228 -98.04 -33.30 131.51
CA ALA N 228 -98.29 -31.89 131.47
C ALA N 228 -96.95 -31.16 131.57
N THR N 229 -96.05 -31.70 132.41
CA THR N 229 -94.72 -31.14 132.54
C THR N 229 -93.81 -31.52 131.36
N ALA N 230 -93.75 -32.80 130.99
CA ALA N 230 -92.85 -33.23 129.92
C ALA N 230 -93.17 -32.56 128.58
N ALA N 231 -94.44 -32.26 128.35
CA ALA N 231 -94.87 -31.60 127.14
C ALA N 231 -94.55 -30.10 127.18
N SER N 232 -94.22 -29.57 128.36
CA SER N 232 -93.97 -28.16 128.57
C SER N 232 -92.47 -27.86 128.75
N SER N 233 -91.69 -28.86 129.15
CA SER N 233 -90.27 -28.63 129.43
C SER N 233 -89.31 -29.76 129.11
N SER N 234 -88.14 -29.35 128.63
CA SER N 234 -87.02 -30.21 128.25
C SER N 234 -86.40 -30.94 129.44
N SER N 235 -86.77 -30.51 130.66
CA SER N 235 -86.24 -31.10 131.87
C SER N 235 -86.66 -32.56 132.05
N LEU N 236 -87.68 -33.02 131.32
CA LEU N 236 -88.08 -34.42 131.43
C LEU N 236 -87.72 -35.22 130.17
N GLU N 237 -86.88 -34.64 129.30
CA GLU N 237 -86.46 -35.34 128.10
C GLU N 237 -85.16 -36.10 128.34
N LYS N 238 -85.02 -37.22 127.65
CA LYS N 238 -83.81 -38.03 127.73
C LYS N 238 -83.35 -38.47 126.35
N SER N 239 -82.05 -38.32 126.10
CA SER N 239 -81.44 -38.72 124.85
C SER N 239 -80.86 -40.14 124.87
N TYR N 240 -81.36 -40.96 123.96
CA TYR N 240 -80.94 -42.36 123.81
C TYR N 240 -79.99 -42.51 122.63
N GLU N 241 -78.90 -43.20 122.85
CA GLU N 241 -77.94 -43.43 121.79
C GLU N 241 -78.26 -44.67 120.98
N LEU N 242 -78.52 -44.46 119.70
CA LEU N 242 -78.86 -45.52 118.79
C LEU N 242 -77.54 -46.21 118.48
N PRO N 243 -77.53 -47.51 118.13
CA PRO N 243 -76.33 -48.26 117.78
C PRO N 243 -75.43 -47.62 116.71
N ASP N 244 -75.98 -46.79 115.81
CA ASP N 244 -75.17 -46.17 114.78
C ASP N 244 -74.58 -44.82 115.20
N GLY N 245 -74.75 -44.43 116.47
CA GLY N 245 -74.20 -43.18 116.98
C GLY N 245 -75.16 -41.99 116.93
N GLN N 246 -76.33 -42.15 116.30
CA GLN N 246 -77.27 -41.05 116.24
C GLN N 246 -78.09 -41.05 117.51
N VAL N 247 -78.70 -39.91 117.83
CA VAL N 247 -79.52 -39.89 119.03
C VAL N 247 -80.95 -39.51 118.79
N ILE N 248 -81.78 -40.12 119.61
CA ILE N 248 -83.19 -39.87 119.64
C ILE N 248 -83.56 -39.23 120.97
N THR N 249 -84.26 -38.09 120.92
CA THR N 249 -84.66 -37.43 122.16
C THR N 249 -86.11 -37.76 122.39
N ILE N 250 -86.38 -38.30 123.58
CA ILE N 250 -87.70 -38.75 123.97
C ILE N 250 -88.26 -37.96 125.15
N GLY N 251 -89.50 -37.46 125.01
CA GLY N 251 -90.15 -36.59 125.99
C GLY N 251 -91.22 -37.33 126.76
N ASN N 252 -92.49 -36.98 126.53
CA ASN N 252 -93.55 -37.62 127.32
C ASN N 252 -93.80 -39.05 126.87
N GLU N 253 -93.18 -39.45 125.78
CA GLU N 253 -93.34 -40.77 125.23
C GLU N 253 -92.66 -41.77 126.16
N ARG N 254 -91.75 -41.22 126.96
CA ARG N 254 -90.95 -41.91 127.93
C ARG N 254 -91.84 -42.55 128.98
N PHE N 255 -92.97 -41.90 129.28
CA PHE N 255 -93.89 -42.40 130.29
C PHE N 255 -95.22 -42.84 129.69
N ARG N 256 -95.54 -42.37 128.50
CA ARG N 256 -96.80 -42.75 127.87
C ARG N 256 -96.71 -44.21 127.44
N CYS N 257 -95.51 -44.66 127.07
CA CYS N 257 -95.38 -46.07 126.73
C CYS N 257 -95.90 -46.95 127.91
N PRO N 258 -95.36 -46.85 129.15
CA PRO N 258 -95.92 -47.45 130.37
C PRO N 258 -97.39 -47.10 130.66
N GLU N 259 -97.81 -45.87 130.29
CA GLU N 259 -99.19 -45.46 130.51
C GLU N 259 -100.09 -46.43 129.80
N THR N 260 -99.67 -46.93 128.64
CA THR N 260 -100.44 -47.90 127.86
C THR N 260 -100.89 -49.05 128.77
N LEU N 261 -100.05 -49.48 129.73
CA LEU N 261 -100.45 -50.56 130.64
C LEU N 261 -101.65 -50.10 131.44
N PHE N 262 -101.67 -48.82 131.78
CA PHE N 262 -102.76 -48.26 132.58
C PHE N 262 -103.87 -47.71 131.66
N GLN N 263 -103.57 -47.56 130.36
CA GLN N 263 -104.45 -47.07 129.29
C GLN N 263 -104.30 -47.89 127.98
N PRO N 264 -104.84 -49.13 127.90
CA PRO N 264 -104.74 -50.10 126.80
C PRO N 264 -105.31 -49.58 125.48
N SER N 265 -106.11 -48.50 125.56
CA SER N 265 -106.73 -47.87 124.41
C SER N 265 -105.64 -47.27 123.51
N PHE N 266 -104.44 -47.12 124.07
CA PHE N 266 -103.28 -46.59 123.36
C PHE N 266 -102.84 -47.53 122.22
N ILE N 267 -103.22 -48.82 122.29
CA ILE N 267 -102.90 -49.77 121.23
C ILE N 267 -104.18 -50.26 120.57
N GLY N 268 -105.29 -49.57 120.83
CA GLY N 268 -106.57 -49.93 120.27
C GLY N 268 -107.33 -51.00 121.05
N MET N 269 -106.91 -51.37 122.26
CA MET N 269 -107.61 -52.39 123.02
C MET N 269 -108.64 -51.79 123.95
N GLU N 270 -109.83 -52.40 124.10
CA GLU N 270 -110.80 -51.90 125.09
C GLU N 270 -110.56 -52.60 126.45
N SER N 271 -110.04 -51.84 127.42
CA SER N 271 -109.72 -52.31 128.76
C SER N 271 -109.60 -51.19 129.77
N ALA N 272 -109.76 -51.56 131.03
CA ALA N 272 -109.65 -50.62 132.15
C ALA N 272 -108.20 -50.40 132.60
N GLY N 273 -107.27 -51.18 132.07
CA GLY N 273 -105.86 -51.06 132.48
C GLY N 273 -105.45 -52.09 133.51
N ILE N 274 -104.15 -52.28 133.65
CA ILE N 274 -103.61 -53.31 134.54
C ILE N 274 -103.97 -53.15 136.02
N HIS N 275 -104.21 -51.93 136.50
CA HIS N 275 -104.57 -51.77 137.88
C HIS N 275 -106.01 -52.14 138.19
N GLU N 276 -106.88 -52.13 137.18
CA GLU N 276 -108.26 -52.42 137.45
C GLU N 276 -108.44 -53.90 137.23
N THR N 277 -107.67 -54.46 136.29
CA THR N 277 -107.74 -55.87 136.08
C THR N 277 -107.11 -56.55 137.31
N THR N 278 -106.08 -55.93 137.93
CA THR N 278 -105.53 -56.47 139.16
C THR N 278 -106.59 -56.42 140.24
N TYR N 279 -107.25 -55.27 140.36
CA TYR N 279 -108.30 -55.10 141.32
C TYR N 279 -109.37 -56.15 141.18
N ASN N 280 -109.83 -56.38 139.96
CA ASN N 280 -110.87 -57.35 139.73
C ASN N 280 -110.42 -58.80 140.01
N SER N 281 -109.15 -59.14 139.77
CA SER N 281 -108.71 -60.49 140.10
C SER N 281 -108.83 -60.69 141.61
N ILE N 282 -108.48 -59.65 142.36
CA ILE N 282 -108.55 -59.70 143.80
C ILE N 282 -110.01 -59.74 144.27
N MET N 283 -110.82 -58.83 143.72
CA MET N 283 -112.23 -58.67 144.07
C MET N 283 -113.07 -59.92 143.89
N LYS N 284 -112.77 -60.69 142.84
CA LYS N 284 -113.52 -61.88 142.48
C LYS N 284 -113.12 -63.14 143.25
N CYS N 285 -112.10 -63.04 144.09
CA CYS N 285 -111.67 -64.15 144.90
C CYS N 285 -112.48 -64.16 146.19
N ASP N 286 -112.45 -65.26 146.93
CA ASP N 286 -113.20 -65.36 148.17
C ASP N 286 -112.86 -64.22 149.12
N ILE N 287 -113.85 -63.76 149.89
CA ILE N 287 -113.63 -62.63 150.78
C ILE N 287 -112.54 -62.88 151.85
N ASP N 288 -112.30 -64.15 152.24
CA ASP N 288 -111.26 -64.43 153.22
C ASP N 288 -109.90 -64.70 152.57
N ILE N 289 -109.86 -64.61 151.24
CA ILE N 289 -108.65 -64.77 150.45
C ILE N 289 -108.19 -63.40 149.96
N ARG N 290 -109.14 -62.64 149.42
CA ARG N 290 -108.86 -61.32 148.86
C ARG N 290 -108.21 -60.36 149.86
N LYS N 291 -108.53 -60.50 151.14
CA LYS N 291 -107.96 -59.61 152.14
C LYS N 291 -106.43 -59.69 152.18
N ASP N 292 -105.91 -60.87 151.77
CA ASP N 292 -104.49 -61.16 151.74
C ASP N 292 -103.96 -60.89 150.35
N LEU N 293 -104.79 -61.08 149.32
CA LEU N 293 -104.30 -60.85 147.96
C LEU N 293 -104.03 -59.36 147.77
N TYR N 294 -104.88 -58.50 148.34
CA TYR N 294 -104.67 -57.06 148.22
C TYR N 294 -103.31 -56.67 148.81
N ALA N 295 -102.96 -57.32 149.91
CA ALA N 295 -101.75 -57.13 150.70
C ALA N 295 -100.52 -57.81 150.12
N ASN N 296 -100.73 -58.59 149.07
CA ASN N 296 -99.67 -59.34 148.45
C ASN N 296 -99.77 -59.26 146.95
N ASN N 297 -99.67 -58.05 146.42
CA ASN N 297 -99.59 -57.87 144.99
C ASN N 297 -98.11 -57.97 144.70
N VAL N 298 -97.71 -59.00 144.00
CA VAL N 298 -96.29 -59.25 143.82
C VAL N 298 -95.93 -59.17 142.35
N MET N 299 -94.99 -58.29 142.04
CA MET N 299 -94.56 -58.15 140.67
C MET N 299 -93.57 -59.22 140.29
N SER N 300 -93.70 -59.68 139.05
CA SER N 300 -92.81 -60.68 138.52
C SER N 300 -92.68 -60.42 137.06
N GLY N 301 -91.78 -61.11 136.40
CA GLY N 301 -91.68 -60.92 134.95
C GLY N 301 -91.09 -59.55 134.68
N GLY N 302 -91.24 -59.06 133.45
CA GLY N 302 -90.71 -57.76 133.03
C GLY N 302 -91.80 -56.69 133.00
N THR N 303 -91.47 -55.51 132.46
CA THR N 303 -92.36 -54.30 132.41
C THR N 303 -92.61 -53.70 133.84
N THR N 304 -92.37 -54.52 134.87
CA THR N 304 -92.46 -54.20 136.28
C THR N 304 -91.12 -53.62 136.69
N MET N 305 -90.26 -53.57 135.70
CA MET N 305 -88.94 -53.04 135.74
C MET N 305 -88.97 -51.56 135.32
N TYR N 306 -90.18 -50.98 135.13
CA TYR N 306 -90.31 -49.54 134.88
C TYR N 306 -90.28 -48.86 136.26
N PRO N 307 -89.44 -47.85 136.52
CA PRO N 307 -89.42 -47.16 137.79
C PRO N 307 -90.79 -46.59 138.13
N GLY N 308 -91.22 -46.79 139.37
CA GLY N 308 -92.51 -46.29 139.84
C GLY N 308 -93.70 -47.18 139.49
N ILE N 309 -93.50 -48.31 138.83
CA ILE N 309 -94.66 -49.11 138.47
C ILE N 309 -95.50 -49.51 139.68
N ALA N 310 -94.86 -49.80 140.81
CA ALA N 310 -95.53 -50.22 142.02
C ALA N 310 -96.15 -49.05 142.77
N ASP N 311 -95.77 -47.83 142.43
CA ASP N 311 -96.33 -46.71 143.17
C ASP N 311 -97.61 -46.30 142.50
N ARG N 312 -97.65 -46.37 141.16
CA ARG N 312 -98.90 -46.00 140.53
C ARG N 312 -99.87 -47.15 140.77
N MET N 313 -99.42 -48.40 140.63
CA MET N 313 -100.30 -49.52 140.84
C MET N 313 -100.85 -49.54 142.26
N GLN N 314 -100.03 -49.28 143.29
CA GLN N 314 -100.57 -49.36 144.63
C GLN N 314 -101.60 -48.28 144.86
N LYS N 315 -101.38 -47.06 144.33
CA LYS N 315 -102.35 -45.99 144.53
C LYS N 315 -103.66 -46.29 143.80
N GLU N 316 -103.56 -46.84 142.58
CA GLU N 316 -104.75 -47.16 141.79
C GLU N 316 -105.59 -48.26 142.46
N ILE N 317 -104.92 -49.24 143.06
CA ILE N 317 -105.61 -50.34 143.72
C ILE N 317 -106.16 -49.89 145.06
N THR N 318 -105.38 -49.15 145.84
CA THR N 318 -105.79 -48.67 147.15
C THR N 318 -107.08 -47.87 147.03
N ALA N 319 -107.18 -47.06 145.97
CA ALA N 319 -108.34 -46.23 145.66
C ALA N 319 -109.62 -47.03 145.40
N LEU N 320 -109.49 -48.29 144.96
CA LEU N 320 -110.63 -49.14 144.63
C LEU N 320 -110.93 -50.14 145.75
N ALA N 321 -109.89 -50.51 146.48
CA ALA N 321 -109.92 -51.49 147.55
C ALA N 321 -110.73 -51.03 148.76
N PRO N 322 -111.39 -51.94 149.50
CA PRO N 322 -112.11 -51.70 150.72
C PRO N 322 -111.17 -51.48 151.88
N SER N 323 -111.70 -50.86 152.93
CA SER N 323 -111.00 -50.67 154.20
C SER N 323 -110.92 -52.02 154.91
N THR N 324 -110.16 -52.09 156.01
CA THR N 324 -109.92 -53.31 156.81
C THR N 324 -108.90 -54.24 156.13
N MET N 325 -109.13 -54.51 154.85
CA MET N 325 -108.25 -55.34 154.05
C MET N 325 -106.97 -54.55 153.82
N LYS N 326 -105.84 -55.22 153.65
CA LYS N 326 -104.58 -54.48 153.47
C LYS N 326 -104.15 -54.42 152.03
N ILE N 327 -103.64 -53.27 151.58
CA ILE N 327 -103.16 -53.14 150.21
C ILE N 327 -101.65 -52.90 150.18
N LYS N 328 -100.91 -53.75 149.46
CA LYS N 328 -99.46 -53.61 149.34
C LYS N 328 -98.85 -54.21 148.07
N ILE N 329 -97.97 -53.43 147.40
CA ILE N 329 -97.23 -53.99 146.27
C ILE N 329 -95.77 -54.22 146.59
N ILE N 330 -95.38 -55.46 146.32
CA ILE N 330 -94.05 -55.95 146.48
C ILE N 330 -93.42 -56.03 145.10
N ALA N 331 -92.27 -55.40 144.93
CA ALA N 331 -91.59 -55.40 143.65
C ALA N 331 -90.16 -55.82 143.90
N PRO N 332 -89.92 -57.13 144.09
CA PRO N 332 -88.71 -57.74 144.60
C PRO N 332 -87.61 -57.69 143.55
N PRO N 333 -86.35 -57.71 144.02
CA PRO N 333 -85.11 -57.71 143.25
C PRO N 333 -84.93 -59.05 142.54
N GLU N 334 -85.93 -59.91 142.66
CA GLU N 334 -85.97 -61.21 142.01
C GLU N 334 -86.96 -61.13 140.85
N ARG N 335 -87.12 -59.92 140.32
CA ARG N 335 -88.00 -59.65 139.19
C ARG N 335 -87.27 -60.04 137.92
N LYS N 336 -88.03 -60.20 136.84
CA LYS N 336 -87.53 -60.65 135.54
C LYS N 336 -86.87 -62.02 135.69
N TYR N 337 -86.63 -62.46 136.92
CA TYR N 337 -86.07 -63.81 137.11
C TYR N 337 -86.80 -64.75 138.11
N SER N 338 -87.84 -64.27 138.80
CA SER N 338 -88.53 -65.08 139.82
C SER N 338 -89.20 -66.32 139.27
N VAL N 339 -89.65 -66.29 138.02
CA VAL N 339 -90.31 -67.46 137.48
C VAL N 339 -89.32 -68.61 137.34
N TRP N 340 -88.11 -68.29 136.85
CA TRP N 340 -87.12 -69.33 136.68
C TRP N 340 -86.79 -69.93 138.05
N ILE N 341 -86.62 -69.05 139.04
CA ILE N 341 -86.23 -69.45 140.38
C ILE N 341 -87.29 -70.36 140.95
N GLY N 342 -88.55 -70.00 140.80
CA GLY N 342 -89.58 -70.87 141.30
C GLY N 342 -89.53 -72.21 140.59
N GLY N 343 -89.23 -72.24 139.29
CA GLY N 343 -89.17 -73.51 138.57
C GLY N 343 -88.15 -74.44 139.22
N SER N 344 -87.01 -73.86 139.66
CA SER N 344 -85.96 -74.60 140.36
C SER N 344 -86.46 -75.15 141.68
N ILE N 345 -87.18 -74.30 142.43
CA ILE N 345 -87.73 -74.68 143.72
C ILE N 345 -88.76 -75.76 143.59
N LEU N 346 -89.68 -75.62 142.64
CA LEU N 346 -90.72 -76.60 142.46
C LEU N 346 -90.18 -77.92 141.93
N ALA N 347 -89.30 -77.88 140.93
CA ALA N 347 -88.80 -79.10 140.30
C ALA N 347 -88.13 -80.05 141.30
N SER N 348 -87.42 -79.47 142.28
CA SER N 348 -86.71 -80.19 143.33
C SER N 348 -87.49 -80.34 144.65
N LEU N 349 -88.72 -79.82 144.71
CA LEU N 349 -89.53 -79.83 145.92
C LEU N 349 -89.93 -81.27 146.23
N SER N 350 -89.82 -81.68 147.49
CA SER N 350 -90.13 -83.08 147.83
C SER N 350 -91.58 -83.47 147.60
N THR N 351 -92.48 -82.51 147.71
CA THR N 351 -93.91 -82.72 147.58
C THR N 351 -94.34 -82.68 146.13
N PHE N 352 -93.37 -82.43 145.26
CA PHE N 352 -93.57 -82.34 143.84
C PHE N 352 -92.95 -83.53 143.11
N GLN N 353 -92.37 -84.49 143.82
CA GLN N 353 -91.67 -85.52 143.05
C GLN N 353 -92.62 -86.53 142.42
N GLN N 354 -93.87 -86.49 142.83
CA GLN N 354 -94.88 -87.36 142.30
C GLN N 354 -95.68 -86.66 141.18
N MET N 355 -95.36 -85.39 140.90
CA MET N 355 -96.09 -84.63 139.89
C MET N 355 -95.51 -84.72 138.50
N TRP N 356 -94.36 -85.36 138.38
CA TRP N 356 -93.66 -85.51 137.12
C TRP N 356 -94.32 -86.57 136.25
N ILE N 357 -94.48 -86.27 134.96
CA ILE N 357 -95.02 -87.22 133.99
C ILE N 357 -93.85 -88.02 133.54
N THR N 358 -93.88 -89.34 133.64
CA THR N 358 -92.68 -90.07 133.21
C THR N 358 -92.80 -90.45 131.75
N LYS N 359 -91.68 -90.84 131.11
CA LYS N 359 -91.78 -91.30 129.72
C LYS N 359 -92.15 -92.77 129.72
N GLN N 360 -93.35 -93.01 130.21
CA GLN N 360 -94.02 -94.27 130.35
C GLN N 360 -95.46 -93.91 130.06
N GLU N 361 -95.96 -93.05 130.96
CA GLU N 361 -97.30 -92.51 130.93
C GLU N 361 -97.48 -91.71 129.66
N TYR N 362 -96.40 -90.99 129.29
CA TYR N 362 -96.37 -90.19 128.08
C TYR N 362 -96.66 -90.99 126.84
N ASP N 363 -96.02 -92.14 126.65
CA ASP N 363 -96.22 -92.84 125.40
C ASP N 363 -97.55 -93.58 125.42
N GLU N 364 -97.98 -94.03 126.59
CA GLU N 364 -99.27 -94.72 126.62
C GLU N 364 -100.43 -93.78 126.28
N ALA N 365 -100.38 -92.53 126.78
CA ALA N 365 -101.43 -91.55 126.56
C ALA N 365 -101.20 -90.54 125.42
N GLY N 366 -99.94 -90.24 125.11
CA GLY N 366 -99.59 -89.19 124.16
C GLY N 366 -99.43 -87.88 124.94
N PRO N 367 -98.94 -86.80 124.29
CA PRO N 367 -98.61 -85.51 124.89
C PRO N 367 -99.76 -84.76 125.52
N SER N 368 -101.00 -85.09 125.15
CA SER N 368 -102.18 -84.43 125.69
C SER N 368 -102.35 -84.73 127.17
N ILE N 369 -101.62 -85.74 127.66
CA ILE N 369 -101.59 -86.18 129.04
C ILE N 369 -101.26 -85.06 130.01
N VAL N 370 -100.48 -84.09 129.53
CA VAL N 370 -100.05 -82.97 130.33
C VAL N 370 -101.23 -82.14 130.85
N HIS N 371 -102.34 -82.17 130.09
CA HIS N 371 -103.53 -81.41 130.42
C HIS N 371 -104.23 -81.99 131.65
N ARG N 372 -104.01 -83.27 131.95
CA ARG N 372 -104.65 -83.89 133.10
C ARG N 372 -103.67 -84.01 134.27
N LYS N 373 -102.38 -84.17 133.95
CA LYS N 373 -101.34 -84.36 134.96
C LYS N 373 -100.77 -83.11 135.65
N CYS N 374 -100.72 -81.95 134.97
CA CYS N 374 -100.04 -80.83 135.60
C CYS N 374 -100.86 -79.85 136.44
N PHE N 375 -102.08 -79.51 136.00
CA PHE N 375 -102.93 -78.51 136.67
C PHE N 375 -104.25 -78.36 135.92
N ASP O 1 -149.37 -44.47 113.18
CA ASP O 1 -148.92 -45.85 113.36
C ASP O 1 -149.69 -46.56 114.46
N GLU O 2 -150.18 -45.79 115.43
CA GLU O 2 -150.95 -46.33 116.55
C GLU O 2 -152.29 -45.63 116.69
N ASP O 3 -153.37 -46.40 116.69
CA ASP O 3 -154.73 -45.86 116.72
C ASP O 3 -155.47 -45.87 118.06
N GLU O 4 -154.81 -46.18 119.17
CA GLU O 4 -155.49 -46.23 120.47
C GLU O 4 -154.59 -45.79 121.62
N THR O 5 -155.20 -45.29 122.69
CA THR O 5 -154.43 -44.90 123.89
C THR O 5 -154.20 -46.09 124.81
N THR O 6 -153.51 -47.09 124.27
CA THR O 6 -153.19 -48.31 124.99
C THR O 6 -151.93 -48.12 125.82
N ALA O 7 -151.66 -49.06 126.69
CA ALA O 7 -150.42 -49.00 127.47
C ALA O 7 -149.27 -49.44 126.60
N LEU O 8 -148.08 -48.93 126.85
CA LEU O 8 -146.91 -49.38 126.13
C LEU O 8 -146.19 -50.34 127.05
N VAL O 9 -145.60 -51.40 126.50
CA VAL O 9 -144.94 -52.39 127.35
C VAL O 9 -143.48 -52.67 127.02
N CYS O 10 -142.61 -52.65 128.05
CA CYS O 10 -141.21 -53.02 127.83
C CYS O 10 -140.63 -53.93 128.91
N ASP O 11 -139.89 -54.96 128.48
CA ASP O 11 -139.24 -55.91 129.38
C ASP O 11 -137.79 -55.48 129.61
N ASN O 12 -137.43 -54.90 130.77
CA ASN O 12 -136.07 -54.34 130.88
C ASN O 12 -135.02 -55.28 131.46
N GLY O 13 -134.41 -56.15 130.66
CA GLY O 13 -133.43 -57.05 131.26
C GLY O 13 -132.01 -56.53 131.08
N SER O 14 -131.02 -57.31 131.52
CA SER O 14 -129.61 -56.94 131.37
C SER O 14 -129.13 -57.14 129.97
N GLY O 15 -129.89 -57.92 129.23
CA GLY O 15 -129.60 -58.30 127.86
C GLY O 15 -130.22 -57.33 126.89
N LEU O 16 -131.51 -57.52 126.65
CA LEU O 16 -132.30 -56.76 125.71
C LEU O 16 -133.60 -56.22 126.30
N VAL O 17 -134.07 -55.12 125.74
CA VAL O 17 -135.35 -54.57 126.11
C VAL O 17 -136.38 -54.91 125.05
N LYS O 18 -137.33 -55.75 125.41
CA LYS O 18 -138.34 -56.11 124.42
C LYS O 18 -139.40 -55.07 124.45
N ALA O 19 -139.93 -54.65 123.31
CA ALA O 19 -140.99 -53.66 123.38
C ALA O 19 -142.05 -53.77 122.31
N GLY O 20 -143.23 -53.32 122.68
CA GLY O 20 -144.39 -53.29 121.80
C GLY O 20 -145.52 -52.59 122.53
N PHE O 21 -146.75 -52.71 122.04
CA PHE O 21 -147.84 -52.05 122.72
C PHE O 21 -148.71 -53.10 123.40
N ALA O 22 -149.37 -52.71 124.48
CA ALA O 22 -150.25 -53.65 125.13
C ALA O 22 -151.39 -53.97 124.20
N GLY O 23 -151.69 -55.26 124.13
CA GLY O 23 -152.72 -55.77 123.28
C GLY O 23 -152.11 -56.60 122.15
N ASP O 24 -150.79 -56.47 121.90
CA ASP O 24 -150.23 -57.32 120.87
C ASP O 24 -149.84 -58.65 121.52
N ASP O 25 -149.34 -59.59 120.73
CA ASP O 25 -148.91 -60.92 121.22
C ASP O 25 -147.42 -61.12 121.08
N ALA O 26 -146.73 -60.06 120.74
CA ALA O 26 -145.30 -60.06 120.53
C ALA O 26 -144.80 -58.64 120.62
N PRO O 27 -143.53 -58.41 120.95
CA PRO O 27 -142.93 -57.11 120.90
C PRO O 27 -142.85 -56.72 119.44
N ARG O 28 -142.88 -55.42 119.14
CA ARG O 28 -142.75 -54.97 117.76
C ARG O 28 -141.28 -54.95 117.38
N ALA O 29 -140.45 -54.67 118.38
CA ALA O 29 -139.02 -54.62 118.19
C ALA O 29 -138.33 -54.99 119.48
N VAL O 30 -137.12 -55.52 119.38
CA VAL O 30 -136.36 -55.83 120.56
C VAL O 30 -135.03 -55.12 120.47
N PHE O 31 -134.68 -54.38 121.51
CA PHE O 31 -133.48 -53.61 121.48
C PHE O 31 -132.50 -54.14 122.49
N PRO O 32 -131.21 -54.13 122.24
CA PRO O 32 -130.18 -54.42 123.21
C PRO O 32 -130.29 -53.40 124.33
N SER O 33 -130.05 -53.79 125.58
CA SER O 33 -130.08 -52.85 126.69
C SER O 33 -128.73 -52.13 126.73
N ILE O 34 -128.41 -51.43 125.66
CA ILE O 34 -127.11 -50.84 125.51
C ILE O 34 -127.06 -49.39 125.07
N VAL O 35 -126.19 -48.64 125.73
CA VAL O 35 -125.83 -47.33 125.23
C VAL O 35 -124.33 -47.42 124.92
N GLY O 36 -123.98 -47.25 123.65
CA GLY O 36 -122.61 -47.43 123.23
C GLY O 36 -121.87 -46.12 123.10
N ARG O 37 -120.59 -46.15 123.39
CA ARG O 37 -119.79 -44.94 123.26
C ARG O 37 -118.45 -45.24 122.60
N PRO O 38 -117.99 -44.42 121.65
CA PRO O 38 -116.78 -44.65 120.89
C PRO O 38 -115.57 -44.68 121.77
N ARG O 39 -114.65 -45.59 121.46
CA ARG O 39 -113.40 -45.71 122.18
C ARG O 39 -112.25 -45.28 121.28
N HIS O 40 -112.61 -44.71 120.14
CA HIS O 40 -111.68 -44.23 119.13
C HIS O 40 -111.99 -42.78 118.79
N GLN O 41 -110.98 -42.03 118.33
CA GLN O 41 -111.17 -40.64 117.92
C GLN O 41 -111.94 -40.50 116.62
N GLY O 42 -113.00 -39.69 116.64
CA GLY O 42 -113.78 -39.43 115.44
C GLY O 42 -113.02 -38.49 114.52
N VAL O 43 -113.14 -38.71 113.21
CA VAL O 43 -112.48 -37.81 112.28
C VAL O 43 -113.43 -37.15 111.28
N MET O 44 -114.56 -37.80 111.00
CA MET O 44 -115.53 -37.21 110.09
C MET O 44 -116.53 -36.35 110.85
N VAL O 45 -117.06 -35.36 110.18
CA VAL O 45 -118.12 -34.53 110.73
C VAL O 45 -119.21 -34.54 109.67
N GLY O 46 -120.48 -34.52 110.07
CA GLY O 46 -121.52 -34.55 109.03
C GLY O 46 -121.69 -35.99 108.56
N MET O 47 -121.21 -36.89 109.42
CA MET O 47 -121.19 -38.34 109.26
C MET O 47 -122.37 -39.03 109.91
N GLY O 48 -123.32 -38.24 110.39
CA GLY O 48 -124.41 -38.78 111.16
C GLY O 48 -123.76 -39.27 112.44
N GLN O 49 -124.00 -40.53 112.79
CA GLN O 49 -123.46 -41.13 114.01
C GLN O 49 -124.10 -40.49 115.21
N LYS O 50 -123.67 -40.93 116.39
CA LYS O 50 -124.22 -40.46 117.64
C LYS O 50 -123.12 -40.15 118.64
N ASP O 51 -123.40 -39.27 119.62
CA ASP O 51 -122.47 -39.02 120.72
C ASP O 51 -122.48 -40.26 121.60
N SER O 52 -123.66 -40.85 121.66
CA SER O 52 -123.95 -42.07 122.36
C SER O 52 -124.97 -42.84 121.51
N TYR O 53 -124.68 -44.10 121.27
CA TYR O 53 -125.48 -44.93 120.37
C TYR O 53 -126.46 -45.73 121.17
N VAL O 54 -127.68 -45.91 120.70
CA VAL O 54 -128.58 -46.68 121.53
C VAL O 54 -129.19 -47.93 120.90
N GLY O 55 -129.21 -49.01 121.68
CA GLY O 55 -129.82 -50.25 121.24
C GLY O 55 -129.10 -50.84 120.06
N ASP O 56 -129.85 -51.01 118.97
CA ASP O 56 -129.34 -51.58 117.76
C ASP O 56 -128.31 -50.66 117.10
N GLU O 57 -128.31 -49.37 117.44
CA GLU O 57 -127.30 -48.48 116.92
C GLU O 57 -125.97 -48.83 117.58
N ALA O 58 -126.04 -49.16 118.88
CA ALA O 58 -124.87 -49.49 119.65
C ALA O 58 -124.31 -50.81 119.16
N GLN O 59 -125.19 -51.72 118.78
CA GLN O 59 -124.71 -52.98 118.27
C GLN O 59 -124.22 -52.86 116.83
N SER O 60 -124.86 -52.05 116.01
CA SER O 60 -124.45 -51.92 114.61
C SER O 60 -123.04 -51.36 114.51
N LYS O 61 -122.69 -50.47 115.43
CA LYS O 61 -121.39 -49.82 115.50
C LYS O 61 -120.46 -50.41 116.56
N ARG O 62 -120.83 -51.55 117.18
CA ARG O 62 -120.11 -52.10 118.33
C ARG O 62 -118.65 -52.35 118.14
N GLY O 63 -118.18 -52.56 116.93
CA GLY O 63 -116.77 -52.81 116.75
C GLY O 63 -115.90 -51.68 117.34
N ILE O 64 -116.40 -50.44 117.34
CA ILE O 64 -115.64 -49.31 117.87
C ILE O 64 -116.25 -48.71 119.13
N LEU O 65 -117.22 -49.38 119.75
CA LEU O 65 -117.87 -48.79 120.91
C LEU O 65 -117.70 -49.64 122.13
N THR O 66 -117.66 -48.98 123.28
CA THR O 66 -117.79 -49.72 124.51
C THR O 66 -119.28 -49.84 124.67
N LEU O 67 -119.75 -51.04 124.94
CA LEU O 67 -121.17 -51.23 125.07
C LEU O 67 -121.50 -51.26 126.54
N LYS O 68 -122.13 -50.19 127.01
CA LYS O 68 -122.47 -50.14 128.40
C LYS O 68 -123.87 -50.62 128.61
N TYR O 69 -123.98 -51.59 129.49
CA TYR O 69 -125.26 -52.11 129.85
C TYR O 69 -125.63 -51.41 131.17
N PRO O 70 -126.70 -50.59 131.23
CA PRO O 70 -127.15 -49.81 132.37
C PRO O 70 -127.74 -50.69 133.47
N ILE O 71 -127.99 -51.96 133.10
CA ILE O 71 -128.57 -52.95 133.97
C ILE O 71 -127.58 -54.05 134.34
N GLU O 72 -127.38 -54.21 135.64
CA GLU O 72 -126.44 -55.19 136.17
C GLU O 72 -127.15 -56.26 136.96
N HIS O 73 -127.23 -57.44 136.38
CA HIS O 73 -127.89 -58.61 136.97
C HIS O 73 -129.32 -58.30 137.42
N GLY O 74 -130.02 -57.56 136.56
CA GLY O 74 -131.41 -57.15 136.75
C GLY O 74 -131.62 -55.73 137.33
N ILE O 75 -130.60 -55.08 137.85
CA ILE O 75 -130.79 -53.74 138.43
C ILE O 75 -130.27 -52.58 137.59
N ILE O 76 -131.12 -51.59 137.34
CA ILE O 76 -130.70 -50.43 136.60
C ILE O 76 -129.89 -49.56 137.55
N THR O 77 -128.66 -49.25 137.15
CA THR O 77 -127.82 -48.40 137.96
C THR O 77 -127.63 -47.11 137.19
N ASN O 78 -127.84 -47.18 135.88
CA ASN O 78 -127.70 -46.01 135.04
C ASN O 78 -129.01 -45.66 134.35
N TRP O 79 -129.76 -44.76 134.99
CA TRP O 79 -131.08 -44.39 134.52
C TRP O 79 -131.03 -43.49 133.31
N ASP O 80 -129.91 -42.78 133.10
CA ASP O 80 -129.81 -41.86 131.97
C ASP O 80 -129.73 -42.71 130.70
N ASP O 81 -129.03 -43.82 130.78
CA ASP O 81 -128.93 -44.68 129.63
C ASP O 81 -130.24 -45.39 129.40
N MET O 82 -130.98 -45.73 130.47
CA MET O 82 -132.28 -46.34 130.22
C MET O 82 -133.25 -45.34 129.60
N GLU O 83 -133.08 -44.06 129.92
CA GLU O 83 -133.92 -43.02 129.34
C GLU O 83 -133.71 -42.99 127.83
N LYS O 84 -132.45 -43.14 127.41
CA LYS O 84 -132.11 -43.15 125.98
C LYS O 84 -132.68 -44.38 125.29
N ILE O 85 -132.61 -45.53 125.97
CA ILE O 85 -133.12 -46.79 125.43
C ILE O 85 -134.62 -46.70 125.27
N TRP O 86 -135.32 -46.22 126.29
CA TRP O 86 -136.76 -46.09 126.24
C TRP O 86 -137.17 -45.08 125.17
N HIS O 87 -136.45 -43.98 125.01
CA HIS O 87 -136.85 -43.01 124.01
C HIS O 87 -136.75 -43.66 122.64
N HIS O 88 -135.65 -44.33 122.37
CA HIS O 88 -135.49 -44.99 121.09
C HIS O 88 -136.55 -46.07 120.88
N THR O 89 -136.76 -46.88 121.91
CA THR O 89 -137.71 -47.96 121.88
C THR O 89 -139.14 -47.52 121.55
N PHE O 90 -139.59 -46.48 122.26
CA PHE O 90 -140.94 -46.00 122.12
C PHE O 90 -141.15 -45.13 120.89
N TYR O 91 -140.23 -44.22 120.59
CA TYR O 91 -140.42 -43.30 119.49
C TYR O 91 -139.96 -43.76 118.11
N ASN O 92 -138.90 -44.57 117.99
CA ASN O 92 -138.43 -44.90 116.65
C ASN O 92 -139.03 -46.16 116.04
N GLU O 93 -139.32 -47.19 116.85
CA GLU O 93 -139.90 -48.41 116.27
C GLU O 93 -141.36 -48.60 116.63
N LEU O 94 -141.74 -48.31 117.87
CA LEU O 94 -143.13 -48.48 118.26
C LEU O 94 -143.94 -47.29 117.77
N ARG O 95 -143.25 -46.18 117.57
CA ARG O 95 -143.76 -44.90 117.13
C ARG O 95 -144.82 -44.30 118.04
N VAL O 96 -144.68 -44.50 119.34
CA VAL O 96 -145.64 -43.93 120.26
C VAL O 96 -144.96 -43.13 121.35
N ALA O 97 -145.33 -41.87 121.46
CA ALA O 97 -144.78 -41.04 122.51
C ALA O 97 -145.53 -41.35 123.82
N PRO O 98 -144.86 -41.78 124.92
CA PRO O 98 -145.45 -42.16 126.21
C PRO O 98 -146.26 -41.03 126.82
N GLU O 99 -146.06 -39.80 126.39
CA GLU O 99 -146.81 -38.67 126.92
C GLU O 99 -148.32 -38.92 126.88
N GLU O 100 -148.82 -39.59 125.83
CA GLU O 100 -150.26 -39.84 125.73
C GLU O 100 -150.66 -41.30 126.03
N HIS O 101 -149.71 -42.12 126.52
CA HIS O 101 -149.95 -43.55 126.74
C HIS O 101 -149.33 -44.07 128.06
N PRO O 102 -150.04 -44.86 128.89
CA PRO O 102 -149.51 -45.48 130.12
C PRO O 102 -148.36 -46.38 129.77
N THR O 103 -147.38 -46.54 130.66
CA THR O 103 -146.27 -47.47 130.36
C THR O 103 -146.01 -48.51 131.46
N LEU O 104 -145.89 -49.75 131.05
CA LEU O 104 -145.59 -50.85 131.94
C LEU O 104 -144.19 -51.34 131.66
N LEU O 105 -143.38 -51.35 132.71
CA LEU O 105 -142.01 -51.79 132.63
C LEU O 105 -141.85 -52.99 133.54
N THR O 106 -140.96 -53.91 133.21
CA THR O 106 -140.78 -55.07 134.09
C THR O 106 -139.42 -55.13 134.81
N GLU O 107 -139.42 -55.86 135.97
CA GLU O 107 -138.25 -56.25 136.78
C GLU O 107 -138.46 -57.61 137.50
N ALA O 108 -137.39 -58.35 137.80
CA ALA O 108 -137.45 -59.60 138.59
C ALA O 108 -138.13 -59.41 139.98
N PRO O 109 -138.82 -60.43 140.55
CA PRO O 109 -139.55 -60.42 141.84
C PRO O 109 -138.85 -59.87 143.10
N LEU O 110 -137.54 -60.12 143.28
CA LEU O 110 -136.83 -59.61 144.46
C LEU O 110 -135.96 -58.42 144.10
N ASN O 111 -136.14 -57.86 142.92
CA ASN O 111 -135.33 -56.77 142.45
C ASN O 111 -135.46 -55.57 143.42
N PRO O 112 -134.34 -55.00 143.94
CA PRO O 112 -134.28 -53.88 144.86
C PRO O 112 -135.06 -52.69 144.36
N LYS O 113 -135.67 -51.96 145.30
CA LYS O 113 -136.55 -50.83 144.99
C LYS O 113 -135.93 -49.74 144.14
N ALA O 114 -134.62 -49.57 144.19
CA ALA O 114 -134.03 -48.50 143.39
C ALA O 114 -134.37 -48.68 141.90
N ASN O 115 -134.48 -49.92 141.44
CA ASN O 115 -134.75 -50.19 140.04
C ASN O 115 -136.13 -49.67 139.65
N ARG O 116 -137.15 -50.08 140.41
CA ARG O 116 -138.53 -49.67 140.14
C ARG O 116 -138.74 -48.19 140.37
N GLU O 117 -137.98 -47.59 141.31
CA GLU O 117 -138.13 -46.16 141.56
C GLU O 117 -137.60 -45.35 140.39
N LYS O 118 -136.48 -45.77 139.78
CA LYS O 118 -135.98 -45.02 138.62
C LYS O 118 -136.85 -45.31 137.41
N MET O 119 -137.38 -46.53 137.27
CA MET O 119 -138.24 -46.75 136.11
C MET O 119 -139.44 -45.81 136.18
N THR O 120 -140.00 -45.67 137.40
CA THR O 120 -141.14 -44.82 137.64
C THR O 120 -140.78 -43.36 137.44
N GLN O 121 -139.64 -42.92 138.01
CA GLN O 121 -139.22 -41.53 137.90
C GLN O 121 -138.92 -41.07 136.50
N ILE O 122 -138.22 -41.88 135.73
CA ILE O 122 -137.86 -41.43 134.40
C ILE O 122 -139.10 -41.37 133.53
N MET O 123 -139.94 -42.40 133.58
CA MET O 123 -141.08 -42.32 132.71
C MET O 123 -142.00 -41.15 133.07
N PHE O 124 -142.12 -40.81 134.36
CA PHE O 124 -142.96 -39.65 134.71
C PHE O 124 -142.28 -38.29 134.50
N GLU O 125 -140.97 -38.18 134.73
CA GLU O 125 -140.34 -36.87 134.61
C GLU O 125 -139.68 -36.56 133.26
N THR O 126 -139.20 -37.55 132.49
CA THR O 126 -138.56 -37.16 131.23
C THR O 126 -139.50 -37.48 130.07
N PHE O 127 -140.41 -38.43 130.27
CA PHE O 127 -141.36 -38.80 129.20
C PHE O 127 -142.79 -38.29 129.44
N ASN O 128 -143.07 -37.80 130.64
CA ASN O 128 -144.39 -37.31 131.04
C ASN O 128 -145.49 -38.35 130.82
N VAL O 129 -145.20 -39.61 131.12
CA VAL O 129 -146.17 -40.67 130.90
C VAL O 129 -147.35 -40.41 131.83
N PRO O 130 -148.62 -40.52 131.40
CA PRO O 130 -149.79 -40.29 132.23
C PRO O 130 -149.93 -41.31 133.35
N ALA O 131 -149.30 -42.47 133.19
CA ALA O 131 -149.37 -43.51 134.21
C ALA O 131 -148.24 -44.53 134.13
N MET O 132 -147.95 -45.16 135.27
CA MET O 132 -146.93 -46.22 135.37
C MET O 132 -147.27 -47.45 136.16
N TYR O 133 -146.68 -48.55 135.72
CA TYR O 133 -146.71 -49.76 136.52
C TYR O 133 -145.42 -50.55 136.36
N VAL O 134 -144.93 -51.08 137.48
CA VAL O 134 -143.78 -51.96 137.43
C VAL O 134 -144.21 -53.40 137.68
N ALA O 135 -143.96 -54.25 136.70
CA ALA O 135 -144.42 -55.63 136.74
C ALA O 135 -143.31 -56.60 137.07
N ILE O 136 -143.70 -57.75 137.59
CA ILE O 136 -142.73 -58.79 137.88
C ILE O 136 -142.38 -59.58 136.61
N GLN O 137 -141.10 -59.63 136.26
CA GLN O 137 -140.70 -60.32 135.03
C GLN O 137 -141.08 -61.78 135.02
N ALA O 138 -140.95 -62.44 136.14
CA ALA O 138 -141.25 -63.85 136.17
C ALA O 138 -142.72 -64.19 136.02
N VAL O 139 -143.60 -63.43 136.66
CA VAL O 139 -145.01 -63.80 136.65
C VAL O 139 -145.57 -63.60 135.27
N LEU O 140 -145.05 -62.63 134.55
CA LEU O 140 -145.54 -62.37 133.24
C LEU O 140 -145.32 -63.57 132.32
N SER O 141 -144.28 -64.37 132.55
CA SER O 141 -144.05 -65.52 131.70
C SER O 141 -145.11 -66.61 131.92
N LEU O 142 -145.74 -66.63 133.11
CA LEU O 142 -146.74 -67.65 133.35
C LEU O 142 -148.03 -67.12 132.78
N TYR O 143 -148.21 -65.81 132.77
CA TYR O 143 -149.46 -65.32 132.22
C TYR O 143 -149.44 -65.66 130.72
N ALA O 144 -148.28 -65.44 130.08
CA ALA O 144 -148.08 -65.72 128.66
C ALA O 144 -148.21 -67.21 128.33
N SER O 145 -147.79 -68.05 129.27
CA SER O 145 -147.80 -69.50 129.13
C SER O 145 -149.11 -70.17 129.60
N GLY O 146 -150.09 -69.39 130.08
CA GLY O 146 -151.35 -69.97 130.55
C GLY O 146 -151.32 -70.60 131.95
N ARG O 147 -150.40 -70.16 132.80
CA ARG O 147 -150.26 -70.70 134.14
C ARG O 147 -150.51 -69.66 135.22
N THR O 148 -151.00 -70.13 136.37
CA THR O 148 -151.18 -69.26 137.52
C THR O 148 -150.26 -69.79 138.59
N THR O 149 -149.93 -71.06 138.46
CA THR O 149 -149.08 -71.73 139.41
C THR O 149 -147.97 -72.43 138.65
N GLY O 150 -146.74 -72.23 139.11
CA GLY O 150 -145.57 -72.88 138.51
C GLY O 150 -144.24 -72.24 138.93
N ILE O 151 -143.15 -72.78 138.41
CA ILE O 151 -141.83 -72.23 138.71
C ILE O 151 -141.35 -71.53 137.48
N VAL O 152 -140.89 -70.30 137.64
CA VAL O 152 -140.37 -69.68 136.46
C VAL O 152 -138.86 -69.89 136.42
N LEU O 153 -138.46 -70.64 135.41
CA LEU O 153 -137.07 -70.99 135.19
C LEU O 153 -136.53 -69.90 134.29
N ASP O 154 -136.25 -68.73 134.89
CA ASP O 154 -135.92 -67.50 134.17
C ASP O 154 -134.46 -67.22 133.83
N SER O 155 -133.58 -68.21 133.99
CA SER O 155 -132.12 -68.29 133.65
C SER O 155 -131.53 -67.42 132.50
N GLY O 156 -131.90 -66.17 132.35
CA GLY O 156 -131.45 -65.36 131.22
C GLY O 156 -130.10 -64.71 131.44
N ASP O 157 -129.84 -63.65 130.65
CA ASP O 157 -128.55 -62.95 130.62
C ASP O 157 -128.08 -62.33 131.94
N GLY O 158 -129.02 -61.80 132.72
CA GLY O 158 -128.74 -61.10 133.97
C GLY O 158 -128.59 -61.98 135.19
N VAL O 159 -129.71 -62.49 135.67
CA VAL O 159 -129.71 -63.30 136.87
C VAL O 159 -130.68 -64.46 136.73
N THR O 160 -130.39 -65.60 137.36
CA THR O 160 -131.36 -66.67 137.41
C THR O 160 -132.12 -66.35 138.68
N HIS O 161 -133.44 -66.19 138.65
CA HIS O 161 -134.07 -65.75 139.86
C HIS O 161 -134.67 -66.94 140.58
N ASN O 162 -135.05 -67.97 139.81
CA ASN O 162 -135.65 -69.22 140.37
C ASN O 162 -136.86 -68.94 141.25
N VAL O 163 -137.94 -68.47 140.64
CA VAL O 163 -139.06 -68.05 141.46
C VAL O 163 -140.39 -68.82 141.34
N PRO O 164 -140.89 -69.43 142.44
CA PRO O 164 -142.17 -70.09 142.52
C PRO O 164 -143.27 -69.04 142.57
N ILE O 165 -144.34 -69.33 141.84
CA ILE O 165 -145.53 -68.51 141.75
C ILE O 165 -146.78 -69.35 142.00
N TYR O 166 -147.71 -68.82 142.79
CA TYR O 166 -148.96 -69.49 143.09
C TYR O 166 -150.16 -68.56 142.91
N GLU O 167 -151.19 -69.02 142.20
CA GLU O 167 -152.40 -68.21 141.95
C GLU O 167 -152.09 -66.81 141.39
N GLY O 168 -151.13 -66.72 140.49
CA GLY O 168 -150.79 -65.46 139.84
C GLY O 168 -149.80 -64.56 140.58
N TYR O 169 -149.29 -64.97 141.76
CA TYR O 169 -148.34 -64.14 142.51
C TYR O 169 -147.11 -64.90 143.05
N ALA O 170 -146.01 -64.18 143.23
CA ALA O 170 -144.77 -64.78 143.74
C ALA O 170 -144.86 -65.19 145.19
N LEU O 171 -144.09 -66.23 145.51
CA LEU O 171 -143.92 -66.73 146.87
C LEU O 171 -142.45 -66.50 147.27
N PRO O 172 -142.07 -65.29 147.75
CA PRO O 172 -140.71 -64.80 147.95
C PRO O 172 -139.85 -65.57 148.93
N HIS O 173 -140.46 -66.30 149.86
CA HIS O 173 -139.68 -67.01 150.86
C HIS O 173 -138.93 -68.17 150.23
N ALA O 174 -139.36 -68.57 149.03
CA ALA O 174 -138.80 -69.70 148.33
C ALA O 174 -138.07 -69.28 147.04
N ILE O 175 -137.71 -67.99 146.90
CA ILE O 175 -136.98 -67.59 145.70
C ILE O 175 -135.48 -67.81 145.92
N MET O 176 -134.84 -68.49 144.98
CA MET O 176 -133.42 -68.80 145.06
C MET O 176 -132.59 -67.98 144.08
N ARG O 177 -132.32 -66.70 144.38
CA ARG O 177 -131.62 -65.89 143.39
C ARG O 177 -130.16 -66.32 143.24
N LEU O 178 -129.72 -66.52 141.99
CA LEU O 178 -128.33 -66.91 141.75
C LEU O 178 -127.54 -65.98 140.87
N ASP O 179 -126.30 -65.76 141.28
CA ASP O 179 -125.34 -64.99 140.49
C ASP O 179 -124.68 -65.94 139.50
N LEU O 180 -125.52 -66.41 138.59
CA LEU O 180 -125.28 -67.37 137.54
C LEU O 180 -126.21 -67.06 136.40
N ALA O 181 -125.66 -66.55 135.31
CA ALA O 181 -126.50 -66.11 134.22
C ALA O 181 -125.87 -66.26 132.85
N GLY O 182 -126.68 -66.01 131.82
CA GLY O 182 -126.24 -66.12 130.44
C GLY O 182 -124.98 -65.30 130.16
N ARG O 183 -124.80 -64.15 130.84
CA ARG O 183 -123.63 -63.31 130.65
C ARG O 183 -122.37 -64.01 131.20
N ASP O 184 -122.52 -64.86 132.21
CA ASP O 184 -121.38 -65.52 132.83
C ASP O 184 -121.03 -66.71 131.98
N LEU O 185 -122.05 -67.29 131.35
CA LEU O 185 -121.84 -68.46 130.52
C LEU O 185 -121.01 -68.00 129.31
N THR O 186 -121.29 -66.76 128.84
CA THR O 186 -120.55 -66.14 127.75
C THR O 186 -119.10 -65.91 128.17
N ASP O 187 -118.86 -65.38 129.38
CA ASP O 187 -117.47 -65.17 129.81
C ASP O 187 -116.73 -66.50 129.98
N TYR O 188 -117.44 -67.53 130.43
CA TYR O 188 -116.84 -68.85 130.56
C TYR O 188 -116.38 -69.30 129.18
N LEU O 189 -117.25 -69.15 128.18
CA LEU O 189 -116.95 -69.54 126.82
C LEU O 189 -115.77 -68.69 126.29
N MET O 190 -115.68 -67.40 126.63
CA MET O 190 -114.51 -66.63 126.16
C MET O 190 -113.21 -67.29 126.68
N LYS O 191 -113.21 -67.71 127.95
CA LYS O 191 -112.03 -68.36 128.55
C LYS O 191 -111.77 -69.78 128.02
N ILE O 192 -112.81 -70.57 127.77
CA ILE O 192 -112.61 -71.93 127.28
C ILE O 192 -112.12 -71.89 125.82
N LEU O 193 -112.60 -70.90 125.06
CA LEU O 193 -112.18 -70.79 123.70
C LEU O 193 -110.72 -70.34 123.70
N THR O 194 -110.32 -69.55 124.72
CA THR O 194 -108.93 -69.15 124.90
C THR O 194 -108.13 -70.43 125.15
N GLU O 195 -108.65 -71.38 125.97
CA GLU O 195 -107.93 -72.64 126.21
C GLU O 195 -107.68 -73.37 124.89
N ARG O 196 -108.58 -73.22 123.93
CA ARG O 196 -108.47 -73.86 122.61
C ARG O 196 -107.70 -73.05 121.56
N GLY O 197 -107.16 -71.88 121.95
CA GLY O 197 -106.39 -71.04 121.04
C GLY O 197 -107.05 -69.79 120.49
N TYR O 198 -108.32 -69.56 120.79
CA TYR O 198 -109.01 -68.37 120.31
C TYR O 198 -109.35 -67.44 121.45
N SER O 199 -108.58 -66.36 121.59
CA SER O 199 -108.79 -65.44 122.70
C SER O 199 -109.87 -64.43 122.40
N PHE O 200 -110.78 -64.25 123.36
CA PHE O 200 -111.83 -63.26 123.29
C PHE O 200 -111.74 -62.42 124.56
N VAL O 201 -111.42 -61.14 124.44
CA VAL O 201 -111.25 -60.29 125.62
C VAL O 201 -112.06 -58.97 125.64
N THR O 202 -112.27 -58.32 124.48
CA THR O 202 -112.96 -57.02 124.48
C THR O 202 -114.45 -57.25 124.48
N THR O 203 -115.25 -56.20 124.72
CA THR O 203 -116.68 -56.37 124.70
C THR O 203 -117.17 -56.82 123.33
N ALA O 204 -116.64 -56.26 122.24
CA ALA O 204 -117.08 -56.73 120.93
C ALA O 204 -116.77 -58.23 120.83
N GLU O 205 -115.63 -58.66 121.38
CA GLU O 205 -115.30 -60.08 121.35
C GLU O 205 -116.29 -60.89 122.21
N ARG O 206 -116.73 -60.33 123.33
CA ARG O 206 -117.76 -60.95 124.18
C ARG O 206 -119.05 -61.16 123.37
N GLU O 207 -119.38 -60.18 122.51
CA GLU O 207 -120.56 -60.25 121.67
C GLU O 207 -120.37 -61.38 120.60
N ILE O 208 -119.13 -61.63 120.16
CA ILE O 208 -118.91 -62.70 119.19
C ILE O 208 -119.25 -63.99 119.88
N VAL O 209 -118.76 -64.12 121.11
CA VAL O 209 -118.93 -65.32 121.89
C VAL O 209 -120.38 -65.60 122.23
N ARG O 210 -121.15 -64.54 122.47
CA ARG O 210 -122.57 -64.67 122.77
C ARG O 210 -123.32 -65.19 121.54
N ASP O 211 -122.79 -64.91 120.35
CA ASP O 211 -123.42 -65.38 119.12
C ASP O 211 -123.01 -66.83 118.87
N ILE O 212 -121.75 -67.18 119.24
CA ILE O 212 -121.30 -68.56 119.12
C ILE O 212 -122.16 -69.41 120.00
N LYS O 213 -122.30 -68.94 121.21
CA LYS O 213 -123.09 -69.56 122.22
C LYS O 213 -124.48 -69.94 121.68
N GLU O 214 -125.18 -68.94 121.18
CA GLU O 214 -126.56 -69.03 120.71
C GLU O 214 -126.79 -70.04 119.58
N LYS O 215 -125.80 -70.18 118.69
CA LYS O 215 -125.93 -71.10 117.56
C LYS O 215 -125.26 -72.48 117.73
N LEU O 216 -124.18 -72.58 118.52
CA LEU O 216 -123.45 -73.84 118.65
C LEU O 216 -123.62 -74.61 119.96
N CYS O 217 -123.90 -73.94 121.08
CA CYS O 217 -123.86 -74.65 122.33
C CYS O 217 -125.12 -75.38 122.69
N TYR O 218 -124.94 -76.42 123.49
CA TYR O 218 -126.06 -77.21 123.99
C TYR O 218 -125.75 -77.74 125.37
N VAL O 219 -126.77 -78.08 126.12
CA VAL O 219 -126.54 -78.54 127.48
C VAL O 219 -125.99 -79.93 127.55
N ALA O 220 -126.63 -80.83 126.81
CA ALA O 220 -126.33 -82.26 126.78
C ALA O 220 -127.10 -82.94 127.90
N LEU O 221 -127.79 -84.04 127.62
CA LEU O 221 -128.53 -84.70 128.68
C LEU O 221 -127.61 -85.30 129.74
N ASP O 222 -126.47 -85.83 129.29
CA ASP O 222 -125.49 -86.46 130.16
C ASP O 222 -124.11 -85.89 129.87
N PHE O 223 -123.67 -84.95 130.72
CA PHE O 223 -122.42 -84.22 130.51
C PHE O 223 -121.21 -85.11 130.40
N GLU O 224 -121.07 -86.04 131.33
CA GLU O 224 -119.89 -86.86 131.38
C GLU O 224 -119.80 -87.79 130.18
N ASN O 225 -120.93 -88.38 129.77
CA ASN O 225 -120.84 -89.26 128.62
C ASN O 225 -120.68 -88.44 127.35
N GLU O 226 -121.26 -87.23 127.33
CA GLU O 226 -121.15 -86.40 126.15
C GLU O 226 -119.70 -85.96 126.00
N MET O 227 -119.04 -85.61 127.13
CA MET O 227 -117.64 -85.20 127.10
C MET O 227 -116.75 -86.36 126.76
N ALA O 228 -117.10 -87.58 127.20
CA ALA O 228 -116.25 -88.70 126.88
C ALA O 228 -116.10 -88.84 125.37
N THR O 229 -117.16 -88.59 124.61
CA THR O 229 -116.99 -88.69 123.17
C THR O 229 -116.61 -87.34 122.53
N ALA O 230 -117.07 -86.21 123.09
CA ALA O 230 -116.73 -84.92 122.50
C ALA O 230 -115.26 -84.62 122.60
N ALA O 231 -114.64 -85.12 123.66
CA ALA O 231 -113.21 -84.94 123.89
C ALA O 231 -112.39 -85.94 123.08
N SER O 232 -113.05 -86.92 122.44
CA SER O 232 -112.38 -87.99 121.71
C SER O 232 -112.57 -87.91 120.20
N SER O 233 -113.62 -87.23 119.73
CA SER O 233 -113.94 -87.22 118.30
C SER O 233 -114.54 -85.95 117.73
N SER O 234 -114.10 -85.65 116.50
CA SER O 234 -114.51 -84.51 115.69
C SER O 234 -115.98 -84.58 115.28
N SER O 235 -116.58 -85.75 115.45
CA SER O 235 -117.99 -85.93 115.10
C SER O 235 -118.90 -85.12 116.03
N LEU O 236 -118.36 -84.64 117.16
CA LEU O 236 -119.14 -83.85 118.08
C LEU O 236 -118.85 -82.34 117.94
N GLU O 237 -118.04 -81.97 116.95
CA GLU O 237 -117.67 -80.58 116.75
C GLU O 237 -118.57 -79.85 115.78
N LYS O 238 -118.73 -78.55 116.00
CA LYS O 238 -119.46 -77.70 115.06
C LYS O 238 -118.64 -76.44 114.79
N SER O 239 -118.71 -75.97 113.55
CA SER O 239 -117.99 -74.76 113.20
C SER O 239 -118.87 -73.52 113.27
N TYR O 240 -118.29 -72.46 113.80
CA TYR O 240 -118.96 -71.18 113.83
C TYR O 240 -118.28 -70.16 112.95
N GLU O 241 -119.08 -69.48 112.15
CA GLU O 241 -118.57 -68.46 111.28
C GLU O 241 -118.54 -67.12 111.99
N LEU O 242 -117.34 -66.63 112.22
CA LEU O 242 -117.10 -65.41 112.93
C LEU O 242 -117.56 -64.32 111.97
N PRO O 243 -117.95 -63.12 112.43
CA PRO O 243 -118.44 -62.03 111.59
C PRO O 243 -117.58 -61.70 110.35
N ASP O 244 -116.25 -61.89 110.39
CA ASP O 244 -115.46 -61.59 109.19
C ASP O 244 -115.24 -62.83 108.32
N GLY O 245 -115.93 -63.92 108.60
CA GLY O 245 -115.79 -65.15 107.80
C GLY O 245 -114.78 -66.16 108.37
N GLN O 246 -114.03 -65.79 109.40
CA GLN O 246 -113.07 -66.73 109.95
C GLN O 246 -113.80 -67.80 110.73
N VAL O 247 -113.22 -68.99 110.82
CA VAL O 247 -113.92 -70.04 111.56
C VAL O 247 -113.24 -70.53 112.81
N ILE O 248 -114.08 -70.75 113.80
CA ILE O 248 -113.70 -71.32 115.08
C ILE O 248 -114.37 -72.69 115.24
N THR O 249 -113.61 -73.71 115.58
CA THR O 249 -114.19 -75.04 115.74
C THR O 249 -114.34 -75.35 117.21
N ILE O 250 -115.56 -75.67 117.62
CA ILE O 250 -115.87 -75.91 119.03
C ILE O 250 -116.35 -77.34 119.29
N GLY O 251 -115.66 -78.04 120.22
CA GLY O 251 -115.89 -79.44 120.58
C GLY O 251 -116.60 -79.66 121.89
N ASN O 252 -115.90 -80.10 122.93
CA ASN O 252 -116.63 -80.34 124.19
C ASN O 252 -116.92 -79.02 124.89
N GLU O 253 -116.33 -77.95 124.36
CA GLU O 253 -116.46 -76.60 124.84
C GLU O 253 -117.87 -76.11 124.54
N ARG O 254 -118.48 -76.80 123.58
CA ARG O 254 -119.79 -76.59 123.05
C ARG O 254 -120.83 -76.84 124.15
N PHE O 255 -120.49 -77.71 125.09
CA PHE O 255 -121.40 -78.04 126.18
C PHE O 255 -120.87 -77.60 127.54
N ARG O 256 -119.57 -77.38 127.64
CA ARG O 256 -118.99 -76.96 128.92
C ARG O 256 -119.53 -75.55 129.27
N CYS O 257 -119.79 -74.73 128.23
CA CYS O 257 -120.38 -73.41 128.48
C CYS O 257 -121.69 -73.48 129.28
N PRO O 258 -122.77 -74.16 128.81
CA PRO O 258 -123.99 -74.40 129.56
C PRO O 258 -123.83 -75.29 130.78
N GLU O 259 -122.79 -76.15 130.83
CA GLU O 259 -122.62 -77.00 132.01
C GLU O 259 -122.51 -76.13 133.23
N THR O 260 -121.88 -74.97 133.07
CA THR O 260 -121.74 -73.97 134.14
C THR O 260 -123.07 -73.77 134.90
N LEU O 261 -124.22 -73.81 134.22
CA LEU O 261 -125.51 -73.60 134.88
C LEU O 261 -125.79 -74.69 135.93
N PHE O 262 -125.31 -75.91 135.66
CA PHE O 262 -125.49 -77.04 136.53
C PHE O 262 -124.29 -77.16 137.47
N GLN O 263 -123.16 -76.59 137.02
CA GLN O 263 -121.88 -76.56 137.75
C GLN O 263 -121.31 -75.12 137.86
N PRO O 264 -121.85 -74.26 138.76
CA PRO O 264 -121.53 -72.84 138.91
C PRO O 264 -120.07 -72.57 139.29
N SER O 265 -119.36 -73.63 139.74
CA SER O 265 -117.96 -73.54 140.12
C SER O 265 -117.10 -73.22 138.89
N PHE O 266 -117.67 -73.42 137.71
CA PHE O 266 -117.02 -73.15 136.43
C PHE O 266 -116.71 -71.66 136.28
N ILE O 267 -117.49 -70.80 136.95
CA ILE O 267 -117.31 -69.36 136.91
C ILE O 267 -116.96 -68.80 138.29
N GLY O 268 -116.52 -69.67 139.19
CA GLY O 268 -116.11 -69.25 140.53
C GLY O 268 -117.17 -69.25 141.63
N MET O 269 -118.39 -69.72 141.37
CA MET O 269 -119.37 -69.70 142.44
C MET O 269 -119.62 -71.08 143.01
N GLU O 270 -119.64 -71.19 144.32
CA GLU O 270 -119.94 -72.47 144.91
C GLU O 270 -121.40 -72.45 145.35
N SER O 271 -122.25 -73.14 144.62
CA SER O 271 -123.67 -73.12 144.90
C SER O 271 -124.39 -74.35 144.41
N ALA O 272 -125.70 -74.33 144.63
CA ALA O 272 -126.64 -75.41 144.32
C ALA O 272 -126.76 -75.76 142.82
N GLY O 273 -126.71 -74.75 141.95
CA GLY O 273 -126.89 -74.98 140.52
C GLY O 273 -128.36 -74.79 140.19
N ILE O 274 -128.70 -74.60 138.91
CA ILE O 274 -130.10 -74.31 138.58
C ILE O 274 -131.13 -75.44 138.81
N HIS O 275 -130.71 -76.71 138.70
CA HIS O 275 -131.65 -77.79 138.91
C HIS O 275 -131.96 -78.00 140.38
N GLU O 276 -131.00 -77.65 141.23
CA GLU O 276 -131.21 -77.79 142.65
C GLU O 276 -131.99 -76.61 143.15
N THR O 277 -131.73 -75.42 142.62
CA THR O 277 -132.50 -74.29 143.09
C THR O 277 -133.94 -74.42 142.67
N THR O 278 -134.21 -75.03 141.49
CA THR O 278 -135.60 -75.21 141.11
C THR O 278 -136.25 -76.11 142.16
N TYR O 279 -135.57 -77.20 142.50
CA TYR O 279 -136.03 -78.14 143.48
C TYR O 279 -136.26 -77.49 144.84
N ASN O 280 -135.31 -76.70 145.33
CA ASN O 280 -135.43 -76.08 146.63
C ASN O 280 -136.59 -75.06 146.66
N SER O 281 -136.81 -74.33 145.56
CA SER O 281 -137.93 -73.40 145.53
C SER O 281 -139.25 -74.13 145.65
N ILE O 282 -139.34 -75.28 144.99
CA ILE O 282 -140.54 -76.07 145.03
C ILE O 282 -140.72 -76.70 146.43
N MET O 283 -139.67 -77.28 146.98
CA MET O 283 -139.73 -77.97 148.25
C MET O 283 -140.08 -77.06 149.43
N LYS O 284 -139.69 -75.78 149.35
CA LYS O 284 -139.96 -74.81 150.39
C LYS O 284 -141.40 -74.29 150.40
N CYS O 285 -142.16 -74.60 149.36
CA CYS O 285 -143.52 -74.14 149.24
C CYS O 285 -144.48 -75.10 149.95
N ASP O 286 -145.70 -74.66 150.18
CA ASP O 286 -146.72 -75.47 150.87
C ASP O 286 -146.96 -76.81 150.19
N ILE O 287 -147.28 -77.83 150.99
CA ILE O 287 -147.47 -79.17 150.44
C ILE O 287 -148.60 -79.26 149.40
N ASP O 288 -149.62 -78.38 149.47
CA ASP O 288 -150.69 -78.42 148.47
C ASP O 288 -150.43 -77.48 147.30
N ILE O 289 -149.27 -76.85 147.30
CA ILE O 289 -148.83 -75.95 146.24
C ILE O 289 -147.72 -76.60 145.43
N ARG O 290 -146.74 -77.13 146.15
CA ARG O 290 -145.57 -77.76 145.56
C ARG O 290 -145.88 -78.87 144.54
N LYS O 291 -146.96 -79.60 144.76
CA LYS O 291 -147.28 -80.69 143.82
C LYS O 291 -147.52 -80.16 142.40
N ASP O 292 -148.02 -78.91 142.33
CA ASP O 292 -148.37 -78.26 141.08
C ASP O 292 -147.17 -77.52 140.57
N LEU O 293 -146.31 -77.07 141.47
CA LEU O 293 -145.13 -76.35 141.02
C LEU O 293 -144.23 -77.35 140.29
N TYR O 294 -144.12 -78.59 140.81
CA TYR O 294 -143.28 -79.59 140.16
C TYR O 294 -143.78 -79.88 138.75
N ALA O 295 -145.12 -79.94 138.61
CA ALA O 295 -145.80 -80.26 137.36
C ALA O 295 -145.85 -79.08 136.38
N ASN O 296 -145.41 -77.91 136.81
CA ASN O 296 -145.46 -76.71 136.00
C ASN O 296 -144.18 -75.92 136.11
N ASN O 297 -143.08 -76.52 135.67
CA ASN O 297 -141.81 -75.82 135.59
C ASN O 297 -141.81 -75.22 134.20
N VAL O 298 -141.85 -73.91 134.13
CA VAL O 298 -141.99 -73.26 132.84
C VAL O 298 -140.78 -72.42 132.51
N MET O 299 -140.20 -72.67 131.33
CA MET O 299 -139.05 -71.90 130.93
C MET O 299 -139.38 -70.52 130.44
N SER O 300 -138.51 -69.58 130.83
CA SER O 300 -138.61 -68.18 130.48
C SER O 300 -137.22 -67.59 130.33
N GLY O 301 -137.11 -66.55 129.52
CA GLY O 301 -135.81 -65.91 129.39
C GLY O 301 -134.90 -66.69 128.45
N GLY O 302 -133.65 -66.27 128.41
CA GLY O 302 -132.64 -66.86 127.53
C GLY O 302 -132.01 -68.10 128.16
N THR O 303 -131.07 -68.76 127.46
CA THR O 303 -130.38 -70.02 127.86
C THR O 303 -131.34 -71.24 127.83
N THR O 304 -132.64 -70.96 127.79
CA THR O 304 -133.69 -71.96 127.74
C THR O 304 -133.80 -72.50 126.33
N MET O 305 -133.06 -71.84 125.45
CA MET O 305 -132.94 -72.15 124.05
C MET O 305 -131.69 -73.02 123.76
N TYR O 306 -131.08 -73.62 124.78
CA TYR O 306 -129.95 -74.50 124.55
C TYR O 306 -130.50 -75.92 124.46
N PRO O 307 -130.17 -76.66 123.38
CA PRO O 307 -130.68 -78.01 123.25
C PRO O 307 -130.32 -78.87 124.47
N GLY O 308 -131.29 -79.64 124.94
CA GLY O 308 -131.10 -80.51 126.08
C GLY O 308 -131.37 -79.82 127.42
N ILE O 309 -131.68 -78.51 127.44
CA ILE O 309 -131.91 -77.87 128.73
C ILE O 309 -133.20 -78.31 129.37
N ALA O 310 -134.27 -78.47 128.59
CA ALA O 310 -135.56 -78.87 129.16
C ALA O 310 -135.51 -80.32 129.62
N ASP O 311 -134.73 -81.14 128.93
CA ASP O 311 -134.68 -82.55 129.26
C ASP O 311 -133.77 -82.81 130.43
N ARG O 312 -132.67 -82.06 130.54
CA ARG O 312 -131.80 -82.28 131.67
C ARG O 312 -132.43 -81.71 132.92
N MET O 313 -133.07 -80.55 132.82
CA MET O 313 -133.71 -80.00 133.99
C MET O 313 -134.82 -80.93 134.47
N GLN O 314 -135.62 -81.50 133.56
CA GLN O 314 -136.69 -82.36 134.04
C GLN O 314 -136.12 -83.61 134.67
N LYS O 315 -135.05 -84.18 134.09
CA LYS O 315 -134.44 -85.38 134.65
C LYS O 315 -133.95 -85.15 136.07
N GLU O 316 -133.26 -84.03 136.30
CA GLU O 316 -132.72 -83.76 137.63
C GLU O 316 -133.81 -83.47 138.63
N ILE O 317 -134.85 -82.75 138.22
CA ILE O 317 -135.92 -82.41 139.14
C ILE O 317 -136.65 -83.68 139.50
N THR O 318 -136.93 -84.53 138.50
CA THR O 318 -137.65 -85.77 138.69
C THR O 318 -136.90 -86.68 139.66
N ALA O 319 -135.56 -86.75 139.50
CA ALA O 319 -134.72 -87.57 140.36
C ALA O 319 -134.77 -87.11 141.83
N LEU O 320 -134.86 -85.81 142.05
CA LEU O 320 -134.89 -85.25 143.40
C LEU O 320 -136.31 -85.20 144.01
N ALA O 321 -137.31 -85.03 143.15
CA ALA O 321 -138.72 -84.89 143.51
C ALA O 321 -139.34 -86.17 144.12
N PRO O 322 -140.32 -86.02 145.02
CA PRO O 322 -141.10 -87.08 145.65
C PRO O 322 -142.12 -87.66 144.69
N SER O 323 -142.59 -88.86 145.02
CA SER O 323 -143.67 -89.54 144.32
C SER O 323 -144.99 -88.86 144.65
N THR O 324 -146.08 -89.25 143.96
CA THR O 324 -147.45 -88.68 144.10
C THR O 324 -147.57 -87.34 143.36
N MET O 325 -146.62 -86.45 143.63
CA MET O 325 -146.49 -85.15 143.01
C MET O 325 -146.02 -85.35 141.56
N LYS O 326 -146.30 -84.40 140.64
CA LYS O 326 -145.88 -84.69 139.25
C LYS O 326 -144.84 -83.73 138.77
N ILE O 327 -143.93 -84.21 137.91
CA ILE O 327 -142.86 -83.35 137.41
C ILE O 327 -142.94 -83.14 135.91
N LYS O 328 -142.97 -81.88 135.48
CA LYS O 328 -143.01 -81.54 134.06
C LYS O 328 -142.40 -80.20 133.67
N ILE O 329 -141.56 -80.19 132.62
CA ILE O 329 -141.07 -78.94 132.07
C ILE O 329 -141.69 -78.57 130.74
N ILE O 330 -142.18 -77.34 130.73
CA ILE O 330 -142.80 -76.72 129.61
C ILE O 330 -141.77 -75.74 129.05
N ALA O 331 -141.46 -75.89 127.77
CA ALA O 331 -140.46 -75.05 127.13
C ALA O 331 -141.04 -74.50 125.83
N PRO O 332 -141.91 -73.48 125.93
CA PRO O 332 -142.72 -72.94 124.85
C PRO O 332 -141.85 -72.16 123.89
N PRO O 333 -142.29 -71.90 122.64
CA PRO O 333 -141.62 -71.07 121.66
C PRO O 333 -141.53 -69.61 122.09
N GLU O 334 -142.40 -69.24 123.02
CA GLU O 334 -142.43 -67.90 123.59
C GLU O 334 -141.32 -67.80 124.63
N ARG O 335 -140.27 -68.60 124.44
CA ARG O 335 -139.12 -68.60 125.33
C ARG O 335 -138.36 -67.29 125.10
N LYS O 336 -137.72 -66.81 126.16
CA LYS O 336 -136.97 -65.54 126.15
C LYS O 336 -137.89 -64.34 125.84
N TYR O 337 -138.89 -64.53 124.97
CA TYR O 337 -139.84 -63.44 124.70
C TYR O 337 -141.14 -63.36 125.57
N SER O 338 -141.47 -64.43 126.30
CA SER O 338 -142.74 -64.58 127.02
C SER O 338 -143.02 -63.54 128.08
N VAL O 339 -141.98 -62.94 128.63
CA VAL O 339 -142.18 -61.91 129.63
C VAL O 339 -142.85 -60.70 129.01
N TRP O 340 -142.44 -60.35 127.78
CA TRP O 340 -143.02 -59.19 127.15
C TRP O 340 -144.49 -59.44 126.95
N ILE O 341 -144.79 -60.66 126.49
CA ILE O 341 -146.15 -61.03 126.15
C ILE O 341 -147.01 -60.95 127.40
N GLY O 342 -146.51 -61.43 128.52
CA GLY O 342 -147.29 -61.32 129.74
C GLY O 342 -147.55 -59.86 130.10
N GLY O 343 -146.58 -58.96 129.84
CA GLY O 343 -146.73 -57.55 130.15
C GLY O 343 -147.91 -56.95 129.39
N SER O 344 -148.07 -57.37 128.12
CA SER O 344 -149.18 -56.94 127.27
C SER O 344 -150.51 -57.42 127.84
N ILE O 345 -150.52 -58.67 128.28
CA ILE O 345 -151.70 -59.29 128.85
C ILE O 345 -152.11 -58.57 130.14
N LEU O 346 -151.13 -58.30 131.01
CA LEU O 346 -151.42 -57.66 132.26
C LEU O 346 -151.83 -56.20 132.10
N ALA O 347 -151.11 -55.43 131.27
CA ALA O 347 -151.37 -54.00 131.12
C ALA O 347 -152.80 -53.67 130.69
N SER O 348 -153.36 -54.52 129.83
CA SER O 348 -154.71 -54.36 129.30
C SER O 348 -155.81 -55.11 130.08
N LEU O 349 -155.43 -55.82 131.14
CA LEU O 349 -156.38 -56.60 131.92
C LEU O 349 -157.34 -55.67 132.66
N SER O 350 -158.64 -55.93 132.57
CA SER O 350 -159.63 -55.04 133.21
C SER O 350 -159.52 -54.99 134.74
N THR O 351 -159.04 -56.06 135.35
CA THR O 351 -158.93 -56.15 136.80
C THR O 351 -157.62 -55.55 137.28
N PHE O 352 -156.86 -55.05 136.31
CA PHE O 352 -155.58 -54.43 136.61
C PHE O 352 -155.61 -52.95 136.22
N GLN O 353 -156.79 -52.39 135.97
CA GLN O 353 -156.76 -50.98 135.59
C GLN O 353 -156.66 -50.06 136.80
N GLN O 354 -156.80 -50.63 137.99
CA GLN O 354 -156.69 -49.88 139.23
C GLN O 354 -155.27 -49.97 139.79
N MET O 355 -154.37 -50.73 139.12
CA MET O 355 -153.02 -50.91 139.62
C MET O 355 -152.02 -49.88 139.10
N TRP O 356 -152.46 -49.04 138.18
CA TRP O 356 -151.64 -48.02 137.55
C TRP O 356 -151.44 -46.78 138.45
N ILE O 357 -150.21 -46.26 138.49
CA ILE O 357 -149.87 -45.04 139.22
C ILE O 357 -150.21 -43.92 138.28
N THR O 358 -151.00 -42.93 138.69
CA THR O 358 -151.29 -41.87 137.72
C THR O 358 -150.27 -40.74 137.83
N LYS O 359 -150.20 -39.87 136.81
CA LYS O 359 -149.30 -38.71 136.95
C LYS O 359 -150.02 -37.57 137.65
N GLN O 360 -150.33 -37.85 138.89
CA GLN O 360 -150.96 -37.00 139.87
C GLN O 360 -150.46 -37.55 141.17
N GLU O 361 -150.70 -38.85 141.36
CA GLU O 361 -150.24 -39.56 142.53
C GLU O 361 -148.72 -39.53 142.56
N TYR O 362 -148.11 -39.67 141.38
CA TYR O 362 -146.67 -39.62 141.24
C TYR O 362 -146.07 -38.32 141.72
N ASP O 363 -146.62 -37.19 141.30
CA ASP O 363 -145.96 -35.95 141.67
C ASP O 363 -146.25 -35.59 143.12
N GLU O 364 -147.41 -35.95 143.63
CA GLU O 364 -147.70 -35.64 145.02
C GLU O 364 -146.80 -36.46 145.98
N ALA O 365 -146.57 -37.73 145.64
CA ALA O 365 -145.77 -38.64 146.48
C ALA O 365 -144.28 -38.76 146.13
N GLY O 366 -143.94 -38.60 144.86
CA GLY O 366 -142.58 -38.83 144.37
C GLY O 366 -142.47 -40.31 143.97
N PRO O 367 -141.34 -40.75 143.37
CA PRO O 367 -141.10 -42.08 142.83
C PRO O 367 -141.15 -43.21 143.82
N SER O 368 -141.01 -42.94 145.12
CA SER O 368 -141.06 -43.97 146.14
C SER O 368 -142.45 -44.61 146.20
N ILE O 369 -143.44 -43.95 145.59
CA ILE O 369 -144.80 -44.44 145.54
C ILE O 369 -144.91 -45.83 144.92
N VAL O 370 -144.00 -46.15 143.99
CA VAL O 370 -144.03 -47.42 143.32
C VAL O 370 -143.81 -48.57 144.30
N HIS O 371 -143.11 -48.29 145.41
CA HIS O 371 -142.80 -49.29 146.43
C HIS O 371 -144.06 -49.87 147.05
N ARG O 372 -145.17 -49.12 147.03
CA ARG O 372 -146.40 -49.64 147.60
C ARG O 372 -147.40 -49.98 146.50
N LYS O 373 -147.36 -49.25 145.37
CA LYS O 373 -148.29 -49.44 144.28
C LYS O 373 -148.07 -50.64 143.37
N CYS O 374 -146.83 -51.04 143.09
CA CYS O 374 -146.65 -52.13 142.13
C CYS O 374 -146.88 -53.55 142.66
N PHE O 375 -146.23 -53.87 143.79
CA PHE O 375 -146.25 -55.20 144.39
C PHE O 375 -145.40 -55.25 145.65
N LEU P 1 157.15 74.53 -125.43
CA LEU P 1 156.37 75.23 -126.45
C LEU P 1 155.24 76.03 -125.86
N LYS P 2 154.59 76.83 -126.72
CA LYS P 2 153.42 77.57 -126.31
C LYS P 2 152.31 76.62 -125.97
N LEU P 3 152.39 75.42 -126.50
CA LEU P 3 151.38 74.43 -126.27
C LEU P 3 151.62 73.73 -124.96
N ASP P 4 152.83 73.79 -124.44
CA ASP P 4 153.04 73.12 -123.20
C ASP P 4 152.64 74.09 -122.13
N LYS P 5 152.87 75.38 -122.40
CA LYS P 5 152.46 76.36 -121.43
C LYS P 5 150.99 76.53 -121.53
N GLU P 6 150.42 76.38 -122.72
CA GLU P 6 149.00 76.59 -122.83
C GLU P 6 148.31 75.43 -122.15
N ASN P 7 148.85 74.23 -122.25
CA ASN P 7 148.20 73.12 -121.58
C ASN P 7 148.39 73.21 -120.08
N ALA P 8 149.58 73.58 -119.64
CA ALA P 8 149.83 73.72 -118.22
C ALA P 8 149.02 74.87 -117.68
N LEU P 9 148.87 75.92 -118.49
CA LEU P 9 148.09 77.07 -118.12
C LEU P 9 146.66 76.68 -118.15
N ASP P 10 146.22 75.90 -119.10
CA ASP P 10 144.83 75.50 -119.07
C ASP P 10 144.63 74.72 -117.79
N ARG P 11 145.60 73.91 -117.37
CA ARG P 11 145.41 73.25 -116.11
C ARG P 11 145.37 74.26 -115.00
N ALA P 12 146.26 75.25 -115.00
CA ALA P 12 146.27 76.26 -113.96
C ALA P 12 145.11 77.19 -114.00
N GLU P 13 144.70 77.56 -115.18
CA GLU P 13 143.63 78.51 -115.39
C GLU P 13 142.35 77.83 -115.07
N GLN P 14 142.21 76.59 -115.51
CA GLN P 14 141.04 75.87 -115.19
C GLN P 14 141.08 75.58 -113.73
N ALA P 15 142.25 75.30 -113.14
CA ALA P 15 142.30 75.07 -111.71
C ALA P 15 141.88 76.33 -110.99
N GLU P 16 142.25 77.52 -111.49
CA GLU P 16 141.80 78.77 -110.89
C GLU P 16 140.29 78.92 -111.08
N ALA P 17 139.77 78.52 -112.24
CA ALA P 17 138.34 78.54 -112.53
C ALA P 17 137.64 77.53 -111.63
N ASP P 18 138.33 76.43 -111.35
CA ASP P 18 137.83 75.38 -110.49
C ASP P 18 137.93 75.85 -109.08
N LYS P 19 138.90 76.72 -108.79
CA LYS P 19 139.00 77.29 -107.47
C LYS P 19 137.87 78.22 -107.37
N LYS P 20 137.54 78.96 -108.42
CA LYS P 20 136.40 79.80 -108.32
C LYS P 20 135.20 78.94 -108.05
N ALA P 21 135.02 77.87 -108.81
CA ALA P 21 133.88 77.00 -108.62
C ALA P 21 133.90 76.29 -107.28
N ALA P 22 135.07 75.86 -106.81
CA ALA P 22 135.22 75.17 -105.55
C ALA P 22 134.99 76.13 -104.44
N GLU P 23 135.40 77.38 -104.65
CA GLU P 23 135.20 78.43 -103.70
C GLU P 23 133.75 78.80 -103.75
N ASP P 24 133.14 78.78 -104.93
CA ASP P 24 131.74 79.09 -104.96
C ASP P 24 131.03 78.00 -104.21
N ARG P 25 131.43 76.76 -104.39
CA ARG P 25 130.75 75.74 -103.65
C ARG P 25 131.01 75.87 -102.16
N SER P 26 132.24 76.14 -101.76
CA SER P 26 132.52 76.20 -100.35
C SER P 26 132.01 77.48 -99.71
N LYS P 27 131.95 78.58 -100.44
CA LYS P 27 131.46 79.77 -99.79
C LYS P 27 129.96 79.66 -99.73
N GLN P 28 129.36 79.00 -100.73
CA GLN P 28 127.92 78.81 -100.73
C GLN P 28 127.57 77.83 -99.65
N LEU P 29 128.40 76.81 -99.44
CA LEU P 29 128.12 75.86 -98.38
C LEU P 29 128.33 76.52 -97.06
N GLU P 30 129.32 77.41 -96.91
CA GLU P 30 129.46 78.09 -95.66
C GLU P 30 128.24 78.98 -95.46
N ASP P 31 127.77 79.66 -96.52
CA ASP P 31 126.57 80.48 -96.41
C ASP P 31 125.40 79.60 -96.06
N GLU P 32 125.42 78.38 -96.57
CA GLU P 32 124.40 77.43 -96.27
C GLU P 32 124.71 76.68 -94.98
N LEU P 33 125.90 76.80 -94.39
CA LEU P 33 126.03 76.20 -93.09
C LEU P 33 125.38 77.20 -92.21
N VAL P 34 125.47 78.46 -92.60
CA VAL P 34 124.81 79.48 -91.86
C VAL P 34 123.34 79.33 -92.09
N SER P 35 122.87 79.12 -93.32
CA SER P 35 121.44 78.98 -93.48
C SER P 35 120.96 77.72 -92.82
N LEU P 36 121.76 76.65 -92.80
CA LEU P 36 121.29 75.46 -92.17
C LEU P 36 121.36 75.58 -90.69
N GLN P 37 122.39 76.23 -90.17
CA GLN P 37 122.52 76.42 -88.75
C GLN P 37 121.46 77.38 -88.28
N LYS P 38 121.16 78.38 -89.09
CA LYS P 38 120.16 79.38 -88.83
C LYS P 38 118.81 78.76 -88.89
N LYS P 39 118.58 77.87 -89.86
CA LYS P 39 117.32 77.20 -89.98
C LYS P 39 117.23 76.11 -88.94
N LEU P 40 118.37 75.54 -88.51
CA LEU P 40 118.43 74.54 -87.45
C LEU P 40 117.98 75.25 -86.21
N LYS P 41 118.54 76.45 -85.97
CA LYS P 41 118.20 77.27 -84.84
C LYS P 41 116.83 77.86 -85.04
N GLY P 42 116.42 78.05 -86.28
CA GLY P 42 115.09 78.48 -86.57
C GLY P 42 114.19 77.42 -85.98
N THR P 43 114.48 76.15 -86.33
CA THR P 43 113.73 75.03 -85.81
C THR P 43 113.98 74.86 -84.31
N GLU P 44 115.18 75.11 -83.80
CA GLU P 44 115.42 74.94 -82.37
C GLU P 44 114.62 75.95 -81.56
N ASP P 45 114.55 77.19 -82.07
CA ASP P 45 113.82 78.25 -81.43
C ASP P 45 112.35 77.89 -81.49
N GLU P 46 111.92 77.37 -82.64
CA GLU P 46 110.57 76.92 -82.78
C GLU P 46 110.33 75.69 -81.92
N LEU P 47 111.34 74.83 -81.69
CA LEU P 47 111.12 73.68 -80.84
C LEU P 47 110.76 74.16 -79.51
N ASP P 48 111.44 75.20 -79.04
CA ASP P 48 111.09 75.73 -77.76
C ASP P 48 109.74 76.36 -77.83
N LYS P 49 109.40 77.04 -78.91
CA LYS P 49 108.07 77.65 -78.95
C LYS P 49 106.99 76.58 -78.86
N TYR P 50 107.18 75.47 -79.54
CA TYR P 50 106.20 74.38 -79.50
C TYR P 50 106.28 73.56 -78.20
N SER P 51 107.50 73.39 -77.70
CA SER P 51 107.77 72.64 -76.48
C SER P 51 107.16 73.39 -75.32
N GLU P 52 107.31 74.72 -75.35
CA GLU P 52 106.76 75.58 -74.33
C GLU P 52 105.27 75.64 -74.53
N ALA P 53 104.82 75.86 -75.75
CA ALA P 53 103.40 75.89 -75.97
C ALA P 53 102.82 74.54 -75.58
N LEU P 54 103.58 73.48 -75.80
CA LEU P 54 103.19 72.14 -75.44
C LEU P 54 103.18 71.93 -73.96
N LYS P 55 104.24 72.32 -73.24
CA LYS P 55 104.21 72.08 -71.82
C LYS P 55 103.09 72.90 -71.22
N ASP P 56 102.78 74.03 -71.85
CA ASP P 56 101.73 74.88 -71.35
C ASP P 56 100.41 74.26 -71.74
N ALA P 57 100.28 73.71 -72.94
CA ALA P 57 99.04 73.05 -73.30
C ALA P 57 98.82 71.87 -72.40
N GLN P 58 99.91 71.17 -72.05
CA GLN P 58 99.90 70.00 -71.19
C GLN P 58 99.63 70.38 -69.76
N GLU P 59 100.16 71.52 -69.30
CA GLU P 59 99.89 71.96 -67.95
C GLU P 59 98.46 72.44 -67.87
N LYS P 60 98.02 73.14 -68.92
CA LYS P 60 96.66 73.62 -69.01
C LYS P 60 95.76 72.43 -69.10
N LEU P 61 96.20 71.38 -69.81
CA LEU P 61 95.48 70.14 -69.95
C LEU P 61 95.39 69.42 -68.63
N GLU P 62 96.49 69.35 -67.89
CA GLU P 62 96.43 68.67 -66.61
C GLU P 62 95.55 69.49 -65.71
N LEU P 63 95.67 70.81 -65.79
CA LEU P 63 94.87 71.66 -64.96
C LEU P 63 93.42 71.58 -65.34
N ALA P 64 93.10 71.60 -66.64
CA ALA P 64 91.74 71.51 -67.15
C ALA P 64 91.20 70.15 -66.86
N GLU P 65 92.06 69.15 -66.89
CA GLU P 65 91.66 67.81 -66.56
C GLU P 65 91.32 67.83 -65.10
N LYS P 66 92.10 68.55 -64.29
CA LYS P 66 91.79 68.69 -62.90
C LYS P 66 90.61 69.62 -62.70
N LYS P 67 90.40 70.60 -63.55
CA LYS P 67 89.23 71.43 -63.36
C LYS P 67 88.06 70.50 -63.53
N ALA P 68 88.15 69.62 -64.52
CA ALA P 68 87.16 68.62 -64.82
C ALA P 68 87.11 67.52 -63.79
N THR P 69 88.25 67.11 -63.24
CA THR P 69 88.33 66.06 -62.25
C THR P 69 87.76 66.55 -60.96
N ASP P 70 88.03 67.80 -60.63
CA ASP P 70 87.52 68.40 -59.42
C ASP P 70 86.07 68.71 -59.66
N ALA P 71 85.74 69.24 -60.84
CA ALA P 71 84.35 69.47 -61.18
C ALA P 71 83.67 68.13 -61.23
N GLU P 72 84.39 67.10 -61.66
CA GLU P 72 83.81 65.78 -61.69
C GLU P 72 83.68 65.28 -60.27
N ALA P 73 84.65 65.54 -59.42
CA ALA P 73 84.56 65.10 -58.05
C ALA P 73 83.38 65.77 -57.39
N ASP P 74 83.14 67.02 -57.75
CA ASP P 74 82.06 67.81 -57.21
C ASP P 74 80.76 67.38 -57.80
N VAL P 75 80.71 67.07 -59.08
CA VAL P 75 79.45 66.65 -59.60
C VAL P 75 79.20 65.27 -59.10
N ALA P 76 80.26 64.47 -58.95
CA ALA P 76 80.14 63.12 -58.45
C ALA P 76 79.66 63.18 -57.02
N SER P 77 80.15 64.15 -56.25
CA SER P 77 79.69 64.31 -54.89
C SER P 77 78.24 64.67 -54.94
N LEU P 78 77.91 65.59 -55.84
CA LEU P 78 76.56 65.98 -56.06
C LEU P 78 75.74 64.85 -56.60
N ASN P 79 76.28 64.02 -57.48
CA ASN P 79 75.51 62.92 -58.00
C ASN P 79 75.23 61.99 -56.85
N ARG P 80 76.18 61.80 -55.95
CA ARG P 80 75.91 60.96 -54.83
C ARG P 80 74.84 61.62 -53.98
N ARG P 81 74.91 62.94 -53.81
CA ARG P 81 73.90 63.65 -53.08
C ARG P 81 72.56 63.62 -53.79
N ILE P 82 72.51 63.63 -55.12
CA ILE P 82 71.20 63.64 -55.70
C ILE P 82 70.67 62.26 -55.55
N GLN P 83 71.50 61.26 -55.68
CA GLN P 83 71.02 59.93 -55.55
C GLN P 83 70.53 59.65 -54.16
N LEU P 84 71.24 60.15 -53.16
CA LEU P 84 70.86 59.93 -51.77
C LEU P 84 69.71 60.80 -51.34
N VAL P 85 69.70 62.04 -51.79
CA VAL P 85 68.68 62.97 -51.41
C VAL P 85 67.43 62.68 -52.17
N GLU P 86 67.55 62.47 -53.48
CA GLU P 86 66.42 62.13 -54.30
C GLU P 86 65.91 60.79 -53.82
N GLU P 87 66.80 59.87 -53.42
CA GLU P 87 66.28 58.64 -52.90
C GLU P 87 65.47 58.96 -51.67
N GLU P 88 65.96 59.85 -50.81
CA GLU P 88 65.16 60.25 -49.67
C GLU P 88 63.94 61.03 -50.09
N LEU P 89 64.00 61.79 -51.16
CA LEU P 89 62.86 62.53 -51.66
C LEU P 89 61.79 61.54 -51.93
N ASP P 90 62.16 60.47 -52.62
CA ASP P 90 61.25 59.42 -52.98
C ASP P 90 60.87 58.60 -51.78
N ARG P 91 61.77 58.40 -50.84
CA ARG P 91 61.43 57.65 -49.66
C ARG P 91 60.55 58.52 -48.80
N ALA P 92 60.81 59.82 -48.77
CA ALA P 92 60.01 60.72 -47.99
C ALA P 92 58.69 60.84 -48.65
N GLN P 93 58.68 60.82 -49.99
CA GLN P 93 57.47 60.91 -50.77
C GLN P 93 56.70 59.63 -50.62
N GLU P 94 57.40 58.50 -50.50
CA GLU P 94 56.77 57.22 -50.31
C GLU P 94 56.27 57.11 -48.89
N ARG P 95 57.04 57.63 -47.95
CA ARG P 95 56.66 57.62 -46.55
C ARG P 95 55.43 58.51 -46.48
N LEU P 96 55.48 59.61 -47.24
CA LEU P 96 54.39 60.54 -47.31
C LEU P 96 53.22 59.86 -47.94
N ALA P 97 53.41 59.18 -49.05
CA ALA P 97 52.30 58.51 -49.66
C ALA P 97 51.74 57.54 -48.68
N THR P 98 52.60 56.89 -47.92
CA THR P 98 52.18 55.94 -46.93
C THR P 98 51.40 56.65 -45.85
N ALA P 99 51.91 57.78 -45.35
CA ALA P 99 51.24 58.54 -44.32
C ALA P 99 49.91 59.05 -44.80
N LEU P 100 49.83 59.42 -46.08
CA LEU P 100 48.63 59.93 -46.69
C LEU P 100 47.63 58.83 -46.94
N GLN P 101 48.11 57.66 -47.34
CA GLN P 101 47.25 56.53 -47.55
C GLN P 101 46.72 56.08 -46.21
N LYS P 102 47.61 56.11 -45.21
CA LYS P 102 47.23 55.78 -43.87
C LYS P 102 46.29 56.83 -43.38
N LEU P 103 46.50 58.09 -43.76
CA LEU P 103 45.61 59.15 -43.40
C LEU P 103 44.27 58.93 -44.00
N GLU P 104 44.20 58.53 -45.27
CA GLU P 104 42.91 58.29 -45.83
C GLU P 104 42.23 57.18 -45.05
N GLU P 105 42.97 56.14 -44.69
CA GLU P 105 42.37 55.05 -43.95
C GLU P 105 42.03 55.48 -42.54
N ALA P 106 42.86 56.33 -41.94
CA ALA P 106 42.67 56.85 -40.59
C ALA P 106 41.46 57.75 -40.58
N GLU P 107 41.23 58.46 -41.67
CA GLU P 107 40.07 59.32 -41.80
C GLU P 107 38.86 58.44 -42.04
N LYS P 108 39.03 57.35 -42.80
CA LYS P 108 37.91 56.45 -42.98
C LYS P 108 37.61 55.85 -41.62
N ALA P 109 38.65 55.54 -40.86
CA ALA P 109 38.52 55.03 -39.52
C ALA P 109 37.96 56.11 -38.63
N ALA P 110 38.32 57.36 -38.85
CA ALA P 110 37.75 58.41 -38.05
C ALA P 110 36.27 58.41 -38.29
N ASP P 111 35.90 58.23 -39.55
CA ASP P 111 34.51 58.20 -39.91
C ASP P 111 33.85 56.93 -39.44
N GLU P 112 34.52 55.79 -39.46
CA GLU P 112 33.89 54.57 -38.99
C GLU P 112 33.81 54.49 -37.48
N SER P 113 34.81 55.00 -36.77
CA SER P 113 34.79 55.01 -35.33
C SER P 113 33.88 56.12 -34.84
N GLU P 114 33.78 57.22 -35.61
CA GLU P 114 32.87 58.32 -35.27
C GLU P 114 31.47 57.96 -35.67
N ARG P 115 31.29 57.35 -36.86
CA ARG P 115 29.98 56.94 -37.29
C ARG P 115 29.57 55.88 -36.32
N GLY P 116 30.49 54.96 -36.03
CA GLY P 116 30.24 53.92 -35.07
C GLY P 116 29.81 54.57 -33.79
N MET P 117 30.58 55.51 -33.27
CA MET P 117 30.21 56.18 -32.05
C MET P 117 28.81 56.78 -32.16
N LYS P 118 28.48 57.40 -33.28
CA LYS P 118 27.15 57.98 -33.48
C LYS P 118 26.05 56.93 -33.63
N VAL P 119 26.35 55.79 -34.25
CA VAL P 119 25.43 54.67 -34.46
C VAL P 119 25.19 54.04 -33.13
N ILE P 120 26.25 53.92 -32.36
CA ILE P 120 26.25 53.40 -31.03
C ILE P 120 25.59 54.38 -30.13
N GLU P 121 25.83 55.68 -30.29
CA GLU P 121 25.18 56.65 -29.44
C GLU P 121 23.71 56.58 -29.75
N SER P 122 23.37 56.40 -31.02
CA SER P 122 21.99 56.26 -31.41
C SER P 122 21.45 54.98 -30.81
N ARG P 123 22.19 53.88 -30.94
CA ARG P 123 21.78 52.62 -30.37
C ARG P 123 21.77 52.68 -28.87
N ALA P 124 22.76 53.32 -28.29
CA ALA P 124 22.87 53.41 -26.87
C ALA P 124 21.69 54.18 -26.39
N GLN P 125 21.30 55.23 -27.12
CA GLN P 125 20.15 56.03 -26.79
C GLN P 125 18.90 55.23 -26.99
N LYS P 126 18.82 54.42 -28.03
CA LYS P 126 17.62 53.62 -28.20
C LYS P 126 17.52 52.64 -27.07
N ASP P 127 18.65 52.06 -26.68
CA ASP P 127 18.67 51.07 -25.63
C ASP P 127 18.50 51.73 -24.29
N GLU P 128 18.98 52.97 -24.13
CA GLU P 128 18.85 53.73 -22.91
C GLU P 128 17.41 54.11 -22.73
N GLU P 129 16.76 54.53 -23.82
CA GLU P 129 15.37 54.86 -23.73
C GLU P 129 14.61 53.60 -23.49
N LYS P 130 14.91 52.53 -24.20
CA LYS P 130 14.21 51.29 -23.94
C LYS P 130 14.47 50.87 -22.52
N MET P 131 15.66 51.10 -22.00
CA MET P 131 15.98 50.77 -20.65
C MET P 131 15.08 51.55 -19.71
N GLU P 132 15.04 52.87 -19.88
CA GLU P 132 14.22 53.71 -19.03
C GLU P 132 12.75 53.50 -19.29
N ILE P 133 12.37 53.23 -20.52
CA ILE P 133 10.99 53.00 -20.86
C ILE P 133 10.56 51.72 -20.23
N GLN P 134 11.36 50.68 -20.35
CA GLN P 134 11.04 49.41 -19.77
C GLN P 134 11.16 49.49 -18.26
N GLU P 135 12.07 50.33 -17.73
CA GLU P 135 12.20 50.47 -16.28
C GLU P 135 11.02 51.21 -15.68
N ILE P 136 10.59 52.28 -16.33
CA ILE P 136 9.45 53.05 -15.86
C ILE P 136 8.22 52.19 -16.03
N GLN P 137 8.11 51.56 -17.19
CA GLN P 137 7.01 50.68 -17.46
C GLN P 137 7.12 49.43 -16.61
N LEU P 138 8.33 49.02 -16.20
CA LEU P 138 8.46 47.90 -15.29
C LEU P 138 7.90 48.30 -13.98
N LYS P 139 8.26 49.48 -13.50
CA LYS P 139 7.70 49.88 -12.24
C LYS P 139 6.21 49.89 -12.38
N GLU P 140 5.68 50.36 -13.52
CA GLU P 140 4.25 50.35 -13.66
C GLU P 140 3.73 48.93 -13.79
N ALA P 141 4.41 48.03 -14.53
CA ALA P 141 3.99 46.65 -14.70
C ALA P 141 3.98 45.94 -13.36
N LYS P 142 4.93 46.31 -12.50
CA LYS P 142 5.03 45.82 -11.15
C LYS P 142 3.89 46.38 -10.36
N HIS P 143 3.55 47.66 -10.60
CA HIS P 143 2.45 48.27 -9.88
C HIS P 143 1.15 47.69 -10.41
N ILE P 144 1.12 47.25 -11.67
CA ILE P 144 -0.07 46.63 -12.18
C ILE P 144 -0.07 45.28 -11.53
N ALA P 145 1.06 44.59 -11.42
CA ALA P 145 1.06 43.31 -10.75
C ALA P 145 0.62 43.50 -9.32
N GLU P 146 1.05 44.58 -8.66
CA GLU P 146 0.63 44.82 -7.31
C GLU P 146 -0.85 45.08 -7.30
N ASP P 147 -1.34 45.82 -8.30
CA ASP P 147 -2.75 46.14 -8.42
C ASP P 147 -3.55 44.94 -8.86
N ALA P 148 -2.96 44.14 -9.73
CA ALA P 148 -3.56 42.94 -10.28
C ALA P 148 -3.68 41.92 -9.17
N ASP P 149 -2.67 41.90 -8.30
CA ASP P 149 -2.66 41.03 -7.17
C ASP P 149 -3.54 41.65 -6.13
N ARG P 150 -3.56 42.98 -6.09
CA ARG P 150 -4.39 43.71 -5.13
C ARG P 150 -5.88 43.51 -5.42
N LYS P 151 -6.27 43.59 -6.69
CA LYS P 151 -7.66 43.42 -7.06
C LYS P 151 -7.96 41.97 -6.91
N TYR P 152 -6.98 41.09 -7.19
CA TYR P 152 -7.14 39.68 -6.98
C TYR P 152 -7.41 39.43 -5.54
N GLU P 153 -6.63 40.02 -4.65
CA GLU P 153 -6.85 39.85 -3.24
C GLU P 153 -8.17 40.43 -2.83
N GLU P 154 -8.59 41.56 -3.37
CA GLU P 154 -9.86 42.08 -2.91
C GLU P 154 -10.99 41.15 -3.29
N VAL P 155 -10.95 40.62 -4.50
CA VAL P 155 -12.00 39.73 -4.96
C VAL P 155 -11.85 38.33 -4.39
N ALA P 156 -10.60 37.86 -4.22
CA ALA P 156 -10.29 36.56 -3.66
C ALA P 156 -10.61 36.58 -2.21
N ARG P 157 -10.40 37.71 -1.58
CA ARG P 157 -10.72 37.85 -0.18
C ARG P 157 -12.20 37.85 -0.10
N LYS P 158 -12.91 38.55 -1.01
CA LYS P 158 -14.35 38.45 -0.97
C LYS P 158 -14.71 37.01 -1.18
N LEU P 159 -14.04 36.31 -2.09
CA LEU P 159 -14.36 34.92 -2.28
C LEU P 159 -14.20 34.23 -0.95
N VAL P 160 -13.11 34.46 -0.23
CA VAL P 160 -12.89 33.84 1.07
C VAL P 160 -13.94 34.24 2.09
N ILE P 161 -14.34 35.51 2.12
CA ILE P 161 -15.33 36.01 3.05
C ILE P 161 -16.70 35.44 2.76
N ILE P 162 -17.06 35.44 1.49
CA ILE P 162 -18.31 34.93 1.01
C ILE P 162 -18.29 33.45 1.24
N GLU P 163 -17.15 32.81 0.94
CA GLU P 163 -16.91 31.40 1.16
C GLU P 163 -16.96 31.11 2.63
N SER P 164 -16.43 31.98 3.47
CA SER P 164 -16.47 31.75 4.90
C SER P 164 -17.91 31.83 5.36
N ASP P 165 -18.67 32.78 4.78
CA ASP P 165 -20.08 32.89 5.09
C ASP P 165 -20.80 31.72 4.49
N LEU P 166 -20.32 31.22 3.36
CA LEU P 166 -20.87 30.08 2.65
C LEU P 166 -20.68 28.89 3.50
N GLU P 167 -19.50 28.72 4.07
CA GLU P 167 -19.21 27.59 4.92
C GLU P 167 -20.09 27.62 6.11
N ARG P 168 -20.28 28.81 6.67
CA ARG P 168 -21.16 28.98 7.81
C ARG P 168 -22.61 28.84 7.39
N ALA P 169 -22.96 29.33 6.22
CA ALA P 169 -24.31 29.23 5.73
C ALA P 169 -24.60 27.80 5.37
N GLU P 170 -23.58 27.13 4.84
CA GLU P 170 -23.67 25.73 4.49
C GLU P 170 -23.74 24.98 5.80
N GLU P 171 -22.97 25.43 6.78
CA GLU P 171 -22.98 24.83 8.08
C GLU P 171 -24.36 24.99 8.63
N ARG P 172 -24.96 26.16 8.45
CA ARG P 172 -26.32 26.36 8.89
C ARG P 172 -27.21 25.46 8.10
N ALA P 173 -26.98 25.29 6.81
CA ALA P 173 -27.80 24.36 6.08
C ALA P 173 -27.68 22.98 6.66
N GLU P 174 -26.47 22.58 7.06
CA GLU P 174 -26.22 21.28 7.64
C GLU P 174 -26.81 21.16 9.03
N LEU P 175 -26.72 22.21 9.82
CA LEU P 175 -27.25 22.22 11.18
C LEU P 175 -28.75 22.24 11.14
N SER P 176 -29.29 23.01 10.20
CA SER P 176 -30.69 23.17 9.98
C SER P 176 -31.22 21.94 9.32
N GLU P 177 -30.41 21.32 8.46
CA GLU P 177 -30.78 20.08 7.80
C GLU P 177 -30.70 19.02 8.84
N GLY P 178 -29.75 19.15 9.76
CA GLY P 178 -29.62 18.24 10.85
C GLY P 178 -30.92 18.31 11.59
N LYS P 179 -31.30 19.52 12.02
CA LYS P 179 -32.55 19.71 12.72
C LYS P 179 -33.71 19.26 11.89
N CYS P 180 -33.67 19.55 10.59
CA CYS P 180 -34.74 19.16 9.69
C CYS P 180 -34.92 17.65 9.74
N ALA P 181 -33.81 16.93 9.60
CA ALA P 181 -33.84 15.50 9.65
C ALA P 181 -34.25 15.01 11.02
N GLU P 182 -33.81 15.68 12.07
CA GLU P 182 -34.15 15.26 13.42
C GLU P 182 -35.61 15.43 13.65
N LEU P 183 -36.15 16.54 13.18
CA LEU P 183 -37.54 16.84 13.31
C LEU P 183 -38.31 15.93 12.46
N GLU P 184 -37.78 15.58 11.30
CA GLU P 184 -38.42 14.67 10.39
C GLU P 184 -38.49 13.31 11.04
N GLU P 185 -37.42 12.90 11.71
CA GLU P 185 -37.40 11.63 12.41
C GLU P 185 -38.38 11.67 13.56
N GLU P 186 -38.43 12.81 14.25
CA GLU P 186 -39.36 13.00 15.34
C GLU P 186 -40.74 13.11 14.78
N LEU P 187 -40.87 13.72 13.62
CA LEU P 187 -42.15 13.90 12.99
C LEU P 187 -42.67 12.56 12.67
N LYS P 188 -41.84 11.75 12.05
CA LYS P 188 -42.25 10.43 11.70
C LYS P 188 -42.46 9.59 12.92
N THR P 189 -41.65 9.75 13.95
CA THR P 189 -41.86 8.94 15.13
C THR P 189 -43.18 9.29 15.75
N VAL P 190 -43.44 10.58 15.88
CA VAL P 190 -44.64 11.09 16.47
C VAL P 190 -45.82 10.81 15.60
N THR P 191 -45.66 10.94 14.29
CA THR P 191 -46.70 10.68 13.31
C THR P 191 -46.98 9.19 13.35
N ASN P 192 -45.95 8.38 13.48
CA ASN P 192 -46.14 6.95 13.53
C ASN P 192 -46.83 6.62 14.82
N ASN P 193 -46.51 7.37 15.87
CA ASN P 193 -47.20 7.19 17.11
C ASN P 193 -48.59 7.72 16.96
N LEU P 194 -48.77 8.78 16.18
CA LEU P 194 -50.08 9.37 15.96
C LEU P 194 -50.91 8.32 15.32
N LYS P 195 -50.39 7.68 14.29
CA LYS P 195 -51.09 6.66 13.57
C LYS P 195 -51.37 5.45 14.43
N SER P 196 -50.40 5.04 15.26
CA SER P 196 -50.68 3.91 16.12
C SER P 196 -51.70 4.33 17.14
N LEU P 197 -51.68 5.60 17.52
CA LEU P 197 -52.62 6.15 18.46
C LEU P 197 -53.95 6.42 17.82
N GLU P 198 -53.98 6.67 16.52
CA GLU P 198 -55.24 6.86 15.85
C GLU P 198 -55.88 5.50 15.88
N ALA P 199 -55.05 4.47 15.59
CA ALA P 199 -55.52 3.12 15.62
C ALA P 199 -55.91 2.75 17.01
N GLN P 200 -55.17 3.19 18.02
CA GLN P 200 -55.53 2.91 19.39
C GLN P 200 -56.67 3.76 19.82
N ALA P 201 -56.74 5.01 19.44
CA ALA P 201 -57.87 5.76 19.93
C ALA P 201 -59.11 5.12 19.36
N GLU P 202 -59.08 4.67 18.11
CA GLU P 202 -60.24 4.02 17.56
C GLU P 202 -60.43 2.65 18.16
N LYS P 203 -59.39 1.86 18.31
CA LYS P 203 -59.56 0.55 18.89
C LYS P 203 -60.05 0.70 20.30
N TYR P 204 -59.58 1.76 20.94
CA TYR P 204 -59.96 2.07 22.31
C TYR P 204 -61.39 2.57 22.37
N SER P 205 -61.84 3.26 21.31
CA SER P 205 -63.21 3.76 21.32
C SER P 205 -64.07 2.53 21.12
N GLN P 206 -63.55 1.58 20.35
CA GLN P 206 -64.24 0.34 20.09
C GLN P 206 -64.22 -0.46 21.36
N LYS P 207 -63.12 -0.43 22.11
CA LYS P 207 -63.04 -1.12 23.38
C LYS P 207 -63.95 -0.41 24.35
N GLU P 208 -64.05 0.92 24.22
CA GLU P 208 -64.96 1.72 25.05
C GLU P 208 -66.38 1.18 24.87
N ASP P 209 -66.66 0.73 23.65
CA ASP P 209 -67.93 0.08 23.31
C ASP P 209 -67.95 -1.42 23.64
N ARG P 210 -66.84 -2.15 23.48
CA ARG P 210 -66.81 -3.58 23.79
C ARG P 210 -66.95 -3.78 25.28
N TYR P 211 -66.33 -2.87 26.03
CA TYR P 211 -66.36 -2.89 27.47
C TYR P 211 -67.71 -2.39 27.94
N GLU P 212 -68.23 -1.37 27.25
CA GLU P 212 -69.52 -0.83 27.60
C GLU P 212 -70.55 -1.94 27.35
N GLU P 213 -70.30 -2.71 26.29
CA GLU P 213 -71.15 -3.81 25.94
C GLU P 213 -70.96 -4.89 26.96
N GLU P 214 -69.74 -5.14 27.42
CA GLU P 214 -69.61 -6.15 28.45
C GLU P 214 -70.41 -5.67 29.65
N ILE P 215 -70.38 -4.37 29.97
CA ILE P 215 -71.19 -3.89 31.06
C ILE P 215 -72.65 -4.04 30.78
N LYS P 216 -73.11 -3.74 29.57
CA LYS P 216 -74.51 -3.86 29.26
C LYS P 216 -74.95 -5.30 29.33
N VAL P 217 -74.12 -6.21 28.83
CA VAL P 217 -74.43 -7.61 28.82
C VAL P 217 -74.43 -8.11 30.24
N LEU P 218 -73.43 -7.74 31.02
CA LEU P 218 -73.39 -8.15 32.40
C LEU P 218 -74.51 -7.51 33.16
N SER P 219 -74.89 -6.29 32.81
CA SER P 219 -75.99 -5.67 33.49
C SER P 219 -77.23 -6.50 33.20
N ASP P 220 -77.43 -6.93 31.95
CA ASP P 220 -78.58 -7.76 31.64
C ASP P 220 -78.50 -9.14 32.23
N LYS P 221 -77.30 -9.72 32.27
CA LYS P 221 -77.13 -11.05 32.81
C LYS P 221 -77.31 -10.99 34.29
N LEU P 222 -76.88 -9.90 34.91
CA LEU P 222 -77.02 -9.65 36.32
C LEU P 222 -78.47 -9.44 36.60
N LYS P 223 -79.15 -8.62 35.82
CA LYS P 223 -80.55 -8.46 36.09
C LYS P 223 -81.22 -9.80 36.04
N GLU P 224 -80.85 -10.66 35.08
CA GLU P 224 -81.46 -11.96 35.06
C GLU P 224 -80.98 -12.82 36.21
N ALA P 225 -79.71 -12.79 36.59
CA ALA P 225 -79.29 -13.65 37.68
C ALA P 225 -79.89 -13.20 38.99
N GLU P 226 -79.96 -11.88 39.17
CA GLU P 226 -80.53 -11.30 40.37
C GLU P 226 -82.04 -11.50 40.40
N THR P 227 -82.68 -11.35 39.24
CA THR P 227 -84.11 -11.52 39.17
C THR P 227 -84.44 -12.96 39.37
N ARG P 228 -83.67 -13.85 38.75
CA ARG P 228 -83.86 -15.26 38.88
C ARG P 228 -83.54 -15.65 40.29
N ALA P 229 -82.51 -15.05 40.88
CA ALA P 229 -82.16 -15.36 42.24
C ALA P 229 -83.19 -14.92 43.21
N GLU P 230 -83.74 -13.72 43.02
CA GLU P 230 -84.72 -13.23 43.95
C GLU P 230 -86.01 -13.99 43.73
N PHE P 231 -86.34 -14.26 42.48
CA PHE P 231 -87.52 -15.02 42.21
C PHE P 231 -87.39 -16.39 42.78
N ALA P 232 -86.27 -17.04 42.48
CA ALA P 232 -86.04 -18.36 42.95
C ALA P 232 -85.99 -18.31 44.45
N GLU P 233 -85.52 -17.21 45.04
CA GLU P 233 -85.52 -17.06 46.48
C GLU P 233 -86.98 -17.00 46.93
N ARG P 234 -87.88 -16.44 46.13
CA ARG P 234 -89.27 -16.52 46.51
C ARG P 234 -89.69 -17.97 46.40
N SER P 235 -89.22 -18.70 45.40
CA SER P 235 -89.55 -20.11 45.36
C SER P 235 -88.95 -20.80 46.59
N VAL P 236 -87.81 -20.32 47.07
CA VAL P 236 -87.20 -20.87 48.26
C VAL P 236 -88.11 -20.59 49.43
N THR P 237 -88.59 -19.35 49.57
CA THR P 237 -89.44 -19.05 50.72
C THR P 237 -90.82 -19.67 50.60
N LYS P 238 -91.32 -19.87 49.38
CA LYS P 238 -92.61 -20.49 49.16
C LYS P 238 -92.54 -21.98 49.43
N LEU P 239 -91.46 -22.64 48.99
CA LEU P 239 -91.30 -24.03 49.26
C LEU P 239 -91.05 -24.18 50.72
N GLU P 240 -90.22 -23.32 51.29
CA GLU P 240 -89.89 -23.34 52.72
C GLU P 240 -91.11 -23.12 53.57
N LYS P 241 -91.93 -22.15 53.19
CA LYS P 241 -93.13 -21.86 53.91
C LYS P 241 -94.08 -23.02 53.81
N SER P 242 -94.18 -23.59 52.62
CA SER P 242 -95.06 -24.70 52.42
C SER P 242 -94.57 -25.87 53.23
N ILE P 243 -93.26 -26.06 53.32
CA ILE P 243 -92.67 -27.11 54.13
C ILE P 243 -93.03 -26.89 55.57
N ASP P 244 -92.91 -25.67 56.07
CA ASP P 244 -93.29 -25.41 57.45
C ASP P 244 -94.78 -25.62 57.66
N ASP P 245 -95.60 -25.26 56.69
CA ASP P 245 -97.03 -25.45 56.83
C ASP P 245 -97.39 -26.90 56.76
N LEU P 246 -96.71 -27.66 55.92
CA LEU P 246 -96.94 -29.08 55.79
C LEU P 246 -96.47 -29.73 57.06
N GLU P 247 -95.39 -29.22 57.66
CA GLU P 247 -94.90 -29.74 58.92
C GLU P 247 -95.87 -29.39 60.02
N ASP P 248 -96.48 -28.20 59.99
CA ASP P 248 -97.46 -27.92 61.03
C ASP P 248 -98.64 -28.84 60.86
N GLU P 249 -99.00 -29.14 59.61
CA GLU P 249 -100.07 -30.07 59.32
C GLU P 249 -99.68 -31.48 59.67
N LEU P 250 -98.41 -31.81 59.47
CA LEU P 250 -97.89 -33.13 59.76
C LEU P 250 -97.93 -33.29 61.23
N TYR P 251 -97.47 -32.28 61.93
CA TYR P 251 -97.50 -32.27 63.35
C TYR P 251 -98.89 -32.41 63.82
N ALA P 252 -99.80 -31.58 63.31
CA ALA P 252 -101.16 -31.69 63.75
C ALA P 252 -101.69 -33.08 63.45
N GLN P 253 -101.30 -33.65 62.32
CA GLN P 253 -101.71 -34.98 61.95
C GLN P 253 -101.12 -36.02 62.87
N LYS P 254 -99.88 -35.81 63.27
CA LYS P 254 -99.16 -36.66 64.17
C LYS P 254 -99.78 -36.57 65.52
N LEU P 255 -100.16 -35.38 65.89
CA LEU P 255 -100.78 -35.09 67.14
C LEU P 255 -102.13 -35.72 67.21
N LYS P 256 -102.89 -35.66 66.11
CA LYS P 256 -104.18 -36.28 66.13
C LYS P 256 -103.99 -37.76 66.10
N TYR P 257 -103.04 -38.25 65.35
CA TYR P 257 -102.82 -39.66 65.31
C TYR P 257 -102.51 -40.17 66.67
N LYS P 258 -101.57 -39.50 67.29
CA LYS P 258 -101.11 -39.79 68.60
C LYS P 258 -102.24 -39.71 69.56
N ALA P 259 -103.00 -38.62 69.52
CA ALA P 259 -104.08 -38.45 70.43
C ALA P 259 -105.11 -39.54 70.28
N ILE P 260 -105.38 -39.97 69.07
CA ILE P 260 -106.38 -40.97 68.83
C ILE P 260 -105.87 -42.33 69.24
N SER P 261 -104.65 -42.67 68.84
CA SER P 261 -104.17 -43.98 69.18
C SER P 261 -104.08 -44.04 70.66
N GLU P 262 -103.56 -42.99 71.29
CA GLU P 262 -103.43 -42.96 72.73
C GLU P 262 -104.77 -42.89 73.43
N GLU P 263 -105.74 -42.16 72.90
CA GLU P 263 -107.03 -42.08 73.54
C GLU P 263 -107.66 -43.48 73.53
N LEU P 264 -107.53 -44.18 72.39
CA LEU P 264 -108.01 -45.54 72.28
C LEU P 264 -107.23 -46.51 73.09
N ASP P 265 -105.92 -46.36 73.15
CA ASP P 265 -105.08 -47.29 73.88
C ASP P 265 -105.32 -47.06 75.34
N HIS P 266 -105.51 -45.81 75.72
CA HIS P 266 -105.81 -45.45 77.07
C HIS P 266 -107.12 -45.99 77.48
N ALA P 267 -108.12 -45.69 76.68
CA ALA P 267 -109.42 -46.14 76.98
C ALA P 267 -109.47 -47.63 76.93
N LEU P 268 -108.73 -48.25 76.00
CA LEU P 268 -108.68 -49.67 75.92
C LEU P 268 -107.99 -50.23 77.09
N ASN P 269 -106.93 -49.63 77.56
CA ASN P 269 -106.30 -50.22 78.71
C ASN P 269 -107.30 -50.17 79.87
N ASP P 270 -108.02 -49.05 79.99
CA ASP P 270 -109.01 -48.88 81.04
C ASP P 270 -110.15 -49.86 80.84
N MET P 271 -110.47 -50.09 79.58
CA MET P 271 -111.55 -50.94 79.14
C MET P 271 -111.08 -52.26 78.55
N THR P 272 -109.84 -52.67 78.84
CA THR P 272 -109.41 -53.98 78.37
C THR P 272 -110.30 -54.89 79.13
N SER P 273 -110.45 -54.56 80.41
CA SER P 273 -111.33 -55.30 81.25
C SER P 273 -112.69 -54.68 81.12
N ILE P 274 -113.53 -55.45 80.48
CA ILE P 274 -114.90 -55.19 80.12
C ILE P 274 -114.95 -54.20 78.99
N LEU Q 1 157.08 81.40 -122.46
CA LEU Q 1 156.53 80.14 -122.97
C LEU Q 1 157.29 78.90 -122.52
N LYS Q 2 158.58 78.82 -122.84
CA LYS Q 2 159.38 77.64 -122.53
C LYS Q 2 159.30 77.15 -121.10
N LEU Q 3 159.34 78.07 -120.14
CA LEU Q 3 159.31 77.72 -118.74
C LEU Q 3 157.94 77.91 -118.19
N ASP Q 4 157.00 78.25 -119.04
CA ASP Q 4 155.68 78.53 -118.60
C ASP Q 4 154.96 77.24 -118.46
N LYS Q 5 155.38 76.20 -119.16
CA LYS Q 5 154.71 74.95 -118.87
C LYS Q 5 155.00 74.62 -117.41
N GLU Q 6 156.20 74.96 -116.95
CA GLU Q 6 156.63 74.67 -115.60
C GLU Q 6 156.03 75.67 -114.63
N ASN Q 7 155.93 76.94 -115.02
CA ASN Q 7 155.39 77.92 -114.13
C ASN Q 7 153.93 77.68 -114.00
N ALA Q 8 153.30 77.27 -115.09
CA ALA Q 8 151.90 77.00 -115.12
C ALA Q 8 151.63 75.63 -114.53
N LEU Q 9 152.59 74.72 -114.60
CA LEU Q 9 152.37 73.46 -113.95
C LEU Q 9 152.42 73.68 -112.46
N ASP Q 10 153.36 74.49 -111.99
CA ASP Q 10 153.45 74.80 -110.58
C ASP Q 10 152.28 75.66 -110.20
N ARG Q 11 151.84 76.54 -111.12
CA ARG Q 11 150.68 77.36 -110.87
C ARG Q 11 149.51 76.44 -110.75
N ALA Q 12 149.42 75.42 -111.61
CA ALA Q 12 148.37 74.45 -111.55
C ALA Q 12 148.48 73.67 -110.28
N GLU Q 13 149.68 73.36 -109.82
CA GLU Q 13 149.74 72.62 -108.58
C GLU Q 13 149.19 73.50 -107.48
N GLN Q 14 149.53 74.79 -107.49
CA GLN Q 14 149.03 75.70 -106.48
C GLN Q 14 147.55 76.00 -106.64
N ALA Q 15 147.10 76.18 -107.87
CA ALA Q 15 145.73 76.49 -108.18
C ALA Q 15 144.88 75.30 -107.85
N GLU Q 16 145.43 74.11 -108.07
CA GLU Q 16 144.76 72.88 -107.74
C GLU Q 16 144.81 72.74 -106.23
N ALA Q 17 145.91 73.13 -105.59
CA ALA Q 17 145.99 73.06 -104.15
C ALA Q 17 144.94 73.96 -103.53
N ASP Q 18 144.68 75.11 -104.18
CA ASP Q 18 143.70 76.04 -103.67
C ASP Q 18 142.29 75.67 -104.09
N LYS Q 19 142.11 75.05 -105.26
CA LYS Q 19 140.76 74.64 -105.61
C LYS Q 19 140.45 73.47 -104.75
N LYS Q 20 141.49 72.70 -104.38
CA LYS Q 20 141.36 71.57 -103.53
C LYS Q 20 141.07 72.08 -102.15
N ALA Q 21 141.80 73.08 -101.66
CA ALA Q 21 141.46 73.54 -100.33
C ALA Q 21 140.04 74.03 -100.32
N ALA Q 22 139.63 74.74 -101.37
CA ALA Q 22 138.26 75.20 -101.44
C ALA Q 22 137.31 74.03 -101.58
N GLU Q 23 137.70 72.99 -102.33
CA GLU Q 23 136.91 71.80 -102.55
C GLU Q 23 136.87 70.94 -101.31
N ASP Q 24 137.97 70.91 -100.56
CA ASP Q 24 138.03 70.18 -99.32
C ASP Q 24 137.12 70.89 -98.38
N ARG Q 25 137.12 72.24 -98.44
CA ARG Q 25 136.18 72.97 -97.63
C ARG Q 25 134.81 72.65 -98.13
N SER Q 26 134.60 72.57 -99.44
CA SER Q 26 133.28 72.26 -99.92
C SER Q 26 132.85 70.92 -99.36
N LYS Q 27 133.73 69.91 -99.36
CA LYS Q 27 133.37 68.63 -98.80
C LYS Q 27 133.10 68.68 -97.31
N GLN Q 28 133.95 69.40 -96.57
CA GLN Q 28 133.81 69.51 -95.13
C GLN Q 28 132.56 70.28 -94.79
N LEU Q 29 132.27 71.28 -95.58
CA LEU Q 29 131.13 72.12 -95.41
C LEU Q 29 129.91 71.36 -95.85
N GLU Q 30 130.12 70.45 -96.81
CA GLU Q 30 129.06 69.60 -97.30
C GLU Q 30 128.69 68.63 -96.18
N ASP Q 31 129.71 68.15 -95.45
CA ASP Q 31 129.47 67.24 -94.36
C ASP Q 31 128.80 67.99 -93.22
N GLU Q 32 129.23 69.24 -92.98
CA GLU Q 32 128.61 70.05 -91.95
C GLU Q 32 127.23 70.46 -92.33
N LEU Q 33 126.98 70.73 -93.60
CA LEU Q 33 125.68 71.17 -94.03
C LEU Q 33 124.74 70.05 -93.81
N VAL Q 34 125.18 68.86 -94.21
CA VAL Q 34 124.42 67.67 -94.07
C VAL Q 34 124.22 67.37 -92.61
N SER Q 35 125.25 67.52 -91.79
CA SER Q 35 125.11 67.29 -90.37
C SER Q 35 124.11 68.27 -89.80
N LEU Q 36 124.18 69.54 -90.22
CA LEU Q 36 123.26 70.55 -89.79
C LEU Q 36 121.90 70.25 -90.31
N GLN Q 37 121.79 69.69 -91.51
CA GLN Q 37 120.51 69.31 -92.08
C GLN Q 37 119.94 68.16 -91.30
N LYS Q 38 120.76 67.20 -90.90
CA LYS Q 38 120.27 66.09 -90.12
C LYS Q 38 119.82 66.59 -88.78
N LYS Q 39 120.58 67.52 -88.21
CA LYS Q 39 120.22 68.13 -86.95
C LYS Q 39 119.04 69.05 -87.10
N LEU Q 40 118.93 69.72 -88.25
CA LEU Q 40 117.84 70.62 -88.56
C LEU Q 40 116.61 69.81 -88.61
N LYS Q 41 116.68 68.67 -89.31
CA LYS Q 41 115.58 67.75 -89.46
C LYS Q 41 115.36 67.08 -88.14
N GLY Q 42 116.41 66.90 -87.37
CA GLY Q 42 116.23 66.37 -86.04
C GLY Q 42 115.28 67.33 -85.34
N THR Q 43 115.62 68.63 -85.38
CA THR Q 43 114.83 69.66 -84.77
C THR Q 43 113.53 69.96 -85.52
N GLU Q 44 113.46 69.73 -86.83
CA GLU Q 44 112.24 70.01 -87.58
C GLU Q 44 111.24 68.91 -87.32
N ASP Q 45 111.72 67.67 -87.26
CA ASP Q 45 110.85 66.56 -87.01
C ASP Q 45 110.43 66.68 -85.58
N GLU Q 46 111.35 67.12 -84.73
CA GLU Q 46 111.07 67.36 -83.34
C GLU Q 46 110.06 68.52 -83.23
N LEU Q 47 110.20 69.50 -84.14
CA LEU Q 47 109.29 70.63 -84.17
C LEU Q 47 107.87 70.09 -84.34
N ASP Q 48 107.76 69.07 -85.19
CA ASP Q 48 106.52 68.41 -85.42
C ASP Q 48 106.19 67.53 -84.25
N LYS Q 49 107.16 66.88 -83.64
CA LYS Q 49 106.77 66.07 -82.50
C LYS Q 49 106.10 66.95 -81.46
N TYR Q 50 106.64 68.16 -81.24
CA TYR Q 50 106.07 69.08 -80.27
C TYR Q 50 104.83 69.76 -80.78
N SER Q 51 104.78 70.07 -82.08
CA SER Q 51 103.66 70.74 -82.73
C SER Q 51 102.47 69.83 -82.73
N GLU Q 52 102.74 68.56 -82.99
CA GLU Q 52 101.72 67.54 -83.01
C GLU Q 52 101.34 67.26 -81.58
N ALA Q 53 102.33 67.12 -80.71
CA ALA Q 53 102.00 66.90 -79.33
C ALA Q 53 101.19 68.08 -78.85
N LEU Q 54 101.50 69.27 -79.34
CA LEU Q 54 100.79 70.48 -79.02
C LEU Q 54 99.44 70.55 -79.62
N LYS Q 55 99.26 70.23 -80.90
CA LYS Q 55 97.91 70.36 -81.38
C LYS Q 55 97.06 69.38 -80.61
N ASP Q 56 97.65 68.26 -80.20
CA ASP Q 56 96.92 67.29 -79.45
C ASP Q 56 96.76 67.73 -78.03
N ALA Q 57 97.79 68.29 -77.40
CA ALA Q 57 97.66 68.72 -76.02
C ALA Q 57 96.70 69.87 -75.95
N GLN Q 58 96.74 70.72 -76.96
CA GLN Q 58 95.91 71.89 -77.07
C GLN Q 58 94.50 71.49 -77.36
N GLU Q 59 94.29 70.50 -78.22
CA GLU Q 59 92.93 70.07 -78.49
C GLU Q 59 92.43 69.34 -77.28
N LYS Q 60 93.28 68.53 -76.66
CA LYS Q 60 92.90 67.83 -75.46
C LYS Q 60 92.56 68.86 -74.42
N LEU Q 61 93.29 69.98 -74.40
CA LEU Q 61 92.99 71.05 -73.48
C LEU Q 61 91.65 71.61 -73.85
N GLU Q 62 91.38 71.88 -75.12
CA GLU Q 62 90.09 72.48 -75.40
C GLU Q 62 89.00 71.52 -74.98
N LEU Q 63 89.25 70.23 -75.13
CA LEU Q 63 88.33 69.19 -74.76
C LEU Q 63 88.30 68.95 -73.26
N ALA Q 64 89.40 69.18 -72.55
CA ALA Q 64 89.47 69.01 -71.10
C ALA Q 64 88.84 70.21 -70.47
N GLU Q 65 88.98 71.34 -71.14
CA GLU Q 65 88.40 72.58 -70.71
C GLU Q 65 86.93 72.44 -71.00
N LYS Q 66 86.58 71.83 -72.13
CA LYS Q 66 85.20 71.59 -72.43
C LYS Q 66 84.67 70.60 -71.44
N LYS Q 67 85.42 69.54 -71.15
CA LYS Q 67 84.97 68.59 -70.18
C LYS Q 67 84.81 69.27 -68.86
N ALA Q 68 85.72 70.19 -68.51
CA ALA Q 68 85.62 70.94 -67.28
C ALA Q 68 84.43 71.83 -67.32
N THR Q 69 84.14 72.39 -68.48
CA THR Q 69 83.00 73.27 -68.67
C THR Q 69 81.75 72.49 -68.47
N ASP Q 70 81.70 71.29 -69.04
CA ASP Q 70 80.56 70.43 -68.97
C ASP Q 70 80.49 69.81 -67.60
N ALA Q 71 81.63 69.44 -67.02
CA ALA Q 71 81.63 68.84 -65.71
C ALA Q 71 81.17 69.86 -64.73
N GLU Q 72 81.61 71.12 -64.91
CA GLU Q 72 81.23 72.23 -64.08
C GLU Q 72 79.81 72.61 -64.38
N ALA Q 73 79.38 72.53 -65.64
CA ALA Q 73 78.01 72.82 -65.99
C ALA Q 73 77.15 71.79 -65.30
N ASP Q 74 77.65 70.57 -65.21
CA ASP Q 74 76.98 69.51 -64.53
C ASP Q 74 77.13 69.72 -63.06
N VAL Q 75 78.23 70.28 -62.56
CA VAL Q 75 78.29 70.52 -61.13
C VAL Q 75 77.22 71.50 -60.80
N ALA Q 76 77.10 72.57 -61.58
CA ALA Q 76 76.12 73.60 -61.38
C ALA Q 76 74.70 73.14 -61.64
N SER Q 77 74.49 72.30 -62.67
CA SER Q 77 73.17 71.82 -63.02
C SER Q 77 72.74 70.79 -62.01
N LEU Q 78 73.69 70.02 -61.52
CA LEU Q 78 73.36 69.07 -60.51
C LEU Q 78 73.23 69.82 -59.22
N ASN Q 79 74.06 70.83 -58.96
CA ASN Q 79 73.93 71.50 -57.68
C ASN Q 79 72.54 72.05 -57.64
N ARG Q 80 72.09 72.59 -58.76
CA ARG Q 80 70.73 73.04 -58.85
C ARG Q 80 69.79 71.88 -58.57
N ARG Q 81 69.98 70.75 -59.25
CA ARG Q 81 69.11 69.58 -59.05
C ARG Q 81 69.22 68.97 -57.66
N ILE Q 82 70.41 68.97 -57.05
CA ILE Q 82 70.59 68.39 -55.74
C ILE Q 82 69.84 69.26 -54.82
N GLN Q 83 69.99 70.56 -54.99
CA GLN Q 83 69.29 71.49 -54.16
C GLN Q 83 67.81 71.35 -54.40
N LEU Q 84 67.39 71.12 -55.63
CA LEU Q 84 65.97 70.95 -55.88
C LEU Q 84 65.47 69.70 -55.22
N VAL Q 85 66.25 68.61 -55.22
CA VAL Q 85 65.78 67.43 -54.54
C VAL Q 85 65.88 67.63 -53.04
N GLU Q 86 66.85 68.40 -52.54
CA GLU Q 86 66.92 68.69 -51.12
C GLU Q 86 65.75 69.53 -50.70
N GLU Q 87 65.37 70.50 -51.52
CA GLU Q 87 64.23 71.34 -51.20
C GLU Q 87 62.96 70.54 -51.31
N GLU Q 88 62.86 69.71 -52.34
CA GLU Q 88 61.69 68.89 -52.51
C GLU Q 88 61.67 67.85 -51.42
N LEU Q 89 62.83 67.37 -50.99
CA LEU Q 89 62.92 66.46 -49.87
C LEU Q 89 62.46 67.14 -48.62
N ASP Q 90 62.91 68.36 -48.37
CA ASP Q 90 62.45 69.02 -47.18
C ASP Q 90 60.95 69.15 -47.29
N ARG Q 91 60.44 69.47 -48.49
CA ARG Q 91 59.02 69.57 -48.66
C ARG Q 91 58.32 68.23 -48.45
N ALA Q 92 58.90 67.13 -48.94
CA ALA Q 92 58.31 65.82 -48.75
C ALA Q 92 58.31 65.47 -47.26
N GLN Q 93 59.36 65.87 -46.55
CA GLN Q 93 59.51 65.66 -45.11
C GLN Q 93 58.55 66.53 -44.33
N GLU Q 94 58.31 67.76 -44.79
CA GLU Q 94 57.38 68.66 -44.16
C GLU Q 94 55.96 68.19 -44.42
N ARG Q 95 55.72 67.71 -45.65
CA ARG Q 95 54.44 67.18 -46.03
C ARG Q 95 54.24 65.89 -45.27
N LEU Q 96 55.32 65.13 -45.05
CA LEU Q 96 55.28 63.91 -44.27
C LEU Q 96 55.00 64.24 -42.84
N ALA Q 97 55.68 65.22 -42.26
CA ALA Q 97 55.40 65.56 -40.89
C ALA Q 97 53.94 65.99 -40.78
N THR Q 98 53.44 66.69 -41.80
CA THR Q 98 52.07 67.14 -41.87
C THR Q 98 51.13 65.98 -42.01
N ALA Q 99 51.42 65.05 -42.91
CA ALA Q 99 50.60 63.87 -43.13
C ALA Q 99 50.58 63.01 -41.91
N LEU Q 100 51.71 62.94 -41.21
CA LEU Q 100 51.83 62.17 -40.00
C LEU Q 100 51.10 62.86 -38.88
N GLN Q 101 51.15 64.19 -38.82
CA GLN Q 101 50.38 64.87 -37.79
C GLN Q 101 48.91 64.72 -38.10
N LYS Q 102 48.53 64.80 -39.38
CA LYS Q 102 47.15 64.63 -39.78
C LYS Q 102 46.75 63.20 -39.54
N LEU Q 103 47.67 62.26 -39.75
CA LEU Q 103 47.43 60.86 -39.52
C LEU Q 103 47.18 60.68 -38.06
N GLU Q 104 47.98 61.33 -37.22
CA GLU Q 104 47.76 61.21 -35.80
C GLU Q 104 46.43 61.85 -35.47
N GLU Q 105 46.07 62.97 -36.08
CA GLU Q 105 44.78 63.59 -35.78
C GLU Q 105 43.62 62.73 -36.23
N ALA Q 106 43.72 62.12 -37.42
CA ALA Q 106 42.69 61.28 -37.98
C ALA Q 106 42.57 59.98 -37.24
N GLU Q 107 43.72 59.44 -36.88
CA GLU Q 107 43.79 58.20 -36.17
C GLU Q 107 43.35 58.47 -34.76
N LYS Q 108 43.71 59.64 -34.22
CA LYS Q 108 43.33 59.98 -32.88
C LYS Q 108 41.86 60.25 -32.90
N ALA Q 109 41.34 60.85 -33.98
CA ALA Q 109 39.92 61.05 -34.04
C ALA Q 109 39.27 59.70 -34.03
N ALA Q 110 39.85 58.73 -34.75
CA ALA Q 110 39.31 57.40 -34.77
C ALA Q 110 39.43 56.73 -33.40
N ASP Q 111 40.56 56.94 -32.74
CA ASP Q 111 40.89 56.31 -31.46
C ASP Q 111 40.06 56.90 -30.34
N GLU Q 112 39.88 58.20 -30.36
CA GLU Q 112 39.10 58.88 -29.36
C GLU Q 112 37.64 58.63 -29.60
N SER Q 113 37.21 58.63 -30.87
CA SER Q 113 35.84 58.36 -31.18
C SER Q 113 35.59 56.89 -30.92
N GLU Q 114 36.62 56.04 -31.09
CA GLU Q 114 36.48 54.64 -30.80
C GLU Q 114 36.35 54.49 -29.29
N ARG Q 115 37.14 55.22 -28.50
CA ARG Q 115 36.97 55.18 -27.05
C ARG Q 115 35.64 55.72 -26.64
N GLY Q 116 35.17 56.75 -27.35
CA GLY Q 116 33.89 57.34 -27.11
C GLY Q 116 32.91 56.22 -27.30
N MET Q 117 33.02 55.54 -28.44
CA MET Q 117 32.22 54.41 -28.83
C MET Q 117 32.34 53.30 -27.82
N LYS Q 118 33.53 53.00 -27.30
CA LYS Q 118 33.67 51.93 -26.33
C LYS Q 118 32.87 52.24 -25.09
N VAL Q 119 32.90 53.48 -24.65
CA VAL Q 119 32.15 53.86 -23.49
C VAL Q 119 30.67 53.83 -23.78
N ILE Q 120 30.24 54.40 -24.91
CA ILE Q 120 28.84 54.38 -25.23
C ILE Q 120 28.38 53.04 -25.75
N GLU Q 121 29.29 52.20 -26.23
CA GLU Q 121 28.96 50.84 -26.66
C GLU Q 121 28.81 50.04 -25.43
N SER Q 122 29.68 50.27 -24.44
CA SER Q 122 29.58 49.60 -23.18
C SER Q 122 28.30 50.08 -22.56
N ARG Q 123 27.99 51.37 -22.74
CA ARG Q 123 26.74 51.89 -22.23
C ARG Q 123 25.61 51.26 -22.99
N ALA Q 124 25.70 51.15 -24.31
CA ALA Q 124 24.62 50.52 -25.02
C ALA Q 124 24.47 49.12 -24.51
N GLN Q 125 25.58 48.44 -24.22
CA GLN Q 125 25.53 47.08 -23.73
C GLN Q 125 24.92 47.03 -22.35
N LYS Q 126 25.22 48.00 -21.50
CA LYS Q 126 24.66 48.03 -20.16
C LYS Q 126 23.19 48.35 -20.22
N ASP Q 127 22.84 49.25 -21.14
CA ASP Q 127 21.49 49.71 -21.33
C ASP Q 127 20.74 48.64 -22.06
N GLU Q 128 21.42 47.93 -22.94
CA GLU Q 128 20.82 46.85 -23.68
C GLU Q 128 20.55 45.72 -22.72
N GLU Q 129 21.53 45.39 -21.87
CA GLU Q 129 21.30 44.34 -20.93
C GLU Q 129 20.25 44.77 -19.96
N LYS Q 130 20.31 46.01 -19.51
CA LYS Q 130 19.32 46.43 -18.57
C LYS Q 130 17.96 46.50 -19.23
N MET Q 131 17.83 46.94 -20.49
CA MET Q 131 16.50 47.00 -21.05
C MET Q 131 16.00 45.60 -21.29
N GLU Q 132 16.89 44.64 -21.58
CA GLU Q 132 16.43 43.28 -21.76
C GLU Q 132 15.99 42.74 -20.43
N ILE Q 133 16.72 43.07 -19.39
CA ILE Q 133 16.37 42.65 -18.07
C ILE Q 133 15.07 43.25 -17.66
N GLN Q 134 14.92 44.56 -17.86
CA GLN Q 134 13.73 45.28 -17.51
C GLN Q 134 12.58 44.83 -18.39
N GLU Q 135 12.87 44.48 -19.65
CA GLU Q 135 11.86 44.03 -20.56
C GLU Q 135 11.38 42.67 -20.17
N ILE Q 136 12.30 41.80 -19.79
CA ILE Q 136 11.94 40.46 -19.36
C ILE Q 136 11.20 40.58 -18.07
N GLN Q 137 11.68 41.41 -17.17
CA GLN Q 137 11.03 41.66 -15.92
C GLN Q 137 9.71 42.32 -16.15
N LEU Q 138 9.59 43.18 -17.18
CA LEU Q 138 8.33 43.81 -17.50
C LEU Q 138 7.42 42.77 -18.00
N LYS Q 139 7.91 41.91 -18.86
CA LYS Q 139 7.06 40.88 -19.37
C LYS Q 139 6.61 40.06 -18.22
N GLU Q 140 7.50 39.72 -17.28
CA GLU Q 140 7.04 38.94 -16.17
C GLU Q 140 6.19 39.71 -15.21
N ALA Q 141 6.49 40.97 -14.93
CA ALA Q 141 5.65 41.73 -14.03
C ALA Q 141 4.29 41.86 -14.65
N LYS Q 142 4.29 42.02 -15.96
CA LYS Q 142 3.07 42.11 -16.71
C LYS Q 142 2.42 40.76 -16.76
N HIS Q 143 3.19 39.67 -16.87
CA HIS Q 143 2.65 38.34 -16.92
C HIS Q 143 2.11 38.01 -15.58
N ILE Q 144 2.75 38.52 -14.53
CA ILE Q 144 2.29 38.35 -13.18
C ILE Q 144 1.03 39.11 -13.06
N ALA Q 145 1.00 40.33 -13.59
CA ALA Q 145 -0.19 41.12 -13.55
C ALA Q 145 -1.28 40.47 -14.33
N GLU Q 146 -0.95 39.86 -15.47
CA GLU Q 146 -1.91 39.18 -16.31
C GLU Q 146 -2.35 37.95 -15.63
N ASP Q 147 -1.43 37.28 -14.94
CA ASP Q 147 -1.73 36.05 -14.24
C ASP Q 147 -2.56 36.40 -13.06
N ALA Q 148 -2.25 37.51 -12.42
CA ALA Q 148 -2.98 38.00 -11.28
C ALA Q 148 -4.34 38.47 -11.75
N ASP Q 149 -4.43 39.04 -12.96
CA ASP Q 149 -5.69 39.44 -13.56
C ASP Q 149 -6.44 38.19 -13.97
N ARG Q 150 -5.73 37.15 -14.42
CA ARG Q 150 -6.40 35.91 -14.76
C ARG Q 150 -6.90 35.32 -13.49
N LYS Q 151 -6.11 35.36 -12.42
CA LYS Q 151 -6.53 34.87 -11.15
C LYS Q 151 -7.66 35.70 -10.64
N TYR Q 152 -7.63 37.01 -10.88
CA TYR Q 152 -8.71 37.89 -10.50
C TYR Q 152 -9.94 37.39 -11.14
N GLU Q 153 -9.89 37.12 -12.44
CA GLU Q 153 -11.04 36.63 -13.15
C GLU Q 153 -11.43 35.22 -12.72
N GLU Q 154 -10.44 34.38 -12.40
CA GLU Q 154 -10.74 33.04 -11.95
C GLU Q 154 -11.47 33.15 -10.63
N VAL Q 155 -11.00 34.05 -9.77
CA VAL Q 155 -11.62 34.27 -8.48
C VAL Q 155 -12.86 35.16 -8.56
N ALA Q 156 -12.95 35.98 -9.60
CA ALA Q 156 -14.09 36.86 -9.75
C ALA Q 156 -15.25 36.04 -10.25
N ARG Q 157 -14.97 35.08 -11.15
CA ARG Q 157 -16.05 34.24 -11.63
C ARG Q 157 -16.32 33.23 -10.53
N LYS Q 158 -15.28 32.80 -9.81
CA LYS Q 158 -15.52 31.89 -8.72
C LYS Q 158 -16.11 32.66 -7.60
N LEU Q 159 -15.87 33.98 -7.50
CA LEU Q 159 -16.52 34.75 -6.49
C LEU Q 159 -17.96 34.68 -6.81
N VAL Q 160 -18.34 34.86 -8.07
CA VAL Q 160 -19.73 34.75 -8.43
C VAL Q 160 -20.25 33.36 -8.12
N ILE Q 161 -19.48 32.30 -8.40
CA ILE Q 161 -19.91 30.96 -8.09
C ILE Q 161 -20.11 30.82 -6.60
N ILE Q 162 -19.16 31.32 -5.82
CA ILE Q 162 -19.12 31.38 -4.38
C ILE Q 162 -20.22 32.25 -3.81
N GLU Q 163 -20.51 33.38 -4.42
CA GLU Q 163 -21.62 34.23 -4.02
C GLU Q 163 -22.87 33.49 -4.34
N SER Q 164 -22.89 32.78 -5.46
CA SER Q 164 -24.04 32.01 -5.86
C SER Q 164 -24.15 30.83 -4.91
N ASP Q 165 -23.01 30.27 -4.50
CA ASP Q 165 -23.00 29.17 -3.56
C ASP Q 165 -23.28 29.70 -2.18
N LEU Q 166 -22.96 30.96 -1.88
CA LEU Q 166 -23.36 31.55 -0.63
C LEU Q 166 -24.84 31.73 -0.68
N GLU Q 167 -25.36 32.21 -1.80
CA GLU Q 167 -26.78 32.39 -1.93
C GLU Q 167 -27.43 31.05 -1.79
N ARG Q 168 -26.83 30.01 -2.38
CA ARG Q 168 -27.33 28.66 -2.27
C ARG Q 168 -27.08 28.11 -0.87
N ALA Q 169 -25.93 28.39 -0.28
CA ALA Q 169 -25.63 27.89 1.05
C ALA Q 169 -26.58 28.52 2.03
N GLU Q 170 -26.88 29.78 1.79
CA GLU Q 170 -27.79 30.57 2.58
C GLU Q 170 -29.18 30.12 2.24
N GLU Q 171 -29.45 29.84 0.96
CA GLU Q 171 -30.76 29.36 0.55
C GLU Q 171 -31.01 28.07 1.23
N ARG Q 172 -29.99 27.24 1.32
CA ARG Q 172 -30.06 25.96 1.96
C ARG Q 172 -30.16 26.21 3.46
N ALA Q 173 -29.49 27.23 3.99
CA ALA Q 173 -29.70 27.51 5.39
C ALA Q 173 -31.17 27.86 5.60
N GLU Q 174 -31.74 28.66 4.69
CA GLU Q 174 -33.12 29.11 4.74
C GLU Q 174 -34.11 28.02 4.41
N LEU Q 175 -33.75 27.15 3.49
CA LEU Q 175 -34.57 26.05 3.03
C LEU Q 175 -34.60 24.96 4.04
N SER Q 176 -33.44 24.62 4.59
CA SER Q 176 -33.37 23.61 5.61
C SER Q 176 -33.91 24.19 6.89
N GLU Q 177 -33.69 25.48 7.16
CA GLU Q 177 -34.25 26.09 8.36
C GLU Q 177 -35.73 26.26 8.18
N GLY Q 178 -36.14 26.62 6.98
CA GLY Q 178 -37.51 26.83 6.62
C GLY Q 178 -38.22 25.52 6.78
N LYS Q 179 -37.67 24.49 6.17
CA LYS Q 179 -38.24 23.18 6.25
C LYS Q 179 -38.15 22.65 7.66
N CYS Q 180 -37.06 22.93 8.39
CA CYS Q 180 -37.06 22.34 9.70
C CYS Q 180 -38.12 23.07 10.52
N ALA Q 181 -38.36 24.35 10.24
CA ALA Q 181 -39.41 25.09 10.93
C ALA Q 181 -40.77 24.55 10.51
N GLU Q 182 -40.91 24.16 9.25
CA GLU Q 182 -42.16 23.60 8.80
C GLU Q 182 -42.36 22.30 9.52
N LEU Q 183 -41.28 21.53 9.70
CA LEU Q 183 -41.34 20.28 10.41
C LEU Q 183 -41.61 20.57 11.87
N GLU Q 184 -41.09 21.65 12.44
CA GLU Q 184 -41.42 21.95 13.82
C GLU Q 184 -42.91 22.15 13.90
N GLU Q 185 -43.51 22.80 12.91
CA GLU Q 185 -44.95 22.99 12.93
C GLU Q 185 -45.67 21.68 12.64
N GLU Q 186 -45.15 20.85 11.74
CA GLU Q 186 -45.78 19.58 11.44
C GLU Q 186 -45.63 18.68 12.64
N LEU Q 187 -44.49 18.78 13.32
CA LEU Q 187 -44.17 17.98 14.47
C LEU Q 187 -45.04 18.39 15.60
N LYS Q 188 -45.18 19.69 15.85
CA LYS Q 188 -46.05 20.14 16.90
C LYS Q 188 -47.46 19.74 16.57
N THR Q 189 -47.84 19.79 15.29
CA THR Q 189 -49.17 19.40 14.88
C THR Q 189 -49.40 17.92 15.14
N VAL Q 190 -48.46 17.07 14.75
CA VAL Q 190 -48.67 15.66 15.00
C VAL Q 190 -48.47 15.33 16.45
N THR Q 191 -47.64 16.10 17.16
CA THR Q 191 -47.44 15.91 18.59
C THR Q 191 -48.71 16.27 19.28
N ASN Q 192 -49.35 17.36 18.86
CA ASN Q 192 -50.57 17.77 19.48
C ASN Q 192 -51.69 16.82 19.09
N ASN Q 193 -51.64 16.28 17.86
CA ASN Q 193 -52.63 15.32 17.46
C ASN Q 193 -52.37 14.03 18.19
N LEU Q 194 -51.10 13.72 18.43
CA LEU Q 194 -50.75 12.53 19.17
C LEU Q 194 -51.21 12.70 20.58
N LYS Q 195 -50.99 13.86 21.17
CA LYS Q 195 -51.42 14.13 22.52
C LYS Q 195 -52.92 14.06 22.59
N SER Q 196 -53.61 14.53 21.56
CA SER Q 196 -55.05 14.47 21.52
C SER Q 196 -55.51 13.02 21.42
N LEU Q 197 -54.89 12.24 20.53
CA LEU Q 197 -55.23 10.84 20.35
C LEU Q 197 -54.81 10.03 21.52
N GLU Q 198 -53.72 10.42 22.17
CA GLU Q 198 -53.22 9.76 23.35
C GLU Q 198 -54.15 10.08 24.47
N ALA Q 199 -54.56 11.33 24.57
CA ALA Q 199 -55.49 11.72 25.59
C ALA Q 199 -56.79 11.04 25.33
N GLN Q 200 -57.15 10.88 24.06
CA GLN Q 200 -58.39 10.25 23.68
C GLN Q 200 -58.32 8.78 23.95
N ALA Q 201 -57.23 8.16 23.56
CA ALA Q 201 -56.98 6.77 23.78
C ALA Q 201 -56.90 6.54 25.27
N GLU Q 202 -56.32 7.49 26.00
CA GLU Q 202 -56.21 7.38 27.45
C GLU Q 202 -57.56 7.60 28.06
N LYS Q 203 -58.36 8.52 27.56
CA LYS Q 203 -59.68 8.67 28.10
C LYS Q 203 -60.42 7.39 27.87
N TYR Q 204 -60.21 6.77 26.71
CA TYR Q 204 -60.85 5.52 26.46
C TYR Q 204 -60.26 4.45 27.32
N SER Q 205 -58.95 4.45 27.57
CA SER Q 205 -58.35 3.43 28.40
C SER Q 205 -58.86 3.60 29.81
N GLN Q 206 -59.16 4.84 30.19
CA GLN Q 206 -59.72 5.13 31.47
C GLN Q 206 -61.13 4.67 31.48
N LYS Q 207 -61.88 4.81 30.38
CA LYS Q 207 -63.23 4.30 30.33
C LYS Q 207 -63.22 2.80 30.32
N GLU Q 208 -62.22 2.24 29.66
CA GLU Q 208 -62.05 0.80 29.60
C GLU Q 208 -61.80 0.35 31.03
N ASP Q 209 -60.99 1.10 31.76
CA ASP Q 209 -60.74 0.75 33.14
C ASP Q 209 -62.00 0.98 33.95
N ARG Q 210 -62.77 2.03 33.68
CA ARG Q 210 -63.96 2.20 34.47
C ARG Q 210 -64.87 1.05 34.20
N TYR Q 211 -64.93 0.62 32.95
CA TYR Q 211 -65.79 -0.47 32.64
C TYR Q 211 -65.16 -1.69 33.22
N GLU Q 212 -63.85 -1.83 33.18
CA GLU Q 212 -63.25 -3.05 33.70
C GLU Q 212 -63.55 -3.14 35.16
N GLU Q 213 -63.52 -2.02 35.84
CA GLU Q 213 -63.83 -2.01 37.24
C GLU Q 213 -65.28 -2.38 37.40
N GLU Q 214 -66.16 -1.85 36.53
CA GLU Q 214 -67.57 -2.17 36.53
C GLU Q 214 -67.85 -3.56 36.00
N ILE Q 215 -67.00 -4.07 35.12
CA ILE Q 215 -67.09 -5.41 34.57
C ILE Q 215 -66.78 -6.30 35.70
N LYS Q 216 -65.72 -6.01 36.44
CA LYS Q 216 -65.41 -6.81 37.59
C LYS Q 216 -66.52 -6.68 38.60
N VAL Q 217 -67.07 -5.49 38.78
CA VAL Q 217 -68.16 -5.39 39.71
C VAL Q 217 -69.35 -6.16 39.24
N LEU Q 218 -69.74 -6.05 37.99
CA LEU Q 218 -70.89 -6.77 37.48
C LEU Q 218 -70.59 -8.20 37.20
N SER Q 219 -69.36 -8.54 36.85
CA SER Q 219 -69.00 -9.91 36.62
C SER Q 219 -69.07 -10.57 37.95
N ASP Q 220 -68.55 -9.91 38.99
CA ASP Q 220 -68.63 -10.49 40.30
C ASP Q 220 -70.04 -10.40 40.79
N LYS Q 221 -70.75 -9.31 40.53
CA LYS Q 221 -72.11 -9.20 40.99
C LYS Q 221 -72.90 -10.29 40.33
N LEU Q 222 -72.58 -10.60 39.07
CA LEU Q 222 -73.20 -11.67 38.32
C LEU Q 222 -72.82 -12.99 38.88
N LYS Q 223 -71.55 -13.23 39.16
CA LYS Q 223 -71.17 -14.50 39.73
C LYS Q 223 -71.82 -14.68 41.08
N GLU Q 224 -71.95 -13.59 41.83
CA GLU Q 224 -72.58 -13.58 43.12
C GLU Q 224 -74.06 -13.74 42.97
N ALA Q 225 -74.65 -13.07 41.99
CA ALA Q 225 -76.07 -13.17 41.69
C ALA Q 225 -76.34 -14.51 41.12
N GLU Q 226 -75.37 -15.04 40.38
CA GLU Q 226 -75.44 -16.36 39.79
C GLU Q 226 -75.29 -17.34 40.91
N THR Q 227 -74.44 -17.04 41.88
CA THR Q 227 -74.28 -17.90 43.03
C THR Q 227 -75.60 -17.87 43.77
N ARG Q 228 -76.22 -16.70 43.83
CA ARG Q 228 -77.50 -16.55 44.50
C ARG Q 228 -78.59 -17.24 43.68
N ALA Q 229 -78.48 -17.14 42.35
CA ALA Q 229 -79.45 -17.76 41.48
C ALA Q 229 -79.28 -19.23 41.54
N GLU Q 230 -78.04 -19.68 41.60
CA GLU Q 230 -77.69 -21.06 41.65
C GLU Q 230 -78.00 -21.50 43.03
N PHE Q 231 -77.75 -20.63 44.01
CA PHE Q 231 -78.07 -20.94 45.38
C PHE Q 231 -79.51 -21.13 45.47
N ALA Q 232 -80.26 -20.20 44.94
CA ALA Q 232 -81.66 -20.33 44.99
C ALA Q 232 -82.08 -21.53 44.16
N GLU Q 233 -81.43 -21.83 43.03
CA GLU Q 233 -81.84 -23.03 42.29
C GLU Q 233 -81.56 -24.26 43.13
N ARG Q 234 -80.46 -24.27 43.86
CA ARG Q 234 -80.10 -25.41 44.70
C ARG Q 234 -80.97 -25.46 45.94
N SER Q 235 -81.22 -24.29 46.52
CA SER Q 235 -82.02 -24.15 47.70
C SER Q 235 -83.41 -24.58 47.34
N VAL Q 236 -83.86 -24.13 46.16
CA VAL Q 236 -85.13 -24.52 45.64
C VAL Q 236 -85.05 -26.00 45.41
N THR Q 237 -83.97 -26.53 44.83
CA THR Q 237 -83.85 -27.96 44.63
C THR Q 237 -83.92 -28.71 45.94
N LYS Q 238 -83.22 -28.23 46.96
CA LYS Q 238 -83.26 -28.86 48.27
C LYS Q 238 -84.67 -28.80 48.80
N LEU Q 239 -85.34 -27.69 48.56
CA LEU Q 239 -86.70 -27.52 49.01
C LEU Q 239 -87.72 -28.17 48.09
N GLU Q 240 -87.29 -28.46 46.86
CA GLU Q 240 -88.14 -29.15 45.91
C GLU Q 240 -88.16 -30.57 46.46
N LYS Q 241 -87.00 -30.99 46.96
CA LYS Q 241 -86.88 -32.28 47.57
C LYS Q 241 -87.58 -32.28 48.90
N SER Q 242 -87.38 -31.26 49.73
CA SER Q 242 -88.03 -31.21 51.03
C SER Q 242 -89.49 -30.90 50.91
N ILE Q 243 -89.93 -30.23 49.85
CA ILE Q 243 -91.36 -30.01 49.76
C ILE Q 243 -91.93 -31.32 49.38
N ASP Q 244 -91.28 -32.08 48.49
CA ASP Q 244 -91.83 -33.35 48.10
C ASP Q 244 -91.71 -34.30 49.25
N ASP Q 245 -90.68 -34.16 50.08
CA ASP Q 245 -90.59 -35.05 51.21
C ASP Q 245 -91.69 -34.67 52.16
N LEU Q 246 -91.99 -33.38 52.34
CA LEU Q 246 -93.09 -33.04 53.21
C LEU Q 246 -94.40 -33.37 52.56
N GLU Q 247 -94.47 -33.33 51.24
CA GLU Q 247 -95.71 -33.65 50.54
C GLU Q 247 -95.99 -35.15 50.65
N ASP Q 248 -94.91 -35.93 50.70
CA ASP Q 248 -94.97 -37.37 50.82
C ASP Q 248 -95.05 -37.80 52.26
N GLU Q 249 -94.42 -37.07 53.16
CA GLU Q 249 -94.47 -37.37 54.57
C GLU Q 249 -95.78 -36.90 55.14
N LEU Q 250 -96.30 -35.77 54.69
CA LEU Q 250 -97.57 -35.35 55.20
C LEU Q 250 -98.58 -36.31 54.65
N TYR Q 251 -98.45 -36.65 53.38
CA TYR Q 251 -99.29 -37.62 52.72
C TYR Q 251 -99.24 -38.93 53.44
N ALA Q 252 -98.04 -39.46 53.66
CA ALA Q 252 -97.89 -40.74 54.31
C ALA Q 252 -98.38 -40.70 55.72
N GLN Q 253 -98.14 -39.60 56.42
CA GLN Q 253 -98.59 -39.57 57.77
C GLN Q 253 -100.08 -39.51 57.77
N LYS Q 254 -100.71 -38.74 56.91
CA LYS Q 254 -102.17 -38.72 56.91
C LYS Q 254 -102.77 -40.03 56.46
N LEU Q 255 -102.17 -40.57 55.42
CA LEU Q 255 -102.56 -41.80 54.78
C LEU Q 255 -102.44 -42.93 55.73
N LYS Q 256 -101.45 -42.91 56.59
CA LYS Q 256 -101.35 -43.95 57.56
C LYS Q 256 -101.94 -43.52 58.88
N TYR Q 257 -101.96 -42.25 59.19
CA TYR Q 257 -102.45 -41.86 60.48
C TYR Q 257 -103.92 -41.68 60.59
N LYS Q 258 -104.55 -40.99 59.67
CA LYS Q 258 -105.98 -40.90 59.85
C LYS Q 258 -106.46 -42.25 59.32
N ALA Q 259 -105.83 -42.77 58.28
CA ALA Q 259 -106.37 -44.04 57.84
C ALA Q 259 -106.26 -45.11 58.92
N ILE Q 260 -105.18 -45.14 59.73
CA ILE Q 260 -105.12 -46.13 60.77
C ILE Q 260 -105.88 -45.73 62.00
N SER Q 261 -105.70 -44.52 62.50
CA SER Q 261 -106.37 -44.19 63.73
C SER Q 261 -107.85 -43.96 63.58
N GLU Q 262 -108.27 -43.51 62.40
CA GLU Q 262 -109.69 -43.33 62.12
C GLU Q 262 -110.28 -44.73 61.97
N GLU Q 263 -109.46 -45.62 61.45
CA GLU Q 263 -109.83 -47.01 61.28
C GLU Q 263 -109.93 -47.59 62.67
N LEU Q 264 -109.00 -47.19 63.54
CA LEU Q 264 -109.04 -47.67 64.91
C LEU Q 264 -110.35 -47.16 65.55
N ASP Q 265 -110.80 -45.93 65.22
CA ASP Q 265 -112.10 -45.46 65.72
C ASP Q 265 -113.24 -46.22 65.03
N HIS Q 266 -113.06 -46.65 63.79
CA HIS Q 266 -114.06 -47.51 63.18
C HIS Q 266 -114.04 -48.78 63.97
N ALA Q 267 -112.85 -49.28 64.23
CA ALA Q 267 -112.78 -50.46 65.01
C ALA Q 267 -113.44 -50.14 66.34
N LEU Q 268 -113.31 -48.94 66.94
CA LEU Q 268 -114.03 -48.62 68.18
C LEU Q 268 -115.49 -48.94 68.00
N ASN Q 269 -116.06 -48.56 66.86
CA ASN Q 269 -117.47 -48.82 66.64
C ASN Q 269 -117.76 -50.31 66.89
N ASP Q 270 -116.83 -51.17 66.50
CA ASP Q 270 -116.98 -52.60 66.73
C ASP Q 270 -116.29 -53.05 68.04
N MET Q 271 -115.18 -52.43 68.40
CA MET Q 271 -114.38 -52.87 69.53
C MET Q 271 -115.09 -52.75 70.79
N THR Q 272 -115.90 -51.71 70.89
CA THR Q 272 -116.66 -51.33 72.05
C THR Q 272 -118.09 -51.82 71.96
N SER Q 273 -118.37 -52.63 70.96
CA SER Q 273 -119.68 -53.23 70.87
C SER Q 273 -119.55 -54.37 71.86
N ILE Q 274 -120.66 -55.05 72.13
CA ILE Q 274 -120.75 -56.22 73.01
C ILE Q 274 -121.00 -55.74 74.41
N ALA R 1 -110.54 -41.83 69.77
CA ALA R 1 -111.80 -41.77 70.45
C ALA R 1 -111.82 -42.70 71.64
N SER R 2 -112.11 -42.18 72.80
CA SER R 2 -112.17 -43.00 73.99
C SER R 2 -113.28 -44.00 73.90
N MET R 3 -113.03 -45.18 74.42
CA MET R 3 -113.99 -46.27 74.49
C MET R 3 -114.98 -46.05 75.62
N ASP R 4 -115.67 -44.93 75.50
CA ASP R 4 -116.66 -44.48 76.44
C ASP R 4 -117.90 -45.28 76.22
N ALA R 5 -118.07 -45.79 75.00
CA ALA R 5 -119.24 -46.59 74.74
C ALA R 5 -119.26 -47.79 75.69
N ILE R 6 -118.09 -48.31 76.01
CA ILE R 6 -118.05 -49.43 76.91
C ILE R 6 -117.77 -49.09 78.31
N LYS R 7 -117.31 -47.90 78.58
CA LYS R 7 -117.29 -47.55 79.97
C LYS R 7 -118.78 -47.57 80.40
N LYS R 8 -119.64 -47.12 79.49
CA LYS R 8 -121.06 -47.10 79.72
C LYS R 8 -121.70 -48.49 79.59
N LYS R 9 -121.27 -49.32 78.63
CA LYS R 9 -121.83 -50.67 78.55
C LYS R 9 -121.40 -51.47 79.74
N MET R 10 -120.15 -51.27 80.17
CA MET R 10 -119.60 -51.91 81.34
C MET R 10 -120.45 -51.60 82.49
N GLN R 11 -120.80 -50.32 82.68
CA GLN R 11 -121.61 -50.03 83.82
C GLN R 11 -122.96 -50.70 83.69
N MET R 12 -123.52 -50.77 82.50
CA MET R 12 -124.82 -51.40 82.40
C MET R 12 -124.75 -52.87 82.74
N LEU R 13 -123.72 -53.55 82.25
CA LEU R 13 -123.60 -54.96 82.53
C LEU R 13 -123.19 -55.18 83.95
N LYS R 14 -122.44 -54.25 84.51
CA LYS R 14 -122.03 -54.31 85.89
C LYS R 14 -123.28 -54.23 86.73
N LEU R 15 -124.20 -53.36 86.38
CA LEU R 15 -125.44 -53.26 87.12
C LEU R 15 -126.26 -54.52 86.92
N ASP R 16 -126.27 -55.06 85.71
CA ASP R 16 -127.07 -56.25 85.50
C ASP R 16 -126.52 -57.41 86.32
N LYS R 17 -125.18 -57.53 86.38
CA LYS R 17 -124.65 -58.62 87.15
C LYS R 17 -124.69 -58.32 88.60
N GLU R 18 -124.56 -57.06 88.98
CA GLU R 18 -124.53 -56.75 90.38
C GLU R 18 -125.90 -57.05 90.92
N ASN R 19 -126.93 -56.79 90.13
CA ASN R 19 -128.27 -57.06 90.57
C ASN R 19 -128.52 -58.56 90.61
N ALA R 20 -128.03 -59.30 89.60
CA ALA R 20 -128.17 -60.75 89.59
C ALA R 20 -127.40 -61.37 90.73
N LEU R 21 -126.25 -60.78 91.04
CA LEU R 21 -125.36 -61.20 92.10
C LEU R 21 -125.95 -60.86 93.42
N ASP R 22 -126.56 -59.69 93.55
CA ASP R 22 -127.21 -59.32 94.76
C ASP R 22 -128.23 -60.42 95.00
N ARG R 23 -128.99 -60.77 93.95
CA ARG R 23 -129.92 -61.85 94.09
C ARG R 23 -129.24 -63.19 94.36
N ALA R 24 -128.09 -63.50 93.75
CA ALA R 24 -127.46 -64.78 94.05
C ALA R 24 -127.10 -64.88 95.51
N GLU R 25 -126.61 -63.78 96.04
CA GLU R 25 -126.20 -63.71 97.42
C GLU R 25 -127.40 -63.76 98.33
N GLN R 26 -128.48 -63.07 97.97
CA GLN R 26 -129.68 -63.10 98.79
C GLN R 26 -130.33 -64.44 98.72
N ALA R 27 -130.39 -65.01 97.53
CA ALA R 27 -131.03 -66.27 97.35
C ALA R 27 -130.35 -67.33 98.20
N GLU R 28 -129.02 -67.27 98.30
CA GLU R 28 -128.33 -68.18 99.18
C GLU R 28 -128.50 -67.76 100.65
N ALA R 29 -128.45 -66.45 100.93
CA ALA R 29 -128.54 -65.92 102.29
C ALA R 29 -129.88 -66.20 102.94
N ASP R 30 -130.93 -66.26 102.14
CA ASP R 30 -132.30 -66.49 102.60
C ASP R 30 -132.48 -67.85 103.24
N LYS R 31 -131.66 -68.83 102.85
CA LYS R 31 -131.73 -70.20 103.34
C LYS R 31 -133.12 -70.83 103.22
N ALA S 1 -114.86 -55.47 63.09
CA ALA S 1 -113.69 -55.96 63.83
C ALA S 1 -113.69 -55.55 65.29
N SER S 2 -114.25 -56.40 66.16
CA SER S 2 -114.30 -56.09 67.59
C SER S 2 -112.99 -56.41 68.30
N MET S 3 -112.85 -55.98 69.56
CA MET S 3 -111.67 -56.26 70.34
C MET S 3 -111.92 -57.53 71.09
N ASP S 4 -110.93 -58.40 71.16
CA ASP S 4 -111.16 -59.64 71.89
C ASP S 4 -111.31 -59.40 73.36
N ALA S 5 -110.54 -58.48 73.90
CA ALA S 5 -110.63 -58.22 75.32
C ALA S 5 -111.98 -57.68 75.69
N ILE S 6 -112.50 -56.79 74.87
CA ILE S 6 -113.79 -56.21 75.18
C ILE S 6 -114.86 -57.22 74.94
N LYS S 7 -114.85 -57.86 73.79
CA LYS S 7 -115.89 -58.83 73.54
C LYS S 7 -115.95 -59.89 74.60
N LYS S 8 -114.79 -60.42 74.97
CA LYS S 8 -114.76 -61.46 75.96
C LYS S 8 -115.09 -61.00 77.34
N LYS S 9 -114.57 -59.85 77.75
CA LYS S 9 -114.78 -59.46 79.10
C LYS S 9 -116.17 -58.86 79.26
N MET S 10 -116.74 -58.32 78.19
CA MET S 10 -118.13 -57.92 78.26
C MET S 10 -118.93 -59.17 78.45
N GLN S 11 -118.58 -60.24 77.74
CA GLN S 11 -119.30 -61.48 77.96
C GLN S 11 -119.03 -61.97 79.36
N MET S 12 -117.84 -61.76 79.91
CA MET S 12 -117.63 -62.21 81.27
C MET S 12 -118.51 -61.46 82.25
N LEU S 13 -118.82 -60.19 81.97
CA LEU S 13 -119.66 -59.44 82.89
C LEU S 13 -121.09 -59.89 82.67
N LYS S 14 -121.43 -60.22 81.41
CA LYS S 14 -122.74 -60.76 81.11
C LYS S 14 -122.85 -62.09 81.82
N LEU S 15 -121.75 -62.86 81.86
CA LEU S 15 -121.70 -64.14 82.55
C LEU S 15 -121.78 -63.95 84.02
N ASP S 16 -121.18 -62.90 84.58
CA ASP S 16 -121.40 -62.77 85.99
C ASP S 16 -122.90 -62.64 86.19
N LYS S 17 -123.58 -61.89 85.30
CA LYS S 17 -125.03 -61.81 85.42
C LYS S 17 -125.71 -63.12 85.17
N GLU S 18 -125.36 -63.83 84.11
CA GLU S 18 -126.05 -65.07 83.76
C GLU S 18 -125.83 -66.13 84.80
N ASN S 19 -124.62 -66.20 85.32
CA ASN S 19 -124.25 -67.19 86.28
C ASN S 19 -124.81 -66.82 87.62
N ALA S 20 -124.74 -65.54 87.97
CA ALA S 20 -125.28 -65.11 89.23
C ALA S 20 -126.76 -65.26 89.21
N LEU S 21 -127.35 -65.04 88.06
CA LEU S 21 -128.77 -65.19 87.97
C LEU S 21 -129.12 -66.64 88.08
N ASP S 22 -128.38 -67.53 87.41
CA ASP S 22 -128.71 -68.95 87.57
C ASP S 22 -128.54 -69.36 89.02
N ARG S 23 -127.51 -68.82 89.70
CA ARG S 23 -127.34 -69.15 91.10
C ARG S 23 -128.49 -68.61 91.90
N ALA S 24 -128.92 -67.39 91.60
CA ALA S 24 -130.02 -66.81 92.32
C ALA S 24 -131.27 -67.59 92.16
N GLU S 25 -131.53 -68.02 90.93
CA GLU S 25 -132.74 -68.72 90.67
C GLU S 25 -132.72 -70.09 91.29
N GLN S 26 -131.60 -70.81 91.21
CA GLN S 26 -131.60 -72.11 91.82
C GLN S 26 -131.60 -72.00 93.31
N ALA S 27 -130.82 -71.07 93.84
CA ALA S 27 -130.74 -70.96 95.26
C ALA S 27 -132.06 -70.58 95.83
N GLU S 28 -132.74 -69.62 95.19
CA GLU S 28 -134.03 -69.12 95.64
C GLU S 28 -135.08 -70.19 95.49
N ALA S 29 -134.98 -71.00 94.44
CA ALA S 29 -135.92 -72.08 94.25
C ALA S 29 -135.89 -73.02 95.45
N ASP S 30 -134.69 -73.23 96.01
CA ASP S 30 -134.53 -74.08 97.16
C ASP S 30 -134.67 -73.31 98.49
N LYS S 31 -134.30 -72.04 98.46
CA LYS S 31 -134.24 -71.12 99.60
C LYS S 31 -135.15 -69.91 99.43
N LEU T 1 -128.50 -47.03 77.92
CA LEU T 1 -127.36 -46.16 77.64
C LEU T 1 -127.37 -45.72 76.19
N ASN T 2 -128.25 -44.78 75.85
CA ASN T 2 -128.33 -44.30 74.48
C ASN T 2 -127.05 -43.58 74.12
N GLU T 3 -126.38 -43.07 75.14
CA GLU T 3 -125.13 -42.41 74.99
C GLU T 3 -124.05 -43.37 74.55
N LEU T 4 -124.12 -44.67 74.89
CA LEU T 4 -122.99 -45.45 74.43
C LEU T 4 -123.18 -45.62 72.97
N GLN T 5 -124.45 -45.72 72.56
CA GLN T 5 -124.72 -45.88 71.16
C GLN T 5 -124.42 -44.59 70.41
N ALA T 6 -124.75 -43.45 71.01
CA ALA T 6 -124.46 -42.21 70.35
C ALA T 6 -122.97 -42.04 70.17
N LEU T 7 -122.18 -42.44 71.17
CA LEU T 7 -120.75 -42.31 71.11
C LEU T 7 -120.09 -43.36 70.25
N ILE T 8 -120.61 -44.59 70.24
CA ILE T 8 -119.91 -45.61 69.49
C ILE T 8 -120.01 -45.22 68.01
N GLU T 9 -121.18 -44.68 67.60
CA GLU T 9 -121.37 -44.25 66.23
C GLU T 9 -120.80 -42.89 65.99
N ALA T 10 -120.93 -41.95 66.92
CA ALA T 10 -120.42 -40.62 66.66
C ALA T 10 -118.93 -40.66 66.51
N HIS T 11 -118.27 -41.48 67.31
CA HIS T 11 -116.83 -41.53 67.22
C HIS T 11 -116.49 -42.05 65.85
N PHE T 12 -116.99 -43.23 65.51
CA PHE T 12 -116.70 -43.74 64.20
C PHE T 12 -117.19 -42.96 63.00
N GLU T 13 -118.47 -42.66 62.92
CA GLU T 13 -118.94 -42.03 61.72
C GLU T 13 -118.46 -40.62 61.53
N ASN T 14 -118.35 -39.83 62.61
CA ASN T 14 -117.98 -38.48 62.37
C ASN T 14 -116.53 -38.43 61.99
N ARG T 15 -115.72 -39.26 62.63
CA ARG T 15 -114.32 -39.25 62.32
C ARG T 15 -113.96 -39.97 61.06
N LYS T 16 -114.52 -41.11 60.78
CA LYS T 16 -114.05 -41.74 59.58
C LYS T 16 -114.41 -40.88 58.40
N LYS T 17 -115.61 -40.31 58.40
CA LYS T 17 -115.94 -39.50 57.26
C LYS T 17 -115.08 -38.24 57.18
N GLU T 18 -115.03 -37.43 58.25
CA GLU T 18 -114.29 -36.18 58.15
C GLU T 18 -112.82 -36.39 57.92
N GLU T 19 -112.27 -37.33 58.67
CA GLU T 19 -110.85 -37.64 58.64
C GLU T 19 -110.35 -38.28 57.35
N GLU T 20 -111.10 -39.21 56.79
CA GLU T 20 -110.62 -39.85 55.58
C GLU T 20 -110.73 -38.82 54.48
N GLU T 21 -111.76 -37.96 54.55
CA GLU T 21 -111.87 -36.93 53.54
C GLU T 21 -110.67 -36.00 53.66
N LEU T 22 -110.24 -35.64 54.88
CA LEU T 22 -109.07 -34.77 54.93
C LEU T 22 -107.88 -35.48 54.36
N VAL T 23 -107.78 -36.79 54.55
CA VAL T 23 -106.62 -37.46 54.00
C VAL T 23 -106.61 -37.26 52.50
N SER T 24 -107.71 -37.58 51.80
CA SER T 24 -107.64 -37.49 50.35
C SER T 24 -107.68 -36.06 49.82
N LEU T 25 -108.30 -35.14 50.55
CA LEU T 25 -108.38 -33.77 50.07
C LEU T 25 -107.00 -33.16 50.10
N LYS T 26 -106.29 -33.42 51.18
CA LYS T 26 -104.97 -32.88 51.32
C LYS T 26 -104.03 -33.64 50.44
N ASP T 27 -104.30 -34.93 50.17
CA ASP T 27 -103.40 -35.68 49.30
C ASP T 27 -103.34 -35.00 47.95
N ARG T 28 -104.47 -34.47 47.51
CA ARG T 28 -104.52 -33.78 46.23
C ARG T 28 -103.82 -32.42 46.32
N ILE T 29 -103.95 -31.73 47.46
CA ILE T 29 -103.28 -30.45 47.61
C ILE T 29 -101.77 -30.67 47.55
N GLU T 30 -101.35 -31.72 48.27
CA GLU T 30 -99.96 -32.12 48.36
C GLU T 30 -99.47 -32.53 46.99
N ARG T 31 -100.27 -33.29 46.25
CA ARG T 31 -99.81 -33.66 44.93
C ARG T 31 -99.62 -32.41 44.06
N ARG T 32 -100.51 -31.43 44.19
CA ARG T 32 -100.37 -30.19 43.44
C ARG T 32 -99.13 -29.41 43.87
N ARG T 33 -98.82 -29.41 45.16
CA ARG T 33 -97.62 -28.76 45.65
C ARG T 33 -96.38 -29.51 45.13
N ALA T 34 -96.48 -30.84 45.05
CA ALA T 34 -95.42 -31.67 44.48
C ALA T 34 -95.28 -31.32 43.00
N GLU T 35 -96.39 -30.97 42.34
CA GLU T 35 -96.30 -30.58 40.95
C GLU T 35 -95.59 -29.26 40.91
N ARG T 36 -95.87 -28.36 41.87
CA ARG T 36 -95.14 -27.11 41.92
C ARG T 36 -93.66 -27.40 42.03
N ALA T 37 -93.27 -28.38 42.85
CA ALA T 37 -91.86 -28.72 42.95
C ALA T 37 -91.33 -29.14 41.60
N GLU T 38 -92.12 -29.91 40.85
CA GLU T 38 -91.69 -30.34 39.52
C GLU T 38 -91.60 -29.13 38.61
N GLN T 39 -92.51 -28.20 38.75
CA GLN T 39 -92.51 -27.02 37.91
C GLN T 39 -91.32 -26.14 38.25
N GLN T 40 -90.87 -26.16 39.50
CA GLN T 40 -89.69 -25.40 39.85
C GLN T 40 -88.49 -26.10 39.22
N ARG T 41 -88.49 -27.43 39.22
CA ARG T 41 -87.41 -28.18 38.58
C ARG T 41 -87.35 -27.81 37.10
N ILE T 42 -88.53 -27.72 36.48
CA ILE T 42 -88.67 -27.36 35.10
C ILE T 42 -88.20 -25.93 34.88
N ARG T 43 -88.58 -25.04 35.79
CA ARG T 43 -88.17 -23.64 35.70
C ARG T 43 -86.66 -23.49 35.78
N ASN T 44 -86.02 -24.29 36.65
CA ASN T 44 -84.58 -24.23 36.80
C ASN T 44 -83.91 -24.75 35.54
N GLU T 45 -84.47 -25.84 34.97
CA GLU T 45 -83.91 -26.39 33.75
C GLU T 45 -84.07 -25.43 32.60
N ARG T 46 -85.22 -24.77 32.51
CA ARG T 46 -85.46 -23.83 31.43
C ARG T 46 -84.55 -22.63 31.53
N GLU T 47 -84.31 -22.13 32.75
CA GLU T 47 -83.44 -20.98 32.89
C GLU T 47 -82.04 -21.36 32.45
N LYS T 48 -81.59 -22.56 32.82
CA LYS T 48 -80.27 -22.99 32.40
C LYS T 48 -80.22 -23.18 30.90
N GLU T 49 -81.25 -23.75 30.30
CA GLU T 49 -81.23 -23.96 28.86
C GLU T 49 -81.17 -22.63 28.11
N ARG T 50 -81.92 -21.64 28.57
CA ARG T 50 -81.94 -20.35 27.90
C ARG T 50 -80.59 -19.65 27.96
N GLN T 51 -79.85 -19.87 29.04
CA GLN T 51 -78.57 -19.23 29.23
C GLN T 51 -77.37 -20.05 28.67
N ASN T 52 -77.64 -21.21 28.07
CA ASN T 52 -76.64 -22.11 27.51
C ASN T 52 -75.71 -22.74 28.56
N GLY T 101 -20.00 -5.25 -14.76
CA GLY T 101 -20.54 -4.42 -15.82
C GLY T 101 -20.45 -5.08 -17.21
N LYS T 102 -19.24 -5.51 -17.60
CA LYS T 102 -19.09 -6.05 -18.94
C LYS T 102 -19.65 -7.44 -19.15
N ARG T 103 -19.62 -8.32 -18.15
CA ARG T 103 -20.16 -9.65 -18.38
C ARG T 103 -21.66 -9.58 -18.50
N GLN T 104 -22.26 -8.70 -17.70
CA GLN T 104 -23.68 -8.56 -17.73
C GLN T 104 -24.05 -7.98 -19.07
N THR T 105 -23.20 -7.08 -19.58
CA THR T 105 -23.42 -6.49 -20.87
C THR T 105 -23.38 -7.58 -21.93
N GLU T 106 -22.42 -8.51 -21.88
CA GLU T 106 -22.32 -9.57 -22.88
C GLU T 106 -23.56 -10.47 -22.91
N ARG T 107 -24.10 -10.79 -21.74
CA ARG T 107 -25.29 -11.63 -21.72
C ARG T 107 -26.50 -10.88 -22.23
N GLU T 108 -26.60 -9.61 -21.84
CA GLU T 108 -27.69 -8.77 -22.27
C GLU T 108 -27.58 -8.56 -23.75
N LYS T 109 -26.35 -8.40 -24.23
CA LYS T 109 -26.02 -8.15 -25.60
C LYS T 109 -26.37 -9.31 -26.50
N LYS T 110 -26.08 -10.57 -26.14
CA LYS T 110 -26.51 -11.55 -27.13
C LYS T 110 -28.03 -11.49 -27.25
N LYS T 111 -28.72 -11.25 -26.13
CA LYS T 111 -30.17 -11.21 -26.22
C LYS T 111 -30.63 -9.94 -26.93
N LYS T 112 -29.93 -8.83 -26.73
CA LYS T 112 -30.24 -7.55 -27.35
C LYS T 112 -30.10 -7.69 -28.84
N ILE T 113 -29.05 -8.36 -29.30
CA ILE T 113 -28.81 -8.56 -30.70
C ILE T 113 -29.89 -9.38 -31.30
N LEU T 114 -30.27 -10.45 -30.63
CA LEU T 114 -31.30 -11.28 -31.15
C LEU T 114 -32.62 -10.53 -31.17
N ALA T 115 -32.87 -9.68 -30.17
CA ALA T 115 -34.06 -8.86 -30.17
C ALA T 115 -34.01 -7.85 -31.33
N GLU T 116 -32.85 -7.28 -31.61
CA GLU T 116 -32.68 -6.31 -32.71
C GLU T 116 -32.96 -6.95 -34.06
N ARG T 117 -32.61 -8.23 -34.17
CA ARG T 117 -32.80 -9.00 -35.39
C ARG T 117 -34.24 -9.50 -35.54
N ARG T 118 -35.07 -9.26 -34.52
CA ARG T 118 -36.45 -9.65 -34.52
C ARG T 118 -37.22 -8.55 -35.20
N LYS T 119 -37.95 -8.88 -36.23
CA LYS T 119 -38.66 -7.86 -36.96
C LYS T 119 -40.08 -7.81 -36.45
N VAL T 120 -40.79 -6.75 -36.77
CA VAL T 120 -42.18 -6.69 -36.36
C VAL T 120 -43.08 -7.10 -37.50
N LEU T 121 -43.89 -8.09 -37.22
CA LEU T 121 -44.85 -8.65 -38.13
C LEU T 121 -46.22 -8.14 -37.82
N ALA T 122 -46.99 -7.88 -38.86
CA ALA T 122 -48.39 -7.56 -38.71
C ALA T 122 -49.11 -8.29 -39.82
N ILE T 123 -50.26 -8.83 -39.48
CA ILE T 123 -51.08 -9.63 -40.37
C ILE T 123 -52.52 -9.18 -40.60
N ASP T 124 -52.91 -8.01 -40.08
CA ASP T 124 -54.29 -7.56 -40.16
C ASP T 124 -54.64 -6.73 -41.41
N HIS T 125 -53.66 -6.02 -41.97
CA HIS T 125 -53.88 -5.17 -43.13
C HIS T 125 -53.73 -5.99 -44.42
N LEU T 126 -53.25 -7.22 -44.28
CA LEU T 126 -53.00 -8.11 -45.41
C LEU T 126 -54.22 -9.00 -45.62
N ASN T 127 -54.51 -9.31 -46.88
CA ASN T 127 -55.58 -10.24 -47.23
C ASN T 127 -55.01 -11.65 -47.31
N GLU T 128 -55.84 -12.64 -47.67
CA GLU T 128 -55.38 -14.02 -47.69
C GLU T 128 -54.23 -14.25 -48.68
N ASP T 129 -54.27 -13.60 -49.83
CA ASP T 129 -53.22 -13.82 -50.83
C ASP T 129 -51.89 -13.24 -50.37
N GLN T 130 -51.95 -12.07 -49.74
CA GLN T 130 -50.77 -11.40 -49.21
C GLN T 130 -50.20 -12.20 -48.05
N LEU T 131 -51.07 -12.81 -47.22
CA LEU T 131 -50.60 -13.62 -46.11
C LEU T 131 -49.86 -14.86 -46.62
N ARG T 132 -50.35 -15.48 -47.72
CA ARG T 132 -49.62 -16.64 -48.25
C ARG T 132 -48.22 -16.21 -48.71
N GLU T 133 -48.12 -15.04 -49.33
CA GLU T 133 -46.82 -14.53 -49.76
C GLU T 133 -45.97 -14.20 -48.55
N LYS T 134 -46.58 -13.65 -47.49
CA LYS T 134 -45.81 -13.30 -46.32
C LYS T 134 -45.25 -14.58 -45.69
N ALA T 135 -46.05 -15.65 -45.67
CA ALA T 135 -45.58 -16.91 -45.13
C ALA T 135 -44.40 -17.46 -45.95
N LYS T 136 -44.46 -17.33 -47.29
CA LYS T 136 -43.37 -17.79 -48.15
C LYS T 136 -42.11 -16.97 -47.86
N GLU T 137 -42.28 -15.66 -47.63
CA GLU T 137 -41.13 -14.82 -47.33
C GLU T 137 -40.46 -15.21 -46.01
N LEU T 138 -41.25 -15.52 -44.99
CA LEU T 138 -40.71 -15.92 -43.70
C LEU T 138 -40.03 -17.28 -43.82
N TRP T 139 -40.61 -18.17 -44.62
CA TRP T 139 -40.03 -19.47 -44.85
C TRP T 139 -38.65 -19.30 -45.48
N GLN T 140 -38.56 -18.40 -46.48
CA GLN T 140 -37.29 -18.22 -47.15
C GLN T 140 -36.26 -17.65 -46.17
N SER T 141 -36.69 -16.78 -45.25
CA SER T 141 -35.77 -16.24 -44.24
C SER T 141 -35.23 -17.37 -43.37
N ILE T 142 -36.12 -18.29 -42.95
CA ILE T 142 -35.71 -19.43 -42.13
C ILE T 142 -34.71 -20.27 -42.93
N TYR T 143 -35.02 -20.51 -44.20
CA TYR T 143 -34.16 -21.30 -45.07
C TYR T 143 -32.77 -20.69 -45.17
N ASN T 144 -32.71 -19.37 -45.38
CA ASN T 144 -31.42 -18.69 -45.51
C ASN T 144 -30.66 -18.75 -44.18
N LEU T 145 -31.36 -18.61 -43.05
CA LEU T 145 -30.68 -18.68 -41.77
C LEU T 145 -30.14 -20.08 -41.52
N GLU T 146 -30.91 -21.11 -41.91
CA GLU T 146 -30.47 -22.49 -41.74
C GLU T 146 -29.26 -22.76 -42.64
N ALA T 147 -29.26 -22.18 -43.86
CA ALA T 147 -28.14 -22.34 -44.78
C ALA T 147 -26.87 -21.69 -44.20
N GLU T 148 -27.01 -20.51 -43.56
CA GLU T 148 -25.87 -19.84 -42.93
C GLU T 148 -25.39 -20.67 -41.75
N LYS T 149 -26.33 -21.24 -40.99
CA LYS T 149 -25.95 -22.04 -39.84
C LYS T 149 -25.14 -23.25 -40.32
N PHE T 150 -25.57 -23.87 -41.43
CA PHE T 150 -24.87 -25.02 -42.00
C PHE T 150 -23.44 -24.62 -42.34
N ASP T 151 -23.27 -23.48 -43.03
CA ASP T 151 -21.93 -23.06 -43.45
C ASP T 151 -21.03 -22.84 -42.23
N LEU T 152 -21.58 -22.28 -41.14
CA LEU T 152 -20.80 -22.07 -39.92
C LEU T 152 -20.41 -23.40 -39.28
N GLN T 153 -21.30 -24.38 -39.32
CA GLN T 153 -21.01 -25.68 -38.74
C GLN T 153 -19.85 -26.34 -39.51
N GLU T 154 -19.87 -26.18 -40.83
CA GLU T 154 -18.81 -26.72 -41.67
C GLU T 154 -17.48 -26.01 -41.36
N LYS T 155 -17.55 -24.70 -41.17
CA LYS T 155 -16.36 -23.91 -40.86
C LYS T 155 -15.80 -24.31 -39.53
N PHE T 156 -16.67 -24.54 -38.56
CA PHE T 156 -16.26 -24.91 -37.23
C PHE T 156 -15.44 -26.21 -37.29
N LYS T 157 -15.91 -27.20 -38.05
CA LYS T 157 -15.16 -28.46 -38.20
C LYS T 157 -13.79 -28.27 -38.85
N GLN T 158 -13.71 -27.42 -39.89
CA GLN T 158 -12.39 -27.19 -40.50
C GLN T 158 -11.52 -26.47 -39.48
N GLN T 159 -12.10 -25.56 -38.67
CA GLN T 159 -11.31 -24.85 -37.68
C GLN T 159 -10.75 -25.82 -36.64
N LYS T 160 -11.54 -26.80 -36.17
CA LYS T 160 -10.99 -27.74 -35.20
C LYS T 160 -9.81 -28.47 -35.78
N TYR T 161 -9.92 -28.88 -37.05
CA TYR T 161 -8.80 -29.53 -37.72
C TYR T 161 -7.58 -28.61 -37.72
N GLU T 162 -7.79 -27.33 -38.11
CA GLU T 162 -6.67 -26.42 -38.22
C GLU T 162 -6.02 -26.17 -36.86
N ILE T 163 -6.81 -26.07 -35.82
CA ILE T 163 -6.32 -25.85 -34.47
C ILE T 163 -5.50 -27.07 -34.04
N ASN T 164 -5.99 -28.29 -34.33
CA ASN T 164 -5.24 -29.48 -33.94
C ASN T 164 -3.86 -29.52 -34.62
N VAL T 165 -3.80 -29.12 -35.90
CA VAL T 165 -2.53 -29.09 -36.64
C VAL T 165 -1.61 -28.05 -36.02
N LEU T 166 -2.13 -26.86 -35.70
CA LEU T 166 -1.33 -25.80 -35.11
C LEU T 166 -0.79 -26.26 -33.76
N ARG T 167 -1.60 -26.95 -32.96
CA ARG T 167 -1.13 -27.42 -31.66
C ARG T 167 -0.01 -28.45 -31.84
N ASN T 168 -0.14 -29.33 -32.84
CA ASN T 168 0.88 -30.33 -33.09
C ASN T 168 2.17 -29.65 -33.54
N ARG T 169 2.08 -28.63 -34.41
CA ARG T 169 3.25 -27.92 -34.92
C ARG T 169 3.97 -27.22 -33.77
N ILE T 170 3.20 -26.63 -32.85
CA ILE T 170 3.79 -25.96 -31.71
C ILE T 170 4.49 -26.97 -30.82
N ASN T 171 3.84 -28.11 -30.54
CA ASN T 171 4.43 -29.11 -29.67
C ASN T 171 5.71 -29.73 -30.27
N ASP T 172 5.73 -29.90 -31.60
CA ASP T 172 6.89 -30.47 -32.28
C ASP T 172 8.05 -29.46 -32.39
N ASN T 173 7.76 -28.15 -32.42
CA ASN T 173 8.78 -27.12 -32.56
C ASN T 173 9.22 -26.45 -31.27
N GLN T 174 8.79 -27.01 -30.14
CA GLN T 174 9.13 -26.47 -28.83
C GLN T 174 10.11 -27.37 -28.10
N ILE U 1 15.81 -42.42 -57.40
CA ILE U 1 15.00 -41.80 -58.43
C ILE U 1 15.58 -40.42 -58.66
N SER U 2 15.48 -39.93 -59.87
CA SER U 2 15.94 -38.60 -60.17
C SER U 2 15.04 -37.55 -59.58
N ALA U 3 15.64 -36.42 -59.27
CA ALA U 3 14.93 -35.24 -58.78
C ALA U 3 13.91 -34.81 -59.80
N SER U 4 14.18 -35.10 -61.07
CA SER U 4 13.26 -34.79 -62.14
C SER U 4 12.01 -35.65 -62.08
N ARG U 5 12.15 -36.86 -61.55
CA ARG U 5 11.06 -37.78 -61.43
C ARG U 5 10.25 -37.33 -60.21
N LYS U 6 10.95 -36.92 -59.14
CA LYS U 6 10.28 -36.44 -57.92
C LYS U 6 9.46 -35.23 -58.20
N LEU U 7 9.98 -34.33 -59.04
CA LEU U 7 9.17 -33.19 -59.32
C LEU U 7 7.91 -33.67 -60.03
N GLN U 8 8.05 -34.52 -61.05
CA GLN U 8 6.84 -34.88 -61.78
C GLN U 8 5.84 -35.51 -60.82
N LEU U 9 6.30 -36.32 -59.88
CA LEU U 9 5.36 -36.91 -58.97
C LEU U 9 4.72 -35.84 -58.07
N LYS U 10 5.49 -34.85 -57.58
CA LYS U 10 4.94 -33.79 -56.73
C LYS U 10 3.92 -32.95 -57.50
N THR U 11 4.17 -32.70 -58.80
CA THR U 11 3.20 -31.86 -59.52
C THR U 11 1.89 -32.65 -59.69
N LEU U 12 1.99 -33.95 -59.93
CA LEU U 12 0.78 -34.76 -60.10
C LEU U 12 0.08 -34.92 -58.75
N LEU U 13 0.84 -35.01 -57.65
CA LEU U 13 0.24 -35.12 -56.33
C LEU U 13 -0.58 -33.91 -56.00
N LEU U 14 -0.07 -32.73 -56.34
CA LEU U 14 -0.83 -31.52 -56.07
C LEU U 14 -2.07 -31.44 -56.94
N GLN U 15 -1.98 -31.91 -58.19
CA GLN U 15 -3.15 -31.88 -59.07
C GLN U 15 -4.28 -32.77 -58.55
N ILE U 16 -3.95 -33.95 -58.03
CA ILE U 16 -4.97 -34.84 -57.47
C ILE U 16 -5.53 -34.20 -56.21
N ALA U 17 -4.66 -33.64 -55.35
CA ALA U 17 -5.16 -33.03 -54.12
C ALA U 17 -6.15 -31.93 -54.46
N LYS U 18 -5.89 -31.19 -55.53
CA LYS U 18 -6.81 -30.15 -55.93
C LYS U 18 -8.14 -30.76 -56.37
N GLN U 19 -8.09 -31.87 -57.10
CA GLN U 19 -9.31 -32.54 -57.56
C GLN U 19 -10.14 -33.05 -56.39
N GLU U 20 -9.46 -33.54 -55.36
CA GLU U 20 -10.10 -34.03 -54.16
C GLU U 20 -10.76 -32.88 -53.42
N LEU U 21 -10.13 -31.68 -53.47
CA LEU U 21 -10.67 -30.51 -52.80
C LEU U 21 -11.98 -30.09 -53.49
N GLU U 22 -12.00 -30.15 -54.83
CA GLU U 22 -13.21 -29.83 -55.57
C GLU U 22 -14.28 -30.88 -55.29
N ARG U 23 -13.87 -32.13 -55.18
CA ARG U 23 -14.78 -33.22 -54.88
C ARG U 23 -15.40 -33.00 -53.51
N GLU U 24 -14.59 -32.59 -52.53
CA GLU U 24 -15.08 -32.34 -51.20
C GLU U 24 -16.12 -31.24 -51.24
N ALA U 25 -15.86 -30.15 -51.98
CA ALA U 25 -16.81 -29.06 -52.06
C ALA U 25 -18.13 -29.50 -52.68
N GLU U 26 -18.09 -30.33 -53.73
CA GLU U 26 -19.31 -30.79 -54.37
C GLU U 26 -20.11 -31.67 -53.43
N GLU U 27 -19.42 -32.52 -52.68
CA GLU U 27 -20.09 -33.39 -51.73
C GLU U 27 -20.71 -32.57 -50.62
N ARG U 28 -20.01 -31.51 -50.16
CA ARG U 28 -20.55 -30.67 -49.11
C ARG U 28 -21.81 -29.95 -49.60
N ARG U 29 -21.83 -29.52 -50.87
CA ARG U 29 -23.02 -28.87 -51.41
C ARG U 29 -24.21 -29.85 -51.40
N GLY U 30 -23.94 -31.10 -51.74
CA GLY U 30 -24.98 -32.12 -51.72
C GLY U 30 -25.49 -32.34 -50.30
N GLU U 31 -24.56 -32.38 -49.34
CA GLU U 31 -24.90 -32.56 -47.94
C GLU U 31 -25.73 -31.38 -47.44
N LYS U 32 -25.38 -30.15 -47.88
CA LYS U 32 -26.09 -28.95 -47.50
C LYS U 32 -27.53 -29.01 -47.97
N GLY U 33 -27.74 -29.47 -49.22
CA GLY U 33 -29.08 -29.60 -49.80
C GLY U 33 -29.92 -30.52 -48.94
N ARG U 34 -29.38 -31.69 -48.61
CA ARG U 34 -30.13 -32.65 -47.80
C ARG U 34 -30.41 -32.14 -46.39
N ALA U 35 -29.43 -31.45 -45.78
CA ALA U 35 -29.66 -30.93 -44.43
C ALA U 35 -30.78 -29.92 -44.44
N LEU U 36 -30.81 -29.07 -45.48
CA LEU U 36 -31.84 -28.05 -45.58
C LEU U 36 -33.19 -28.68 -45.83
N SER U 37 -33.26 -29.80 -46.56
CA SER U 37 -34.53 -30.48 -46.77
C SER U 37 -35.17 -30.91 -45.46
N THR U 38 -34.33 -31.30 -44.49
CA THR U 38 -34.82 -31.75 -43.18
C THR U 38 -35.14 -30.59 -42.23
N ARG U 39 -34.23 -29.63 -42.16
CA ARG U 39 -34.38 -28.49 -41.25
C ARG U 39 -35.41 -27.46 -41.66
N CYS U 40 -35.55 -27.23 -42.96
CA CYS U 40 -36.49 -26.24 -43.43
C CYS U 40 -37.37 -26.87 -44.50
N GLN U 41 -38.39 -27.60 -44.04
CA GLN U 41 -39.29 -28.35 -44.90
C GLN U 41 -40.27 -27.35 -45.52
N PRO U 42 -40.83 -27.60 -46.72
CA PRO U 42 -41.79 -26.78 -47.45
C PRO U 42 -43.09 -26.48 -46.72
N LEU U 43 -43.67 -25.31 -47.02
CA LEU U 43 -44.94 -24.89 -46.43
C LEU U 43 -46.10 -25.60 -47.09
N GLU U 44 -47.13 -25.91 -46.31
CA GLU U 44 -48.38 -26.46 -46.84
C GLU U 44 -49.46 -25.40 -46.64
N LEU U 45 -49.74 -24.61 -47.68
CA LEU U 45 -50.68 -23.51 -47.54
C LEU U 45 -52.10 -23.84 -48.04
N ALA U 46 -52.23 -24.89 -48.84
CA ALA U 46 -53.54 -25.19 -49.40
C ALA U 46 -54.51 -25.50 -48.28
N GLY U 47 -55.70 -24.92 -48.36
CA GLY U 47 -56.74 -25.17 -47.39
C GLY U 47 -56.70 -24.27 -46.17
N LEU U 48 -55.66 -23.44 -46.01
CA LEU U 48 -55.65 -22.58 -44.83
C LEU U 48 -56.51 -21.38 -45.09
N GLY U 49 -57.33 -21.03 -44.11
CA GLY U 49 -58.18 -19.87 -44.22
C GLY U 49 -57.45 -18.63 -43.75
N PHE U 50 -58.16 -17.51 -43.69
CA PHE U 50 -57.52 -16.26 -43.30
C PHE U 50 -56.90 -16.30 -41.91
N ALA U 51 -57.67 -16.73 -40.90
CA ALA U 51 -57.14 -16.75 -39.53
C ALA U 51 -55.97 -17.73 -39.39
N GLU U 52 -56.05 -18.86 -40.10
CA GLU U 52 -55.00 -19.89 -40.05
C GLU U 52 -53.72 -19.32 -40.66
N LEU U 53 -53.86 -18.52 -41.73
CA LEU U 53 -52.71 -17.87 -42.34
C LEU U 53 -52.10 -16.83 -41.42
N GLN U 54 -52.93 -16.10 -40.66
CA GLN U 54 -52.40 -15.12 -39.73
C GLN U 54 -51.59 -15.83 -38.64
N ASP U 55 -52.11 -16.99 -38.16
CA ASP U 55 -51.41 -17.73 -37.13
C ASP U 55 -50.12 -18.33 -37.68
N LEU U 56 -50.14 -18.78 -38.94
CA LEU U 56 -48.94 -19.33 -39.54
C LEU U 56 -47.85 -18.30 -39.64
N CYS U 57 -48.20 -17.08 -40.05
CA CYS U 57 -47.19 -16.04 -40.18
C CYS U 57 -46.57 -15.76 -38.82
N ARG U 58 -47.40 -15.75 -37.75
CA ARG U 58 -46.86 -15.53 -36.42
C ARG U 58 -45.95 -16.69 -36.00
N GLN U 59 -46.34 -17.93 -36.34
CA GLN U 59 -45.56 -19.11 -36.01
C GLN U 59 -44.22 -19.11 -36.76
N LEU U 60 -44.22 -18.69 -38.03
CA LEU U 60 -43.00 -18.65 -38.80
C LEU U 60 -42.07 -17.56 -38.32
N HIS U 61 -42.62 -16.43 -37.91
CA HIS U 61 -41.87 -15.31 -37.40
C HIS U 61 -41.17 -15.76 -36.12
N ALA U 62 -41.90 -16.49 -35.25
CA ALA U 62 -41.32 -17.01 -34.02
C ALA U 62 -40.18 -17.98 -34.34
N ARG U 63 -40.34 -18.79 -35.39
CA ARG U 63 -39.28 -19.69 -35.76
C ARG U 63 -38.07 -18.91 -36.26
N VAL U 64 -38.28 -17.81 -36.99
CA VAL U 64 -37.15 -17.02 -37.45
C VAL U 64 -36.30 -16.60 -36.25
N ASP U 65 -36.94 -16.16 -35.14
CA ASP U 65 -36.18 -15.76 -33.95
C ASP U 65 -35.36 -16.91 -33.36
N LYS U 66 -35.96 -18.10 -33.31
CA LYS U 66 -35.27 -19.27 -32.75
C LYS U 66 -34.09 -19.72 -33.61
N VAL U 67 -34.26 -19.70 -34.94
CA VAL U 67 -33.18 -20.14 -35.84
C VAL U 67 -32.07 -19.13 -35.74
N ASP U 68 -32.40 -17.83 -35.68
CA ASP U 68 -31.35 -16.84 -35.61
C ASP U 68 -30.55 -17.03 -34.30
N GLU U 69 -31.22 -17.40 -33.19
CA GLU U 69 -30.47 -17.64 -31.98
C GLU U 69 -29.54 -18.84 -32.12
N GLU U 70 -29.99 -19.90 -32.78
CA GLU U 70 -29.12 -21.07 -32.96
C GLU U 70 -27.92 -20.72 -33.85
N ARG U 71 -28.16 -19.91 -34.89
CA ARG U 71 -27.12 -19.49 -35.79
C ARG U 71 -26.08 -18.70 -35.03
N TYR U 72 -26.57 -17.79 -34.16
CA TYR U 72 -25.73 -16.94 -33.32
C TYR U 72 -24.82 -17.82 -32.49
N ASP U 73 -25.38 -18.86 -31.85
CA ASP U 73 -24.55 -19.70 -31.02
C ASP U 73 -23.41 -20.39 -31.76
N ILE U 74 -23.66 -20.87 -32.98
CA ILE U 74 -22.57 -21.51 -33.71
C ILE U 74 -21.57 -20.41 -34.10
N GLU U 75 -22.08 -19.23 -34.53
CA GLU U 75 -21.23 -18.14 -34.97
C GLU U 75 -20.28 -17.74 -33.85
N ALA U 76 -20.77 -17.72 -32.60
CA ALA U 76 -19.96 -17.37 -31.46
C ALA U 76 -18.79 -18.35 -31.29
N LYS U 77 -19.04 -19.64 -31.52
CA LYS U 77 -17.98 -20.65 -31.41
C LYS U 77 -16.95 -20.47 -32.51
N VAL U 78 -17.43 -20.12 -33.71
CA VAL U 78 -16.55 -19.89 -34.86
C VAL U 78 -15.67 -18.69 -34.56
N THR U 79 -16.24 -17.64 -33.97
CA THR U 79 -15.52 -16.42 -33.61
C THR U 79 -14.40 -16.72 -32.61
N LYS U 80 -14.70 -17.54 -31.59
CA LYS U 80 -13.69 -17.91 -30.60
C LYS U 80 -12.57 -18.71 -31.26
N ASN U 81 -12.92 -19.58 -32.22
CA ASN U 81 -11.91 -20.33 -32.93
C ASN U 81 -11.01 -19.43 -33.76
N ILE U 82 -11.54 -18.33 -34.31
CA ILE U 82 -10.70 -17.41 -35.08
C ILE U 82 -9.67 -16.79 -34.16
N THR U 83 -10.10 -16.37 -32.96
CA THR U 83 -9.16 -15.77 -32.01
C THR U 83 -8.06 -16.80 -31.71
N GLU U 84 -8.43 -18.05 -31.43
CA GLU U 84 -7.42 -19.06 -31.13
C GLU U 84 -6.49 -19.32 -32.33
N ILE U 85 -7.02 -19.37 -33.55
CA ILE U 85 -6.21 -19.63 -34.72
C ILE U 85 -5.21 -18.48 -34.88
N ALA U 86 -5.67 -17.22 -34.73
CA ALA U 86 -4.77 -16.07 -34.86
C ALA U 86 -3.63 -16.13 -33.83
N ASP U 87 -3.94 -16.55 -32.60
CA ASP U 87 -2.91 -16.60 -31.56
C ASP U 87 -1.91 -17.75 -31.77
N LEU U 88 -2.38 -18.91 -32.21
CA LEU U 88 -1.50 -20.06 -32.46
C LEU U 88 -0.63 -19.81 -33.67
N THR U 89 -1.18 -19.11 -34.67
CA THR U 89 -0.43 -18.81 -35.88
C THR U 89 0.76 -17.94 -35.50
N GLN U 90 0.52 -16.93 -34.65
CA GLN U 90 1.62 -16.08 -34.21
C GLN U 90 2.63 -16.89 -33.40
N LYS U 91 2.16 -17.82 -32.56
CA LYS U 91 3.08 -18.62 -31.78
C LYS U 91 3.98 -19.52 -32.63
N ILE U 92 3.42 -20.17 -33.63
CA ILE U 92 4.22 -21.05 -34.47
C ILE U 92 5.21 -20.21 -35.25
N PHE U 93 4.75 -19.07 -35.80
CA PHE U 93 5.65 -18.21 -36.55
C PHE U 93 6.88 -17.89 -35.70
N ASP U 94 6.67 -17.51 -34.43
CA ASP U 94 7.81 -17.17 -33.58
C ASP U 94 8.69 -18.39 -33.27
N LEU U 95 8.10 -19.57 -33.03
CA LEU U 95 8.92 -20.75 -32.76
C LEU U 95 9.78 -21.13 -33.96
N ARG U 96 9.21 -20.94 -35.16
CA ARG U 96 9.82 -21.29 -36.43
C ARG U 96 10.53 -20.09 -37.05
N GLY U 97 10.86 -19.10 -36.23
CA GLY U 97 11.54 -17.90 -36.67
C GLY U 97 13.07 -17.94 -36.64
N LYS U 98 13.65 -17.43 -35.55
CA LYS U 98 15.10 -17.45 -35.33
C LYS U 98 15.99 -16.87 -36.43
N PHE U 99 16.70 -17.75 -37.12
CA PHE U 99 17.69 -17.45 -38.14
C PHE U 99 17.14 -17.59 -39.57
N LYS U 100 15.83 -17.78 -39.74
CA LYS U 100 15.25 -18.06 -41.05
C LYS U 100 14.75 -16.95 -41.98
N ARG U 101 15.05 -15.68 -41.71
CA ARG U 101 14.55 -14.65 -42.65
C ARG U 101 15.12 -14.93 -44.08
N PRO U 102 14.26 -15.09 -45.13
CA PRO U 102 14.61 -15.40 -46.52
C PRO U 102 15.15 -14.21 -47.30
N THR U 103 15.95 -14.49 -48.34
CA THR U 103 16.44 -13.46 -49.28
C THR U 103 16.37 -13.91 -50.74
N LEU U 104 16.44 -12.94 -51.65
CA LEU U 104 16.52 -13.16 -53.09
C LEU U 104 17.80 -12.55 -53.65
N ARG U 105 18.33 -13.13 -54.73
CA ARG U 105 19.51 -12.55 -55.38
C ARG U 105 19.28 -12.17 -56.83
N ARG U 106 20.07 -11.19 -57.29
CA ARG U 106 20.00 -10.69 -58.68
C ARG U 106 21.31 -10.93 -59.43
N VAL U 107 22.05 -11.93 -58.94
CA VAL U 107 23.29 -12.39 -59.54
C VAL U 107 22.91 -13.42 -60.61
N ARG U 108 21.66 -13.86 -60.51
CA ARG U 108 21.09 -14.86 -61.40
C ARG U 108 20.69 -14.18 -62.69
N ILE U 109 21.69 -13.92 -63.53
CA ILE U 109 21.47 -13.26 -64.80
C ILE U 109 20.57 -14.14 -65.61
N SER U 110 19.51 -13.57 -66.17
CA SER U 110 18.58 -14.38 -66.91
C SER U 110 19.36 -15.13 -67.96
N ALA U 111 19.08 -16.43 -68.09
CA ALA U 111 19.77 -17.29 -69.04
C ALA U 111 19.38 -16.83 -70.46
N ASP U 112 18.26 -16.11 -70.64
CA ASP U 112 17.91 -15.69 -72.00
C ASP U 112 18.84 -14.58 -72.45
N ALA U 113 19.02 -13.59 -71.60
CA ALA U 113 19.89 -12.47 -71.91
C ALA U 113 21.33 -12.92 -72.04
N MET U 114 21.74 -13.86 -71.19
CA MET U 114 23.09 -14.39 -71.20
C MET U 114 23.35 -15.11 -72.51
N MET U 115 22.41 -15.97 -72.93
CA MET U 115 22.57 -16.72 -74.16
C MET U 115 22.60 -15.78 -75.37
N GLN U 116 21.78 -14.72 -75.38
CA GLN U 116 21.83 -13.83 -76.54
C GLN U 116 23.17 -13.11 -76.58
N ALA U 117 23.69 -12.69 -75.43
CA ALA U 117 24.97 -12.00 -75.40
C ALA U 117 26.20 -12.87 -75.74
N LEU U 118 26.21 -14.13 -75.29
CA LEU U 118 27.35 -15.00 -75.53
C LEU U 118 27.34 -15.67 -76.91
N LEU U 119 26.15 -16.02 -77.40
CA LEU U 119 26.02 -16.72 -78.67
C LEU U 119 25.54 -15.90 -79.87
N GLY U 120 24.87 -14.78 -79.64
CA GLY U 120 24.29 -14.02 -80.72
C GLY U 120 23.23 -14.81 -81.47
N ALA U 121 23.37 -14.84 -82.78
CA ALA U 121 22.45 -15.51 -83.70
C ALA U 121 22.43 -17.03 -83.51
N ARG U 122 23.42 -17.59 -82.80
CA ARG U 122 23.44 -19.03 -82.60
C ARG U 122 22.35 -19.41 -81.58
N ALA U 123 21.89 -18.43 -80.79
CA ALA U 123 20.95 -18.67 -79.71
C ALA U 123 19.47 -18.64 -80.14
N LYS U 124 18.99 -19.75 -80.72
CA LYS U 124 17.59 -19.76 -81.22
C LYS U 124 16.58 -20.56 -80.42
N GLU U 125 17.00 -21.65 -79.81
CA GLU U 125 16.07 -22.51 -79.07
C GLU U 125 16.03 -22.12 -77.59
N SER U 126 17.16 -21.58 -77.10
CA SER U 126 17.27 -21.17 -75.71
C SER U 126 17.35 -19.65 -75.55
N ASP V 1 15.67 -27.95 -55.36
CA ASP V 1 16.39 -28.60 -56.46
C ASP V 1 15.46 -29.33 -57.43
N ASP V 2 14.61 -30.21 -56.89
CA ASP V 2 13.71 -31.07 -57.68
C ASP V 2 12.93 -30.37 -58.79
N ILE V 3 12.38 -29.20 -58.54
CA ILE V 3 11.63 -28.54 -59.61
C ILE V 3 12.58 -28.13 -60.76
N TYR V 4 13.86 -27.81 -60.43
CA TYR V 4 14.82 -27.35 -61.43
C TYR V 4 15.38 -28.55 -62.17
N LYS V 5 15.55 -29.65 -61.47
CA LYS V 5 16.07 -30.85 -62.09
C LYS V 5 15.05 -31.35 -63.11
N ALA V 6 13.75 -31.25 -62.79
CA ALA V 6 12.71 -31.67 -63.73
C ALA V 6 12.73 -30.82 -64.98
N ALA V 7 12.90 -29.50 -64.80
CA ALA V 7 12.95 -28.61 -65.93
C ALA V 7 14.14 -28.95 -66.85
N VAL V 8 15.26 -29.39 -66.25
CA VAL V 8 16.44 -29.79 -67.03
C VAL V 8 16.15 -31.05 -67.84
N GLU V 9 15.49 -32.04 -67.22
CA GLU V 9 15.15 -33.32 -67.88
C GLU V 9 14.34 -33.07 -69.16
N GLN V 10 13.48 -32.06 -69.11
CA GLN V 10 12.58 -31.67 -70.20
C GLN V 10 13.20 -30.77 -71.27
N LEU V 11 14.47 -30.35 -71.11
CA LEU V 11 15.10 -29.51 -72.12
C LEU V 11 15.30 -30.36 -73.38
N THR V 12 15.18 -29.74 -74.54
CA THR V 12 15.36 -30.48 -75.80
C THR V 12 16.84 -30.63 -76.05
N GLU V 13 17.20 -31.50 -77.00
CA GLU V 13 18.60 -31.68 -77.32
C GLU V 13 19.23 -30.42 -77.90
N GLU V 14 18.48 -29.69 -78.74
CA GLU V 14 19.01 -28.47 -79.34
C GLU V 14 19.23 -27.43 -78.25
N GLN V 15 18.32 -27.35 -77.26
CA GLN V 15 18.51 -26.39 -76.17
C GLN V 15 19.73 -26.75 -75.36
N LYS V 16 19.96 -28.04 -75.12
CA LYS V 16 21.13 -28.46 -74.39
C LYS V 16 22.39 -28.17 -75.21
N ASN V 17 22.31 -28.34 -76.53
CA ASN V 17 23.45 -28.09 -77.39
C ASN V 17 23.83 -26.61 -77.37
N GLU V 18 22.83 -25.71 -77.31
CA GLU V 18 23.14 -24.29 -77.21
C GLU V 18 23.77 -23.99 -75.85
N PHE V 19 23.26 -24.63 -74.77
CA PHE V 19 23.82 -24.37 -73.45
C PHE V 19 25.25 -24.89 -73.41
N LYS V 20 25.53 -26.00 -74.12
CA LYS V 20 26.90 -26.51 -74.16
C LYS V 20 27.80 -25.48 -74.84
N ALA V 21 27.35 -24.85 -75.94
CA ALA V 21 28.20 -23.85 -76.57
C ALA V 21 28.50 -22.71 -75.57
N ALA V 22 27.50 -22.30 -74.76
CA ALA V 22 27.74 -21.25 -73.77
C ALA V 22 28.71 -21.70 -72.68
N PHE V 23 28.57 -22.95 -72.25
CA PHE V 23 29.42 -23.56 -71.23
C PHE V 23 30.86 -23.51 -71.70
N ASP V 24 31.09 -23.87 -72.97
CA ASP V 24 32.42 -23.88 -73.55
C ASP V 24 33.06 -22.49 -73.47
N ILE V 25 32.27 -21.41 -73.56
CA ILE V 25 32.84 -20.07 -73.43
C ILE V 25 33.34 -19.90 -72.00
N PHE V 26 32.50 -20.28 -71.04
CA PHE V 26 32.84 -20.14 -69.63
C PHE V 26 34.07 -20.93 -69.22
N VAL V 27 34.24 -22.13 -69.75
CA VAL V 27 35.38 -22.93 -69.32
C VAL V 27 36.56 -22.88 -70.25
N LEU V 28 36.59 -21.92 -71.18
CA LEU V 28 37.75 -21.87 -72.05
C LEU V 28 38.97 -21.51 -71.22
N GLY V 29 39.99 -22.39 -71.33
CA GLY V 29 41.27 -22.27 -70.65
C GLY V 29 41.32 -22.86 -69.23
N ALA V 30 40.22 -23.38 -68.71
CA ALA V 30 40.22 -23.92 -67.36
C ALA V 30 40.99 -25.23 -67.25
N GLU V 31 41.78 -25.39 -66.18
CA GLU V 31 42.59 -26.60 -66.00
C GLU V 31 41.82 -27.92 -65.91
N ASP V 32 40.63 -27.92 -65.31
CA ASP V 32 39.86 -29.14 -65.17
C ASP V 32 38.59 -29.18 -66.05
N GLY V 33 38.41 -28.23 -66.98
CA GLY V 33 37.22 -28.24 -67.83
C GLY V 33 35.96 -27.75 -67.12
N CYS V 34 36.10 -27.26 -65.89
CA CYS V 34 34.98 -26.85 -65.08
C CYS V 34 34.96 -25.35 -64.80
N ILE V 35 33.81 -24.81 -64.36
CA ILE V 35 33.75 -23.38 -64.05
C ILE V 35 34.07 -23.10 -62.57
N SER V 36 35.14 -22.34 -62.31
CA SER V 36 35.50 -21.97 -60.94
C SER V 36 35.10 -20.51 -60.78
N THR V 37 35.33 -19.89 -59.61
CA THR V 37 34.97 -18.47 -59.45
C THR V 37 35.84 -17.63 -60.40
N LYS V 38 37.01 -18.14 -60.88
CA LYS V 38 37.75 -17.26 -61.76
C LYS V 38 37.12 -17.16 -63.16
N GLU V 39 36.56 -18.26 -63.67
CA GLU V 39 35.89 -18.26 -64.96
C GLU V 39 34.51 -17.62 -64.85
N LEU V 40 33.84 -17.84 -63.71
CA LEU V 40 32.50 -17.31 -63.56
C LEU V 40 32.61 -15.78 -63.45
N GLY V 41 33.60 -15.28 -62.67
CA GLY V 41 33.79 -13.85 -62.54
C GLY V 41 34.19 -13.25 -63.88
N LYS V 42 35.03 -13.93 -64.71
CA LYS V 42 35.41 -13.26 -65.93
C LYS V 42 34.24 -13.15 -66.89
N VAL V 43 33.35 -14.15 -66.90
CA VAL V 43 32.21 -14.03 -67.77
C VAL V 43 31.21 -13.03 -67.21
N MET V 44 30.93 -13.05 -65.90
CA MET V 44 29.95 -12.10 -65.40
C MET V 44 30.39 -10.67 -65.68
N ARG V 45 31.70 -10.37 -65.54
CA ARG V 45 32.18 -9.02 -65.84
C ARG V 45 32.08 -8.72 -67.33
N MET V 46 32.37 -9.71 -68.18
CA MET V 46 32.24 -9.53 -69.62
C MET V 46 30.79 -9.18 -69.96
N LEU V 47 29.85 -9.71 -69.18
CA LEU V 47 28.43 -9.47 -69.35
C LEU V 47 27.94 -8.16 -68.72
N GLY V 48 28.83 -7.41 -68.09
CA GLY V 48 28.51 -6.14 -67.46
C GLY V 48 28.08 -6.23 -65.99
N GLN V 49 28.28 -7.37 -65.33
CA GLN V 49 27.91 -7.46 -63.94
C GLN V 49 29.14 -7.42 -63.06
N ASN V 50 29.03 -6.88 -61.85
CA ASN V 50 30.18 -6.82 -60.96
C ASN V 50 29.94 -7.50 -59.63
N PRO V 51 29.90 -8.85 -59.60
CA PRO V 51 29.65 -9.66 -58.41
C PRO V 51 30.87 -9.61 -57.50
N THR V 52 30.64 -9.75 -56.20
CA THR V 52 31.75 -9.83 -55.27
C THR V 52 32.21 -11.27 -55.29
N PRO V 53 33.42 -11.59 -54.81
CA PRO V 53 33.88 -12.95 -54.65
C PRO V 53 32.91 -13.81 -53.84
N GLU V 54 32.24 -13.22 -52.84
CA GLU V 54 31.28 -13.97 -52.03
C GLU V 54 30.05 -14.33 -52.85
N GLU V 55 29.57 -13.39 -53.67
CA GLU V 55 28.41 -13.65 -54.53
C GLU V 55 28.78 -14.73 -55.54
N LEU V 56 30.02 -14.69 -56.05
CA LEU V 56 30.42 -15.71 -57.01
C LEU V 56 30.52 -17.09 -56.34
N GLN V 57 31.03 -17.15 -55.10
CA GLN V 57 31.13 -18.44 -54.46
C GLN V 57 29.72 -18.96 -54.17
N GLU V 58 28.78 -18.08 -53.80
CA GLU V 58 27.44 -18.54 -53.51
C GLU V 58 26.78 -19.04 -54.80
N MET V 59 26.98 -18.36 -55.95
CA MET V 59 26.38 -18.85 -57.19
C MET V 59 26.84 -20.28 -57.50
N ILE V 60 28.12 -20.57 -57.23
CA ILE V 60 28.58 -21.93 -57.47
C ILE V 60 28.00 -22.91 -56.44
N ASP V 61 28.01 -22.54 -55.15
CA ASP V 61 27.54 -23.44 -54.10
C ASP V 61 26.08 -23.85 -54.29
N GLU V 62 25.27 -22.96 -54.86
CA GLU V 62 23.85 -23.23 -55.10
C GLU V 62 23.59 -24.41 -56.02
N VAL V 63 24.53 -24.73 -56.92
CA VAL V 63 24.31 -25.84 -57.83
C VAL V 63 25.35 -26.95 -57.73
N ASP V 64 26.41 -26.75 -56.93
CA ASP V 64 27.48 -27.72 -56.81
C ASP V 64 27.00 -28.98 -56.08
N GLU V 65 26.92 -30.09 -56.82
CA GLU V 65 26.39 -31.33 -56.27
C GLU V 65 27.44 -32.26 -55.68
N ASP V 66 28.66 -32.19 -56.20
CA ASP V 66 29.73 -33.06 -55.76
C ASP V 66 30.52 -32.46 -54.59
N GLY V 67 30.55 -31.12 -54.50
CA GLY V 67 31.38 -30.43 -53.51
C GLY V 67 32.74 -30.17 -54.09
N SER V 68 32.77 -30.01 -55.41
CA SER V 68 34.00 -29.76 -56.16
C SER V 68 34.46 -28.32 -56.04
N GLY V 69 33.52 -27.41 -55.74
CA GLY V 69 33.79 -26.00 -55.66
C GLY V 69 33.73 -25.39 -57.07
N THR V 70 33.35 -26.23 -58.04
CA THR V 70 33.27 -25.86 -59.44
C THR V 70 31.95 -26.27 -60.06
N VAL V 71 31.64 -25.72 -61.24
CA VAL V 71 30.44 -26.11 -61.97
C VAL V 71 30.73 -26.86 -63.27
N ASP V 72 30.23 -28.09 -63.35
CA ASP V 72 30.38 -28.96 -64.52
C ASP V 72 29.19 -28.66 -65.44
N PHE V 73 29.07 -29.32 -66.57
CA PHE V 73 27.96 -29.01 -67.46
C PHE V 73 26.61 -29.38 -66.86
N ASP V 74 26.52 -30.51 -66.16
CA ASP V 74 25.21 -30.88 -65.62
C ASP V 74 24.70 -29.86 -64.59
N GLU V 75 25.64 -29.37 -63.80
CA GLU V 75 25.40 -28.37 -62.76
C GLU V 75 25.06 -27.03 -63.43
N PHE V 76 25.71 -26.76 -64.58
CA PHE V 76 25.47 -25.57 -65.39
C PHE V 76 24.02 -25.57 -65.86
N LEU V 77 23.51 -26.70 -66.36
CA LEU V 77 22.12 -26.70 -66.82
C LEU V 77 21.17 -26.36 -65.68
N VAL V 78 21.47 -26.81 -64.47
CA VAL V 78 20.63 -26.44 -63.34
C VAL V 78 20.78 -24.93 -63.09
N MET V 79 22.02 -24.38 -63.16
CA MET V 79 22.20 -22.95 -62.96
C MET V 79 21.34 -22.16 -63.97
N MET V 80 21.32 -22.59 -65.23
CA MET V 80 20.57 -21.88 -66.27
C MET V 80 19.06 -21.95 -66.12
N VAL V 81 18.51 -23.07 -65.61
CA VAL V 81 17.05 -23.09 -65.42
C VAL V 81 16.70 -22.31 -64.15
N ARG V 82 17.57 -22.34 -63.13
CA ARG V 82 17.33 -21.59 -61.90
C ARG V 82 17.28 -20.08 -62.16
N CYS V 83 18.02 -19.64 -63.17
CA CYS V 83 18.08 -18.23 -63.55
C CYS V 83 16.83 -17.74 -64.28
N MET V 84 15.87 -18.65 -64.58
CA MET V 84 14.66 -18.24 -65.26
C MET V 84 13.37 -18.85 -64.66
N LYS V 85 12.23 -18.13 -64.73
CA LYS V 85 11.00 -18.75 -64.22
C LYS V 85 9.81 -18.78 -65.13
N ASP V 86 9.29 -19.99 -65.25
CA ASP V 86 8.05 -20.23 -65.93
C ASP V 86 7.03 -20.26 -64.80
N ASP V 87 7.49 -20.81 -63.68
CA ASP V 87 6.73 -20.98 -62.46
C ASP V 87 6.87 -19.77 -61.58
N SER V 88 6.39 -18.65 -62.09
CA SER V 88 6.47 -17.40 -61.36
C SER V 88 5.47 -17.49 -60.22
N LYS V 89 5.67 -16.66 -59.19
CA LYS V 89 4.81 -16.58 -57.99
C LYS V 89 4.89 -17.87 -57.15
N GLY V 90 4.49 -18.99 -57.73
CA GLY V 90 4.56 -20.28 -57.08
C GLY V 90 3.50 -20.55 -56.04
N LYS V 91 2.31 -19.99 -56.25
CA LYS V 91 1.19 -20.09 -55.34
C LYS V 91 1.56 -19.49 -53.99
N SER V 92 1.02 -20.02 -52.92
CA SER V 92 1.22 -19.44 -51.62
C SER V 92 0.79 -20.44 -50.55
N GLU V 93 0.99 -20.08 -49.29
CA GLU V 93 0.61 -20.95 -48.19
C GLU V 93 -0.86 -21.32 -48.05
N GLU V 94 -1.79 -20.39 -48.28
CA GLU V 94 -3.20 -20.71 -48.07
C GLU V 94 -3.67 -21.81 -49.02
N GLU V 95 -3.18 -21.75 -50.25
CA GLU V 95 -3.55 -22.76 -51.24
C GLU V 95 -2.94 -24.13 -50.82
N LEU V 96 -1.68 -24.14 -50.33
CA LEU V 96 -1.06 -25.41 -49.89
C LEU V 96 -1.77 -25.97 -48.68
N SER V 97 -2.29 -25.11 -47.80
CA SER V 97 -3.02 -25.58 -46.63
C SER V 97 -4.25 -26.38 -47.05
N ASP V 98 -5.00 -25.88 -48.03
CA ASP V 98 -6.18 -26.62 -48.48
C ASP V 98 -5.78 -27.92 -49.15
N LEU V 99 -4.66 -27.93 -49.87
CA LEU V 99 -4.23 -29.17 -50.53
C LEU V 99 -3.75 -30.19 -49.48
N PHE V 100 -3.09 -29.71 -48.43
CA PHE V 100 -2.59 -30.57 -47.35
C PHE V 100 -3.75 -31.38 -46.77
N ARG V 101 -4.86 -30.71 -46.49
CA ARG V 101 -6.04 -31.35 -45.93
C ARG V 101 -6.52 -32.53 -46.80
N MET V 102 -6.29 -32.46 -48.12
CA MET V 102 -6.71 -33.51 -49.04
C MET V 102 -5.80 -34.73 -48.99
N PHE V 103 -4.55 -34.54 -48.59
CA PHE V 103 -3.62 -35.66 -48.43
C PHE V 103 -3.92 -36.35 -47.08
N ASP V 104 -4.32 -35.54 -46.09
CA ASP V 104 -4.56 -36.03 -44.72
C ASP V 104 -5.96 -36.66 -44.59
N LYS V 105 -6.07 -37.89 -45.09
CA LYS V 105 -7.33 -38.63 -45.17
C LYS V 105 -7.97 -38.94 -43.81
N ASN V 106 -7.16 -39.15 -42.77
CA ASN V 106 -7.69 -39.50 -41.45
C ASN V 106 -7.87 -38.25 -40.60
N ALA V 107 -7.56 -37.09 -41.18
CA ALA V 107 -7.64 -35.80 -40.52
C ALA V 107 -6.90 -35.74 -39.18
N ASP V 108 -5.68 -36.25 -39.13
CA ASP V 108 -4.86 -36.24 -37.90
C ASP V 108 -3.95 -35.03 -37.82
N GLY V 109 -3.70 -34.40 -38.96
CA GLY V 109 -2.78 -33.30 -39.08
C GLY V 109 -1.44 -33.70 -39.70
N TYR V 110 -1.24 -34.98 -40.00
CA TYR V 110 0.00 -35.45 -40.61
C TYR V 110 -0.24 -36.31 -41.85
N ILE V 111 0.69 -36.26 -42.80
CA ILE V 111 0.59 -37.15 -43.96
C ILE V 111 1.48 -38.37 -43.74
N ASP V 112 0.87 -39.53 -43.55
CA ASP V 112 1.63 -40.75 -43.27
C ASP V 112 1.94 -41.47 -44.60
N LEU V 113 2.63 -42.60 -44.51
CA LEU V 113 3.06 -43.33 -45.68
C LEU V 113 1.90 -43.90 -46.48
N ASP V 114 0.82 -44.31 -45.80
CA ASP V 114 -0.29 -44.91 -46.53
C ASP V 114 -1.00 -43.82 -47.33
N GLU V 115 -1.14 -42.64 -46.70
CA GLU V 115 -1.78 -41.50 -47.35
C GLU V 115 -0.96 -41.08 -48.57
N LEU V 116 0.36 -41.02 -48.43
CA LEU V 116 1.20 -40.63 -49.53
C LEU V 116 1.07 -41.64 -50.66
N LYS V 117 1.09 -42.93 -50.34
CA LYS V 117 0.96 -43.98 -51.34
C LYS V 117 -0.36 -43.90 -52.09
N ILE V 118 -1.48 -43.63 -51.38
CA ILE V 118 -2.78 -43.53 -52.02
C ILE V 118 -2.76 -42.37 -53.01
N MET V 119 -2.23 -41.22 -52.58
CA MET V 119 -2.14 -40.06 -53.44
C MET V 119 -1.23 -40.28 -54.64
N LEU V 120 -0.10 -40.97 -54.47
CA LEU V 120 0.78 -41.24 -55.59
C LEU V 120 0.14 -42.17 -56.61
N GLN V 121 -0.58 -43.19 -56.17
CA GLN V 121 -1.21 -44.13 -57.12
C GLN V 121 -2.27 -43.43 -57.95
N ALA V 122 -2.97 -42.50 -57.32
CA ALA V 122 -4.04 -41.72 -57.93
C ALA V 122 -3.53 -40.86 -59.08
N THR V 123 -2.21 -40.61 -59.16
CA THR V 123 -1.69 -39.75 -60.21
C THR V 123 -1.69 -40.44 -61.56
N GLY V 124 -1.75 -41.78 -61.57
CA GLY V 124 -1.76 -42.56 -62.80
C GLY V 124 -0.36 -42.94 -63.31
N GLU V 125 0.68 -42.40 -62.70
CA GLU V 125 2.06 -42.69 -63.12
C GLU V 125 2.49 -44.01 -62.47
N THR V 126 3.33 -44.81 -63.13
CA THR V 126 3.79 -46.02 -62.46
C THR V 126 4.53 -45.60 -61.19
N ILE V 127 4.13 -46.16 -60.06
CA ILE V 127 4.80 -45.81 -58.81
C ILE V 127 5.58 -47.00 -58.33
N THR V 128 6.88 -46.81 -58.12
CA THR V 128 7.71 -47.89 -57.64
C THR V 128 7.88 -47.69 -56.15
N GLU V 129 8.37 -48.70 -55.45
CA GLU V 129 8.56 -48.56 -54.00
C GLU V 129 9.54 -47.43 -53.69
N ASP V 130 10.50 -47.25 -54.59
CA ASP V 130 11.53 -46.25 -54.51
C ASP V 130 10.96 -44.87 -54.71
N ASP V 131 9.79 -44.76 -55.34
CA ASP V 131 9.26 -43.45 -55.53
C ASP V 131 8.62 -43.03 -54.23
N ILE V 132 8.02 -44.00 -53.54
CA ILE V 132 7.33 -43.73 -52.30
C ILE V 132 8.30 -43.46 -51.16
N GLU V 133 9.29 -44.34 -51.00
CA GLU V 133 10.26 -44.18 -49.94
C GLU V 133 11.05 -42.87 -50.12
N GLU V 134 11.45 -42.54 -51.35
CA GLU V 134 12.27 -41.35 -51.55
C GLU V 134 11.48 -40.08 -51.30
N LEU V 135 10.22 -40.02 -51.73
CA LEU V 135 9.50 -38.80 -51.45
C LEU V 135 9.25 -38.63 -49.95
N MET V 136 8.96 -39.71 -49.22
CA MET V 136 8.73 -39.55 -47.77
C MET V 136 10.00 -39.13 -47.04
N LYS V 137 11.17 -39.65 -47.45
CA LYS V 137 12.42 -39.23 -46.84
C LYS V 137 12.71 -37.77 -47.20
N ASP V 138 12.35 -37.34 -48.44
CA ASP V 138 12.58 -35.96 -48.81
C ASP V 138 11.69 -35.00 -48.01
N GLY V 139 10.46 -35.42 -47.73
CA GLY V 139 9.50 -34.63 -46.96
C GLY V 139 9.76 -34.64 -45.44
N ASP V 140 9.90 -35.83 -44.81
CA ASP V 140 9.98 -35.84 -43.34
C ASP V 140 11.35 -35.54 -42.77
N LYS V 141 11.54 -34.27 -42.49
CA LYS V 141 12.81 -33.73 -42.04
C LYS V 141 13.17 -34.07 -40.58
N ASN V 142 12.21 -34.54 -39.78
CA ASN V 142 12.48 -34.83 -38.36
C ASN V 142 12.54 -36.32 -38.09
N ASN V 143 12.53 -37.12 -39.16
CA ASN V 143 12.59 -38.58 -39.06
C ASN V 143 11.55 -39.30 -38.18
N ASP V 144 10.28 -38.88 -38.25
CA ASP V 144 9.18 -39.54 -37.53
C ASP V 144 8.56 -40.57 -38.48
N GLY V 145 8.69 -40.31 -39.79
CA GLY V 145 8.12 -41.14 -40.85
C GLY V 145 6.85 -40.53 -41.43
N ARG V 146 6.60 -39.27 -41.13
CA ARG V 146 5.40 -38.57 -41.57
C ARG V 146 5.70 -37.13 -41.96
N ILE V 147 4.86 -36.56 -42.81
CA ILE V 147 5.04 -35.16 -43.16
C ILE V 147 4.04 -34.25 -42.43
N ASP V 148 4.54 -33.31 -41.64
CA ASP V 148 3.64 -32.40 -40.94
C ASP V 148 3.34 -31.25 -41.86
N TYR V 149 2.54 -30.33 -41.40
CA TYR V 149 2.17 -29.14 -42.15
C TYR V 149 3.40 -28.30 -42.57
N ASP V 150 4.35 -28.05 -41.65
CA ASP V 150 5.50 -27.20 -41.98
C ASP V 150 6.42 -27.96 -42.94
N GLU V 151 6.54 -29.28 -42.76
CA GLU V 151 7.37 -30.06 -43.69
C GLU V 151 6.72 -30.08 -45.07
N PHE V 152 5.38 -30.15 -45.13
CA PHE V 152 4.66 -30.13 -46.39
C PHE V 152 4.97 -28.84 -47.15
N LEU V 153 4.93 -27.69 -46.45
CA LEU V 153 5.20 -26.42 -47.15
C LEU V 153 6.62 -26.38 -47.71
N GLU V 154 7.61 -26.92 -46.99
CA GLU V 154 8.98 -26.97 -47.52
C GLU V 154 9.06 -27.95 -48.71
N PHE V 155 8.36 -29.09 -48.57
CA PHE V 155 8.29 -30.18 -49.52
C PHE V 155 7.75 -29.67 -50.87
N MET V 156 6.70 -28.88 -50.82
CA MET V 156 6.10 -28.35 -52.04
C MET V 156 6.57 -26.91 -52.39
N LYS V 157 7.67 -26.42 -51.79
CA LYS V 157 8.09 -25.06 -52.12
C LYS V 157 8.49 -24.99 -53.59
N GLY V 158 7.91 -24.04 -54.32
CA GLY V 158 8.22 -23.84 -55.74
C GLY V 158 7.53 -24.85 -56.67
N VAL V 159 6.64 -25.68 -56.15
CA VAL V 159 6.06 -26.67 -57.05
C VAL V 159 4.75 -26.19 -57.68
N GLU V 160 4.80 -26.01 -58.99
CA GLU V 160 3.68 -25.54 -59.82
C GLU V 160 2.77 -26.74 -60.07
N LEU W 1 120.31 82.69 -192.64
CA LEU W 1 121.62 82.05 -192.49
C LEU W 1 121.50 80.61 -192.06
N LYS W 2 122.65 79.93 -192.06
CA LYS W 2 122.71 78.56 -191.56
C LYS W 2 122.39 78.55 -190.08
N LEU W 3 122.58 79.67 -189.45
CA LEU W 3 122.36 79.78 -188.04
C LEU W 3 120.90 80.01 -187.76
N ASP W 4 120.15 80.47 -188.74
CA ASP W 4 118.77 80.71 -188.47
C ASP W 4 118.09 79.40 -188.70
N LYS W 5 118.60 78.63 -189.68
CA LYS W 5 118.01 77.34 -189.91
C LYS W 5 118.47 76.41 -188.85
N GLU W 6 119.68 76.60 -188.34
CA GLU W 6 120.15 75.67 -187.35
C GLU W 6 119.38 75.93 -186.09
N ASN W 7 119.07 77.19 -185.78
CA ASN W 7 118.32 77.43 -184.58
C ASN W 7 116.88 76.98 -184.73
N ALA W 8 116.29 77.23 -185.89
CA ALA W 8 114.92 76.81 -186.12
C ALA W 8 114.87 75.30 -186.18
N LEU W 9 115.91 74.69 -186.71
CA LEU W 9 116.02 73.27 -186.77
C LEU W 9 116.26 72.74 -185.42
N ASP W 10 117.07 73.40 -184.60
CA ASP W 10 117.26 72.91 -183.27
C ASP W 10 115.90 72.96 -182.59
N ARG W 11 115.11 73.99 -182.86
CA ARG W 11 113.79 73.98 -182.26
C ARG W 11 112.98 72.82 -182.81
N ALA W 12 113.04 72.58 -184.12
CA ALA W 12 112.29 71.49 -184.72
C ALA W 12 112.81 70.14 -184.36
N GLU W 13 114.12 70.01 -184.29
CA GLU W 13 114.77 68.76 -184.02
C GLU W 13 114.59 68.44 -182.59
N GLN W 14 114.73 69.44 -181.74
CA GLN W 14 114.51 69.23 -180.36
C GLN W 14 113.05 68.99 -180.18
N ALA W 15 112.17 69.66 -180.92
CA ALA W 15 110.77 69.41 -180.76
C ALA W 15 110.47 67.97 -181.18
N GLU W 16 111.14 67.45 -182.21
CA GLU W 16 110.98 66.06 -182.59
C GLU W 16 111.53 65.14 -181.49
N ALA W 17 112.64 65.53 -180.88
CA ALA W 17 113.23 64.80 -179.76
C ALA W 17 112.30 64.88 -178.56
N ASP W 18 111.61 66.01 -178.43
CA ASP W 18 110.67 66.24 -177.38
C ASP W 18 109.42 65.49 -177.70
N LYS W 19 109.15 65.28 -178.98
CA LYS W 19 108.01 64.48 -179.37
C LYS W 19 108.38 63.09 -179.02
N LYS W 20 109.63 62.70 -179.25
CA LYS W 20 109.98 61.38 -178.85
C LYS W 20 109.79 61.26 -177.37
N ALA W 21 110.30 62.22 -176.60
CA ALA W 21 110.16 62.17 -175.16
C ALA W 21 108.72 62.28 -174.71
N ALA W 22 107.91 63.12 -175.37
CA ALA W 22 106.52 63.32 -175.03
C ALA W 22 105.75 62.10 -175.39
N GLU W 23 106.15 61.46 -176.47
CA GLU W 23 105.55 60.23 -176.94
C GLU W 23 106.01 59.14 -176.00
N ASP W 24 107.25 59.20 -175.54
CA ASP W 24 107.67 58.18 -174.62
C ASP W 24 106.86 58.35 -173.37
N ARG W 25 106.64 59.58 -172.94
CA ARG W 25 105.84 59.74 -171.76
C ARG W 25 104.42 59.30 -172.00
N SER W 26 103.82 59.67 -173.14
CA SER W 26 102.45 59.31 -173.35
C SER W 26 102.26 57.85 -173.70
N LYS W 27 103.22 57.21 -174.33
CA LYS W 27 103.01 55.82 -174.66
C LYS W 27 103.27 55.04 -173.39
N GLN W 28 104.18 55.53 -172.55
CA GLN W 28 104.45 54.86 -171.29
C GLN W 28 103.27 55.05 -170.39
N LEU W 29 102.64 56.23 -170.40
CA LEU W 29 101.48 56.44 -169.59
C LEU W 29 100.34 55.63 -170.11
N GLU W 30 100.20 55.47 -171.43
CA GLU W 30 99.14 54.63 -171.92
C GLU W 30 99.44 53.20 -171.48
N ASP W 31 100.71 52.76 -171.56
CA ASP W 31 101.06 51.42 -171.09
C ASP W 31 100.79 51.31 -169.63
N GLU W 32 100.97 52.42 -168.92
CA GLU W 32 100.68 52.46 -167.52
C GLU W 32 99.21 52.78 -167.27
N LEU W 33 98.43 53.17 -168.27
CA LEU W 33 97.02 53.27 -167.96
C LEU W 33 96.56 51.86 -168.03
N VAL W 34 97.22 51.09 -168.88
CA VAL W 34 96.91 49.70 -168.96
C VAL W 34 97.41 49.06 -167.70
N SER W 35 98.64 49.35 -167.24
CA SER W 35 99.07 48.70 -166.03
C SER W 35 98.25 49.17 -164.85
N LEU W 36 97.80 50.42 -164.85
CA LEU W 36 97.02 50.86 -163.73
C LEU W 36 95.64 50.32 -163.81
N GLN W 37 95.07 50.24 -165.01
CA GLN W 37 93.74 49.71 -165.18
C GLN W 37 93.76 48.23 -164.90
N LYS W 38 94.84 47.57 -165.31
CA LYS W 38 95.05 46.16 -165.11
C LYS W 38 95.25 45.88 -163.66
N LYS W 39 96.01 46.74 -162.98
CA LYS W 39 96.24 46.58 -161.57
C LYS W 39 95.01 47.01 -160.80
N LEU W 40 94.22 47.95 -161.35
CA LEU W 40 92.96 48.39 -160.76
C LEU W 40 92.06 47.20 -160.80
N LYS W 41 92.01 46.53 -161.95
CA LYS W 41 91.20 45.34 -162.15
C LYS W 41 91.84 44.19 -161.42
N GLY W 42 93.15 44.22 -161.25
CA GLY W 42 93.82 43.22 -160.47
C GLY W 42 93.21 43.34 -159.08
N THR W 43 93.16 44.57 -158.56
CA THR W 43 92.57 44.83 -157.28
C THR W 43 91.05 44.62 -157.32
N GLU W 44 90.36 44.93 -158.41
CA GLU W 44 88.92 44.73 -158.45
C GLU W 44 88.58 43.24 -158.41
N ASP W 45 89.37 42.45 -159.11
CA ASP W 45 89.19 41.01 -159.16
C ASP W 45 89.48 40.48 -157.79
N GLU W 46 90.53 41.00 -157.16
CA GLU W 46 90.86 40.62 -155.82
C GLU W 46 89.79 41.13 -154.85
N LEU W 47 89.16 42.29 -155.12
CA LEU W 47 88.12 42.75 -154.22
C LEU W 47 87.07 41.75 -154.19
N ASP W 48 86.72 41.20 -155.35
CA ASP W 48 85.71 40.19 -155.36
C ASP W 48 86.23 38.95 -154.67
N LYS W 49 87.49 38.60 -154.85
CA LYS W 49 87.96 37.41 -154.16
C LYS W 49 87.86 37.57 -152.66
N TYR W 50 88.18 38.74 -152.14
CA TYR W 50 88.11 38.99 -150.70
C TYR W 50 86.67 39.24 -150.24
N SER W 51 85.89 39.90 -151.08
CA SER W 51 84.49 40.21 -150.80
C SER W 51 83.70 38.93 -150.75
N GLU W 52 84.03 38.02 -151.66
CA GLU W 52 83.39 36.74 -151.72
C GLU W 52 83.92 35.90 -150.58
N ALA W 53 85.23 35.88 -150.39
CA ALA W 53 85.76 35.12 -149.28
C ALA W 53 85.19 35.68 -148.00
N LEU W 54 84.97 36.99 -147.96
CA LEU W 54 84.39 37.67 -146.83
C LEU W 54 82.95 37.34 -146.66
N LYS W 55 82.14 37.40 -147.71
CA LYS W 55 80.73 37.12 -147.50
C LYS W 55 80.61 35.68 -147.08
N ASP W 56 81.54 34.83 -147.55
CA ASP W 56 81.51 33.44 -147.21
C ASP W 56 82.03 33.28 -145.80
N ALA W 57 83.05 34.02 -145.40
CA ALA W 57 83.51 33.92 -144.03
C ALA W 57 82.42 34.41 -143.10
N GLN W 58 81.69 35.44 -143.54
CA GLN W 58 80.59 36.04 -142.79
C GLN W 58 79.39 35.14 -142.76
N GLU W 59 79.11 34.42 -143.86
CA GLU W 59 78.01 33.51 -143.87
C GLU W 59 78.36 32.30 -143.03
N LYS W 60 79.62 31.87 -143.13
CA LYS W 60 80.12 30.76 -142.35
C LYS W 60 80.12 31.18 -140.91
N LEU W 61 80.43 32.45 -140.65
CA LEU W 61 80.42 33.03 -139.33
C LEU W 61 79.04 33.10 -138.79
N GLU W 62 78.06 33.53 -139.58
CA GLU W 62 76.72 33.59 -139.08
C GLU W 62 76.25 32.18 -138.87
N LEU W 63 76.61 31.28 -139.76
CA LEU W 63 76.22 29.91 -139.62
C LEU W 63 76.87 29.28 -138.42
N ALA W 64 78.18 29.50 -138.22
CA ALA W 64 78.94 28.96 -137.10
C ALA W 64 78.46 29.59 -135.83
N GLU W 65 78.04 30.85 -135.92
CA GLU W 65 77.52 31.53 -134.78
C GLU W 65 76.22 30.85 -134.48
N LYS W 66 75.45 30.48 -135.50
CA LYS W 66 74.23 29.75 -135.29
C LYS W 66 74.52 28.31 -134.92
N LYS W 67 75.61 27.72 -135.38
CA LYS W 67 75.88 26.37 -134.94
C LYS W 67 76.08 26.47 -133.45
N ALA W 68 76.80 27.51 -133.02
CA ALA W 68 77.05 27.79 -131.64
C ALA W 68 75.83 28.26 -130.91
N THR W 69 74.96 29.04 -131.54
CA THR W 69 73.75 29.57 -130.93
C THR W 69 72.77 28.45 -130.74
N ASP W 70 72.69 27.54 -131.71
CA ASP W 70 71.82 26.42 -131.63
C ASP W 70 72.44 25.43 -130.68
N ALA W 71 73.75 25.23 -130.76
CA ALA W 71 74.43 24.38 -129.81
C ALA W 71 74.31 25.03 -128.46
N GLU W 72 74.31 26.36 -128.43
CA GLU W 72 74.15 27.03 -127.17
C GLU W 72 72.72 26.88 -126.72
N ALA W 73 71.75 26.95 -127.61
CA ALA W 73 70.38 26.79 -127.22
C ALA W 73 70.18 25.40 -126.68
N ASP W 74 70.87 24.42 -127.27
CA ASP W 74 70.79 23.05 -126.88
C ASP W 74 71.52 22.82 -125.60
N VAL W 75 72.68 23.45 -125.40
CA VAL W 75 73.35 23.23 -124.16
C VAL W 75 72.59 23.97 -123.12
N ALA W 76 72.03 25.12 -123.46
CA ALA W 76 71.25 25.91 -122.54
C ALA W 76 70.03 25.14 -122.14
N SER W 77 69.42 24.42 -123.09
CA SER W 77 68.27 23.60 -122.80
C SER W 77 68.73 22.52 -121.86
N LEU W 78 69.88 21.94 -122.18
CA LEU W 78 70.47 20.93 -121.35
C LEU W 78 70.90 21.51 -120.04
N ASN W 79 71.41 22.73 -119.99
CA ASN W 79 71.80 23.29 -118.73
C ASN W 79 70.56 23.47 -117.89
N ARG W 80 69.46 23.86 -118.51
CA ARG W 80 68.24 23.98 -117.75
C ARG W 80 67.84 22.59 -117.28
N ARG W 81 67.99 21.58 -118.13
CA ARG W 81 67.68 20.22 -117.74
C ARG W 81 68.64 19.72 -116.68
N ILE W 82 69.91 20.12 -116.68
CA ILE W 82 70.76 19.55 -115.66
C ILE W 82 70.40 20.26 -114.40
N GLN W 83 70.10 21.53 -114.47
CA GLN W 83 69.76 22.23 -113.26
C GLN W 83 68.48 21.70 -112.67
N LEU W 84 67.50 21.40 -113.50
CA LEU W 84 66.23 20.89 -113.03
C LEU W 84 66.28 19.44 -112.63
N VAL W 85 67.01 18.64 -113.38
CA VAL W 85 67.09 17.24 -113.13
C VAL W 85 68.02 16.99 -111.99
N GLU W 86 69.17 17.65 -111.99
CA GLU W 86 70.12 17.53 -110.91
C GLU W 86 69.46 18.11 -109.68
N GLU W 87 68.66 19.17 -109.83
CA GLU W 87 67.99 19.65 -108.63
C GLU W 87 67.08 18.55 -108.16
N GLU W 88 66.37 17.87 -109.06
CA GLU W 88 65.56 16.75 -108.63
C GLU W 88 66.42 15.59 -108.15
N LEU W 89 67.61 15.40 -108.69
CA LEU W 89 68.51 14.35 -108.25
C LEU W 89 68.76 14.59 -106.81
N ASP W 90 69.07 15.83 -106.48
CA ASP W 90 69.36 16.23 -105.13
C ASP W 90 68.12 16.25 -104.28
N ARG W 91 66.99 16.60 -104.85
CA ARG W 91 65.76 16.59 -104.09
C ARG W 91 65.35 15.16 -103.90
N ALA W 92 65.57 14.32 -104.89
CA ALA W 92 65.24 12.92 -104.78
C ALA W 92 66.18 12.29 -103.82
N GLN W 93 67.44 12.74 -103.84
CA GLN W 93 68.47 12.24 -102.96
C GLN W 93 68.18 12.73 -101.56
N GLU W 94 67.66 13.94 -101.43
CA GLU W 94 67.30 14.49 -100.15
C GLU W 94 66.04 13.83 -99.63
N ARG W 95 65.10 13.57 -100.55
CA ARG W 95 63.87 12.90 -100.19
C ARG W 95 64.29 11.51 -99.75
N LEU W 96 65.25 10.95 -100.48
CA LEU W 96 65.79 9.66 -100.18
C LEU W 96 66.48 9.70 -98.87
N ALA W 97 67.33 10.69 -98.64
CA ALA W 97 67.99 10.76 -97.37
C ALA W 97 66.94 10.86 -96.30
N THR W 98 65.88 11.60 -96.57
CA THR W 98 64.81 11.76 -95.63
C THR W 98 64.13 10.43 -95.41
N ALA W 99 63.83 9.70 -96.48
CA ALA W 99 63.18 8.40 -96.37
C ALA W 99 64.04 7.42 -95.64
N LEU W 100 65.36 7.51 -95.85
CA LEU W 100 66.33 6.65 -95.23
C LEU W 100 66.53 6.99 -93.77
N GLN W 101 66.51 8.28 -93.45
CA GLN W 101 66.63 8.71 -92.08
C GLN W 101 65.37 8.33 -91.36
N LYS W 102 64.23 8.47 -92.05
CA LYS W 102 62.97 8.08 -91.51
C LYS W 102 62.96 6.60 -91.37
N LEU W 103 63.59 5.89 -92.32
CA LEU W 103 63.69 4.45 -92.26
C LEU W 103 64.50 4.06 -91.07
N GLU W 104 65.61 4.73 -90.82
CA GLU W 104 66.39 4.36 -89.65
C GLU W 104 65.54 4.57 -88.42
N GLU W 105 64.78 5.66 -88.37
CA GLU W 105 63.95 5.90 -87.20
C GLU W 105 62.78 4.93 -87.16
N ALA W 106 62.24 4.56 -88.32
CA ALA W 106 61.14 3.62 -88.43
C ALA W 106 61.60 2.25 -88.03
N GLU W 107 62.87 1.93 -88.31
CA GLU W 107 63.45 0.67 -87.90
C GLU W 107 63.73 0.74 -86.42
N LYS W 108 64.15 1.89 -85.91
CA LYS W 108 64.34 2.00 -84.48
C LYS W 108 63.00 1.83 -83.84
N ALA W 109 61.96 2.41 -84.45
CA ALA W 109 60.59 2.30 -84.00
C ALA W 109 60.14 0.87 -84.18
N ALA W 110 60.58 0.20 -85.24
CA ALA W 110 60.18 -1.17 -85.39
C ALA W 110 60.75 -1.93 -84.24
N ASP W 111 61.98 -1.60 -83.86
CA ASP W 111 62.62 -2.24 -82.75
C ASP W 111 62.01 -1.82 -81.44
N GLU W 112 61.61 -0.57 -81.28
CA GLU W 112 61.01 -0.15 -80.03
C GLU W 112 59.58 -0.63 -79.87
N SER W 113 58.82 -0.68 -80.95
CA SER W 113 57.46 -1.17 -80.90
C SER W 113 57.47 -2.68 -80.84
N GLU W 114 58.47 -3.33 -81.45
CA GLU W 114 58.62 -4.77 -81.38
C GLU W 114 59.22 -5.16 -80.07
N ARG W 115 60.23 -4.43 -79.59
CA ARG W 115 60.84 -4.72 -78.32
C ARG W 115 59.76 -4.46 -77.32
N GLY W 116 59.05 -3.34 -77.47
CA GLY W 116 57.97 -3.00 -76.62
C GLY W 116 57.00 -4.15 -76.63
N MET W 117 56.57 -4.60 -77.80
CA MET W 117 55.65 -5.71 -77.87
C MET W 117 56.20 -6.91 -77.13
N LYS W 118 57.49 -7.22 -77.28
CA LYS W 118 58.11 -8.34 -76.59
C LYS W 118 58.25 -8.13 -75.07
N VAL W 119 58.50 -6.89 -74.64
CA VAL W 119 58.62 -6.50 -73.24
C VAL W 119 57.27 -6.59 -72.62
N ILE W 120 56.28 -6.14 -73.37
CA ILE W 120 54.90 -6.18 -73.01
C ILE W 120 54.42 -7.59 -73.06
N GLU W 121 54.83 -8.38 -74.03
CA GLU W 121 54.41 -9.77 -74.09
C GLU W 121 55.01 -10.44 -72.89
N SER W 122 56.24 -10.09 -72.55
CA SER W 122 56.88 -10.64 -71.38
C SER W 122 56.13 -10.17 -70.16
N ARG W 123 55.81 -8.88 -70.08
CA ARG W 123 55.07 -8.34 -68.97
C ARG W 123 53.67 -8.87 -68.95
N ALA W 124 53.06 -8.98 -70.11
CA ALA W 124 51.71 -9.46 -70.21
C ALA W 124 51.69 -10.86 -69.73
N GLN W 125 52.73 -11.64 -70.07
CA GLN W 125 52.86 -13.00 -69.64
C GLN W 125 53.13 -13.05 -68.16
N LYS W 126 53.94 -12.14 -67.64
CA LYS W 126 54.18 -12.16 -66.21
C LYS W 126 52.90 -11.84 -65.49
N ASP W 127 52.13 -10.89 -66.03
CA ASP W 127 50.90 -10.47 -65.42
C ASP W 127 49.82 -11.50 -65.64
N GLU W 128 49.88 -12.22 -66.76
CA GLU W 128 48.92 -13.27 -67.08
C GLU W 128 49.18 -14.43 -66.17
N GLU W 129 50.45 -14.76 -65.94
CA GLU W 129 50.75 -15.83 -65.03
C GLU W 129 50.38 -15.39 -63.66
N LYS W 130 50.73 -14.17 -63.27
CA LYS W 130 50.35 -13.72 -61.95
C LYS W 130 48.84 -13.70 -61.86
N MET W 131 48.15 -13.38 -62.94
CA MET W 131 46.71 -13.40 -62.94
C MET W 131 46.21 -14.79 -62.67
N GLU W 132 46.70 -15.76 -63.44
CA GLU W 132 46.28 -17.15 -63.27
C GLU W 132 46.79 -17.73 -61.99
N ILE W 133 47.98 -17.34 -61.57
CA ILE W 133 48.56 -17.83 -60.34
C ILE W 133 47.74 -17.32 -59.20
N GLN W 134 47.43 -16.02 -59.21
CA GLN W 134 46.64 -15.44 -58.17
C GLN W 134 45.22 -15.93 -58.27
N GLU W 135 44.71 -16.22 -59.48
CA GLU W 135 43.35 -16.72 -59.62
C GLU W 135 43.22 -18.15 -59.13
N ILE W 136 44.18 -18.99 -59.45
CA ILE W 136 44.18 -20.36 -59.00
C ILE W 136 44.40 -20.36 -57.51
N GLN W 137 45.37 -19.57 -57.06
CA GLN W 137 45.65 -19.44 -55.67
C GLN W 137 44.53 -18.70 -54.97
N LEU W 138 43.77 -17.85 -55.68
CA LEU W 138 42.62 -17.22 -55.06
C LEU W 138 41.60 -18.26 -54.83
N LYS W 139 41.35 -19.12 -55.81
CA LYS W 139 40.37 -20.14 -55.57
C LYS W 139 40.84 -20.95 -54.39
N GLU W 140 42.15 -21.23 -54.30
CA GLU W 140 42.60 -21.98 -53.16
C GLU W 140 42.49 -21.16 -51.89
N ALA W 141 42.82 -19.87 -51.91
CA ALA W 141 42.74 -18.99 -50.73
C ALA W 141 41.31 -18.91 -50.26
N LYS W 142 40.38 -18.91 -51.21
CA LYS W 142 38.96 -18.93 -50.95
C LYS W 142 38.60 -20.26 -50.36
N HIS W 143 39.21 -21.34 -50.87
CA HIS W 143 38.92 -22.65 -50.34
C HIS W 143 39.57 -22.79 -48.99
N ILE W 144 40.66 -22.06 -48.73
CA ILE W 144 41.26 -22.10 -47.43
C ILE W 144 40.32 -21.29 -46.58
N ALA W 145 39.80 -20.16 -47.07
CA ALA W 145 38.85 -19.42 -46.26
C ALA W 145 37.64 -20.27 -45.99
N GLU W 146 37.20 -21.06 -46.95
CA GLU W 146 36.05 -21.93 -46.73
C GLU W 146 36.44 -22.96 -45.72
N ASP W 147 37.66 -23.47 -45.80
CA ASP W 147 38.17 -24.47 -44.88
C ASP W 147 38.49 -23.86 -43.54
N ALA W 148 38.97 -22.64 -43.54
CA ALA W 148 39.34 -21.91 -42.35
C ALA W 148 38.07 -21.56 -41.62
N ASP W 149 37.03 -21.26 -42.38
CA ASP W 149 35.74 -20.96 -41.81
C ASP W 149 35.11 -22.26 -41.47
N ARG W 150 35.39 -23.30 -42.25
CA ARG W 150 34.85 -24.63 -42.00
C ARG W 150 35.40 -25.23 -40.72
N LYS W 151 36.70 -25.09 -40.49
CA LYS W 151 37.32 -25.63 -39.29
C LYS W 151 36.89 -24.76 -38.16
N TYR W 152 36.73 -23.45 -38.43
CA TYR W 152 36.23 -22.54 -37.44
C TYR W 152 34.87 -22.97 -37.02
N GLU W 153 34.00 -23.26 -37.98
CA GLU W 153 32.67 -23.71 -37.65
C GLU W 153 32.71 -25.04 -36.95
N GLU W 154 33.59 -25.94 -37.31
CA GLU W 154 33.55 -27.21 -36.60
C GLU W 154 33.95 -27.04 -35.15
N VAL W 155 34.96 -26.21 -34.91
CA VAL W 155 35.41 -25.99 -33.55
C VAL W 155 34.49 -25.02 -32.80
N ALA W 156 33.95 -24.02 -33.49
CA ALA W 156 33.04 -23.04 -32.94
C ALA W 156 31.74 -23.70 -32.65
N ARG W 157 31.37 -24.66 -33.49
CA ARG W 157 30.16 -25.39 -33.28
C ARG W 157 30.40 -26.26 -32.09
N LYS W 158 31.59 -26.89 -31.99
CA LYS W 158 31.84 -27.64 -30.78
C LYS W 158 31.78 -26.70 -29.63
N LEU W 159 32.32 -25.49 -29.76
CA LEU W 159 32.23 -24.55 -28.68
C LEU W 159 30.77 -24.37 -28.33
N VAL W 160 29.90 -24.16 -29.32
CA VAL W 160 28.48 -24.00 -29.07
C VAL W 160 27.85 -25.23 -28.45
N ILE W 161 28.21 -26.41 -28.91
CA ILE W 161 27.67 -27.66 -28.39
C ILE W 161 28.11 -27.91 -26.97
N ILE W 162 29.39 -27.70 -26.72
CA ILE W 162 30.00 -27.87 -25.43
C ILE W 162 29.42 -26.81 -24.55
N GLU W 163 29.29 -25.59 -25.07
CA GLU W 163 28.70 -24.45 -24.40
C GLU W 163 27.24 -24.74 -24.14
N SER W 164 26.54 -25.37 -25.06
CA SER W 164 25.15 -25.67 -24.84
C SER W 164 25.05 -26.71 -23.73
N ASP W 165 25.99 -27.67 -23.73
CA ASP W 165 26.04 -28.65 -22.67
C ASP W 165 26.49 -27.98 -21.41
N LEU W 166 27.32 -26.97 -21.51
CA LEU W 166 27.85 -26.18 -20.41
C LEU W 166 26.71 -25.45 -19.80
N GLU W 167 25.87 -24.84 -20.63
CA GLU W 167 24.74 -24.09 -20.14
C GLU W 167 23.81 -25.00 -19.43
N ARG W 168 23.61 -26.20 -19.97
CA ARG W 168 22.77 -27.18 -19.35
C ARG W 168 23.45 -27.77 -18.13
N ALA W 169 24.75 -27.95 -18.18
CA ALA W 169 25.49 -28.49 -17.06
C ALA W 169 25.56 -27.45 -15.99
N GLU W 170 25.66 -26.19 -16.40
CA GLU W 170 25.68 -25.08 -15.48
C GLU W 170 24.27 -24.96 -14.93
N GLU W 171 23.29 -25.20 -15.80
CA GLU W 171 21.91 -25.16 -15.38
C GLU W 171 21.74 -26.24 -14.36
N ARG W 172 22.32 -27.42 -14.60
CA ARG W 172 22.26 -28.48 -13.63
C ARG W 172 22.98 -28.04 -12.40
N ALA W 173 24.11 -27.37 -12.53
CA ALA W 173 24.76 -26.89 -11.32
C ALA W 173 23.85 -25.97 -10.58
N GLU W 174 23.11 -25.12 -11.27
CA GLU W 174 22.19 -24.18 -10.66
C GLU W 174 20.98 -24.86 -10.08
N LEU W 175 20.45 -25.87 -10.76
CA LEU W 175 19.30 -26.62 -10.31
C LEU W 175 19.67 -27.47 -9.14
N SER W 176 20.86 -28.05 -9.20
CA SER W 176 21.42 -28.90 -8.19
C SER W 176 21.86 -28.05 -7.04
N GLU W 177 22.36 -26.84 -7.34
CA GLU W 177 22.75 -25.90 -6.31
C GLU W 177 21.50 -25.39 -5.69
N GLY W 178 20.46 -25.25 -6.50
CA GLY W 178 19.18 -24.83 -6.02
C GLY W 178 18.77 -25.87 -5.01
N LYS W 179 18.75 -27.15 -5.42
CA LYS W 179 18.41 -28.23 -4.53
C LYS W 179 19.34 -28.27 -3.36
N CYS W 180 20.63 -28.04 -3.61
CA CYS W 180 21.63 -28.06 -2.55
C CYS W 180 21.25 -27.03 -1.50
N ALA W 181 20.96 -25.82 -1.94
CA ALA W 181 20.58 -24.76 -1.04
C ALA W 181 19.26 -25.08 -0.38
N GLU W 182 18.33 -25.67 -1.11
CA GLU W 182 17.04 -25.98 -0.54
C GLU W 182 17.18 -27.02 0.53
N LEU W 183 18.01 -28.02 0.26
CA LEU W 183 18.25 -29.07 1.20
C LEU W 183 19.01 -28.54 2.34
N GLU W 184 19.92 -27.60 2.08
CA GLU W 184 20.70 -26.98 3.12
C GLU W 184 19.76 -26.20 4.03
N GLU W 185 18.81 -25.50 3.45
CA GLU W 185 17.83 -24.75 4.22
C GLU W 185 16.97 -25.71 5.00
N GLU W 186 16.60 -26.83 4.38
CA GLU W 186 15.82 -27.85 5.03
C GLU W 186 16.68 -28.55 6.04
N LEU W 187 17.96 -28.70 5.74
CA LEU W 187 18.88 -29.35 6.63
C LEU W 187 18.97 -28.53 7.84
N LYS W 188 19.17 -27.25 7.67
CA LYS W 188 19.28 -26.36 8.77
C LYS W 188 17.97 -26.25 9.49
N THR W 189 16.85 -26.23 8.79
CA THR W 189 15.59 -26.13 9.47
C THR W 189 15.38 -27.36 10.33
N VAL W 190 15.63 -28.51 9.75
CA VAL W 190 15.46 -29.77 10.41
C VAL W 190 16.48 -29.94 11.50
N THR W 191 17.72 -29.53 11.26
CA THR W 191 18.80 -29.61 12.20
C THR W 191 18.47 -28.65 13.33
N ASN W 192 17.92 -27.48 13.01
CA ASN W 192 17.57 -26.53 14.03
C ASN W 192 16.43 -27.09 14.83
N ASN W 193 15.54 -27.83 14.15
CA ASN W 193 14.48 -28.47 14.84
C ASN W 193 15.06 -29.62 15.61
N LEU W 194 16.09 -30.27 15.09
CA LEU W 194 16.74 -31.37 15.77
C LEU W 194 17.27 -30.85 17.05
N LYS W 195 17.96 -29.73 16.99
CA LYS W 195 18.57 -29.13 18.15
C LYS W 195 17.52 -28.65 19.12
N SER W 196 16.42 -28.07 18.63
CA SER W 196 15.39 -27.64 19.57
C SER W 196 14.76 -28.87 20.15
N LEU W 197 14.70 -29.95 19.37
CA LEU W 197 14.17 -31.20 19.82
C LEU W 197 15.12 -31.95 20.68
N GLU W 198 16.41 -31.74 20.53
CA GLU W 198 17.36 -32.38 21.39
C GLU W 198 17.14 -31.71 22.72
N ALA W 199 17.00 -30.37 22.68
CA ALA W 199 16.75 -29.63 23.87
C ALA W 199 15.43 -30.02 24.46
N GLN W 200 14.42 -30.26 23.63
CA GLN W 200 13.15 -30.70 24.13
C GLN W 200 13.18 -32.13 24.52
N ALA W 201 13.86 -32.99 23.82
CA ALA W 201 13.83 -34.35 24.26
C ALA W 201 14.48 -34.39 25.62
N GLU W 202 15.55 -33.61 25.83
CA GLU W 202 16.16 -33.62 27.13
C GLU W 202 15.32 -32.88 28.13
N LYS W 203 14.76 -31.74 27.78
CA LYS W 203 13.92 -31.03 28.74
C LYS W 203 12.74 -31.89 29.08
N TYR W 204 12.28 -32.63 28.08
CA TYR W 204 11.14 -33.52 28.24
C TYR W 204 11.54 -34.74 29.07
N SER W 205 12.80 -35.16 28.97
CA SER W 205 13.20 -36.32 29.77
C SER W 205 13.29 -35.81 31.19
N GLN W 206 13.68 -34.55 31.33
CA GLN W 206 13.77 -33.92 32.61
C GLN W 206 12.38 -33.71 33.13
N LYS W 207 11.44 -33.35 32.26
CA LYS W 207 10.05 -33.20 32.66
C LYS W 207 9.51 -34.57 32.97
N GLU W 208 9.97 -35.58 32.24
CA GLU W 208 9.58 -36.97 32.49
C GLU W 208 9.93 -37.31 33.95
N ASP W 209 11.04 -36.74 34.42
CA ASP W 209 11.49 -36.85 35.80
C ASP W 209 10.81 -35.84 36.73
N ARG W 210 10.55 -34.60 36.30
CA ARG W 210 9.89 -33.61 37.16
C ARG W 210 8.47 -34.01 37.43
N TYR W 211 7.86 -34.60 36.40
CA TYR W 211 6.48 -35.07 36.49
C TYR W 211 6.47 -36.37 37.27
N GLU W 212 7.48 -37.20 37.04
CA GLU W 212 7.55 -38.46 37.76
C GLU W 212 7.75 -38.13 39.23
N GLU W 213 8.52 -37.06 39.47
CA GLU W 213 8.77 -36.59 40.81
C GLU W 213 7.50 -36.00 41.34
N GLU W 214 6.74 -35.26 40.53
CA GLU W 214 5.50 -34.77 41.08
C GLU W 214 4.65 -35.96 41.45
N ILE W 215 4.65 -37.03 40.67
CA ILE W 215 3.92 -38.22 41.04
C ILE W 215 4.47 -38.84 42.29
N LYS W 216 5.78 -38.93 42.42
CA LYS W 216 6.36 -39.54 43.60
C LYS W 216 6.05 -38.71 44.84
N VAL W 217 6.12 -37.40 44.71
CA VAL W 217 5.85 -36.51 45.81
C VAL W 217 4.41 -36.60 46.16
N LEU W 218 3.53 -36.56 45.16
CA LEU W 218 2.11 -36.68 45.41
C LEU W 218 1.81 -38.04 45.94
N SER W 219 2.51 -39.07 45.49
CA SER W 219 2.26 -40.38 46.01
C SER W 219 2.60 -40.37 47.47
N ASP W 220 3.72 -39.75 47.86
CA ASP W 220 4.08 -39.67 49.27
C ASP W 220 3.16 -38.76 50.06
N LYS W 221 2.72 -37.66 49.47
CA LYS W 221 1.85 -36.73 50.16
C LYS W 221 0.50 -37.36 50.31
N LEU W 222 0.09 -38.14 49.32
CA LEU W 222 -1.15 -38.87 49.33
C LEU W 222 -1.04 -39.93 50.36
N LYS W 223 0.04 -40.70 50.38
CA LYS W 223 0.14 -41.70 51.40
C LYS W 223 0.01 -41.04 52.75
N GLU W 224 0.63 -39.87 52.94
CA GLU W 224 0.47 -39.23 54.22
C GLU W 224 -0.94 -38.68 54.40
N ALA W 225 -1.56 -38.10 53.39
CA ALA W 225 -2.90 -37.57 53.61
C ALA W 225 -3.89 -38.68 53.85
N GLU W 226 -3.73 -39.77 53.11
CA GLU W 226 -4.60 -40.93 53.24
C GLU W 226 -4.34 -41.65 54.56
N THR W 227 -3.07 -41.74 54.94
CA THR W 227 -2.72 -42.40 56.19
C THR W 227 -3.20 -41.55 57.33
N ARG W 228 -2.99 -40.25 57.23
CA ARG W 228 -3.40 -39.33 58.25
C ARG W 228 -4.91 -39.30 58.26
N ALA W 229 -5.55 -39.38 57.10
CA ALA W 229 -6.99 -39.39 57.06
C ALA W 229 -7.56 -40.62 57.63
N GLU W 230 -6.97 -41.78 57.35
CA GLU W 230 -7.53 -43.00 57.86
C GLU W 230 -7.22 -43.09 59.32
N PHE W 231 -6.03 -42.66 59.71
CA PHE W 231 -5.69 -42.67 61.11
C PHE W 231 -6.60 -41.75 61.85
N ALA W 232 -6.70 -40.53 61.36
CA ALA W 232 -7.52 -39.54 61.98
C ALA W 232 -8.94 -40.04 61.96
N GLU W 233 -9.34 -40.80 60.93
CA GLU W 233 -10.66 -41.39 60.88
C GLU W 233 -10.75 -42.39 62.02
N ARG W 234 -9.66 -43.07 62.37
CA ARG W 234 -9.74 -43.93 63.54
C ARG W 234 -9.89 -43.03 64.75
N SER W 235 -9.22 -41.89 64.79
CA SER W 235 -9.44 -40.98 65.91
C SER W 235 -10.90 -40.53 65.89
N VAL W 236 -11.49 -40.40 64.70
CA VAL W 236 -12.89 -40.03 64.59
C VAL W 236 -13.72 -41.14 65.18
N THR W 237 -13.47 -42.40 64.81
CA THR W 237 -14.28 -43.47 65.34
C THR W 237 -14.01 -43.75 66.81
N LYS W 238 -12.80 -43.48 67.28
CA LYS W 238 -12.45 -43.66 68.68
C LYS W 238 -13.09 -42.59 69.54
N LEU W 239 -13.06 -41.34 69.06
CA LEU W 239 -13.69 -40.28 69.80
C LEU W 239 -15.17 -40.50 69.74
N GLU W 240 -15.69 -40.88 68.56
CA GLU W 240 -17.10 -41.13 68.37
C GLU W 240 -17.58 -42.27 69.23
N LYS W 241 -16.82 -43.34 69.28
CA LYS W 241 -17.16 -44.47 70.08
C LYS W 241 -17.14 -44.10 71.52
N SER W 242 -16.13 -43.34 71.92
CA SER W 242 -16.00 -42.94 73.29
C SER W 242 -17.17 -42.02 73.63
N ILE W 243 -17.58 -41.17 72.71
CA ILE W 243 -18.73 -40.32 72.90
C ILE W 243 -19.97 -41.15 73.10
N ASP W 244 -20.16 -42.18 72.28
CA ASP W 244 -21.32 -43.03 72.47
C ASP W 244 -21.24 -43.77 73.78
N ASP W 245 -20.05 -44.20 74.19
CA ASP W 245 -19.92 -44.92 75.44
C ASP W 245 -20.13 -43.99 76.61
N LEU W 246 -19.66 -42.77 76.50
CA LEU W 246 -19.83 -41.78 77.53
C LEU W 246 -21.29 -41.44 77.60
N GLU W 247 -21.96 -41.40 76.45
CA GLU W 247 -23.39 -41.14 76.41
C GLU W 247 -24.14 -42.31 77.01
N ASP W 248 -23.69 -43.55 76.77
CA ASP W 248 -24.39 -44.66 77.41
C ASP W 248 -24.19 -44.57 78.90
N GLU W 249 -23.00 -44.14 79.33
CA GLU W 249 -22.71 -43.95 80.74
C GLU W 249 -23.48 -42.77 81.29
N LEU W 250 -23.65 -41.74 80.49
CA LEU W 250 -24.35 -40.55 80.88
C LEU W 250 -25.77 -40.92 81.04
N TYR W 251 -26.29 -41.65 80.09
CA TYR W 251 -27.62 -42.13 80.15
C TYR W 251 -27.79 -42.97 81.36
N ALA W 252 -26.91 -43.95 81.56
CA ALA W 252 -27.05 -44.78 82.73
C ALA W 252 -26.98 -43.93 83.97
N GLN W 253 -26.13 -42.91 83.97
CA GLN W 253 -26.02 -42.02 85.10
C GLN W 253 -27.28 -41.19 85.29
N LYS W 254 -27.86 -40.78 84.20
CA LYS W 254 -29.08 -40.02 84.17
C LYS W 254 -30.20 -40.88 84.65
N LEU W 255 -30.18 -42.13 84.23
CA LEU W 255 -31.16 -43.10 84.59
C LEU W 255 -31.08 -43.40 86.04
N LYS W 256 -29.86 -43.53 86.57
CA LYS W 256 -29.75 -43.80 87.98
C LYS W 256 -30.11 -42.56 88.73
N TYR W 257 -29.72 -41.40 88.24
CA TYR W 257 -30.09 -40.19 88.92
C TYR W 257 -31.55 -40.08 89.04
N LYS W 258 -32.19 -40.25 87.90
CA LYS W 258 -33.59 -40.19 87.74
C LYS W 258 -34.24 -41.22 88.62
N ALA W 259 -33.76 -42.44 88.57
CA ALA W 259 -34.35 -43.50 89.35
C ALA W 259 -34.24 -43.21 90.83
N ILE W 260 -33.14 -42.63 91.26
CA ILE W 260 -32.94 -42.36 92.66
C ILE W 260 -33.76 -41.19 93.09
N SER W 261 -33.73 -40.11 92.32
CA SER W 261 -34.47 -38.96 92.74
C SER W 261 -35.92 -39.34 92.75
N GLU W 262 -36.38 -40.04 91.72
CA GLU W 262 -37.74 -40.46 91.65
C GLU W 262 -38.09 -41.49 92.69
N GLU W 263 -37.21 -42.43 93.00
CA GLU W 263 -37.51 -43.43 94.00
C GLU W 263 -37.70 -42.72 95.34
N LEU W 264 -36.82 -41.75 95.63
CA LEU W 264 -36.93 -40.95 96.84
C LEU W 264 -38.10 -40.03 96.83
N ASP W 265 -38.42 -39.42 95.69
CA ASP W 265 -39.52 -38.49 95.63
C ASP W 265 -40.79 -39.27 95.72
N HIS W 266 -40.80 -40.44 95.12
CA HIS W 266 -41.92 -41.33 95.17
C HIS W 266 -42.16 -41.79 96.56
N ALA W 267 -41.10 -42.33 97.15
CA ALA W 267 -41.21 -42.82 98.47
C ALA W 267 -41.50 -41.71 99.41
N LEU W 268 -40.95 -40.53 99.16
CA LEU W 268 -41.22 -39.39 99.99
C LEU W 268 -42.62 -38.95 99.81
N ASN W 269 -43.15 -38.96 98.62
CA ASN W 269 -44.52 -38.53 98.51
C ASN W 269 -45.38 -39.51 99.31
N ASP W 270 -45.06 -40.82 99.21
CA ASP W 270 -45.80 -41.84 99.92
C ASP W 270 -45.60 -41.68 101.42
N MET W 271 -44.39 -41.27 101.78
CA MET W 271 -43.94 -41.10 103.13
C MET W 271 -43.80 -39.64 103.53
N THR W 272 -44.45 -38.72 102.82
CA THR W 272 -44.41 -37.33 103.26
C THR W 272 -45.16 -37.39 104.54
N SER W 273 -46.25 -38.15 104.50
CA SER W 273 -47.03 -38.37 105.66
C SER W 273 -46.46 -39.56 106.37
N ILE W 274 -45.86 -39.24 107.49
CA ILE W 274 -45.15 -40.10 108.40
C ILE W 274 -43.82 -40.51 107.81
N LEU X 1 119.17 76.48 -196.68
CA LEU X 1 119.47 77.29 -195.50
C LEU X 1 118.59 78.52 -195.33
N LYS X 2 118.58 79.40 -196.32
CA LYS X 2 117.83 80.66 -196.22
C LYS X 2 116.37 80.52 -195.81
N LEU X 3 115.69 79.54 -196.38
CA LEU X 3 114.28 79.33 -196.09
C LEU X 3 114.11 78.22 -195.11
N ASP X 4 115.21 77.72 -194.59
CA ASP X 4 115.14 76.61 -193.70
C ASP X 4 114.86 77.14 -192.34
N LYS X 5 115.18 78.39 -192.06
CA LYS X 5 114.75 78.86 -190.77
C LYS X 5 113.24 78.81 -190.75
N GLU X 6 112.61 79.07 -191.90
CA GLU X 6 111.17 79.09 -192.03
C GLU X 6 110.62 77.68 -192.13
N ASN X 7 111.33 76.80 -192.82
CA ASN X 7 110.83 75.45 -192.98
C ASN X 7 110.97 74.76 -191.65
N ALA X 8 112.04 75.07 -190.94
CA ALA X 8 112.33 74.49 -189.67
C ALA X 8 111.51 75.18 -188.62
N LEU X 9 111.12 76.44 -188.81
CA LEU X 9 110.26 77.07 -187.85
C LEU X 9 108.89 76.44 -187.98
N ASP X 10 108.44 76.20 -189.21
CA ASP X 10 107.17 75.57 -189.43
C ASP X 10 107.26 74.12 -189.00
N ARG X 11 108.44 73.51 -189.21
CA ARG X 11 108.66 72.15 -188.78
C ARG X 11 108.58 72.15 -187.30
N ALA X 12 109.17 73.15 -186.63
CA ALA X 12 109.11 73.26 -185.20
C ALA X 12 107.70 73.50 -184.79
N GLU X 13 106.93 74.27 -185.54
CA GLU X 13 105.57 74.46 -185.10
C GLU X 13 104.85 73.12 -185.16
N GLN X 14 105.09 72.35 -186.21
CA GLN X 14 104.48 71.05 -186.33
C GLN X 14 105.03 70.04 -185.34
N ALA X 15 106.33 70.05 -185.13
CA ALA X 15 107.00 69.13 -184.25
C ALA X 15 106.59 69.44 -182.84
N GLU X 16 106.40 70.73 -182.55
CA GLU X 16 105.93 71.17 -181.27
C GLU X 16 104.46 70.80 -181.18
N ALA X 17 103.71 70.94 -182.27
CA ALA X 17 102.30 70.56 -182.24
C ALA X 17 102.18 69.07 -181.94
N ASP X 18 103.12 68.28 -182.45
CA ASP X 18 103.09 66.85 -182.22
C ASP X 18 103.69 66.46 -180.90
N LYS X 19 104.70 67.22 -180.40
CA LYS X 19 105.23 66.87 -179.10
C LYS X 19 104.20 67.30 -178.12
N LYS X 20 103.45 68.36 -178.46
CA LYS X 20 102.38 68.86 -177.65
C LYS X 20 101.26 67.87 -177.68
N ALA X 21 100.88 67.36 -178.85
CA ALA X 21 99.81 66.40 -178.83
C ALA X 21 100.24 65.21 -177.99
N ALA X 22 101.49 64.78 -178.13
CA ALA X 22 101.98 63.68 -177.33
C ALA X 22 102.03 64.08 -175.86
N GLU X 23 102.41 65.31 -175.57
CA GLU X 23 102.50 65.85 -174.22
C GLU X 23 101.13 66.08 -173.64
N ASP X 24 100.17 66.47 -174.47
CA ASP X 24 98.82 66.66 -174.03
C ASP X 24 98.30 65.30 -173.72
N ARG X 25 98.67 64.30 -174.53
CA ARG X 25 98.29 62.95 -174.20
C ARG X 25 99.00 62.58 -172.93
N SER X 26 100.25 62.95 -172.76
CA SER X 26 100.92 62.60 -171.54
C SER X 26 100.17 63.19 -170.36
N LYS X 27 99.73 64.43 -170.46
CA LYS X 27 98.98 65.02 -169.37
C LYS X 27 97.64 64.36 -169.16
N GLN X 28 96.93 64.05 -170.22
CA GLN X 28 95.63 63.42 -170.15
C GLN X 28 95.75 62.01 -169.61
N LEU X 29 96.82 61.34 -170.01
CA LEU X 29 97.10 60.00 -169.62
C LEU X 29 97.61 60.05 -168.20
N GLU X 30 98.25 61.16 -167.84
CA GLU X 30 98.74 61.36 -166.49
C GLU X 30 97.53 61.53 -165.58
N ASP X 31 96.51 62.22 -166.07
CA ASP X 31 95.30 62.42 -165.30
C ASP X 31 94.55 61.10 -165.20
N GLU X 32 94.54 60.32 -166.28
CA GLU X 32 93.89 59.03 -166.25
C GLU X 32 94.66 58.06 -165.41
N LEU X 33 95.97 58.12 -165.42
CA LEU X 33 96.77 57.19 -164.66
C LEU X 33 96.51 57.44 -163.23
N VAL X 34 96.50 58.72 -162.87
CA VAL X 34 96.24 59.14 -161.54
C VAL X 34 94.83 58.79 -161.15
N SER X 35 93.87 58.98 -162.03
CA SER X 35 92.51 58.62 -161.75
C SER X 35 92.43 57.12 -161.53
N LEU X 36 93.12 56.35 -162.37
CA LEU X 36 93.15 54.91 -162.24
C LEU X 36 93.86 54.54 -160.98
N GLN X 37 94.89 55.29 -160.60
CA GLN X 37 95.62 55.04 -159.38
C GLN X 37 94.74 55.34 -158.20
N LYS X 38 93.95 56.40 -158.26
CA LYS X 38 93.06 56.70 -157.17
C LYS X 38 92.00 55.63 -157.07
N LYS X 39 91.52 55.17 -158.23
CA LYS X 39 90.55 54.10 -158.27
C LYS X 39 91.18 52.78 -157.89
N LEU X 40 92.46 52.58 -158.25
CA LEU X 40 93.21 51.38 -157.93
C LEU X 40 93.34 51.32 -156.47
N LYS X 41 93.69 52.45 -155.86
CA LYS X 41 93.86 52.57 -154.43
C LYS X 41 92.50 52.53 -153.81
N GLY X 42 91.49 53.00 -154.51
CA GLY X 42 90.15 52.88 -154.00
C GLY X 42 89.93 51.38 -153.81
N THR X 43 90.21 50.60 -154.87
CA THR X 43 90.05 49.17 -154.86
C THR X 43 91.12 48.46 -154.02
N GLU X 44 92.32 49.01 -153.88
CA GLU X 44 93.36 48.35 -153.09
C GLU X 44 93.07 48.54 -151.63
N ASP X 45 92.61 49.73 -151.26
CA ASP X 45 92.30 50.00 -149.88
C ASP X 45 91.07 49.20 -149.57
N GLU X 46 90.16 49.11 -150.54
CA GLU X 46 88.98 48.31 -150.42
C GLU X 46 89.38 46.84 -150.33
N LEU X 47 90.43 46.47 -151.05
CA LEU X 47 90.94 45.10 -151.03
C LEU X 47 91.28 44.78 -149.58
N ASP X 48 91.86 45.76 -148.90
CA ASP X 48 92.21 45.62 -147.52
C ASP X 48 90.96 45.73 -146.68
N LYS X 49 90.00 46.56 -147.03
CA LYS X 49 88.81 46.59 -146.20
C LYS X 49 88.19 45.21 -146.18
N TYR X 50 88.16 44.52 -147.33
CA TYR X 50 87.59 43.20 -147.41
C TYR X 50 88.52 42.14 -146.85
N SER X 51 89.83 42.30 -147.04
CA SER X 51 90.85 41.36 -146.58
C SER X 51 90.89 41.38 -145.08
N GLU X 52 90.78 42.58 -144.52
CA GLU X 52 90.77 42.79 -143.11
C GLU X 52 89.44 42.32 -142.59
N ALA X 53 88.36 42.69 -143.26
CA ALA X 53 87.08 42.23 -142.82
C ALA X 53 87.08 40.72 -142.87
N LEU X 54 87.77 40.15 -143.87
CA LEU X 54 87.92 38.73 -144.04
C LEU X 54 88.80 38.11 -143.02
N LYS X 55 89.96 38.66 -142.73
CA LYS X 55 90.75 37.97 -141.75
C LYS X 55 89.98 37.96 -140.45
N ASP X 56 89.18 39.01 -140.22
CA ASP X 56 88.42 39.10 -139.03
C ASP X 56 87.19 38.21 -139.13
N ALA X 57 86.52 38.17 -140.26
CA ALA X 57 85.35 37.31 -140.38
C ALA X 57 85.77 35.88 -140.31
N GLN X 58 86.92 35.59 -140.90
CA GLN X 58 87.48 34.26 -140.96
C GLN X 58 87.97 33.87 -139.60
N GLU X 59 88.59 34.78 -138.85
CA GLU X 59 89.04 34.42 -137.53
C GLU X 59 87.83 34.29 -136.64
N LYS X 60 86.87 35.18 -136.81
CA LYS X 60 85.65 35.11 -136.05
C LYS X 60 84.99 33.80 -136.38
N LEU X 61 85.08 33.36 -137.63
CA LEU X 61 84.54 32.08 -138.01
C LEU X 61 85.32 31.02 -137.31
N GLU X 62 86.64 31.07 -137.28
CA GLU X 62 87.34 29.98 -136.64
C GLU X 62 86.94 29.95 -135.17
N LEU X 63 86.73 31.12 -134.59
CA LEU X 63 86.32 31.26 -133.22
C LEU X 63 84.85 30.94 -133.01
N ALA X 64 83.99 31.16 -134.00
CA ALA X 64 82.57 30.85 -133.91
C ALA X 64 82.40 29.38 -134.11
N GLU X 65 83.28 28.82 -134.93
CA GLU X 65 83.30 27.42 -135.21
C GLU X 65 83.87 26.78 -133.97
N LYS X 66 84.86 27.41 -133.35
CA LYS X 66 85.39 26.91 -132.12
C LYS X 66 84.34 27.04 -131.07
N LYS X 67 83.64 28.17 -131.02
CA LYS X 67 82.59 28.32 -130.05
C LYS X 67 81.54 27.28 -130.30
N ALA X 68 81.23 27.00 -131.57
CA ALA X 68 80.27 25.98 -131.91
C ALA X 68 80.78 24.63 -131.50
N THR X 69 82.08 24.42 -131.64
CA THR X 69 82.73 23.17 -131.29
C THR X 69 82.64 22.99 -129.81
N ASP X 70 82.89 24.06 -129.06
CA ASP X 70 82.85 24.04 -127.63
C ASP X 70 81.43 24.02 -127.15
N ALA X 71 80.55 24.75 -127.82
CA ALA X 71 79.16 24.79 -127.42
C ALA X 71 78.59 23.43 -127.64
N GLU X 72 78.96 22.79 -128.75
CA GLU X 72 78.53 21.46 -129.10
C GLU X 72 79.21 20.46 -128.21
N ALA X 73 80.48 20.70 -127.86
CA ALA X 73 81.19 19.81 -126.96
C ALA X 73 80.48 19.87 -125.64
N ASP X 74 79.99 21.07 -125.30
CA ASP X 74 79.25 21.26 -124.09
C ASP X 74 77.86 20.70 -124.30
N VAL X 75 77.29 20.75 -125.50
CA VAL X 75 75.98 20.13 -125.65
C VAL X 75 76.15 18.68 -125.37
N ALA X 76 77.16 18.06 -125.96
CA ALA X 76 77.44 16.65 -125.80
C ALA X 76 77.88 16.28 -124.39
N SER X 77 78.70 17.13 -123.75
CA SER X 77 79.21 16.86 -122.42
C SER X 77 78.11 17.06 -121.43
N LEU X 78 77.23 18.02 -121.70
CA LEU X 78 76.13 18.23 -120.83
C LEU X 78 75.12 17.19 -121.15
N ASN X 79 74.93 16.80 -122.40
CA ASN X 79 73.92 15.80 -122.67
C ASN X 79 74.31 14.58 -121.90
N ARG X 80 75.60 14.27 -121.91
CA ARG X 80 76.10 13.20 -121.10
C ARG X 80 75.76 13.45 -119.64
N ARG X 81 76.10 14.64 -119.12
CA ARG X 81 75.81 14.97 -117.74
C ARG X 81 74.33 15.04 -117.39
N ILE X 82 73.50 15.52 -118.31
CA ILE X 82 72.07 15.63 -118.06
C ILE X 82 71.57 14.25 -117.98
N GLN X 83 72.02 13.40 -118.88
CA GLN X 83 71.60 12.03 -118.87
C GLN X 83 72.12 11.37 -117.63
N LEU X 84 73.34 11.71 -117.18
CA LEU X 84 73.84 11.12 -115.97
C LEU X 84 73.02 11.57 -114.79
N VAL X 85 72.59 12.84 -114.74
CA VAL X 85 71.77 13.24 -113.64
C VAL X 85 70.37 12.66 -113.79
N GLU X 86 69.88 12.47 -115.01
CA GLU X 86 68.58 11.82 -115.20
C GLU X 86 68.64 10.38 -114.77
N GLU X 87 69.74 9.70 -115.07
CA GLU X 87 69.90 8.32 -114.67
C GLU X 87 70.09 8.23 -113.19
N GLU X 88 70.87 9.14 -112.63
CA GLU X 88 71.10 9.16 -111.21
C GLU X 88 69.82 9.57 -110.53
N LEU X 89 69.05 10.46 -111.15
CA LEU X 89 67.75 10.84 -110.62
C LEU X 89 66.84 9.66 -110.63
N ASP X 90 66.78 8.90 -111.74
CA ASP X 90 65.92 7.76 -111.73
C ASP X 90 66.39 6.84 -110.63
N ARG X 91 67.71 6.70 -110.44
CA ARG X 91 68.21 5.86 -109.38
C ARG X 91 67.85 6.43 -108.01
N ALA X 92 67.91 7.75 -107.81
CA ALA X 92 67.54 8.35 -106.54
C ALA X 92 66.07 8.12 -106.29
N GLN X 93 65.25 8.18 -107.35
CA GLN X 93 63.82 7.97 -107.29
C GLN X 93 63.49 6.50 -107.03
N GLU X 94 64.28 5.59 -107.61
CA GLU X 94 64.11 4.17 -107.39
C GLU X 94 64.55 3.82 -105.99
N ARG X 95 65.65 4.43 -105.55
CA ARG X 95 66.16 4.24 -104.21
C ARG X 95 65.18 4.86 -103.26
N LEU X 96 64.55 5.97 -103.65
CA LEU X 96 63.53 6.62 -102.84
C LEU X 96 62.32 5.74 -102.78
N ALA X 97 61.86 5.20 -103.89
CA ALA X 97 60.71 4.33 -103.83
C ALA X 97 61.02 3.15 -102.94
N THR X 98 62.27 2.67 -103.01
CA THR X 98 62.74 1.56 -102.20
C THR X 98 62.80 1.96 -100.73
N ALA X 99 63.37 3.13 -100.43
CA ALA X 99 63.48 3.62 -99.08
C ALA X 99 62.12 3.86 -98.49
N LEU X 100 61.19 4.33 -99.32
CA LEU X 100 59.84 4.59 -98.91
C LEU X 100 59.10 3.29 -98.72
N GLN X 101 59.36 2.29 -99.56
CA GLN X 101 58.72 1.01 -99.33
C GLN X 101 59.30 0.39 -98.09
N LYS X 102 60.61 0.53 -97.87
CA LYS X 102 61.24 0.00 -96.68
C LYS X 102 60.78 0.77 -95.49
N LEU X 103 60.54 2.08 -95.67
CA LEU X 103 60.04 2.92 -94.62
C LEU X 103 58.67 2.46 -94.27
N GLU X 104 57.85 2.14 -95.27
CA GLU X 104 56.54 1.65 -94.98
C GLU X 104 56.67 0.31 -94.30
N GLU X 105 57.60 -0.55 -94.71
CA GLU X 105 57.75 -1.84 -94.06
C GLU X 105 58.22 -1.71 -92.62
N ALA X 106 59.17 -0.81 -92.37
CA ALA X 106 59.73 -0.57 -91.06
C ALA X 106 58.74 0.09 -90.16
N GLU X 107 58.01 1.04 -90.72
CA GLU X 107 57.04 1.79 -90.00
C GLU X 107 55.87 0.88 -89.78
N LYS X 108 55.56 0.03 -90.75
CA LYS X 108 54.45 -0.89 -90.62
C LYS X 108 54.87 -1.92 -89.62
N ALA X 109 56.14 -2.31 -89.61
CA ALA X 109 56.56 -3.25 -88.60
C ALA X 109 56.37 -2.58 -87.26
N ALA X 110 56.69 -1.30 -87.15
CA ALA X 110 56.50 -0.60 -85.92
C ALA X 110 55.04 -0.46 -85.57
N ASP X 111 54.19 -0.19 -86.57
CA ASP X 111 52.77 0.05 -86.42
C ASP X 111 52.03 -1.23 -86.07
N GLU X 112 52.41 -2.31 -86.73
CA GLU X 112 51.80 -3.58 -86.49
C GLU X 112 52.29 -4.14 -85.19
N SER X 113 53.58 -3.98 -84.89
CA SER X 113 54.11 -4.45 -83.63
C SER X 113 53.56 -3.57 -82.55
N GLU X 114 53.30 -2.29 -82.85
CA GLU X 114 52.72 -1.39 -81.87
C GLU X 114 51.29 -1.84 -81.64
N ARG X 115 50.53 -2.22 -82.69
CA ARG X 115 49.18 -2.75 -82.48
C ARG X 115 49.23 -4.06 -81.73
N GLY X 116 50.25 -4.85 -82.02
CA GLY X 116 50.44 -6.10 -81.35
C GLY X 116 50.58 -5.76 -79.90
N MET X 117 51.47 -4.81 -79.61
CA MET X 117 51.73 -4.29 -78.30
C MET X 117 50.49 -3.71 -77.68
N LYS X 118 49.67 -2.97 -78.43
CA LYS X 118 48.46 -2.39 -77.86
C LYS X 118 47.54 -3.48 -77.37
N VAL X 119 47.42 -4.54 -78.14
CA VAL X 119 46.57 -5.64 -77.74
C VAL X 119 47.17 -6.36 -76.56
N ILE X 120 48.45 -6.66 -76.61
CA ILE X 120 49.07 -7.35 -75.48
C ILE X 120 49.35 -6.41 -74.32
N GLU X 121 49.40 -5.10 -74.54
CA GLU X 121 49.55 -4.14 -73.48
C GLU X 121 48.22 -4.00 -72.82
N SER X 122 47.16 -4.02 -73.63
CA SER X 122 45.82 -3.97 -73.10
C SER X 122 45.64 -5.26 -72.37
N ARG X 123 46.18 -6.36 -72.90
CA ARG X 123 46.11 -7.62 -72.22
C ARG X 123 46.92 -7.54 -70.96
N ALA X 124 48.12 -6.98 -71.00
CA ALA X 124 48.88 -6.88 -69.78
C ALA X 124 48.10 -6.07 -68.79
N GLN X 125 47.41 -5.02 -69.26
CA GLN X 125 46.63 -4.18 -68.38
C GLN X 125 45.45 -4.94 -67.83
N LYS X 126 44.82 -5.77 -68.63
CA LYS X 126 43.68 -6.55 -68.16
C LYS X 126 44.14 -7.61 -67.19
N ASP X 127 45.29 -8.18 -67.48
CA ASP X 127 45.89 -9.23 -66.70
C ASP X 127 46.48 -8.62 -65.47
N GLU X 128 47.00 -7.41 -65.59
CA GLU X 128 47.57 -6.68 -64.49
C GLU X 128 46.45 -6.30 -63.57
N GLU X 129 45.36 -5.78 -64.12
CA GLU X 129 44.27 -5.42 -63.26
C GLU X 129 43.68 -6.64 -62.66
N LYS X 130 43.54 -7.70 -63.45
CA LYS X 130 42.97 -8.89 -62.89
C LYS X 130 43.90 -9.49 -61.88
N MET X 131 45.22 -9.49 -62.07
CA MET X 131 46.07 -10.11 -61.08
C MET X 131 46.07 -9.26 -59.84
N GLU X 132 45.92 -7.94 -59.96
CA GLU X 132 45.86 -7.09 -58.79
C GLU X 132 44.58 -7.38 -58.07
N ILE X 133 43.51 -7.55 -58.81
CA ILE X 133 42.24 -7.86 -58.23
C ILE X 133 42.28 -9.19 -57.56
N GLN X 134 42.82 -10.19 -58.26
CA GLN X 134 42.93 -11.53 -57.72
C GLN X 134 43.90 -11.56 -56.58
N GLU X 135 44.94 -10.72 -56.62
CA GLU X 135 45.93 -10.64 -55.57
C GLU X 135 45.31 -10.02 -54.36
N ILE X 136 44.55 -8.96 -54.55
CA ILE X 136 43.90 -8.29 -53.44
C ILE X 136 42.88 -9.22 -52.88
N GLN X 137 42.13 -9.87 -53.74
CA GLN X 137 41.14 -10.84 -53.34
C GLN X 137 41.81 -12.01 -52.70
N LEU X 138 43.01 -12.38 -53.16
CA LEU X 138 43.75 -13.47 -52.54
C LEU X 138 44.16 -13.05 -51.21
N LYS X 139 44.67 -11.83 -51.10
CA LYS X 139 45.09 -11.37 -49.82
C LYS X 139 43.91 -11.37 -48.93
N GLU X 140 42.75 -10.93 -49.39
CA GLU X 140 41.60 -10.95 -48.52
C GLU X 140 41.07 -12.33 -48.28
N ALA X 141 41.05 -13.20 -49.27
CA ALA X 141 40.56 -14.55 -49.05
C ALA X 141 41.48 -15.22 -48.08
N LYS X 142 42.77 -14.92 -48.20
CA LYS X 142 43.76 -15.43 -47.32
C LYS X 142 43.62 -14.76 -45.98
N HIS X 143 43.29 -13.47 -45.94
CA HIS X 143 43.15 -12.74 -44.69
C HIS X 143 41.90 -13.23 -44.03
N ILE X 144 40.91 -13.60 -44.81
CA ILE X 144 39.69 -14.17 -44.31
C ILE X 144 40.03 -15.50 -43.77
N ALA X 145 40.84 -16.27 -44.49
CA ALA X 145 41.26 -17.55 -44.02
C ALA X 145 42.07 -17.43 -42.78
N GLU X 146 42.93 -16.41 -42.71
CA GLU X 146 43.77 -16.16 -41.57
C GLU X 146 42.92 -15.70 -40.45
N ASP X 147 41.92 -14.89 -40.75
CA ASP X 147 41.03 -14.36 -39.75
C ASP X 147 40.17 -15.48 -39.26
N ALA X 148 39.76 -16.35 -40.17
CA ALA X 148 38.97 -17.50 -39.85
C ALA X 148 39.82 -18.48 -39.07
N ASP X 149 41.13 -18.57 -39.39
CA ASP X 149 42.06 -19.39 -38.64
C ASP X 149 42.32 -18.74 -37.29
N ARG X 150 42.34 -17.40 -37.25
CA ARG X 150 42.51 -16.73 -35.97
C ARG X 150 41.28 -16.98 -35.17
N LYS X 151 40.10 -16.92 -35.80
CA LYS X 151 38.87 -17.19 -35.11
C LYS X 151 38.84 -18.62 -34.71
N TYR X 152 39.38 -19.52 -35.54
CA TYR X 152 39.47 -20.93 -35.21
C TYR X 152 40.23 -21.04 -33.94
N GLU X 153 41.38 -20.39 -33.86
CA GLU X 153 42.19 -20.43 -32.66
C GLU X 153 41.53 -19.72 -31.50
N GLU X 154 40.80 -18.64 -31.77
CA GLU X 154 40.12 -17.95 -30.69
C GLU X 154 39.07 -18.87 -30.13
N VAL X 155 38.37 -19.55 -31.03
CA VAL X 155 37.33 -20.50 -30.64
C VAL X 155 37.90 -21.85 -30.19
N ALA X 156 39.10 -22.18 -30.66
CA ALA X 156 39.70 -23.45 -30.28
C ALA X 156 40.23 -23.31 -28.88
N ARG X 157 40.79 -22.14 -28.55
CA ARG X 157 41.28 -21.95 -27.19
C ARG X 157 40.06 -21.70 -26.34
N LYS X 158 39.04 -21.02 -26.88
CA LYS X 158 37.85 -20.82 -26.10
C LYS X 158 37.10 -22.11 -26.07
N LEU X 159 37.27 -22.99 -27.05
CA LEU X 159 36.65 -24.29 -26.98
C LEU X 159 37.26 -24.94 -25.80
N VAL X 160 38.56 -24.88 -25.65
CA VAL X 160 39.19 -25.46 -24.49
C VAL X 160 38.68 -24.81 -23.22
N ILE X 161 38.52 -23.48 -23.21
CA ILE X 161 38.00 -22.80 -22.03
C ILE X 161 36.60 -23.30 -21.75
N ILE X 162 35.78 -23.40 -22.78
CA ILE X 162 34.41 -23.89 -22.81
C ILE X 162 34.33 -25.36 -22.44
N GLU X 163 35.25 -26.18 -22.92
CA GLU X 163 35.31 -27.57 -22.54
C GLU X 163 35.71 -27.62 -21.12
N SER X 164 36.62 -26.74 -20.70
CA SER X 164 37.05 -26.68 -19.32
C SER X 164 35.90 -26.15 -18.49
N ASP X 165 35.12 -25.21 -19.04
CA ASP X 165 33.97 -24.68 -18.35
C ASP X 165 32.84 -25.69 -18.41
N LEU X 166 32.81 -26.55 -19.42
CA LEU X 166 31.85 -27.64 -19.42
C LEU X 166 32.27 -28.61 -18.36
N GLU X 167 33.55 -28.89 -18.27
CA GLU X 167 34.02 -29.80 -17.26
C GLU X 167 33.72 -29.19 -15.93
N ARG X 168 33.90 -27.88 -15.79
CA ARG X 168 33.57 -27.17 -14.57
C ARG X 168 32.08 -27.06 -14.40
N ALA X 169 31.32 -26.82 -15.46
CA ALA X 169 29.88 -26.70 -15.35
C ALA X 169 29.32 -28.03 -14.95
N GLU X 170 29.92 -29.08 -15.48
CA GLU X 170 29.56 -30.45 -15.21
C GLU X 170 30.07 -30.79 -13.85
N GLU X 171 31.27 -30.32 -13.50
CA GLU X 171 31.84 -30.56 -12.19
C GLU X 171 30.94 -29.95 -11.18
N ARG X 172 30.43 -28.76 -11.48
CA ARG X 172 29.53 -28.05 -10.63
C ARG X 172 28.20 -28.78 -10.65
N ALA X 173 27.80 -29.35 -11.79
CA ALA X 173 26.59 -30.13 -11.75
C ALA X 173 26.79 -31.30 -10.80
N GLU X 174 27.96 -31.93 -10.86
CA GLU X 174 28.35 -33.07 -10.03
C GLU X 174 28.60 -32.69 -8.59
N LEU X 175 29.19 -31.54 -8.37
CA LEU X 175 29.55 -31.02 -7.07
C LEU X 175 28.33 -30.54 -6.36
N SER X 176 27.48 -29.80 -7.05
CA SER X 176 26.25 -29.32 -6.47
C SER X 176 25.30 -30.49 -6.34
N GLU X 177 25.31 -31.44 -7.30
CA GLU X 177 24.44 -32.60 -7.19
C GLU X 177 24.97 -33.51 -6.12
N GLY X 178 26.29 -33.62 -6.05
CA GLY X 178 26.98 -34.44 -5.10
C GLY X 178 26.67 -33.91 -3.74
N LYS X 179 26.88 -32.61 -3.57
CA LYS X 179 26.61 -31.98 -2.31
C LYS X 179 25.14 -31.97 -2.03
N CYS X 180 24.27 -31.81 -3.03
CA CYS X 180 22.89 -31.78 -2.64
C CYS X 180 22.53 -33.20 -2.21
N ALA X 181 23.16 -34.23 -2.81
CA ALA X 181 22.91 -35.60 -2.41
C ALA X 181 23.48 -35.82 -1.02
N GLU X 182 24.61 -35.20 -0.72
CA GLU X 182 25.18 -35.34 0.61
C GLU X 182 24.22 -34.70 1.59
N LEU X 183 23.64 -33.57 1.20
CA LEU X 183 22.66 -32.89 2.03
C LEU X 183 21.42 -33.72 2.12
N GLU X 184 21.04 -34.45 1.06
CA GLU X 184 19.87 -35.30 1.19
C GLU X 184 20.17 -36.32 2.26
N GLU X 185 21.40 -36.83 2.30
CA GLU X 185 21.74 -37.80 3.32
C GLU X 185 21.85 -37.14 4.68
N GLU X 186 22.39 -35.91 4.75
CA GLU X 186 22.50 -35.20 6.01
C GLU X 186 21.13 -34.83 6.48
N LEU X 187 20.26 -34.48 5.53
CA LEU X 187 18.90 -34.08 5.80
C LEU X 187 18.12 -35.24 6.27
N LYS X 188 18.24 -36.39 5.60
CA LYS X 188 17.54 -37.56 6.05
C LYS X 188 18.06 -37.95 7.41
N THR X 189 19.37 -37.78 7.64
CA THR X 189 19.96 -38.11 8.92
C THR X 189 19.41 -37.21 10.00
N VAL X 190 19.37 -35.89 9.77
CA VAL X 190 18.84 -35.03 10.80
C VAL X 190 17.34 -35.14 10.88
N THR X 191 16.68 -35.49 9.79
CA THR X 191 15.24 -35.69 9.78
C THR X 191 14.95 -36.91 10.59
N ASN X 192 15.74 -37.96 10.42
CA ASN X 192 15.53 -39.16 11.17
C ASN X 192 15.91 -38.95 12.61
N ASN X 193 16.93 -38.12 12.87
CA ASN X 193 17.30 -37.82 14.23
C ASN X 193 16.25 -36.92 14.82
N LEU X 194 15.67 -36.05 14.01
CA LEU X 194 14.61 -35.20 14.47
C LEU X 194 13.42 -36.05 14.79
N LYS X 195 13.08 -36.99 13.92
CA LYS X 195 11.97 -37.88 14.14
C LYS X 195 12.21 -38.70 15.38
N SER X 196 13.46 -39.11 15.59
CA SER X 196 13.81 -39.86 16.79
C SER X 196 13.64 -39.00 18.03
N LEU X 197 14.15 -37.77 17.98
CA LEU X 197 14.07 -36.84 19.10
C LEU X 197 12.67 -36.37 19.29
N GLU X 198 11.92 -36.26 18.21
CA GLU X 198 10.53 -35.86 18.25
C GLU X 198 9.76 -36.99 18.83
N ALA X 199 10.04 -38.20 18.40
CA ALA X 199 9.39 -39.37 18.92
C ALA X 199 9.76 -39.50 20.36
N GLN X 200 10.99 -39.17 20.71
CA GLN X 200 11.48 -39.27 22.06
C GLN X 200 10.85 -38.21 22.91
N ALA X 201 10.83 -36.99 22.41
CA ALA X 201 10.23 -35.87 23.07
C ALA X 201 8.75 -36.12 23.18
N GLU X 202 8.15 -36.75 22.17
CA GLU X 202 6.75 -37.08 22.19
C GLU X 202 6.51 -38.21 23.16
N LYS X 203 7.39 -39.20 23.21
CA LYS X 203 7.20 -40.24 24.18
C LYS X 203 7.29 -39.62 25.55
N TYR X 204 8.17 -38.65 25.72
CA TYR X 204 8.25 -37.98 26.98
C TYR X 204 7.05 -37.12 27.18
N SER X 205 6.53 -36.46 26.15
CA SER X 205 5.37 -35.61 26.33
C SER X 205 4.19 -36.50 26.66
N GLN X 206 4.20 -37.73 26.17
CA GLN X 206 3.17 -38.68 26.47
C GLN X 206 3.35 -39.14 27.88
N LYS X 207 4.61 -39.30 28.34
CA LYS X 207 4.82 -39.67 29.72
C LYS X 207 4.48 -38.53 30.62
N GLU X 208 4.74 -37.32 30.16
CA GLU X 208 4.41 -36.12 30.89
C GLU X 208 2.89 -36.09 31.02
N ASP X 209 2.21 -36.44 29.93
CA ASP X 209 0.76 -36.49 29.99
C ASP X 209 0.33 -37.62 30.87
N ARG X 210 1.02 -38.77 30.84
CA ARG X 210 0.56 -39.84 31.71
C ARG X 210 0.75 -39.40 33.12
N TYR X 211 1.84 -38.70 33.39
CA TYR X 211 2.06 -38.26 34.71
C TYR X 211 1.08 -37.16 34.98
N GLU X 212 0.79 -36.30 34.03
CA GLU X 212 -0.11 -35.21 34.31
C GLU X 212 -1.45 -35.79 34.65
N GLU X 213 -1.85 -36.84 33.97
CA GLU X 213 -3.09 -37.48 34.24
C GLU X 213 -3.01 -38.07 35.63
N GLU X 214 -1.87 -38.68 35.98
CA GLU X 214 -1.63 -39.25 37.28
C GLU X 214 -1.41 -38.18 38.34
N ILE X 215 -0.88 -37.02 37.95
CA ILE X 215 -0.67 -35.89 38.82
C ILE X 215 -2.02 -35.40 39.14
N LYS X 216 -2.88 -35.26 38.16
CA LYS X 216 -4.23 -34.85 38.43
C LYS X 216 -4.91 -35.91 39.26
N VAL X 217 -4.66 -37.18 38.98
CA VAL X 217 -5.28 -38.17 39.82
C VAL X 217 -4.77 -38.12 41.21
N LEU X 218 -3.47 -38.01 41.42
CA LEU X 218 -2.91 -37.95 42.74
C LEU X 218 -3.05 -36.61 43.37
N SER X 219 -3.07 -35.55 42.59
CA SER X 219 -3.27 -34.23 43.14
C SER X 219 -4.67 -34.20 43.63
N ASP X 220 -5.61 -34.74 42.85
CA ASP X 220 -6.97 -34.77 43.30
C ASP X 220 -7.10 -35.80 44.38
N LYS X 221 -6.43 -36.95 44.26
CA LYS X 221 -6.54 -37.95 45.30
C LYS X 221 -6.00 -37.36 46.58
N LEU X 222 -4.96 -36.53 46.47
CA LEU X 222 -4.37 -35.83 47.58
C LEU X 222 -5.30 -34.79 48.10
N LYS X 223 -5.90 -33.98 47.25
CA LYS X 223 -6.84 -32.99 47.73
C LYS X 223 -8.00 -33.67 48.41
N GLU X 224 -8.43 -34.80 47.87
CA GLU X 224 -9.51 -35.59 48.40
C GLU X 224 -9.07 -36.26 49.68
N ALA X 225 -7.85 -36.77 49.71
CA ALA X 225 -7.29 -37.41 50.88
C ALA X 225 -7.00 -36.36 51.89
N GLU X 226 -6.65 -35.18 51.41
CA GLU X 226 -6.40 -34.03 52.25
C GLU X 226 -7.72 -33.56 52.76
N THR X 227 -8.75 -33.62 51.93
CA THR X 227 -10.08 -33.27 52.37
C THR X 227 -10.48 -34.26 53.42
N ARG X 228 -10.16 -35.54 53.20
CA ARG X 228 -10.43 -36.61 54.14
C ARG X 228 -9.57 -36.45 55.38
N ALA X 229 -8.33 -35.99 55.23
CA ALA X 229 -7.44 -35.78 56.34
C ALA X 229 -7.89 -34.60 57.11
N GLU X 230 -8.33 -33.57 56.39
CA GLU X 230 -8.79 -32.34 56.96
C GLU X 230 -10.13 -32.64 57.51
N PHE X 231 -10.90 -33.46 56.81
CA PHE X 231 -12.20 -33.86 57.30
C PHE X 231 -12.01 -34.56 58.55
N ALA X 232 -11.12 -35.52 58.58
CA ALA X 232 -10.88 -36.23 59.76
C ALA X 232 -10.30 -35.29 60.80
N GLU X 233 -9.45 -34.33 60.44
CA GLU X 233 -8.95 -33.41 61.46
C GLU X 233 -10.10 -32.60 62.02
N ARG X 234 -11.03 -32.20 61.16
CA ARG X 234 -12.17 -31.41 61.60
C ARG X 234 -13.18 -32.27 62.36
N SER X 235 -13.38 -33.49 61.86
CA SER X 235 -14.30 -34.42 62.47
C SER X 235 -13.74 -34.76 63.81
N VAL X 236 -12.44 -34.99 63.86
CA VAL X 236 -11.75 -35.24 65.09
C VAL X 236 -11.90 -34.00 65.91
N THR X 237 -11.73 -32.80 65.36
CA THR X 237 -11.90 -31.58 66.12
C THR X 237 -13.30 -31.47 66.68
N LYS X 238 -14.30 -31.78 65.87
CA LYS X 238 -15.69 -31.75 66.32
C LYS X 238 -15.87 -32.76 67.41
N LEU X 239 -15.22 -33.92 67.27
CA LEU X 239 -15.31 -34.95 68.25
C LEU X 239 -14.36 -34.74 69.43
N GLU X 240 -13.37 -33.88 69.23
CA GLU X 240 -12.45 -33.52 70.30
C GLU X 240 -13.31 -32.64 71.19
N LYS X 241 -14.14 -31.82 70.54
CA LYS X 241 -15.05 -30.97 71.24
C LYS X 241 -16.16 -31.82 71.85
N SER X 242 -16.74 -32.75 71.09
CA SER X 242 -17.81 -33.56 71.61
C SER X 242 -17.30 -34.59 72.58
N ILE X 243 -16.04 -35.01 72.50
CA ILE X 243 -15.58 -35.94 73.49
C ILE X 243 -15.42 -35.16 74.72
N ASP X 244 -14.89 -33.93 74.65
CA ASP X 244 -14.71 -33.15 75.83
C ASP X 244 -16.06 -32.74 76.35
N ASP X 245 -17.04 -32.53 75.48
CA ASP X 245 -18.35 -32.19 75.99
C ASP X 245 -18.90 -33.40 76.65
N LEU X 246 -18.70 -34.59 76.12
CA LEU X 246 -19.19 -35.76 76.81
C LEU X 246 -18.38 -36.03 78.04
N GLU X 247 -17.10 -35.68 78.03
CA GLU X 247 -16.24 -35.91 79.18
C GLU X 247 -16.65 -34.97 80.32
N ASP X 248 -17.12 -33.79 79.93
CA ASP X 248 -17.57 -32.77 80.86
C ASP X 248 -19.01 -32.95 81.23
N GLU X 249 -19.83 -33.45 80.32
CA GLU X 249 -21.23 -33.71 80.57
C GLU X 249 -21.35 -34.98 81.35
N LEU X 250 -20.54 -35.99 81.06
CA LEU X 250 -20.64 -37.20 81.83
C LEU X 250 -20.13 -36.86 83.20
N TYR X 251 -19.04 -36.12 83.26
CA TYR X 251 -18.47 -35.65 84.49
C TYR X 251 -19.48 -34.86 85.28
N ALA X 252 -20.07 -33.85 84.66
CA ALA X 252 -21.03 -33.00 85.33
C ALA X 252 -22.24 -33.77 85.74
N GLN X 253 -22.69 -34.70 84.91
CA GLN X 253 -23.87 -35.42 85.29
C GLN X 253 -23.52 -36.31 86.44
N LYS X 254 -22.39 -36.97 86.44
CA LYS X 254 -22.05 -37.81 87.59
C LYS X 254 -21.80 -37.01 88.84
N LEU X 255 -21.09 -35.92 88.65
CA LEU X 255 -20.70 -35.02 89.70
C LEU X 255 -21.89 -34.39 90.32
N LYS X 256 -22.92 -34.13 89.54
CA LYS X 256 -24.12 -33.59 90.13
C LYS X 256 -25.12 -34.69 90.39
N TYR X 257 -25.10 -35.76 89.63
CA TYR X 257 -26.14 -36.75 89.83
C TYR X 257 -25.87 -37.76 90.88
N LYS X 258 -24.68 -38.33 90.93
CA LYS X 258 -24.52 -39.26 92.02
C LYS X 258 -24.23 -38.35 93.21
N ALA X 259 -23.52 -37.26 92.99
CA ALA X 259 -23.29 -36.46 94.18
C ALA X 259 -24.59 -35.94 94.77
N ILE X 260 -25.60 -35.58 93.96
CA ILE X 260 -26.84 -35.12 94.55
C ILE X 260 -27.73 -36.25 94.95
N SER X 261 -27.95 -37.24 94.09
CA SER X 261 -28.89 -38.27 94.45
C SER X 261 -28.37 -39.23 95.48
N GLU X 262 -27.06 -39.42 95.51
CA GLU X 262 -26.43 -40.28 96.51
C GLU X 262 -26.49 -39.50 97.82
N GLU X 263 -26.39 -38.18 97.69
CA GLU X 263 -26.48 -37.29 98.83
C GLU X 263 -27.92 -37.36 99.30
N LEU X 264 -28.85 -37.42 98.36
CA LEU X 264 -30.25 -37.54 98.72
C LEU X 264 -30.45 -38.87 99.47
N ASP X 265 -29.74 -39.94 99.07
CA ASP X 265 -29.80 -41.20 99.83
C ASP X 265 -29.10 -41.04 101.18
N HIS X 266 -28.07 -40.20 101.26
CA HIS X 266 -27.47 -39.93 102.56
C HIS X 266 -28.53 -39.22 103.33
N ALA X 267 -29.17 -38.25 102.71
CA ALA X 267 -30.20 -37.56 103.39
C ALA X 267 -31.23 -38.61 103.76
N LEU X 268 -31.54 -39.65 102.94
CA LEU X 268 -32.48 -40.70 103.35
C LEU X 268 -32.06 -41.23 104.70
N ASN X 269 -30.77 -41.47 104.89
CA ASN X 269 -30.30 -41.99 106.17
C ASN X 269 -30.84 -41.12 107.30
N ASP X 270 -30.88 -39.80 107.08
CA ASP X 270 -31.41 -38.89 108.08
C ASP X 270 -32.90 -38.59 107.84
N MET X 271 -33.35 -38.54 106.59
CA MET X 271 -34.69 -38.12 106.25
C MET X 271 -35.70 -39.02 106.79
N THR X 272 -35.37 -40.30 106.80
CA THR X 272 -36.20 -41.40 107.21
C THR X 272 -35.91 -41.81 108.64
N SER X 273 -35.11 -41.02 109.32
CA SER X 273 -34.88 -41.28 110.71
C SER X 273 -36.12 -40.68 111.35
N ILE X 274 -36.30 -40.87 112.65
CA ILE X 274 -37.38 -40.32 113.46
C ILE X 274 -38.54 -41.28 113.40
N ALA Y 1 -33.10 -44.38 96.50
CA ALA Y 1 -33.47 -45.36 97.50
C ALA Y 1 -34.81 -45.05 98.12
N SER Y 2 -35.71 -45.99 98.06
CA SER Y 2 -37.02 -45.79 98.64
C SER Y 2 -36.92 -45.62 100.13
N MET Y 3 -37.77 -44.77 100.66
CA MET Y 3 -37.88 -44.50 102.08
C MET Y 3 -38.67 -45.60 102.78
N ASP Y 4 -38.15 -46.80 102.65
CA ASP Y 4 -38.71 -48.00 103.18
C ASP Y 4 -38.41 -48.04 104.65
N ALA Y 5 -37.35 -47.35 105.07
CA ALA Y 5 -37.03 -47.33 106.46
C ALA Y 5 -38.21 -46.73 107.23
N ILE Y 6 -38.90 -45.78 106.63
CA ILE Y 6 -40.03 -45.20 107.31
C ILE Y 6 -41.34 -45.76 106.92
N LYS Y 7 -41.41 -46.49 105.84
CA LYS Y 7 -42.64 -47.20 105.66
C LYS Y 7 -42.73 -48.15 106.86
N LYS Y 8 -41.56 -48.69 107.25
CA LYS Y 8 -41.46 -49.59 108.38
C LYS Y 8 -41.54 -48.85 109.72
N LYS Y 9 -40.92 -47.68 109.85
CA LYS Y 9 -41.04 -46.93 111.10
C LYS Y 9 -42.46 -46.48 111.29
N MET Y 10 -43.09 -46.06 110.19
CA MET Y 10 -44.46 -45.64 110.18
C MET Y 10 -45.30 -46.73 110.70
N GLN Y 11 -45.09 -47.96 110.22
CA GLN Y 11 -45.92 -49.01 110.72
C GLN Y 11 -45.66 -49.23 112.19
N MET Y 12 -44.43 -49.11 112.63
CA MET Y 12 -44.20 -49.33 114.05
C MET Y 12 -44.90 -48.28 114.90
N LEU Y 13 -44.82 -47.03 114.47
CA LEU Y 13 -45.46 -45.98 115.24
C LEU Y 13 -46.94 -46.05 115.10
N LYS Y 14 -47.41 -46.51 113.95
CA LYS Y 14 -48.81 -46.68 113.70
C LYS Y 14 -49.32 -47.71 114.68
N LEU Y 15 -48.57 -48.80 114.86
CA LEU Y 15 -48.98 -49.81 115.82
C LEU Y 15 -48.90 -49.26 117.22
N ASP Y 16 -47.90 -48.46 117.53
CA ASP Y 16 -47.80 -47.94 118.88
C ASP Y 16 -48.97 -47.02 119.16
N LYS Y 17 -49.36 -46.18 118.19
CA LYS Y 17 -50.48 -45.31 118.45
C LYS Y 17 -51.76 -46.03 118.33
N GLU Y 18 -51.84 -47.04 117.48
CA GLU Y 18 -53.09 -47.71 117.32
C GLU Y 18 -53.38 -48.43 118.59
N ASN Y 19 -52.34 -48.96 119.24
CA ASN Y 19 -52.52 -49.65 120.47
C ASN Y 19 -52.86 -48.67 121.59
N ALA Y 20 -52.20 -47.50 121.62
CA ALA Y 20 -52.51 -46.49 122.61
C ALA Y 20 -53.91 -45.95 122.41
N LEU Y 21 -54.31 -45.86 121.15
CA LEU Y 21 -55.60 -45.38 120.72
C LEU Y 21 -56.65 -46.39 121.03
N ASP Y 22 -56.35 -47.66 120.81
CA ASP Y 22 -57.27 -48.71 121.13
C ASP Y 22 -57.53 -48.54 122.62
N ARG Y 23 -56.46 -48.35 123.40
CA ARG Y 23 -56.64 -48.12 124.80
C ARG Y 23 -57.37 -46.80 125.08
N ALA Y 24 -57.13 -45.72 124.34
CA ALA Y 24 -57.84 -44.49 124.62
C ALA Y 24 -59.33 -44.68 124.44
N GLU Y 25 -59.68 -45.41 123.40
CA GLU Y 25 -61.05 -45.68 123.09
C GLU Y 25 -61.66 -46.62 124.09
N GLN Y 26 -60.93 -47.63 124.53
CA GLN Y 26 -61.44 -48.56 125.51
C GLN Y 26 -61.56 -47.88 126.85
N ALA Y 27 -60.55 -47.10 127.20
CA ALA Y 27 -60.55 -46.44 128.46
C ALA Y 27 -61.75 -45.54 128.59
N GLU Y 28 -62.13 -44.87 127.50
CA GLU Y 28 -63.33 -44.07 127.55
C GLU Y 28 -64.57 -44.97 127.46
N ALA Y 29 -64.54 -46.01 126.63
CA ALA Y 29 -65.67 -46.92 126.43
C ALA Y 29 -66.06 -47.67 127.68
N ASP Y 30 -65.08 -47.97 128.53
CA ASP Y 30 -65.27 -48.70 129.77
C ASP Y 30 -66.17 -47.99 130.77
N LYS Y 31 -66.21 -46.66 130.70
CA LYS Y 31 -67.00 -45.82 131.59
C LYS Y 31 -66.72 -46.09 133.07
N ALA Z 1 -29.14 -34.33 108.02
CA ALA Z 1 -30.20 -33.53 107.41
C ALA Z 1 -31.49 -34.32 107.20
N SER Z 2 -32.39 -34.28 108.19
CA SER Z 2 -33.65 -35.00 108.08
C SER Z 2 -34.69 -34.24 107.26
N MET Z 3 -35.81 -34.91 106.94
CA MET Z 3 -36.88 -34.27 106.18
C MET Z 3 -37.83 -33.70 107.18
N ASP Z 4 -38.33 -32.51 106.93
CA ASP Z 4 -39.26 -31.93 107.89
C ASP Z 4 -40.56 -32.68 107.90
N ALA Z 5 -41.02 -33.12 106.75
CA ALA Z 5 -42.28 -33.82 106.71
C ALA Z 5 -42.20 -35.12 107.46
N ILE Z 6 -41.10 -35.82 107.31
CA ILE Z 6 -40.97 -37.09 107.99
C ILE Z 6 -40.75 -36.85 109.45
N LYS Z 7 -39.82 -35.99 109.79
CA LYS Z 7 -39.58 -35.76 111.19
C LYS Z 7 -40.83 -35.34 111.92
N LYS Z 8 -41.56 -34.40 111.34
CA LYS Z 8 -42.75 -33.92 111.98
C LYS Z 8 -43.87 -34.90 112.00
N LYS Z 9 -44.09 -35.61 110.90
CA LYS Z 9 -45.25 -36.46 110.88
C LYS Z 9 -44.94 -37.76 111.63
N MET Z 10 -43.67 -38.15 111.70
CA MET Z 10 -43.33 -39.25 112.57
C MET Z 10 -43.65 -38.83 113.97
N GLN Z 11 -43.30 -37.58 114.32
CA GLN Z 11 -43.64 -37.12 115.65
C GLN Z 11 -45.15 -37.06 115.77
N MET Z 12 -45.88 -36.71 114.72
CA MET Z 12 -47.32 -36.71 114.87
C MET Z 12 -47.86 -38.09 115.14
N LEU Z 13 -47.23 -39.14 114.62
CA LEU Z 13 -47.74 -40.48 114.85
C LEU Z 13 -47.32 -40.88 116.26
N LYS Z 14 -46.14 -40.41 116.68
CA LYS Z 14 -45.69 -40.64 118.04
C LYS Z 14 -46.66 -39.93 118.95
N LEU Z 15 -47.13 -38.74 118.56
CA LEU Z 15 -48.09 -37.97 119.31
C LEU Z 15 -49.42 -38.63 119.30
N ASP Z 16 -49.83 -39.26 118.21
CA ASP Z 16 -51.09 -39.94 118.35
C ASP Z 16 -50.91 -40.96 119.45
N LYS Z 17 -49.74 -41.63 119.52
CA LYS Z 17 -49.51 -42.55 120.62
C LYS Z 17 -49.45 -41.87 121.97
N GLU Z 18 -48.69 -40.79 122.08
CA GLU Z 18 -48.50 -40.13 123.37
C GLU Z 18 -49.80 -39.53 123.87
N ASN Z 19 -50.57 -38.95 122.96
CA ASN Z 19 -51.81 -38.31 123.30
C ASN Z 19 -52.85 -39.34 123.57
N ALA Z 20 -52.89 -40.39 122.74
CA ALA Z 20 -53.86 -41.44 122.95
C ALA Z 20 -53.55 -42.14 124.21
N LEU Z 21 -52.27 -42.28 124.52
CA LEU Z 21 -51.91 -42.94 125.72
C LEU Z 21 -52.29 -42.07 126.89
N ASP Z 22 -52.04 -40.76 126.83
CA ASP Z 22 -52.45 -39.93 127.94
C ASP Z 22 -53.96 -39.99 128.11
N ARG Z 23 -54.69 -40.05 126.99
CA ARG Z 23 -56.14 -40.15 127.10
C ARG Z 23 -56.52 -41.47 127.70
N ALA Z 24 -55.84 -42.54 127.31
CA ALA Z 24 -56.15 -43.84 127.84
C ALA Z 24 -55.89 -43.91 129.30
N GLU Z 25 -54.79 -43.33 129.72
CA GLU Z 25 -54.44 -43.40 131.11
C GLU Z 25 -55.36 -42.55 131.94
N GLN Z 26 -55.69 -41.35 131.49
CA GLN Z 26 -56.59 -40.56 132.31
C GLN Z 26 -57.98 -41.12 132.28
N ALA Z 27 -58.42 -41.56 131.11
CA ALA Z 27 -59.76 -42.05 131.02
C ALA Z 27 -59.90 -43.28 131.85
N GLU Z 28 -58.93 -44.19 131.79
CA GLU Z 28 -58.94 -45.44 132.51
C GLU Z 28 -58.83 -45.18 134.01
N ALA Z 29 -58.06 -44.17 134.38
CA ALA Z 29 -57.93 -43.82 135.78
C ALA Z 29 -59.29 -43.47 136.36
N ASP Z 30 -60.14 -42.83 135.55
CA ASP Z 30 -61.47 -42.46 135.99
C ASP Z 30 -62.52 -43.55 135.66
N LYS Z 31 -62.26 -44.30 134.60
CA LYS Z 31 -63.12 -45.32 134.03
C LYS Z 31 -62.47 -46.71 134.01
N LEU AA 1 -38.10 -53.27 114.18
CA LEU AA 1 -37.89 -53.18 112.74
C LEU AA 1 -36.40 -53.06 112.43
N ASN AA 2 -35.66 -54.15 112.54
CA ASN AA 2 -34.24 -54.11 112.27
C ASN AA 2 -34.01 -53.83 110.82
N GLU AA 3 -34.99 -54.16 110.01
CA GLU AA 3 -34.96 -53.90 108.60
C GLU AA 3 -35.02 -52.42 108.32
N LEU AA 4 -35.64 -51.59 109.18
CA LEU AA 4 -35.64 -50.21 108.73
C LEU AA 4 -34.26 -49.72 108.94
N GLN AA 5 -33.62 -50.23 109.99
CA GLN AA 5 -32.26 -49.80 110.27
C GLN AA 5 -31.32 -50.37 109.23
N ALA AA 6 -31.54 -51.60 108.81
CA ALA AA 6 -30.68 -52.17 107.81
C ALA AA 6 -30.80 -51.39 106.52
N LEU AA 7 -32.01 -50.97 106.17
CA LEU AA 7 -32.24 -50.23 104.95
C LEU AA 7 -31.82 -48.79 105.04
N ILE AA 8 -32.00 -48.15 106.18
CA ILE AA 8 -31.69 -46.74 106.23
C ILE AA 8 -30.17 -46.60 106.04
N GLU AA 9 -29.40 -47.54 106.62
CA GLU AA 9 -27.96 -47.52 106.48
C GLU AA 9 -27.52 -48.16 105.18
N ALA AA 10 -28.16 -49.25 104.75
CA ALA AA 10 -27.70 -49.88 103.53
C ALA AA 10 -27.90 -48.96 102.36
N HIS AA 11 -29.00 -48.22 102.35
CA HIS AA 11 -29.24 -47.33 101.24
C HIS AA 11 -28.14 -46.30 101.24
N PHE AA 12 -28.00 -45.59 102.34
CA PHE AA 12 -26.94 -44.61 102.38
C PHE AA 12 -25.52 -45.09 102.27
N GLU AA 13 -25.10 -46.01 103.10
CA GLU AA 13 -23.69 -46.37 103.06
C GLU AA 13 -23.30 -47.10 101.82
N ASN AA 14 -24.15 -47.99 101.29
CA ASN AA 14 -23.67 -48.73 100.15
C ASN AA 14 -23.61 -47.81 98.96
N ARG AA 15 -24.61 -46.94 98.84
CA ARG AA 15 -24.61 -46.06 97.72
C ARG AA 15 -23.67 -44.90 97.82
N LYS AA 16 -23.57 -44.26 98.96
CA LYS AA 16 -22.68 -43.12 98.94
C LYS AA 16 -21.28 -43.59 98.65
N LYS AA 17 -20.87 -44.71 99.26
CA LYS AA 17 -19.53 -45.14 99.00
C LYS AA 17 -19.35 -45.56 97.54
N GLU AA 18 -20.17 -46.51 97.06
CA GLU AA 18 -19.94 -47.00 95.70
C GLU AA 18 -20.09 -45.94 94.65
N GLU AA 19 -21.16 -45.15 94.82
CA GLU AA 19 -21.52 -44.10 93.87
C GLU AA 19 -20.56 -42.92 93.82
N GLU AA 20 -20.09 -42.46 94.97
CA GLU AA 20 -19.21 -41.31 94.94
C GLU AA 20 -17.89 -41.79 94.37
N GLU AA 21 -17.52 -43.05 94.67
CA GLU AA 21 -16.30 -43.57 94.09
C GLU AA 21 -16.46 -43.62 92.58
N LEU AA 22 -17.62 -44.06 92.06
CA LEU AA 22 -17.71 -44.07 90.61
C LEU AA 22 -17.61 -42.67 90.06
N VAL AA 23 -18.12 -41.67 90.80
CA VAL AA 23 -18.02 -40.34 90.27
C VAL AA 23 -16.57 -40.00 90.09
N SER AA 24 -15.74 -40.15 91.14
CA SER AA 24 -14.36 -39.71 90.97
C SER AA 24 -13.50 -40.65 90.13
N LEU AA 25 -13.83 -41.93 90.09
CA LEU AA 25 -13.03 -42.85 89.30
C LEU AA 25 -13.21 -42.54 87.83
N LYS AA 26 -14.45 -42.29 87.45
CA LYS AA 26 -14.75 -42.01 86.08
C LYS AA 26 -14.30 -40.60 85.78
N ASP AA 27 -14.31 -39.68 86.75
CA ASP AA 27 -13.87 -38.34 86.48
C ASP AA 27 -12.43 -38.37 85.98
N ARG AA 28 -11.63 -39.27 86.54
CA ARG AA 28 -10.25 -39.41 86.11
C ARG AA 28 -10.17 -40.06 84.74
N ILE AA 29 -11.04 -41.03 84.47
CA ILE AA 29 -11.03 -41.68 83.15
C ILE AA 29 -11.37 -40.63 82.10
N GLU AA 30 -12.39 -39.84 82.41
CA GLU AA 30 -12.88 -38.78 81.56
C GLU AA 30 -11.78 -37.74 81.37
N ARG AA 31 -11.09 -37.38 82.46
CA ARG AA 31 -10.03 -36.41 82.27
C ARG AA 31 -8.96 -36.96 81.34
N ARG AA 32 -8.65 -38.26 81.44
CA ARG AA 32 -7.67 -38.87 80.56
C ARG AA 32 -8.16 -38.90 79.12
N ARG AA 33 -9.45 -39.14 78.92
CA ARG AA 33 -10.02 -39.11 77.57
C ARG AA 33 -9.99 -37.67 77.03
N ALA AA 34 -10.20 -36.69 77.91
CA ALA AA 34 -10.10 -35.28 77.56
C ALA AA 34 -8.65 -34.98 77.19
N GLU AA 35 -7.70 -35.67 77.85
CA GLU AA 35 -6.31 -35.46 77.49
C GLU AA 35 -6.11 -36.05 76.12
N ARG AA 36 -6.74 -37.19 75.82
CA ARG AA 36 -6.64 -37.75 74.48
C ARG AA 36 -7.14 -36.72 73.49
N ALA AA 37 -8.24 -36.02 73.80
CA ALA AA 37 -8.73 -35.00 72.89
C ALA AA 37 -7.67 -33.94 72.68
N GLU AA 38 -6.97 -33.56 73.76
CA GLU AA 38 -5.91 -32.56 73.64
C GLU AA 38 -4.77 -33.12 72.80
N GLN AA 39 -4.48 -34.39 72.96
CA GLN AA 39 -3.41 -35.01 72.22
C GLN AA 39 -3.78 -35.12 70.76
N GLN AA 40 -5.07 -35.26 70.44
CA GLN AA 40 -5.48 -35.26 69.06
C GLN AA 40 -5.32 -33.86 68.51
N ARG AA 41 -5.64 -32.85 69.31
CA ARG AA 41 -5.45 -31.47 68.89
C ARG AA 41 -3.97 -31.23 68.58
N ILE AA 42 -3.11 -31.77 69.44
CA ILE AA 42 -1.68 -31.67 69.29
C ILE AA 42 -1.24 -32.42 68.05
N ARG AA 43 -1.81 -33.60 67.83
CA ARG AA 43 -1.47 -34.40 66.66
C ARG AA 43 -1.85 -33.68 65.37
N ASN AA 44 -2.99 -33.01 65.38
CA ASN AA 44 -3.45 -32.28 64.21
C ASN AA 44 -2.54 -31.09 63.95
N GLU AA 45 -2.12 -30.40 65.03
CA GLU AA 45 -1.23 -29.26 64.89
C GLU AA 45 0.13 -29.71 64.39
N ARG AA 46 0.63 -30.82 64.90
CA ARG AA 46 1.92 -31.31 64.49
C ARG AA 46 1.92 -31.75 63.05
N GLU AA 47 0.83 -32.40 62.59
CA GLU AA 47 0.78 -32.81 61.21
C GLU AA 47 0.80 -31.59 60.31
N LYS AA 48 0.07 -30.55 60.70
CA LYS AA 48 0.06 -29.34 59.90
C LYS AA 48 1.43 -28.67 59.92
N GLU AA 49 2.08 -28.64 61.07
CA GLU AA 49 3.39 -27.99 61.13
C GLU AA 49 4.40 -28.72 60.27
N ARG AA 50 4.38 -30.06 60.27
CA ARG AA 50 5.32 -30.83 59.47
C ARG AA 50 5.14 -30.60 57.98
N GLN AA 51 3.90 -30.38 57.56
CA GLN AA 51 3.59 -30.19 56.16
C GLN AA 51 3.65 -28.72 55.70
N ASN AA 52 4.01 -27.79 56.59
CA ASN AA 52 4.09 -26.35 56.33
C ASN AA 52 2.75 -25.70 56.01
N GLY AA 101 -3.11 0.01 41.01
CA GLY AA 101 -1.67 -0.12 41.17
C GLY AA 101 -0.95 1.22 41.23
N LYS AA 102 -1.15 2.08 40.22
CA LYS AA 102 -0.41 3.32 40.19
C LYS AA 102 -0.86 4.38 41.18
N ARG AA 103 -2.15 4.46 41.50
CA ARG AA 103 -2.54 5.50 42.45
C ARG AA 103 -2.05 5.15 43.83
N GLN AA 104 -2.06 3.86 44.13
CA GLN AA 104 -1.60 3.42 45.43
C GLN AA 104 -0.12 3.69 45.49
N THR AA 105 0.56 3.50 44.35
CA THR AA 105 1.98 3.77 44.28
C THR AA 105 2.23 5.24 44.55
N GLU AA 106 1.44 6.15 43.97
CA GLU AA 106 1.65 7.59 44.18
C GLU AA 106 1.49 8.00 45.64
N ARG AA 107 0.52 7.41 46.34
CA ARG AA 107 0.34 7.76 47.74
C ARG AA 107 1.46 7.19 48.59
N GLU AA 108 1.86 5.95 48.27
CA GLU AA 108 2.93 5.32 48.98
C GLU AA 108 4.20 6.05 48.72
N LYS AA 109 4.36 6.52 47.47
CA LYS AA 109 5.52 7.22 47.00
C LYS AA 109 5.70 8.56 47.68
N LYS AA 110 4.66 9.38 47.85
CA LYS AA 110 5.03 10.62 48.54
C LYS AA 110 5.53 10.28 49.93
N LYS AA 111 4.94 9.25 50.57
CA LYS AA 111 5.40 8.93 51.91
C LYS AA 111 6.76 8.27 51.87
N LYS AA 112 7.03 7.46 50.84
CA LYS AA 112 8.30 6.78 50.66
C LYS AA 112 9.39 7.79 50.48
N ILE AA 113 9.13 8.83 49.69
CA ILE AA 113 10.09 9.89 49.45
C ILE AA 113 10.39 10.61 50.72
N LEU AA 114 9.36 10.94 51.47
CA LEU AA 114 9.58 11.64 52.69
C LEU AA 114 10.34 10.75 53.67
N ALA AA 115 10.06 9.44 53.67
CA ALA AA 115 10.81 8.52 54.52
C ALA AA 115 12.27 8.45 54.05
N GLU AA 116 12.52 8.46 52.74
CA GLU AA 116 13.88 8.41 52.20
C GLU AA 116 14.69 9.64 52.59
N ARG AA 117 14.00 10.77 52.69
CA ARG AA 117 14.61 12.03 53.06
C ARG AA 117 14.81 12.15 54.58
N ARG AA 118 14.33 11.17 55.33
CA ARG AA 118 14.46 11.14 56.77
C ARG AA 118 15.79 10.51 57.07
N LYS AA 119 16.62 11.21 57.81
CA LYS AA 119 17.93 10.68 58.08
C LYS AA 119 17.91 9.99 59.42
N VAL AA 120 18.93 9.19 59.71
CA VAL AA 120 18.97 8.57 61.01
C VAL AA 120 19.89 9.33 61.94
N LEU AA 121 19.31 9.74 63.04
CA LEU AA 121 19.99 10.48 64.08
C LEU AA 121 20.36 9.57 65.22
N ALA AA 122 21.53 9.80 65.79
CA ALA AA 122 21.93 9.14 67.00
C ALA AA 122 22.60 10.17 67.86
N ILE AA 123 22.32 10.12 69.14
CA ILE AA 123 22.81 11.05 70.12
C ILE AA 123 23.59 10.49 71.32
N ASP AA 124 23.91 9.20 71.30
CA ASP AA 124 24.57 8.56 72.43
C ASP AA 124 26.09 8.59 72.41
N HIS AA 125 26.69 8.61 71.22
CA HIS AA 125 28.14 8.59 71.07
C HIS AA 125 28.69 10.02 71.12
N LEU AA 126 27.79 10.99 71.10
CA LEU AA 126 28.15 12.40 71.11
C LEU AA 126 28.15 12.93 72.53
N ASN AA 127 29.07 13.84 72.84
CA ASN AA 127 29.11 14.50 74.14
C ASN AA 127 28.27 15.77 74.09
N GLU AA 128 28.23 16.55 75.19
CA GLU AA 128 27.38 17.73 75.21
C GLU AA 128 27.76 18.77 74.15
N ASP AA 129 29.05 18.95 73.90
CA ASP AA 129 29.46 19.96 72.94
C ASP AA 129 29.07 19.56 71.52
N GLN AA 130 29.23 18.28 71.22
CA GLN AA 130 28.87 17.74 69.92
C GLN AA 130 27.36 17.79 69.72
N LEU AA 131 26.59 17.57 70.79
CA LEU AA 131 25.13 17.64 70.69
C LEU AA 131 24.69 19.08 70.40
N ARG AA 132 25.35 20.09 70.99
CA ARG AA 132 24.98 21.47 70.68
C ARG AA 132 25.22 21.74 69.20
N GLU AA 133 26.35 21.24 68.66
CA GLU AA 133 26.63 21.42 67.24
C GLU AA 133 25.63 20.65 66.40
N LYS AA 134 25.23 19.45 66.85
CA LYS AA 134 24.28 18.67 66.09
C LYS AA 134 22.95 19.42 66.03
N ALA AA 135 22.55 20.05 67.15
CA ALA AA 135 21.32 20.81 67.17
C ALA AA 135 21.39 21.99 66.21
N LYS AA 136 22.54 22.67 66.13
CA LYS AA 136 22.71 23.80 65.21
C LYS AA 136 22.61 23.30 63.78
N GLU AA 137 23.18 22.12 63.50
CA GLU AA 137 23.11 21.58 62.15
C GLU AA 137 21.67 21.26 61.73
N LEU AA 138 20.89 20.69 62.64
CA LEU AA 138 19.49 20.37 62.34
C LEU AA 138 18.69 21.64 62.16
N TRP AA 139 18.98 22.66 62.96
CA TRP AA 139 18.32 23.94 62.86
C TRP AA 139 18.59 24.51 61.47
N GLN AA 140 19.85 24.45 61.02
CA GLN AA 140 20.17 25.00 59.71
C GLN AA 140 19.43 24.24 58.62
N SER AA 141 19.27 22.91 58.77
CA SER AA 141 18.53 22.13 57.78
C SER AA 141 17.08 22.61 57.72
N ILE AA 142 16.46 22.85 58.89
CA ILE AA 142 15.09 23.34 58.95
C ILE AA 142 15.03 24.70 58.25
N TYR AA 143 15.99 25.57 58.55
CA TYR AA 143 16.05 26.90 57.97
C TYR AA 143 16.11 26.82 56.44
N ASN AA 144 16.98 25.95 55.92
CA ASN AA 144 17.13 25.81 54.47
C ASN AA 144 15.85 25.26 53.86
N LEU AA 145 15.19 24.31 54.54
CA LEU AA 145 13.95 23.76 54.00
C LEU AA 145 12.86 24.82 53.99
N GLU AA 146 12.81 25.66 55.04
CA GLU AA 146 11.81 26.72 55.10
C GLU AA 146 12.09 27.76 54.00
N ALA AA 147 13.38 28.04 53.74
CA ALA AA 147 13.76 28.97 52.69
C ALA AA 147 13.32 28.44 51.31
N GLU AA 148 13.48 27.12 51.08
CA GLU AA 148 13.06 26.52 49.81
C GLU AA 148 11.54 26.56 49.71
N LYS AA 149 10.85 26.32 50.84
CA LYS AA 149 9.41 26.35 50.83
C LYS AA 149 8.94 27.76 50.45
N PHE AA 150 9.60 28.79 51.01
CA PHE AA 150 9.26 30.17 50.70
C PHE AA 150 9.40 30.42 49.21
N ASP AA 151 10.52 29.99 48.61
CA ASP AA 151 10.76 30.23 47.19
C ASP AA 151 9.67 29.56 46.35
N LEU AA 152 9.24 28.35 46.74
CA LEU AA 152 8.18 27.67 46.00
C LEU AA 152 6.85 28.39 46.12
N GLN AA 153 6.56 28.96 47.30
CA GLN AA 153 5.31 29.68 47.50
C GLN AA 153 5.30 30.92 46.59
N GLU AA 154 6.45 31.59 46.47
CA GLU AA 154 6.55 32.77 45.61
C GLU AA 154 6.39 32.36 44.14
N LYS AA 155 6.95 31.20 43.77
CA LYS AA 155 6.84 30.70 42.41
C LYS AA 155 5.40 30.36 42.10
N PHE AA 156 4.72 29.74 43.06
CA PHE AA 156 3.34 29.33 42.87
C PHE AA 156 2.49 30.57 42.54
N LYS AA 157 2.68 31.67 43.28
CA LYS AA 157 1.94 32.91 42.99
C LYS AA 157 2.22 33.47 41.61
N GLN AA 158 3.49 33.46 41.17
CA GLN AA 158 3.78 33.96 39.83
C GLN AA 158 3.14 33.02 38.82
N GLN AA 159 3.12 31.71 39.11
CA GLN AA 159 2.51 30.76 38.18
C GLN AA 159 1.01 31.02 38.05
N LYS AA 160 0.31 31.30 39.15
CA LYS AA 160 -1.13 31.58 39.02
C LYS AA 160 -1.35 32.77 38.13
N TYR AA 161 -0.53 33.82 38.28
CA TYR AA 161 -0.62 34.98 37.42
C TYR AA 161 -0.42 34.56 35.97
N GLU AA 162 0.63 33.78 35.70
CA GLU AA 162 0.93 33.40 34.33
C GLU AA 162 -0.17 32.57 33.71
N ILE AA 163 -0.77 31.68 34.49
CA ILE AA 163 -1.85 30.83 34.05
C ILE AA 163 -3.05 31.71 33.72
N ASN AA 164 -3.37 32.70 34.56
CA ASN AA 164 -4.51 33.56 34.30
C ASN AA 164 -4.33 34.33 32.98
N VAL AA 165 -3.10 34.80 32.71
CA VAL AA 165 -2.80 35.52 31.46
C VAL AA 165 -2.97 34.57 30.28
N LEU AA 166 -2.45 33.35 30.38
CA LEU AA 166 -2.55 32.38 29.30
C LEU AA 166 -4.02 32.06 29.03
N ARG AA 167 -4.83 31.92 30.07
CA ARG AA 167 -6.25 31.62 29.87
C ARG AA 167 -6.94 32.78 29.16
N ASN AA 168 -6.58 34.02 29.53
CA ASN AA 168 -7.18 35.19 28.90
C ASN AA 168 -6.77 35.25 27.42
N ARG AA 169 -5.49 34.96 27.11
CA ARG AA 169 -4.99 35.00 25.73
C ARG AA 169 -5.71 33.95 24.90
N ILE AA 170 -5.94 32.77 25.46
CA ILE AA 170 -6.64 31.71 24.76
C ILE AA 170 -8.08 32.14 24.50
N ASN AA 171 -8.75 32.69 25.51
CA ASN AA 171 -10.15 33.08 25.35
C ASN AA 171 -10.31 34.23 24.34
N ASP AA 172 -9.35 35.15 24.28
CA ASP AA 172 -9.39 36.27 23.35
C ASP AA 172 -9.06 35.84 21.92
N ASN AA 173 -8.24 34.78 21.75
CA ASN AA 173 -7.82 34.32 20.42
C ASN AA 173 -8.61 33.14 19.87
N GLN AA 174 -9.71 32.80 20.52
CA GLN AA 174 -10.54 31.69 20.09
C GLN AA 174 -11.88 32.18 19.53
N ILE BA 1 2.08 62.51 17.56
CA ILE BA 1 3.43 62.44 18.04
C ILE BA 1 4.23 61.65 17.02
N SER BA 2 5.49 61.98 16.87
CA SER BA 2 6.35 61.25 15.96
C SER BA 2 6.65 59.87 16.48
N ALA BA 3 6.87 58.95 15.56
CA ALA BA 3 7.29 57.59 15.85
C ALA BA 3 8.60 57.62 16.62
N SER BA 4 9.40 58.67 16.38
CA SER BA 4 10.65 58.83 17.07
C SER BA 4 10.44 59.15 18.54
N ARG BA 5 9.33 59.81 18.85
CA ARG BA 5 9.01 60.17 20.19
C ARG BA 5 8.47 58.92 20.87
N LYS BA 6 7.67 58.14 20.13
CA LYS BA 6 7.11 56.89 20.67
C LYS BA 6 8.19 55.92 21.01
N LEU BA 7 9.22 55.85 20.18
CA LEU BA 7 10.27 54.95 20.52
C LEU BA 7 10.89 55.43 21.82
N GLN BA 8 11.22 56.73 21.92
CA GLN BA 8 11.91 57.14 23.13
C GLN BA 8 11.05 56.82 24.35
N LEU BA 9 9.74 56.99 24.24
CA LEU BA 9 8.92 56.68 25.39
C LEU BA 9 8.93 55.17 25.69
N LYS BA 10 8.89 54.30 24.64
CA LYS BA 10 8.92 52.85 24.86
C LYS BA 10 10.24 52.42 25.48
N THR BA 11 11.36 53.04 25.07
CA THR BA 11 12.62 52.61 25.65
C THR BA 11 12.67 52.99 27.14
N LEU BA 12 12.13 54.17 27.48
CA LEU BA 12 12.14 54.59 28.87
C LEU BA 12 11.14 53.75 29.68
N LEU BA 13 10.01 53.34 29.06
CA LEU BA 13 9.03 52.50 29.74
C LEU BA 13 9.64 51.16 30.12
N LEU BA 14 10.43 50.59 29.21
CA LEU BA 14 11.05 49.33 29.52
C LEU BA 14 12.11 49.47 30.60
N GLN BA 15 12.82 50.60 30.62
CA GLN BA 15 13.84 50.82 31.65
C GLN BA 15 13.22 50.91 33.04
N ILE BA 16 12.08 51.60 33.17
CA ILE BA 16 11.41 51.69 34.46
C ILE BA 16 10.88 50.32 34.85
N ALA BA 17 10.29 49.59 33.89
CA ALA BA 17 9.75 48.28 34.22
C ALA BA 17 10.86 47.40 34.75
N LYS BA 18 12.06 47.53 34.20
CA LYS BA 18 13.17 46.74 34.68
C LYS BA 18 13.53 47.14 36.11
N GLN BA 19 13.49 48.45 36.40
CA GLN BA 19 13.80 48.94 37.74
C GLN BA 19 12.80 48.44 38.76
N GLU BA 20 11.54 48.36 38.34
CA GLU BA 20 10.47 47.87 39.21
C GLU BA 20 10.66 46.38 39.46
N LEU BA 21 11.19 45.66 38.47
CA LEU BA 21 11.42 44.23 38.61
C LEU BA 21 12.52 44.00 39.65
N GLU BA 22 13.57 44.83 39.61
CA GLU BA 22 14.65 44.74 40.59
C GLU BA 22 14.12 45.11 41.98
N ARG BA 23 13.25 46.11 42.02
CA ARG BA 23 12.64 46.55 43.26
C ARG BA 23 11.82 45.42 43.85
N GLU BA 24 11.06 44.72 43.01
CA GLU BA 24 10.24 43.62 43.47
C GLU BA 24 11.14 42.54 44.07
N ALA BA 25 12.25 42.22 43.40
CA ALA BA 25 13.14 41.19 43.93
C ALA BA 25 13.73 41.57 45.27
N GLU BA 26 14.12 42.84 45.45
CA GLU BA 26 14.68 43.28 46.72
C GLU BA 26 13.66 43.21 47.82
N GLU BA 27 12.40 43.58 47.51
CA GLU BA 27 11.34 43.53 48.50
C GLU BA 27 11.06 42.09 48.86
N ARG BA 28 11.08 41.17 47.88
CA ARG BA 28 10.83 39.77 48.16
C ARG BA 28 11.93 39.21 49.05
N ARG BA 29 13.19 39.63 48.86
CA ARG BA 29 14.26 39.16 49.72
C ARG BA 29 14.03 39.61 51.16
N GLY BA 30 13.55 40.85 51.32
CA GLY BA 30 13.24 41.37 52.65
C GLY BA 30 12.11 40.58 53.29
N GLU BA 31 11.09 40.26 52.48
CA GLU BA 31 9.95 39.48 52.94
C GLU BA 31 10.40 38.07 53.34
N LYS BA 32 11.32 37.49 52.58
CA LYS BA 32 11.85 36.16 52.86
C LYS BA 32 12.55 36.14 54.21
N GLY BA 33 13.36 37.19 54.48
CA GLY BA 33 14.09 37.30 55.75
C GLY BA 33 13.10 37.29 56.91
N ARG BA 34 12.08 38.13 56.81
CA ARG BA 34 11.09 38.21 57.89
C ARG BA 34 10.30 36.90 58.05
N ALA BA 35 9.94 36.25 56.94
CA ALA BA 35 9.20 35.00 57.06
C ALA BA 35 10.03 33.95 57.76
N LEU BA 36 11.34 33.90 57.45
CA LEU BA 36 12.23 32.94 58.06
C LEU BA 36 12.43 33.24 59.53
N SER BA 37 12.41 34.52 59.93
CA SER BA 37 12.54 34.87 61.34
C SER BA 37 11.40 34.26 62.16
N THR BA 38 10.21 34.19 61.58
CA THR BA 38 9.04 33.63 62.26
C THR BA 38 8.97 32.11 62.22
N ARG BA 39 9.23 31.55 61.04
CA ARG BA 39 9.13 30.10 60.85
C ARG BA 39 10.29 29.30 61.44
N CYS BA 40 11.49 29.86 61.41
CA CYS BA 40 12.64 29.15 61.94
C CYS BA 40 13.37 30.06 62.91
N GLN BA 41 12.86 30.10 64.14
CA GLN BA 41 13.36 30.96 65.19
C GLN BA 41 14.65 30.32 65.73
N PRO BA 42 15.62 31.11 66.26
CA PRO BA 42 16.89 30.67 66.85
C PRO BA 42 16.79 29.68 68.00
N LEU BA 43 17.80 28.83 68.13
CA LEU BA 43 17.88 27.86 69.22
C LEU BA 43 18.32 28.51 70.51
N GLU BA 44 17.78 28.03 71.62
CA GLU BA 44 18.22 28.47 72.95
C GLU BA 44 18.90 27.27 73.62
N LEU BA 45 20.22 27.23 73.54
CA LEU BA 45 20.95 26.07 74.06
C LEU BA 45 21.52 26.27 75.47
N ALA BA 46 21.62 27.52 75.91
CA ALA BA 46 22.23 27.76 77.21
C ALA BA 46 21.41 27.10 78.29
N GLY BA 47 22.08 26.43 79.20
CA GLY BA 47 21.43 25.80 80.33
C GLY BA 47 20.93 24.37 80.05
N LEU BA 48 20.99 23.89 78.80
CA LEU BA 48 20.51 22.54 78.56
C LEU BA 48 21.58 21.56 78.95
N GLY BA 49 21.19 20.51 79.65
CA GLY BA 49 22.12 19.49 80.06
C GLY BA 49 22.23 18.43 78.97
N PHE BA 50 22.97 17.36 79.26
CA PHE BA 50 23.17 16.33 78.26
C PHE BA 50 21.87 15.69 77.77
N ALA BA 51 21.02 15.22 78.69
CA ALA BA 51 19.78 14.56 78.29
C ALA BA 51 18.84 15.51 77.54
N GLU BA 52 18.82 16.78 77.95
CA GLU BA 52 17.97 17.80 77.33
C GLU BA 52 18.45 18.03 75.90
N LEU BA 53 19.77 18.02 75.69
CA LEU BA 53 20.33 18.15 74.35
C LEU BA 53 20.00 16.96 73.47
N GLN BA 54 19.99 15.76 74.06
CA GLN BA 54 19.65 14.58 73.27
C GLN BA 54 18.19 14.66 72.83
N ASP BA 55 17.31 15.13 73.74
CA ASP BA 55 15.89 15.27 73.39
C ASP BA 55 15.70 16.37 72.36
N LEU BA 56 16.47 17.46 72.45
CA LEU BA 56 16.36 18.54 71.49
C LEU BA 56 16.72 18.06 70.10
N CYS BA 57 17.80 17.28 69.98
CA CYS BA 57 18.22 16.80 68.68
C CYS BA 57 17.11 15.93 68.09
N ARG BA 58 16.47 15.10 68.92
CA ARG BA 58 15.39 14.27 68.41
C ARG BA 58 14.20 15.13 67.98
N GLN BA 59 13.91 16.18 68.77
CA GLN BA 59 12.80 17.08 68.45
C GLN BA 59 13.06 17.85 67.15
N LEU BA 60 14.31 18.28 66.93
CA LEU BA 60 14.66 19.01 65.72
C LEU BA 60 14.62 18.10 64.51
N HIS BA 61 15.04 16.86 64.67
CA HIS BA 61 15.06 15.88 63.60
C HIS BA 61 13.61 15.63 63.17
N ALA BA 62 12.70 15.50 64.16
CA ALA BA 62 11.29 15.31 63.86
C ALA BA 62 10.73 16.52 63.11
N ARG BA 63 11.18 17.73 63.48
CA ARG BA 63 10.72 18.91 62.77
C ARG BA 63 11.25 18.89 61.34
N VAL BA 64 12.48 18.42 61.13
CA VAL BA 64 13.00 18.37 59.76
C VAL BA 64 12.05 17.53 58.89
N ASP BA 65 11.56 16.39 59.41
CA ASP BA 65 10.63 15.56 58.63
C ASP BA 65 9.32 16.29 58.29
N LYS BA 66 8.79 17.04 59.25
CA LYS BA 66 7.54 17.76 59.04
C LYS BA 66 7.69 18.90 58.05
N VAL BA 67 8.81 19.64 58.11
CA VAL BA 67 9.02 20.76 57.19
C VAL BA 67 9.22 20.21 55.81
N ASP BA 68 9.95 19.08 55.68
CA ASP BA 68 10.17 18.54 54.36
C ASP BA 68 8.83 18.11 53.77
N GLU BA 69 7.90 17.56 54.58
CA GLU BA 69 6.60 17.21 54.04
C GLU BA 69 5.85 18.44 53.56
N GLU BA 70 5.91 19.55 54.31
CA GLU BA 70 5.21 20.76 53.88
C GLU BA 70 5.80 21.30 52.57
N ARG BA 71 7.12 21.24 52.47
CA ARG BA 71 7.83 21.71 51.29
C ARG BA 71 7.38 20.88 50.10
N TYR BA 72 7.30 19.56 50.30
CA TYR BA 72 6.88 18.62 49.27
C TYR BA 72 5.51 19.02 48.77
N ASP BA 73 4.58 19.29 49.69
CA ASP BA 73 3.25 19.65 49.24
C ASP BA 73 3.18 20.90 48.36
N ILE BA 74 3.96 21.93 48.69
CA ILE BA 74 3.94 23.11 47.84
C ILE BA 74 4.60 22.74 46.50
N GLU BA 75 5.70 21.98 46.56
CA GLU BA 75 6.44 21.60 45.36
C GLU BA 75 5.52 20.85 44.40
N ALA BA 76 4.65 19.98 44.94
CA ALA BA 76 3.72 19.23 44.11
C ALA BA 76 2.77 20.17 43.36
N LYS BA 77 2.31 21.24 44.02
CA LYS BA 77 1.40 22.20 43.38
C LYS BA 77 2.14 22.97 42.28
N VAL BA 78 3.41 23.30 42.55
CA VAL BA 78 4.24 24.00 41.58
C VAL BA 78 4.42 23.11 40.35
N THR BA 79 4.67 21.83 40.58
CA THR BA 79 4.86 20.85 39.50
C THR BA 79 3.62 20.76 38.61
N LYS BA 80 2.43 20.71 39.23
CA LYS BA 80 1.17 20.65 38.47
C LYS BA 80 1.01 21.93 37.65
N ASN BA 81 1.39 23.08 38.23
CA ASN BA 81 1.29 24.33 37.48
C ASN BA 81 2.23 24.34 36.28
N ILE BA 82 3.39 23.69 36.38
CA ILE BA 82 4.30 23.65 35.24
C ILE BA 82 3.65 22.87 34.11
N THR BA 83 3.02 21.74 34.44
CA THR BA 83 2.35 20.94 33.41
C THR BA 83 1.27 21.81 32.74
N GLU BA 84 0.46 22.53 33.53
CA GLU BA 84 -0.57 23.37 32.95
C GLU BA 84 0.01 24.50 32.09
N ILE BA 85 1.09 25.14 32.54
CA ILE BA 85 1.70 26.22 31.78
C ILE BA 85 2.21 25.67 30.45
N ALA BA 86 2.87 24.51 30.46
CA ALA BA 86 3.38 23.93 29.22
C ALA BA 86 2.23 23.63 28.23
N ASP BA 87 1.10 23.15 28.74
CA ASP BA 87 -0.02 22.82 27.85
C ASP BA 87 -0.72 24.07 27.29
N LEU BA 88 -0.88 25.11 28.11
CA LEU BA 88 -1.53 26.35 27.66
C LEU BA 88 -0.64 27.09 26.69
N THR BA 89 0.68 27.01 26.90
CA THR BA 89 1.63 27.68 26.02
C THR BA 89 1.51 27.07 24.64
N GLN BA 90 1.43 25.73 24.57
CA GLN BA 90 1.26 25.09 23.26
C GLN BA 90 -0.08 25.48 22.65
N LYS BA 91 -1.14 25.58 23.45
CA LYS BA 91 -2.44 25.96 22.91
C LYS BA 91 -2.45 27.35 22.32
N ILE BA 92 -1.87 28.33 23.01
CA ILE BA 92 -1.87 29.69 22.51
C ILE BA 92 -1.04 29.74 21.25
N PHE BA 93 0.14 29.09 21.25
CA PHE BA 93 0.98 29.09 20.08
C PHE BA 93 0.16 28.63 18.86
N ASP BA 94 -0.59 27.53 19.00
CA ASP BA 94 -1.38 27.05 17.88
C ASP BA 94 -2.51 28.00 17.49
N LEU BA 95 -3.18 28.63 18.45
CA LEU BA 95 -4.25 29.58 18.09
C LEU BA 95 -3.70 30.79 17.36
N ARG BA 96 -2.50 31.21 17.75
CA ARG BA 96 -1.81 32.38 17.22
C ARG BA 96 -0.84 32.01 16.11
N GLY BA 97 -1.06 30.84 15.50
CA GLY BA 97 -0.22 30.34 14.44
C GLY BA 97 -0.65 30.73 13.03
N LYS BA 98 -1.38 29.84 12.36
CA LYS BA 98 -1.94 30.06 11.03
C LYS BA 98 -0.95 30.49 9.93
N PHE BA 99 -1.06 31.74 9.53
CA PHE BA 99 -0.32 32.37 8.43
C PHE BA 99 0.90 33.18 8.90
N LYS BA 100 1.25 33.10 10.18
CA LYS BA 100 2.29 33.96 10.75
C LYS BA 100 3.76 33.54 10.78
N ARG BA 101 4.17 32.48 10.09
CA ARG BA 101 5.59 32.13 10.14
C ARG BA 101 6.45 33.33 9.63
N PRO BA 102 7.41 33.86 10.42
CA PRO BA 102 8.29 35.00 10.11
C PRO BA 102 9.42 34.69 9.15
N THR BA 103 9.91 35.71 8.43
CA THR BA 103 11.09 35.60 7.57
C THR BA 103 12.04 36.80 7.70
N LEU BA 104 13.28 36.60 7.25
CA LEU BA 104 14.30 37.65 7.17
C LEU BA 104 14.76 37.82 5.73
N ARG BA 105 15.17 39.03 5.36
CA ARG BA 105 15.72 39.25 4.01
C ARG BA 105 17.15 39.78 4.01
N ARG BA 106 17.86 39.49 2.91
CA ARG BA 106 19.25 39.91 2.71
C ARG BA 106 19.40 40.85 1.53
N VAL BA 107 18.29 41.51 1.21
CA VAL BA 107 18.21 42.53 0.17
C VAL BA 107 18.60 43.85 0.81
N ARG BA 108 18.59 43.83 2.14
CA ARG BA 108 18.91 44.99 2.95
C ARG BA 108 20.41 45.14 3.02
N ILE BA 109 20.98 45.67 1.96
CA ILE BA 109 22.41 45.86 1.85
C ILE BA 109 22.81 46.80 2.94
N SER BA 110 23.83 46.44 3.71
CA SER BA 110 24.22 47.28 4.81
C SER BA 110 24.46 48.67 4.27
N ALA BA 111 23.93 49.67 4.98
CA ALA BA 111 24.07 51.07 4.56
C ALA BA 111 25.54 51.47 4.70
N ASP BA 112 26.36 50.74 5.48
CA ASP BA 112 27.76 51.15 5.59
C ASP BA 112 28.49 50.79 4.30
N ALA BA 113 28.31 49.57 3.85
CA ALA BA 113 28.94 49.09 2.63
C ALA BA 113 28.44 49.86 1.42
N MET BA 114 27.14 50.18 1.42
CA MET BA 114 26.53 50.92 0.33
C MET BA 114 27.13 52.31 0.26
N MET BA 115 27.23 53.00 1.41
CA MET BA 115 27.78 54.34 1.43
C MET BA 115 29.25 54.35 1.02
N GLN BA 116 30.04 53.33 1.43
CA GLN BA 116 31.44 53.36 1.00
C GLN BA 116 31.53 53.15 -0.51
N ALA BA 117 30.70 52.28 -1.07
CA ALA BA 117 30.74 52.04 -2.50
C ALA BA 117 30.23 53.20 -3.36
N LEU BA 118 29.18 53.90 -2.91
CA LEU BA 118 28.62 54.98 -3.71
C LEU BA 118 29.36 56.32 -3.56
N LEU BA 119 29.87 56.60 -2.35
CA LEU BA 119 30.54 57.86 -2.07
C LEU BA 119 32.07 57.82 -1.96
N GLY BA 120 32.65 56.66 -1.70
CA GLY BA 120 34.08 56.56 -1.49
C GLY BA 120 34.51 57.37 -0.27
N ALA BA 121 35.53 58.21 -0.47
CA ALA BA 121 36.12 59.04 0.57
C ALA BA 121 35.16 60.10 1.11
N ARG BA 122 34.04 60.34 0.42
CA ARG BA 122 33.10 61.33 0.91
C ARG BA 122 32.33 60.76 2.12
N ALA BA 123 32.34 59.43 2.26
CA ALA BA 123 31.58 58.73 3.29
C ALA BA 123 32.31 58.62 4.64
N LYS BA 124 32.29 59.69 5.44
CA LYS BA 124 33.04 59.65 6.72
C LYS BA 124 32.21 59.56 8.00
N GLU BA 125 31.02 60.13 8.01
CA GLU BA 125 30.19 60.13 9.22
C GLU BA 125 29.23 58.95 9.21
N SER BA 126 28.84 58.50 8.00
CA SER BA 126 27.92 57.40 7.84
C SER BA 126 28.60 56.15 7.26
N ASP CA 1 8.32 50.15 12.88
CA ASP CA 1 8.66 51.47 12.36
C ASP CA 1 9.28 52.38 13.43
N ASP CA 2 8.58 52.54 14.55
CA ASP CA 2 8.97 53.45 15.63
C ASP CA 2 10.45 53.39 16.06
N ILE CA 3 11.01 52.20 16.20
CA ILE CA 3 12.41 52.14 16.61
C ILE CA 3 13.32 52.74 15.50
N TYR CA 4 12.91 52.61 14.22
CA TYR CA 4 13.72 53.08 13.11
C TYR CA 4 13.53 54.57 12.94
N LYS CA 5 12.32 55.05 13.20
CA LYS CA 5 12.05 56.46 13.08
C LYS CA 5 12.85 57.22 14.15
N ALA CA 6 12.97 56.63 15.36
CA ALA CA 6 13.75 57.25 16.42
C ALA CA 6 15.22 57.34 16.04
N ALA CA 7 15.74 56.27 15.44
CA ALA CA 7 17.12 56.27 15.01
C ALA CA 7 17.37 57.36 13.96
N VAL CA 8 16.38 57.62 13.09
CA VAL CA 8 16.50 58.66 12.08
C VAL CA 8 16.54 60.06 12.74
N GLU CA 9 15.66 60.27 13.73
CA GLU CA 9 15.59 61.57 14.45
C GLU CA 9 16.95 61.94 15.04
N GLN CA 10 17.68 60.93 15.50
CA GLN CA 10 18.97 61.05 16.15
C GLN CA 10 20.17 61.15 15.19
N LEU CA 11 19.95 61.04 13.88
CA LEU CA 11 21.06 61.15 12.94
C LEU CA 11 21.56 62.59 12.97
N THR CA 12 22.87 62.78 12.79
CA THR CA 12 23.43 64.14 12.81
C THR CA 12 23.18 64.77 11.45
N GLU CA 13 23.38 66.07 11.35
CA GLU CA 13 23.19 66.74 10.09
C GLU CA 13 24.19 66.27 9.03
N GLU CA 14 25.45 66.03 9.43
CA GLU CA 14 26.46 65.58 8.48
C GLU CA 14 26.08 64.18 7.98
N GLN CA 15 25.56 63.32 8.86
CA GLN CA 15 25.16 61.98 8.44
C GLN CA 15 24.01 62.07 7.45
N LYS CA 16 23.07 62.98 7.70
CA LYS CA 16 21.95 63.14 6.78
C LYS CA 16 22.46 63.71 5.46
N ASN CA 17 23.45 64.61 5.51
CA ASN CA 17 23.99 65.21 4.30
C ASN CA 17 24.68 64.14 3.44
N GLU CA 18 25.37 63.18 4.08
CA GLU CA 18 25.98 62.10 3.31
C GLU CA 18 24.90 61.22 2.70
N PHE CA 19 23.81 60.94 3.45
CA PHE CA 19 22.74 60.11 2.93
C PHE CA 19 22.08 60.83 1.76
N LYS CA 20 21.98 62.16 1.82
CA LYS CA 20 21.39 62.90 0.72
C LYS CA 20 22.27 62.74 -0.51
N ALA CA 21 23.61 62.80 -0.37
CA ALA CA 21 24.45 62.61 -1.54
C ALA CA 21 24.19 61.20 -2.17
N ALA CA 22 24.01 60.18 -1.32
CA ALA CA 22 23.72 58.84 -1.84
C ALA CA 22 22.37 58.78 -2.53
N PHE CA 23 21.37 59.45 -1.95
CA PHE CA 23 20.02 59.51 -2.47
C PHE CA 23 20.06 60.10 -3.87
N ASP CA 24 20.82 61.19 -4.04
CA ASP CA 24 20.96 61.85 -5.33
C ASP CA 24 21.49 60.90 -6.39
N ILE CA 25 22.34 59.94 -6.02
CA ILE CA 25 22.81 58.96 -7.01
C ILE CA 25 21.64 58.11 -7.45
N PHE CA 26 20.87 57.63 -6.47
CA PHE CA 26 19.73 56.76 -6.75
C PHE CA 26 18.67 57.43 -7.61
N VAL CA 27 18.40 58.70 -7.40
CA VAL CA 27 17.33 59.33 -8.16
C VAL CA 27 17.82 60.13 -9.36
N LEU CA 28 19.09 59.95 -9.76
CA LEU CA 28 19.52 60.71 -10.91
C LEU CA 28 18.74 60.25 -12.13
N GLY CA 29 18.11 61.22 -12.80
CA GLY CA 29 17.30 61.04 -13.99
C GLY CA 29 15.84 60.67 -13.76
N ALA CA 30 15.41 60.49 -12.52
CA ALA CA 30 14.03 60.10 -12.25
C ALA CA 30 13.04 61.23 -12.51
N GLU CA 31 11.90 60.91 -13.14
CA GLU CA 31 10.89 61.92 -13.47
C GLU CA 31 10.30 62.70 -12.30
N ASP CA 32 10.10 62.06 -11.15
CA ASP CA 32 9.53 62.72 -10.00
C ASP CA 32 10.52 62.97 -8.84
N GLY CA 33 11.84 62.75 -9.06
CA GLY CA 33 12.82 62.97 -7.99
C GLY CA 33 12.82 61.87 -6.94
N CYS CA 34 12.06 60.80 -7.15
CA CYS CA 34 11.91 59.73 -6.19
C CYS CA 34 12.49 58.41 -6.67
N ILE CA 35 12.73 57.46 -5.76
CA ILE CA 35 13.26 56.17 -6.17
C ILE CA 35 12.16 55.15 -6.47
N SER CA 36 12.08 54.67 -7.71
CA SER CA 36 11.10 53.66 -8.11
C SER CA 36 11.86 52.35 -8.21
N THR CA 37 11.21 51.23 -8.58
CA THR CA 37 11.94 49.97 -8.71
C THR CA 37 12.93 50.09 -9.88
N LYS CA 38 12.75 51.05 -10.81
CA LYS CA 38 13.76 51.07 -11.87
C LYS CA 38 15.10 51.67 -11.40
N GLU CA 39 15.04 52.69 -10.53
CA GLU CA 39 16.24 53.29 -9.98
C GLU CA 39 16.85 52.40 -8.89
N LEU CA 40 15.98 51.73 -8.12
CA LEU CA 40 16.48 50.89 -7.04
C LEU CA 40 17.18 49.70 -7.65
N GLY CA 41 16.59 49.09 -8.70
CA GLY CA 41 17.21 47.96 -9.38
C GLY CA 41 18.52 48.39 -10.03
N LYS CA 42 18.60 49.60 -10.64
CA LYS CA 42 19.85 49.91 -11.30
C LYS CA 42 20.97 50.10 -10.28
N VAL CA 43 20.66 50.66 -9.12
CA VAL CA 43 21.71 50.83 -8.14
C VAL CA 43 22.05 49.48 -7.51
N MET CA 44 21.05 48.64 -7.16
CA MET CA 44 21.42 47.38 -6.53
C MET CA 44 22.30 46.55 -7.46
N ARG CA 45 22.04 46.55 -8.77
CA ARG CA 45 22.89 45.83 -9.71
C ARG CA 45 24.26 46.45 -9.80
N MET CA 46 24.34 47.78 -9.79
CA MET CA 46 25.62 48.46 -9.81
C MET CA 46 26.45 48.05 -8.59
N LEU CA 47 25.77 47.76 -7.48
CA LEU CA 47 26.39 47.34 -6.24
C LEU CA 47 26.71 45.84 -6.19
N GLY CA 48 26.39 45.10 -7.26
CA GLY CA 48 26.65 43.68 -7.34
C GLY CA 48 25.53 42.78 -6.83
N GLN CA 49 24.33 43.31 -6.58
CA GLN CA 49 23.26 42.46 -6.12
C GLN CA 49 22.27 42.22 -7.24
N ASN CA 50 21.63 41.05 -7.24
CA ASN CA 50 20.66 40.75 -8.28
C ASN CA 50 19.27 40.42 -7.75
N PRO CA 51 18.52 41.44 -7.25
CA PRO CA 51 17.20 41.29 -6.67
C PRO CA 51 16.19 41.01 -7.77
N THR CA 52 15.14 40.30 -7.43
CA THR CA 52 14.05 40.06 -8.39
C THR CA 52 13.18 41.30 -8.33
N PRO CA 53 12.32 41.55 -9.32
CA PRO CA 53 11.35 42.60 -9.29
C PRO CA 53 10.46 42.57 -8.04
N GLU CA 54 10.16 41.35 -7.54
CA GLU CA 54 9.34 41.21 -6.34
C GLU CA 54 10.10 41.68 -5.11
N GLU CA 55 11.39 41.32 -5.03
CA GLU CA 55 12.23 41.76 -3.91
C GLU CA 55 12.37 43.27 -3.95
N LEU CA 56 12.49 43.84 -5.16
CA LEU CA 56 12.59 45.29 -5.24
C LEU CA 56 11.30 45.97 -4.82
N GLN CA 57 10.15 45.41 -5.21
CA GLN CA 57 8.90 46.04 -4.81
C GLN CA 57 8.74 45.93 -3.31
N GLU CA 58 9.16 44.81 -2.70
CA GLU CA 58 9.01 44.67 -1.27
C GLU CA 58 9.93 45.67 -0.55
N MET CA 59 11.17 45.87 -1.04
CA MET CA 59 12.05 46.83 -0.38
C MET CA 59 11.42 48.21 -0.36
N ILE CA 60 10.72 48.60 -1.43
CA ILE CA 60 10.06 49.90 -1.42
C ILE CA 60 8.84 49.90 -0.48
N ASP CA 61 8.01 48.85 -0.54
CA ASP CA 61 6.80 48.81 0.27
C ASP CA 61 7.08 48.88 1.77
N GLU CA 62 8.23 48.34 2.19
CA GLU CA 62 8.62 48.35 3.62
C GLU CA 62 8.80 49.74 4.20
N VAL CA 63 9.11 50.74 3.38
CA VAL CA 63 9.29 52.09 3.91
C VAL CA 63 8.35 53.12 3.30
N ASP CA 64 7.56 52.75 2.31
CA ASP CA 64 6.66 53.68 1.64
C ASP CA 64 5.52 54.10 2.56
N GLU CA 65 5.52 55.37 2.96
CA GLU CA 65 4.54 55.88 3.92
C GLU CA 65 3.31 56.49 3.29
N ASP CA 66 3.46 57.03 2.08
CA ASP CA 66 2.37 57.71 1.41
C ASP CA 66 1.56 56.75 0.53
N GLY CA 67 2.21 55.67 0.05
CA GLY CA 67 1.57 54.75 -0.90
C GLY CA 67 1.85 55.23 -2.30
N SER CA 68 2.99 55.89 -2.47
CA SER CA 68 3.42 56.44 -3.74
C SER CA 68 3.98 55.37 -4.66
N GLY CA 69 4.47 54.27 -4.08
CA GLY CA 69 5.11 53.20 -4.80
C GLY CA 69 6.58 53.56 -5.03
N THR CA 70 7.00 54.70 -4.46
CA THR CA 70 8.34 55.21 -4.60
C THR CA 70 8.95 55.59 -3.24
N VAL CA 71 10.27 55.79 -3.22
CA VAL CA 71 10.94 56.22 -2.00
C VAL CA 71 11.51 57.65 -2.10
N ASP CA 72 11.03 58.52 -1.22
CA ASP CA 72 11.46 59.91 -1.12
C ASP CA 72 12.65 59.93 -0.17
N PHE CA 73 13.24 61.09 0.10
CA PHE CA 73 14.40 61.12 0.99
C PHE CA 73 14.05 60.72 2.41
N ASP CA 74 12.90 61.14 2.93
CA ASP CA 74 12.59 60.79 4.31
C ASP CA 74 12.45 59.26 4.50
N GLU CA 75 11.84 58.64 3.50
CA GLU CA 75 11.61 57.22 3.45
C GLU CA 75 12.96 56.50 3.27
N PHE CA 76 13.86 57.12 2.50
CA PHE CA 76 15.22 56.64 2.27
C PHE CA 76 15.96 56.56 3.60
N LEU CA 77 15.87 57.61 4.44
CA LEU CA 77 16.59 57.55 5.71
C LEU CA 77 16.10 56.38 6.55
N VAL CA 78 14.80 56.08 6.51
CA VAL CA 78 14.31 54.91 7.22
C VAL CA 78 14.89 53.64 6.58
N MET CA 79 14.92 53.57 5.24
CA MET CA 79 15.50 52.39 4.59
C MET CA 79 16.96 52.17 5.06
N MET CA 80 17.74 53.26 5.15
CA MET CA 80 19.14 53.16 5.55
C MET CA 80 19.37 52.75 7.00
N VAL CA 81 18.49 53.16 7.93
CA VAL CA 81 18.68 52.72 9.33
C VAL CA 81 18.17 51.28 9.46
N ARG CA 82 17.12 50.90 8.71
CA ARG CA 82 16.59 49.53 8.75
C ARG CA 82 17.63 48.52 8.26
N CYS CA 83 18.51 48.97 7.35
CA CYS CA 83 19.55 48.12 6.81
C CYS CA 83 20.72 47.88 7.77
N MET CA 84 20.71 48.53 8.95
CA MET CA 84 21.77 48.32 9.92
C MET CA 84 21.28 48.12 11.36
N LYS CA 85 22.02 47.34 12.18
CA LYS CA 85 21.58 47.21 13.58
C LYS CA 85 22.58 47.48 14.64
N ASP CA 86 22.16 48.36 15.54
CA ASP CA 86 22.88 48.65 16.75
C ASP CA 86 22.20 47.75 17.78
N ASP CA 87 20.89 47.62 17.61
CA ASP CA 87 20.01 46.84 18.45
C ASP CA 87 19.93 45.42 17.96
N SER CA 88 21.06 44.75 18.00
CA SER CA 88 21.13 43.38 17.55
C SER CA 88 20.42 42.53 18.58
N LYS CA 89 19.99 41.33 18.17
CA LYS CA 89 19.28 40.36 19.03
C LYS CA 89 17.89 40.85 19.43
N GLY CA 90 17.85 41.97 20.16
CA GLY CA 90 16.61 42.60 20.57
C GLY CA 90 15.90 41.92 21.72
N LYS CA 91 16.66 41.33 22.63
CA LYS CA 91 16.16 40.60 23.78
C LYS CA 91 15.31 39.42 23.31
N SER CA 92 14.30 39.07 24.05
CA SER CA 92 13.52 37.89 23.75
C SER CA 92 12.22 37.93 24.55
N GLU CA 93 11.36 36.95 24.32
CA GLU CA 93 10.10 36.87 25.03
C GLU CA 93 10.15 36.73 26.56
N GLU CA 94 11.07 35.93 27.09
CA GLU CA 94 11.08 35.70 28.55
C GLU CA 94 11.36 37.00 29.29
N GLU CA 95 12.26 37.80 28.75
CA GLU CA 95 12.59 39.06 29.38
C GLU CA 95 11.36 40.01 29.30
N LEU CA 96 10.66 40.05 28.15
CA LEU CA 96 9.47 40.92 28.03
C LEU CA 96 8.35 40.45 28.96
N SER CA 97 8.26 39.14 29.20
CA SER CA 97 7.24 38.62 30.12
C SER CA 97 7.44 39.20 31.53
N ASP CA 98 8.70 39.21 32.00
CA ASP CA 98 8.95 39.76 33.32
C ASP CA 98 8.68 41.26 33.37
N LEU CA 99 8.98 41.97 32.27
CA LEU CA 99 8.72 43.41 32.24
C LEU CA 99 7.21 43.67 32.21
N PHE CA 100 6.46 42.85 31.49
CA PHE CA 100 5.01 42.99 31.38
C PHE CA 100 4.38 42.99 32.77
N ARG CA 101 4.81 42.05 33.60
CA ARG CA 101 4.30 41.92 34.97
C ARG CA 101 4.47 43.22 35.76
N MET CA 102 5.52 44.01 35.45
CA MET CA 102 5.79 45.26 36.15
C MET CA 102 4.87 46.38 35.72
N PHE CA 103 4.34 46.31 34.49
CA PHE CA 103 3.37 47.30 34.02
C PHE CA 103 1.99 46.95 34.62
N ASP CA 104 1.72 45.64 34.77
CA ASP CA 104 0.42 45.16 35.25
C ASP CA 104 0.34 45.22 36.78
N LYS CA 105 0.08 46.43 37.28
CA LYS CA 105 0.06 46.74 38.70
C LYS CA 105 -1.03 46.02 39.49
N ASN CA 106 -2.18 45.76 38.87
CA ASN CA 106 -3.30 45.12 39.57
C ASN CA 106 -3.27 43.61 39.35
N ALA CA 107 -2.25 43.15 38.64
CA ALA CA 107 -2.05 41.75 38.32
C ALA CA 107 -3.27 41.07 37.68
N ASP CA 108 -3.90 41.73 36.70
CA ASP CA 108 -5.09 41.19 36.02
C ASP CA 108 -4.73 40.44 34.75
N GLY CA 109 -3.53 40.69 34.23
CA GLY CA 109 -3.06 40.14 32.98
C GLY CA 109 -3.11 41.14 31.83
N TYR CA 110 -3.63 42.35 32.06
CA TYR CA 110 -3.69 43.37 31.01
C TYR CA 110 -3.11 44.71 31.46
N ILE CA 111 -2.53 45.46 30.52
CA ILE CA 111 -2.07 46.80 30.85
C ILE CA 111 -3.13 47.82 30.44
N ASP CA 112 -3.76 48.45 31.42
CA ASP CA 112 -4.83 49.41 31.14
C ASP CA 112 -4.24 50.82 31.01
N LEU CA 113 -5.09 51.81 30.75
CA LEU CA 113 -4.65 53.17 30.53
C LEU CA 113 -4.03 53.80 31.77
N ASP CA 114 -4.54 53.46 32.96
CA ASP CA 114 -4.00 54.08 34.17
C ASP CA 114 -2.59 53.53 34.41
N GLU CA 115 -2.41 52.23 34.19
CA GLU CA 115 -1.12 51.58 34.34
C GLU CA 115 -0.11 52.17 33.37
N LEU CA 116 -0.54 52.37 32.11
CA LEU CA 116 0.35 52.93 31.13
C LEU CA 116 0.76 54.34 31.52
N LYS CA 117 -0.21 55.16 31.97
CA LYS CA 117 0.06 56.52 32.38
C LYS CA 117 1.04 56.59 33.56
N ILE CA 118 0.89 55.69 34.55
CA ILE CA 118 1.78 55.66 35.70
C ILE CA 118 3.21 55.37 35.22
N MET CA 119 3.34 54.36 34.36
CA MET CA 119 4.65 54.00 33.84
C MET CA 119 5.26 55.11 32.98
N LEU CA 120 4.46 55.80 32.16
CA LEU CA 120 5.00 56.90 31.36
C LEU CA 120 5.48 58.05 32.22
N GLN CA 121 4.74 58.41 33.27
CA GLN CA 121 5.15 59.54 34.12
C GLN CA 121 6.47 59.25 34.83
N ALA CA 122 6.64 57.98 35.21
CA ALA CA 122 7.82 57.49 35.91
C ALA CA 122 9.08 57.64 35.07
N THR CA 123 8.95 57.80 33.74
CA THR CA 123 10.12 57.88 32.89
C THR CA 123 10.84 59.22 33.06
N GLY CA 124 10.14 60.24 33.56
CA GLY CA 124 10.71 61.57 33.76
C GLY CA 124 10.56 62.51 32.56
N GLU CA 125 10.10 61.98 31.43
CA GLU CA 125 9.94 62.78 30.22
C GLU CA 125 8.60 63.51 30.30
N THR CA 126 8.49 64.72 29.73
CA THR CA 126 7.18 65.36 29.76
C THR CA 126 6.20 64.47 29.00
N ILE CA 127 5.08 64.13 29.63
CA ILE CA 127 4.11 63.28 28.97
C ILE CA 127 2.88 64.10 28.66
N THR CA 128 2.50 64.14 27.40
CA THR CA 128 1.32 64.89 27.01
C THR CA 128 0.19 63.89 26.87
N GLU CA 129 -1.04 64.36 26.81
CA GLU CA 129 -2.17 63.45 26.67
C GLU CA 129 -2.06 62.64 25.38
N ASP CA 130 -1.48 63.26 24.35
CA ASP CA 130 -1.26 62.69 23.05
C ASP CA 130 -0.20 61.62 23.11
N ASP CA 131 0.65 61.63 24.13
CA ASP CA 131 1.65 60.60 24.17
C ASP CA 131 0.99 59.35 24.70
N ILE CA 132 0.06 59.54 25.64
CA ILE CA 132 -0.64 58.44 26.27
C ILE CA 132 -1.63 57.78 25.34
N GLU CA 133 -2.48 58.61 24.72
CA GLU CA 133 -3.48 58.08 23.81
C GLU CA 133 -2.84 57.38 22.62
N GLU CA 134 -1.76 57.96 22.04
CA GLU CA 134 -1.16 57.35 20.88
C GLU CA 134 -0.48 56.05 21.19
N LEU CA 135 0.21 55.94 22.33
CA LEU CA 135 0.83 54.66 22.61
C LEU CA 135 -0.22 53.58 22.87
N MET CA 136 -1.32 53.91 23.56
CA MET CA 136 -2.33 52.88 23.80
C MET CA 136 -3.02 52.43 22.51
N LYS CA 137 -3.26 53.36 21.56
CA LYS CA 137 -3.83 52.97 20.28
C LYS CA 137 -2.82 52.13 19.50
N ASP CA 138 -1.50 52.45 19.61
CA ASP CA 138 -0.51 51.66 18.90
C ASP CA 138 -0.41 50.24 19.46
N GLY CA 139 -0.56 50.09 20.76
CA GLY CA 139 -0.51 48.80 21.44
C GLY CA 139 -1.81 47.98 21.29
N ASP CA 140 -3.00 48.53 21.61
CA ASP CA 140 -4.20 47.70 21.63
C ASP CA 140 -4.84 47.46 20.28
N LYS CA 141 -4.41 46.36 19.67
CA LYS CA 141 -4.80 45.99 18.33
C LYS CA 141 -6.25 45.47 18.19
N ASN CA 142 -6.91 45.13 19.30
CA ASN CA 142 -8.27 44.56 19.24
C ASN CA 142 -9.32 45.57 19.70
N ASN CA 143 -8.89 46.81 19.92
CA ASN CA 143 -9.76 47.89 20.37
C ASN CA 143 -10.60 47.67 21.65
N ASP CA 144 -10.00 47.09 22.69
CA ASP CA 144 -10.67 46.90 23.98
C ASP CA 144 -10.31 48.10 24.87
N GLY CA 145 -9.15 48.72 24.58
CA GLY CA 145 -8.61 49.84 25.34
C GLY CA 145 -7.50 49.42 26.28
N ARG CA 146 -6.99 48.21 26.10
CA ARG CA 146 -5.94 47.64 26.96
C ARG CA 146 -4.94 46.83 26.17
N ILE CA 147 -3.74 46.70 26.70
CA ILE CA 147 -2.74 45.88 26.04
C ILE CA 147 -2.59 44.51 26.71
N ASP CA 148 -2.84 43.44 25.98
CA ASP CA 148 -2.68 42.10 26.55
C ASP CA 148 -1.24 41.70 26.38
N TYR CA 149 -0.91 40.52 26.83
CA TYR CA 149 0.41 39.97 26.73
C TYR CA 149 0.91 39.87 25.27
N ASP CA 150 0.07 39.36 24.35
CA ASP CA 150 0.50 39.18 22.96
C ASP CA 150 0.64 40.55 22.30
N GLU CA 151 -0.26 41.49 22.64
CA GLU CA 151 -0.13 42.83 22.08
C GLU CA 151 1.12 43.51 22.61
N PHE CA 152 1.47 43.28 23.88
CA PHE CA 152 2.67 43.84 24.48
C PHE CA 152 3.90 43.37 23.71
N LEU CA 153 3.97 42.06 23.38
CA LEU CA 153 5.14 41.57 22.66
C LEU CA 153 5.27 42.21 21.28
N GLU CA 154 4.15 42.44 20.59
CA GLU CA 154 4.22 43.12 19.28
C GLU CA 154 4.63 44.60 19.48
N PHE CA 155 4.06 45.22 20.53
CA PHE CA 155 4.26 46.62 20.90
C PHE CA 155 5.74 46.90 21.15
N MET CA 156 6.40 46.00 21.87
CA MET CA 156 7.81 46.16 22.18
C MET CA 156 8.76 45.38 21.24
N LYS CA 157 8.27 44.92 20.08
CA LYS CA 157 9.16 44.18 19.19
C LYS CA 157 10.29 45.08 18.70
N GLY CA 158 11.53 44.65 18.88
CA GLY CA 158 12.70 45.41 18.43
C GLY CA 158 13.07 46.57 19.36
N VAL CA 159 12.42 46.69 20.53
CA VAL CA 159 12.76 47.84 21.36
C VAL CA 159 13.84 47.53 22.37
N GLU CA 160 14.99 48.18 22.20
CA GLU CA 160 16.18 48.04 23.03
C GLU CA 160 15.96 48.90 24.27
PB ADP DA . 130.66 56.25 -124.84
O1B ADP DA . 130.73 55.36 -126.15
O2B ADP DA . 131.43 55.54 -123.83
O3B ADP DA . 129.18 56.29 -124.34
PA ADP DA . 131.46 58.57 -123.82
O1A ADP DA . 132.73 58.07 -122.96
O2A ADP DA . 130.27 58.49 -122.93
O3A ADP DA . 131.29 57.69 -125.17
O5' ADP DA . 131.63 60.17 -124.14
C5' ADP DA . 131.86 60.65 -125.52
C4' ADP DA . 130.79 61.74 -125.91
O4' ADP DA . 130.59 62.67 -124.79
C3' ADP DA . 131.21 62.63 -127.12
O3' ADP DA . 130.06 63.05 -127.91
C2' ADP DA . 131.89 63.82 -126.38
O2' ADP DA . 132.00 64.96 -127.24
C1' ADP DA . 130.93 64.04 -125.17
N9 ADP DA . 131.52 64.80 -123.99
C8 ADP DA . 132.60 64.42 -123.20
N7 ADP DA . 133.17 65.44 -122.61
C5 ADP DA . 132.52 66.59 -122.94
C6 ADP DA . 132.63 68.04 -122.64
N6 ADP DA . 133.58 68.64 -121.84
N1 ADP DA . 131.74 68.91 -123.21
C2 ADP DA . 130.75 68.46 -124.05
N3 ADP DA . 130.59 67.15 -124.36
C4 ADP DA . 131.44 66.18 -123.85
PB ADP EA . 87.45 55.25 -124.56
O1B ADP EA . 87.97 56.74 -124.81
O2B ADP EA . 86.20 55.31 -123.82
O3B ADP EA . 88.49 54.46 -123.66
PA ADP EA . 86.84 53.04 -125.90
O1A ADP EA . 85.25 53.00 -126.05
O2A ADP EA . 87.22 52.39 -124.59
O3A ADP EA . 87.30 54.57 -126.00
O5' ADP EA . 87.54 52.17 -127.09
C5' ADP EA . 88.87 52.58 -127.61
C4' ADP EA . 90.10 52.07 -126.78
O4' ADP EA . 90.09 50.61 -126.76
C3' ADP EA . 91.51 52.45 -127.38
O3' ADP EA . 92.54 52.52 -126.35
C2' ADP EA . 91.79 51.24 -128.32
O2' ADP EA . 93.20 51.08 -128.57
C1' ADP EA . 91.18 50.04 -127.54
N9 ADP EA . 90.67 48.89 -128.38
C8 ADP EA . 89.61 48.91 -129.28
N7 ADP EA . 89.73 48.00 -130.22
C5 ADP EA . 90.87 47.28 -130.02
C6 ADP EA . 91.59 46.17 -130.69
N6 ADP EA . 91.18 45.47 -131.80
N1 ADP EA . 92.78 45.74 -130.17
C2 ADP EA . 93.32 46.33 -129.06
N3 ADP EA . 92.71 47.34 -128.39
C4 ADP EA . 91.49 47.86 -128.82
PB ADP FA . 93.83 44.28 -82.03
O1B ADP FA . 94.98 43.20 -81.88
O2B ADP FA . 93.28 44.52 -80.71
O3B ADP FA . 92.63 43.62 -82.79
PA ADP FA . 94.51 46.90 -82.01
O1A ADP FA . 95.62 46.80 -80.85
O2A ADP FA . 93.22 47.22 -81.38
O3A ADP FA . 94.39 45.55 -82.88
O5' ADP FA . 94.86 48.23 -82.89
C5' ADP FA . 95.12 48.17 -84.34
C4' ADP FA . 94.24 49.23 -85.08
O4' ADP FA . 94.16 50.44 -84.26
C3' ADP FA . 94.82 49.74 -86.47
O3' ADP FA . 93.87 49.52 -87.54
C2' ADP FA . 95.02 51.27 -86.23
O2' ADP FA . 94.79 52.01 -87.45
C1' ADP FA . 93.96 51.58 -85.13
N9 ADP FA . 94.10 52.89 -84.38
C8 ADP FA . 95.02 53.21 -83.41
N7 ADP FA . 95.22 54.52 -83.31
C5 ADP FA . 94.43 55.15 -84.21
C6 ADP FA . 94.17 56.56 -84.63
N6 ADP FA . 94.74 57.69 -84.07
N1 ADP FA . 93.30 56.81 -85.65
C2 ADP FA . 92.65 55.78 -86.29
N3 ADP FA . 92.82 54.48 -85.93
C4 ADP FA . 93.70 54.11 -84.92
PB ADP GA . 53.78 29.42 -85.46
O1B ADP GA . 52.61 30.09 -86.29
O2B ADP GA . 53.20 28.41 -84.57
O3B ADP GA . 54.27 30.43 -84.38
PA ADP GA . 55.12 27.37 -86.58
O1A ADP GA . 53.75 26.75 -87.10
O2A ADP GA . 55.48 26.71 -85.30
O3A ADP GA . 55.01 28.96 -86.41
O5' ADP GA . 56.29 26.98 -87.69
C5' ADP GA . 57.49 27.83 -87.85
C4' ADP GA . 58.77 27.19 -87.23
O4' ADP GA . 58.90 25.80 -87.68
C3' ADP GA . 60.15 27.83 -87.68
O3' ADP GA . 60.90 28.33 -86.53
C2' ADP GA . 60.93 26.61 -88.30
O2' ADP GA . 62.35 26.76 -88.09
C1' ADP GA . 60.30 25.42 -87.52
N9 ADP GA . 60.59 24.02 -88.03
C8 ADP GA . 59.88 23.38 -89.03
N7 ADP GA . 60.60 22.44 -89.62
C5 ADP GA . 61.82 22.39 -89.03
C6 ADP GA . 63.03 21.60 -89.21
N6 ADP GA . 63.15 20.68 -90.22
N1 ADP GA . 64.12 21.81 -88.40
C2 ADP GA . 64.08 22.76 -87.40
N3 ADP GA . 62.97 23.54 -87.19
C4 ADP GA . 61.83 23.40 -87.97
PB ADP HA . 58.24 34.45 -42.24
O1B ADP HA . 58.65 35.81 -41.79
O2B ADP HA . 59.51 33.55 -42.13
O3B ADP HA . 57.15 33.90 -41.21
PA ADP HA . 56.75 35.68 -44.08
O1A ADP HA . 57.39 37.09 -43.78
O2A ADP HA . 55.56 35.64 -43.21
O3A ADP HA . 57.76 34.46 -43.78
O5' ADP HA . 56.20 35.61 -45.65
C5' ADP HA . 56.54 36.75 -46.55
C4' ADP HA . 55.44 36.96 -47.65
O4' ADP HA . 54.62 38.10 -47.25
C3' ADP HA . 55.99 37.29 -49.09
O3' ADP HA . 55.21 36.66 -50.13
C2' ADP HA . 55.91 38.84 -49.12
O2' ADP HA . 55.80 39.34 -50.45
C1' ADP HA . 54.67 39.20 -48.21
N9 ADP HA . 54.76 40.53 -47.49
C8 ADP HA . 55.94 41.03 -46.92
N7 ADP HA . 56.05 42.34 -47.06
C5 ADP HA . 54.92 42.82 -47.64
C6 ADP HA . 54.39 44.14 -48.05
N6 ADP HA . 55.10 45.32 -48.02
N1 ADP HA . 53.11 44.24 -48.55
C2 ADP HA . 52.34 43.12 -48.69
N3 ADP HA . 52.78 41.87 -48.41
C4 ADP HA . 54.06 41.66 -47.88
PB ADP IA . 26.01 4.71 -46.00
O1B ADP IA . 25.96 5.96 -46.98
O2B ADP IA . 24.77 3.97 -46.21
O3B ADP IA . 25.98 5.20 -44.49
PA ADP IA . 27.79 2.87 -45.23
O1A ADP IA . 28.22 1.46 -45.81
O2A ADP IA . 26.77 2.60 -44.20
O3A ADP IA . 27.24 3.77 -46.43
O5' ADP IA . 29.06 3.67 -44.56
C5' ADP IA . 30.14 4.11 -45.48
C4' ADP IA . 31.30 4.77 -44.66
O4' ADP IA . 32.08 3.67 -44.07
C3' ADP IA . 32.31 5.60 -45.52
O3' ADP IA . 32.88 6.73 -44.78
C2' ADP IA . 33.41 4.54 -45.85
O2' ADP IA . 34.66 5.17 -46.17
C1' ADP IA . 33.46 3.70 -44.53
N9 ADP IA . 33.99 2.30 -44.71
C8 ADP IA . 33.42 1.26 -45.42
N7 ADP IA . 34.20 0.22 -45.48
C5 ADP IA . 35.34 0.48 -44.78
C6 ADP IA . 36.58 -0.26 -44.46
N6 ADP IA . 36.89 -1.51 -44.90
N1 ADP IA . 37.56 0.36 -43.72
C2 ADP IA . 37.40 1.65 -43.26
N3 ADP IA . 36.26 2.37 -43.51
C4 ADP IA . 35.22 1.84 -44.27
PB ADP JA . 16.89 20.28 -5.22
O1B ADP JA . 18.17 20.52 -4.33
O2B ADP JA . 15.69 20.59 -4.44
O3B ADP JA . 16.70 18.73 -5.41
PA ADP JA . 16.25 22.36 -6.78
O1A ADP JA . 16.66 23.39 -5.64
O2A ADP JA . 14.81 22.12 -6.64
O3A ADP JA . 17.05 20.95 -6.68
O5' ADP JA . 16.49 23.16 -8.19
C5' ADP JA . 17.28 22.58 -9.31
C4' ADP JA . 16.36 22.35 -10.54
O4' ADP JA . 15.42 23.46 -10.67
C3' ADP JA . 17.08 22.33 -11.95
O3' ADP JA . 16.90 21.05 -12.61
C2' ADP JA . 16.32 23.45 -12.76
O2' ADP JA . 16.23 23.14 -14.15
C1' ADP JA . 14.94 23.49 -12.05
N9 ADP JA . 14.08 24.71 -12.32
C8 ADP JA . 14.21 25.95 -11.75
N7 ADP JA . 13.63 26.92 -12.44
C5 ADP JA . 13.04 26.34 -13.54
C6 ADP JA . 12.23 26.81 -14.70
N6 ADP JA . 11.80 28.11 -14.92
N1 ADP JA . 11.85 25.92 -15.65
C2 ADP JA . 12.17 24.58 -15.54
N3 ADP JA . 12.86 24.08 -14.49
C4 ADP JA . 13.32 24.92 -13.48
PB ADP KA . -1.78 -17.75 -3.69
O1B ADP KA . -2.05 -16.91 -5.00
O2B ADP KA . -2.05 -19.15 -4.02
O3B ADP KA . -2.82 -17.29 -2.58
PA ADP KA . 0.34 -18.59 -2.30
O1A ADP KA . 0.48 -19.97 -3.07
O2A ADP KA . -0.48 -18.79 -1.08
O3A ADP KA . -0.27 -17.44 -3.24
O5' ADP KA . 1.81 -18.16 -1.78
C5' ADP KA . 2.60 -17.18 -2.54
C4' ADP KA . 2.86 -15.93 -1.64
O4' ADP KA . 3.47 -16.36 -0.39
C3' ADP KA . 3.87 -14.91 -2.25
O3' ADP KA . 3.66 -13.57 -1.74
C2' ADP KA . 5.23 -15.46 -1.73
O2' ADP KA . 6.16 -14.36 -1.72
C1' ADP KA . 4.88 -16.04 -0.33
N9 ADP KA . 5.67 -17.26 0.10
C8 ADP KA . 5.50 -18.56 -0.38
N7 ADP KA . 6.59 -19.27 -0.25
C5 ADP KA . 7.56 -18.49 0.28
C6 ADP KA . 8.98 -18.67 0.61
N6 ADP KA . 9.61 -19.85 0.41
N1 ADP KA . 9.69 -17.61 1.13
C2 ADP KA . 9.10 -16.40 1.34
N3 ADP KA . 7.78 -16.17 1.06
C4 ADP KA . 6.97 -17.18 0.52
PB ADP LA . -22.65 4.12 28.12
O1B ADP LA . -21.16 3.86 27.65
O2B ADP LA . -22.70 4.11 29.58
O3B ADP LA . -23.51 2.88 27.62
PA ADP LA . -24.72 5.71 27.48
O1A ADP LA . -25.15 6.70 28.63
O2A ADP LA . -25.50 4.44 27.68
O3A ADP LA . -23.12 5.53 27.52
O5' ADP LA . -25.24 6.43 26.11
C5' ADP LA . -24.29 6.69 25.00
C4' ADP LA . -24.13 5.47 24.03
O4' ADP LA . -25.45 4.94 23.75
C3' ADP LA . -23.48 5.78 22.65
O3' ADP LA . -22.13 5.29 22.57
C2' ADP LA . -24.28 4.94 21.64
O2' ADP LA . -23.48 3.79 21.28
C1' ADP LA . -25.61 4.55 22.37
N9 ADP LA . -26.85 5.18 21.77
C8 ADP LA . -27.21 6.51 21.98
N7 ADP LA . -27.76 7.04 20.93
C5 ADP LA . -27.83 6.11 19.96
C6 ADP LA . -28.30 6.08 18.59
N6 ADP LA . -28.79 7.20 17.97
N1 ADP LA . -28.24 4.92 17.86
C2 ADP LA . -27.70 3.79 18.41
N3 ADP LA . -27.24 3.74 19.70
C4 ADP LA . -27.28 4.88 20.50
PB ADP MA . -30.34 -36.32 41.08
O1B ADP MA . -30.50 -35.81 39.59
O2B ADP MA . -29.58 -37.58 40.99
O3B ADP MA . -31.77 -36.59 41.68
PA ADP MA . -28.56 -35.58 42.95
O1A ADP MA . -27.54 -36.74 42.52
O2A ADP MA . -29.22 -36.05 44.18
O3A ADP MA . -29.61 -35.12 41.84
O5' ADP MA . -27.68 -34.28 43.40
C5' ADP MA . -27.22 -33.34 42.35
C4' ADP MA . -26.92 -31.98 43.04
O4' ADP MA . -26.14 -32.26 44.24
C3' ADP MA . -26.07 -30.98 42.17
O3' ADP MA . -26.46 -29.60 42.32
C2' ADP MA . -24.63 -31.20 42.73
O2' ADP MA . -23.86 -29.99 42.54
C1' ADP MA . -24.89 -31.54 44.25
N9 ADP MA . -23.83 -32.40 44.92
C8 ADP MA . -23.32 -33.58 44.38
N7 ADP MA . -22.03 -33.72 44.62
C5 ADP MA . -21.61 -32.68 45.38
C6 ADP MA . -20.34 -32.24 45.99
N6 ADP MA . -19.14 -32.87 45.81
N1 ADP MA . -20.32 -31.11 46.76
C2 ADP MA . -21.45 -30.37 46.98
N3 ADP MA . -22.65 -30.71 46.41
C4 ADP MA . -22.77 -31.84 45.61
PB ADP NA . -62.32 -14.38 62.45
O1B ADP NA . -61.04 -13.60 61.93
O2B ADP NA . -63.21 -13.30 62.84
O3B ADP NA . -61.89 -15.27 63.70
PA ADP NA . -64.38 -15.29 60.96
O1A ADP NA . -65.18 -13.97 61.37
O2A ADP NA . -65.00 -16.46 61.62
O3A ADP NA . -62.80 -15.30 61.25
O5' ADP NA . -64.68 -15.46 59.36
C5' ADP NA . -63.66 -15.00 58.39
C4' ADP NA . -62.75 -16.18 57.94
O4' ADP NA . -63.62 -17.26 57.53
C3' ADP NA . -61.81 -15.85 56.74
O3' ADP NA . -60.46 -16.24 57.00
C2' ADP NA . -62.36 -16.70 55.57
O2' ADP NA . -61.23 -17.37 54.95
C1' ADP NA . -63.37 -17.72 56.19
N9 ADP NA . -64.67 -17.84 55.42
C8 ADP NA . -65.63 -16.84 55.31
N7 ADP NA . -66.26 -16.89 54.17
C5 ADP NA . -65.80 -17.94 53.44
C6 ADP NA . -66.06 -18.54 52.11
N6 ADP NA . -66.97 -18.10 51.18
N1 ADP NA . -65.31 -19.63 51.71
C2 ADP NA . -64.35 -20.17 52.53
N3 ADP NA . -64.10 -19.68 53.77
C4 ADP NA . -64.77 -18.57 54.26
PB ADP OA . -61.05 -52.13 86.56
O1B ADP OA . -61.48 -53.34 85.63
O2B ADP OA . -61.31 -52.53 87.93
O3B ADP OA . -62.09 -50.97 86.42
PA ADP OA . -58.90 -50.87 87.54
O1A ADP OA . -59.84 -49.92 88.20
O2A ADP OA . -58.44 -52.01 88.57
O3A ADP OA . -59.55 -51.61 86.26
O5' ADP OA . -57.55 -50.03 87.12
C5' ADP OA . -57.58 -49.08 85.96
C4' ADP OA . -57.57 -47.58 86.41
O4' ADP OA . -56.44 -47.36 87.32
C3' ADP OA . -57.37 -46.51 85.25
O3' ADP OA . -58.47 -45.56 85.22
C2' ADP OA . -56.02 -45.81 85.66
O2' ADP OA . -55.95 -44.43 85.24
C1' ADP OA . -56.05 -45.95 87.20
N9 ADP OA . -54.76 -45.67 87.94
C8 ADP OA . -53.55 -46.28 87.73
N7 ADP OA . -52.57 -45.69 88.38
C5 ADP OA . -53.08 -44.62 89.06
C6 ADP OA . -52.55 -43.55 89.94
N6 ADP OA . -51.22 -43.38 90.24
N1 ADP OA . -53.42 -42.62 90.47
C2 ADP OA . -54.77 -42.67 90.22
N3 ADP OA . -55.32 -43.64 89.43
C4 ADP OA . -54.53 -44.61 88.82
PB ADP PA . -100.26 -37.66 98.58
O1B ADP PA . -100.23 -36.10 98.81
O2B ADP PA . -101.66 -38.06 98.68
O3B ADP PA . -99.58 -38.37 99.81
PA ADP PA . -100.45 -38.70 96.11
O1A ADP PA . -101.61 -37.70 95.71
O2A ADP PA . -101.17 -39.86 96.67
O3A ADP PA . -99.46 -38.07 97.21
O5' ADP PA . -99.78 -39.35 94.74
C5' ADP PA . -98.60 -38.81 94.04
C4' ADP PA . -98.01 -40.01 93.21
O4' ADP PA . -99.02 -40.48 92.26
C3' ADP PA . -96.76 -39.77 92.27
O3' ADP PA . -95.60 -40.52 92.75
C2' ADP PA . -97.22 -40.41 90.89
O2' ADP PA . -96.13 -41.11 90.24
C1' ADP PA . -98.35 -41.37 91.33
N9 ADP PA . -99.28 -41.91 90.27
C8 ADP PA . -100.32 -41.22 89.66
N7 ADP PA . -100.70 -41.75 88.51
C5 ADP PA . -99.93 -42.86 88.28
C6 ADP PA . -99.82 -43.91 87.21
N6 ADP PA . -100.56 -44.01 86.05
N1 ADP PA . -98.87 -44.89 87.35
C2 ADP PA . -98.03 -44.92 88.43
N3 ADP PA . -98.07 -44.01 89.43
C4 ADP PA . -99.00 -42.97 89.40
PB ADP QA . -91.79 -64.00 131.14
O1B ADP QA . -91.64 -65.53 130.77
O2B ADP QA . -91.81 -63.91 132.60
O3B ADP QA . -93.20 -63.50 130.66
PA ADP QA . -90.29 -61.80 131.12
O1A ADP QA . -91.53 -60.98 131.28
O2A ADP QA . -89.61 -61.99 132.53
O3A ADP QA . -90.59 -63.21 130.42
O5' ADP QA . -89.15 -60.95 130.33
C5' ADP QA . -89.38 -60.45 128.97
C4' ADP QA . -89.91 -58.98 128.94
O4' ADP QA . -89.32 -58.20 130.03
C3' ADP QA . -89.55 -58.14 127.64
O3' ADP QA . -90.75 -57.70 126.95
C2' ADP QA . -88.75 -56.94 128.23
O2' ADP QA . -88.88 -55.74 127.42
C1' ADP QA . -89.40 -56.80 129.64
N9 ADP QA . -88.70 -55.86 130.60
C8 ADP QA . -87.55 -56.10 131.34
N7 ADP QA . -87.03 -54.99 131.81
C5 ADP QA . -87.81 -53.93 131.44
C6 ADP QA . -87.82 -52.44 131.64
N6 ADP QA . -86.88 -51.74 132.38
N1 ADP QA . -88.83 -51.71 131.07
C2 ADP QA . -89.81 -52.31 130.31
N3 ADP QA . -89.85 -53.66 130.12
C4 ADP QA . -88.89 -54.49 130.65
PB ADP RA . -134.04 -60.50 128.48
O1B ADP RA . -133.64 -58.97 128.49
O2B ADP RA . -135.24 -60.67 127.67
O3B ADP RA . -134.37 -60.94 129.97
PA ADP RA . -133.02 -62.82 127.73
O1A ADP RA . -133.70 -63.20 126.33
O2A ADP RA . -133.82 -63.44 128.82
O3A ADP RA . -132.77 -61.25 127.86
O5' ADP RA . -131.53 -63.49 127.91
C5' ADP RA . -130.67 -63.58 126.71
C4' ADP RA . -129.38 -64.38 127.06
O4' ADP RA . -129.64 -65.81 126.90
C3' ADP RA . -128.13 -64.06 126.16
O3' ADP RA . -126.89 -64.09 126.93
C2' ADP RA . -128.24 -65.17 125.07
O2' ADP RA . -126.95 -65.38 124.46
C1' ADP RA . -128.81 -66.40 125.86
N9 ADP RA . -129.64 -67.40 125.06
C8 ADP RA . -130.67 -67.10 124.18
N7 ADP RA . -130.78 -68.00 123.21
C5 ADP RA . -129.85 -68.96 123.39
C6 ADP RA . -129.43 -70.21 122.70
N6 ADP RA . -129.98 -70.74 121.56
N1 ADP RA . -128.38 -70.92 123.20
C2 ADP RA . -127.71 -70.52 124.31
N3 ADP RA . -128.05 -69.40 125.01
C4 ADP RA . -129.10 -68.59 124.59
#